data_3MI0
#
_entry.id   3MI0
#
_cell.length_a   170.374
_cell.length_b   118.436
_cell.length_c   195.249
_cell.angle_alpha   90.00
_cell.angle_beta   113.02
_cell.angle_gamma   90.00
#
_symmetry.space_group_name_H-M   'P 1 21 1'
#
loop_
_entity.id
_entity.type
_entity.pdbx_description
1 polymer 'Proteasome subunit alpha'
2 polymer 'Proteasome subunit beta'
3 non-polymer DIMETHYLFORMAMIDE
4 non-polymer (2R,3S,4R)-2-[(S)-(1S)-cyclohex-2-en-1-yl(hydroxy)methyl]-4-ethyl-3-hydroxy-3-methyl-5-oxopyrrolidine-2-carbaldehyde
5 water water
#
loop_
_entity_poly.entity_id
_entity_poly.type
_entity_poly.pdbx_seq_one_letter_code
_entity_poly.pdbx_strand_id
1 'polypeptide(L)'
;MSFPYFISPEQAMRERSELARKGIARAKSVVALAYAGGVLFVAENPSRSLQKISELYDRVGFAAAGKFNEFDNLRRGGIQ
FADTRGYAYDRRDVTGRQLANVYAQTLGTIFTEQAKPYEVELCVAEVAHYGETKRPELYRITYDGSIADEPHFVVMGGTT
EPIANALKESYAENASLTDALRIAVAALRAGSADTSGGDQPTLGVASLEVAVLDANRPRRAFRRITGSALQALLVDQESP
QSDGESSG
;
A,B,D,F,I,K,M,O,Q,S,U,W,Y,1
2 'polypeptide(L)'
;TTIVALKYPGGVVMAGDRRSTQGNMISGRDVRKVYITDDYTATGIAGTAAVAVEFARLYAVELEHYEKLEGVPLTFAGKI
NRLAIMVRGNLAAAMQGLLALPLLAGYDIHASDPQSAGRIVSFDAAGGWNIEEEGYQAVGSGSLFAKSSMKKLYSQVTDG
DSGLRVAVEALYDAADDDSATGGPDLVRGIFPTAVIIDADGAVDVPESRIAELARAIIESRSGADTFGSDGGEKHHHHHH
;
C,E,G,H,J,L,N,P,R,T,V,X,Z,2
#
# COMPACT_ATOMS: atom_id res chain seq x y z
N SER A 8 50.75 -55.68 0.25
CA SER A 8 49.49 -56.48 0.28
C SER A 8 48.55 -56.03 1.39
N PRO A 9 47.23 -55.94 1.10
CA PRO A 9 46.21 -55.51 2.08
C PRO A 9 46.50 -56.03 3.50
N GLU A 10 46.77 -57.32 3.61
CA GLU A 10 47.09 -57.92 4.91
C GLU A 10 48.38 -57.32 5.43
N GLN A 11 49.28 -57.00 4.52
CA GLN A 11 50.55 -56.40 4.90
C GLN A 11 50.28 -54.99 5.44
N ALA A 12 49.54 -54.19 4.66
CA ALA A 12 49.17 -52.83 5.06
C ALA A 12 48.82 -52.82 6.54
N MET A 13 47.85 -53.66 6.89
CA MET A 13 47.41 -53.79 8.28
C MET A 13 48.58 -53.95 9.24
N ARG A 14 49.45 -54.93 8.96
CA ARG A 14 50.60 -55.17 9.83
C ARG A 14 51.58 -54.01 9.76
N GLU A 15 51.76 -53.44 8.57
CA GLU A 15 52.66 -52.28 8.43
C GLU A 15 52.21 -51.22 9.43
N ARG A 16 51.02 -50.71 9.16
CA ARG A 16 50.37 -49.68 9.98
C ARG A 16 50.35 -50.06 11.42
N SER A 17 49.83 -51.24 11.71
CA SER A 17 49.72 -51.69 13.07
C SER A 17 51.07 -51.58 13.76
N GLU A 18 52.12 -52.05 13.08
CA GLU A 18 53.45 -51.99 13.65
C GLU A 18 53.92 -50.56 13.90
N LEU A 19 53.69 -49.72 12.89
CA LEU A 19 54.06 -48.31 12.96
C LEU A 19 53.44 -47.69 14.22
N ALA A 20 52.18 -48.05 14.48
CA ALA A 20 51.46 -47.53 15.63
C ALA A 20 51.96 -48.14 16.92
N ARG A 21 52.09 -49.45 16.93
CA ARG A 21 52.54 -50.14 18.12
C ARG A 21 53.90 -49.64 18.54
N LYS A 22 54.77 -49.40 17.56
CA LYS A 22 56.11 -48.90 17.84
C LYS A 22 56.07 -47.53 18.52
N GLY A 23 55.39 -46.58 17.89
CA GLY A 23 55.29 -45.24 18.45
C GLY A 23 54.73 -45.20 19.86
N ILE A 24 53.73 -46.03 20.13
CA ILE A 24 53.15 -46.06 21.46
C ILE A 24 54.17 -46.72 22.40
N ALA A 25 54.74 -47.82 21.94
CA ALA A 25 55.72 -48.55 22.73
C ALA A 25 56.83 -47.61 23.21
N ARG A 26 57.26 -46.75 22.30
CA ARG A 26 58.34 -45.80 22.55
C ARG A 26 58.00 -44.57 23.40
N ALA A 27 56.80 -44.54 23.99
CA ALA A 27 56.35 -43.36 24.74
C ALA A 27 56.15 -43.50 26.25
N LYS A 28 56.05 -42.35 26.94
CA LYS A 28 55.84 -42.35 28.39
C LYS A 28 54.60 -43.17 28.73
N SER A 29 54.50 -43.61 29.98
CA SER A 29 53.37 -44.43 30.39
C SER A 29 52.36 -43.73 31.28
N VAL A 30 51.14 -44.25 31.23
CA VAL A 30 50.04 -43.67 31.99
C VAL A 30 49.20 -44.76 32.58
N VAL A 31 48.69 -44.51 33.77
CA VAL A 31 47.80 -45.48 34.39
C VAL A 31 46.59 -44.78 34.97
N ALA A 32 45.48 -45.50 34.94
CA ALA A 32 44.23 -45.00 35.50
C ALA A 32 43.69 -46.17 36.32
N LEU A 33 43.30 -45.90 37.55
CA LEU A 33 42.76 -46.96 38.39
C LEU A 33 41.61 -46.46 39.28
N ALA A 34 40.66 -47.36 39.50
CA ALA A 34 39.51 -47.07 40.34
C ALA A 34 39.98 -47.10 41.78
N TYR A 35 39.49 -46.17 42.58
CA TYR A 35 39.83 -46.15 43.99
C TYR A 35 38.59 -45.73 44.76
N ALA A 36 38.68 -45.68 46.08
CA ALA A 36 37.54 -45.34 46.92
C ALA A 36 36.81 -44.08 46.50
N GLY A 37 37.54 -43.01 46.24
CA GLY A 37 36.92 -41.75 45.88
C GLY A 37 36.57 -41.47 44.42
N GLY A 38 36.78 -42.45 43.54
CA GLY A 38 36.47 -42.27 42.13
C GLY A 38 37.52 -42.90 41.22
N VAL A 39 38.18 -42.09 40.40
CA VAL A 39 39.23 -42.61 39.53
C VAL A 39 40.46 -41.74 39.62
N LEU A 40 41.63 -42.40 39.60
CA LEU A 40 42.90 -41.70 39.69
C LEU A 40 43.70 -41.83 38.41
N PHE A 41 44.24 -40.70 37.98
CA PHE A 41 45.04 -40.66 36.76
C PHE A 41 46.47 -40.26 37.11
N VAL A 42 47.43 -41.08 36.72
CA VAL A 42 48.85 -40.76 36.97
C VAL A 42 49.65 -41.06 35.71
N ALA A 43 50.33 -40.03 35.24
CA ALA A 43 51.15 -40.17 34.05
C ALA A 43 52.54 -39.62 34.26
N GLU A 44 53.49 -40.22 33.55
CA GLU A 44 54.88 -39.81 33.59
C GLU A 44 54.92 -38.60 32.66
N ASN A 45 55.03 -37.40 33.23
CA ASN A 45 55.05 -36.24 32.36
C ASN A 45 55.91 -35.09 32.86
N PRO A 46 57.08 -34.89 32.21
CA PRO A 46 58.02 -33.83 32.56
C PRO A 46 57.47 -32.43 32.28
N SER A 47 56.83 -32.27 31.13
CA SER A 47 56.29 -30.96 30.76
C SER A 47 55.37 -30.36 31.81
N ARG A 48 55.31 -29.04 31.80
CA ARG A 48 54.44 -28.31 32.71
C ARG A 48 53.23 -27.78 31.95
N SER A 49 53.40 -27.62 30.63
CA SER A 49 52.34 -27.09 29.76
C SER A 49 51.56 -28.12 28.96
N LEU A 50 52.24 -29.11 28.43
CA LEU A 50 51.60 -30.13 27.62
C LEU A 50 51.01 -31.23 28.51
N GLN A 51 49.70 -31.42 28.44
CA GLN A 51 49.03 -32.40 29.29
C GLN A 51 48.52 -33.68 28.61
N LYS A 52 48.52 -34.78 29.35
CA LYS A 52 48.07 -36.09 28.85
C LYS A 52 46.77 -36.54 29.54
N ILE A 53 46.37 -35.78 30.56
CA ILE A 53 45.18 -36.10 31.31
C ILE A 53 44.27 -34.88 31.23
N SER A 54 42.97 -35.11 30.99
CA SER A 54 42.06 -33.98 30.85
C SER A 54 40.62 -34.29 31.20
N GLU A 55 39.89 -33.24 31.52
CA GLU A 55 38.48 -33.36 31.79
C GLU A 55 37.78 -33.46 30.40
N LEU A 56 36.74 -34.30 30.28
CA LEU A 56 35.98 -34.38 29.03
C LEU A 56 34.60 -33.75 29.28
N TYR A 57 33.92 -34.20 30.34
CA TYR A 57 32.60 -33.72 30.72
C TYR A 57 32.41 -33.81 32.24
N ASP A 58 31.24 -33.50 32.75
CA ASP A 58 31.03 -33.52 34.20
C ASP A 58 31.66 -34.68 35.00
N ARG A 59 31.37 -35.92 34.62
CA ARG A 59 31.89 -37.05 35.36
C ARG A 59 32.79 -37.91 34.48
N VAL A 60 33.26 -37.35 33.37
CA VAL A 60 34.08 -38.12 32.46
C VAL A 60 35.47 -37.53 32.27
N GLY A 61 36.48 -38.41 32.37
CA GLY A 61 37.87 -38.03 32.26
C GLY A 61 38.54 -38.71 31.09
N PHE A 62 39.66 -38.13 30.69
CA PHE A 62 40.43 -38.58 29.54
C PHE A 62 41.94 -38.66 29.87
N ALA A 63 42.60 -39.69 29.35
CA ALA A 63 44.02 -39.88 29.54
C ALA A 63 44.55 -40.56 28.29
N ALA A 64 45.72 -40.15 27.83
CA ALA A 64 46.28 -40.77 26.63
C ALA A 64 47.81 -40.95 26.67
N ALA A 65 48.29 -41.78 25.77
CA ALA A 65 49.72 -42.03 25.65
C ALA A 65 49.99 -42.08 24.16
N GLY A 66 51.16 -41.58 23.75
CA GLY A 66 51.48 -41.64 22.34
C GLY A 66 51.93 -40.30 21.86
N LYS A 67 51.72 -40.02 20.57
CA LYS A 67 52.09 -38.74 19.96
C LYS A 67 51.13 -37.63 20.46
N PHE A 68 51.67 -36.61 21.14
CA PHE A 68 50.85 -35.50 21.66
C PHE A 68 49.91 -34.83 20.66
N ASN A 69 50.44 -34.31 19.56
CA ASN A 69 49.57 -33.64 18.62
C ASN A 69 48.40 -34.54 18.20
N GLU A 70 48.60 -35.86 18.18
CA GLU A 70 47.50 -36.72 17.79
C GLU A 70 46.47 -36.94 18.90
N PHE A 71 46.90 -37.19 20.14
CA PHE A 71 45.88 -37.40 21.14
C PHE A 71 45.26 -36.09 21.68
N ASP A 72 45.92 -34.96 21.47
CA ASP A 72 45.36 -33.69 21.90
C ASP A 72 44.25 -33.38 20.92
N ASN A 73 44.45 -33.80 19.68
CA ASN A 73 43.47 -33.66 18.63
C ASN A 73 42.20 -34.40 19.07
N LEU A 74 42.37 -35.64 19.48
CA LEU A 74 41.27 -36.49 19.94
C LEU A 74 40.64 -35.93 21.23
N ARG A 75 41.45 -35.33 22.08
CA ARG A 75 40.93 -34.78 23.32
C ARG A 75 39.93 -33.66 23.01
N ARG A 76 40.32 -32.79 22.09
CA ARG A 76 39.51 -31.67 21.65
C ARG A 76 38.25 -32.18 20.99
N GLY A 77 38.39 -33.16 20.10
CA GLY A 77 37.25 -33.74 19.41
C GLY A 77 36.25 -34.31 20.41
N GLY A 78 36.77 -34.92 21.47
CA GLY A 78 35.92 -35.50 22.50
C GLY A 78 35.14 -34.43 23.27
N ILE A 79 35.82 -33.35 23.65
CA ILE A 79 35.18 -32.28 24.37
C ILE A 79 34.09 -31.68 23.46
N GLN A 80 34.38 -31.56 22.17
CA GLN A 80 33.43 -31.04 21.21
C GLN A 80 32.20 -31.93 21.20
N PHE A 81 32.42 -33.23 21.01
CA PHE A 81 31.32 -34.19 20.97
C PHE A 81 30.47 -34.10 22.25
N ALA A 82 31.12 -34.14 23.40
CA ALA A 82 30.39 -34.12 24.65
C ALA A 82 29.57 -32.85 24.89
N ASP A 83 30.19 -31.69 24.68
CA ASP A 83 29.47 -30.45 24.86
C ASP A 83 28.26 -30.34 23.92
N THR A 84 28.45 -30.76 22.68
CA THR A 84 27.37 -30.72 21.69
C THR A 84 26.22 -31.64 22.12
N ARG A 85 26.55 -32.84 22.56
CA ARG A 85 25.54 -33.79 23.01
C ARG A 85 24.75 -33.30 24.20
N GLY A 86 25.47 -32.82 25.21
CA GLY A 86 24.79 -32.35 26.40
C GLY A 86 23.88 -31.16 26.12
N TYR A 87 24.24 -30.32 25.16
CA TYR A 87 23.44 -29.16 24.81
C TYR A 87 22.21 -29.60 24.02
N ALA A 88 22.40 -30.53 23.09
CA ALA A 88 21.31 -31.03 22.27
C ALA A 88 20.29 -31.87 23.05
N TYR A 89 20.73 -32.50 24.14
CA TYR A 89 19.84 -33.32 24.96
C TYR A 89 19.90 -32.75 26.34
N ASP A 90 20.57 -33.43 27.27
CA ASP A 90 20.76 -32.84 28.60
C ASP A 90 22.13 -33.30 29.10
N ARG A 91 22.72 -32.57 30.06
CA ARG A 91 24.06 -32.93 30.56
C ARG A 91 24.13 -34.38 30.99
N ARG A 92 23.14 -34.81 31.74
CA ARG A 92 23.14 -36.14 32.31
C ARG A 92 23.09 -37.22 31.23
N ASP A 93 22.84 -36.80 30.00
CA ASP A 93 22.69 -37.79 28.94
C ASP A 93 24.04 -38.16 28.37
N VAL A 94 25.08 -37.40 28.71
CA VAL A 94 26.44 -37.68 28.22
C VAL A 94 27.10 -38.75 29.13
N THR A 95 27.68 -39.77 28.54
CA THR A 95 28.27 -40.85 29.33
C THR A 95 29.66 -41.26 28.84
N GLY A 96 30.43 -41.86 29.75
CA GLY A 96 31.75 -42.35 29.41
C GLY A 96 31.67 -43.37 28.29
N ARG A 97 30.68 -44.26 28.36
CA ARG A 97 30.49 -45.29 27.32
C ARG A 97 30.31 -44.64 25.93
N GLN A 98 29.53 -43.54 25.86
CA GLN A 98 29.33 -42.84 24.59
C GLN A 98 30.63 -42.28 24.07
N LEU A 99 31.41 -41.67 24.96
CA LEU A 99 32.69 -41.10 24.52
C LEU A 99 33.65 -42.20 24.01
N ALA A 100 33.73 -43.31 24.75
CA ALA A 100 34.62 -44.40 24.35
C ALA A 100 34.20 -44.91 22.98
N ASN A 101 32.88 -45.07 22.83
CA ASN A 101 32.29 -45.54 21.59
C ASN A 101 32.69 -44.63 20.43
N VAL A 102 32.58 -43.33 20.65
CA VAL A 102 32.94 -42.33 19.63
C VAL A 102 34.43 -42.39 19.27
N TYR A 103 35.28 -42.52 20.29
CA TYR A 103 36.73 -42.64 20.06
C TYR A 103 37.02 -43.92 19.27
N ALA A 104 36.36 -45.01 19.65
CA ALA A 104 36.54 -46.28 18.94
C ALA A 104 36.27 -46.09 17.44
N GLN A 105 35.16 -45.44 17.14
CA GLN A 105 34.78 -45.23 15.76
C GLN A 105 35.73 -44.28 15.02
N THR A 106 36.21 -43.27 15.73
CA THR A 106 37.11 -42.32 15.12
C THR A 106 38.49 -42.93 14.83
N LEU A 107 39.07 -43.60 15.82
CA LEU A 107 40.37 -44.24 15.61
C LEU A 107 40.25 -45.32 14.52
N GLY A 108 39.16 -46.07 14.54
CA GLY A 108 38.94 -47.08 13.53
C GLY A 108 38.98 -46.45 12.15
N THR A 109 38.33 -45.30 12.00
CA THR A 109 38.34 -44.64 10.70
C THR A 109 39.72 -44.11 10.35
N ILE A 110 40.40 -43.50 11.30
CA ILE A 110 41.74 -42.98 11.03
C ILE A 110 42.67 -44.14 10.60
N PHE A 111 42.67 -45.21 11.38
CA PHE A 111 43.50 -46.39 11.13
C PHE A 111 43.32 -46.97 9.74
N THR A 112 42.10 -46.88 9.23
CA THR A 112 41.74 -47.42 7.94
C THR A 112 41.84 -46.42 6.78
N GLU A 113 41.45 -45.18 7.02
CA GLU A 113 41.42 -44.19 5.95
C GLU A 113 42.54 -43.17 5.82
N GLN A 114 43.29 -42.92 6.89
CA GLN A 114 44.34 -41.92 6.76
C GLN A 114 45.66 -42.52 6.31
N ALA A 115 46.56 -41.63 5.86
CA ALA A 115 47.88 -42.04 5.42
C ALA A 115 48.58 -42.76 6.57
N LYS A 116 48.59 -42.12 7.74
CA LYS A 116 49.25 -42.70 8.91
C LYS A 116 48.33 -42.95 10.09
N PRO A 117 48.31 -44.18 10.60
CA PRO A 117 47.43 -44.38 11.74
C PRO A 117 47.92 -43.50 12.90
N TYR A 118 47.04 -43.25 13.86
CA TYR A 118 47.41 -42.43 15.01
C TYR A 118 48.18 -43.29 15.99
N GLU A 119 49.31 -42.78 16.43
CA GLU A 119 50.16 -43.48 17.39
C GLU A 119 49.66 -43.06 18.78
N VAL A 120 48.51 -43.58 19.18
CA VAL A 120 47.96 -43.22 20.47
C VAL A 120 47.18 -44.37 21.07
N GLU A 121 46.97 -44.27 22.38
CA GLU A 121 46.18 -45.24 23.13
C GLU A 121 45.41 -44.36 24.13
N LEU A 122 44.10 -44.52 24.16
CA LEU A 122 43.27 -43.69 25.02
C LEU A 122 42.53 -44.41 26.12
N CYS A 123 42.26 -43.67 27.19
CA CYS A 123 41.48 -44.19 28.27
C CYS A 123 40.39 -43.16 28.62
N VAL A 124 39.13 -43.60 28.64
CA VAL A 124 38.02 -42.74 29.02
C VAL A 124 37.48 -43.32 30.31
N ALA A 125 37.30 -42.49 31.33
CA ALA A 125 36.81 -42.97 32.60
C ALA A 125 35.61 -42.14 33.08
N GLU A 126 34.72 -42.79 33.82
CA GLU A 126 33.54 -42.13 34.34
C GLU A 126 33.25 -42.57 35.77
N VAL A 127 32.88 -41.62 36.61
CA VAL A 127 32.56 -41.93 37.99
C VAL A 127 31.10 -41.61 38.17
N ALA A 128 30.52 -42.06 39.27
CA ALA A 128 29.11 -41.84 39.53
C ALA A 128 28.79 -40.35 39.70
N HIS A 129 27.51 -40.02 39.54
CA HIS A 129 27.02 -38.67 39.71
C HIS A 129 26.98 -38.43 41.22
N TYR A 130 27.07 -37.17 41.63
CA TYR A 130 27.06 -36.85 43.06
C TYR A 130 25.99 -37.61 43.85
N GLY A 131 26.34 -38.05 45.04
CA GLY A 131 25.40 -38.78 45.88
C GLY A 131 24.77 -40.01 45.26
N GLU A 132 25.38 -40.52 44.20
CA GLU A 132 24.88 -41.71 43.53
C GLU A 132 25.87 -42.82 43.82
N THR A 133 25.51 -44.06 43.55
CA THR A 133 26.44 -45.16 43.81
C THR A 133 26.54 -45.98 42.55
N LYS A 134 27.76 -46.11 42.04
CA LYS A 134 28.02 -46.86 40.83
C LYS A 134 29.51 -47.05 40.75
N ARG A 135 29.92 -48.22 40.28
CA ARG A 135 31.34 -48.52 40.17
C ARG A 135 31.95 -47.72 39.03
N PRO A 136 33.12 -47.11 39.27
CA PRO A 136 33.76 -46.34 38.21
C PRO A 136 33.86 -47.20 36.95
N GLU A 137 33.94 -46.57 35.79
CA GLU A 137 34.05 -47.32 34.55
C GLU A 137 35.32 -46.85 33.85
N LEU A 138 36.04 -47.79 33.26
CA LEU A 138 37.27 -47.45 32.59
C LEU A 138 37.24 -48.11 31.24
N TYR A 139 37.59 -47.37 30.20
CA TYR A 139 37.59 -47.95 28.86
C TYR A 139 38.93 -47.65 28.26
N ARG A 140 39.42 -48.56 27.43
CA ARG A 140 40.68 -48.35 26.73
C ARG A 140 40.33 -48.45 25.27
N ILE A 141 40.83 -47.52 24.46
CA ILE A 141 40.58 -47.57 23.03
C ILE A 141 41.94 -47.60 22.33
N THR A 142 42.12 -48.60 21.48
CA THR A 142 43.36 -48.78 20.73
C THR A 142 43.39 -48.04 19.39
N TYR A 143 44.57 -48.01 18.78
CA TYR A 143 44.79 -47.33 17.51
C TYR A 143 43.92 -47.88 16.38
N ASP A 144 43.71 -49.19 16.37
CA ASP A 144 42.89 -49.83 15.36
C ASP A 144 41.40 -49.56 15.60
N GLY A 145 41.11 -48.98 16.76
CA GLY A 145 39.75 -48.68 17.16
C GLY A 145 39.11 -49.70 18.09
N SER A 146 39.88 -50.70 18.51
CA SER A 146 39.38 -51.71 19.45
C SER A 146 39.13 -51.06 20.80
N ILE A 147 38.11 -51.52 21.50
CA ILE A 147 37.74 -50.94 22.76
C ILE A 147 37.60 -52.05 23.80
N ALA A 148 37.95 -51.73 25.05
CA ALA A 148 37.87 -52.73 26.09
C ALA A 148 37.40 -52.13 27.39
N ASP A 149 36.55 -52.88 28.06
CA ASP A 149 35.97 -52.49 29.33
C ASP A 149 36.87 -53.03 30.45
N GLU A 150 37.63 -52.16 31.11
CA GLU A 150 38.51 -52.59 32.21
C GLU A 150 37.79 -52.31 33.53
N PRO A 151 37.83 -53.28 34.46
CA PRO A 151 37.16 -53.09 35.74
C PRO A 151 37.95 -52.46 36.88
N HIS A 152 39.29 -52.57 36.83
CA HIS A 152 40.09 -52.02 37.92
C HIS A 152 41.10 -50.96 37.55
N PHE A 153 41.82 -51.18 36.45
CA PHE A 153 42.81 -50.21 36.06
C PHE A 153 43.16 -50.37 34.58
N VAL A 154 43.83 -49.35 34.04
CA VAL A 154 44.24 -49.37 32.64
C VAL A 154 45.66 -48.86 32.60
N VAL A 155 46.45 -49.43 31.71
CA VAL A 155 47.84 -49.00 31.56
C VAL A 155 48.09 -48.79 30.07
N MET A 156 48.72 -47.66 29.74
CA MET A 156 48.99 -47.36 28.34
C MET A 156 50.32 -46.67 28.18
N GLY A 157 50.93 -46.87 27.02
CA GLY A 157 52.21 -46.26 26.70
C GLY A 157 53.44 -47.00 27.17
N GLY A 158 54.50 -46.91 26.37
CA GLY A 158 55.75 -47.57 26.72
C GLY A 158 55.64 -49.07 26.91
N THR A 159 56.37 -49.59 27.89
CA THR A 159 56.34 -51.00 28.20
C THR A 159 55.33 -51.17 29.32
N THR A 160 54.19 -51.73 28.96
CA THR A 160 53.10 -51.90 29.89
C THR A 160 53.18 -53.12 30.79
N GLU A 161 53.66 -54.23 30.23
CA GLU A 161 53.79 -55.51 30.94
C GLU A 161 54.22 -55.34 32.40
N PRO A 162 55.40 -54.75 32.63
CA PRO A 162 55.92 -54.52 33.99
C PRO A 162 54.94 -53.77 34.88
N ILE A 163 54.43 -52.65 34.38
CA ILE A 163 53.49 -51.81 35.12
C ILE A 163 52.18 -52.54 35.38
N ALA A 164 51.71 -53.29 34.38
CA ALA A 164 50.49 -54.06 34.53
C ALA A 164 50.64 -55.15 35.58
N ASN A 165 51.78 -55.85 35.57
CA ASN A 165 52.02 -56.91 36.53
C ASN A 165 52.08 -56.39 37.96
N ALA A 166 52.77 -55.28 38.15
CA ALA A 166 52.90 -54.68 39.47
C ALA A 166 51.54 -54.26 39.99
N LEU A 167 50.74 -53.69 39.09
CA LEU A 167 49.40 -53.22 39.44
C LEU A 167 48.48 -54.35 39.85
N LYS A 168 48.55 -55.47 39.14
CA LYS A 168 47.68 -56.58 39.45
C LYS A 168 47.95 -57.03 40.88
N GLU A 169 49.24 -57.12 41.22
CA GLU A 169 49.64 -57.53 42.56
C GLU A 169 49.25 -56.56 43.68
N SER A 170 49.40 -55.26 43.44
CA SER A 170 49.10 -54.25 44.45
C SER A 170 47.70 -53.64 44.43
N TYR A 171 46.90 -53.98 43.43
CA TYR A 171 45.55 -53.44 43.30
C TYR A 171 44.58 -53.70 44.46
N ALA A 172 44.27 -52.62 45.18
CA ALA A 172 43.36 -52.68 46.32
C ALA A 172 42.02 -51.96 46.01
N GLU A 173 40.95 -52.74 45.86
CA GLU A 173 39.63 -52.15 45.60
C GLU A 173 39.38 -51.18 46.76
N ASN A 174 38.80 -50.02 46.48
CA ASN A 174 38.53 -49.06 47.53
C ASN A 174 39.76 -48.55 48.31
N ALA A 175 40.93 -48.58 47.68
CA ALA A 175 42.12 -48.06 48.33
C ALA A 175 41.83 -46.58 48.55
N SER A 176 42.41 -45.95 49.56
CA SER A 176 42.15 -44.53 49.75
C SER A 176 42.94 -43.81 48.65
N LEU A 177 42.84 -42.48 48.58
CA LEU A 177 43.56 -41.74 47.55
C LEU A 177 45.06 -41.94 47.69
N THR A 178 45.58 -41.73 48.89
CA THR A 178 47.02 -41.88 49.14
C THR A 178 47.54 -43.27 48.81
N ASP A 179 46.83 -44.30 49.25
CA ASP A 179 47.24 -45.68 48.97
C ASP A 179 47.24 -45.94 47.47
N ALA A 180 46.22 -45.44 46.77
CA ALA A 180 46.15 -45.59 45.34
C ALA A 180 47.30 -44.88 44.61
N LEU A 181 47.64 -43.68 45.05
CA LEU A 181 48.72 -42.92 44.41
C LEU A 181 50.09 -43.58 44.53
N ARG A 182 50.43 -44.08 45.72
CA ARG A 182 51.72 -44.73 45.90
C ARG A 182 51.79 -45.97 45.02
N ILE A 183 50.71 -46.74 45.00
CA ILE A 183 50.69 -47.95 44.20
C ILE A 183 50.86 -47.60 42.73
N ALA A 184 50.20 -46.55 42.26
CA ALA A 184 50.31 -46.20 40.85
C ALA A 184 51.75 -45.84 40.48
N VAL A 185 52.40 -45.10 41.37
CA VAL A 185 53.77 -44.67 41.14
C VAL A 185 54.73 -45.85 41.03
N ALA A 186 54.52 -46.89 41.83
CA ALA A 186 55.39 -48.06 41.78
C ALA A 186 55.31 -48.74 40.41
N ALA A 187 54.09 -48.83 39.88
CA ALA A 187 53.85 -49.45 38.60
C ALA A 187 54.59 -48.73 37.47
N LEU A 188 54.62 -47.40 37.53
CA LEU A 188 55.31 -46.64 36.52
C LEU A 188 56.79 -46.97 36.56
N ARG A 189 57.31 -47.14 37.78
CA ARG A 189 58.71 -47.46 37.98
C ARG A 189 59.08 -48.80 37.34
N ALA A 190 58.20 -49.78 37.46
CA ALA A 190 58.45 -51.09 36.88
C ALA A 190 58.58 -50.98 35.37
N GLY A 191 57.73 -50.16 34.75
CA GLY A 191 57.78 -49.97 33.31
C GLY A 191 59.12 -49.39 32.90
N GLY A 204 57.97 -38.22 41.76
CA GLY A 204 58.41 -36.84 41.69
C GLY A 204 57.37 -35.91 41.10
N VAL A 205 57.03 -34.87 41.86
CA VAL A 205 56.02 -33.90 41.43
C VAL A 205 56.44 -33.21 40.14
N ALA A 206 57.74 -32.94 40.04
CA ALA A 206 58.28 -32.28 38.86
C ALA A 206 58.08 -33.13 37.60
N SER A 207 58.22 -34.45 37.76
CA SER A 207 58.08 -35.38 36.63
C SER A 207 56.73 -36.10 36.50
N LEU A 208 55.73 -35.69 37.27
CA LEU A 208 54.43 -36.37 37.22
C LEU A 208 53.21 -35.47 37.02
N GLU A 209 52.19 -36.02 36.36
CA GLU A 209 50.92 -35.35 36.15
C GLU A 209 49.88 -36.20 36.85
N VAL A 210 49.14 -35.59 37.76
CA VAL A 210 48.13 -36.31 38.52
C VAL A 210 46.78 -35.61 38.56
N ALA A 211 45.72 -36.39 38.45
CA ALA A 211 44.36 -35.85 38.52
C ALA A 211 43.37 -36.94 38.92
N VAL A 212 42.23 -36.53 39.47
CA VAL A 212 41.21 -37.49 39.82
C VAL A 212 39.84 -37.07 39.32
N LEU A 213 38.99 -38.08 39.17
CA LEU A 213 37.59 -37.89 38.83
C LEU A 213 37.05 -38.12 40.25
N ASP A 214 36.81 -37.03 40.96
CA ASP A 214 36.35 -37.12 42.34
C ASP A 214 34.84 -37.22 42.35
N ALA A 215 34.34 -38.39 42.72
CA ALA A 215 32.92 -38.66 42.74
C ALA A 215 32.20 -37.77 43.74
N ASN A 216 32.95 -37.24 44.70
CA ASN A 216 32.37 -36.41 45.75
C ASN A 216 32.08 -34.98 45.34
N ARG A 217 32.56 -34.58 44.15
CA ARG A 217 32.34 -33.22 43.70
C ARG A 217 30.89 -33.18 43.18
N PRO A 218 30.15 -32.12 43.51
CA PRO A 218 28.76 -31.96 43.08
C PRO A 218 28.51 -32.08 41.55
N ARG A 219 29.32 -31.41 40.72
CA ARG A 219 29.12 -31.55 39.29
C ARG A 219 30.38 -31.91 38.53
N ARG A 220 31.38 -31.02 38.53
CA ARG A 220 32.61 -31.33 37.80
C ARG A 220 33.54 -32.15 38.67
N ALA A 221 33.65 -33.42 38.33
CA ALA A 221 34.48 -34.35 39.06
C ALA A 221 35.98 -34.20 38.87
N PHE A 222 36.39 -33.79 37.67
CA PHE A 222 37.82 -33.65 37.35
C PHE A 222 38.51 -32.64 38.24
N ARG A 223 39.63 -33.07 38.81
CA ARG A 223 40.39 -32.24 39.74
C ARG A 223 41.87 -32.59 39.61
N ARG A 224 42.71 -31.58 39.34
CA ARG A 224 44.15 -31.82 39.24
C ARG A 224 44.81 -31.74 40.61
N ILE A 225 45.76 -32.64 40.85
CA ILE A 225 46.50 -32.66 42.11
C ILE A 225 47.94 -32.31 41.78
N THR A 226 48.36 -31.11 42.17
CA THR A 226 49.72 -30.67 41.86
C THR A 226 50.46 -29.94 42.97
N GLY A 227 51.72 -29.61 42.67
CA GLY A 227 52.57 -28.90 43.60
C GLY A 227 52.62 -29.46 45.01
N SER A 228 52.60 -28.56 45.99
CA SER A 228 52.64 -28.93 47.40
C SER A 228 51.57 -29.97 47.74
N ALA A 229 50.35 -29.72 47.26
CA ALA A 229 49.24 -30.63 47.52
C ALA A 229 49.61 -32.05 47.08
N LEU A 230 50.16 -32.16 45.86
CA LEU A 230 50.58 -33.46 45.34
C LEU A 230 51.69 -34.01 46.22
N GLN A 231 52.63 -33.13 46.55
CA GLN A 231 53.76 -33.49 47.39
C GLN A 231 53.26 -34.26 48.61
N ALA A 232 52.36 -33.62 49.34
CA ALA A 232 51.77 -34.17 50.55
C ALA A 232 51.31 -35.62 50.43
N LEU A 233 50.79 -36.01 49.27
CA LEU A 233 50.30 -37.38 49.08
C LEU A 233 51.41 -38.35 48.72
N LEU A 234 52.63 -37.84 48.70
CA LEU A 234 53.79 -38.68 48.40
C LEU A 234 54.66 -38.75 49.66
N ILE B 7 57.28 -47.74 -1.77
CA ILE B 7 57.61 -48.16 -0.40
C ILE B 7 56.43 -48.53 0.51
N SER B 8 56.77 -48.80 1.77
CA SER B 8 55.82 -49.15 2.84
C SER B 8 55.52 -47.95 3.75
N PRO B 9 54.42 -48.00 4.51
CA PRO B 9 54.08 -46.84 5.35
C PRO B 9 55.24 -46.51 6.27
N GLU B 10 55.88 -47.53 6.79
CA GLU B 10 57.02 -47.33 7.68
C GLU B 10 58.21 -46.68 6.99
N GLN B 11 58.48 -47.12 5.76
CA GLN B 11 59.57 -46.56 4.96
C GLN B 11 59.26 -45.11 4.58
N ALA B 12 58.00 -44.88 4.23
CA ALA B 12 57.52 -43.54 3.83
C ALA B 12 57.83 -42.53 4.94
N MET B 13 57.53 -42.89 6.19
CA MET B 13 57.78 -42.02 7.32
C MET B 13 59.29 -41.70 7.50
N ARG B 14 60.14 -42.68 7.20
CA ARG B 14 61.58 -42.50 7.32
C ARG B 14 62.03 -41.61 6.15
N GLU B 15 61.58 -41.98 4.97
CA GLU B 15 61.82 -41.29 3.71
C GLU B 15 61.57 -39.79 3.93
N ARG B 16 60.33 -39.47 4.29
CA ARG B 16 59.90 -38.10 4.55
C ARG B 16 60.72 -37.46 5.65
N SER B 17 60.87 -38.19 6.75
CA SER B 17 61.62 -37.72 7.91
C SER B 17 63.04 -37.28 7.56
N GLU B 18 63.72 -38.03 6.71
CA GLU B 18 65.08 -37.68 6.33
C GLU B 18 65.07 -36.49 5.38
N LEU B 19 64.10 -36.48 4.48
CA LEU B 19 63.95 -35.40 3.53
C LEU B 19 63.83 -34.07 4.26
N ALA B 20 63.18 -34.11 5.42
CA ALA B 20 63.00 -32.92 6.23
C ALA B 20 64.23 -32.66 7.09
N ARG B 21 64.93 -33.72 7.46
CA ARG B 21 66.13 -33.60 8.28
C ARG B 21 67.21 -32.87 7.48
N LYS B 22 67.44 -33.33 6.26
CA LYS B 22 68.46 -32.75 5.39
C LYS B 22 68.23 -31.26 5.20
N GLY B 23 66.99 -30.88 4.89
CA GLY B 23 66.64 -29.50 4.67
C GLY B 23 67.00 -28.60 5.82
N ILE B 24 66.63 -29.00 7.03
CA ILE B 24 66.90 -28.22 8.22
C ILE B 24 68.38 -28.22 8.58
N ALA B 25 69.02 -29.37 8.39
CA ALA B 25 70.44 -29.50 8.69
C ALA B 25 71.25 -28.64 7.72
N ARG B 26 70.76 -28.56 6.48
CA ARG B 26 71.45 -27.78 5.47
C ARG B 26 71.16 -26.28 5.54
N ALA B 27 70.51 -25.84 6.63
CA ALA B 27 70.17 -24.43 6.78
C ALA B 27 70.86 -23.72 7.95
N LYS B 28 70.92 -22.40 7.89
CA LYS B 28 71.53 -21.58 8.94
C LYS B 28 70.92 -21.92 10.30
N SER B 29 71.60 -21.53 11.37
CA SER B 29 71.11 -21.84 12.71
C SER B 29 70.50 -20.65 13.46
N VAL B 30 69.64 -20.98 14.41
CA VAL B 30 68.96 -19.97 15.19
C VAL B 30 68.90 -20.41 16.63
N VAL B 31 68.99 -19.45 17.55
CA VAL B 31 68.87 -19.78 18.95
C VAL B 31 67.96 -18.78 19.63
N ALA B 32 67.26 -19.24 20.65
CA ALA B 32 66.38 -18.42 21.43
C ALA B 32 66.68 -18.83 22.85
N LEU B 33 66.88 -17.84 23.72
CA LEU B 33 67.14 -18.12 25.12
C LEU B 33 66.50 -17.11 26.06
N ALA B 34 66.11 -17.61 27.24
CA ALA B 34 65.50 -16.77 28.25
C ALA B 34 66.59 -15.97 28.90
N TYR B 35 66.31 -14.71 29.20
CA TYR B 35 67.28 -13.88 29.87
C TYR B 35 66.52 -12.99 30.84
N ALA B 36 67.24 -12.14 31.55
CA ALA B 36 66.62 -11.27 32.54
C ALA B 36 65.43 -10.46 32.03
N GLY B 37 65.60 -9.82 30.88
CA GLY B 37 64.54 -8.99 30.32
C GLY B 37 63.46 -9.63 29.45
N GLY B 38 63.49 -10.96 29.32
CA GLY B 38 62.49 -11.62 28.52
C GLY B 38 63.09 -12.75 27.70
N VAL B 39 63.01 -12.66 26.37
CA VAL B 39 63.56 -13.69 25.53
C VAL B 39 64.37 -13.03 24.43
N LEU B 40 65.47 -13.67 24.07
CA LEU B 40 66.37 -13.16 23.03
C LEU B 40 66.43 -14.12 21.84
N PHE B 41 66.33 -13.55 20.65
CA PHE B 41 66.37 -14.31 19.41
C PHE B 41 67.59 -13.88 18.61
N VAL B 42 68.43 -14.85 18.25
CA VAL B 42 69.61 -14.55 17.44
C VAL B 42 69.73 -15.60 16.37
N ALA B 43 69.76 -15.13 15.12
CA ALA B 43 69.86 -16.04 14.00
C ALA B 43 70.93 -15.59 13.01
N GLU B 44 71.54 -16.58 12.38
CA GLU B 44 72.58 -16.33 11.40
C GLU B 44 71.79 -15.95 10.16
N ASN B 45 71.82 -14.68 9.79
CA ASN B 45 71.06 -14.29 8.63
C ASN B 45 71.68 -13.14 7.83
N PRO B 46 72.27 -13.47 6.67
CA PRO B 46 72.91 -12.49 5.78
C PRO B 46 71.92 -11.51 5.16
N SER B 47 70.78 -12.01 4.71
CA SER B 47 69.78 -11.15 4.08
C SER B 47 69.35 -9.98 4.94
N ARG B 48 68.91 -8.92 4.27
CA ARG B 48 68.45 -7.73 4.95
C ARG B 48 66.92 -7.69 4.90
N SER B 49 66.36 -8.34 3.88
CA SER B 49 64.90 -8.37 3.66
C SER B 49 64.16 -9.60 4.17
N LEU B 50 64.74 -10.77 3.96
CA LEU B 50 64.11 -12.01 4.36
C LEU B 50 64.40 -12.29 5.84
N GLN B 51 63.35 -12.38 6.64
CA GLN B 51 63.51 -12.60 8.08
C GLN B 51 63.12 -13.97 8.61
N LYS B 52 63.80 -14.41 9.67
CA LYS B 52 63.60 -15.71 10.32
C LYS B 52 63.01 -15.55 11.73
N ILE B 53 62.96 -14.31 12.21
CA ILE B 53 62.45 -13.98 13.53
C ILE B 53 61.31 -12.99 13.33
N SER B 54 60.19 -13.22 14.02
CA SER B 54 59.04 -12.34 13.84
C SER B 54 58.14 -12.25 15.06
N GLU B 55 57.39 -11.16 15.13
CA GLU B 55 56.39 -10.98 16.17
C GLU B 55 55.17 -11.84 15.73
N LEU B 56 54.50 -12.49 16.68
CA LEU B 56 53.28 -13.24 16.38
C LEU B 56 52.09 -12.48 17.03
N TYR B 57 52.23 -12.15 18.31
CA TYR B 57 51.19 -11.46 19.03
C TYR B 57 51.81 -10.58 20.13
N ASP B 58 51.01 -9.96 20.97
CA ASP B 58 51.56 -9.06 22.00
C ASP B 58 52.81 -9.55 22.75
N ARG B 59 52.73 -10.72 23.35
CA ARG B 59 53.87 -11.23 24.12
C ARG B 59 54.44 -12.51 23.51
N VAL B 60 54.12 -12.77 22.24
CA VAL B 60 54.55 -13.99 21.62
C VAL B 60 55.40 -13.77 20.40
N GLY B 61 56.55 -14.45 20.37
CA GLY B 61 57.50 -14.34 19.29
C GLY B 61 57.66 -15.65 18.55
N PHE B 62 58.19 -15.52 17.34
CA PHE B 62 58.40 -16.65 16.44
C PHE B 62 59.84 -16.64 15.85
N ALA B 63 60.41 -17.82 15.69
CA ALA B 63 61.73 -17.98 15.08
C ALA B 63 61.72 -19.31 14.37
N ALA B 64 62.35 -19.37 13.20
CA ALA B 64 62.40 -20.62 12.46
C ALA B 64 63.72 -20.84 11.71
N ALA B 65 63.93 -22.08 11.33
CA ALA B 65 65.10 -22.47 10.56
C ALA B 65 64.56 -23.44 9.52
N GLY B 66 65.14 -23.41 8.34
CA GLY B 66 64.70 -24.31 7.30
C GLY B 66 64.47 -23.56 6.02
N LYS B 67 63.62 -24.11 5.16
CA LYS B 67 63.27 -23.50 3.88
C LYS B 67 62.37 -22.25 4.15
N PHE B 68 62.83 -21.08 3.73
CA PHE B 68 62.12 -19.82 3.94
C PHE B 68 60.64 -19.79 3.50
N ASN B 69 60.37 -20.07 2.23
CA ASN B 69 59.01 -20.04 1.77
C ASN B 69 58.11 -20.91 2.67
N GLU B 70 58.65 -22.00 3.21
CA GLU B 70 57.82 -22.82 4.06
C GLU B 70 57.58 -22.26 5.46
N PHE B 71 58.62 -21.77 6.13
CA PHE B 71 58.36 -21.25 7.45
C PHE B 71 57.74 -19.86 7.43
N ASP B 72 57.88 -19.12 6.33
CA ASP B 72 57.26 -17.81 6.25
C ASP B 72 55.75 -18.11 6.13
N ASN B 73 55.44 -19.16 5.39
CA ASN B 73 54.07 -19.59 5.23
C ASN B 73 53.47 -19.78 6.63
N LEU B 74 54.17 -20.56 7.43
CA LEU B 74 53.76 -20.85 8.78
C LEU B 74 53.69 -19.60 9.66
N ARG B 75 54.58 -18.65 9.41
CA ARG B 75 54.61 -17.44 10.23
C ARG B 75 53.28 -16.70 10.02
N ARG B 76 52.93 -16.52 8.74
CA ARG B 76 51.71 -15.84 8.34
C ARG B 76 50.52 -16.55 8.91
N GLY B 77 50.50 -17.87 8.78
CA GLY B 77 49.38 -18.62 9.31
C GLY B 77 49.22 -18.41 10.81
N GLY B 78 50.35 -18.28 11.51
CA GLY B 78 50.34 -18.07 12.94
C GLY B 78 49.77 -16.72 13.28
N ILE B 79 50.22 -15.70 12.56
CA ILE B 79 49.74 -14.35 12.79
C ILE B 79 48.22 -14.34 12.54
N GLN B 80 47.80 -15.03 11.49
CA GLN B 80 46.39 -15.12 11.15
C GLN B 80 45.61 -15.74 12.33
N PHE B 81 46.09 -16.89 12.80
CA PHE B 81 45.44 -17.58 13.91
C PHE B 81 45.33 -16.69 15.14
N ALA B 82 46.44 -16.08 15.52
CA ALA B 82 46.47 -15.22 16.72
C ALA B 82 45.54 -14.00 16.63
N ASP B 83 45.57 -13.30 15.50
CA ASP B 83 44.75 -12.11 15.36
C ASP B 83 43.26 -12.48 15.41
N THR B 84 42.91 -13.56 14.75
CA THR B 84 41.53 -14.02 14.74
C THR B 84 41.10 -14.44 16.15
N ARG B 85 41.96 -15.12 16.88
CA ARG B 85 41.63 -15.54 18.24
C ARG B 85 41.43 -14.36 19.20
N GLY B 86 42.38 -13.44 19.16
CA GLY B 86 42.29 -12.28 20.01
C GLY B 86 41.04 -11.44 19.73
N TYR B 87 40.61 -11.40 18.46
CA TYR B 87 39.46 -10.62 18.08
C TYR B 87 38.18 -11.31 18.49
N ALA B 88 38.13 -12.63 18.35
CA ALA B 88 36.95 -13.43 18.71
C ALA B 88 36.75 -13.56 20.22
N TYR B 89 37.82 -13.45 21.00
CA TYR B 89 37.75 -13.55 22.46
C TYR B 89 38.34 -12.25 22.97
N ASP B 90 39.53 -12.29 23.53
CA ASP B 90 40.21 -11.04 23.94
C ASP B 90 41.72 -11.21 23.72
N ARG B 91 42.45 -10.12 23.58
CA ARG B 91 43.89 -10.20 23.33
C ARG B 91 44.58 -11.08 24.36
N ARG B 92 44.26 -10.84 25.64
CA ARG B 92 44.87 -11.59 26.72
C ARG B 92 44.54 -13.06 26.74
N ASP B 93 43.73 -13.51 25.80
CA ASP B 93 43.39 -14.93 25.72
C ASP B 93 44.32 -15.66 24.77
N VAL B 94 45.11 -14.93 24.00
CA VAL B 94 46.05 -15.55 23.08
C VAL B 94 47.33 -15.91 23.86
N THR B 95 47.85 -17.12 23.67
CA THR B 95 49.04 -17.56 24.39
C THR B 95 50.05 -18.33 23.55
N GLY B 96 51.31 -18.29 23.99
CA GLY B 96 52.36 -19.01 23.29
C GLY B 96 52.05 -20.50 23.19
N ARG B 97 51.51 -21.05 24.27
CA ARG B 97 51.13 -22.46 24.29
C ARG B 97 50.14 -22.78 23.16
N GLN B 98 49.15 -21.91 22.97
CA GLN B 98 48.14 -22.11 21.93
C GLN B 98 48.77 -22.08 20.56
N LEU B 99 49.67 -21.12 20.34
CA LEU B 99 50.33 -21.03 19.03
C LEU B 99 51.17 -22.29 18.77
N ALA B 100 51.92 -22.74 19.78
CA ALA B 100 52.75 -23.92 19.61
C ALA B 100 51.88 -25.12 19.27
N ASN B 101 50.79 -25.24 20.01
CA ASN B 101 49.82 -26.31 19.84
C ASN B 101 49.32 -26.33 18.40
N VAL B 102 48.98 -25.15 17.88
CA VAL B 102 48.48 -25.01 16.50
C VAL B 102 49.55 -25.38 15.44
N TYR B 103 50.79 -24.96 15.70
CA TYR B 103 51.86 -25.29 14.77
C TYR B 103 52.07 -26.80 14.79
N ALA B 104 52.06 -27.40 15.99
CA ALA B 104 52.24 -28.84 16.11
C ALA B 104 51.22 -29.56 15.27
N GLN B 105 49.97 -29.16 15.39
CA GLN B 105 48.91 -29.78 14.61
C GLN B 105 49.06 -29.54 13.10
N THR B 106 49.51 -28.35 12.71
CA THR B 106 49.65 -28.05 11.30
C THR B 106 50.80 -28.80 10.66
N LEU B 107 51.95 -28.81 11.32
CA LEU B 107 53.10 -29.53 10.78
C LEU B 107 52.78 -31.02 10.75
N GLY B 108 52.11 -31.51 11.78
CA GLY B 108 51.73 -32.91 11.83
C GLY B 108 50.93 -33.28 10.60
N THR B 109 49.97 -32.44 10.25
CA THR B 109 49.14 -32.69 9.09
C THR B 109 49.93 -32.59 7.81
N ILE B 110 50.79 -31.58 7.69
CA ILE B 110 51.59 -31.42 6.48
C ILE B 110 52.47 -32.67 6.29
N PHE B 111 53.17 -33.05 7.36
CA PHE B 111 54.08 -34.18 7.36
C PHE B 111 53.43 -35.45 6.88
N THR B 112 52.16 -35.62 7.23
CA THR B 112 51.39 -36.80 6.91
C THR B 112 50.61 -36.72 5.62
N GLU B 113 50.03 -35.56 5.32
CA GLU B 113 49.19 -35.43 4.13
C GLU B 113 49.74 -34.77 2.88
N GLN B 114 50.76 -33.94 3.00
CA GLN B 114 51.27 -33.29 1.81
C GLN B 114 52.31 -34.11 1.03
N ALA B 115 52.41 -33.83 -0.28
CA ALA B 115 53.38 -34.51 -1.11
C ALA B 115 54.76 -34.48 -0.47
N LYS B 116 55.16 -33.31 0.05
CA LYS B 116 56.48 -33.13 0.67
C LYS B 116 56.40 -32.57 2.08
N PRO B 117 57.12 -33.15 3.05
CA PRO B 117 57.00 -32.56 4.39
C PRO B 117 57.68 -31.19 4.38
N TYR B 118 57.40 -30.37 5.36
CA TYR B 118 58.03 -29.06 5.45
C TYR B 118 59.41 -29.20 6.08
N GLU B 119 60.41 -28.64 5.43
CA GLU B 119 61.77 -28.67 5.92
C GLU B 119 61.91 -27.46 6.84
N VAL B 120 61.35 -27.55 8.05
CA VAL B 120 61.42 -26.42 8.97
C VAL B 120 61.42 -26.89 10.41
N GLU B 121 61.85 -26.01 11.30
CA GLU B 121 61.87 -26.27 12.72
C GLU B 121 61.47 -24.90 13.29
N LEU B 122 60.47 -24.89 14.17
CA LEU B 122 59.98 -23.64 14.73
C LEU B 122 60.14 -23.49 16.22
N CYS B 123 60.22 -22.24 16.63
CA CYS B 123 60.27 -21.92 18.04
C CYS B 123 59.25 -20.81 18.33
N VAL B 124 58.37 -21.05 19.30
CA VAL B 124 57.40 -20.04 19.71
C VAL B 124 57.76 -19.68 21.13
N ALA B 125 57.87 -18.40 21.42
CA ALA B 125 58.24 -17.98 22.76
C ALA B 125 57.27 -16.94 23.28
N GLU B 126 57.10 -16.93 24.60
CA GLU B 126 56.20 -16.01 25.26
C GLU B 126 56.81 -15.48 26.53
N VAL B 127 56.63 -14.19 26.80
CA VAL B 127 57.13 -13.58 28.01
C VAL B 127 55.93 -13.10 28.77
N ALA B 128 56.14 -12.74 30.03
CA ALA B 128 55.06 -12.26 30.88
C ALA B 128 54.45 -10.95 30.38
N HIS B 129 53.22 -10.68 30.81
CA HIS B 129 52.51 -9.46 30.46
C HIS B 129 53.14 -8.35 31.30
N TYR B 130 53.05 -7.11 30.85
CA TYR B 130 53.65 -6.00 31.57
C TYR B 130 53.38 -6.02 33.07
N GLY B 131 54.40 -5.72 33.85
CA GLY B 131 54.27 -5.70 35.30
C GLY B 131 53.83 -7.01 35.94
N GLU B 132 53.89 -8.09 35.19
CA GLU B 132 53.50 -9.41 35.69
C GLU B 132 54.79 -10.19 35.91
N THR B 133 54.72 -11.31 36.63
CA THR B 133 55.93 -12.10 36.83
C THR B 133 55.63 -13.52 36.41
N LYS B 134 56.44 -14.03 35.49
CA LYS B 134 56.26 -15.37 34.98
C LYS B 134 57.50 -15.70 34.17
N ARG B 135 57.96 -16.94 34.29
CA ARG B 135 59.14 -17.36 33.57
C ARG B 135 58.84 -17.46 32.08
N PRO B 136 59.74 -16.95 31.23
CA PRO B 136 59.52 -17.02 29.78
C PRO B 136 59.23 -18.47 29.43
N GLU B 137 58.54 -18.68 28.32
CA GLU B 137 58.23 -20.01 27.86
C GLU B 137 58.79 -20.16 26.45
N LEU B 138 59.36 -21.33 26.18
CA LEU B 138 59.94 -21.58 24.88
C LEU B 138 59.44 -22.91 24.41
N TYR B 139 59.04 -22.99 23.14
CA TYR B 139 58.53 -24.24 22.63
C TYR B 139 59.21 -24.48 21.32
N ARG B 140 59.47 -25.74 21.02
CA ARG B 140 60.08 -26.09 19.76
C ARG B 140 59.10 -27.01 19.10
N ILE B 141 58.85 -26.78 17.81
CA ILE B 141 57.96 -27.63 17.05
C ILE B 141 58.76 -28.19 15.89
N THR B 142 58.78 -29.51 15.77
CA THR B 142 59.51 -30.18 14.71
C THR B 142 58.69 -30.36 13.42
N TYR B 143 59.37 -30.83 12.38
CA TYR B 143 58.77 -31.06 11.08
C TYR B 143 57.64 -32.09 11.16
N ASP B 144 57.77 -33.06 12.05
CA ASP B 144 56.78 -34.12 12.23
C ASP B 144 55.63 -33.68 13.14
N GLY B 145 55.71 -32.46 13.66
CA GLY B 145 54.68 -31.94 14.53
C GLY B 145 54.92 -32.19 16.00
N SER B 146 56.06 -32.78 16.33
CA SER B 146 56.42 -33.02 17.71
C SER B 146 56.63 -31.67 18.38
N ILE B 147 56.28 -31.56 19.65
CA ILE B 147 56.44 -30.30 20.33
C ILE B 147 57.15 -30.52 21.66
N ALA B 148 58.00 -29.59 22.05
CA ALA B 148 58.74 -29.74 23.29
C ALA B 148 58.82 -28.44 24.07
N ASP B 149 58.68 -28.57 25.37
CA ASP B 149 58.73 -27.44 26.28
C ASP B 149 60.17 -27.27 26.76
N GLU B 150 60.88 -26.26 26.25
CA GLU B 150 62.27 -26.00 26.67
C GLU B 150 62.28 -24.92 27.75
N PRO B 151 63.03 -25.12 28.84
CA PRO B 151 63.08 -24.14 29.93
C PRO B 151 64.10 -23.02 29.85
N HIS B 152 65.19 -23.23 29.11
CA HIS B 152 66.24 -22.20 29.05
C HIS B 152 66.59 -21.66 27.67
N PHE B 153 66.71 -22.56 26.71
CA PHE B 153 67.04 -22.12 25.36
C PHE B 153 66.64 -23.17 24.34
N VAL B 154 66.60 -22.76 23.08
CA VAL B 154 66.25 -23.66 21.99
C VAL B 154 67.22 -23.38 20.89
N VAL B 155 67.60 -24.44 20.16
CA VAL B 155 68.53 -24.30 19.04
C VAL B 155 67.94 -25.04 17.86
N MET B 156 67.97 -24.40 16.69
CA MET B 156 67.39 -25.02 15.50
C MET B 156 68.19 -24.66 14.28
N GLY B 157 68.17 -25.57 13.31
CA GLY B 157 68.89 -25.37 12.06
C GLY B 157 70.35 -25.80 12.04
N GLY B 158 70.79 -26.31 10.89
CA GLY B 158 72.17 -26.74 10.73
C GLY B 158 72.62 -27.79 11.72
N THR B 159 73.84 -27.64 12.21
CA THR B 159 74.39 -28.57 13.18
C THR B 159 74.18 -27.94 14.55
N THR B 160 73.23 -28.51 15.28
CA THR B 160 72.85 -28.00 16.57
C THR B 160 73.72 -28.44 17.73
N GLU B 161 74.14 -29.71 17.71
CA GLU B 161 74.98 -30.29 18.76
C GLU B 161 76.01 -29.31 19.33
N PRO B 162 76.90 -28.79 18.47
CA PRO B 162 77.93 -27.86 18.92
C PRO B 162 77.36 -26.64 19.65
N ILE B 163 76.38 -26.02 19.02
CA ILE B 163 75.72 -24.82 19.56
C ILE B 163 75.00 -25.15 20.86
N ALA B 164 74.36 -26.32 20.89
CA ALA B 164 73.61 -26.77 22.05
C ALA B 164 74.55 -26.82 23.25
N ASN B 165 75.58 -27.66 23.14
CA ASN B 165 76.55 -27.82 24.22
C ASN B 165 77.18 -26.49 24.61
N ALA B 166 77.60 -25.71 23.61
CA ALA B 166 78.20 -24.41 23.86
C ALA B 166 77.34 -23.57 24.79
N LEU B 167 76.03 -23.66 24.57
CA LEU B 167 75.03 -23.02 25.41
C LEU B 167 74.86 -23.71 26.77
N LYS B 168 74.88 -25.02 26.76
CA LYS B 168 74.62 -25.81 27.94
C LYS B 168 75.64 -25.38 28.96
N GLU B 169 76.79 -24.89 28.46
CA GLU B 169 77.88 -24.45 29.34
C GLU B 169 77.85 -22.97 29.70
N SER B 170 77.70 -22.16 28.66
CA SER B 170 77.60 -20.72 28.82
C SER B 170 76.35 -20.22 29.54
N TYR B 171 75.22 -20.88 29.32
CA TYR B 171 74.01 -20.32 29.83
C TYR B 171 74.07 -20.02 31.29
N ALA B 172 73.79 -18.76 31.59
CA ALA B 172 73.70 -18.28 32.95
C ALA B 172 72.26 -17.78 33.13
N GLU B 173 71.62 -18.24 34.20
CA GLU B 173 70.25 -17.87 34.54
C GLU B 173 70.16 -16.37 34.79
N ASN B 174 69.22 -15.68 34.14
CA ASN B 174 69.03 -14.24 34.38
C ASN B 174 70.17 -13.33 33.91
N ALA B 175 70.79 -13.72 32.82
CA ALA B 175 71.87 -12.94 32.27
C ALA B 175 71.30 -11.61 31.79
N SER B 176 72.09 -10.56 31.74
CA SER B 176 71.56 -9.30 31.26
C SER B 176 71.45 -9.45 29.74
N LEU B 177 70.93 -8.43 29.06
CA LEU B 177 70.80 -8.53 27.62
C LEU B 177 72.16 -8.73 26.95
N THR B 178 73.13 -7.88 27.30
CA THR B 178 74.46 -7.96 26.71
C THR B 178 75.13 -9.31 26.95
N ASP B 179 75.07 -9.80 28.19
CA ASP B 179 75.68 -11.09 28.51
C ASP B 179 75.01 -12.20 27.71
N ALA B 180 73.67 -12.12 27.60
CA ALA B 180 72.89 -13.10 26.86
C ALA B 180 73.26 -13.04 25.38
N LEU B 181 73.34 -11.84 24.83
CA LEU B 181 73.69 -11.68 23.42
C LEU B 181 75.04 -12.34 23.10
N ARG B 182 76.07 -11.98 23.88
CA ARG B 182 77.42 -12.55 23.74
C ARG B 182 77.37 -14.07 23.82
N ILE B 183 76.84 -14.59 24.93
CA ILE B 183 76.73 -16.03 25.12
C ILE B 183 76.13 -16.70 23.89
N ALA B 184 75.10 -16.08 23.35
CA ALA B 184 74.41 -16.60 22.17
C ALA B 184 75.25 -16.54 20.90
N VAL B 185 75.75 -15.35 20.57
CA VAL B 185 76.57 -15.20 19.37
C VAL B 185 77.75 -16.17 19.43
N ALA B 186 78.26 -16.37 20.64
CA ALA B 186 79.40 -17.25 20.86
C ALA B 186 79.07 -18.68 20.46
N ALA B 187 78.00 -19.21 21.04
CA ALA B 187 77.56 -20.56 20.76
C ALA B 187 77.20 -20.70 19.28
N LEU B 188 76.57 -19.66 18.73
CA LEU B 188 76.19 -19.66 17.32
C LEU B 188 77.43 -19.75 16.43
N ARG B 189 78.47 -19.02 16.81
CA ARG B 189 79.71 -18.99 16.04
C ARG B 189 80.37 -20.35 15.97
N ALA B 190 80.25 -21.11 17.04
CA ALA B 190 80.83 -22.44 17.08
C ALA B 190 79.88 -23.40 16.36
N GLY B 191 79.82 -23.25 15.04
CA GLY B 191 78.95 -24.08 14.23
C GLY B 191 78.45 -23.35 13.00
N ALA B 206 75.49 -7.22 11.87
CA ALA B 206 76.11 -7.66 10.61
C ALA B 206 76.12 -9.18 10.49
N SER B 207 75.33 -9.70 9.56
CA SER B 207 75.25 -11.14 9.34
C SER B 207 74.35 -11.76 10.40
N LEU B 208 73.74 -10.91 11.21
CA LEU B 208 72.89 -11.37 12.29
C LEU B 208 71.52 -10.72 12.31
N GLU B 209 70.53 -11.52 12.72
CA GLU B 209 69.16 -11.05 12.88
C GLU B 209 68.94 -11.16 14.38
N VAL B 210 68.71 -10.02 15.03
CA VAL B 210 68.51 -10.02 16.46
C VAL B 210 67.21 -9.29 16.90
N ALA B 211 66.53 -9.89 17.86
CA ALA B 211 65.29 -9.31 18.39
C ALA B 211 65.02 -9.89 19.76
N VAL B 212 64.22 -9.15 20.53
CA VAL B 212 63.84 -9.63 21.85
C VAL B 212 62.34 -9.52 22.08
N LEU B 213 61.86 -10.32 23.02
CA LEU B 213 60.49 -10.24 23.49
C LEU B 213 60.80 -9.53 24.81
N ASP B 214 60.62 -8.21 24.82
CA ASP B 214 60.96 -7.40 25.98
C ASP B 214 59.78 -7.34 26.92
N ALA B 215 59.90 -8.03 28.04
CA ALA B 215 58.83 -8.13 29.01
C ALA B 215 58.49 -6.77 29.55
N ASN B 216 59.41 -5.83 29.41
CA ASN B 216 59.20 -4.50 29.98
C ASN B 216 58.33 -3.58 29.13
N ARG B 217 58.04 -4.01 27.91
CA ARG B 217 57.23 -3.19 27.02
C ARG B 217 55.79 -3.36 27.50
N PRO B 218 55.02 -2.25 27.53
CA PRO B 218 53.61 -2.26 27.98
C PRO B 218 52.71 -3.25 27.23
N ARG B 219 52.78 -3.28 25.91
CA ARG B 219 51.95 -4.25 25.19
C ARG B 219 52.71 -5.11 24.20
N ARG B 220 53.24 -4.49 23.16
CA ARG B 220 53.98 -5.25 22.17
C ARG B 220 55.42 -5.44 22.64
N ALA B 221 55.75 -6.67 23.01
CA ALA B 221 57.06 -7.02 23.52
C ALA B 221 58.13 -7.18 22.45
N PHE B 222 57.74 -7.57 21.23
CA PHE B 222 58.69 -7.78 20.17
C PHE B 222 59.41 -6.50 19.79
N ARG B 223 60.73 -6.59 19.71
CA ARG B 223 61.57 -5.45 19.42
C ARG B 223 62.83 -5.93 18.69
N ARG B 224 63.09 -5.38 17.51
CA ARG B 224 64.29 -5.74 16.76
C ARG B 224 65.49 -4.89 17.21
N ILE B 225 66.65 -5.53 17.31
CA ILE B 225 67.88 -4.84 17.68
C ILE B 225 68.80 -4.88 16.47
N THR B 226 68.97 -3.73 15.82
CA THR B 226 69.79 -3.68 14.63
C THR B 226 70.74 -2.49 14.51
N GLY B 227 71.52 -2.51 13.43
CA GLY B 227 72.46 -1.44 13.15
C GLY B 227 73.37 -1.05 14.31
N SER B 228 73.57 0.25 14.45
CA SER B 228 74.42 0.80 15.50
C SER B 228 74.02 0.27 16.87
N ALA B 229 72.73 0.30 17.15
CA ALA B 229 72.21 -0.18 18.43
C ALA B 229 72.70 -1.62 18.69
N LEU B 230 72.57 -2.48 17.69
CA LEU B 230 73.02 -3.85 17.82
C LEU B 230 74.53 -3.88 18.01
N GLN B 231 75.22 -3.00 17.31
CA GLN B 231 76.66 -2.96 17.35
C GLN B 231 77.15 -2.69 18.76
N ALA B 232 76.43 -1.87 19.50
CA ALA B 232 76.87 -1.44 20.81
C ALA B 232 77.07 -2.63 21.73
N LEU B 233 76.49 -3.77 21.39
CA LEU B 233 76.66 -4.95 22.23
C LEU B 233 77.38 -6.06 21.48
N THR C 1 26.11 12.96 19.58
CA THR C 1 27.59 12.76 19.48
C THR C 1 28.33 13.82 18.70
N THR C 2 29.53 14.14 19.16
CA THR C 2 30.37 15.04 18.40
C THR C 2 31.80 14.62 18.60
N ILE C 3 32.49 14.48 17.49
CA ILE C 3 33.89 14.17 17.48
C ILE C 3 34.56 15.23 16.60
N VAL C 4 35.62 15.86 17.11
CA VAL C 4 36.32 16.88 16.35
C VAL C 4 37.79 16.49 16.14
N ALA C 5 38.40 17.03 15.09
CA ALA C 5 39.81 16.82 14.83
C ALA C 5 40.31 18.10 14.17
N LEU C 6 41.51 18.52 14.53
CA LEU C 6 42.10 19.70 13.95
C LEU C 6 43.62 19.57 13.91
N LYS C 7 44.22 20.27 12.96
CA LYS C 7 45.65 20.20 12.75
C LYS C 7 46.35 21.42 13.31
N TYR C 8 47.48 21.20 13.95
CA TYR C 8 48.22 22.32 14.52
C TYR C 8 49.65 22.12 14.01
N PRO C 9 50.49 23.16 14.08
CA PRO C 9 51.88 23.04 13.62
C PRO C 9 52.60 21.84 14.26
N GLY C 10 52.92 20.83 13.47
CA GLY C 10 53.58 19.67 14.03
C GLY C 10 52.72 18.45 14.41
N GLY C 11 51.40 18.54 14.28
CA GLY C 11 50.60 17.38 14.63
C GLY C 11 49.10 17.52 14.47
N VAL C 12 48.36 16.70 15.19
CA VAL C 12 46.93 16.74 15.07
C VAL C 12 46.31 16.33 16.40
N VAL C 13 45.09 16.80 16.64
CA VAL C 13 44.40 16.46 17.87
C VAL C 13 42.99 16.02 17.49
N MET C 14 42.48 15.03 18.21
CA MET C 14 41.14 14.56 18.00
C MET C 14 40.51 14.44 19.40
N ALA C 15 39.27 14.93 19.54
CA ALA C 15 38.56 14.90 20.82
C ALA C 15 37.10 14.51 20.62
N GLY C 16 36.55 13.79 21.59
CA GLY C 16 35.16 13.35 21.48
C GLY C 16 34.38 13.52 22.77
N ASP C 17 33.05 13.67 22.67
CA ASP C 17 32.20 13.82 23.86
C ASP C 17 31.96 12.44 24.50
N ARG C 18 31.21 12.40 25.61
CA ARG C 18 31.05 11.13 26.38
C ARG C 18 29.62 10.62 26.48
N ARG C 19 28.72 11.28 25.77
CA ARG C 19 27.34 10.90 25.86
C ARG C 19 26.83 9.79 24.98
N SER C 20 25.97 8.94 25.52
CA SER C 20 25.31 7.97 24.66
C SER C 20 23.83 8.16 25.01
N THR C 21 22.94 8.02 24.03
CA THR C 21 21.50 8.20 24.28
C THR C 21 20.68 7.07 23.61
N GLN C 22 19.41 6.99 24.00
CA GLN C 22 18.44 6.06 23.44
C GLN C 22 17.22 6.95 23.37
N GLY C 23 16.95 7.47 22.19
CA GLY C 23 15.85 8.41 22.05
C GLY C 23 16.26 9.65 22.83
N ASN C 24 15.36 10.16 23.67
CA ASN C 24 15.62 11.34 24.48
C ASN C 24 16.41 11.00 25.74
N MET C 25 16.48 9.71 26.07
CA MET C 25 17.12 9.30 27.33
C MET C 25 18.63 9.24 27.29
N ILE C 26 19.25 9.78 28.34
CA ILE C 26 20.72 9.77 28.44
C ILE C 26 21.02 8.39 28.98
N SER C 27 21.66 7.56 28.19
CA SER C 27 21.93 6.21 28.63
C SER C 27 23.37 5.93 29.04
N GLY C 28 24.27 6.88 28.80
CA GLY C 28 25.66 6.72 29.19
C GLY C 28 26.30 8.10 29.35
N ARG C 29 27.30 8.20 30.26
CA ARG C 29 27.96 9.46 30.51
C ARG C 29 29.47 9.37 30.44
N ASP C 30 29.99 8.18 30.16
CA ASP C 30 31.44 8.05 30.12
C ASP C 30 31.97 7.23 28.96
N VAL C 31 31.21 7.18 27.89
CA VAL C 31 31.60 6.42 26.72
C VAL C 31 32.86 7.10 26.14
N ARG C 32 33.79 6.29 25.64
CA ARG C 32 35.02 6.80 25.02
C ARG C 32 34.83 6.57 23.51
N LYS C 33 34.91 7.66 22.74
CA LYS C 33 34.65 7.56 21.32
C LYS C 33 35.85 7.75 20.44
N VAL C 34 36.97 8.10 21.04
CA VAL C 34 38.23 8.31 20.31
C VAL C 34 39.26 7.24 20.69
N TYR C 35 39.74 6.51 19.69
CA TYR C 35 40.69 5.42 19.93
C TYR C 35 42.03 5.61 19.23
N ILE C 36 43.10 5.19 19.90
CA ILE C 36 44.41 5.20 19.27
C ILE C 36 44.40 3.90 18.46
N THR C 37 44.43 3.99 17.13
CA THR C 37 44.36 2.78 16.34
C THR C 37 45.72 2.17 15.95
N ASP C 38 46.79 2.96 16.01
CA ASP C 38 48.15 2.47 15.81
C ASP C 38 49.03 3.61 16.35
N ASP C 39 50.35 3.49 16.26
CA ASP C 39 51.21 4.52 16.83
C ASP C 39 51.04 5.94 16.31
N TYR C 40 50.53 6.08 15.09
CA TYR C 40 50.38 7.40 14.47
C TYR C 40 48.96 7.75 14.02
N THR C 41 47.97 7.02 14.50
CA THR C 41 46.63 7.35 14.07
C THR C 41 45.60 7.17 15.16
N ALA C 42 44.53 7.95 15.04
CA ALA C 42 43.43 7.83 15.97
C ALA C 42 42.14 7.84 15.13
N THR C 43 41.14 7.11 15.63
CA THR C 43 39.85 7.02 14.99
C THR C 43 38.76 7.43 15.97
N GLY C 44 37.84 8.30 15.53
CA GLY C 44 36.72 8.75 16.35
C GLY C 44 35.48 8.28 15.59
N ILE C 45 34.50 7.66 16.24
CA ILE C 45 33.34 7.23 15.48
C ILE C 45 32.01 7.70 16.00
N ALA C 46 31.14 8.07 15.08
CA ALA C 46 29.80 8.53 15.44
C ALA C 46 28.81 7.50 14.87
N GLY C 47 27.54 7.54 15.27
CA GLY C 47 26.57 6.55 14.78
C GLY C 47 26.17 5.49 15.80
N THR C 48 25.77 4.34 15.28
CA THR C 48 25.35 3.19 16.10
C THR C 48 26.47 2.71 17.01
N ALA C 49 26.25 2.76 18.31
CA ALA C 49 27.33 2.40 19.22
C ALA C 49 27.95 1.02 18.93
N ALA C 50 27.13 -0.01 18.72
CA ALA C 50 27.71 -1.31 18.50
C ALA C 50 28.62 -1.35 17.26
N VAL C 51 28.16 -0.74 16.17
CA VAL C 51 28.97 -0.72 14.97
C VAL C 51 30.25 0.10 15.11
N ALA C 52 30.16 1.25 15.78
CA ALA C 52 31.33 2.12 15.94
C ALA C 52 32.47 1.46 16.69
N VAL C 53 32.13 0.81 17.80
CA VAL C 53 33.08 0.11 18.64
C VAL C 53 33.73 -0.99 17.81
N GLU C 54 32.91 -1.79 17.15
CA GLU C 54 33.44 -2.85 16.30
C GLU C 54 34.41 -2.32 15.18
N PHE C 55 34.08 -1.21 14.50
CA PHE C 55 34.95 -0.62 13.47
C PHE C 55 36.31 -0.27 14.05
N ALA C 56 36.31 0.41 15.19
CA ALA C 56 37.58 0.81 15.78
C ALA C 56 38.44 -0.40 16.14
N ARG C 57 37.81 -1.41 16.71
CA ARG C 57 38.52 -2.59 17.15
C ARG C 57 39.08 -3.39 15.99
N LEU C 58 38.24 -3.67 15.00
CA LEU C 58 38.66 -4.42 13.84
C LEU C 58 39.74 -3.64 13.04
N TYR C 59 39.55 -2.34 12.93
CA TYR C 59 40.50 -1.53 12.19
C TYR C 59 41.91 -1.55 12.81
N ALA C 60 42.00 -1.47 14.13
CA ALA C 60 43.30 -1.49 14.76
C ALA C 60 43.95 -2.87 14.54
N VAL C 61 43.12 -3.92 14.57
CA VAL C 61 43.63 -5.27 14.37
C VAL C 61 44.16 -5.36 12.94
N GLU C 62 43.38 -4.85 11.99
CA GLU C 62 43.80 -4.94 10.61
C GLU C 62 45.13 -4.19 10.35
N LEU C 63 45.33 -3.02 10.96
CA LEU C 63 46.53 -2.28 10.75
C LEU C 63 47.75 -3.02 11.26
N GLU C 64 47.64 -3.59 12.47
CA GLU C 64 48.74 -4.28 13.09
C GLU C 64 48.99 -5.62 12.38
N HIS C 65 47.92 -6.20 11.86
CA HIS C 65 47.99 -7.45 11.13
C HIS C 65 48.89 -7.27 9.91
N TYR C 66 48.66 -6.18 9.18
CA TYR C 66 49.47 -5.90 8.01
C TYR C 66 50.94 -5.74 8.40
N GLU C 67 51.17 -4.93 9.44
CA GLU C 67 52.49 -4.66 9.92
C GLU C 67 53.23 -5.95 10.31
N LYS C 68 52.57 -6.86 10.99
CA LYS C 68 53.27 -8.09 11.38
C LYS C 68 53.56 -8.99 10.19
N LEU C 69 52.63 -9.07 9.26
CA LEU C 69 52.80 -9.87 8.07
C LEU C 69 53.85 -9.33 7.10
N GLU C 70 53.85 -8.02 6.89
CA GLU C 70 54.75 -7.44 5.92
C GLU C 70 56.00 -6.79 6.47
N GLY C 71 56.10 -6.67 7.78
CA GLY C 71 57.28 -6.09 8.38
C GLY C 71 57.32 -4.57 8.42
N VAL C 72 56.34 -3.93 7.79
CA VAL C 72 56.32 -2.49 7.81
C VAL C 72 54.87 -2.03 7.89
N PRO C 73 54.61 -0.87 8.49
CA PRO C 73 53.19 -0.44 8.53
C PRO C 73 52.69 0.03 7.15
N LEU C 74 51.38 0.03 6.97
CA LEU C 74 50.80 0.54 5.75
C LEU C 74 51.10 2.05 5.62
N THR C 75 51.18 2.51 4.36
CA THR C 75 51.38 3.94 4.11
C THR C 75 50.08 4.61 4.61
N PHE C 76 50.12 5.90 4.87
CA PHE C 76 48.90 6.55 5.32
C PHE C 76 47.73 6.39 4.32
N ALA C 77 48.03 6.47 3.03
CA ALA C 77 47.01 6.28 1.99
C ALA C 77 46.42 4.87 2.12
N GLY C 78 47.24 3.87 2.41
CA GLY C 78 46.72 2.53 2.56
C GLY C 78 45.79 2.41 3.77
N LYS C 79 46.17 3.06 4.87
CA LYS C 79 45.32 3.05 6.06
C LYS C 79 43.93 3.66 5.74
N ILE C 80 43.94 4.75 4.97
CA ILE C 80 42.69 5.40 4.60
C ILE C 80 41.84 4.44 3.79
N ASN C 81 42.47 3.76 2.85
CA ASN C 81 41.72 2.86 1.98
C ASN C 81 41.09 1.70 2.74
N ARG C 82 41.80 1.13 3.71
CA ARG C 82 41.23 0.04 4.47
C ARG C 82 40.04 0.51 5.29
N LEU C 83 40.13 1.69 5.89
CA LEU C 83 39.00 2.16 6.68
C LEU C 83 37.79 2.41 5.72
N ALA C 84 38.02 2.98 4.55
CA ALA C 84 36.96 3.22 3.58
C ALA C 84 36.30 1.92 3.14
N ILE C 85 37.10 0.89 2.90
CA ILE C 85 36.55 -0.38 2.48
C ILE C 85 35.70 -0.97 3.62
N MET C 86 36.17 -0.85 4.86
CA MET C 86 35.41 -1.34 6.00
C MET C 86 34.07 -0.59 6.05
N VAL C 87 34.07 0.71 5.90
CA VAL C 87 32.80 1.45 5.94
C VAL C 87 31.89 1.01 4.81
N ARG C 88 32.42 0.90 3.60
CA ARG C 88 31.65 0.48 2.44
C ARG C 88 30.99 -0.88 2.70
N GLY C 89 31.71 -1.77 3.38
CA GLY C 89 31.15 -3.08 3.64
C GLY C 89 29.96 -3.06 4.57
N ASN C 90 29.72 -1.95 5.26
CA ASN C 90 28.61 -1.86 6.20
C ASN C 90 27.44 -1.12 5.60
N LEU C 91 27.56 -0.76 4.34
CA LEU C 91 26.51 0.01 3.68
C LEU C 91 25.08 -0.60 3.78
N ALA C 92 24.98 -1.88 3.46
CA ALA C 92 23.70 -2.59 3.53
C ALA C 92 23.10 -2.42 4.94
N ALA C 93 23.87 -2.85 5.95
CA ALA C 93 23.47 -2.71 7.36
C ALA C 93 23.16 -1.27 7.75
N ALA C 94 23.90 -0.30 7.20
CA ALA C 94 23.69 1.11 7.52
C ALA C 94 22.33 1.61 7.08
N MET C 95 21.90 1.19 5.90
CA MET C 95 20.62 1.59 5.36
C MET C 95 19.48 1.01 6.19
N GLN C 96 19.78 -0.01 6.99
CA GLN C 96 18.79 -0.63 7.85
C GLN C 96 18.88 -0.08 9.28
N GLY C 97 19.62 1.01 9.43
CA GLY C 97 19.83 1.63 10.74
C GLY C 97 21.06 1.31 11.57
N LEU C 98 22.06 0.62 11.02
CA LEU C 98 23.26 0.26 11.78
C LEU C 98 24.43 1.17 11.40
N LEU C 99 24.10 2.37 10.93
CA LEU C 99 25.11 3.29 10.44
C LEU C 99 26.14 3.80 11.44
N ALA C 100 27.39 3.76 11.00
CA ALA C 100 28.53 4.30 11.73
C ALA C 100 29.46 5.08 10.78
N LEU C 101 29.93 6.27 11.18
CA LEU C 101 30.83 7.08 10.35
C LEU C 101 32.08 7.48 11.09
N PRO C 102 33.22 7.01 10.62
CA PRO C 102 34.47 7.36 11.32
C PRO C 102 35.11 8.66 10.85
N LEU C 103 35.97 9.22 11.72
CA LEU C 103 36.76 10.40 11.41
C LEU C 103 38.17 9.91 11.74
N LEU C 104 39.10 10.07 10.82
CA LEU C 104 40.46 9.59 11.01
C LEU C 104 41.46 10.75 11.15
N ALA C 105 42.36 10.65 12.12
CA ALA C 105 43.39 11.68 12.32
C ALA C 105 44.70 10.94 12.44
N GLY C 106 45.76 11.50 11.86
CA GLY C 106 47.02 10.83 11.95
C GLY C 106 48.18 11.76 11.66
N TYR C 107 49.38 11.21 11.79
CA TYR C 107 50.59 11.94 11.54
C TYR C 107 51.31 11.05 10.54
N ASP C 108 51.64 11.58 9.38
CA ASP C 108 52.30 10.78 8.34
C ASP C 108 53.82 10.89 8.49
N ILE C 109 54.44 9.84 9.00
CA ILE C 109 55.88 9.83 9.20
C ILE C 109 56.64 10.00 7.87
N HIS C 110 56.01 9.62 6.77
CA HIS C 110 56.64 9.74 5.45
C HIS C 110 56.36 11.05 4.71
N ALA C 111 55.62 11.97 5.32
CA ALA C 111 55.35 13.23 4.65
C ALA C 111 56.66 14.01 4.53
N SER C 112 56.78 14.80 3.46
CA SER C 112 57.98 15.61 3.27
C SER C 112 58.13 16.66 4.38
N ASP C 113 57.13 17.51 4.57
CA ASP C 113 57.22 18.54 5.60
C ASP C 113 56.52 18.20 6.92
N PRO C 114 57.31 17.89 7.95
CA PRO C 114 56.90 17.52 9.31
C PRO C 114 55.91 18.45 10.00
N GLN C 115 56.04 19.76 9.82
CA GLN C 115 55.12 20.69 10.48
C GLN C 115 53.70 20.49 9.99
N SER C 116 53.57 20.00 8.76
CA SER C 116 52.24 19.78 8.19
C SER C 116 51.89 18.30 7.95
N ALA C 117 52.70 17.38 8.49
CA ALA C 117 52.46 15.95 8.33
C ALA C 117 51.16 15.46 8.98
N GLY C 118 50.47 16.35 9.68
CA GLY C 118 49.18 16.02 10.30
C GLY C 118 48.16 15.70 9.21
N ARG C 119 47.28 14.73 9.48
CA ARG C 119 46.26 14.36 8.51
C ARG C 119 44.90 14.22 9.15
N ILE C 120 43.87 14.70 8.45
CA ILE C 120 42.50 14.51 8.94
C ILE C 120 41.74 13.97 7.74
N VAL C 121 41.00 12.88 7.94
CA VAL C 121 40.25 12.29 6.84
C VAL C 121 38.81 11.97 7.24
N SER C 122 37.84 12.41 6.44
CA SER C 122 36.46 12.09 6.78
C SER C 122 35.90 11.03 5.80
N PHE C 123 34.82 10.35 6.17
CA PHE C 123 34.25 9.29 5.36
C PHE C 123 32.73 9.39 5.29
N ASP C 124 32.13 8.95 4.19
CA ASP C 124 30.66 8.96 4.09
C ASP C 124 30.20 7.51 4.17
N ALA C 125 28.89 7.30 4.23
CA ALA C 125 28.33 5.96 4.36
C ALA C 125 28.69 4.98 3.26
N ALA C 126 29.03 5.47 2.08
CA ALA C 126 29.37 4.55 1.00
C ALA C 126 30.88 4.24 0.92
N GLY C 127 31.68 4.77 1.85
CA GLY C 127 33.10 4.51 1.81
C GLY C 127 33.88 5.61 1.10
N GLY C 128 33.22 6.69 0.74
CA GLY C 128 33.92 7.78 0.10
C GLY C 128 34.76 8.45 1.19
N TRP C 129 35.98 8.86 0.85
CA TRP C 129 36.79 9.55 1.84
C TRP C 129 37.27 10.88 1.26
N ASN C 130 37.66 11.77 2.14
CA ASN C 130 38.19 13.05 1.73
C ASN C 130 39.25 13.50 2.71
N ILE C 131 40.46 13.77 2.19
CA ILE C 131 41.55 14.26 3.00
C ILE C 131 41.26 15.75 3.16
N GLU C 132 41.01 16.17 4.40
CA GLU C 132 40.68 17.56 4.75
C GLU C 132 41.83 18.48 4.57
N GLU C 133 41.56 19.65 4.03
CA GLU C 133 42.59 20.64 3.78
C GLU C 133 42.33 21.94 4.54
N GLU C 134 41.15 22.12 5.13
CA GLU C 134 40.89 23.37 5.80
C GLU C 134 41.34 23.46 7.27
N GLY C 135 41.91 22.40 7.79
CA GLY C 135 42.45 22.46 9.14
C GLY C 135 41.69 21.72 10.23
N TYR C 136 40.41 21.42 9.99
CA TYR C 136 39.63 20.75 10.99
C TYR C 136 38.41 20.11 10.37
N GLN C 137 37.80 19.19 11.11
CA GLN C 137 36.61 18.51 10.65
C GLN C 137 35.88 17.98 11.91
N ALA C 138 34.62 17.54 11.76
CA ALA C 138 33.87 17.00 12.86
C ALA C 138 32.79 16.08 12.31
N VAL C 139 32.37 15.10 13.12
CA VAL C 139 31.27 14.20 12.72
C VAL C 139 30.33 14.04 13.91
N GLY C 140 29.07 13.68 13.63
CA GLY C 140 28.08 13.50 14.67
C GLY C 140 27.03 14.56 14.59
N SER C 141 25.97 14.38 15.38
CA SER C 141 24.88 15.34 15.39
C SER C 141 25.29 16.74 15.83
N GLY C 142 26.43 16.90 16.51
CA GLY C 142 26.81 18.25 16.91
C GLY C 142 27.89 18.83 15.99
N SER C 143 28.20 18.12 14.89
CA SER C 143 29.30 18.55 14.04
C SER C 143 29.19 19.93 13.39
N LEU C 144 28.00 20.33 12.96
CA LEU C 144 27.87 21.63 12.35
C LEU C 144 28.15 22.75 13.37
N PHE C 145 27.73 22.55 14.62
CA PHE C 145 27.96 23.57 15.64
C PHE C 145 29.45 23.66 15.96
N ALA C 146 30.09 22.49 16.01
CA ALA C 146 31.51 22.39 16.31
C ALA C 146 32.35 23.05 15.21
N LYS C 147 32.00 22.76 13.96
CA LYS C 147 32.73 23.34 12.85
C LYS C 147 32.52 24.84 12.72
N SER C 148 31.34 25.34 13.07
CA SER C 148 31.15 26.77 12.97
C SER C 148 31.89 27.44 14.10
N SER C 149 32.07 26.71 15.20
CA SER C 149 32.81 27.28 16.31
C SER C 149 34.32 27.28 15.94
N MET C 150 34.82 26.16 15.42
CA MET C 150 36.24 26.11 15.05
C MET C 150 36.55 27.12 13.90
N LYS C 151 35.59 27.37 13.01
CA LYS C 151 35.83 28.34 11.95
C LYS C 151 36.23 29.72 12.57
N LYS C 152 35.67 30.03 13.72
CA LYS C 152 35.98 31.30 14.35
C LYS C 152 37.17 31.21 15.26
N LEU C 153 37.51 30.03 15.76
CA LEU C 153 38.61 29.89 16.71
C LEU C 153 39.93 29.36 16.15
N TYR C 154 39.86 28.79 14.96
CA TYR C 154 41.01 28.17 14.39
C TYR C 154 42.27 29.03 14.28
N SER C 155 42.09 30.32 13.99
CA SER C 155 43.26 31.18 13.88
C SER C 155 44.04 31.23 15.21
N GLN C 156 43.45 30.76 16.31
CA GLN C 156 44.16 30.78 17.60
C GLN C 156 45.01 29.53 17.79
N VAL C 157 44.85 28.53 16.92
CA VAL C 157 45.65 27.34 17.09
C VAL C 157 47.13 27.55 16.60
N THR C 158 48.09 27.56 17.54
CA THR C 158 49.51 27.77 17.16
C THR C 158 50.42 26.65 17.59
N ASP C 159 49.89 25.76 18.42
CA ASP C 159 50.66 24.63 18.92
C ASP C 159 49.70 23.58 19.51
N GLY C 160 50.25 22.49 20.03
CA GLY C 160 49.43 21.42 20.57
C GLY C 160 48.47 21.83 21.66
N ASP C 161 48.89 22.75 22.51
CA ASP C 161 48.03 23.15 23.60
C ASP C 161 46.88 24.08 23.19
N SER C 162 47.15 25.03 22.30
CA SER C 162 46.06 25.91 21.87
C SER C 162 45.10 25.04 21.00
N GLY C 163 45.68 24.05 20.30
CA GLY C 163 44.91 23.14 19.46
C GLY C 163 43.93 22.35 20.34
N LEU C 164 44.46 21.80 21.43
CA LEU C 164 43.66 21.07 22.38
C LEU C 164 42.56 21.98 22.97
N ARG C 165 42.91 23.21 23.30
CA ARG C 165 41.93 24.12 23.85
C ARG C 165 40.77 24.42 22.85
N VAL C 166 41.10 24.66 21.59
CA VAL C 166 40.09 24.96 20.60
C VAL C 166 39.18 23.75 20.36
N ALA C 167 39.74 22.54 20.42
CA ALA C 167 39.00 21.30 20.23
C ALA C 167 37.99 21.15 21.34
N VAL C 168 38.42 21.39 22.58
CA VAL C 168 37.54 21.25 23.73
C VAL C 168 36.45 22.33 23.69
N GLU C 169 36.79 23.52 23.24
CA GLU C 169 35.80 24.57 23.16
C GLU C 169 34.81 24.24 22.03
N ALA C 170 35.28 23.66 20.94
CA ALA C 170 34.37 23.28 19.87
C ALA C 170 33.33 22.24 20.39
N LEU C 171 33.81 21.27 21.19
CA LEU C 171 32.93 20.25 21.75
C LEU C 171 31.98 20.93 22.73
N TYR C 172 32.48 21.98 23.41
CA TYR C 172 31.63 22.69 24.38
C TYR C 172 30.48 23.39 23.62
N ASP C 173 30.82 24.04 22.53
CA ASP C 173 29.81 24.68 21.69
C ASP C 173 28.84 23.64 21.10
N ALA C 174 29.35 22.47 20.74
CA ALA C 174 28.45 21.43 20.18
C ALA C 174 27.43 21.01 21.25
N ALA C 175 27.89 20.80 22.51
CA ALA C 175 27.00 20.38 23.59
C ALA C 175 26.03 21.49 23.95
N ASP C 176 26.45 22.74 23.79
CA ASP C 176 25.61 23.88 24.12
C ASP C 176 24.38 23.92 23.22
N ASP C 177 24.55 23.49 21.96
CA ASP C 177 23.44 23.54 20.98
C ASP C 177 22.80 22.20 20.58
N ASP C 178 23.50 21.10 20.87
CA ASP C 178 23.00 19.76 20.52
C ASP C 178 22.80 18.90 21.77
N SER C 179 21.53 18.59 22.08
CA SER C 179 21.22 17.81 23.28
C SER C 179 21.77 16.38 23.19
N ALA C 180 22.16 15.94 22.00
CA ALA C 180 22.73 14.61 21.88
C ALA C 180 24.25 14.56 22.19
N THR C 181 24.87 15.72 22.40
CA THR C 181 26.32 15.76 22.69
C THR C 181 26.50 16.17 24.14
N GLY C 182 27.33 15.45 24.87
CA GLY C 182 27.50 15.78 26.27
C GLY C 182 28.53 16.85 26.59
N GLY C 183 28.17 17.79 27.42
CA GLY C 183 29.12 18.82 27.79
C GLY C 183 29.95 18.31 28.97
N PRO C 184 30.92 19.12 29.42
CA PRO C 184 31.77 18.76 30.58
C PRO C 184 30.82 18.55 31.75
N ASP C 185 31.01 17.51 32.55
CA ASP C 185 30.13 17.25 33.72
C ASP C 185 30.98 17.52 34.97
N LEU C 186 30.83 18.72 35.52
CA LEU C 186 31.57 19.13 36.72
C LEU C 186 31.12 18.39 37.98
N VAL C 187 29.88 17.96 38.06
CA VAL C 187 29.44 17.23 39.22
C VAL C 187 30.10 15.86 39.30
N ARG C 188 30.11 15.15 38.19
CA ARG C 188 30.71 13.81 38.17
C ARG C 188 32.20 13.80 37.78
N GLY C 189 32.71 14.95 37.34
CA GLY C 189 34.11 15.03 36.93
C GLY C 189 34.37 14.24 35.66
N ILE C 190 33.47 14.33 34.68
CA ILE C 190 33.68 13.56 33.45
C ILE C 190 33.84 14.57 32.33
N PHE C 191 34.90 14.41 31.56
CA PHE C 191 35.17 15.37 30.48
C PHE C 191 35.42 14.67 29.15
N PRO C 192 35.42 15.44 28.07
CA PRO C 192 35.67 14.87 26.75
C PRO C 192 37.04 14.17 26.74
N THR C 193 37.23 13.14 25.93
CA THR C 193 38.56 12.51 25.87
C THR C 193 39.23 13.12 24.63
N ALA C 194 40.55 13.00 24.54
CA ALA C 194 41.31 13.51 23.42
C ALA C 194 42.59 12.73 23.25
N VAL C 195 43.09 12.71 22.02
CA VAL C 195 44.31 12.06 21.62
C VAL C 195 45.09 13.11 20.83
N ILE C 196 46.39 13.21 21.11
CA ILE C 196 47.27 14.13 20.38
C ILE C 196 48.29 13.28 19.62
N ILE C 197 48.60 13.67 18.39
CA ILE C 197 49.55 12.89 17.63
C ILE C 197 50.55 13.83 17.00
N ASP C 198 51.83 13.54 17.20
CA ASP C 198 52.88 14.32 16.56
C ASP C 198 53.99 13.32 16.17
N ALA C 199 55.16 13.83 15.83
CA ALA C 199 56.26 12.97 15.40
C ALA C 199 56.60 11.85 16.42
N ASP C 200 56.30 12.07 17.70
CA ASP C 200 56.56 11.03 18.69
C ASP C 200 55.43 10.04 18.87
N GLY C 201 54.39 10.13 18.04
CA GLY C 201 53.31 9.18 18.17
C GLY C 201 52.03 9.72 18.81
N ALA C 202 51.04 8.84 18.86
CA ALA C 202 49.74 9.15 19.41
C ALA C 202 49.74 8.90 20.91
N VAL C 203 49.29 9.88 21.70
CA VAL C 203 49.19 9.70 23.15
C VAL C 203 47.82 10.25 23.64
N ASP C 204 47.21 9.56 24.60
CA ASP C 204 45.96 9.99 25.20
C ASP C 204 46.26 11.23 25.99
N VAL C 205 45.39 12.23 25.91
CA VAL C 205 45.59 13.46 26.69
C VAL C 205 45.06 13.18 28.12
N PRO C 206 45.89 13.48 29.14
CA PRO C 206 45.37 13.22 30.51
C PRO C 206 44.09 14.04 30.86
N GLU C 207 43.17 13.41 31.56
CA GLU C 207 41.94 14.08 31.92
C GLU C 207 42.14 15.42 32.65
N SER C 208 43.16 15.51 33.49
CA SER C 208 43.36 16.75 34.22
C SER C 208 43.60 17.97 33.32
N ARG C 209 44.27 17.78 32.18
CA ARG C 209 44.52 18.89 31.28
C ARG C 209 43.19 19.34 30.65
N ILE C 210 42.35 18.39 30.25
CA ILE C 210 41.07 18.71 29.64
C ILE C 210 40.17 19.42 30.65
N ALA C 211 40.11 18.91 31.87
CA ALA C 211 39.29 19.50 32.95
C ALA C 211 39.65 20.97 33.14
N GLU C 212 40.96 21.24 33.15
CA GLU C 212 41.48 22.58 33.28
C GLU C 212 40.96 23.51 32.17
N LEU C 213 41.11 23.05 30.93
CA LEU C 213 40.66 23.81 29.76
C LEU C 213 39.15 24.02 29.82
N ALA C 214 38.43 22.95 30.19
CA ALA C 214 36.99 23.06 30.27
C ALA C 214 36.57 24.09 31.31
N ARG C 215 37.18 24.04 32.49
CA ARG C 215 36.80 25.01 33.53
C ARG C 215 37.12 26.43 33.07
N ALA C 216 38.24 26.61 32.37
CA ALA C 216 38.54 27.96 31.91
C ALA C 216 37.51 28.42 30.86
N ILE C 217 37.03 27.51 30.01
CA ILE C 217 36.03 27.91 29.00
C ILE C 217 34.75 28.35 29.74
N ILE C 218 34.31 27.53 30.69
CA ILE C 218 33.13 27.83 31.47
C ILE C 218 33.26 29.15 32.22
N GLU C 219 34.41 29.38 32.87
CA GLU C 219 34.63 30.61 33.62
C GLU C 219 34.52 31.79 32.67
N SER C 220 35.19 31.67 31.54
CA SER C 220 35.17 32.71 30.54
C SER C 220 33.75 33.05 30.04
N ARG C 221 32.89 32.05 29.85
CA ARG C 221 31.56 32.36 29.37
C ARG C 221 30.62 32.86 30.45
N SER C 222 30.94 32.67 31.71
CA SER C 222 30.07 33.12 32.79
C SER C 222 30.34 34.59 33.10
N SER D 8 -45.51 59.43 10.83
CA SER D 8 -45.10 58.04 10.85
C SER D 8 -43.77 57.90 11.58
N PRO D 9 -42.63 58.05 10.88
CA PRO D 9 -41.31 57.86 11.51
C PRO D 9 -40.90 58.79 12.68
N GLU D 10 -41.13 60.09 12.60
CA GLU D 10 -40.84 60.94 13.74
C GLU D 10 -41.78 60.54 14.88
N GLN D 11 -42.92 59.96 14.52
CA GLN D 11 -43.96 59.50 15.47
C GLN D 11 -43.62 58.30 16.37
N ALA D 12 -43.11 57.24 15.75
CA ALA D 12 -42.60 56.09 16.49
C ALA D 12 -41.37 56.53 17.29
N MET D 13 -40.54 57.36 16.64
CA MET D 13 -39.30 57.90 17.20
C MET D 13 -39.46 58.50 18.62
N ARG D 14 -40.41 59.44 18.77
CA ARG D 14 -40.65 60.08 20.07
C ARG D 14 -41.43 59.11 20.92
N GLU D 15 -42.34 58.39 20.27
CA GLU D 15 -43.14 57.37 20.92
C GLU D 15 -42.19 56.50 21.77
N ARG D 16 -41.22 55.88 21.08
CA ARG D 16 -40.18 55.01 21.66
C ARG D 16 -39.30 55.76 22.64
N SER D 17 -38.76 56.87 22.16
CA SER D 17 -37.88 57.70 22.96
C SER D 17 -38.56 58.00 24.28
N GLU D 18 -39.86 58.29 24.23
CA GLU D 18 -40.62 58.60 25.44
C GLU D 18 -40.75 57.39 26.35
N LEU D 19 -41.05 56.25 25.74
CA LEU D 19 -41.22 55.02 26.50
C LEU D 19 -39.95 54.71 27.29
N ALA D 20 -38.81 54.95 26.66
CA ALA D 20 -37.52 54.69 27.28
C ALA D 20 -37.22 55.73 28.35
N ARG D 21 -37.38 56.99 27.99
CA ARG D 21 -37.12 58.06 28.94
C ARG D 21 -37.94 57.82 30.20
N LYS D 22 -39.22 57.47 30.01
CA LYS D 22 -40.09 57.22 31.16
C LYS D 22 -39.54 56.11 32.05
N GLY D 23 -39.23 54.97 31.45
CA GLY D 23 -38.73 53.86 32.24
C GLY D 23 -37.48 54.20 33.03
N ILE D 24 -36.53 54.86 32.37
CA ILE D 24 -35.28 55.25 33.02
C ILE D 24 -35.58 56.24 34.14
N ALA D 25 -36.41 57.22 33.81
CA ALA D 25 -36.82 58.24 34.77
C ALA D 25 -37.40 57.60 36.05
N ARG D 26 -38.21 56.57 35.86
CA ARG D 26 -38.86 55.87 36.96
C ARG D 26 -37.98 54.90 37.77
N ALA D 27 -36.67 54.90 37.51
CA ALA D 27 -35.78 53.97 38.21
C ALA D 27 -34.75 54.60 39.14
N LYS D 28 -34.12 53.78 39.98
CA LYS D 28 -33.11 54.26 40.92
C LYS D 28 -31.99 55.01 40.20
N SER D 29 -31.24 55.82 40.93
CA SER D 29 -30.17 56.59 40.31
C SER D 29 -28.76 56.11 40.61
N VAL D 30 -27.86 56.43 39.68
CA VAL D 30 -26.47 56.03 39.80
C VAL D 30 -25.56 57.16 39.39
N VAL D 31 -24.44 57.26 40.09
CA VAL D 31 -23.45 58.28 39.74
C VAL D 31 -22.05 57.68 39.70
N ALA D 32 -21.26 58.21 38.78
CA ALA D 32 -19.88 57.78 38.64
C ALA D 32 -19.10 59.08 38.55
N LEU D 33 -18.03 59.17 39.33
CA LEU D 33 -17.21 60.39 39.31
C LEU D 33 -15.73 60.10 39.47
N ALA D 34 -14.93 60.91 38.78
CA ALA D 34 -13.49 60.77 38.84
C ALA D 34 -13.01 61.30 40.19
N TYR D 35 -12.04 60.63 40.78
CA TYR D 35 -11.50 61.09 42.04
C TYR D 35 -10.00 60.82 42.03
N ALA D 36 -9.31 61.19 43.10
CA ALA D 36 -7.87 61.00 43.16
C ALA D 36 -7.39 59.60 42.81
N GLY D 37 -8.02 58.58 43.39
CA GLY D 37 -7.61 57.20 43.17
C GLY D 37 -8.14 56.46 41.96
N GLY D 38 -8.93 57.14 41.13
CA GLY D 38 -9.48 56.48 39.96
C GLY D 38 -10.92 56.89 39.68
N VAL D 39 -11.85 55.94 39.70
CA VAL D 39 -13.24 56.25 39.49
C VAL D 39 -14.08 55.60 40.57
N LEU D 40 -15.10 56.33 41.01
CA LEU D 40 -16.01 55.84 42.04
C LEU D 40 -17.42 55.65 41.49
N PHE D 41 -18.00 54.50 41.84
CA PHE D 41 -19.35 54.15 41.42
C PHE D 41 -20.25 54.03 42.63
N VAL D 42 -21.32 54.82 42.65
CA VAL D 42 -22.28 54.76 43.76
C VAL D 42 -23.69 54.73 43.20
N ALA D 43 -24.43 53.68 43.57
CA ALA D 43 -25.78 53.52 43.10
C ALA D 43 -26.73 53.19 44.25
N GLU D 44 -27.97 53.66 44.07
CA GLU D 44 -29.07 53.44 45.00
C GLU D 44 -29.52 52.01 44.75
N ASN D 45 -29.15 51.09 45.64
CA ASN D 45 -29.46 49.68 45.42
C ASN D 45 -29.79 48.87 46.69
N PRO D 46 -31.07 48.59 46.88
CA PRO D 46 -31.53 47.79 48.03
C PRO D 46 -31.10 46.33 47.94
N SER D 47 -31.22 45.74 46.76
CA SER D 47 -30.88 44.34 46.60
C SER D 47 -29.46 43.99 47.02
N ARG D 48 -29.28 42.74 47.40
CA ARG D 48 -27.98 42.24 47.81
C ARG D 48 -27.39 41.38 46.68
N SER D 49 -28.28 40.82 45.85
CA SER D 49 -27.88 39.94 44.75
C SER D 49 -27.82 40.57 43.37
N LEU D 50 -28.80 41.41 43.06
CA LEU D 50 -28.84 42.05 41.75
C LEU D 50 -27.98 43.30 41.75
N GLN D 51 -26.99 43.33 40.85
CA GLN D 51 -26.06 44.47 40.79
C GLN D 51 -26.18 45.39 39.56
N LYS D 52 -25.86 46.66 39.76
CA LYS D 52 -25.92 47.69 38.71
C LYS D 52 -24.52 48.20 38.35
N ILE D 53 -23.52 47.73 39.09
CA ILE D 53 -22.13 48.14 38.87
C ILE D 53 -21.33 46.88 38.69
N SER D 54 -20.46 46.87 37.68
CA SER D 54 -19.68 45.67 37.41
C SER D 54 -18.37 45.94 36.72
N GLU D 55 -17.47 44.98 36.86
CA GLU D 55 -16.18 45.02 36.19
C GLU D 55 -16.44 44.59 34.72
N LEU D 56 -15.76 45.21 33.76
CA LEU D 56 -15.88 44.83 32.35
C LEU D 56 -14.58 44.19 31.91
N TYR D 57 -13.48 44.90 32.17
CA TYR D 57 -12.14 44.45 31.84
C TYR D 57 -11.21 44.96 32.92
N ASP D 58 -9.91 44.78 32.78
CA ASP D 58 -9.00 45.11 33.86
C ASP D 58 -9.07 46.57 34.32
N ARG D 59 -9.10 47.51 33.39
CA ARG D 59 -9.17 48.91 33.75
C ARG D 59 -10.51 49.54 33.42
N VAL D 60 -11.47 48.70 33.03
CA VAL D 60 -12.76 49.20 32.58
C VAL D 60 -13.93 48.78 33.48
N GLY D 61 -14.76 49.75 33.85
CA GLY D 61 -15.92 49.48 34.68
C GLY D 61 -17.21 49.83 33.99
N PHE D 62 -18.28 49.26 34.53
CA PHE D 62 -19.63 49.44 33.99
C PHE D 62 -20.66 49.76 35.09
N ALA D 63 -21.60 50.65 34.76
CA ALA D 63 -22.66 51.02 35.69
C ALA D 63 -23.87 51.33 34.84
N ALA D 64 -25.05 50.94 35.32
CA ALA D 64 -26.25 51.20 34.54
C ALA D 64 -27.46 51.51 35.40
N ALA D 65 -28.45 52.10 34.77
CA ALA D 65 -29.71 52.43 35.41
C ALA D 65 -30.80 52.06 34.42
N GLY D 66 -31.93 51.60 34.94
CA GLY D 66 -33.02 51.21 34.04
C GLY D 66 -33.50 49.82 34.39
N LYS D 67 -34.09 49.13 33.41
CA LYS D 67 -34.61 47.78 33.59
C LYS D 67 -33.43 46.78 33.75
N PHE D 68 -33.35 46.09 34.89
CA PHE D 68 -32.27 45.14 35.16
C PHE D 68 -32.01 44.07 34.10
N ASN D 69 -33.02 43.28 33.75
CA ASN D 69 -32.83 42.26 32.74
C ASN D 69 -32.22 42.85 31.46
N GLU D 70 -32.52 44.10 31.15
CA GLU D 70 -31.97 44.69 29.94
C GLU D 70 -30.53 45.14 30.11
N PHE D 71 -30.18 45.82 31.19
CA PHE D 71 -28.80 46.23 31.28
C PHE D 71 -27.85 45.11 31.73
N ASP D 72 -28.38 44.08 32.35
CA ASP D 72 -27.53 42.96 32.74
C ASP D 72 -27.16 42.24 31.42
N ASN D 73 -28.12 42.24 30.49
CA ASN D 73 -27.94 41.66 29.18
C ASN D 73 -26.74 42.36 28.56
N LEU D 74 -26.77 43.69 28.58
CA LEU D 74 -25.72 44.52 28.02
C LEU D 74 -24.38 44.35 28.75
N ARG D 75 -24.45 44.10 30.05
CA ARG D 75 -23.24 43.92 30.82
C ARG D 75 -22.51 42.65 30.33
N ARG D 76 -23.28 41.58 30.22
CA ARG D 76 -22.76 40.30 29.75
C ARG D 76 -22.19 40.45 28.35
N GLY D 77 -22.93 41.10 27.47
CA GLY D 77 -22.47 41.31 26.11
C GLY D 77 -21.15 42.05 26.07
N GLY D 78 -20.99 42.99 27.00
CA GLY D 78 -19.77 43.77 27.04
C GLY D 78 -18.60 42.94 27.49
N ILE D 79 -18.81 42.14 28.53
CA ILE D 79 -17.75 41.28 29.03
C ILE D 79 -17.35 40.31 27.90
N GLN D 80 -18.33 39.83 27.17
CA GLN D 80 -18.08 38.93 26.05
C GLN D 80 -17.18 39.62 24.99
N PHE D 81 -17.56 40.84 24.63
CA PHE D 81 -16.82 41.60 23.66
C PHE D 81 -15.38 41.84 24.13
N ALA D 82 -15.21 42.30 25.36
CA ALA D 82 -13.88 42.59 25.87
C ALA D 82 -12.97 41.37 25.98
N ASP D 83 -13.49 40.27 26.53
CA ASP D 83 -12.68 39.09 26.67
C ASP D 83 -12.26 38.57 25.29
N THR D 84 -13.18 38.60 24.34
CA THR D 84 -12.90 38.14 22.99
C THR D 84 -11.82 39.02 22.30
N ARG D 85 -11.92 40.33 22.49
CA ARG D 85 -10.97 41.26 21.92
C ARG D 85 -9.59 41.12 22.52
N GLY D 86 -9.52 40.97 23.84
CA GLY D 86 -8.25 40.84 24.52
C GLY D 86 -7.54 39.56 24.16
N TYR D 87 -8.32 38.52 23.87
CA TYR D 87 -7.75 37.24 23.52
C TYR D 87 -7.23 37.26 22.08
N ALA D 88 -8.02 37.86 21.18
CA ALA D 88 -7.68 37.94 19.78
C ALA D 88 -6.49 38.90 19.50
N TYR D 89 -6.28 39.89 20.37
CA TYR D 89 -5.16 40.82 20.20
C TYR D 89 -4.35 40.72 21.48
N ASP D 90 -4.40 41.73 22.34
CA ASP D 90 -3.74 41.66 23.65
C ASP D 90 -4.61 42.39 24.71
N ARG D 91 -4.42 42.07 25.98
CA ARG D 91 -5.26 42.68 27.00
C ARG D 91 -5.20 44.18 26.90
N ARG D 92 -3.97 44.69 26.79
CA ARG D 92 -3.76 46.13 26.71
C ARG D 92 -4.37 46.80 25.50
N ASP D 93 -4.97 46.03 24.62
CA ASP D 93 -5.59 46.60 23.43
C ASP D 93 -7.06 46.89 23.68
N VAL D 94 -7.56 46.46 24.83
CA VAL D 94 -8.94 46.69 25.19
C VAL D 94 -9.04 48.02 25.95
N THR D 95 -9.87 48.93 25.45
CA THR D 95 -10.02 50.24 26.07
C THR D 95 -11.45 50.55 26.48
N GLY D 96 -11.61 51.48 27.41
CA GLY D 96 -12.92 51.89 27.86
C GLY D 96 -13.65 52.53 26.71
N ARG D 97 -12.93 53.32 25.94
CA ARG D 97 -13.47 54.01 24.77
C ARG D 97 -14.03 53.00 23.77
N GLN D 98 -13.38 51.83 23.70
CA GLN D 98 -13.79 50.76 22.81
C GLN D 98 -15.10 50.12 23.27
N LEU D 99 -15.24 49.92 24.58
CA LEU D 99 -16.45 49.33 25.14
C LEU D 99 -17.65 50.26 25.04
N ALA D 100 -17.41 51.54 25.20
CA ALA D 100 -18.48 52.54 25.12
C ALA D 100 -18.97 52.61 23.69
N ASN D 101 -18.04 52.56 22.76
CA ASN D 101 -18.35 52.62 21.33
C ASN D 101 -19.26 51.46 20.93
N VAL D 102 -18.95 50.27 21.43
CA VAL D 102 -19.72 49.08 21.12
C VAL D 102 -21.15 49.14 21.66
N TYR D 103 -21.29 49.74 22.84
CA TYR D 103 -22.60 49.89 23.47
C TYR D 103 -23.46 50.85 22.65
N ALA D 104 -22.83 51.94 22.20
CA ALA D 104 -23.52 52.93 21.38
C ALA D 104 -24.13 52.24 20.16
N GLN D 105 -23.31 51.46 19.47
CA GLN D 105 -23.79 50.75 18.29
C GLN D 105 -24.90 49.75 18.61
N THR D 106 -24.79 49.06 19.74
CA THR D 106 -25.78 48.06 20.14
C THR D 106 -27.13 48.68 20.51
N LEU D 107 -27.08 49.71 21.35
CA LEU D 107 -28.32 50.35 21.75
C LEU D 107 -28.95 50.99 20.53
N GLY D 108 -28.12 51.58 19.68
CA GLY D 108 -28.64 52.20 18.47
C GLY D 108 -29.43 51.20 17.66
N THR D 109 -28.89 49.99 17.53
CA THR D 109 -29.58 48.96 16.76
C THR D 109 -30.83 48.49 17.46
N ILE D 110 -30.77 48.32 18.78
CA ILE D 110 -31.93 47.89 19.55
C ILE D 110 -33.07 48.91 19.40
N PHE D 111 -32.71 50.17 19.63
CA PHE D 111 -33.64 51.28 19.56
C PHE D 111 -34.38 51.35 18.25
N THR D 112 -33.67 51.02 17.17
CA THR D 112 -34.21 51.06 15.82
C THR D 112 -34.86 49.78 15.31
N GLU D 113 -34.28 48.64 15.65
CA GLU D 113 -34.79 47.37 15.15
C GLU D 113 -35.67 46.51 16.06
N GLN D 114 -35.67 46.73 17.38
CA GLN D 114 -36.50 45.90 18.25
C GLN D 114 -37.88 46.46 18.58
N ALA D 115 -38.81 45.56 18.92
CA ALA D 115 -40.17 45.97 19.24
C ALA D 115 -40.19 47.08 20.30
N LYS D 116 -39.47 46.88 21.39
CA LYS D 116 -39.39 47.90 22.45
C LYS D 116 -37.96 48.28 22.74
N PRO D 117 -37.65 49.57 22.68
CA PRO D 117 -36.29 50.01 22.96
C PRO D 117 -35.89 49.61 24.37
N TYR D 118 -34.59 49.60 24.66
CA TYR D 118 -34.13 49.24 25.99
C TYR D 118 -34.25 50.44 26.90
N GLU D 119 -34.85 50.21 28.07
CA GLU D 119 -35.05 51.25 29.06
C GLU D 119 -33.81 51.25 29.93
N VAL D 120 -32.72 51.75 29.39
CA VAL D 120 -31.47 51.75 30.15
C VAL D 120 -30.60 52.95 29.80
N GLU D 121 -29.66 53.23 30.69
CA GLU D 121 -28.69 54.29 30.47
C GLU D 121 -27.39 53.69 31.02
N LEU D 122 -26.33 53.75 30.23
CA LEU D 122 -25.08 53.15 30.64
C LEU D 122 -23.93 54.10 30.80
N CYS D 123 -23.02 53.69 31.66
CA CYS D 123 -21.81 54.43 31.89
C CYS D 123 -20.61 53.46 31.85
N VAL D 124 -19.65 53.74 30.98
CA VAL D 124 -18.44 52.95 30.90
C VAL D 124 -17.30 53.86 31.37
N ALA D 125 -16.48 53.38 32.29
CA ALA D 125 -15.39 54.18 32.81
C ALA D 125 -14.07 53.44 32.74
N GLU D 126 -12.99 54.17 32.53
CA GLU D 126 -11.67 53.58 32.43
C GLU D 126 -10.64 54.40 33.20
N VAL D 127 -9.76 53.74 33.92
CA VAL D 127 -8.71 54.43 34.65
C VAL D 127 -7.39 54.01 34.03
N ALA D 128 -6.33 54.75 34.35
CA ALA D 128 -5.01 54.44 33.81
C ALA D 128 -4.51 53.07 34.23
N HIS D 129 -3.52 52.58 33.48
CA HIS D 129 -2.89 51.30 33.76
C HIS D 129 -1.96 51.53 34.94
N TYR D 130 -1.65 50.49 35.69
CA TYR D 130 -0.79 50.63 36.86
C TYR D 130 0.46 51.47 36.57
N GLY D 131 0.82 52.33 37.53
CA GLY D 131 1.99 53.19 37.39
C GLY D 131 2.01 54.10 36.18
N GLU D 132 0.85 54.32 35.57
CA GLU D 132 0.74 55.15 34.39
C GLU D 132 0.00 56.40 34.85
N THR D 133 0.01 57.43 34.03
CA THR D 133 -0.71 58.65 34.39
C THR D 133 -1.63 59.04 33.25
N LYS D 134 -2.91 59.15 33.56
CA LYS D 134 -3.90 59.50 32.57
C LYS D 134 -5.17 59.82 33.32
N ARG D 135 -5.91 60.81 32.83
CA ARG D 135 -7.15 61.20 33.47
C ARG D 135 -8.21 60.14 33.23
N PRO D 136 -8.97 59.79 34.30
CA PRO D 136 -10.02 58.78 34.13
C PRO D 136 -10.90 59.21 32.98
N GLU D 137 -11.59 58.26 32.36
CA GLU D 137 -12.47 58.58 31.25
C GLU D 137 -13.84 58.05 31.63
N LEU D 138 -14.88 58.81 31.31
CA LEU D 138 -16.23 58.41 31.63
C LEU D 138 -17.07 58.61 30.40
N TYR D 139 -17.88 57.62 30.06
CA TYR D 139 -18.73 57.73 28.89
C TYR D 139 -20.15 57.41 29.30
N ARG D 140 -21.11 58.05 28.68
CA ARG D 140 -22.50 57.77 28.95
C ARG D 140 -23.08 57.36 27.61
N ILE D 141 -23.88 56.31 27.65
CA ILE D 141 -24.57 55.79 26.47
C ILE D 141 -26.05 55.79 26.79
N THR D 142 -26.88 56.01 25.78
CA THR D 142 -28.33 56.09 25.96
C THR D 142 -29.09 55.14 25.06
N TYR D 143 -30.38 55.00 25.34
CA TYR D 143 -31.26 54.11 24.62
C TYR D 143 -31.26 54.50 23.14
N ASP D 144 -31.17 55.79 22.87
CA ASP D 144 -31.13 56.31 21.51
C ASP D 144 -29.86 55.84 20.80
N GLY D 145 -28.84 55.54 21.60
CA GLY D 145 -27.54 55.12 21.08
C GLY D 145 -26.53 56.24 21.10
N SER D 146 -26.97 57.43 21.51
CA SER D 146 -26.09 58.58 21.61
C SER D 146 -25.07 58.33 22.71
N ILE D 147 -23.87 58.86 22.53
CA ILE D 147 -22.80 58.69 23.50
C ILE D 147 -22.15 60.03 23.84
N ALA D 148 -21.70 60.18 25.08
CA ALA D 148 -21.08 61.41 25.48
C ALA D 148 -19.83 61.14 26.26
N ASP D 149 -18.87 62.02 26.08
CA ASP D 149 -17.63 61.99 26.82
C ASP D 149 -17.74 62.96 28.00
N GLU D 150 -17.91 62.44 29.21
CA GLU D 150 -18.01 63.28 30.41
C GLU D 150 -16.65 63.37 31.08
N PRO D 151 -16.21 64.58 31.48
CA PRO D 151 -14.90 64.75 32.13
C PRO D 151 -14.82 64.60 33.64
N HIS D 152 -15.92 64.80 34.34
CA HIS D 152 -15.88 64.72 35.80
C HIS D 152 -16.79 63.71 36.46
N PHE D 153 -18.03 63.66 35.98
CA PHE D 153 -18.98 62.73 36.56
C PHE D 153 -20.13 62.45 35.62
N VAL D 154 -20.87 61.40 35.92
CA VAL D 154 -22.02 61.02 35.11
C VAL D 154 -23.12 60.66 36.08
N VAL D 155 -24.35 61.00 35.70
CA VAL D 155 -25.51 60.69 36.53
C VAL D 155 -26.55 60.05 35.63
N MET D 156 -27.13 58.94 36.09
CA MET D 156 -28.13 58.25 35.30
C MET D 156 -29.23 57.67 36.19
N GLY D 157 -30.43 57.57 35.60
CA GLY D 157 -31.56 57.02 36.31
C GLY D 157 -32.36 58.00 37.14
N GLY D 158 -33.67 57.79 37.18
CA GLY D 158 -34.55 58.66 37.94
C GLY D 158 -34.50 60.11 37.53
N THR D 159 -34.57 61.00 38.54
CA THR D 159 -34.52 62.43 38.32
C THR D 159 -33.07 62.83 38.53
N THR D 160 -32.42 63.11 37.41
CA THR D 160 -31.00 63.45 37.42
C THR D 160 -30.67 64.89 37.75
N GLU D 161 -31.50 65.82 37.25
CA GLU D 161 -31.33 67.26 37.47
C GLU D 161 -30.80 67.61 38.87
N PRO D 162 -31.56 67.24 39.92
CA PRO D 162 -31.17 67.51 41.30
C PRO D 162 -29.78 66.99 41.64
N ILE D 163 -29.54 65.73 41.32
CA ILE D 163 -28.26 65.06 41.59
C ILE D 163 -27.12 65.68 40.78
N ALA D 164 -27.44 66.03 39.53
CA ALA D 164 -26.47 66.65 38.63
C ALA D 164 -25.93 67.94 39.25
N ASN D 165 -26.85 68.88 39.48
CA ASN D 165 -26.50 70.16 40.08
C ASN D 165 -25.79 69.98 41.42
N ALA D 166 -26.34 69.13 42.28
CA ALA D 166 -25.75 68.87 43.58
C ALA D 166 -24.26 68.53 43.43
N LEU D 167 -23.91 67.85 42.35
CA LEU D 167 -22.52 67.48 42.10
C LEU D 167 -21.81 68.65 41.43
N LYS D 168 -22.49 69.34 40.54
CA LYS D 168 -21.88 70.39 39.77
C LYS D 168 -21.33 71.37 40.79
N GLU D 169 -21.84 71.28 42.02
CA GLU D 169 -21.41 72.18 43.09
C GLU D 169 -20.34 71.56 43.99
N SER D 170 -20.60 70.35 44.43
CA SER D 170 -19.69 69.62 45.26
C SER D 170 -18.42 69.17 44.53
N TYR D 171 -18.47 69.11 43.19
CA TYR D 171 -17.37 68.53 42.48
C TYR D 171 -16.08 69.26 42.75
N ALA D 172 -15.11 68.48 43.20
CA ALA D 172 -13.75 68.95 43.41
C ALA D 172 -12.81 67.83 42.95
N GLU D 173 -12.01 68.12 41.93
CA GLU D 173 -11.06 67.17 41.36
C GLU D 173 -10.03 66.66 42.37
N ASN D 174 -9.64 65.41 42.23
CA ASN D 174 -8.64 64.84 43.11
C ASN D 174 -9.15 64.68 44.53
N ALA D 175 -10.47 64.69 44.69
CA ALA D 175 -11.02 64.49 46.03
C ALA D 175 -10.51 63.13 46.47
N SER D 176 -10.30 62.93 47.76
CA SER D 176 -9.83 61.62 48.20
C SER D 176 -11.03 60.67 48.06
N LEU D 177 -10.84 59.40 48.37
CA LEU D 177 -11.94 58.45 48.27
C LEU D 177 -13.11 58.85 49.18
N THR D 178 -12.81 59.08 50.46
CA THR D 178 -13.83 59.45 51.43
C THR D 178 -14.60 60.72 51.04
N ASP D 179 -13.86 61.76 50.64
CA ASP D 179 -14.50 63.01 50.23
C ASP D 179 -15.43 62.78 49.03
N ALA D 180 -14.93 61.99 48.08
CA ALA D 180 -15.68 61.67 46.87
C ALA D 180 -16.93 60.87 47.21
N LEU D 181 -16.78 59.89 48.10
CA LEU D 181 -17.91 59.06 48.50
C LEU D 181 -19.01 59.94 49.08
N ARG D 182 -18.64 60.75 50.08
CA ARG D 182 -19.58 61.67 50.75
C ARG D 182 -20.26 62.58 49.72
N ILE D 183 -19.46 63.32 48.96
CA ILE D 183 -19.99 64.20 47.91
C ILE D 183 -21.03 63.47 47.06
N ALA D 184 -20.73 62.23 46.72
CA ALA D 184 -21.60 61.40 45.89
C ALA D 184 -22.88 60.99 46.61
N VAL D 185 -22.74 60.36 47.77
CA VAL D 185 -23.93 59.94 48.53
C VAL D 185 -24.84 61.14 48.78
N ALA D 186 -24.23 62.31 48.98
CA ALA D 186 -24.99 63.52 49.22
C ALA D 186 -25.77 63.88 47.96
N ALA D 187 -25.06 64.28 46.91
CA ALA D 187 -25.70 64.66 45.65
C ALA D 187 -26.78 63.67 45.23
N LEU D 188 -26.65 62.44 45.71
CA LEU D 188 -27.61 61.38 45.38
C LEU D 188 -28.92 61.62 46.13
N ARG D 189 -28.82 61.91 47.44
CA ARG D 189 -30.00 62.16 48.28
C ARG D 189 -30.81 63.32 47.71
N ALA D 190 -30.10 64.31 47.17
CA ALA D 190 -30.73 65.46 46.56
C ALA D 190 -31.70 65.03 45.46
N GLY D 204 -28.08 54.54 53.04
CA GLY D 204 -27.15 53.85 53.92
C GLY D 204 -26.49 52.65 53.27
N VAL D 205 -25.55 52.05 53.98
CA VAL D 205 -24.82 50.88 53.48
C VAL D 205 -25.77 49.72 53.27
N ALA D 206 -26.83 49.70 54.07
CA ALA D 206 -27.81 48.63 53.99
C ALA D 206 -28.39 48.60 52.58
N SER D 207 -28.58 49.78 51.99
CA SER D 207 -29.11 49.87 50.65
C SER D 207 -28.25 50.76 49.75
N LEU D 208 -27.07 50.29 49.39
CA LEU D 208 -26.15 51.04 48.53
C LEU D 208 -25.17 50.11 47.84
N GLU D 209 -24.77 50.45 46.62
CA GLU D 209 -23.86 49.58 45.90
C GLU D 209 -22.67 50.50 45.62
N VAL D 210 -21.51 50.14 46.15
CA VAL D 210 -20.32 50.96 45.95
C VAL D 210 -19.12 50.18 45.44
N ALA D 211 -18.41 50.77 44.48
CA ALA D 211 -17.23 50.12 43.91
C ALA D 211 -16.36 51.17 43.26
N VAL D 212 -15.08 50.84 43.12
CA VAL D 212 -14.13 51.74 42.48
C VAL D 212 -13.26 51.05 41.43
N LEU D 213 -12.79 51.86 40.50
CA LEU D 213 -11.83 51.41 39.51
C LEU D 213 -10.60 52.03 40.17
N ASP D 214 -9.89 51.21 40.92
CA ASP D 214 -8.73 51.69 41.63
C ASP D 214 -7.53 51.59 40.70
N ALA D 215 -7.03 52.74 40.28
CA ALA D 215 -5.90 52.77 39.37
C ALA D 215 -4.68 52.17 40.05
N ASN D 216 -4.69 52.14 41.37
CA ASN D 216 -3.55 51.67 42.14
C ASN D 216 -3.33 50.16 42.08
N ARG D 217 -4.35 49.46 41.60
CA ARG D 217 -4.28 48.02 41.47
C ARG D 217 -3.35 47.68 40.31
N PRO D 218 -2.54 46.65 40.48
CA PRO D 218 -1.64 46.21 39.40
C PRO D 218 -2.35 45.82 38.09
N ARG D 219 -3.39 45.00 38.16
CA ARG D 219 -4.10 44.66 36.93
C ARG D 219 -5.58 44.90 36.97
N ARG D 220 -6.28 44.16 37.83
CA ARG D 220 -7.72 44.35 37.92
C ARG D 220 -8.08 45.53 38.85
N ALA D 221 -8.51 46.63 38.24
CA ALA D 221 -8.85 47.83 38.98
C ALA D 221 -10.16 47.79 39.77
N PHE D 222 -11.15 47.07 39.24
CA PHE D 222 -12.46 46.97 39.87
C PHE D 222 -12.37 46.37 41.27
N ARG D 223 -13.00 47.08 42.21
CA ARG D 223 -12.99 46.68 43.61
C ARG D 223 -14.29 47.15 44.27
N ARG D 224 -15.01 46.20 44.87
CA ARG D 224 -16.26 46.54 45.56
C ARG D 224 -15.98 46.95 47.00
N ILE D 225 -16.70 47.98 47.44
CA ILE D 225 -16.56 48.48 48.80
C ILE D 225 -17.87 48.21 49.53
N THR D 226 -17.86 47.24 50.43
CA THR D 226 -19.08 46.87 51.12
C THR D 226 -18.94 46.61 52.62
N GLY D 227 -20.09 46.36 53.25
CA GLY D 227 -20.15 46.06 54.66
C GLY D 227 -19.43 47.05 55.57
N SER D 228 -18.77 46.50 56.59
CA SER D 228 -18.02 47.31 57.54
C SER D 228 -17.06 48.28 56.84
N ALA D 229 -16.33 47.76 55.87
CA ALA D 229 -15.38 48.58 55.10
C ALA D 229 -16.09 49.80 54.54
N LEU D 230 -17.25 49.59 53.92
CA LEU D 230 -18.03 50.69 53.34
C LEU D 230 -18.48 51.61 54.47
N GLN D 231 -18.91 50.98 55.57
CA GLN D 231 -19.37 51.70 56.74
C GLN D 231 -18.37 52.80 57.08
N ALA D 232 -17.11 52.40 57.27
CA ALA D 232 -16.04 53.33 57.61
C ALA D 232 -15.98 54.57 56.74
N LEU D 233 -15.89 54.39 55.41
CA LEU D 233 -15.80 55.51 54.48
C LEU D 233 -16.90 56.56 54.63
N LEU D 234 -18.01 56.17 55.26
CA LEU D 234 -19.14 57.06 55.47
C LEU D 234 -19.53 57.13 56.95
N THR E 1 10.94 17.96 27.86
CA THR E 1 10.11 18.69 28.83
C THR E 1 9.77 17.93 30.10
N THR E 2 9.75 18.63 31.21
CA THR E 2 9.26 18.03 32.43
C THR E 2 8.60 19.06 33.28
N ILE E 3 7.38 18.77 33.72
CA ILE E 3 6.62 19.63 34.60
C ILE E 3 6.23 18.77 35.79
N VAL E 4 6.48 19.25 37.01
CA VAL E 4 6.11 18.47 38.18
C VAL E 4 5.17 19.28 39.06
N ALA E 5 4.40 18.58 39.89
CA ALA E 5 3.49 19.24 40.82
C ALA E 5 3.40 18.32 42.04
N LEU E 6 3.35 18.91 43.22
CA LEU E 6 3.25 18.11 44.46
C LEU E 6 2.53 18.89 45.53
N LYS E 7 1.82 18.14 46.38
CA LYS E 7 1.08 18.73 47.50
C LYS E 7 1.91 18.73 48.74
N TYR E 8 1.79 19.77 49.54
CA TYR E 8 2.50 19.81 50.81
C TYR E 8 1.43 20.28 51.79
N PRO E 9 1.70 20.16 53.11
CA PRO E 9 0.71 20.59 54.09
C PRO E 9 0.34 22.07 53.89
N GLY E 10 -0.89 22.33 53.50
CA GLY E 10 -1.34 23.69 53.29
C GLY E 10 -1.30 24.22 51.87
N GLY E 11 -0.82 23.42 50.91
CA GLY E 11 -0.77 23.97 49.56
C GLY E 11 -0.25 23.07 48.46
N VAL E 12 0.18 23.69 47.39
CA VAL E 12 0.70 22.90 46.30
C VAL E 12 1.78 23.70 45.58
N VAL E 13 2.74 22.99 45.00
CA VAL E 13 3.78 23.66 44.24
C VAL E 13 3.87 23.00 42.85
N MET E 14 4.10 23.80 41.82
CA MET E 14 4.28 23.29 40.46
C MET E 14 5.53 23.94 39.86
N ALA E 15 6.41 23.14 39.28
CA ALA E 15 7.62 23.66 38.67
C ALA E 15 7.87 23.05 37.27
N GLY E 16 8.52 23.79 36.40
CA GLY E 16 8.79 23.30 35.05
C GLY E 16 10.17 23.70 34.53
N ASP E 17 10.73 22.87 33.64
CA ASP E 17 12.06 23.15 33.07
C ASP E 17 11.96 24.27 32.01
N ARG E 18 13.09 24.71 31.45
CA ARG E 18 13.11 25.84 30.51
C ARG E 18 13.51 25.49 29.05
N ARG E 19 13.64 24.23 28.74
CA ARG E 19 14.13 23.84 27.45
C ARG E 19 13.13 23.65 26.36
N SER E 20 13.51 24.07 25.16
CA SER E 20 12.61 23.76 24.04
C SER E 20 13.59 23.15 23.03
N THR E 21 13.13 22.21 22.24
CA THR E 21 14.01 21.58 21.26
C THR E 21 13.29 21.43 19.92
N GLN E 22 14.06 21.09 18.89
CA GLN E 22 13.58 20.80 17.52
C GLN E 22 14.47 19.63 17.17
N GLY E 23 13.91 18.43 17.27
CA GLY E 23 14.70 17.25 17.03
C GLY E 23 15.76 17.24 18.13
N ASN E 24 17.01 17.01 17.75
CA ASN E 24 18.12 16.98 18.72
C ASN E 24 18.63 18.38 19.12
N MET E 25 18.25 19.40 18.37
CA MET E 25 18.71 20.74 18.62
C MET E 25 18.03 21.44 19.76
N ILE E 26 18.83 22.11 20.59
CA ILE E 26 18.30 22.89 21.68
C ILE E 26 17.90 24.19 21.00
N SER E 27 16.61 24.50 20.98
CA SER E 27 16.17 25.72 20.33
C SER E 27 15.77 26.86 21.29
N GLY E 28 15.64 26.56 22.58
CA GLY E 28 15.29 27.61 23.54
C GLY E 28 15.83 27.23 24.89
N ARG E 29 16.20 28.24 25.69
CA ARG E 29 16.73 27.97 27.02
C ARG E 29 16.00 28.70 28.14
N ASP E 30 14.98 29.46 27.80
CA ASP E 30 14.30 30.23 28.84
C ASP E 30 12.80 30.22 28.70
N VAL E 31 12.29 29.19 28.08
CA VAL E 31 10.85 29.07 27.93
C VAL E 31 10.19 28.92 29.35
N ARG E 32 9.02 29.54 29.54
CA ARG E 32 8.30 29.43 30.79
C ARG E 32 7.15 28.48 30.49
N LYS E 33 7.04 27.40 31.25
CA LYS E 33 6.01 26.40 30.98
C LYS E 33 4.91 26.30 32.03
N VAL E 34 5.05 27.08 33.12
CA VAL E 34 4.09 27.07 34.23
C VAL E 34 3.46 28.42 34.33
N TYR E 35 2.14 28.48 34.24
CA TYR E 35 1.42 29.75 34.30
C TYR E 35 0.45 29.82 35.44
N ILE E 36 0.26 31.03 35.99
CA ILE E 36 -0.73 31.21 37.03
C ILE E 36 -1.99 31.46 36.19
N THR E 37 -3.00 30.59 36.30
CA THR E 37 -4.17 30.78 35.48
C THR E 37 -5.31 31.58 36.14
N ASP E 38 -5.33 31.60 37.46
CA ASP E 38 -6.27 32.42 38.22
C ASP E 38 -5.69 32.51 39.64
N ASP E 39 -6.33 33.22 40.56
CA ASP E 39 -5.74 33.37 41.89
C ASP E 39 -5.39 32.10 42.63
N TYR E 40 -6.04 30.98 42.31
CA TYR E 40 -5.77 29.73 43.02
C TYR E 40 -5.37 28.54 42.17
N THR E 41 -4.96 28.80 40.93
CA THR E 41 -4.59 27.68 40.08
C THR E 41 -3.43 27.97 39.16
N ALA E 42 -2.68 26.93 38.85
CA ALA E 42 -1.56 27.08 37.93
C ALA E 42 -1.66 25.91 36.93
N THR E 43 -1.23 26.18 35.71
CA THR E 43 -1.24 25.18 34.65
C THR E 43 0.16 25.04 34.07
N GLY E 44 0.62 23.81 33.95
CA GLY E 44 1.91 23.55 33.34
C GLY E 44 1.63 22.71 32.10
N ILE E 45 2.26 22.99 30.96
CA ILE E 45 1.90 22.18 29.77
C ILE E 45 3.06 21.59 29.01
N ALA E 46 2.92 20.33 28.61
CA ALA E 46 3.99 19.69 27.84
C ALA E 46 3.49 19.36 26.40
N GLY E 47 4.40 19.09 25.48
CA GLY E 47 3.98 18.75 24.12
C GLY E 47 4.28 19.84 23.11
N THR E 48 3.41 19.99 22.15
CA THR E 48 3.54 21.00 21.08
C THR E 48 3.40 22.42 21.68
N ALA E 49 4.48 23.22 21.62
CA ALA E 49 4.49 24.56 22.20
C ALA E 49 3.36 25.47 21.77
N ALA E 50 3.04 25.48 20.48
CA ALA E 50 2.00 26.38 20.01
C ALA E 50 0.69 26.07 20.73
N VAL E 51 0.31 24.79 20.79
CA VAL E 51 -0.93 24.41 21.44
C VAL E 51 -0.85 24.61 22.95
N ALA E 52 0.27 24.20 23.53
CA ALA E 52 0.47 24.35 24.96
C ALA E 52 0.20 25.78 25.42
N VAL E 53 0.85 26.72 24.76
CA VAL E 53 0.70 28.12 25.08
C VAL E 53 -0.73 28.64 24.89
N GLU E 54 -1.38 28.24 23.81
CA GLU E 54 -2.75 28.66 23.54
C GLU E 54 -3.63 28.14 24.67
N PHE E 55 -3.45 26.87 25.03
CA PHE E 55 -4.24 26.32 26.12
C PHE E 55 -4.17 27.18 27.37
N ALA E 56 -2.97 27.52 27.81
CA ALA E 56 -2.80 28.31 29.02
C ALA E 56 -3.43 29.69 28.95
N ARG E 57 -3.26 30.36 27.82
CA ARG E 57 -3.84 31.67 27.61
C ARG E 57 -5.37 31.67 27.49
N LEU E 58 -5.92 30.80 26.66
CA LEU E 58 -7.36 30.68 26.54
C LEU E 58 -8.02 30.22 27.85
N TYR E 59 -7.43 29.25 28.53
CA TYR E 59 -7.97 28.76 29.80
C TYR E 59 -8.05 29.87 30.86
N ALA E 60 -7.03 30.72 30.97
CA ALA E 60 -7.09 31.78 31.97
C ALA E 60 -8.22 32.76 31.62
N VAL E 61 -8.38 33.06 30.34
CA VAL E 61 -9.41 33.96 29.89
C VAL E 61 -10.76 33.33 30.23
N GLU E 62 -10.93 32.03 29.93
CA GLU E 62 -12.21 31.38 30.20
C GLU E 62 -12.59 31.39 31.70
N LEU E 63 -11.61 31.18 32.58
CA LEU E 63 -11.89 31.19 34.01
C LEU E 63 -12.34 32.57 34.49
N GLU E 64 -11.65 33.61 34.03
CA GLU E 64 -11.99 34.96 34.45
C GLU E 64 -13.29 35.44 33.81
N HIS E 65 -13.57 34.94 32.61
CA HIS E 65 -14.77 35.28 31.87
C HIS E 65 -15.99 34.81 32.68
N TYR E 66 -15.93 33.58 33.18
CA TYR E 66 -17.02 33.04 33.97
C TYR E 66 -17.19 33.90 35.21
N GLU E 67 -16.05 34.17 35.86
CA GLU E 67 -16.09 34.98 37.07
C GLU E 67 -16.76 36.36 36.87
N LYS E 68 -16.44 37.05 35.78
CA LYS E 68 -17.03 38.34 35.55
C LYS E 68 -18.51 38.22 35.19
N LEU E 69 -18.86 37.24 34.39
CA LEU E 69 -20.25 37.06 34.01
C LEU E 69 -21.13 36.64 35.19
N GLU E 70 -20.64 35.70 36.00
CA GLU E 70 -21.43 35.14 37.08
C GLU E 70 -21.22 35.70 38.44
N GLY E 71 -20.21 36.53 38.58
CA GLY E 71 -19.98 37.15 39.87
C GLY E 71 -19.19 36.31 40.85
N VAL E 72 -18.93 35.06 40.52
CA VAL E 72 -18.19 34.19 41.43
C VAL E 72 -17.34 33.27 40.59
N PRO E 73 -16.19 32.83 41.12
CA PRO E 73 -15.37 31.92 40.30
C PRO E 73 -15.98 30.54 40.21
N LEU E 74 -15.52 29.75 39.24
CA LEU E 74 -16.00 28.39 39.07
C LEU E 74 -15.54 27.58 40.26
N THR E 75 -16.25 26.50 40.56
CA THR E 75 -15.81 25.62 41.65
C THR E 75 -14.59 24.89 41.07
N PHE E 76 -13.78 24.30 41.92
CA PHE E 76 -12.61 23.63 41.39
C PHE E 76 -13.00 22.55 40.38
N ALA E 77 -14.08 21.83 40.66
CA ALA E 77 -14.54 20.78 39.75
C ALA E 77 -14.90 21.37 38.39
N GLY E 78 -15.48 22.56 38.41
CA GLY E 78 -15.85 23.22 37.16
C GLY E 78 -14.60 23.62 36.37
N LYS E 79 -13.55 24.07 37.07
CA LYS E 79 -12.30 24.45 36.41
C LYS E 79 -11.69 23.23 35.71
N ILE E 80 -11.74 22.08 36.38
CA ILE E 80 -11.20 20.85 35.84
C ILE E 80 -11.94 20.49 34.57
N ASN E 81 -13.27 20.56 34.63
CA ASN E 81 -14.11 20.23 33.50
C ASN E 81 -13.86 21.10 32.27
N ARG E 82 -13.68 22.40 32.48
CA ARG E 82 -13.37 23.30 31.38
C ARG E 82 -12.01 22.99 30.73
N LEU E 83 -11.01 22.68 31.53
CA LEU E 83 -9.73 22.29 30.99
C LEU E 83 -9.84 21.00 30.18
N ALA E 84 -10.61 20.06 30.70
CA ALA E 84 -10.80 18.77 30.04
C ALA E 84 -11.48 18.93 28.71
N ILE E 85 -12.46 19.81 28.67
CA ILE E 85 -13.18 20.01 27.45
C ILE E 85 -12.26 20.65 26.40
N MET E 86 -11.46 21.60 26.84
CA MET E 86 -10.50 22.25 25.96
C MET E 86 -9.51 21.20 25.41
N VAL E 87 -8.97 20.31 26.24
CA VAL E 87 -8.06 19.27 25.73
C VAL E 87 -8.77 18.38 24.72
N ARG E 88 -9.98 17.93 25.06
CA ARG E 88 -10.78 17.07 24.18
C ARG E 88 -10.99 17.71 22.82
N GLY E 89 -11.22 19.03 22.81
CA GLY E 89 -11.41 19.71 21.55
C GLY E 89 -10.21 19.70 20.61
N ASN E 90 -9.03 19.44 21.15
CA ASN E 90 -7.81 19.39 20.36
C ASN E 90 -7.45 17.98 19.93
N LEU E 91 -8.30 16.99 20.28
CA LEU E 91 -8.01 15.56 19.95
C LEU E 91 -7.67 15.21 18.49
N ALA E 92 -8.43 15.75 17.54
CA ALA E 92 -8.18 15.50 16.11
C ALA E 92 -6.77 16.05 15.75
N ALA E 93 -6.56 17.33 16.05
CA ALA E 93 -5.27 17.97 15.83
C ALA E 93 -4.17 17.16 16.52
N ALA E 94 -4.44 16.68 17.73
CA ALA E 94 -3.44 15.93 18.49
C ALA E 94 -3.04 14.64 17.76
N MET E 95 -4.01 13.99 17.16
CA MET E 95 -3.79 12.78 16.39
C MET E 95 -2.92 13.09 15.17
N GLN E 96 -2.97 14.35 14.74
CA GLN E 96 -2.18 14.81 13.61
C GLN E 96 -0.84 15.40 14.07
N GLY E 97 -0.53 15.19 15.34
CA GLY E 97 0.72 15.65 15.93
C GLY E 97 0.74 16.93 16.75
N LEU E 98 -0.35 17.68 16.80
CA LEU E 98 -0.37 18.87 17.64
C LEU E 98 -0.85 18.45 19.02
N LEU E 99 -0.10 17.56 19.66
CA LEU E 99 -0.50 17.04 20.97
C LEU E 99 0.06 17.84 22.12
N ALA E 100 -0.83 18.31 22.97
CA ALA E 100 -0.45 19.07 24.17
C ALA E 100 -1.20 18.50 25.42
N LEU E 101 -0.49 18.31 26.53
CA LEU E 101 -1.08 17.77 27.75
C LEU E 101 -0.82 18.65 28.94
N PRO E 102 -1.88 19.19 29.54
CA PRO E 102 -1.67 20.06 30.70
C PRO E 102 -1.66 19.29 32.01
N LEU E 103 -1.07 19.92 33.02
CA LEU E 103 -1.06 19.37 34.40
C LEU E 103 -1.62 20.59 35.18
N LEU E 104 -2.64 20.35 35.99
CA LEU E 104 -3.29 21.42 36.73
C LEU E 104 -3.02 21.31 38.24
N ALA E 105 -2.65 22.41 38.88
CA ALA E 105 -2.40 22.46 40.33
C ALA E 105 -3.25 23.58 40.85
N GLY E 106 -3.84 23.38 42.03
CA GLY E 106 -4.67 24.42 42.57
C GLY E 106 -4.88 24.24 44.04
N TYR E 107 -5.49 25.25 44.65
CA TYR E 107 -5.83 25.23 46.06
C TYR E 107 -7.35 25.47 46.06
N ASP E 108 -8.10 24.56 46.67
CA ASP E 108 -9.56 24.69 46.68
C ASP E 108 -10.02 25.44 47.93
N ILE E 109 -10.42 26.71 47.75
CA ILE E 109 -10.86 27.54 48.87
C ILE E 109 -12.09 26.98 49.56
N HIS E 110 -12.89 26.20 48.83
CA HIS E 110 -14.10 25.60 49.42
C HIS E 110 -13.88 24.21 50.04
N ALA E 111 -12.67 23.68 50.01
CA ALA E 111 -12.46 22.36 50.59
C ALA E 111 -12.69 22.47 52.09
N SER E 112 -13.14 21.37 52.70
CA SER E 112 -13.38 21.35 54.15
C SER E 112 -12.08 21.52 54.92
N ASP E 113 -11.09 20.65 54.68
CA ASP E 113 -9.82 20.74 55.40
C ASP E 113 -8.71 21.46 54.62
N PRO E 114 -8.39 22.69 55.05
CA PRO E 114 -7.37 23.58 54.49
C PRO E 114 -5.98 23.01 54.31
N GLN E 115 -5.52 22.16 55.24
CA GLN E 115 -4.18 21.58 55.12
C GLN E 115 -4.08 20.69 53.89
N SER E 116 -5.20 20.10 53.49
CA SER E 116 -5.19 19.23 52.33
C SER E 116 -5.97 19.77 51.13
N ALA E 117 -6.29 21.06 51.13
CA ALA E 117 -7.04 21.70 50.07
C ALA E 117 -6.25 21.77 48.74
N GLY E 118 -4.97 21.39 48.78
CA GLY E 118 -4.18 21.40 47.57
C GLY E 118 -4.73 20.36 46.59
N ARG E 119 -4.66 20.67 45.30
CA ARG E 119 -5.17 19.76 44.25
C ARG E 119 -4.21 19.60 43.07
N ILE E 120 -4.07 18.39 42.59
CA ILE E 120 -3.25 18.13 41.43
C ILE E 120 -4.09 17.30 40.48
N VAL E 121 -4.21 17.76 39.23
CA VAL E 121 -5.07 17.01 38.28
C VAL E 121 -4.35 16.75 36.97
N SER E 122 -4.34 15.51 36.52
CA SER E 122 -3.69 15.24 35.24
C SER E 122 -4.75 14.97 34.15
N PHE E 123 -4.32 15.11 32.90
CA PHE E 123 -5.21 14.96 31.74
C PHE E 123 -4.61 14.10 30.62
N ASP E 124 -5.44 13.33 29.93
CA ASP E 124 -4.90 12.57 28.81
C ASP E 124 -5.40 13.25 27.51
N ALA E 125 -4.91 12.80 26.36
CA ALA E 125 -5.27 13.42 25.08
C ALA E 125 -6.74 13.48 24.74
N ALA E 126 -7.53 12.57 25.30
CA ALA E 126 -8.97 12.59 25.03
C ALA E 126 -9.79 13.45 25.99
N GLY E 127 -9.13 14.15 26.91
CA GLY E 127 -9.88 14.96 27.84
C GLY E 127 -10.17 14.23 29.14
N GLY E 128 -9.64 13.03 29.32
CA GLY E 128 -9.86 12.32 30.56
C GLY E 128 -9.05 13.03 31.63
N TRP E 129 -9.55 13.09 32.85
CA TRP E 129 -8.82 13.74 33.92
C TRP E 129 -8.82 12.83 35.13
N ASN E 130 -7.85 13.07 36.01
CA ASN E 130 -7.76 12.31 37.22
C ASN E 130 -7.20 13.22 38.32
N ILE E 131 -7.93 13.31 39.44
CA ILE E 131 -7.47 14.08 40.59
C ILE E 131 -6.48 13.15 41.30
N GLU E 132 -5.24 13.56 41.31
CA GLU E 132 -4.19 12.80 41.88
C GLU E 132 -4.34 12.62 43.42
N GLU E 133 -4.16 11.40 43.90
CA GLU E 133 -4.25 11.08 45.33
C GLU E 133 -2.90 10.70 45.95
N GLU E 134 -1.90 10.40 45.14
CA GLU E 134 -0.58 9.99 45.62
C GLU E 134 0.32 11.14 46.12
N GLY E 135 -0.09 12.41 45.99
CA GLY E 135 0.75 13.53 46.44
C GLY E 135 1.56 14.33 45.40
N TYR E 136 1.84 13.70 44.26
CA TYR E 136 2.61 14.36 43.20
C TYR E 136 2.31 13.79 41.81
N GLN E 137 2.71 14.51 40.79
CA GLN E 137 2.48 14.04 39.42
C GLN E 137 3.45 14.77 38.55
N ALA E 138 3.62 14.31 37.31
CA ALA E 138 4.51 15.00 36.37
C ALA E 138 4.09 14.64 34.95
N VAL E 139 4.36 15.55 34.01
CA VAL E 139 4.07 15.30 32.59
C VAL E 139 5.32 15.71 31.77
N GLY E 140 5.46 15.12 30.59
CA GLY E 140 6.56 15.44 29.68
C GLY E 140 7.47 14.25 29.53
N SER E 141 8.43 14.35 28.62
CA SER E 141 9.36 13.25 28.38
C SER E 141 10.23 12.88 29.59
N GLY E 142 10.35 13.74 30.60
CA GLY E 142 11.17 13.35 31.72
C GLY E 142 10.31 12.99 32.93
N SER E 143 9.01 12.86 32.72
CA SER E 143 8.11 12.62 33.85
C SER E 143 8.33 11.35 34.65
N LEU E 144 8.67 10.25 34.00
CA LEU E 144 8.90 9.02 34.74
C LEU E 144 10.13 9.17 35.66
N PHE E 145 11.18 9.79 35.16
CA PHE E 145 12.36 10.01 35.98
C PHE E 145 12.03 10.90 37.17
N ALA E 146 11.23 11.93 36.93
CA ALA E 146 10.83 12.86 37.97
C ALA E 146 9.97 12.19 39.04
N LYS E 147 9.04 11.36 38.59
CA LYS E 147 8.14 10.68 39.50
C LYS E 147 8.89 9.67 40.34
N SER E 148 9.84 8.93 39.75
CA SER E 148 10.57 7.95 40.52
C SER E 148 11.46 8.68 41.50
N SER E 149 11.88 9.89 41.16
CA SER E 149 12.68 10.65 42.09
C SER E 149 11.77 11.15 43.26
N MET E 150 10.60 11.71 42.94
CA MET E 150 9.70 12.17 44.00
C MET E 150 9.22 11.02 44.89
N LYS E 151 9.10 9.82 44.33
CA LYS E 151 8.67 8.68 45.10
C LYS E 151 9.62 8.48 46.28
N LYS E 152 10.90 8.73 46.06
CA LYS E 152 11.88 8.52 47.11
C LYS E 152 12.05 9.76 48.00
N LEU E 153 11.67 10.93 47.50
CA LEU E 153 11.90 12.14 48.26
C LEU E 153 10.67 12.71 48.91
N TYR E 154 9.51 12.22 48.51
CA TYR E 154 8.27 12.78 49.02
C TYR E 154 8.09 12.80 50.53
N SER E 155 8.65 11.81 51.20
CA SER E 155 8.50 11.77 52.65
C SER E 155 9.21 12.98 53.31
N GLN E 156 10.07 13.70 52.59
CA GLN E 156 10.75 14.86 53.16
C GLN E 156 9.85 16.11 53.05
N VAL E 157 8.65 15.97 52.47
CA VAL E 157 7.82 17.14 52.28
C VAL E 157 6.91 17.41 53.45
N THR E 158 7.15 18.50 54.16
CA THR E 158 6.37 18.85 55.34
C THR E 158 5.75 20.25 55.29
N ASP E 159 6.19 21.06 54.35
CA ASP E 159 5.71 22.44 54.17
C ASP E 159 6.04 22.92 52.73
N GLY E 160 5.71 24.16 52.43
CA GLY E 160 5.97 24.69 51.11
C GLY E 160 7.46 24.69 50.72
N ASP E 161 8.37 24.97 51.65
CA ASP E 161 9.77 25.01 51.25
C ASP E 161 10.38 23.60 50.99
N SER E 162 10.05 22.63 51.81
CA SER E 162 10.61 21.33 51.52
C SER E 162 9.88 20.84 50.21
N GLY E 163 8.63 21.25 50.01
CA GLY E 163 7.89 20.88 48.80
C GLY E 163 8.59 21.40 47.54
N LEU E 164 8.98 22.68 47.58
CA LEU E 164 9.68 23.32 46.49
C LEU E 164 11.05 22.66 46.24
N ARG E 165 11.75 22.31 47.32
CA ARG E 165 13.04 21.68 47.12
C ARG E 165 12.91 20.32 46.40
N VAL E 166 11.90 19.54 46.79
CA VAL E 166 11.71 18.23 46.18
C VAL E 166 11.32 18.42 44.71
N ALA E 167 10.58 19.47 44.42
CA ALA E 167 10.16 19.72 43.05
C ALA E 167 11.37 20.08 42.17
N VAL E 168 12.28 20.90 42.69
CA VAL E 168 13.45 21.30 41.93
C VAL E 168 14.37 20.11 41.78
N GLU E 169 14.50 19.30 42.84
CA GLU E 169 15.36 18.13 42.70
C GLU E 169 14.77 17.09 41.72
N ALA E 170 13.44 16.98 41.66
CA ALA E 170 12.80 16.04 40.74
C ALA E 170 13.11 16.51 39.28
N LEU E 171 13.01 17.82 39.04
CA LEU E 171 13.32 18.37 37.71
C LEU E 171 14.81 18.13 37.38
N TYR E 172 15.68 18.22 38.41
CA TYR E 172 17.10 17.99 38.23
C TYR E 172 17.31 16.53 37.84
N ASP E 173 16.62 15.60 38.50
CA ASP E 173 16.76 14.22 38.12
C ASP E 173 16.19 13.95 36.71
N ALA E 174 15.14 14.68 36.33
CA ALA E 174 14.56 14.48 34.99
C ALA E 174 15.62 14.92 33.95
N ALA E 175 16.24 16.08 34.16
CA ALA E 175 17.26 16.58 33.25
C ALA E 175 18.50 15.68 33.21
N ASP E 176 18.83 15.08 34.33
CA ASP E 176 19.98 14.20 34.40
C ASP E 176 19.81 12.98 33.49
N ASP E 177 18.55 12.54 33.29
CA ASP E 177 18.27 11.31 32.49
C ASP E 177 17.55 11.51 31.14
N ASP E 178 16.94 12.67 30.94
CA ASP E 178 16.24 13.00 29.74
C ASP E 178 16.87 14.24 29.05
N SER E 179 17.57 14.00 27.94
CA SER E 179 18.17 15.09 27.16
C SER E 179 17.14 16.15 26.67
N ALA E 180 15.84 15.84 26.67
CA ALA E 180 14.84 16.83 26.24
C ALA E 180 14.41 17.74 27.39
N THR E 181 14.91 17.49 28.60
CA THR E 181 14.54 18.35 29.76
C THR E 181 15.76 19.17 30.15
N GLY E 182 15.58 20.50 30.31
CA GLY E 182 16.74 21.34 30.66
C GLY E 182 17.15 21.38 32.14
N GLY E 183 18.42 21.18 32.44
CA GLY E 183 18.87 21.26 33.82
C GLY E 183 19.17 22.71 34.16
N PRO E 184 19.52 22.99 35.45
CA PRO E 184 19.86 24.36 35.87
C PRO E 184 21.06 24.80 35.03
N ASP E 185 21.04 26.01 34.48
CA ASP E 185 22.17 26.50 33.67
C ASP E 185 22.95 27.57 34.48
N LEU E 186 24.01 27.13 35.14
CA LEU E 186 24.83 28.01 35.98
C LEU E 186 25.60 29.06 35.19
N VAL E 187 25.96 28.76 33.93
CA VAL E 187 26.69 29.72 33.15
C VAL E 187 25.81 30.88 32.79
N ARG E 188 24.58 30.61 32.32
CA ARG E 188 23.69 31.70 31.93
C ARG E 188 22.80 32.18 33.08
N GLY E 189 22.79 31.46 34.21
CA GLY E 189 21.93 31.86 35.31
C GLY E 189 20.45 31.62 34.98
N ILE E 190 20.09 30.50 34.36
CA ILE E 190 18.68 30.22 34.05
C ILE E 190 18.25 28.99 34.83
N PHE E 191 17.11 29.08 35.52
CA PHE E 191 16.68 27.95 36.33
C PHE E 191 15.21 27.65 36.09
N PRO E 192 14.74 26.48 36.56
CA PRO E 192 13.35 26.10 36.40
C PRO E 192 12.48 27.21 37.01
N THR E 193 11.25 27.35 36.55
CA THR E 193 10.32 28.32 37.16
C THR E 193 9.37 27.51 38.07
N ALA E 194 8.69 28.19 38.97
CA ALA E 194 7.80 27.51 39.89
C ALA E 194 6.76 28.44 40.41
N VAL E 195 5.60 27.84 40.73
CA VAL E 195 4.46 28.56 41.30
C VAL E 195 4.08 27.83 42.60
N ILE E 196 3.79 28.58 43.66
CA ILE E 196 3.34 27.99 44.91
C ILE E 196 1.93 28.55 45.13
N ILE E 197 1.04 27.69 45.62
CA ILE E 197 -0.32 28.11 45.86
C ILE E 197 -0.76 27.61 47.23
N ASP E 198 -1.24 28.52 48.05
CA ASP E 198 -1.78 28.17 49.36
C ASP E 198 -3.04 29.04 49.60
N ALA E 199 -3.50 29.09 50.84
CA ALA E 199 -4.70 29.88 51.13
C ALA E 199 -4.61 31.33 50.66
N ASP E 200 -3.41 31.89 50.62
CA ASP E 200 -3.28 33.28 50.15
C ASP E 200 -3.19 33.43 48.66
N GLY E 201 -3.37 32.34 47.91
CA GLY E 201 -3.28 32.47 46.46
C GLY E 201 -2.00 31.94 45.81
N ALA E 202 -1.99 32.04 44.49
CA ALA E 202 -0.90 31.57 43.67
C ALA E 202 0.16 32.66 43.50
N VAL E 203 1.44 32.33 43.75
CA VAL E 203 2.50 33.29 43.59
C VAL E 203 3.74 32.67 42.90
N ASP E 204 4.34 33.42 41.99
CA ASP E 204 5.54 32.95 41.30
C ASP E 204 6.66 32.86 42.33
N VAL E 205 7.44 31.80 42.31
CA VAL E 205 8.53 31.69 43.25
C VAL E 205 9.67 32.54 42.64
N PRO E 206 10.33 33.38 43.44
CA PRO E 206 11.40 34.20 42.89
C PRO E 206 12.58 33.37 42.41
N GLU E 207 13.11 33.77 41.26
CA GLU E 207 14.22 33.06 40.64
C GLU E 207 15.40 32.84 41.61
N SER E 208 15.66 33.83 42.45
CA SER E 208 16.77 33.70 43.39
C SER E 208 16.60 32.56 44.38
N ARG E 209 15.35 32.20 44.68
CA ARG E 209 15.17 31.10 45.61
C ARG E 209 15.49 29.78 44.85
N ILE E 210 15.01 29.73 43.61
CA ILE E 210 15.23 28.52 42.84
C ILE E 210 16.72 28.32 42.53
N ALA E 211 17.40 29.43 42.24
CA ALA E 211 18.83 29.43 41.95
C ALA E 211 19.59 28.85 43.13
N GLU E 212 19.22 29.28 44.33
CA GLU E 212 19.86 28.81 45.56
C GLU E 212 19.62 27.30 45.77
N LEU E 213 18.41 26.85 45.56
CA LEU E 213 18.14 25.41 45.70
C LEU E 213 18.92 24.60 44.67
N ALA E 214 18.89 25.04 43.42
CA ALA E 214 19.60 24.34 42.34
C ALA E 214 21.07 24.27 42.64
N ARG E 215 21.66 25.40 42.98
CA ARG E 215 23.08 25.37 43.29
C ARG E 215 23.38 24.41 44.44
N ALA E 216 22.52 24.35 45.45
CA ALA E 216 22.76 23.43 46.57
C ALA E 216 22.69 21.99 46.08
N ILE E 217 21.68 21.68 45.25
CA ILE E 217 21.57 20.31 44.74
C ILE E 217 22.86 19.91 43.98
N ILE E 218 23.30 20.80 43.09
CA ILE E 218 24.53 20.58 42.32
C ILE E 218 25.76 20.36 43.20
N GLU E 219 25.98 21.27 44.15
CA GLU E 219 27.11 21.15 45.08
C GLU E 219 27.05 19.84 45.85
N SER E 220 25.86 19.51 46.32
CA SER E 220 25.65 18.33 47.14
C SER E 220 26.06 17.06 46.42
N ARG E 221 25.73 16.97 45.14
CA ARG E 221 26.06 15.79 44.36
C ARG E 221 27.48 15.82 43.83
N SER E 222 28.08 17.00 43.81
CA SER E 222 29.45 17.15 43.34
C SER E 222 30.43 16.41 44.25
N GLY E 223 29.90 15.90 45.36
CA GLY E 223 30.69 15.15 46.31
C GLY E 223 29.83 14.23 47.17
N TYR F 5 -58.05 48.19 3.84
CA TYR F 5 -58.60 48.13 5.19
C TYR F 5 -58.16 46.91 5.99
N PHE F 6 -58.40 46.96 7.29
CA PHE F 6 -58.06 45.88 8.20
C PHE F 6 -59.33 45.31 8.79
N ILE F 7 -59.40 43.99 8.85
CA ILE F 7 -60.58 43.31 9.33
C ILE F 7 -60.29 42.33 10.45
N SER F 8 -61.33 42.02 11.21
CA SER F 8 -61.25 41.05 12.27
C SER F 8 -61.09 39.68 11.62
N PRO F 9 -60.57 38.73 12.38
CA PRO F 9 -60.37 37.38 11.85
C PRO F 9 -61.70 36.79 11.40
N GLU F 10 -62.76 37.05 12.15
CA GLU F 10 -64.07 36.52 11.78
C GLU F 10 -64.50 37.06 10.42
N GLN F 11 -64.30 38.35 10.19
CA GLN F 11 -64.64 38.94 8.91
C GLN F 11 -63.79 38.40 7.75
N ALA F 12 -62.49 38.25 8.00
CA ALA F 12 -61.58 37.76 6.97
C ALA F 12 -62.00 36.36 6.56
N MET F 13 -62.42 35.59 7.55
CA MET F 13 -62.90 34.23 7.34
C MET F 13 -64.07 34.19 6.38
N ARG F 14 -65.05 35.06 6.63
CA ARG F 14 -66.28 35.11 5.83
C ARG F 14 -65.95 35.61 4.45
N GLU F 15 -64.99 36.52 4.39
CA GLU F 15 -64.56 37.09 3.13
C GLU F 15 -63.90 36.06 2.20
N ARG F 16 -63.01 35.26 2.77
CA ARG F 16 -62.31 34.23 2.02
C ARG F 16 -63.30 33.23 1.50
N SER F 17 -64.14 32.79 2.43
CA SER F 17 -65.18 31.83 2.13
C SER F 17 -66.08 32.31 0.98
N GLU F 18 -66.36 33.60 0.97
CA GLU F 18 -67.20 34.19 -0.05
C GLU F 18 -66.42 34.28 -1.34
N LEU F 19 -65.18 34.75 -1.22
CA LEU F 19 -64.31 34.89 -2.38
C LEU F 19 -64.23 33.56 -3.14
N ALA F 20 -64.15 32.46 -2.41
CA ALA F 20 -64.08 31.15 -3.04
C ALA F 20 -65.45 30.65 -3.42
N ARG F 21 -66.44 30.86 -2.55
CA ARG F 21 -67.79 30.38 -2.83
C ARG F 21 -68.27 30.99 -4.12
N LYS F 22 -67.87 32.24 -4.35
CA LYS F 22 -68.20 32.95 -5.59
C LYS F 22 -67.56 32.19 -6.75
N GLY F 23 -66.23 32.10 -6.72
CA GLY F 23 -65.49 31.41 -7.78
C GLY F 23 -66.01 30.02 -8.16
N ILE F 24 -66.45 29.25 -7.19
CA ILE F 24 -66.96 27.95 -7.50
C ILE F 24 -68.34 28.09 -8.17
N ALA F 25 -69.19 28.97 -7.63
CA ALA F 25 -70.51 29.17 -8.21
C ALA F 25 -70.39 29.62 -9.66
N ARG F 26 -69.44 30.50 -9.90
CA ARG F 26 -69.25 31.03 -11.23
C ARG F 26 -68.85 30.00 -12.29
N ALA F 27 -68.45 28.81 -11.86
CA ALA F 27 -67.99 27.76 -12.77
C ALA F 27 -68.96 26.64 -13.19
N LYS F 28 -68.57 25.89 -14.23
CA LYS F 28 -69.35 24.76 -14.75
C LYS F 28 -69.61 23.73 -13.65
N SER F 29 -70.58 22.85 -13.86
CA SER F 29 -70.91 21.86 -12.85
C SER F 29 -70.46 20.45 -13.17
N VAL F 30 -70.28 19.67 -12.11
CA VAL F 30 -69.84 18.30 -12.24
C VAL F 30 -70.61 17.41 -11.30
N VAL F 31 -70.88 16.20 -11.73
CA VAL F 31 -71.55 15.25 -10.87
C VAL F 31 -70.86 13.90 -10.94
N ALA F 32 -70.88 13.21 -9.80
CA ALA F 32 -70.31 11.87 -9.69
C ALA F 32 -71.38 11.06 -8.97
N LEU F 33 -71.69 9.88 -9.50
CA LEU F 33 -72.67 9.05 -8.87
C LEU F 33 -72.34 7.57 -8.95
N ALA F 34 -72.69 6.85 -7.89
CA ALA F 34 -72.48 5.41 -7.84
C ALA F 34 -73.49 4.75 -8.75
N TYR F 35 -73.08 3.72 -9.45
CA TYR F 35 -73.98 2.99 -10.31
C TYR F 35 -73.58 1.54 -10.24
N ALA F 36 -74.30 0.68 -10.95
CA ALA F 36 -74.03 -0.74 -10.91
C ALA F 36 -72.57 -1.14 -11.17
N GLY F 37 -71.96 -0.55 -12.21
CA GLY F 37 -70.59 -0.91 -12.55
C GLY F 37 -69.44 -0.17 -11.87
N GLY F 38 -69.75 0.71 -10.93
CA GLY F 38 -68.70 1.45 -10.26
C GLY F 38 -69.10 2.88 -9.99
N VAL F 39 -68.34 3.83 -10.52
CA VAL F 39 -68.69 5.23 -10.35
C VAL F 39 -68.66 5.94 -11.70
N LEU F 40 -69.58 6.88 -11.90
CA LEU F 40 -69.67 7.64 -13.14
C LEU F 40 -69.39 9.11 -12.88
N PHE F 41 -68.56 9.68 -13.76
CA PHE F 41 -68.21 11.09 -13.69
C PHE F 41 -68.71 11.81 -14.94
N VAL F 42 -69.49 12.88 -14.74
CA VAL F 42 -69.98 13.64 -15.87
C VAL F 42 -69.85 15.10 -15.54
N ALA F 43 -69.16 15.81 -16.41
CA ALA F 43 -68.95 17.23 -16.22
C ALA F 43 -69.26 18.03 -17.48
N GLU F 44 -69.70 19.25 -17.25
CA GLU F 44 -70.01 20.15 -18.34
C GLU F 44 -68.65 20.69 -18.76
N ASN F 45 -68.15 20.24 -19.90
CA ASN F 45 -66.85 20.72 -20.32
C ASN F 45 -66.66 20.86 -21.83
N PRO F 46 -66.64 22.11 -22.31
CA PRO F 46 -66.48 22.40 -23.74
C PRO F 46 -65.09 22.03 -24.27
N SER F 47 -64.06 22.34 -23.50
CA SER F 47 -62.70 22.07 -23.90
C SER F 47 -62.44 20.62 -24.25
N ARG F 48 -61.48 20.43 -25.14
CA ARG F 48 -61.09 19.10 -25.57
C ARG F 48 -59.78 18.72 -24.89
N SER F 49 -59.00 19.74 -24.49
CA SER F 49 -57.70 19.52 -23.86
C SER F 49 -57.67 19.63 -22.35
N LEU F 50 -58.37 20.62 -21.81
CA LEU F 50 -58.38 20.85 -20.37
C LEU F 50 -59.41 19.93 -19.70
N GLN F 51 -58.96 19.11 -18.77
CA GLN F 51 -59.85 18.16 -18.12
C GLN F 51 -60.16 18.41 -16.64
N LYS F 52 -61.36 18.02 -16.24
CA LYS F 52 -61.85 18.19 -14.87
C LYS F 52 -62.00 16.84 -14.15
N ILE F 53 -61.86 15.75 -14.90
CA ILE F 53 -61.99 14.41 -14.36
C ILE F 53 -60.69 13.66 -14.64
N SER F 54 -60.18 12.94 -13.66
CA SER F 54 -58.91 12.28 -13.86
C SER F 54 -58.73 11.06 -12.99
N GLU F 55 -57.86 10.17 -13.43
CA GLU F 55 -57.50 9.00 -12.67
C GLU F 55 -56.52 9.48 -11.58
N LEU F 56 -56.60 8.91 -10.38
CA LEU F 56 -55.64 9.26 -9.31
C LEU F 56 -54.75 8.04 -9.07
N TYR F 57 -55.39 6.89 -8.83
CA TYR F 57 -54.69 5.63 -8.60
C TYR F 57 -55.51 4.47 -9.17
N ASP F 58 -55.09 3.23 -8.94
CA ASP F 58 -55.79 2.07 -9.51
C ASP F 58 -57.33 2.09 -9.42
N ARG F 59 -57.87 2.30 -8.22
CA ARG F 59 -59.33 2.29 -8.08
C ARG F 59 -59.84 3.64 -7.62
N VAL F 60 -59.01 4.66 -7.75
CA VAL F 60 -59.41 5.98 -7.28
C VAL F 60 -59.47 7.02 -8.35
N GLY F 61 -60.59 7.75 -8.39
CA GLY F 61 -60.82 8.80 -9.38
C GLY F 61 -60.96 10.16 -8.75
N PHE F 62 -60.81 11.17 -9.58
CA PHE F 62 -60.84 12.57 -9.15
C PHE F 62 -61.68 13.41 -10.13
N ALA F 63 -62.44 14.36 -9.56
CA ALA F 63 -63.25 15.28 -10.33
C ALA F 63 -63.24 16.59 -9.58
N ALA F 64 -63.21 17.70 -10.29
CA ALA F 64 -63.22 19.00 -9.62
C ALA F 64 -63.99 20.08 -10.39
N ALA F 65 -64.34 21.14 -9.68
CA ALA F 65 -65.03 22.27 -10.28
C ALA F 65 -64.36 23.49 -9.71
N GLY F 66 -64.29 24.56 -10.49
CA GLY F 66 -63.65 25.76 -9.97
C GLY F 66 -62.62 26.28 -10.93
N LYS F 67 -61.59 26.95 -10.41
CA LYS F 67 -60.53 27.53 -11.23
C LYS F 67 -59.58 26.39 -11.67
N PHE F 68 -59.44 26.18 -12.98
CA PHE F 68 -58.62 25.09 -13.51
C PHE F 68 -57.18 25.02 -12.96
N ASN F 69 -56.41 26.11 -13.13
CA ASN F 69 -55.05 26.08 -12.67
C ASN F 69 -54.97 25.64 -11.21
N GLU F 70 -55.97 25.97 -10.41
CA GLU F 70 -55.92 25.56 -9.02
C GLU F 70 -56.27 24.07 -8.77
N PHE F 71 -57.33 23.55 -9.38
CA PHE F 71 -57.61 22.15 -9.13
C PHE F 71 -56.70 21.20 -9.93
N ASP F 72 -56.06 21.67 -10.99
CA ASP F 72 -55.16 20.81 -11.77
C ASP F 72 -53.93 20.67 -10.88
N ASN F 73 -53.62 21.74 -10.18
CA ASN F 73 -52.52 21.75 -9.23
C ASN F 73 -52.77 20.64 -8.23
N LEU F 74 -53.95 20.66 -7.64
CA LEU F 74 -54.34 19.65 -6.67
C LEU F 74 -54.39 18.25 -7.27
N ARG F 75 -54.77 18.13 -8.54
CA ARG F 75 -54.86 16.82 -9.18
C ARG F 75 -53.45 16.20 -9.22
N ARG F 76 -52.48 17.02 -9.67
CA ARG F 76 -51.10 16.61 -9.77
C ARG F 76 -50.56 16.22 -8.41
N GLY F 77 -50.80 17.08 -7.41
CA GLY F 77 -50.36 16.79 -6.06
C GLY F 77 -50.92 15.45 -5.56
N GLY F 78 -52.15 15.15 -5.96
CA GLY F 78 -52.79 13.92 -5.53
C GLY F 78 -52.14 12.70 -6.16
N ILE F 79 -51.84 12.81 -7.45
CA ILE F 79 -51.21 11.73 -8.17
C ILE F 79 -49.81 11.49 -7.57
N GLN F 80 -49.14 12.58 -7.22
CA GLN F 80 -47.83 12.54 -6.59
C GLN F 80 -47.92 11.77 -5.26
N PHE F 81 -48.90 12.14 -4.44
CA PHE F 81 -49.06 11.51 -3.15
C PHE F 81 -49.35 10.03 -3.30
N ALA F 82 -50.29 9.69 -4.16
CA ALA F 82 -50.65 8.30 -4.33
C ALA F 82 -49.53 7.41 -4.86
N ASP F 83 -48.82 7.87 -5.89
CA ASP F 83 -47.75 7.09 -6.45
C ASP F 83 -46.63 6.88 -5.42
N THR F 84 -46.34 7.92 -4.64
CA THR F 84 -45.32 7.84 -3.62
C THR F 84 -45.72 6.85 -2.53
N ARG F 85 -46.98 6.89 -2.13
CA ARG F 85 -47.47 5.99 -1.10
C ARG F 85 -47.45 4.54 -1.55
N GLY F 86 -47.90 4.31 -2.77
CA GLY F 86 -47.96 2.97 -3.30
C GLY F 86 -46.60 2.35 -3.45
N TYR F 87 -45.61 3.20 -3.74
CA TYR F 87 -44.24 2.73 -3.93
C TYR F 87 -43.57 2.47 -2.58
N ALA F 88 -43.79 3.36 -1.60
CA ALA F 88 -43.23 3.22 -0.27
C ALA F 88 -43.86 2.06 0.53
N TYR F 89 -45.10 1.69 0.24
CA TYR F 89 -45.77 0.56 0.91
C TYR F 89 -46.17 -0.41 -0.19
N ASP F 90 -47.45 -0.50 -0.51
CA ASP F 90 -47.87 -1.36 -1.63
C ASP F 90 -49.05 -0.67 -2.30
N ARG F 91 -49.30 -1.02 -3.57
CA ARG F 91 -50.39 -0.40 -4.31
C ARG F 91 -51.70 -0.50 -3.55
N ARG F 92 -51.97 -1.71 -3.03
CA ARG F 92 -53.21 -1.97 -2.33
C ARG F 92 -53.37 -1.22 -1.02
N ASP F 93 -52.35 -0.45 -0.66
CA ASP F 93 -52.42 0.32 0.56
C ASP F 93 -52.93 1.75 0.29
N VAL F 94 -53.00 2.15 -0.97
CA VAL F 94 -53.50 3.48 -1.32
C VAL F 94 -55.02 3.43 -1.37
N THR F 95 -55.70 4.39 -0.74
CA THR F 95 -57.17 4.37 -0.70
C THR F 95 -57.79 5.73 -0.94
N GLY F 96 -59.05 5.70 -1.39
CA GLY F 96 -59.77 6.94 -1.64
C GLY F 96 -59.87 7.79 -0.37
N ARG F 97 -60.11 7.13 0.76
CA ARG F 97 -60.20 7.82 2.05
C ARG F 97 -58.90 8.60 2.34
N GLN F 98 -57.75 7.96 2.06
CA GLN F 98 -56.44 8.62 2.30
C GLN F 98 -56.29 9.82 1.42
N LEU F 99 -56.63 9.70 0.13
CA LEU F 99 -56.55 10.84 -0.79
C LEU F 99 -57.44 12.02 -0.34
N ALA F 100 -58.71 11.73 0.01
CA ALA F 100 -59.66 12.76 0.46
C ALA F 100 -59.09 13.47 1.71
N ASN F 101 -58.62 12.65 2.64
CA ASN F 101 -58.00 13.13 3.87
C ASN F 101 -56.86 14.13 3.54
N VAL F 102 -55.99 13.75 2.60
CA VAL F 102 -54.87 14.61 2.19
C VAL F 102 -55.35 15.89 1.54
N TYR F 103 -56.41 15.80 0.75
CA TYR F 103 -56.93 17.01 0.09
C TYR F 103 -57.54 17.92 1.18
N ALA F 104 -58.23 17.32 2.13
CA ALA F 104 -58.84 18.11 3.18
C ALA F 104 -57.77 18.91 3.89
N GLN F 105 -56.70 18.24 4.23
CA GLN F 105 -55.61 18.90 4.93
C GLN F 105 -54.92 19.97 4.10
N THR F 106 -54.77 19.72 2.80
CA THR F 106 -54.12 20.68 1.92
C THR F 106 -54.97 21.94 1.69
N LEU F 107 -56.25 21.74 1.37
CA LEU F 107 -57.14 22.88 1.15
C LEU F 107 -57.27 23.68 2.47
N GLY F 108 -57.35 22.95 3.58
CA GLY F 108 -57.45 23.60 4.87
C GLY F 108 -56.27 24.53 5.07
N THR F 109 -55.06 24.05 4.75
CA THR F 109 -53.89 24.89 4.89
C THR F 109 -53.89 26.06 3.89
N ILE F 110 -54.29 25.82 2.64
CA ILE F 110 -54.32 26.89 1.65
C ILE F 110 -55.31 27.98 2.12
N PHE F 111 -56.50 27.54 2.48
CA PHE F 111 -57.54 28.44 2.92
C PHE F 111 -57.11 29.36 4.05
N THR F 112 -56.26 28.83 4.92
CA THR F 112 -55.78 29.55 6.09
C THR F 112 -54.47 30.31 5.90
N GLU F 113 -53.54 29.74 5.16
CA GLU F 113 -52.23 30.34 5.00
C GLU F 113 -51.91 31.13 3.76
N GLN F 114 -52.67 30.95 2.68
CA GLN F 114 -52.33 31.72 1.50
C GLN F 114 -53.21 32.95 1.34
N ALA F 115 -52.63 34.00 0.76
CA ALA F 115 -53.35 35.24 0.55
C ALA F 115 -54.73 34.94 -0.03
N LYS F 116 -54.80 34.07 -1.02
CA LYS F 116 -56.08 33.74 -1.60
C LYS F 116 -56.45 32.30 -1.38
N PRO F 117 -57.71 32.02 -1.11
CA PRO F 117 -58.09 30.61 -0.92
C PRO F 117 -58.30 30.03 -2.33
N TYR F 118 -58.32 28.71 -2.44
CA TYR F 118 -58.51 28.06 -3.73
C TYR F 118 -60.01 28.03 -4.05
N GLU F 119 -60.35 28.48 -5.25
CA GLU F 119 -61.74 28.49 -5.70
C GLU F 119 -61.98 27.15 -6.32
N VAL F 120 -62.11 26.11 -5.50
CA VAL F 120 -62.31 24.77 -6.04
C VAL F 120 -63.13 23.92 -5.13
N GLU F 121 -63.64 22.82 -5.66
CA GLU F 121 -64.42 21.87 -4.88
C GLU F 121 -64.01 20.56 -5.51
N LEU F 122 -63.63 19.61 -4.67
CA LEU F 122 -63.14 18.32 -5.19
C LEU F 122 -63.95 17.12 -4.80
N CYS F 123 -63.89 16.10 -5.65
CA CYS F 123 -64.55 14.84 -5.37
C CYS F 123 -63.57 13.70 -5.60
N VAL F 124 -63.40 12.85 -4.60
CA VAL F 124 -62.53 11.70 -4.74
C VAL F 124 -63.44 10.50 -4.63
N ALA F 125 -63.33 9.57 -5.56
CA ALA F 125 -64.15 8.36 -5.55
C ALA F 125 -63.30 7.11 -5.66
N GLU F 126 -63.81 6.03 -5.06
CA GLU F 126 -63.12 4.76 -5.07
C GLU F 126 -64.10 3.64 -5.26
N VAL F 127 -63.74 2.66 -6.06
CA VAL F 127 -64.59 1.51 -6.31
C VAL F 127 -63.81 0.30 -5.80
N ALA F 128 -64.49 -0.83 -5.68
CA ALA F 128 -63.87 -2.04 -5.19
C ALA F 128 -62.77 -2.56 -6.09
N HIS F 129 -61.92 -3.40 -5.50
CA HIS F 129 -60.84 -4.03 -6.25
C HIS F 129 -61.46 -5.15 -7.09
N TYR F 130 -60.82 -5.52 -8.18
CA TYR F 130 -61.36 -6.53 -9.06
C TYR F 130 -61.88 -7.77 -8.33
N GLY F 131 -63.06 -8.24 -8.73
CA GLY F 131 -63.66 -9.41 -8.13
C GLY F 131 -63.96 -9.30 -6.64
N GLU F 132 -63.94 -8.07 -6.13
CA GLU F 132 -64.20 -7.81 -4.72
C GLU F 132 -65.59 -7.18 -4.67
N THR F 133 -66.18 -7.12 -3.47
CA THR F 133 -67.50 -6.50 -3.35
C THR F 133 -67.44 -5.46 -2.27
N LYS F 134 -67.77 -4.23 -2.63
CA LYS F 134 -67.74 -3.11 -1.70
C LYS F 134 -68.47 -1.96 -2.39
N ARG F 135 -69.22 -1.21 -1.61
CA ARG F 135 -69.97 -0.09 -2.14
C ARG F 135 -69.03 1.03 -2.50
N PRO F 136 -69.20 1.64 -3.69
CA PRO F 136 -68.33 2.74 -4.09
C PRO F 136 -68.32 3.75 -2.96
N GLU F 137 -67.28 4.57 -2.91
CA GLU F 137 -67.18 5.59 -1.88
C GLU F 137 -66.99 6.90 -2.61
N LEU F 138 -67.60 7.96 -2.10
CA LEU F 138 -67.48 9.25 -2.74
C LEU F 138 -67.22 10.25 -1.64
N TYR F 139 -66.27 11.14 -1.86
CA TYR F 139 -65.96 12.13 -0.86
C TYR F 139 -65.97 13.46 -1.54
N ARG F 140 -66.38 14.50 -0.81
CA ARG F 140 -66.37 15.84 -1.33
C ARG F 140 -65.48 16.63 -0.38
N ILE F 141 -64.54 17.37 -0.94
CA ILE F 141 -63.68 18.20 -0.12
C ILE F 141 -63.92 19.62 -0.60
N THR F 142 -64.15 20.54 0.32
CA THR F 142 -64.44 21.91 -0.09
C THR F 142 -63.27 22.84 0.14
N TYR F 143 -63.39 24.03 -0.43
CA TYR F 143 -62.33 25.01 -0.39
C TYR F 143 -61.72 25.30 0.96
N ASP F 144 -62.39 24.92 2.03
CA ASP F 144 -61.83 25.21 3.35
C ASP F 144 -61.30 23.98 4.06
N GLY F 145 -61.32 22.84 3.39
CA GLY F 145 -60.81 21.62 4.00
C GLY F 145 -61.88 20.73 4.59
N SER F 146 -63.14 21.15 4.48
CA SER F 146 -64.21 20.33 5.02
C SER F 146 -64.34 19.13 4.11
N ILE F 147 -64.71 18.01 4.70
CA ILE F 147 -64.80 16.80 3.94
C ILE F 147 -66.08 16.12 4.28
N ALA F 148 -66.73 15.51 3.30
CA ALA F 148 -67.98 14.83 3.55
C ALA F 148 -68.06 13.52 2.82
N ASP F 149 -68.61 12.53 3.50
CA ASP F 149 -68.78 11.19 2.96
C ASP F 149 -70.17 11.10 2.32
N GLU F 150 -70.23 11.11 0.99
CA GLU F 150 -71.52 11.00 0.28
C GLU F 150 -71.76 9.55 -0.14
N PRO F 151 -72.98 9.02 0.10
CA PRO F 151 -73.26 7.63 -0.27
C PRO F 151 -73.75 7.34 -1.68
N HIS F 152 -74.36 8.31 -2.33
CA HIS F 152 -74.92 8.07 -3.66
C HIS F 152 -74.38 8.93 -4.78
N PHE F 153 -74.24 10.22 -4.53
CA PHE F 153 -73.75 11.09 -5.57
C PHE F 153 -73.19 12.38 -4.98
N VAL F 154 -72.46 13.11 -5.79
CA VAL F 154 -71.88 14.38 -5.36
C VAL F 154 -72.08 15.36 -6.51
N VAL F 155 -72.33 16.62 -6.17
CA VAL F 155 -72.53 17.66 -7.16
C VAL F 155 -71.66 18.84 -6.78
N MET F 156 -70.93 19.39 -7.74
CA MET F 156 -70.05 20.51 -7.43
C MET F 156 -70.01 21.50 -8.58
N GLY F 157 -69.80 22.76 -8.25
CA GLY F 157 -69.70 23.79 -9.27
C GLY F 157 -71.03 24.44 -9.66
N GLY F 158 -70.97 25.74 -9.97
CA GLY F 158 -72.16 26.49 -10.36
C GLY F 158 -73.29 26.45 -9.36
N THR F 159 -74.52 26.31 -9.87
CA THR F 159 -75.70 26.24 -9.03
C THR F 159 -76.02 24.76 -8.87
N THR F 160 -75.73 24.26 -7.68
CA THR F 160 -75.90 22.86 -7.37
C THR F 160 -77.32 22.46 -6.99
N GLU F 161 -77.99 23.31 -6.23
CA GLU F 161 -79.37 23.06 -5.76
C GLU F 161 -80.23 22.33 -6.80
N PRO F 162 -80.43 22.93 -7.97
CA PRO F 162 -81.24 22.34 -9.05
C PRO F 162 -80.79 20.94 -9.43
N ILE F 163 -79.49 20.79 -9.66
CA ILE F 163 -78.89 19.51 -10.05
C ILE F 163 -78.98 18.49 -8.94
N ALA F 164 -78.80 18.96 -7.71
CA ALA F 164 -78.87 18.11 -6.53
C ALA F 164 -80.26 17.46 -6.45
N ASN F 165 -81.29 18.31 -6.37
CA ASN F 165 -82.66 17.83 -6.28
C ASN F 165 -83.02 16.94 -7.45
N ALA F 166 -82.69 17.40 -8.66
CA ALA F 166 -82.96 16.62 -9.87
C ALA F 166 -82.44 15.17 -9.72
N LEU F 167 -81.33 15.00 -9.02
CA LEU F 167 -80.77 13.68 -8.79
C LEU F 167 -81.45 13.01 -7.61
N LYS F 168 -81.77 13.79 -6.58
CA LYS F 168 -82.34 13.19 -5.39
C LYS F 168 -83.55 12.42 -5.87
N GLU F 169 -84.14 12.90 -6.95
CA GLU F 169 -85.38 12.31 -7.46
C GLU F 169 -85.20 11.21 -8.53
N SER F 170 -84.40 11.51 -9.55
CA SER F 170 -84.01 10.55 -10.55
C SER F 170 -83.10 9.45 -10.04
N TYR F 171 -82.17 9.78 -9.13
CA TYR F 171 -81.17 8.82 -8.76
C TYR F 171 -81.73 7.51 -8.29
N ALA F 172 -81.18 6.45 -8.87
CA ALA F 172 -81.54 5.09 -8.52
C ALA F 172 -80.27 4.27 -8.29
N GLU F 173 -80.24 3.50 -7.19
CA GLU F 173 -79.12 2.66 -6.87
C GLU F 173 -79.08 1.51 -7.87
N ASN F 174 -77.88 1.10 -8.27
CA ASN F 174 -77.71 0.00 -9.21
C ASN F 174 -78.11 0.27 -10.64
N ALA F 175 -78.32 1.54 -10.97
CA ALA F 175 -78.70 1.87 -12.32
C ALA F 175 -77.62 1.34 -13.25
N SER F 176 -77.98 0.95 -14.47
CA SER F 176 -76.95 0.47 -15.39
C SER F 176 -76.15 1.70 -15.83
N LEU F 177 -75.11 1.49 -16.63
CA LEU F 177 -74.33 2.64 -17.08
C LEU F 177 -75.19 3.64 -17.87
N THR F 178 -75.94 3.15 -18.86
CA THR F 178 -76.77 4.02 -19.68
C THR F 178 -77.82 4.77 -18.87
N ASP F 179 -78.49 4.08 -17.96
CA ASP F 179 -79.49 4.73 -17.11
C ASP F 179 -78.84 5.83 -16.25
N ALA F 180 -77.67 5.50 -15.69
CA ALA F 180 -76.96 6.42 -14.84
C ALA F 180 -76.52 7.63 -15.65
N LEU F 181 -76.00 7.39 -16.85
CA LEU F 181 -75.54 8.49 -17.71
C LEU F 181 -76.68 9.47 -17.96
N ARG F 182 -77.80 8.94 -18.47
CA ARG F 182 -78.99 9.74 -18.74
C ARG F 182 -79.41 10.55 -17.50
N ILE F 183 -79.68 9.85 -16.39
CA ILE F 183 -80.08 10.49 -15.13
C ILE F 183 -79.17 11.66 -14.84
N ALA F 184 -77.86 11.43 -15.04
CA ALA F 184 -76.84 12.44 -14.76
C ALA F 184 -76.87 13.63 -15.72
N VAL F 185 -76.90 13.33 -17.02
CA VAL F 185 -76.91 14.37 -18.04
C VAL F 185 -78.13 15.29 -17.93
N ALA F 186 -79.28 14.71 -17.61
CA ALA F 186 -80.50 15.49 -17.44
C ALA F 186 -80.37 16.44 -16.27
N ALA F 187 -80.07 15.88 -15.10
CA ALA F 187 -79.90 16.67 -13.89
C ALA F 187 -78.93 17.80 -14.18
N LEU F 188 -77.75 17.44 -14.67
CA LEU F 188 -76.75 18.41 -15.05
C LEU F 188 -77.39 19.46 -15.95
N ARG F 189 -78.02 18.99 -17.01
CA ARG F 189 -78.70 19.85 -17.98
C ARG F 189 -79.61 20.86 -17.28
N ALA F 190 -80.22 20.43 -16.19
CA ALA F 190 -81.09 21.29 -15.42
C ALA F 190 -80.41 22.58 -15.02
N GLY F 191 -79.10 22.52 -14.81
CA GLY F 191 -78.33 23.69 -14.41
C GLY F 191 -78.23 24.71 -15.52
N SER F 192 -77.11 24.71 -16.23
CA SER F 192 -76.91 25.61 -17.36
C SER F 192 -76.69 27.06 -16.91
N LEU F 203 -75.07 18.91 -22.62
CA LEU F 203 -75.50 18.65 -23.99
C LEU F 203 -74.90 17.38 -24.60
N GLY F 204 -74.30 17.57 -25.76
CA GLY F 204 -73.68 16.49 -26.53
C GLY F 204 -72.27 16.09 -26.16
N VAL F 205 -71.72 15.18 -26.95
CA VAL F 205 -70.40 14.65 -26.75
C VAL F 205 -69.36 15.78 -26.79
N ALA F 206 -69.58 16.74 -27.67
CA ALA F 206 -68.67 17.87 -27.80
C ALA F 206 -68.59 18.67 -26.51
N SER F 207 -69.73 18.82 -25.83
CA SER F 207 -69.80 19.60 -24.59
C SER F 207 -69.67 18.85 -23.25
N LEU F 208 -69.43 17.55 -23.27
CA LEU F 208 -69.33 16.79 -22.03
C LEU F 208 -68.02 16.04 -21.82
N GLU F 209 -67.64 15.84 -20.56
CA GLU F 209 -66.45 15.07 -20.21
C GLU F 209 -67.03 13.91 -19.43
N VAL F 210 -66.83 12.70 -19.92
CA VAL F 210 -67.38 11.52 -19.25
C VAL F 210 -66.34 10.42 -19.00
N ALA F 211 -66.40 9.84 -17.81
CA ALA F 211 -65.48 8.75 -17.44
C ALA F 211 -66.04 7.94 -16.30
N VAL F 212 -65.56 6.71 -16.18
CA VAL F 212 -66.01 5.85 -15.12
C VAL F 212 -64.86 5.18 -14.38
N LEU F 213 -65.15 4.74 -13.17
CA LEU F 213 -64.22 3.93 -12.43
C LEU F 213 -64.93 2.60 -12.61
N ASP F 214 -64.29 1.67 -13.31
CA ASP F 214 -64.93 0.42 -13.63
C ASP F 214 -64.44 -0.71 -12.73
N ALA F 215 -65.38 -1.24 -11.95
CA ALA F 215 -65.11 -2.32 -11.01
C ALA F 215 -64.67 -3.58 -11.74
N ASN F 216 -65.22 -3.80 -12.92
CA ASN F 216 -64.90 -4.97 -13.72
C ASN F 216 -63.43 -5.05 -14.16
N ARG F 217 -62.81 -3.92 -14.46
CA ARG F 217 -61.42 -3.90 -14.88
C ARG F 217 -60.53 -4.50 -13.78
N PRO F 218 -59.57 -5.32 -14.18
CA PRO F 218 -58.69 -6.00 -13.22
C PRO F 218 -57.79 -5.09 -12.36
N ARG F 219 -57.13 -4.09 -12.94
CA ARG F 219 -56.31 -3.19 -12.12
C ARG F 219 -56.66 -1.72 -12.22
N ARG F 220 -56.59 -1.15 -13.41
CA ARG F 220 -56.89 0.27 -13.55
C ARG F 220 -58.34 0.49 -13.94
N ALA F 221 -59.11 0.93 -12.96
CA ALA F 221 -60.53 1.22 -13.12
C ALA F 221 -60.90 2.40 -14.02
N PHE F 222 -60.11 3.48 -13.96
CA PHE F 222 -60.45 4.69 -14.69
C PHE F 222 -60.51 4.45 -16.18
N ARG F 223 -61.60 4.91 -16.79
CA ARG F 223 -61.86 4.73 -18.21
C ARG F 223 -62.68 5.91 -18.75
N ARG F 224 -62.17 6.58 -19.78
CA ARG F 224 -62.87 7.70 -20.39
C ARG F 224 -63.86 7.20 -21.44
N ILE F 225 -65.04 7.81 -21.48
CA ILE F 225 -66.05 7.44 -22.47
C ILE F 225 -66.25 8.65 -23.37
N THR F 226 -65.75 8.54 -24.60
CA THR F 226 -65.83 9.67 -25.53
C THR F 226 -66.23 9.34 -26.97
N GLY F 227 -66.39 10.40 -27.75
CA GLY F 227 -66.74 10.29 -29.15
C GLY F 227 -67.94 9.43 -29.44
N SER F 228 -67.83 8.62 -30.50
CA SER F 228 -68.90 7.73 -30.92
C SER F 228 -69.38 6.85 -29.76
N ALA F 229 -68.43 6.26 -29.03
CA ALA F 229 -68.75 5.40 -27.89
C ALA F 229 -69.67 6.15 -26.91
N LEU F 230 -69.33 7.39 -26.59
CA LEU F 230 -70.14 8.19 -25.68
C LEU F 230 -71.48 8.45 -26.35
N GLN F 231 -71.43 8.76 -27.64
CA GLN F 231 -72.63 9.03 -28.43
C GLN F 231 -73.66 7.93 -28.19
N ALA F 232 -73.22 6.71 -28.48
CA ALA F 232 -74.03 5.53 -28.31
C ALA F 232 -74.72 5.45 -26.96
N LEU F 233 -74.04 5.89 -25.90
CA LEU F 233 -74.64 5.82 -24.59
C LEU F 233 -75.74 6.87 -24.45
N LEU F 234 -75.86 7.69 -25.49
CA LEU F 234 -76.84 8.75 -25.48
C LEU F 234 -77.94 8.53 -26.54
N THR G 1 -27.79 -15.63 -14.72
CA THR G 1 -29.07 -15.05 -15.25
C THR G 1 -28.99 -14.92 -16.74
N THR G 2 -30.12 -15.13 -17.42
CA THR G 2 -30.14 -14.84 -18.85
C THR G 2 -31.51 -14.35 -19.19
N ILE G 3 -31.54 -13.21 -19.84
CA ILE G 3 -32.79 -12.65 -20.32
C ILE G 3 -32.62 -12.44 -21.82
N VAL G 4 -33.59 -12.90 -22.62
CA VAL G 4 -33.50 -12.71 -24.08
C VAL G 4 -34.72 -11.97 -24.60
N ALA G 5 -34.54 -11.30 -25.73
CA ALA G 5 -35.64 -10.60 -26.36
C ALA G 5 -35.41 -10.71 -27.86
N LEU G 6 -36.49 -10.93 -28.61
CA LEU G 6 -36.38 -11.00 -30.06
C LEU G 6 -37.65 -10.50 -30.75
N LYS G 7 -37.48 -9.93 -31.95
CA LYS G 7 -38.59 -9.37 -32.71
C LYS G 7 -39.13 -10.42 -33.67
N TYR G 8 -40.44 -10.44 -33.84
CA TYR G 8 -41.00 -11.37 -34.81
C TYR G 8 -41.98 -10.47 -35.59
N PRO G 9 -42.47 -10.93 -36.76
CA PRO G 9 -43.42 -10.12 -37.56
C PRO G 9 -44.66 -9.72 -36.75
N GLY G 10 -44.79 -8.43 -36.47
CA GLY G 10 -45.94 -8.00 -35.69
C GLY G 10 -45.72 -7.85 -34.19
N GLY G 11 -44.55 -8.18 -33.66
CA GLY G 11 -44.37 -8.02 -32.23
C GLY G 11 -43.01 -8.32 -31.67
N VAL G 12 -42.97 -8.56 -30.38
CA VAL G 12 -41.73 -8.85 -29.73
C VAL G 12 -41.99 -9.80 -28.57
N VAL G 13 -40.99 -10.63 -28.26
CA VAL G 13 -41.10 -11.53 -27.14
C VAL G 13 -39.86 -11.37 -26.25
N MET G 14 -40.05 -11.43 -24.94
CA MET G 14 -38.97 -11.35 -23.98
C MET G 14 -39.15 -12.51 -22.99
N ALA G 15 -38.07 -13.25 -22.71
CA ALA G 15 -38.13 -14.37 -21.79
C ALA G 15 -36.93 -14.39 -20.86
N GLY G 16 -37.13 -14.86 -19.63
CA GLY G 16 -36.05 -14.93 -18.67
C GLY G 16 -35.99 -16.23 -17.89
N ASP G 17 -34.80 -16.62 -17.41
CA ASP G 17 -34.65 -17.84 -16.60
C ASP G 17 -35.15 -17.57 -15.16
N ARG G 18 -35.18 -18.61 -14.32
CA ARG G 18 -35.69 -18.50 -12.95
C ARG G 18 -34.68 -18.69 -11.82
N ARG G 19 -33.40 -18.71 -12.12
CA ARG G 19 -32.41 -18.94 -11.10
C ARG G 19 -31.85 -17.75 -10.39
N SER G 20 -31.63 -17.90 -9.08
CA SER G 20 -30.92 -16.87 -8.35
C SER G 20 -29.80 -17.64 -7.64
N THR G 21 -28.62 -17.04 -7.51
CA THR G 21 -27.52 -17.74 -6.83
C THR G 21 -26.82 -16.80 -5.84
N GLN G 22 -25.98 -17.38 -5.00
CA GLN G 22 -25.15 -16.66 -4.01
C GLN G 22 -23.87 -17.46 -4.12
N GLY G 23 -22.92 -16.94 -4.89
CA GLY G 23 -21.67 -17.64 -5.13
C GLY G 23 -22.08 -18.87 -5.93
N ASN G 24 -21.59 -20.04 -5.54
CA ASN G 24 -21.90 -21.28 -6.23
C ASN G 24 -23.26 -21.85 -5.85
N MET G 25 -23.84 -21.37 -4.76
CA MET G 25 -25.10 -21.91 -4.27
C MET G 25 -26.33 -21.45 -5.00
N ILE G 26 -27.22 -22.39 -5.28
CA ILE G 26 -28.48 -22.07 -5.94
C ILE G 26 -29.37 -21.60 -4.79
N SER G 27 -29.73 -20.33 -4.78
CA SER G 27 -30.53 -19.80 -3.70
C SER G 27 -32.02 -19.58 -4.08
N GLY G 28 -32.36 -19.64 -5.37
CA GLY G 28 -33.76 -19.48 -5.77
C GLY G 28 -34.03 -20.24 -7.06
N ARG G 29 -35.24 -20.76 -7.22
CA ARG G 29 -35.58 -21.51 -8.43
C ARG G 29 -36.82 -20.99 -9.12
N ASP G 30 -37.43 -19.95 -8.60
CA ASP G 30 -38.65 -19.48 -9.23
C ASP G 30 -38.71 -17.99 -9.36
N VAL G 31 -37.56 -17.33 -9.36
CA VAL G 31 -37.52 -15.89 -9.49
C VAL G 31 -38.11 -15.49 -10.85
N ARG G 32 -38.84 -14.37 -10.87
CA ARG G 32 -39.40 -13.87 -12.10
C ARG G 32 -38.57 -12.64 -12.46
N LYS G 33 -38.01 -12.62 -13.66
CA LYS G 33 -37.10 -11.53 -14.05
C LYS G 33 -37.60 -10.64 -15.16
N VAL G 34 -38.77 -10.96 -15.70
CA VAL G 34 -39.37 -10.21 -16.79
C VAL G 34 -40.68 -9.65 -16.33
N TYR G 35 -40.81 -8.33 -16.38
CA TYR G 35 -42.01 -7.65 -15.94
C TYR G 35 -42.73 -6.86 -17.03
N ILE G 36 -44.06 -6.86 -17.00
CA ILE G 36 -44.80 -6.03 -17.95
C ILE G 36 -44.75 -4.66 -17.27
N THR G 37 -44.14 -3.66 -17.91
CA THR G 37 -44.02 -2.39 -17.23
C THR G 37 -45.13 -1.39 -17.60
N ASP G 38 -45.77 -1.59 -18.75
CA ASP G 38 -46.94 -0.79 -19.12
C ASP G 38 -47.64 -1.61 -20.20
N ASP G 39 -48.73 -1.11 -20.78
CA ASP G 39 -49.44 -1.91 -21.78
C ASP G 39 -48.65 -2.38 -22.99
N TYR G 40 -47.56 -1.67 -23.30
CA TYR G 40 -46.78 -2.00 -24.48
C TYR G 40 -45.30 -2.23 -24.26
N THR G 41 -44.92 -2.46 -23.02
CA THR G 41 -43.50 -2.65 -22.78
C THR G 41 -43.22 -3.67 -21.66
N ALA G 42 -42.08 -4.32 -21.78
CA ALA G 42 -41.65 -5.27 -20.76
C ALA G 42 -40.18 -4.97 -20.48
N THR G 43 -39.80 -5.19 -19.23
CA THR G 43 -38.44 -5.00 -18.81
C THR G 43 -37.91 -6.29 -18.17
N GLY G 44 -36.70 -6.67 -18.55
CA GLY G 44 -36.05 -7.85 -18.01
C GLY G 44 -34.76 -7.34 -17.36
N ILE G 45 -34.43 -7.76 -16.13
CA ILE G 45 -33.23 -7.24 -15.52
C ILE G 45 -32.26 -8.26 -15.01
N ALA G 46 -30.98 -7.96 -15.15
CA ALA G 46 -29.90 -8.85 -14.74
C ALA G 46 -29.01 -8.12 -13.76
N GLY G 47 -28.18 -8.85 -13.00
CA GLY G 47 -27.32 -8.18 -12.05
C GLY G 47 -27.79 -8.39 -10.60
N THR G 48 -27.52 -7.42 -9.75
CA THR G 48 -27.87 -7.44 -8.34
C THR G 48 -29.39 -7.49 -8.15
N ALA G 49 -29.90 -8.57 -7.61
CA ALA G 49 -31.36 -8.72 -7.48
C ALA G 49 -32.12 -7.54 -6.83
N ALA G 50 -31.61 -6.98 -5.73
CA ALA G 50 -32.35 -5.90 -5.08
C ALA G 50 -32.55 -4.69 -6.02
N VAL G 51 -31.48 -4.30 -6.69
CA VAL G 51 -31.50 -3.17 -7.59
C VAL G 51 -32.38 -3.49 -8.80
N ALA G 52 -32.21 -4.68 -9.35
CA ALA G 52 -32.98 -5.08 -10.51
C ALA G 52 -34.50 -4.98 -10.22
N VAL G 53 -34.93 -5.50 -9.07
CA VAL G 53 -36.36 -5.44 -8.73
C VAL G 53 -36.84 -4.00 -8.52
N GLU G 54 -36.03 -3.18 -7.86
CA GLU G 54 -36.42 -1.79 -7.63
C GLU G 54 -36.55 -1.05 -9.00
N PHE G 55 -35.63 -1.33 -9.91
CA PHE G 55 -35.70 -0.70 -11.22
C PHE G 55 -37.03 -0.98 -11.88
N ALA G 56 -37.40 -2.25 -11.92
CA ALA G 56 -38.61 -2.67 -12.59
C ALA G 56 -39.86 -2.06 -11.98
N ARG G 57 -39.90 -2.01 -10.66
CA ARG G 57 -41.00 -1.45 -9.93
C ARG G 57 -41.11 0.09 -10.02
N LEU G 58 -40.00 0.77 -9.83
CA LEU G 58 -39.94 2.21 -9.95
C LEU G 58 -40.23 2.71 -11.35
N TYR G 59 -39.72 1.99 -12.35
CA TYR G 59 -39.93 2.31 -13.76
C TYR G 59 -41.40 2.18 -14.18
N ALA G 60 -42.10 1.16 -13.70
CA ALA G 60 -43.50 1.01 -14.04
C ALA G 60 -44.31 2.14 -13.41
N VAL G 61 -43.95 2.50 -12.20
CA VAL G 61 -44.61 3.61 -11.55
C VAL G 61 -44.37 4.92 -12.35
N GLU G 62 -43.13 5.17 -12.73
CA GLU G 62 -42.81 6.40 -13.45
C GLU G 62 -43.57 6.53 -14.78
N LEU G 63 -43.67 5.43 -15.53
CA LEU G 63 -44.40 5.48 -16.80
C LEU G 63 -45.87 5.83 -16.57
N GLU G 64 -46.51 5.16 -15.60
CA GLU G 64 -47.92 5.41 -15.34
C GLU G 64 -48.16 6.80 -14.72
N HIS G 65 -47.15 7.26 -13.99
CA HIS G 65 -47.21 8.55 -13.35
C HIS G 65 -47.33 9.63 -14.44
N TYR G 66 -46.47 9.52 -15.45
CA TYR G 66 -46.48 10.46 -16.55
C TYR G 66 -47.84 10.43 -17.23
N GLU G 67 -48.31 9.23 -17.53
CA GLU G 67 -49.59 9.05 -18.19
C GLU G 67 -50.76 9.71 -17.43
N LYS G 68 -50.79 9.59 -16.11
CA LYS G 68 -51.87 10.16 -15.36
C LYS G 68 -51.75 11.67 -15.28
N LEU G 69 -50.53 12.16 -15.16
CA LEU G 69 -50.33 13.60 -15.11
C LEU G 69 -50.60 14.29 -16.44
N GLU G 70 -50.09 13.73 -17.54
CA GLU G 70 -50.22 14.35 -18.84
C GLU G 70 -51.34 13.87 -19.73
N GLY G 71 -52.07 12.83 -19.32
CA GLY G 71 -53.17 12.35 -20.12
C GLY G 71 -52.82 11.44 -21.26
N VAL G 72 -51.53 11.25 -21.52
CA VAL G 72 -51.13 10.42 -22.63
C VAL G 72 -49.82 9.72 -22.23
N PRO G 73 -49.57 8.51 -22.76
CA PRO G 73 -48.32 7.86 -22.37
C PRO G 73 -47.11 8.51 -23.03
N LEU G 74 -45.92 8.27 -22.49
CA LEU G 74 -44.70 8.79 -23.09
C LEU G 74 -44.49 8.12 -24.44
N THR G 75 -43.81 8.82 -25.36
CA THR G 75 -43.48 8.23 -26.66
C THR G 75 -42.45 7.14 -26.31
N PHE G 76 -42.22 6.20 -27.21
CA PHE G 76 -41.29 5.14 -26.91
C PHE G 76 -39.91 5.72 -26.62
N ALA G 77 -39.54 6.75 -27.35
CA ALA G 77 -38.22 7.37 -27.12
C ALA G 77 -38.16 7.93 -25.71
N GLY G 78 -39.26 8.52 -25.25
CA GLY G 78 -39.31 9.04 -23.88
C GLY G 78 -39.16 7.92 -22.84
N LYS G 79 -39.77 6.77 -23.13
CA LYS G 79 -39.69 5.62 -22.24
C LYS G 79 -38.24 5.16 -22.13
N ILE G 80 -37.53 5.14 -23.26
CA ILE G 80 -36.14 4.74 -23.28
C ILE G 80 -35.28 5.68 -22.46
N ASN G 81 -35.53 6.98 -22.61
CA ASN G 81 -34.75 7.99 -21.92
C ASN G 81 -34.90 7.90 -20.41
N ARG G 82 -36.13 7.69 -19.94
CA ARG G 82 -36.39 7.57 -18.52
C ARG G 82 -35.70 6.34 -17.92
N LEU G 83 -35.70 5.22 -18.64
CA LEU G 83 -34.99 4.04 -18.16
C LEU G 83 -33.49 4.29 -18.10
N ALA G 84 -32.96 4.95 -19.13
CA ALA G 84 -31.53 5.27 -19.18
C ALA G 84 -31.10 6.18 -18.01
N ILE G 85 -31.91 7.16 -17.71
CA ILE G 85 -31.60 8.07 -16.63
C ILE G 85 -31.61 7.33 -15.31
N MET G 86 -32.57 6.42 -15.13
CA MET G 86 -32.63 5.61 -13.91
C MET G 86 -31.34 4.77 -13.79
N VAL G 87 -30.91 4.13 -14.87
CA VAL G 87 -29.68 3.34 -14.83
C VAL G 87 -28.47 4.20 -14.51
N ARG G 88 -28.38 5.34 -15.16
CA ARG G 88 -27.27 6.27 -14.91
C ARG G 88 -27.24 6.67 -13.41
N GLY G 89 -28.42 6.90 -12.83
CA GLY G 89 -28.49 7.26 -11.42
C GLY G 89 -27.90 6.25 -10.47
N ASN G 90 -27.75 5.01 -10.93
CA ASN G 90 -27.22 3.94 -10.11
C ASN G 90 -25.75 3.66 -10.36
N LEU G 91 -25.10 4.49 -11.16
CA LEU G 91 -23.70 4.27 -11.52
C LEU G 91 -22.70 4.19 -10.37
N ALA G 92 -22.79 5.12 -9.42
CA ALA G 92 -21.90 5.12 -8.27
C ALA G 92 -22.06 3.78 -7.53
N ALA G 93 -23.30 3.46 -7.18
CA ALA G 93 -23.61 2.21 -6.53
C ALA G 93 -23.09 1.03 -7.35
N ALA G 94 -23.27 1.10 -8.67
CA ALA G 94 -22.82 0.03 -9.56
C ALA G 94 -21.32 -0.22 -9.44
N MET G 95 -20.57 0.85 -9.37
CA MET G 95 -19.11 0.79 -9.23
C MET G 95 -18.72 0.11 -7.90
N GLN G 96 -19.64 0.07 -6.96
CA GLN G 96 -19.40 -0.55 -5.66
C GLN G 96 -19.94 -1.98 -5.57
N GLY G 97 -20.29 -2.52 -6.74
CA GLY G 97 -20.86 -3.86 -6.88
C GLY G 97 -22.38 -4.04 -6.88
N LEU G 98 -23.14 -2.97 -6.99
CA LEU G 98 -24.61 -3.04 -6.98
C LEU G 98 -25.16 -2.88 -8.38
N LEU G 99 -24.41 -3.37 -9.36
CA LEU G 99 -24.80 -3.21 -10.74
C LEU G 99 -26.01 -4.01 -11.23
N ALA G 100 -26.91 -3.31 -11.90
CA ALA G 100 -28.07 -3.90 -12.54
C ALA G 100 -28.23 -3.38 -13.98
N LEU G 101 -28.50 -4.26 -14.92
CA LEU G 101 -28.68 -3.86 -16.31
C LEU G 101 -30.02 -4.35 -16.89
N PRO G 102 -30.84 -3.41 -17.36
CA PRO G 102 -32.11 -3.82 -17.91
C PRO G 102 -32.06 -4.04 -19.42
N LEU G 103 -33.03 -4.82 -19.91
CA LEU G 103 -33.21 -5.06 -21.33
C LEU G 103 -34.67 -4.64 -21.51
N LEU G 104 -34.93 -3.77 -22.47
CA LEU G 104 -36.29 -3.27 -22.69
C LEU G 104 -36.88 -3.78 -24.01
N ALA G 105 -38.11 -4.28 -23.96
CA ALA G 105 -38.79 -4.74 -25.17
C ALA G 105 -40.14 -4.01 -25.23
N GLY G 106 -40.55 -3.62 -26.42
CA GLY G 106 -41.82 -2.94 -26.50
C GLY G 106 -42.39 -2.98 -27.88
N TYR G 107 -43.60 -2.46 -27.99
CA TYR G 107 -44.27 -2.38 -29.29
C TYR G 107 -44.62 -0.90 -29.39
N ASP G 108 -44.18 -0.25 -30.44
CA ASP G 108 -44.44 1.18 -30.59
C ASP G 108 -45.74 1.40 -31.35
N ILE G 109 -46.79 1.81 -30.66
CA ILE G 109 -48.09 2.04 -31.30
C ILE G 109 -48.02 3.15 -32.34
N HIS G 110 -47.09 4.09 -32.18
CA HIS G 110 -46.95 5.18 -33.14
C HIS G 110 -45.98 4.90 -34.30
N ALA G 111 -45.43 3.69 -34.39
CA ALA G 111 -44.52 3.41 -35.49
C ALA G 111 -45.32 3.38 -36.77
N SER G 112 -44.68 3.77 -37.87
CA SER G 112 -45.35 3.78 -39.16
C SER G 112 -45.72 2.36 -39.57
N ASP G 113 -44.75 1.46 -39.63
CA ASP G 113 -45.06 0.11 -40.05
C ASP G 113 -45.24 -0.89 -38.90
N PRO G 114 -46.49 -1.32 -38.66
CA PRO G 114 -46.93 -2.26 -37.63
C PRO G 114 -46.20 -3.59 -37.54
N GLN G 115 -45.85 -4.17 -38.68
CA GLN G 115 -45.15 -5.46 -38.67
C GLN G 115 -43.78 -5.36 -38.03
N SER G 116 -43.19 -4.17 -38.08
CA SER G 116 -41.89 -3.96 -37.49
C SER G 116 -41.88 -3.00 -36.29
N ALA G 117 -43.06 -2.69 -35.74
CA ALA G 117 -43.18 -1.79 -34.59
C ALA G 117 -42.55 -2.36 -33.29
N GLY G 118 -42.09 -3.59 -33.35
CA GLY G 118 -41.46 -4.19 -32.21
C GLY G 118 -40.14 -3.44 -31.91
N ARG G 119 -39.80 -3.33 -30.62
CA ARG G 119 -38.58 -2.63 -30.24
C ARG G 119 -37.80 -3.37 -29.18
N ILE G 120 -36.48 -3.37 -29.29
CA ILE G 120 -35.63 -4.01 -28.30
C ILE G 120 -34.51 -3.01 -28.03
N VAL G 121 -34.32 -2.66 -26.77
CA VAL G 121 -33.32 -1.67 -26.39
C VAL G 121 -32.43 -2.19 -25.27
N SER G 122 -31.11 -2.08 -25.42
CA SER G 122 -30.19 -2.51 -24.38
C SER G 122 -29.56 -1.29 -23.72
N PHE G 123 -29.00 -1.49 -22.50
CA PHE G 123 -28.46 -0.41 -21.71
C PHE G 123 -27.15 -0.82 -21.07
N ASP G 124 -26.20 0.11 -20.94
CA ASP G 124 -24.95 -0.19 -20.25
C ASP G 124 -25.02 0.48 -18.90
N ALA G 125 -24.02 0.22 -18.04
CA ALA G 125 -24.00 0.75 -16.68
C ALA G 125 -24.04 2.27 -16.58
N ALA G 126 -23.57 2.97 -17.61
CA ALA G 126 -23.59 4.42 -17.51
C ALA G 126 -24.87 5.05 -18.06
N GLY G 127 -25.83 4.24 -18.47
CA GLY G 127 -27.07 4.81 -18.98
C GLY G 127 -27.10 4.91 -20.50
N GLY G 128 -26.07 4.42 -21.15
CA GLY G 128 -26.06 4.45 -22.60
C GLY G 128 -27.07 3.42 -23.07
N TRP G 129 -27.84 3.77 -24.09
CA TRP G 129 -28.80 2.84 -24.65
C TRP G 129 -28.55 2.64 -26.13
N ASN G 130 -29.11 1.57 -26.66
CA ASN G 130 -28.99 1.25 -28.07
C ASN G 130 -30.22 0.50 -28.52
N ILE G 131 -30.90 1.07 -29.51
CA ILE G 131 -32.07 0.42 -30.11
C ILE G 131 -31.46 -0.62 -31.05
N GLU G 132 -31.68 -1.88 -30.70
CA GLU G 132 -31.12 -2.99 -31.45
C GLU G 132 -31.77 -3.11 -32.82
N GLU G 133 -30.97 -3.38 -33.85
CA GLU G 133 -31.56 -3.50 -35.17
C GLU G 133 -31.35 -4.87 -35.80
N GLU G 134 -30.61 -5.75 -35.12
CA GLU G 134 -30.26 -7.10 -35.57
C GLU G 134 -31.37 -8.16 -35.29
N GLY G 135 -32.44 -7.77 -34.58
CA GLY G 135 -33.51 -8.73 -34.33
C GLY G 135 -33.66 -9.36 -32.94
N TYR G 136 -32.56 -9.41 -32.18
CA TYR G 136 -32.59 -10.00 -30.86
C TYR G 136 -31.47 -9.44 -30.00
N GLN G 137 -31.54 -9.67 -28.71
CA GLN G 137 -30.52 -9.19 -27.78
C GLN G 137 -30.68 -10.04 -26.50
N ALA G 138 -29.69 -10.02 -25.62
CA ALA G 138 -29.78 -10.77 -24.35
C ALA G 138 -28.87 -10.08 -23.34
N VAL G 139 -29.19 -10.20 -22.05
CA VAL G 139 -28.32 -9.69 -20.98
C VAL G 139 -28.15 -10.78 -19.91
N GLY G 140 -27.06 -10.67 -19.14
CA GLY G 140 -26.78 -11.62 -18.08
C GLY G 140 -25.60 -12.49 -18.41
N SER G 141 -25.17 -13.28 -17.44
CA SER G 141 -24.00 -14.17 -17.61
C SER G 141 -24.20 -15.21 -18.70
N GLY G 142 -25.44 -15.50 -19.12
CA GLY G 142 -25.58 -16.50 -20.17
C GLY G 142 -25.90 -15.83 -21.50
N SER G 143 -25.81 -14.52 -21.56
CA SER G 143 -26.19 -13.81 -22.79
C SER G 143 -25.37 -14.09 -24.04
N LEU G 144 -24.09 -14.34 -23.93
CA LEU G 144 -23.30 -14.65 -25.13
C LEU G 144 -23.75 -16.02 -25.70
N PHE G 145 -24.00 -16.97 -24.84
CA PHE G 145 -24.45 -18.28 -25.31
C PHE G 145 -25.83 -18.16 -25.98
N ALA G 146 -26.71 -17.38 -25.38
CA ALA G 146 -28.05 -17.18 -25.89
C ALA G 146 -27.99 -16.51 -27.27
N LYS G 147 -27.18 -15.45 -27.37
CA LYS G 147 -27.06 -14.75 -28.63
C LYS G 147 -26.46 -15.60 -29.75
N SER G 148 -25.48 -16.43 -29.44
CA SER G 148 -24.90 -17.29 -30.45
C SER G 148 -25.93 -18.33 -30.89
N SER G 149 -26.84 -18.67 -29.99
CA SER G 149 -27.86 -19.66 -30.29
C SER G 149 -28.89 -19.00 -31.19
N MET G 150 -29.35 -17.80 -30.80
CA MET G 150 -30.33 -17.12 -31.61
C MET G 150 -29.76 -16.77 -33.00
N LYS G 151 -28.46 -16.53 -33.07
CA LYS G 151 -27.81 -16.22 -34.33
C LYS G 151 -28.06 -17.32 -35.36
N LYS G 152 -28.08 -18.56 -34.90
CA LYS G 152 -28.34 -19.71 -35.76
C LYS G 152 -29.82 -20.03 -35.90
N LEU G 153 -30.64 -19.68 -34.91
CA LEU G 153 -32.06 -20.01 -34.99
C LEU G 153 -32.97 -18.93 -35.48
N TYR G 154 -32.49 -17.70 -35.50
CA TYR G 154 -33.37 -16.58 -35.83
C TYR G 154 -34.12 -16.67 -37.16
N SER G 155 -33.51 -17.28 -38.15
CA SER G 155 -34.19 -17.37 -39.44
C SER G 155 -35.47 -18.18 -39.36
N GLN G 156 -35.66 -18.94 -38.28
CA GLN G 156 -36.88 -19.74 -38.12
C GLN G 156 -38.00 -18.90 -37.53
N VAL G 157 -37.72 -17.66 -37.17
CA VAL G 157 -38.78 -16.91 -36.58
C VAL G 157 -39.68 -16.29 -37.68
N THR G 158 -40.92 -16.76 -37.74
CA THR G 158 -41.88 -16.28 -38.71
C THR G 158 -43.14 -15.73 -38.05
N ASP G 159 -43.30 -15.96 -36.75
CA ASP G 159 -44.46 -15.44 -36.05
C ASP G 159 -44.21 -15.54 -34.58
N GLY G 160 -45.24 -15.18 -33.80
CA GLY G 160 -45.17 -15.20 -32.37
C GLY G 160 -44.82 -16.57 -31.83
N ASP G 161 -45.42 -17.62 -32.36
CA ASP G 161 -45.12 -18.89 -31.75
C ASP G 161 -43.71 -19.44 -32.01
N SER G 162 -43.20 -19.26 -33.23
CA SER G 162 -41.85 -19.68 -33.49
C SER G 162 -40.90 -18.71 -32.78
N GLY G 163 -41.29 -17.45 -32.61
CA GLY G 163 -40.45 -16.49 -31.93
C GLY G 163 -40.27 -16.92 -30.48
N LEU G 164 -41.38 -17.37 -29.88
CA LEU G 164 -41.38 -17.81 -28.49
C LEU G 164 -40.56 -19.12 -28.39
N ARG G 165 -40.65 -19.98 -29.38
CA ARG G 165 -39.88 -21.21 -29.34
C ARG G 165 -38.38 -20.90 -29.34
N VAL G 166 -37.94 -20.07 -30.28
CA VAL G 166 -36.53 -19.71 -30.37
C VAL G 166 -36.01 -19.03 -29.07
N ALA G 167 -36.85 -18.23 -28.42
CA ALA G 167 -36.44 -17.56 -27.18
C ALA G 167 -36.22 -18.60 -26.09
N VAL G 168 -37.11 -19.59 -26.02
CA VAL G 168 -37.00 -20.61 -25.01
C VAL G 168 -35.79 -21.49 -25.31
N GLU G 169 -35.57 -21.76 -26.58
CA GLU G 169 -34.40 -22.56 -26.91
C GLU G 169 -33.07 -21.80 -26.60
N ALA G 170 -33.05 -20.48 -26.83
CA ALA G 170 -31.87 -19.66 -26.53
C ALA G 170 -31.62 -19.73 -25.03
N LEU G 171 -32.67 -19.64 -24.20
CA LEU G 171 -32.50 -19.75 -22.76
C LEU G 171 -32.00 -21.15 -22.41
N TYR G 172 -32.46 -22.16 -23.15
CA TYR G 172 -32.02 -23.53 -22.89
C TYR G 172 -30.53 -23.65 -23.16
N ASP G 173 -30.08 -23.05 -24.25
CA ASP G 173 -28.67 -23.09 -24.57
C ASP G 173 -27.86 -22.30 -23.54
N ALA G 174 -28.41 -21.21 -23.04
CA ALA G 174 -27.70 -20.42 -22.03
C ALA G 174 -27.53 -21.29 -20.78
N ALA G 175 -28.59 -21.96 -20.35
CA ALA G 175 -28.46 -22.82 -19.14
C ALA G 175 -27.52 -24.01 -19.37
N ASP G 176 -27.48 -24.51 -20.60
CA ASP G 176 -26.63 -25.63 -20.93
C ASP G 176 -25.14 -25.27 -20.75
N ASP G 177 -24.77 -24.02 -20.98
CA ASP G 177 -23.38 -23.62 -20.86
C ASP G 177 -23.01 -22.70 -19.69
N ASP G 178 -24.00 -22.08 -19.06
CA ASP G 178 -23.75 -21.16 -17.95
C ASP G 178 -24.44 -21.65 -16.68
N SER G 179 -23.65 -22.08 -15.70
CA SER G 179 -24.22 -22.62 -14.43
C SER G 179 -25.04 -21.57 -13.66
N ALA G 180 -24.90 -20.31 -13.99
CA ALA G 180 -25.65 -19.30 -13.28
C ALA G 180 -27.04 -19.08 -13.91
N THR G 181 -27.32 -19.75 -15.04
CA THR G 181 -28.63 -19.64 -15.66
C THR G 181 -29.42 -20.94 -15.45
N GLY G 182 -30.67 -20.82 -15.06
CA GLY G 182 -31.45 -22.03 -14.79
C GLY G 182 -32.15 -22.67 -15.98
N GLY G 183 -31.96 -23.96 -16.16
CA GLY G 183 -32.66 -24.62 -17.24
C GLY G 183 -34.07 -25.00 -16.80
N PRO G 184 -34.86 -25.59 -17.72
CA PRO G 184 -36.23 -26.01 -17.39
C PRO G 184 -36.10 -27.05 -16.28
N ASP G 185 -36.93 -26.99 -15.24
CA ASP G 185 -36.85 -27.97 -14.13
C ASP G 185 -38.10 -28.88 -14.21
N LEU G 186 -37.92 -30.04 -14.83
CA LEU G 186 -38.98 -31.00 -15.02
C LEU G 186 -39.46 -31.64 -13.74
N VAL G 187 -38.60 -31.76 -12.73
CA VAL G 187 -39.00 -32.37 -11.48
C VAL G 187 -39.95 -31.48 -10.72
N ARG G 188 -39.64 -30.19 -10.66
CA ARG G 188 -40.49 -29.24 -9.95
C ARG G 188 -41.52 -28.54 -10.84
N GLY G 189 -41.42 -28.73 -12.15
CA GLY G 189 -42.34 -28.09 -13.07
C GLY G 189 -42.16 -26.58 -13.19
N ILE G 190 -40.93 -26.13 -13.11
CA ILE G 190 -40.62 -24.71 -13.22
C ILE G 190 -39.95 -24.43 -14.55
N PHE G 191 -40.44 -23.41 -15.24
CA PHE G 191 -39.91 -23.04 -16.55
C PHE G 191 -39.69 -21.54 -16.66
N PRO G 192 -38.92 -21.13 -17.67
CA PRO G 192 -38.64 -19.72 -17.91
C PRO G 192 -39.98 -18.97 -18.04
N THR G 193 -40.03 -17.70 -17.69
CA THR G 193 -41.24 -16.92 -17.88
C THR G 193 -41.04 -16.13 -19.21
N ALA G 194 -42.13 -15.68 -19.81
CA ALA G 194 -42.06 -14.91 -21.04
C ALA G 194 -43.25 -13.96 -21.18
N VAL G 195 -43.01 -12.87 -21.89
CA VAL G 195 -44.00 -11.83 -22.18
C VAL G 195 -44.00 -11.62 -23.69
N ILE G 196 -45.18 -11.56 -24.30
CA ILE G 196 -45.30 -11.31 -25.74
C ILE G 196 -46.02 -9.99 -25.88
N ILE G 197 -45.54 -9.14 -26.79
CA ILE G 197 -46.19 -7.84 -26.99
C ILE G 197 -46.44 -7.62 -28.47
N ASP G 198 -47.70 -7.33 -28.79
CA ASP G 198 -48.04 -7.00 -30.17
C ASP G 198 -49.00 -5.83 -30.15
N ALA G 199 -49.68 -5.57 -31.27
CA ALA G 199 -50.61 -4.45 -31.31
C ALA G 199 -51.68 -4.50 -30.21
N ASP G 200 -52.00 -5.67 -29.71
CA ASP G 200 -52.99 -5.76 -28.64
C ASP G 200 -52.43 -5.58 -27.24
N GLY G 201 -51.13 -5.29 -27.15
CA GLY G 201 -50.54 -5.10 -25.83
C GLY G 201 -49.68 -6.24 -25.32
N ALA G 202 -49.12 -6.03 -24.14
CA ALA G 202 -48.24 -7.02 -23.53
C ALA G 202 -49.02 -8.03 -22.71
N VAL G 203 -48.80 -9.32 -22.91
CA VAL G 203 -49.47 -10.35 -22.11
C VAL G 203 -48.45 -11.40 -21.63
N ASP G 204 -48.63 -11.90 -20.43
CA ASP G 204 -47.74 -12.94 -19.91
C ASP G 204 -48.03 -14.21 -20.69
N VAL G 205 -47.01 -14.97 -21.04
CA VAL G 205 -47.22 -16.22 -21.77
C VAL G 205 -47.56 -17.29 -20.70
N PRO G 206 -48.66 -18.01 -20.90
CA PRO G 206 -48.98 -19.05 -19.89
C PRO G 206 -47.86 -20.13 -19.72
N GLU G 207 -47.61 -20.50 -18.47
CA GLU G 207 -46.58 -21.50 -18.14
C GLU G 207 -46.71 -22.81 -18.90
N SER G 208 -47.93 -23.23 -19.19
CA SER G 208 -48.15 -24.48 -19.89
C SER G 208 -47.62 -24.42 -21.33
N ARG G 209 -47.71 -23.27 -21.95
CA ARG G 209 -47.22 -23.17 -23.30
C ARG G 209 -45.68 -23.30 -23.27
N ILE G 210 -45.04 -22.61 -22.31
CA ILE G 210 -43.59 -22.68 -22.24
C ILE G 210 -43.13 -24.09 -21.93
N ALA G 211 -43.84 -24.79 -21.02
CA ALA G 211 -43.50 -26.18 -20.69
C ALA G 211 -43.55 -27.10 -21.95
N GLU G 212 -44.56 -26.94 -22.80
CA GLU G 212 -44.64 -27.77 -24.04
C GLU G 212 -43.41 -27.51 -24.93
N LEU G 213 -43.07 -26.24 -25.10
CA LEU G 213 -41.92 -25.86 -25.91
C LEU G 213 -40.64 -26.44 -25.33
N ALA G 214 -40.47 -26.33 -24.01
CA ALA G 214 -39.30 -26.87 -23.37
C ALA G 214 -39.23 -28.40 -23.52
N ARG G 215 -40.34 -29.09 -23.27
CA ARG G 215 -40.32 -30.53 -23.41
C ARG G 215 -40.01 -30.91 -24.85
N ALA G 216 -40.50 -30.13 -25.79
CA ALA G 216 -40.22 -30.38 -27.19
C ALA G 216 -38.73 -30.19 -27.48
N ILE G 217 -38.12 -29.14 -26.93
CA ILE G 217 -36.68 -28.94 -27.16
C ILE G 217 -35.84 -30.09 -26.57
N ILE G 218 -36.18 -30.49 -25.35
CA ILE G 218 -35.48 -31.58 -24.70
C ILE G 218 -35.58 -32.91 -25.50
N GLU G 219 -36.78 -33.30 -25.92
CA GLU G 219 -36.94 -34.53 -26.70
C GLU G 219 -36.07 -34.48 -27.93
N SER G 220 -36.18 -33.34 -28.62
CA SER G 220 -35.44 -33.11 -29.83
C SER G 220 -33.94 -33.31 -29.61
N ARG G 221 -33.40 -32.84 -28.48
CA ARG G 221 -31.99 -33.03 -28.27
C ARG G 221 -31.60 -34.42 -27.71
N SER G 222 -32.55 -35.18 -27.18
CA SER G 222 -32.20 -36.47 -26.60
C SER G 222 -32.00 -37.56 -27.66
N THR H 1 9.28 -7.79 33.08
CA THR H 1 10.58 -8.28 33.59
C THR H 1 11.51 -7.18 34.07
N THR H 2 12.15 -7.43 35.21
CA THR H 2 13.18 -6.51 35.68
C THR H 2 14.31 -7.34 36.26
N ILE H 3 15.50 -7.02 35.82
CA ILE H 3 16.69 -7.67 36.36
C ILE H 3 17.61 -6.52 36.75
N VAL H 4 18.15 -6.56 37.98
CA VAL H 4 19.05 -5.48 38.43
C VAL H 4 20.41 -6.07 38.82
N ALA H 5 21.44 -5.22 38.79
CA ALA H 5 22.76 -5.68 39.20
C ALA H 5 23.46 -4.46 39.80
N LEU H 6 24.20 -4.69 40.88
CA LEU H 6 24.90 -3.58 41.51
C LEU H 6 26.18 -4.07 42.18
N LYS H 7 27.17 -3.17 42.21
CA LYS H 7 28.47 -3.45 42.82
C LYS H 7 28.50 -2.99 44.26
N TYR H 8 29.12 -3.79 45.10
CA TYR H 8 29.26 -3.39 46.50
C TYR H 8 30.76 -3.66 46.78
N PRO H 9 31.31 -3.11 47.88
CA PRO H 9 32.73 -3.31 48.20
C PRO H 9 33.09 -4.82 48.29
N GLY H 10 33.88 -5.30 47.34
CA GLY H 10 34.25 -6.70 47.34
C GLY H 10 33.44 -7.64 46.43
N GLY H 11 32.42 -7.13 45.73
CA GLY H 11 31.66 -8.04 44.88
C GLY H 11 30.53 -7.43 44.08
N VAL H 12 29.59 -8.29 43.70
CA VAL H 12 28.50 -7.81 42.92
C VAL H 12 27.30 -8.68 43.22
N VAL H 13 26.11 -8.09 43.08
CA VAL H 13 24.89 -8.84 43.27
C VAL H 13 23.96 -8.62 42.03
N MET H 14 23.30 -9.67 41.60
CA MET H 14 22.32 -9.59 40.52
C MET H 14 21.03 -10.26 41.00
N ALA H 15 19.87 -9.60 40.82
CA ALA H 15 18.58 -10.15 41.25
C ALA H 15 17.54 -9.93 40.14
N GLY H 16 16.60 -10.86 40.03
CA GLY H 16 15.55 -10.78 39.02
C GLY H 16 14.16 -11.18 39.55
N ASP H 17 13.10 -10.63 38.96
CA ASP H 17 11.74 -10.92 39.38
C ASP H 17 11.31 -12.31 38.85
N ARG H 18 10.09 -12.74 39.15
CA ARG H 18 9.66 -14.09 38.78
C ARG H 18 8.48 -14.16 37.81
N ARG H 19 8.06 -13.02 37.27
CA ARG H 19 6.88 -13.02 36.43
C ARG H 19 7.10 -13.29 34.96
N SER H 20 6.16 -13.99 34.35
CA SER H 20 6.18 -14.15 32.89
C SER H 20 4.75 -13.80 32.47
N THR H 21 4.59 -13.12 31.34
CA THR H 21 3.27 -12.72 30.90
C THR H 21 3.09 -13.04 29.39
N GLN H 22 1.84 -12.97 28.94
CA GLN H 22 1.44 -13.16 27.55
C GLN H 22 0.40 -12.08 27.43
N GLY H 23 0.80 -10.95 26.84
CA GLY H 23 -0.12 -9.82 26.74
C GLY H 23 -0.34 -9.38 28.19
N ASN H 24 -1.60 -9.15 28.56
CA ASN H 24 -1.97 -8.72 29.91
C ASN H 24 -1.99 -9.88 30.89
N MET H 25 -1.98 -11.11 30.39
CA MET H 25 -2.10 -12.28 31.25
C MET H 25 -0.86 -12.70 31.98
N ILE H 26 -0.99 -12.98 33.27
CA ILE H 26 0.13 -13.45 34.07
C ILE H 26 0.21 -14.96 33.72
N SER H 27 1.27 -15.36 33.06
CA SER H 27 1.37 -16.75 32.67
C SER H 27 2.36 -17.56 33.52
N GLY H 28 3.17 -16.90 34.36
CA GLY H 28 4.12 -17.62 35.19
C GLY H 28 4.40 -16.82 36.45
N ARG H 29 4.67 -17.50 37.56
CA ARG H 29 4.92 -16.81 38.83
C ARG H 29 6.22 -17.24 39.50
N ASP H 30 6.92 -18.19 38.91
CA ASP H 30 8.15 -18.67 39.51
C ASP H 30 9.31 -18.84 38.54
N VAL H 31 9.27 -18.12 37.43
CA VAL H 31 10.35 -18.18 36.46
C VAL H 31 11.66 -17.70 37.14
N ARG H 32 12.78 -18.33 36.82
CA ARG H 32 14.09 -17.90 37.34
C ARG H 32 14.80 -17.22 36.15
N LYS H 33 15.23 -15.98 36.32
CA LYS H 33 15.80 -15.23 35.23
C LYS H 33 17.27 -14.91 35.41
N VAL H 34 17.82 -15.24 36.59
CA VAL H 34 19.23 -15.00 36.89
C VAL H 34 19.98 -16.34 37.01
N TYR H 35 21.01 -16.54 36.19
CA TYR H 35 21.76 -17.80 36.16
C TYR H 35 23.22 -17.62 36.49
N ILE H 36 23.78 -18.60 37.17
CA ILE H 36 25.22 -18.57 37.45
C ILE H 36 25.77 -19.19 36.18
N THR H 37 26.56 -18.45 35.42
CA THR H 37 27.03 -19.02 34.17
C THR H 37 28.43 -19.68 34.26
N ASP H 38 29.21 -19.33 35.28
CA ASP H 38 30.49 -19.95 35.56
C ASP H 38 30.80 -19.56 36.99
N ASP H 39 31.94 -19.97 37.54
CA ASP H 39 32.25 -19.66 38.94
C ASP H 39 32.27 -18.20 39.35
N TYR H 40 32.51 -17.31 38.39
CA TYR H 40 32.60 -15.89 38.70
C TYR H 40 31.67 -14.98 37.91
N THR H 41 30.62 -15.54 37.32
CA THR H 41 29.73 -14.71 36.55
C THR H 41 28.28 -15.14 36.61
N ALA H 42 27.39 -14.16 36.50
CA ALA H 42 25.97 -14.45 36.46
C ALA H 42 25.39 -13.68 35.27
N THR H 43 24.36 -14.25 34.66
CA THR H 43 23.68 -13.63 33.54
C THR H 43 22.19 -13.56 33.85
N GLY H 44 21.61 -12.38 33.64
CA GLY H 44 20.18 -12.21 33.82
C GLY H 44 19.64 -11.83 32.46
N ILE H 45 18.49 -12.34 32.02
CA ILE H 45 18.01 -11.96 30.69
C ILE H 45 16.57 -11.50 30.61
N ALA H 46 16.33 -10.44 29.84
CA ALA H 46 14.98 -9.87 29.62
C ALA H 46 14.57 -10.11 28.17
N GLY H 47 13.29 -10.06 27.86
CA GLY H 47 12.86 -10.26 26.49
C GLY H 47 12.10 -11.57 26.29
N THR H 48 12.12 -12.04 25.04
CA THR H 48 11.48 -13.29 24.64
C THR H 48 12.06 -14.44 25.48
N ALA H 49 11.21 -15.18 26.18
CA ALA H 49 11.74 -16.24 27.02
C ALA H 49 12.49 -17.36 26.28
N ALA H 50 11.99 -17.88 25.18
CA ALA H 50 12.70 -18.97 24.54
C ALA H 50 14.16 -18.58 24.23
N VAL H 51 14.33 -17.38 23.71
CA VAL H 51 15.66 -16.91 23.35
C VAL H 51 16.53 -16.61 24.59
N ALA H 52 15.91 -16.06 25.62
CA ALA H 52 16.59 -15.70 26.84
C ALA H 52 17.12 -16.94 27.51
N VAL H 53 16.28 -17.97 27.57
CA VAL H 53 16.71 -19.20 28.22
C VAL H 53 17.79 -19.86 27.38
N GLU H 54 17.63 -19.82 26.07
CA GLU H 54 18.60 -20.38 25.18
C GLU H 54 19.98 -19.68 25.40
N PHE H 55 19.99 -18.36 25.46
CA PHE H 55 21.22 -17.62 25.60
C PHE H 55 21.97 -17.98 26.86
N ALA H 56 21.29 -18.07 27.99
CA ALA H 56 21.97 -18.39 29.22
C ALA H 56 22.59 -19.77 29.17
N ARG H 57 21.83 -20.74 28.68
CA ARG H 57 22.28 -22.11 28.57
C ARG H 57 23.45 -22.30 27.60
N LEU H 58 23.35 -21.70 26.43
CA LEU H 58 24.42 -21.78 25.44
C LEU H 58 25.68 -21.09 25.92
N TYR H 59 25.53 -19.91 26.51
CA TYR H 59 26.64 -19.13 27.02
C TYR H 59 27.46 -19.86 28.11
N ALA H 60 26.78 -20.51 29.06
CA ALA H 60 27.49 -21.23 30.13
C ALA H 60 28.28 -22.41 29.49
N VAL H 61 27.68 -23.05 28.49
CA VAL H 61 28.36 -24.14 27.81
C VAL H 61 29.61 -23.62 27.10
N GLU H 62 29.47 -22.48 26.43
CA GLU H 62 30.59 -21.90 25.70
C GLU H 62 31.76 -21.54 26.64
N LEU H 63 31.43 -20.96 27.80
CA LEU H 63 32.47 -20.58 28.74
C LEU H 63 33.26 -21.79 29.26
N GLU H 64 32.54 -22.85 29.64
CA GLU H 64 33.17 -24.04 30.15
C GLU H 64 33.91 -24.79 29.02
N HIS H 65 33.38 -24.70 27.81
CA HIS H 65 33.98 -25.34 26.64
C HIS H 65 35.40 -24.81 26.41
N TYR H 66 35.53 -23.48 26.46
CA TYR H 66 36.81 -22.83 26.29
C TYR H 66 37.75 -23.30 27.41
N GLU H 67 37.26 -23.28 28.64
CA GLU H 67 38.07 -23.67 29.78
C GLU H 67 38.63 -25.12 29.64
N LYS H 68 37.80 -26.05 29.20
CA LYS H 68 38.24 -27.42 29.06
C LYS H 68 39.22 -27.57 27.93
N LEU H 69 38.96 -26.87 26.84
CA LEU H 69 39.86 -26.93 25.69
C LEU H 69 41.21 -26.26 25.94
N GLU H 70 41.20 -25.08 26.55
CA GLU H 70 42.43 -24.33 26.75
C GLU H 70 43.09 -24.46 28.10
N GLY H 71 42.43 -25.09 29.06
CA GLY H 71 43.05 -25.27 30.36
C GLY H 71 42.86 -24.11 31.31
N VAL H 72 42.35 -23.00 30.80
CA VAL H 72 42.18 -21.81 31.66
C VAL H 72 40.91 -21.09 31.25
N PRO H 73 40.25 -20.40 32.19
CA PRO H 73 39.02 -19.71 31.77
C PRO H 73 39.30 -18.49 30.90
N LEU H 74 38.29 -18.00 30.21
CA LEU H 74 38.47 -16.81 29.41
C LEU H 74 38.67 -15.63 30.34
N THR H 75 39.41 -14.61 29.88
CA THR H 75 39.57 -13.38 30.67
C THR H 75 38.16 -12.75 30.72
N PHE H 76 37.92 -11.86 31.66
CA PHE H 76 36.60 -11.28 31.72
C PHE H 76 36.23 -10.60 30.39
N ALA H 77 37.17 -9.92 29.78
CA ALA H 77 36.92 -9.22 28.52
C ALA H 77 36.48 -10.23 27.46
N GLY H 78 37.09 -11.41 27.46
CA GLY H 78 36.70 -12.39 26.47
C GLY H 78 35.29 -12.92 26.74
N LYS H 79 34.91 -13.02 28.01
CA LYS H 79 33.58 -13.50 28.35
C LYS H 79 32.55 -12.49 27.81
N ILE H 80 32.83 -11.19 27.99
CA ILE H 80 31.99 -10.13 27.48
C ILE H 80 31.84 -10.27 25.96
N ASN H 81 32.97 -10.40 25.26
CA ASN H 81 32.93 -10.48 23.80
C ASN H 81 32.08 -11.66 23.31
N ARG H 82 32.20 -12.81 23.95
CA ARG H 82 31.43 -13.95 23.51
C ARG H 82 29.93 -13.73 23.66
N LEU H 83 29.53 -13.11 24.77
CA LEU H 83 28.12 -12.83 25.01
C LEU H 83 27.66 -11.83 23.96
N ALA H 84 28.49 -10.82 23.68
CA ALA H 84 28.13 -9.81 22.66
C ALA H 84 27.91 -10.43 21.28
N ILE H 85 28.79 -11.36 20.90
CA ILE H 85 28.72 -12.01 19.62
C ILE H 85 27.43 -12.84 19.56
N MET H 86 27.10 -13.50 20.67
CA MET H 86 25.89 -14.30 20.71
C MET H 86 24.67 -13.37 20.51
N VAL H 87 24.65 -12.23 21.19
CA VAL H 87 23.51 -11.33 21.03
C VAL H 87 23.43 -10.82 19.59
N ARG H 88 24.56 -10.38 19.05
CA ARG H 88 24.63 -9.90 17.66
C ARG H 88 24.07 -10.97 16.71
N GLY H 89 24.41 -12.23 16.95
CA GLY H 89 23.91 -13.31 16.11
C GLY H 89 22.40 -13.46 16.06
N ASN H 90 21.71 -12.87 17.03
CA ASN H 90 20.25 -12.96 17.11
C ASN H 90 19.56 -11.69 16.59
N LEU H 91 20.31 -10.72 16.08
CA LEU H 91 19.73 -9.47 15.62
C LEU H 91 18.58 -9.62 14.58
N ALA H 92 18.79 -10.45 13.57
CA ALA H 92 17.78 -10.62 12.57
C ALA H 92 16.47 -11.07 13.25
N ALA H 93 16.57 -12.12 14.05
CA ALA H 93 15.42 -12.66 14.76
C ALA H 93 14.80 -11.61 15.69
N ALA H 94 15.65 -10.79 16.33
CA ALA H 94 15.16 -9.77 17.25
C ALA H 94 14.34 -8.71 16.54
N MET H 95 14.66 -8.42 15.28
CA MET H 95 13.88 -7.45 14.54
C MET H 95 12.58 -8.12 14.13
N GLN H 96 12.53 -9.43 14.32
CA GLN H 96 11.37 -10.26 14.04
C GLN H 96 10.54 -10.55 15.29
N GLY H 97 10.81 -9.83 16.38
CA GLY H 97 10.08 -10.03 17.61
C GLY H 97 10.64 -11.06 18.58
N LEU H 98 11.83 -11.56 18.28
CA LEU H 98 12.50 -12.56 19.12
C LEU H 98 13.62 -11.92 19.96
N LEU H 99 13.53 -10.62 20.19
CA LEU H 99 14.55 -9.91 20.95
C LEU H 99 14.72 -10.33 22.40
N ALA H 100 15.98 -10.53 22.78
CA ALA H 100 16.39 -10.85 24.16
C ALA H 100 17.69 -10.10 24.51
N LEU H 101 17.73 -9.47 25.69
CA LEU H 101 18.86 -8.67 26.12
C LEU H 101 19.41 -9.14 27.47
N PRO H 102 20.70 -9.50 27.48
CA PRO H 102 21.26 -9.97 28.74
C PRO H 102 21.89 -8.85 29.54
N LEU H 103 22.07 -9.11 30.83
CA LEU H 103 22.77 -8.21 31.75
C LEU H 103 23.81 -9.18 32.37
N LEU H 104 25.09 -8.79 32.37
CA LEU H 104 26.14 -9.64 32.87
C LEU H 104 26.76 -9.05 34.16
N ALA H 105 26.95 -9.90 35.16
CA ALA H 105 27.59 -9.48 36.39
C ALA H 105 28.70 -10.47 36.67
N GLY H 106 29.82 -9.96 37.16
CA GLY H 106 30.90 -10.86 37.44
C GLY H 106 31.91 -10.29 38.39
N TYR H 107 32.88 -11.11 38.78
CA TYR H 107 33.95 -10.70 39.68
C TYR H 107 35.18 -11.08 38.89
N ASP H 108 36.05 -10.12 38.64
CA ASP H 108 37.25 -10.39 37.87
C ASP H 108 38.41 -10.79 38.79
N ILE H 109 38.76 -12.07 38.78
CA ILE H 109 39.84 -12.59 39.62
C ILE H 109 41.18 -11.96 39.27
N HIS H 110 41.35 -11.50 38.04
CA HIS H 110 42.61 -10.88 37.62
C HIS H 110 42.64 -9.37 37.78
N ALA H 111 41.59 -8.76 38.34
CA ALA H 111 41.61 -7.31 38.51
C ALA H 111 42.67 -6.96 39.55
N SER H 112 43.29 -5.80 39.40
CA SER H 112 44.30 -5.36 40.35
C SER H 112 43.71 -5.16 41.75
N ASP H 113 42.69 -4.30 41.87
CA ASP H 113 42.07 -4.06 43.17
C ASP H 113 40.80 -4.86 43.44
N PRO H 114 40.90 -5.85 44.32
CA PRO H 114 39.83 -6.76 44.75
C PRO H 114 38.53 -6.14 45.23
N GLN H 115 38.61 -5.02 45.95
CA GLN H 115 37.40 -4.38 46.45
C GLN H 115 36.52 -3.88 45.32
N SER H 116 37.15 -3.56 44.19
CA SER H 116 36.41 -3.09 43.03
C SER H 116 36.40 -4.04 41.82
N ALA H 117 36.81 -5.29 42.03
CA ALA H 117 36.85 -6.31 40.98
C ALA H 117 35.45 -6.69 40.44
N GLY H 118 34.42 -6.15 41.07
CA GLY H 118 33.06 -6.42 40.62
C GLY H 118 32.85 -5.82 39.23
N ARG H 119 32.08 -6.49 38.39
CA ARG H 119 31.82 -6.01 37.03
C ARG H 119 30.36 -6.13 36.64
N ILE H 120 29.86 -5.09 35.98
CA ILE H 120 28.49 -5.09 35.47
C ILE H 120 28.58 -4.65 34.00
N VAL H 121 28.01 -5.46 33.10
CA VAL H 121 28.06 -5.13 31.69
C VAL H 121 26.68 -5.21 31.08
N SER H 122 26.28 -4.17 30.35
CA SER H 122 24.99 -4.23 29.65
C SER H 122 25.21 -4.41 28.14
N PHE H 123 24.16 -4.81 27.42
CA PHE H 123 24.24 -5.12 25.99
C PHE H 123 23.02 -4.59 25.24
N ASP H 124 23.19 -4.19 23.98
CA ASP H 124 22.04 -3.74 23.21
C ASP H 124 21.79 -4.80 22.18
N ALA H 125 20.68 -4.67 21.43
CA ALA H 125 20.31 -5.67 20.40
C ALA H 125 21.33 -5.96 19.34
N ALA H 126 22.22 -5.01 19.05
CA ALA H 126 23.23 -5.26 18.02
C ALA H 126 24.53 -5.85 18.54
N GLY H 127 24.60 -6.14 19.84
CA GLY H 127 25.81 -6.74 20.37
C GLY H 127 26.75 -5.71 20.97
N GLY H 128 26.30 -4.48 21.06
CA GLY H 128 27.12 -3.45 21.66
C GLY H 128 27.10 -3.71 23.16
N TRP H 129 28.22 -3.50 23.82
CA TRP H 129 28.28 -3.73 25.24
C TRP H 129 28.86 -2.51 25.90
N ASN H 130 28.64 -2.42 27.21
CA ASN H 130 29.17 -1.31 27.96
C ASN H 130 29.44 -1.73 29.39
N ILE H 131 30.69 -1.60 29.81
CA ILE H 131 31.00 -1.91 31.19
C ILE H 131 30.51 -0.71 31.96
N GLU H 132 29.59 -0.95 32.87
CA GLU H 132 29.00 0.11 33.67
C GLU H 132 30.00 0.67 34.70
N GLU H 133 29.97 1.98 34.90
CA GLU H 133 30.87 2.61 35.86
C GLU H 133 30.13 3.33 36.99
N GLU H 134 28.80 3.52 36.89
CA GLU H 134 28.03 4.22 37.92
C GLU H 134 27.61 3.31 39.09
N GLY H 135 28.03 2.04 39.11
CA GLY H 135 27.69 1.16 40.21
C GLY H 135 26.51 0.19 40.07
N TYR H 136 25.57 0.45 39.14
CA TYR H 136 24.42 -0.43 39.00
C TYR H 136 23.84 -0.32 37.61
N GLN H 137 22.98 -1.28 37.25
CA GLN H 137 22.34 -1.28 35.95
C GLN H 137 21.10 -2.19 36.06
N ALA H 138 20.23 -2.13 35.08
CA ALA H 138 19.00 -2.93 35.07
C ALA H 138 18.53 -3.07 33.63
N VAL H 139 17.85 -4.19 33.34
CA VAL H 139 17.25 -4.40 32.02
C VAL H 139 15.82 -4.90 32.22
N GLY H 140 14.98 -4.72 31.19
CA GLY H 140 13.60 -5.17 31.26
C GLY H 140 12.65 -4.00 31.30
N SER H 141 11.36 -4.28 31.20
CA SER H 141 10.36 -3.21 31.19
C SER H 141 10.31 -2.40 32.49
N GLY H 142 10.85 -2.94 33.61
CA GLY H 142 10.82 -2.16 34.84
C GLY H 142 12.16 -1.53 35.13
N SER H 143 13.07 -1.61 34.17
CA SER H 143 14.41 -1.08 34.42
C SER H 143 14.60 0.39 34.78
N LEU H 144 13.81 1.27 34.19
CA LEU H 144 13.94 2.68 34.49
C LEU H 144 13.46 2.96 35.95
N PHE H 145 12.41 2.29 36.39
CA PHE H 145 11.93 2.48 37.75
C PHE H 145 12.99 1.96 38.74
N ALA H 146 13.56 0.81 38.42
CA ALA H 146 14.58 0.20 39.26
C ALA H 146 15.82 1.08 39.36
N LYS H 147 16.28 1.62 38.17
CA LYS H 147 17.46 2.46 38.16
C LYS H 147 17.26 3.78 38.89
N SER H 148 16.06 4.34 38.83
CA SER H 148 15.76 5.58 39.53
C SER H 148 15.70 5.34 41.03
N SER H 149 15.24 4.16 41.42
CA SER H 149 15.17 3.77 42.81
C SER H 149 16.63 3.56 43.32
N MET H 150 17.44 2.81 42.59
CA MET H 150 18.83 2.58 43.01
C MET H 150 19.65 3.87 43.05
N LYS H 151 19.33 4.82 42.17
CA LYS H 151 20.03 6.09 42.20
C LYS H 151 19.87 6.76 43.61
N LYS H 152 18.71 6.61 44.24
CA LYS H 152 18.48 7.22 45.55
C LYS H 152 18.97 6.31 46.67
N LEU H 153 19.05 5.00 46.44
CA LEU H 153 19.42 4.10 47.50
C LEU H 153 20.85 3.63 47.51
N TYR H 154 21.53 3.82 46.37
CA TYR H 154 22.88 3.32 46.24
C TYR H 154 23.90 3.72 47.31
N SER H 155 23.79 4.93 47.84
CA SER H 155 24.73 5.38 48.88
C SER H 155 24.62 4.52 50.14
N GLN H 156 23.56 3.73 50.30
CA GLN H 156 23.43 2.84 51.44
C GLN H 156 24.19 1.55 51.23
N VAL H 157 24.70 1.31 50.02
CA VAL H 157 25.40 0.05 49.82
C VAL H 157 26.82 0.09 50.33
N THR H 158 27.08 -0.63 51.42
CA THR H 158 28.42 -0.67 52.02
C THR H 158 29.02 -2.08 52.04
N ASP H 159 28.20 -3.08 51.78
CA ASP H 159 28.66 -4.47 51.80
C ASP H 159 27.65 -5.35 51.07
N GLY H 160 27.90 -6.65 51.05
CA GLY H 160 27.01 -7.54 50.35
C GLY H 160 25.57 -7.54 50.85
N ASP H 161 25.37 -7.44 52.15
CA ASP H 161 24.01 -7.50 52.65
C ASP H 161 23.18 -6.24 52.35
N SER H 162 23.77 -5.06 52.52
CA SER H 162 23.04 -3.83 52.20
C SER H 162 22.89 -3.78 50.63
N GLY H 163 23.85 -4.33 49.90
CA GLY H 163 23.78 -4.37 48.45
C GLY H 163 22.57 -5.24 48.07
N LEU H 164 22.45 -6.41 48.70
CA LEU H 164 21.32 -7.29 48.44
C LEU H 164 20.01 -6.60 48.78
N ARG H 165 20.00 -5.89 49.90
CA ARG H 165 18.79 -5.21 50.30
C ARG H 165 18.36 -4.17 49.27
N VAL H 166 19.32 -3.39 48.79
CA VAL H 166 19.01 -2.35 47.84
C VAL H 166 18.51 -2.95 46.52
N ALA H 167 19.08 -4.11 46.13
CA ALA H 167 18.67 -4.78 44.88
C ALA H 167 17.19 -5.24 44.98
N VAL H 168 16.85 -5.81 46.14
CA VAL H 168 15.49 -6.30 46.36
C VAL H 168 14.53 -5.14 46.40
N GLU H 169 14.95 -4.05 47.00
CA GLU H 169 14.07 -2.92 47.05
C GLU H 169 13.88 -2.31 45.65
N ALA H 170 14.92 -2.32 44.81
CA ALA H 170 14.83 -1.79 43.43
C ALA H 170 13.81 -2.62 42.64
N LEU H 171 13.86 -3.95 42.81
CA LEU H 171 12.91 -4.83 42.17
C LEU H 171 11.53 -4.56 42.68
N TYR H 172 11.41 -4.23 43.97
CA TYR H 172 10.11 -3.96 44.55
C TYR H 172 9.55 -2.67 43.93
N ASP H 173 10.43 -1.69 43.72
CA ASP H 173 10.01 -0.44 43.11
C ASP H 173 9.60 -0.66 41.66
N ALA H 174 10.32 -1.55 40.98
CA ALA H 174 10.00 -1.86 39.60
C ALA H 174 8.59 -2.49 39.53
N ALA H 175 8.31 -3.44 40.41
CA ALA H 175 6.98 -4.10 40.42
C ALA H 175 5.87 -3.14 40.81
N ASP H 176 6.16 -2.20 41.70
CA ASP H 176 5.18 -1.22 42.14
C ASP H 176 4.70 -0.35 40.96
N ASP H 177 5.58 -0.10 39.99
CA ASP H 177 5.26 0.77 38.84
C ASP H 177 5.09 0.10 37.46
N ASP H 178 5.54 -1.13 37.32
CA ASP H 178 5.47 -1.88 36.07
C ASP H 178 4.70 -3.18 36.25
N SER H 179 3.48 -3.24 35.72
CA SER H 179 2.63 -4.43 35.84
C SER H 179 3.30 -5.67 35.21
N ALA H 180 4.32 -5.49 34.38
CA ALA H 180 4.98 -6.65 33.78
C ALA H 180 6.07 -7.24 34.69
N THR H 181 6.35 -6.58 35.83
CA THR H 181 7.37 -7.10 36.77
C THR H 181 6.65 -7.62 38.02
N GLY H 182 7.04 -8.82 38.47
CA GLY H 182 6.40 -9.41 39.64
C GLY H 182 6.93 -8.98 41.01
N GLY H 183 6.03 -8.55 41.89
CA GLY H 183 6.49 -8.19 43.21
C GLY H 183 6.56 -9.43 44.11
N PRO H 184 7.03 -9.28 45.36
CA PRO H 184 7.11 -10.43 46.29
C PRO H 184 5.68 -10.96 46.45
N ASP H 185 5.48 -12.28 46.39
CA ASP H 185 4.13 -12.85 46.53
C ASP H 185 4.07 -13.54 47.91
N LEU H 186 3.54 -12.82 48.89
CA LEU H 186 3.43 -13.33 50.26
C LEU H 186 2.47 -14.50 50.41
N VAL H 187 1.41 -14.54 49.61
CA VAL H 187 0.46 -15.64 49.67
C VAL H 187 1.10 -16.96 49.24
N ARG H 188 1.81 -16.94 48.11
CA ARG H 188 2.42 -18.16 47.63
C ARG H 188 3.84 -18.37 48.13
N GLY H 189 4.43 -17.37 48.77
CA GLY H 189 5.79 -17.50 49.25
C GLY H 189 6.82 -17.51 48.13
N ILE H 190 6.63 -16.69 47.10
CA ILE H 190 7.58 -16.63 45.98
C ILE H 190 8.24 -15.25 45.98
N PHE H 191 9.56 -15.24 45.86
CA PHE H 191 10.27 -13.97 45.90
C PHE H 191 11.29 -13.92 44.78
N PRO H 192 11.83 -12.73 44.52
CA PRO H 192 12.85 -12.54 43.47
C PRO H 192 14.02 -13.51 43.79
N THR H 193 14.78 -13.91 42.77
CA THR H 193 15.96 -14.72 43.03
C THR H 193 17.17 -13.78 42.93
N ALA H 194 18.30 -14.19 43.47
CA ALA H 194 19.51 -13.38 43.44
C ALA H 194 20.75 -14.23 43.51
N VAL H 195 21.85 -13.70 42.97
CA VAL H 195 23.14 -14.35 42.95
C VAL H 195 24.16 -13.31 43.46
N ILE H 196 25.05 -13.73 44.36
CA ILE H 196 26.07 -12.82 44.88
C ILE H 196 27.39 -13.38 44.41
N ILE H 197 28.29 -12.50 43.99
CA ILE H 197 29.59 -12.98 43.53
C ILE H 197 30.67 -12.14 44.19
N ASP H 198 31.64 -12.83 44.80
CA ASP H 198 32.78 -12.14 45.40
C ASP H 198 34.01 -12.99 45.14
N ALA H 199 35.11 -12.72 45.84
CA ALA H 199 36.35 -13.50 45.60
C ALA H 199 36.17 -15.02 45.72
N ASP H 200 35.20 -15.47 46.51
CA ASP H 200 34.97 -16.91 46.65
C ASP H 200 34.06 -17.50 45.58
N GLY H 201 33.63 -16.69 44.60
CA GLY H 201 32.77 -17.24 43.57
C GLY H 201 31.31 -16.84 43.66
N ALA H 202 30.55 -17.29 42.66
CA ALA H 202 29.14 -16.99 42.56
C ALA H 202 28.29 -17.99 43.38
N VAL H 203 27.41 -17.51 44.27
CA VAL H 203 26.54 -18.41 45.03
C VAL H 203 25.12 -17.86 44.95
N ASP H 204 24.14 -18.76 44.85
CA ASP H 204 22.70 -18.39 44.83
C ASP H 204 22.31 -17.89 46.23
N VAL H 205 21.56 -16.79 46.29
CA VAL H 205 21.16 -16.29 47.60
C VAL H 205 19.98 -17.13 48.07
N PRO H 206 20.05 -17.67 49.30
CA PRO H 206 18.91 -18.49 49.77
C PRO H 206 17.59 -17.71 49.86
N GLU H 207 16.51 -18.35 49.47
CA GLU H 207 15.21 -17.72 49.47
C GLU H 207 14.83 -17.06 50.81
N SER H 208 15.18 -17.71 51.92
CA SER H 208 14.79 -17.17 53.23
C SER H 208 15.37 -15.78 53.52
N ARG H 209 16.59 -15.52 53.04
CA ARG H 209 17.20 -14.23 53.27
C ARG H 209 16.38 -13.18 52.46
N ILE H 210 16.08 -13.51 51.20
CA ILE H 210 15.32 -12.60 50.35
C ILE H 210 13.97 -12.33 50.93
N ALA H 211 13.31 -13.38 51.42
CA ALA H 211 11.98 -13.21 52.02
C ALA H 211 12.01 -12.25 53.23
N GLU H 212 13.04 -12.35 54.09
CA GLU H 212 13.14 -11.45 55.24
C GLU H 212 13.28 -9.99 54.76
N LEU H 213 14.14 -9.78 53.77
CA LEU H 213 14.37 -8.43 53.23
C LEU H 213 13.07 -7.90 52.64
N ALA H 214 12.37 -8.74 51.90
CA ALA H 214 11.12 -8.32 51.28
C ALA H 214 10.08 -7.90 52.31
N ARG H 215 9.94 -8.71 53.34
CA ARG H 215 8.97 -8.41 54.39
C ARG H 215 9.38 -7.12 55.05
N ALA H 216 10.66 -6.94 55.29
CA ALA H 216 11.07 -5.70 55.93
C ALA H 216 10.76 -4.50 55.05
N ILE H 217 10.94 -4.63 53.73
CA ILE H 217 10.64 -3.47 52.85
C ILE H 217 9.12 -3.17 52.90
N ILE H 218 8.31 -4.23 52.82
CA ILE H 218 6.87 -4.09 52.89
C ILE H 218 6.40 -3.45 54.22
N GLU H 219 6.93 -3.92 55.35
CA GLU H 219 6.56 -3.36 56.64
C GLU H 219 6.93 -1.91 56.68
N SER H 220 8.13 -1.63 56.19
CA SER H 220 8.62 -0.29 56.17
C SER H 220 7.69 0.65 55.39
N ARG H 221 7.19 0.22 54.23
CA ARG H 221 6.33 1.09 53.44
C ARG H 221 4.88 1.17 53.90
N SER H 222 4.38 0.20 54.65
CA SER H 222 2.99 0.30 55.08
C SER H 222 2.82 1.16 56.31
N PHE I 6 58.69 -45.10 -10.25
CA PHE I 6 58.44 -45.50 -8.87
C PHE I 6 59.71 -45.34 -8.03
N ILE I 7 59.86 -44.17 -7.40
CA ILE I 7 61.07 -43.87 -6.64
C ILE I 7 60.77 -43.25 -5.28
N SER I 8 61.82 -42.90 -4.54
CA SER I 8 61.67 -42.33 -3.21
C SER I 8 61.46 -40.82 -3.26
N PRO I 9 60.77 -40.30 -2.26
CA PRO I 9 60.56 -38.85 -2.13
C PRO I 9 61.83 -38.09 -2.47
N GLU I 10 62.95 -38.48 -1.87
CA GLU I 10 64.22 -37.86 -2.18
C GLU I 10 64.65 -38.19 -3.61
N GLN I 11 64.05 -39.24 -4.18
CA GLN I 11 64.29 -39.56 -5.57
C GLN I 11 63.32 -38.82 -6.48
N ALA I 12 62.11 -38.59 -5.98
CA ALA I 12 61.14 -37.79 -6.71
C ALA I 12 61.60 -36.34 -6.77
N MET I 13 62.36 -35.95 -5.75
CA MET I 13 62.88 -34.59 -5.62
C MET I 13 64.10 -34.44 -6.53
N ARG I 14 65.01 -35.42 -6.50
CA ARG I 14 66.22 -35.38 -7.35
C ARG I 14 65.69 -35.24 -8.78
N GLU I 15 64.86 -36.22 -9.12
CA GLU I 15 64.21 -36.32 -10.42
C GLU I 15 63.75 -34.94 -10.89
N ARG I 16 62.81 -34.37 -10.14
CA ARG I 16 62.23 -33.06 -10.46
C ARG I 16 63.28 -31.99 -10.55
N SER I 17 64.09 -31.89 -9.52
CA SER I 17 65.12 -30.88 -9.50
C SER I 17 66.00 -30.96 -10.76
N GLU I 18 66.34 -32.19 -11.15
CA GLU I 18 67.17 -32.39 -12.33
C GLU I 18 66.47 -31.92 -13.57
N LEU I 19 65.20 -32.33 -13.68
CA LEU I 19 64.39 -31.97 -14.81
C LEU I 19 64.41 -30.47 -15.00
N ALA I 20 64.17 -29.74 -13.92
CA ALA I 20 64.15 -28.28 -13.97
C ALA I 20 65.52 -27.68 -14.24
N ARG I 21 66.53 -28.15 -13.53
CA ARG I 21 67.88 -27.64 -13.73
C ARG I 21 68.25 -27.77 -15.21
N LYS I 22 67.99 -28.95 -15.77
CA LYS I 22 68.28 -29.22 -17.19
C LYS I 22 67.62 -28.24 -18.12
N GLY I 23 66.33 -28.00 -17.89
CA GLY I 23 65.60 -27.08 -18.75
C GLY I 23 66.12 -25.66 -18.66
N ILE I 24 66.51 -25.24 -17.45
CA ILE I 24 67.03 -23.90 -17.26
C ILE I 24 68.44 -23.83 -17.85
N ALA I 25 69.21 -24.87 -17.61
CA ALA I 25 70.57 -24.95 -18.10
C ALA I 25 70.57 -24.82 -19.63
N ARG I 26 69.60 -25.44 -20.26
CA ARG I 26 69.47 -25.44 -21.70
C ARG I 26 68.93 -24.18 -22.35
N ALA I 27 68.74 -23.10 -21.59
CA ALA I 27 68.18 -21.86 -22.16
C ALA I 27 69.10 -20.64 -22.23
N LYS I 28 68.66 -19.60 -22.93
CA LYS I 28 69.43 -18.37 -23.05
C LYS I 28 69.72 -17.75 -21.67
N SER I 29 70.67 -16.84 -21.59
CA SER I 29 71.01 -16.23 -20.31
C SER I 29 70.57 -14.79 -20.12
N VAL I 30 70.35 -14.42 -18.86
CA VAL I 30 69.91 -13.07 -18.54
C VAL I 30 70.68 -12.56 -17.35
N VAL I 31 70.96 -11.26 -17.36
CA VAL I 31 71.64 -10.67 -16.22
C VAL I 31 70.95 -9.38 -15.82
N ALA I 32 70.96 -9.13 -14.52
CA ALA I 32 70.39 -7.90 -13.96
C ALA I 32 71.47 -7.39 -13.01
N LEU I 33 71.78 -6.09 -13.12
CA LEU I 33 72.76 -5.53 -12.23
C LEU I 33 72.44 -4.10 -11.81
N ALA I 34 72.81 -3.77 -10.58
CA ALA I 34 72.58 -2.43 -10.07
C ALA I 34 73.60 -1.50 -10.70
N TYR I 35 73.18 -0.30 -11.04
CA TYR I 35 74.08 0.67 -11.60
C TYR I 35 73.68 2.02 -11.04
N ALA I 36 74.40 3.06 -11.42
CA ALA I 36 74.14 4.39 -10.91
C ALA I 36 72.68 4.86 -11.02
N GLY I 37 72.06 4.66 -12.19
CA GLY I 37 70.69 5.10 -12.38
C GLY I 37 69.56 4.18 -11.99
N GLY I 38 69.87 3.05 -11.38
CA GLY I 38 68.83 2.11 -10.99
C GLY I 38 69.23 0.68 -11.25
N VAL I 39 68.46 -0.03 -12.06
CA VAL I 39 68.79 -1.41 -12.39
C VAL I 39 68.74 -1.63 -13.88
N LEU I 40 69.67 -2.45 -14.37
CA LEU I 40 69.75 -2.74 -15.79
C LEU I 40 69.49 -4.22 -16.06
N PHE I 41 68.66 -4.46 -17.07
CA PHE I 41 68.31 -5.82 -17.46
C PHE I 41 68.82 -6.07 -18.88
N VAL I 42 69.59 -7.14 -19.05
CA VAL I 42 70.09 -7.50 -20.37
C VAL I 42 69.95 -8.98 -20.54
N ALA I 43 69.27 -9.36 -21.62
CA ALA I 43 69.03 -10.75 -21.91
C ALA I 43 69.33 -11.07 -23.37
N GLU I 44 69.81 -12.29 -23.58
CA GLU I 44 70.10 -12.78 -24.92
C GLU I 44 68.75 -13.15 -25.50
N ASN I 45 68.22 -12.34 -26.41
CA ASN I 45 66.92 -12.65 -26.95
C ASN I 45 66.73 -12.28 -28.42
N PRO I 46 66.70 -13.29 -29.30
CA PRO I 46 66.53 -13.10 -30.73
C PRO I 46 65.14 -12.59 -31.10
N SER I 47 64.11 -13.16 -30.47
CA SER I 47 62.75 -12.76 -30.78
C SER I 47 62.49 -11.27 -30.63
N ARG I 48 61.51 -10.80 -31.38
CA ARG I 48 61.13 -9.40 -31.32
C ARG I 48 59.82 -9.27 -30.55
N SER I 49 59.05 -10.35 -30.51
CA SER I 49 57.75 -10.36 -29.84
C SER I 49 57.74 -10.97 -28.46
N LEU I 50 58.43 -12.08 -28.31
CA LEU I 50 58.45 -12.77 -27.02
C LEU I 50 59.50 -12.14 -26.10
N GLN I 51 59.05 -11.64 -24.95
CA GLN I 51 59.95 -10.97 -24.02
C GLN I 51 60.25 -11.71 -22.72
N LYS I 52 61.45 -11.48 -22.18
CA LYS I 52 61.93 -12.12 -20.94
C LYS I 52 62.11 -11.08 -19.82
N ILE I 53 61.94 -9.81 -20.16
CA ILE I 53 62.09 -8.73 -19.19
C ILE I 53 60.79 -7.93 -19.21
N SER I 54 60.25 -7.61 -18.03
CA SER I 54 58.99 -6.91 -18.01
C SER I 54 58.79 -6.04 -16.78
N GLU I 55 57.92 -5.04 -16.92
CA GLU I 55 57.57 -4.19 -15.79
C GLU I 55 56.62 -5.03 -14.92
N LEU I 56 56.69 -4.91 -13.60
CA LEU I 56 55.74 -5.58 -12.70
C LEU I 56 54.85 -4.51 -12.05
N TYR I 57 55.48 -3.49 -11.47
CA TYR I 57 54.78 -2.39 -10.80
C TYR I 57 55.60 -1.12 -10.93
N ASP I 58 55.17 -0.03 -10.31
CA ASP I 58 55.90 1.24 -10.45
C ASP I 58 57.44 1.19 -10.39
N ARG I 59 58.00 0.59 -9.35
CA ARG I 59 59.45 0.57 -9.23
C ARG I 59 59.96 -0.86 -9.22
N VAL I 60 59.13 -1.79 -9.70
CA VAL I 60 59.52 -3.18 -9.68
C VAL I 60 59.57 -3.80 -11.06
N GLY I 61 60.70 -4.46 -11.33
CA GLY I 61 60.93 -5.12 -12.61
C GLY I 61 61.05 -6.63 -12.47
N PHE I 62 60.89 -7.30 -13.59
CA PHE I 62 60.93 -8.76 -13.66
C PHE I 62 61.80 -9.21 -14.86
N ALA I 63 62.51 -10.30 -14.66
CA ALA I 63 63.33 -10.90 -15.70
C ALA I 63 63.35 -12.40 -15.42
N ALA I 64 63.31 -13.19 -16.47
CA ALA I 64 63.34 -14.63 -16.26
C ALA I 64 64.11 -15.39 -17.35
N ALA I 65 64.44 -16.63 -17.03
CA ALA I 65 65.13 -17.51 -17.95
C ALA I 65 64.47 -18.85 -17.82
N GLY I 66 64.37 -19.59 -18.92
CA GLY I 66 63.75 -20.90 -18.84
C GLY I 66 62.71 -21.06 -19.93
N LYS I 67 61.72 -21.91 -19.68
CA LYS I 67 60.63 -22.13 -20.63
C LYS I 67 59.69 -20.89 -20.65
N PHE I 68 59.57 -20.24 -21.81
CA PHE I 68 58.71 -19.06 -21.96
C PHE I 68 57.26 -19.19 -21.44
N ASN I 69 56.52 -20.17 -21.93
CA ASN I 69 55.13 -20.29 -21.50
C ASN I 69 55.06 -20.38 -19.96
N GLU I 70 56.09 -20.93 -19.33
CA GLU I 70 56.03 -21.02 -17.88
C GLU I 70 56.36 -19.70 -17.17
N PHE I 71 57.41 -18.99 -17.59
CA PHE I 71 57.70 -17.76 -16.88
C PHE I 71 56.80 -16.59 -17.30
N ASP I 72 56.17 -16.70 -18.46
CA ASP I 72 55.27 -15.62 -18.87
C ASP I 72 54.04 -15.80 -17.96
N ASN I 73 53.74 -17.04 -17.66
CA ASN I 73 52.63 -17.37 -16.78
C ASN I 73 52.88 -16.65 -15.46
N LEU I 74 54.06 -16.87 -14.91
CA LEU I 74 54.48 -16.26 -13.68
C LEU I 74 54.52 -14.74 -13.73
N ARG I 75 54.88 -14.19 -14.89
CA ARG I 75 54.95 -12.73 -15.07
C ARG I 75 53.55 -12.14 -14.92
N ARG I 76 52.60 -12.76 -15.59
CA ARG I 76 51.21 -12.33 -15.55
C ARG I 76 50.69 -12.42 -14.12
N GLY I 77 50.91 -13.56 -13.48
CA GLY I 77 50.47 -13.76 -12.11
C GLY I 77 51.03 -12.68 -11.20
N GLY I 78 52.27 -12.26 -11.45
CA GLY I 78 52.90 -11.25 -10.64
C GLY I 78 52.24 -9.91 -10.83
N ILE I 79 51.96 -9.57 -12.08
CA ILE I 79 51.31 -8.30 -12.40
C ILE I 79 49.91 -8.30 -11.73
N GLN I 80 49.24 -9.44 -11.79
CA GLN I 80 47.93 -9.62 -11.19
C GLN I 80 48.02 -9.33 -9.66
N PHE I 81 49.01 -9.94 -9.02
CA PHE I 81 49.20 -9.79 -7.59
C PHE I 81 49.49 -8.34 -7.22
N ALA I 82 50.39 -7.74 -7.96
CA ALA I 82 50.77 -6.38 -7.64
C ALA I 82 49.64 -5.37 -7.81
N ASP I 83 48.94 -5.43 -8.95
CA ASP I 83 47.86 -4.50 -9.21
C ASP I 83 46.74 -4.68 -8.15
N THR I 84 46.45 -5.92 -7.78
CA THR I 84 45.42 -6.19 -6.79
C THR I 84 45.83 -5.62 -5.41
N ARG I 85 47.09 -5.81 -5.04
CA ARG I 85 47.58 -5.27 -3.78
C ARG I 85 47.55 -3.75 -3.74
N GLY I 86 48.05 -3.13 -4.79
CA GLY I 86 48.09 -1.70 -4.82
C GLY I 86 46.73 -1.06 -4.74
N TYR I 87 45.73 -1.73 -5.32
CA TYR I 87 44.37 -1.23 -5.35
C TYR I 87 43.70 -1.44 -3.98
N ALA I 88 43.90 -2.61 -3.38
CA ALA I 88 43.36 -2.94 -2.08
C ALA I 88 43.98 -2.11 -0.92
N TYR I 89 45.23 -1.65 -1.08
CA TYR I 89 45.91 -0.83 -0.07
C TYR I 89 46.30 0.45 -0.78
N ASP I 90 47.58 0.65 -1.06
CA ASP I 90 48.00 1.84 -1.82
C ASP I 90 49.19 1.43 -2.70
N ARG I 91 49.44 2.16 -3.78
CA ARG I 91 50.53 1.84 -4.69
C ARG I 91 51.84 1.69 -3.95
N ARG I 92 52.13 2.67 -3.10
CA ARG I 92 53.36 2.65 -2.34
C ARG I 92 53.50 1.52 -1.35
N ASP I 93 52.49 0.68 -1.25
CA ASP I 93 52.57 -0.47 -0.35
C ASP I 93 53.07 -1.71 -1.09
N VAL I 94 53.15 -1.65 -2.41
CA VAL I 94 53.64 -2.80 -3.18
C VAL I 94 55.20 -2.75 -3.20
N THR I 95 55.86 -3.88 -2.95
CA THR I 95 57.32 -3.88 -2.93
C THR I 95 57.91 -5.07 -3.61
N GLY I 96 59.17 -4.90 -4.02
CA GLY I 96 59.90 -5.98 -4.69
C GLY I 96 59.99 -7.21 -3.78
N ARG I 97 60.25 -6.98 -2.50
CA ARG I 97 60.34 -8.05 -1.52
C ARG I 97 59.03 -8.88 -1.50
N GLN I 98 57.88 -8.19 -1.54
CA GLN I 98 56.58 -8.87 -1.54
C GLN I 98 56.41 -9.73 -2.78
N LEU I 99 56.79 -9.20 -3.94
CA LEU I 99 56.69 -9.97 -5.19
C LEU I 99 57.60 -11.20 -5.16
N ALA I 100 58.83 -11.02 -4.68
CA ALA I 100 59.77 -12.15 -4.64
C ALA I 100 59.22 -13.21 -3.70
N ASN I 101 58.69 -12.73 -2.59
CA ASN I 101 58.11 -13.61 -1.58
C ASN I 101 56.98 -14.43 -2.20
N VAL I 102 56.12 -13.76 -2.96
CA VAL I 102 55.00 -14.46 -3.63
C VAL I 102 55.49 -15.47 -4.67
N TYR I 103 56.52 -15.10 -5.42
CA TYR I 103 57.04 -16.01 -6.45
C TYR I 103 57.65 -17.24 -5.76
N ALA I 104 58.35 -17.00 -4.64
CA ALA I 104 58.97 -18.07 -3.88
C ALA I 104 57.93 -19.08 -3.49
N GLN I 105 56.83 -18.58 -2.95
CA GLN I 105 55.76 -19.45 -2.50
C GLN I 105 55.06 -20.15 -3.66
N THR I 106 54.93 -19.48 -4.79
CA THR I 106 54.27 -20.08 -5.94
C THR I 106 55.12 -21.20 -6.59
N LEU I 107 56.39 -20.92 -6.82
CA LEU I 107 57.27 -21.92 -7.42
C LEU I 107 57.38 -23.11 -6.45
N GLY I 108 57.50 -22.81 -5.16
CA GLY I 108 57.57 -23.86 -4.17
C GLY I 108 56.39 -24.80 -4.28
N THR I 109 55.21 -24.24 -4.42
CA THR I 109 54.01 -25.07 -4.54
C THR I 109 54.01 -25.84 -5.87
N ILE I 110 54.40 -25.20 -6.97
CA ILE I 110 54.44 -25.85 -8.28
C ILE I 110 55.42 -27.03 -8.22
N PHE I 111 56.62 -26.74 -7.73
CA PHE I 111 57.68 -27.75 -7.61
C PHE I 111 57.23 -28.98 -6.84
N THR I 112 56.40 -28.77 -5.84
CA THR I 112 55.92 -29.85 -4.98
C THR I 112 54.62 -30.49 -5.41
N GLU I 113 53.69 -29.70 -5.91
CA GLU I 113 52.37 -30.22 -6.28
C GLU I 113 52.03 -30.47 -7.76
N GLN I 114 52.70 -29.79 -8.70
CA GLN I 114 52.39 -29.98 -10.13
C GLN I 114 53.02 -31.28 -10.69
N ALA I 115 52.61 -31.69 -11.88
CA ALA I 115 53.19 -32.90 -12.45
C ALA I 115 54.64 -32.64 -12.82
N LYS I 116 54.88 -31.52 -13.48
CA LYS I 116 56.23 -31.18 -13.85
C LYS I 116 56.61 -29.85 -13.22
N PRO I 117 57.81 -29.76 -12.61
CA PRO I 117 58.20 -28.49 -11.99
C PRO I 117 58.41 -27.48 -13.11
N TYR I 118 58.39 -26.21 -12.78
CA TYR I 118 58.60 -25.17 -13.78
C TYR I 118 60.10 -25.05 -14.06
N GLU I 119 60.44 -25.08 -15.33
CA GLU I 119 61.83 -24.93 -15.76
C GLU I 119 62.07 -23.42 -15.90
N VAL I 120 62.21 -22.71 -14.77
CA VAL I 120 62.42 -21.27 -14.83
C VAL I 120 63.24 -20.79 -13.68
N GLU I 121 63.80 -19.60 -13.84
CA GLU I 121 64.58 -18.95 -12.81
C GLU I 121 64.16 -17.48 -12.94
N LEU I 122 63.76 -16.86 -11.83
CA LEU I 122 63.27 -15.48 -11.86
C LEU I 122 64.07 -14.49 -11.09
N CYS I 123 64.03 -13.25 -11.56
CA CYS I 123 64.68 -12.16 -10.86
C CYS I 123 63.68 -11.01 -10.73
N VAL I 124 63.50 -10.53 -9.49
CA VAL I 124 62.62 -9.41 -9.24
C VAL I 124 63.52 -8.30 -8.74
N ALA I 125 63.41 -7.12 -9.30
CA ALA I 125 64.25 -6.01 -8.86
C ALA I 125 63.41 -4.80 -8.54
N GLU I 126 63.92 -3.97 -7.63
CA GLU I 126 63.23 -2.76 -7.22
C GLU I 126 64.21 -1.63 -7.02
N VAL I 127 63.83 -0.45 -7.45
CA VAL I 127 64.67 0.72 -7.28
C VAL I 127 63.91 1.69 -6.38
N ALA I 128 64.62 2.70 -5.90
CA ALA I 128 63.99 3.67 -5.03
C ALA I 128 62.89 4.45 -5.72
N HIS I 129 62.03 5.04 -4.91
CA HIS I 129 60.95 5.87 -5.38
C HIS I 129 61.60 7.21 -5.79
N TYR I 130 60.96 7.93 -6.71
CA TYR I 130 61.49 9.21 -7.18
C TYR I 130 62.00 10.13 -6.05
N GLY I 131 63.16 10.74 -6.29
CA GLY I 131 63.73 11.62 -5.30
C GLY I 131 64.03 11.00 -3.95
N GLU I 132 64.07 9.68 -3.90
CA GLU I 132 64.33 8.96 -2.66
C GLU I 132 65.72 8.36 -2.82
N THR I 133 66.31 7.89 -1.72
CA THR I 133 67.64 7.28 -1.82
C THR I 133 67.58 5.93 -1.16
N LYS I 134 67.93 4.91 -1.92
CA LYS I 134 67.89 3.55 -1.41
C LYS I 134 68.60 2.69 -2.43
N ARG I 135 69.37 1.72 -1.95
CA ARG I 135 70.10 0.84 -2.84
C ARG I 135 69.15 -0.08 -3.57
N PRO I 136 69.34 -0.26 -4.89
CA PRO I 136 68.46 -1.16 -5.63
C PRO I 136 68.44 -2.49 -4.92
N GLU I 137 67.38 -3.26 -5.12
CA GLU I 137 67.29 -4.57 -4.51
C GLU I 137 67.11 -5.58 -5.63
N LEU I 138 67.75 -6.74 -5.51
CA LEU I 138 67.65 -7.78 -6.53
C LEU I 138 67.37 -9.08 -5.82
N TYR I 139 66.43 -9.85 -6.31
CA TYR I 139 66.10 -11.11 -5.70
C TYR I 139 66.11 -12.14 -6.79
N ARG I 140 66.52 -13.36 -6.45
CA ARG I 140 66.49 -14.45 -7.40
C ARG I 140 65.61 -15.51 -6.77
N ILE I 141 64.69 -16.05 -7.57
CA ILE I 141 63.81 -17.11 -7.10
C ILE I 141 64.01 -18.37 -7.95
N THR I 142 64.26 -19.48 -7.29
CA THR I 142 64.48 -20.77 -7.94
C THR I 142 63.22 -21.54 -8.31
N TYR I 143 63.42 -22.58 -9.12
CA TYR I 143 62.35 -23.44 -9.58
C TYR I 143 61.66 -24.13 -8.40
N ASP I 144 62.42 -24.34 -7.33
CA ASP I 144 61.92 -24.98 -6.12
C ASP I 144 61.41 -23.98 -5.08
N GLY I 145 61.39 -22.70 -5.43
CA GLY I 145 60.94 -21.66 -4.51
C GLY I 145 61.97 -21.05 -3.60
N SER I 146 63.24 -21.41 -3.77
CA SER I 146 64.30 -20.82 -2.96
C SER I 146 64.46 -19.37 -3.39
N ILE I 147 64.80 -18.50 -2.46
CA ILE I 147 64.90 -17.10 -2.78
C ILE I 147 66.20 -16.56 -2.20
N ALA I 148 66.84 -15.65 -2.92
CA ALA I 148 68.10 -15.11 -2.45
C ALA I 148 68.17 -13.64 -2.72
N ASP I 149 68.75 -12.93 -1.75
CA ASP I 149 68.92 -11.49 -1.81
C ASP I 149 70.31 -11.20 -2.39
N GLU I 150 70.39 -10.78 -3.65
CA GLU I 150 71.67 -10.43 -4.29
C GLU I 150 71.90 -8.93 -4.19
N PRO I 151 73.12 -8.51 -3.82
CA PRO I 151 73.43 -7.08 -3.68
C PRO I 151 73.93 -6.33 -4.91
N HIS I 152 74.52 -7.04 -5.86
CA HIS I 152 75.07 -6.35 -7.03
C HIS I 152 74.52 -6.77 -8.39
N PHE I 153 74.37 -8.07 -8.58
CA PHE I 153 73.88 -8.56 -9.85
C PHE I 153 73.34 -9.96 -9.71
N VAL I 154 72.59 -10.39 -10.71
CA VAL I 154 72.01 -11.72 -10.72
C VAL I 154 72.20 -12.25 -12.12
N VAL I 155 72.47 -13.55 -12.23
CA VAL I 155 72.64 -14.20 -13.52
C VAL I 155 71.78 -15.45 -13.55
N MET I 156 71.03 -15.62 -14.64
CA MET I 156 70.16 -16.79 -14.74
C MET I 156 70.13 -17.32 -16.16
N GLY I 157 69.88 -18.62 -16.27
CA GLY I 157 69.80 -19.27 -17.57
C GLY I 157 71.11 -19.73 -18.17
N GLY I 158 71.06 -20.87 -18.87
CA GLY I 158 72.25 -21.42 -19.51
C GLY I 158 73.39 -21.73 -18.55
N THR I 159 74.62 -21.43 -19.00
CA THR I 159 75.80 -21.66 -18.18
C THR I 159 76.12 -20.32 -17.54
N THR I 160 75.84 -20.25 -16.24
CA THR I 160 76.02 -19.03 -15.48
C THR I 160 77.43 -18.77 -14.99
N GLU I 161 78.11 -19.83 -14.57
CA GLU I 161 79.49 -19.74 -14.06
C GLU I 161 80.35 -18.70 -14.79
N PRO I 162 80.54 -18.89 -16.11
CA PRO I 162 81.35 -17.97 -16.91
C PRO I 162 80.89 -16.52 -16.80
N ILE I 163 79.59 -16.30 -16.95
CA ILE I 163 78.99 -14.96 -16.89
C ILE I 163 79.09 -14.38 -15.49
N ALA I 164 78.89 -15.23 -14.49
CA ALA I 164 78.99 -14.83 -13.09
C ALA I 164 80.37 -14.24 -12.80
N ASN I 165 81.40 -15.06 -13.01
CA ASN I 165 82.78 -14.64 -12.79
C ASN I 165 83.12 -13.40 -13.61
N ALA I 166 82.79 -13.43 -14.90
CA ALA I 166 83.06 -12.29 -15.77
C ALA I 166 82.54 -10.98 -15.14
N LEU I 167 81.44 -11.06 -14.41
CA LEU I 167 80.87 -9.89 -13.76
C LEU I 167 81.57 -9.67 -12.42
N LYS I 168 81.86 -10.74 -11.72
CA LYS I 168 82.43 -10.61 -10.41
C LYS I 168 83.65 -9.73 -10.60
N GLU I 169 84.22 -9.81 -11.80
CA GLU I 169 85.45 -9.09 -12.15
C GLU I 169 85.25 -7.66 -12.68
N SER I 170 84.32 -7.50 -13.62
CA SER I 170 84.01 -6.21 -14.22
C SER I 170 82.95 -5.35 -13.52
N TYR I 171 82.23 -5.90 -12.53
CA TYR I 171 81.19 -5.11 -11.87
C TYR I 171 81.69 -3.91 -11.08
N ALA I 172 81.11 -2.76 -11.39
CA ALA I 172 81.46 -1.50 -10.74
C ALA I 172 80.22 -0.83 -10.17
N GLU I 173 80.17 -0.71 -8.84
CA GLU I 173 79.06 -0.05 -8.18
C GLU I 173 79.06 1.38 -8.68
N ASN I 174 77.90 1.87 -9.08
CA ASN I 174 77.76 3.25 -9.55
C ASN I 174 78.23 3.43 -10.97
N ALA I 175 78.38 2.32 -11.70
CA ALA I 175 78.79 2.43 -13.09
C ALA I 175 77.70 3.24 -13.79
N SER I 176 78.05 4.01 -14.82
CA SER I 176 77.03 4.77 -15.53
C SER I 176 76.25 3.75 -16.35
N LEU I 177 75.21 4.20 -17.04
CA LEU I 177 74.41 3.29 -17.85
C LEU I 177 75.27 2.60 -18.93
N THR I 178 76.00 3.39 -19.70
CA THR I 178 76.85 2.84 -20.77
C THR I 178 77.88 1.86 -20.26
N ASP I 179 78.57 2.21 -19.17
CA ASP I 179 79.58 1.33 -18.60
C ASP I 179 78.94 0.02 -18.14
N ALA I 180 77.78 0.15 -17.50
CA ALA I 180 77.06 -1.03 -17.02
C ALA I 180 76.61 -1.89 -18.20
N LEU I 181 76.09 -1.25 -19.24
CA LEU I 181 75.62 -2.00 -20.40
C LEU I 181 76.76 -2.85 -20.97
N ARG I 182 77.90 -2.21 -21.25
CA ARG I 182 79.05 -2.93 -21.83
C ARG I 182 79.59 -4.02 -20.91
N ILE I 183 79.77 -3.72 -19.63
CA ILE I 183 80.16 -4.74 -18.66
C ILE I 183 79.24 -5.96 -18.76
N ALA I 184 77.94 -5.68 -18.86
CA ALA I 184 76.93 -6.71 -18.94
C ALA I 184 77.00 -7.50 -20.24
N VAL I 185 76.91 -6.80 -21.37
CA VAL I 185 76.96 -7.48 -22.66
C VAL I 185 78.23 -8.33 -22.77
N ALA I 186 79.31 -7.85 -22.15
CA ALA I 186 80.58 -8.55 -22.16
C ALA I 186 80.44 -9.84 -21.36
N ALA I 187 80.26 -9.70 -20.05
CA ALA I 187 80.11 -10.85 -19.17
C ALA I 187 79.14 -11.89 -19.73
N LEU I 188 78.24 -11.42 -20.58
CA LEU I 188 77.24 -12.30 -21.18
C LEU I 188 77.90 -13.17 -22.26
N ARG I 189 78.71 -12.56 -23.12
CA ARG I 189 79.35 -13.33 -24.18
C ARG I 189 80.20 -14.42 -23.55
N ALA I 190 80.87 -14.08 -22.45
CA ALA I 190 81.74 -15.04 -21.78
C ALA I 190 81.00 -16.33 -21.45
N LEU I 203 76.59 -9.57 -27.81
CA LEU I 203 75.75 -9.70 -28.99
C LEU I 203 75.52 -8.31 -29.58
N GLY I 204 74.40 -8.16 -30.27
CA GLY I 204 74.02 -6.95 -30.96
C GLY I 204 72.59 -6.55 -30.65
N VAL I 205 72.19 -5.38 -31.13
CA VAL I 205 70.85 -4.87 -30.87
C VAL I 205 69.83 -5.87 -31.39
N ALA I 206 70.14 -6.51 -32.50
CA ALA I 206 69.27 -7.53 -33.07
C ALA I 206 69.11 -8.70 -32.10
N SER I 207 70.19 -9.02 -31.39
CA SER I 207 70.20 -10.15 -30.45
C SER I 207 69.99 -9.83 -28.96
N LEU I 208 69.60 -8.61 -28.62
CA LEU I 208 69.46 -8.24 -27.21
C LEU I 208 68.08 -7.68 -26.77
N GLU I 209 67.70 -7.96 -25.52
CA GLU I 209 66.50 -7.36 -24.93
C GLU I 209 67.10 -6.54 -23.81
N VAL I 210 66.91 -5.23 -23.88
CA VAL I 210 67.45 -4.36 -22.85
C VAL I 210 66.41 -3.41 -22.23
N ALA I 211 66.47 -3.26 -20.91
CA ALA I 211 65.54 -2.38 -20.23
C ALA I 211 66.13 -1.99 -18.88
N VAL I 212 65.67 -0.85 -18.36
CA VAL I 212 66.11 -0.39 -17.06
C VAL I 212 64.96 -0.01 -16.13
N LEU I 213 65.25 -0.06 -14.83
CA LEU I 213 64.34 0.39 -13.81
C LEU I 213 65.05 1.69 -13.54
N ASP I 214 64.55 2.77 -14.14
CA ASP I 214 65.19 4.06 -13.98
C ASP I 214 64.63 4.81 -12.77
N ALA I 215 65.50 5.05 -11.79
CA ALA I 215 65.16 5.72 -10.55
C ALA I 215 64.69 7.16 -10.76
N ASN I 216 65.28 7.83 -11.73
CA ASN I 216 64.93 9.22 -12.02
C ASN I 216 63.48 9.43 -12.47
N ARG I 217 62.87 8.43 -13.07
CA ARG I 217 61.48 8.55 -13.51
C ARG I 217 60.57 8.79 -12.29
N PRO I 218 59.59 9.68 -12.45
CA PRO I 218 58.71 10.04 -11.33
C PRO I 218 57.84 8.91 -10.77
N ARG I 219 57.24 8.09 -11.62
CA ARG I 219 56.43 6.98 -11.10
C ARG I 219 56.80 5.62 -11.67
N ARG I 220 56.68 5.48 -12.99
CA ARG I 220 56.98 4.20 -13.63
C ARG I 220 58.42 4.15 -14.08
N ALA I 221 59.22 3.42 -13.31
CA ALA I 221 60.63 3.22 -13.56
C ALA I 221 60.99 2.45 -14.83
N PHE I 222 60.22 1.41 -15.15
CA PHE I 222 60.54 0.52 -16.25
C PHE I 222 60.60 1.24 -17.58
N ARG I 223 61.69 1.03 -18.30
CA ARG I 223 61.91 1.69 -19.57
C ARG I 223 62.71 0.76 -20.48
N ARG I 224 62.20 0.48 -21.67
CA ARG I 224 62.94 -0.38 -22.62
C ARG I 224 63.92 0.45 -23.44
N ILE I 225 65.08 -0.12 -23.71
CA ILE I 225 66.09 0.57 -24.52
C ILE I 225 66.28 -0.28 -25.76
N THR I 226 65.80 0.25 -26.89
CA THR I 226 65.87 -0.52 -28.13
C THR I 226 66.26 0.27 -29.38
N GLY I 227 66.40 -0.47 -30.47
CA GLY I 227 66.77 0.12 -31.75
C GLY I 227 67.98 1.03 -31.74
N SER I 228 67.86 2.15 -32.46
CA SER I 228 68.93 3.13 -32.55
C SER I 228 69.41 3.57 -31.18
N ALA I 229 68.47 3.87 -30.29
CA ALA I 229 68.79 4.30 -28.94
C ALA I 229 69.73 3.26 -28.27
N LEU I 230 69.36 1.99 -28.38
CA LEU I 230 70.19 0.95 -27.79
C LEU I 230 71.52 0.93 -28.51
N GLN I 231 71.45 1.07 -29.84
CA GLN I 231 72.64 1.08 -30.68
C GLN I 231 73.67 2.02 -30.08
N ALA I 232 73.25 3.26 -29.91
CA ALA I 232 74.09 4.30 -29.36
C ALA I 232 74.98 3.79 -28.21
N LEU I 233 74.42 3.03 -27.28
CA LEU I 233 75.22 2.54 -26.16
C LEU I 233 76.00 1.26 -26.45
N THR J 1 27.64 19.64 -9.23
CA THR J 1 28.88 19.31 -9.92
C THR J 1 28.82 19.70 -11.40
N THR J 2 29.96 20.07 -11.93
CA THR J 2 30.01 20.29 -13.37
C THR J 2 31.41 19.93 -13.86
N ILE J 3 31.46 19.07 -14.86
CA ILE J 3 32.69 18.70 -15.48
C ILE J 3 32.46 18.99 -16.97
N VAL J 4 33.40 19.70 -17.61
CA VAL J 4 33.30 19.99 -19.04
C VAL J 4 34.53 19.43 -19.77
N ALA J 5 34.36 19.17 -21.05
CA ALA J 5 35.47 18.72 -21.89
C ALA J 5 35.22 19.30 -23.29
N LEU J 6 36.29 19.74 -23.95
CA LEU J 6 36.14 20.27 -25.31
C LEU J 6 37.41 20.00 -26.10
N LYS J 7 37.23 19.88 -27.42
CA LYS J 7 38.34 19.62 -28.34
C LYS J 7 38.84 20.94 -28.92
N TYR J 8 40.15 21.02 -29.09
CA TYR J 8 40.71 22.21 -29.74
C TYR J 8 41.68 21.62 -30.74
N PRO J 9 42.13 22.43 -31.73
CA PRO J 9 43.07 21.92 -32.74
C PRO J 9 44.31 21.30 -32.11
N GLY J 10 44.46 19.97 -32.24
CA GLY J 10 45.62 19.32 -31.67
C GLY J 10 45.46 18.67 -30.29
N GLY J 11 44.29 18.80 -29.66
CA GLY J 11 44.12 18.17 -28.37
C GLY J 11 42.76 18.28 -27.75
N VAL J 12 42.75 18.12 -26.44
CA VAL J 12 41.50 18.19 -25.73
C VAL J 12 41.79 18.68 -24.32
N VAL J 13 40.78 19.34 -23.73
CA VAL J 13 40.88 19.84 -22.37
C VAL J 13 39.65 19.42 -21.58
N MET J 14 39.87 19.04 -20.34
CA MET J 14 38.79 18.67 -19.45
C MET J 14 38.99 19.46 -18.14
N ALA J 15 37.91 20.04 -17.63
CA ALA J 15 38.00 20.80 -16.40
C ALA J 15 36.79 20.50 -15.50
N GLY J 16 37.02 20.57 -14.19
CA GLY J 16 35.95 20.31 -13.23
C GLY J 16 35.91 21.27 -12.05
N ASP J 17 34.72 21.49 -11.46
CA ASP J 17 34.57 22.39 -10.32
C ASP J 17 35.07 21.67 -9.05
N ARG J 18 35.05 22.36 -7.90
CA ARG J 18 35.63 21.84 -6.65
C ARG J 18 34.65 21.61 -5.49
N ARG J 19 33.37 21.75 -5.78
CA ARG J 19 32.39 21.65 -4.75
C ARG J 19 31.82 20.29 -4.43
N SER J 20 31.62 20.03 -3.16
CA SER J 20 30.92 18.80 -2.79
C SER J 20 29.82 19.31 -1.85
N THR J 21 28.66 18.68 -1.91
CA THR J 21 27.56 19.09 -1.03
C THR J 21 26.89 17.87 -0.41
N GLN J 22 26.04 18.14 0.57
CA GLN J 22 25.25 17.14 1.27
C GLN J 22 23.95 17.91 1.48
N GLY J 23 22.98 17.67 0.61
CA GLY J 23 21.74 18.43 0.64
C GLY J 23 22.14 19.86 0.25
N ASN J 24 21.64 20.84 1.00
CA ASN J 24 21.95 22.24 0.74
C ASN J 24 23.31 22.66 1.27
N MET J 25 23.89 21.85 2.14
CA MET J 25 25.18 22.23 2.76
C MET J 25 26.41 22.03 1.89
N ILE J 26 27.31 23.01 1.93
CA ILE J 26 28.54 22.92 1.19
C ILE J 26 29.48 22.12 2.07
N SER J 27 29.80 20.90 1.68
CA SER J 27 30.64 20.05 2.51
C SER J 27 32.11 20.02 2.12
N GLY J 28 32.44 20.50 0.93
CA GLY J 28 33.82 20.47 0.49
C GLY J 28 34.06 21.60 -0.50
N ARG J 29 35.29 22.12 -0.53
CA ARG J 29 35.63 23.24 -1.42
C ARG J 29 36.86 23.00 -2.24
N ASP J 30 37.47 21.85 -2.09
CA ASP J 30 38.69 21.58 -2.86
C ASP J 30 38.73 20.19 -3.48
N VAL J 31 37.57 19.61 -3.70
CA VAL J 31 37.51 18.26 -4.27
C VAL J 31 38.09 18.30 -5.71
N ARG J 32 38.87 17.27 -6.08
CA ARG J 32 39.42 17.18 -7.45
C ARG J 32 38.58 16.15 -8.19
N LYS J 33 37.94 16.56 -9.28
CA LYS J 33 37.03 15.62 -9.98
C LYS J 33 37.53 15.12 -11.31
N VAL J 34 38.66 15.65 -11.77
CA VAL J 34 39.25 15.27 -13.05
C VAL J 34 40.58 14.57 -12.76
N TYR J 35 40.75 13.35 -13.29
CA TYR J 35 41.95 12.57 -13.09
C TYR J 35 42.62 12.21 -14.40
N ILE J 36 43.94 12.12 -14.36
CA ILE J 36 44.69 11.67 -15.52
C ILE J 36 44.64 10.15 -15.32
N THR J 37 44.01 9.43 -16.23
CA THR J 37 43.92 7.99 -16.05
C THR J 37 45.03 7.18 -16.70
N ASP J 38 45.66 7.71 -17.74
CA ASP J 38 46.81 7.10 -18.36
C ASP J 38 47.49 8.23 -19.13
N ASP J 39 48.59 7.96 -19.82
CA ASP J 39 49.29 9.04 -20.54
C ASP J 39 48.49 9.88 -21.52
N TYR J 40 47.42 9.30 -22.08
CA TYR J 40 46.61 10.02 -23.08
C TYR J 40 45.12 10.18 -22.76
N THR J 41 44.74 9.97 -21.51
CA THR J 41 43.34 10.06 -21.19
C THR J 41 43.07 10.63 -19.81
N ALA J 42 41.92 11.31 -19.70
CA ALA J 42 41.51 11.86 -18.43
C ALA J 42 40.04 11.50 -18.23
N THR J 43 39.69 11.28 -16.97
CA THR J 43 38.31 10.95 -16.62
C THR J 43 37.80 11.97 -15.60
N GLY J 44 36.60 12.49 -15.81
CA GLY J 44 35.99 13.42 -14.87
C GLY J 44 34.71 12.69 -14.43
N ILE J 45 34.35 12.73 -13.16
CA ILE J 45 33.16 12.02 -12.76
C ILE J 45 32.20 12.79 -11.91
N ALA J 46 30.92 12.60 -12.18
CA ALA J 46 29.86 13.30 -11.47
C ALA J 46 28.96 12.29 -10.73
N GLY J 47 28.18 12.76 -9.77
CA GLY J 47 27.32 11.84 -9.01
C GLY J 47 27.84 11.49 -7.62
N THR J 48 27.57 10.27 -7.18
CA THR J 48 27.96 9.75 -5.87
C THR J 48 29.48 9.73 -5.73
N ALA J 49 30.01 10.54 -4.83
CA ALA J 49 31.44 10.64 -4.63
C ALA J 49 32.17 9.31 -4.35
N ALA J 50 31.67 8.49 -3.45
CA ALA J 50 32.35 7.24 -3.17
C ALA J 50 32.60 6.50 -4.50
N VAL J 51 31.52 6.31 -5.25
CA VAL J 51 31.57 5.59 -6.50
C VAL J 51 32.45 6.31 -7.56
N ALA J 52 32.33 7.63 -7.64
CA ALA J 52 33.11 8.40 -8.61
C ALA J 52 34.60 8.19 -8.45
N VAL J 53 35.07 8.19 -7.19
CA VAL J 53 36.47 8.04 -6.93
C VAL J 53 36.90 6.61 -7.23
N GLU J 54 36.07 5.64 -6.86
CA GLU J 54 36.41 4.25 -7.14
C GLU J 54 36.56 4.05 -8.63
N PHE J 55 35.60 4.57 -9.39
CA PHE J 55 35.66 4.43 -10.84
C PHE J 55 36.99 4.91 -11.39
N ALA J 56 37.37 6.13 -11.06
CA ALA J 56 38.59 6.71 -11.59
C ALA J 56 39.83 5.91 -11.18
N ARG J 57 39.89 5.51 -9.92
CA ARG J 57 40.99 4.72 -9.40
C ARG J 57 41.10 3.30 -10.01
N LEU J 58 39.99 2.59 -10.05
CA LEU J 58 39.94 1.27 -10.63
C LEU J 58 40.22 1.29 -12.13
N TYR J 59 39.67 2.26 -12.84
CA TYR J 59 39.86 2.39 -14.26
C TYR J 59 41.33 2.64 -14.64
N ALA J 60 42.04 3.49 -13.90
CA ALA J 60 43.44 3.74 -14.19
C ALA J 60 44.25 2.45 -13.97
N VAL J 61 43.90 1.71 -12.93
CA VAL J 61 44.60 0.48 -12.65
C VAL J 61 44.33 -0.51 -13.81
N GLU J 62 43.09 -0.57 -14.27
CA GLU J 62 42.75 -1.51 -15.32
C GLU J 62 43.48 -1.20 -16.64
N LEU J 63 43.61 0.08 -16.97
CA LEU J 63 44.30 0.43 -18.20
C LEU J 63 45.78 0.05 -18.16
N GLU J 64 46.44 0.34 -17.05
CA GLU J 64 47.85 0.05 -16.89
C GLU J 64 48.07 -1.47 -16.74
N HIS J 65 47.10 -2.16 -16.18
CA HIS J 65 47.16 -3.60 -16.01
C HIS J 65 47.24 -4.29 -17.39
N TYR J 66 46.41 -3.84 -18.30
CA TYR J 66 46.39 -4.38 -19.64
C TYR J 66 47.75 -4.13 -20.31
N GLU J 67 48.21 -2.88 -20.18
CA GLU J 67 49.46 -2.48 -20.78
C GLU J 67 50.63 -3.33 -20.31
N LYS J 68 50.69 -3.64 -19.02
CA LYS J 68 51.80 -4.43 -18.51
C LYS J 68 51.68 -5.87 -18.93
N LEU J 69 50.45 -6.38 -18.93
CA LEU J 69 50.26 -7.77 -19.33
C LEU J 69 50.51 -8.01 -20.83
N GLU J 70 50.02 -7.11 -21.67
CA GLU J 70 50.10 -7.30 -23.10
C GLU J 70 51.22 -6.56 -23.80
N GLY J 71 51.96 -5.72 -23.09
CA GLY J 71 53.05 -5.02 -23.72
C GLY J 71 52.67 -3.77 -24.48
N VAL J 72 51.38 -3.55 -24.70
CA VAL J 72 50.96 -2.36 -25.44
C VAL J 72 49.68 -1.82 -24.80
N PRO J 73 49.42 -0.50 -24.90
CA PRO J 73 48.17 -0.01 -24.31
C PRO J 73 46.96 -0.41 -25.14
N LEU J 74 45.79 -0.37 -24.52
CA LEU J 74 44.54 -0.64 -25.24
C LEU J 74 44.32 0.44 -26.30
N THR J 75 43.61 0.08 -27.36
CA THR J 75 43.26 1.04 -28.39
C THR J 75 42.27 1.98 -27.71
N PHE J 76 42.00 3.13 -28.29
CA PHE J 76 41.06 4.03 -27.65
C PHE J 76 39.69 3.38 -27.52
N ALA J 77 39.27 2.66 -28.54
CA ALA J 77 37.96 1.99 -28.48
C ALA J 77 37.92 0.97 -27.33
N GLY J 78 39.02 0.28 -27.08
CA GLY J 78 39.06 -0.68 -25.99
C GLY J 78 38.96 0.03 -24.64
N LYS J 79 39.61 1.19 -24.49
CA LYS J 79 39.53 1.99 -23.26
C LYS J 79 38.07 2.38 -23.00
N ILE J 80 37.38 2.81 -24.06
CA ILE J 80 35.97 3.21 -23.93
C ILE J 80 35.14 2.02 -23.44
N ASN J 81 35.35 0.86 -24.05
CA ASN J 81 34.56 -0.32 -23.72
C ASN J 81 34.74 -0.77 -22.27
N ARG J 82 35.97 -0.74 -21.78
CA ARG J 82 36.21 -1.12 -20.40
C ARG J 82 35.51 -0.16 -19.43
N LEU J 83 35.55 1.14 -19.73
CA LEU J 83 34.88 2.13 -18.88
C LEU J 83 33.37 1.89 -18.89
N ALA J 84 32.83 1.62 -20.07
CA ALA J 84 31.41 1.33 -20.23
C ALA J 84 30.98 0.12 -19.42
N ILE J 85 31.82 -0.91 -19.45
CA ILE J 85 31.52 -2.14 -18.72
C ILE J 85 31.57 -1.88 -17.21
N MET J 86 32.51 -1.06 -16.77
CA MET J 86 32.59 -0.71 -15.37
C MET J 86 31.29 0.07 -14.96
N VAL J 87 30.86 1.02 -15.78
CA VAL J 87 29.63 1.76 -15.45
C VAL J 87 28.43 0.81 -15.39
N ARG J 88 28.27 -0.02 -16.42
CA ARG J 88 27.18 -1.00 -16.48
C ARG J 88 27.18 -1.88 -15.21
N GLY J 89 28.36 -2.26 -14.73
CA GLY J 89 28.46 -3.05 -13.52
C GLY J 89 27.89 -2.39 -12.27
N ASN J 90 27.77 -1.07 -12.30
CA ASN J 90 27.23 -0.34 -11.15
C ASN J 90 25.74 -0.03 -11.27
N LEU J 91 25.10 -0.54 -12.33
CA LEU J 91 23.70 -0.22 -12.57
C LEU J 91 22.70 -0.57 -11.41
N ALA J 92 22.84 -1.74 -10.80
CA ALA J 92 21.95 -2.10 -9.69
C ALA J 92 22.13 -1.08 -8.55
N ALA J 93 23.41 -0.84 -8.15
CA ALA J 93 23.73 0.13 -7.09
C ALA J 93 23.21 1.52 -7.43
N ALA J 94 23.33 1.90 -8.70
CA ALA J 94 22.89 3.21 -9.17
C ALA J 94 21.38 3.41 -9.00
N MET J 95 20.61 2.39 -9.35
CA MET J 95 19.17 2.47 -9.22
C MET J 95 18.81 2.57 -7.74
N GLN J 96 19.79 2.29 -6.89
CA GLN J 96 19.63 2.36 -5.44
C GLN J 96 20.19 3.66 -4.86
N GLY J 97 20.49 4.61 -5.73
CA GLY J 97 21.03 5.90 -5.36
C GLY J 97 22.52 6.14 -5.43
N LEU J 98 23.32 5.08 -5.61
CA LEU J 98 24.77 5.26 -5.78
C LEU J 98 25.12 5.43 -7.26
N LEU J 99 24.66 6.50 -7.88
CA LEU J 99 24.87 6.71 -9.31
C LEU J 99 26.01 7.66 -9.66
N ALA J 100 26.95 7.15 -10.44
CA ALA J 100 28.08 7.95 -10.89
C ALA J 100 28.22 7.87 -12.41
N LEU J 101 28.40 9.02 -13.05
CA LEU J 101 28.58 9.07 -14.51
C LEU J 101 29.89 9.72 -14.93
N PRO J 102 30.74 8.98 -15.64
CA PRO J 102 32.02 9.54 -16.06
C PRO J 102 31.92 10.22 -17.43
N LEU J 103 32.90 11.09 -17.69
CA LEU J 103 33.06 11.79 -18.94
C LEU J 103 34.53 11.48 -19.25
N LEU J 104 34.80 10.99 -20.46
CA LEU J 104 36.14 10.60 -20.85
C LEU J 104 36.72 11.51 -21.92
N ALA J 105 37.95 11.96 -21.75
CA ALA J 105 38.61 12.80 -22.75
C ALA J 105 39.94 12.16 -23.02
N GLY J 106 40.33 12.14 -24.29
CA GLY J 106 41.60 11.51 -24.61
C GLY J 106 42.16 12.00 -25.91
N TYR J 107 43.39 11.57 -26.18
CA TYR J 107 44.03 11.91 -27.43
C TYR J 107 44.37 10.54 -28.01
N ASP J 108 43.91 10.25 -29.21
CA ASP J 108 44.18 8.96 -29.84
C ASP J 108 45.49 9.00 -30.67
N ILE J 109 46.55 8.40 -30.15
CA ILE J 109 47.84 8.39 -30.83
C ILE J 109 47.75 7.68 -32.17
N HIS J 110 46.80 6.76 -32.32
CA HIS J 110 46.64 6.04 -33.57
C HIS J 110 45.69 6.66 -34.57
N ALA J 111 45.12 7.82 -34.26
CA ALA J 111 44.20 8.45 -35.20
C ALA J 111 45.00 8.88 -36.44
N SER J 112 44.35 8.85 -37.61
CA SER J 112 45.00 9.28 -38.83
C SER J 112 45.38 10.77 -38.76
N ASP J 113 44.40 11.64 -38.52
CA ASP J 113 44.69 13.06 -38.47
C ASP J 113 44.88 13.63 -37.06
N PRO J 114 46.13 13.95 -36.70
CA PRO J 114 46.58 14.51 -35.43
C PRO J 114 45.85 15.74 -34.90
N GLN J 115 45.49 16.67 -35.78
CA GLN J 115 44.80 17.88 -35.34
C GLN J 115 43.44 17.56 -34.74
N SER J 116 42.84 16.46 -35.19
CA SER J 116 41.53 16.05 -34.68
C SER J 116 41.54 14.75 -33.85
N ALA J 117 42.72 14.29 -33.44
CA ALA J 117 42.85 13.05 -32.66
C ALA J 117 42.25 13.16 -31.25
N GLY J 118 41.79 14.35 -30.89
CA GLY J 118 41.15 14.53 -29.61
C GLY J 118 39.85 13.74 -29.55
N ARG J 119 39.53 13.24 -28.37
CA ARG J 119 38.32 12.43 -28.21
C ARG J 119 37.55 12.80 -26.94
N ILE J 120 36.23 12.87 -27.06
CA ILE J 120 35.38 13.13 -25.91
C ILE J 120 34.27 12.08 -25.96
N VAL J 121 34.10 11.35 -24.84
CA VAL J 121 33.10 10.30 -24.81
C VAL J 121 32.22 10.40 -23.58
N SER J 122 30.90 10.34 -23.75
CA SER J 122 30.01 10.39 -22.60
C SER J 122 29.38 9.03 -22.34
N PHE J 123 28.86 8.83 -21.14
CA PHE J 123 28.30 7.55 -20.74
C PHE J 123 27.00 7.72 -19.99
N ASP J 124 26.09 6.75 -20.14
CA ASP J 124 24.84 6.83 -19.39
C ASP J 124 24.89 5.77 -18.30
N ALA J 125 23.88 5.73 -17.43
CA ALA J 125 23.90 4.79 -16.31
C ALA J 125 23.95 3.32 -16.67
N ALA J 126 23.47 2.97 -17.85
CA ALA J 126 23.47 1.58 -18.26
C ALA J 126 24.75 1.17 -18.98
N GLY J 127 25.69 2.10 -19.16
CA GLY J 127 26.92 1.71 -19.84
C GLY J 127 26.93 2.10 -21.30
N GLY J 128 25.90 2.81 -21.73
CA GLY J 128 25.86 3.25 -23.12
C GLY J 128 26.87 4.36 -23.27
N TRP J 129 27.58 4.41 -24.39
CA TRP J 129 28.57 5.45 -24.60
C TRP J 129 28.32 6.13 -25.93
N ASN J 130 28.83 7.34 -26.06
CA ASN J 130 28.71 8.07 -27.30
C ASN J 130 29.96 8.94 -27.48
N ILE J 131 30.64 8.73 -28.61
CA ILE J 131 31.81 9.51 -28.94
C ILE J 131 31.18 10.81 -29.42
N GLU J 132 31.51 11.89 -28.72
CA GLU J 132 30.92 13.19 -29.01
C GLU J 132 31.48 13.74 -30.30
N GLU J 133 30.59 14.26 -31.13
CA GLU J 133 30.99 14.82 -32.39
C GLU J 133 30.85 16.34 -32.48
N GLU J 134 30.09 16.97 -31.60
CA GLU J 134 29.94 18.43 -31.65
C GLU J 134 31.09 19.30 -31.06
N GLY J 135 32.15 18.70 -30.58
CA GLY J 135 33.22 19.52 -30.05
C GLY J 135 33.36 19.67 -28.54
N TYR J 136 32.27 19.50 -27.80
CA TYR J 136 32.31 19.62 -26.36
C TYR J 136 31.18 18.81 -25.72
N GLN J 137 31.27 18.61 -24.41
CA GLN J 137 30.27 17.87 -23.66
C GLN J 137 30.48 18.25 -22.17
N ALA J 138 29.49 17.95 -21.33
CA ALA J 138 29.58 18.24 -19.90
C ALA J 138 28.65 17.26 -19.16
N VAL J 139 28.95 16.96 -17.91
CA VAL J 139 28.13 16.11 -17.06
C VAL J 139 27.99 16.81 -15.71
N GLY J 140 26.93 16.44 -14.98
CA GLY J 140 26.70 16.99 -13.66
C GLY J 140 25.50 17.91 -13.67
N SER J 141 25.06 18.32 -12.49
CA SER J 141 23.91 19.19 -12.35
C SER J 141 24.03 20.55 -13.06
N GLY J 142 25.25 21.00 -13.38
CA GLY J 142 25.37 22.27 -14.05
C GLY J 142 25.68 22.08 -15.54
N SER J 143 25.59 20.84 -16.02
CA SER J 143 25.97 20.57 -17.40
C SER J 143 25.17 21.29 -18.49
N LEU J 144 23.87 21.42 -18.31
CA LEU J 144 23.10 22.13 -19.32
C LEU J 144 23.55 23.61 -19.42
N PHE J 145 23.81 24.25 -18.28
CA PHE J 145 24.25 25.64 -18.33
C PHE J 145 25.63 25.74 -19.00
N ALA J 146 26.51 24.78 -18.69
CA ALA J 146 27.83 24.78 -19.25
C ALA J 146 27.77 24.54 -20.76
N LYS J 147 26.92 23.65 -21.20
CA LYS J 147 26.83 23.36 -22.62
C LYS J 147 26.26 24.53 -23.39
N SER J 148 25.26 25.22 -22.85
CA SER J 148 24.68 26.34 -23.56
C SER J 148 25.68 27.48 -23.61
N SER J 149 26.57 27.54 -22.63
CA SER J 149 27.56 28.56 -22.62
C SER J 149 28.62 28.21 -23.70
N MET J 150 29.10 26.96 -23.72
CA MET J 150 30.06 26.56 -24.72
C MET J 150 29.49 26.69 -26.15
N LYS J 151 28.19 26.45 -26.31
CA LYS J 151 27.59 26.57 -27.62
C LYS J 151 27.87 27.98 -28.20
N LYS J 152 27.82 29.00 -27.36
CA LYS J 152 28.06 30.36 -27.79
C LYS J 152 29.56 30.70 -27.81
N LEU J 153 30.37 30.05 -27.00
CA LEU J 153 31.79 30.41 -26.97
C LEU J 153 32.71 29.52 -27.80
N TYR J 154 32.21 28.37 -28.24
CA TYR J 154 33.06 27.42 -28.94
C TYR J 154 33.80 27.95 -30.18
N SER J 155 33.17 28.87 -30.90
CA SER J 155 33.85 29.38 -32.09
C SER J 155 35.12 30.14 -31.73
N GLN J 156 35.32 30.45 -30.45
CA GLN J 156 36.54 31.15 -30.05
C GLN J 156 37.69 30.20 -29.77
N VAL J 157 37.44 28.89 -29.79
CA VAL J 157 38.54 27.98 -29.47
C VAL J 157 39.41 27.75 -30.69
N THR J 158 40.66 28.19 -30.61
CA THR J 158 41.58 28.03 -31.73
C THR J 158 42.86 27.34 -31.34
N ASP J 159 43.02 27.08 -30.06
CA ASP J 159 44.22 26.40 -29.58
C ASP J 159 44.02 26.04 -28.12
N GLY J 160 45.02 25.37 -27.53
CA GLY J 160 44.97 24.96 -26.14
C GLY J 160 44.59 26.03 -25.13
N ASP J 161 45.13 27.24 -25.30
CA ASP J 161 44.85 28.27 -24.33
C ASP J 161 43.45 28.90 -24.42
N SER J 162 42.96 29.09 -25.63
CA SER J 162 41.63 29.63 -25.75
C SER J 162 40.65 28.47 -25.40
N GLY J 163 41.07 27.21 -25.56
CA GLY J 163 40.21 26.08 -25.21
C GLY J 163 40.02 26.00 -23.69
N LEU J 164 41.14 26.23 -23.00
CA LEU J 164 41.20 26.22 -21.55
C LEU J 164 40.39 27.39 -21.04
N ARG J 165 40.42 28.51 -21.77
CA ARG J 165 39.67 29.65 -21.30
C ARG J 165 38.18 29.41 -21.44
N VAL J 166 37.79 28.82 -22.56
CA VAL J 166 36.36 28.56 -22.78
C VAL J 166 35.86 27.56 -21.75
N ALA J 167 36.67 26.55 -21.43
CA ALA J 167 36.26 25.56 -20.44
C ALA J 167 36.03 26.17 -19.07
N VAL J 168 36.92 27.06 -18.65
CA VAL J 168 36.82 27.74 -17.35
C VAL J 168 35.60 28.67 -17.37
N GLU J 169 35.36 29.33 -18.48
CA GLU J 169 34.21 30.20 -18.52
C GLU J 169 32.91 29.37 -18.48
N ALA J 170 32.89 28.20 -19.13
CA ALA J 170 31.71 27.32 -19.10
C ALA J 170 31.45 26.90 -17.64
N LEU J 171 32.49 26.55 -16.89
CA LEU J 171 32.34 26.18 -15.47
C LEU J 171 31.85 27.38 -14.68
N TYR J 172 32.29 28.58 -15.09
CA TYR J 172 31.87 29.79 -14.39
C TYR J 172 30.38 30.01 -14.61
N ASP J 173 29.93 29.77 -15.84
CA ASP J 173 28.50 29.94 -16.09
C ASP J 173 27.70 28.86 -15.35
N ALA J 174 28.24 27.65 -15.28
CA ALA J 174 27.52 26.59 -14.58
C ALA J 174 27.38 27.00 -13.09
N ALA J 175 28.46 27.48 -12.46
CA ALA J 175 28.34 27.91 -11.05
C ALA J 175 27.42 29.09 -10.87
N ASP J 176 27.36 29.96 -11.89
CA ASP J 176 26.52 31.16 -11.82
C ASP J 176 25.06 30.75 -11.76
N ASP J 177 24.70 29.62 -12.38
CA ASP J 177 23.26 29.19 -12.41
C ASP J 177 22.88 27.95 -11.61
N ASP J 178 23.87 27.19 -11.15
CA ASP J 178 23.65 25.97 -10.40
C ASP J 178 24.38 26.07 -9.07
N SER J 179 23.58 26.13 -7.99
CA SER J 179 24.13 26.23 -6.64
C SER J 179 24.96 24.98 -6.23
N ALA J 180 24.85 23.89 -6.98
CA ALA J 180 25.59 22.68 -6.65
C ALA J 180 26.96 22.69 -7.33
N THR J 181 27.23 23.71 -8.14
CA THR J 181 28.54 23.80 -8.79
C THR J 181 29.33 24.98 -8.17
N GLY J 182 30.56 24.72 -7.77
CA GLY J 182 31.36 25.79 -7.19
C GLY J 182 32.06 26.76 -8.15
N GLY J 183 31.91 28.04 -7.88
CA GLY J 183 32.58 29.01 -8.71
C GLY J 183 34.02 29.23 -8.20
N PRO J 184 34.79 30.09 -8.88
CA PRO J 184 36.17 30.39 -8.45
C PRO J 184 36.07 31.00 -7.07
N ASP J 185 36.92 30.61 -6.12
CA ASP J 185 36.83 31.19 -4.76
C ASP J 185 38.06 32.09 -4.54
N LEU J 186 37.87 33.38 -4.75
CA LEU J 186 38.95 34.35 -4.62
C LEU J 186 39.46 34.55 -3.19
N VAL J 187 38.57 34.39 -2.20
CA VAL J 187 38.99 34.51 -0.82
C VAL J 187 39.95 33.39 -0.42
N ARG J 188 39.64 32.16 -0.82
CA ARG J 188 40.49 31.05 -0.42
C ARG J 188 41.52 30.69 -1.49
N GLY J 189 41.41 31.31 -2.67
CA GLY J 189 42.32 30.99 -3.77
C GLY J 189 42.12 29.59 -4.36
N ILE J 190 40.87 29.12 -4.46
CA ILE J 190 40.61 27.77 -4.97
C ILE J 190 39.92 27.90 -6.31
N PHE J 191 40.43 27.18 -7.29
CA PHE J 191 39.83 27.27 -8.62
C PHE J 191 39.61 25.90 -9.21
N PRO J 192 38.85 25.86 -10.32
CA PRO J 192 38.56 24.60 -11.01
C PRO J 192 39.89 23.94 -11.40
N THR J 193 39.91 22.63 -11.50
CA THR J 193 41.12 21.95 -11.96
C THR J 193 40.90 21.63 -13.46
N ALA J 194 41.99 21.39 -14.17
CA ALA J 194 41.92 21.06 -15.59
C ALA J 194 43.08 20.19 -16.00
N VAL J 195 42.85 19.42 -17.08
CA VAL J 195 43.84 18.52 -17.66
C VAL J 195 43.82 18.82 -19.14
N ILE J 196 45.00 18.92 -19.76
CA ILE J 196 45.09 19.18 -21.21
C ILE J 196 45.80 17.97 -21.79
N ILE J 197 45.30 17.48 -22.92
CA ILE J 197 45.94 16.33 -23.54
C ILE J 197 46.19 16.61 -25.01
N ASP J 198 47.44 16.42 -25.44
CA ASP J 198 47.77 16.58 -26.86
C ASP J 198 48.75 15.49 -27.20
N ALA J 199 49.42 15.59 -28.34
CA ALA J 199 50.37 14.56 -28.77
C ALA J 199 51.44 14.23 -27.74
N ASP J 200 51.76 15.16 -26.87
CA ASP J 200 52.76 14.89 -25.85
C ASP J 200 52.21 14.29 -24.57
N GLY J 201 50.91 13.97 -24.56
CA GLY J 201 50.36 13.39 -23.36
C GLY J 201 49.51 14.30 -22.51
N ALA J 202 48.97 13.72 -21.47
CA ALA J 202 48.07 14.41 -20.56
C ALA J 202 48.85 15.11 -19.45
N VAL J 203 48.59 16.39 -19.23
CA VAL J 203 49.27 17.09 -18.14
C VAL J 203 48.25 17.92 -17.36
N ASP J 204 48.48 18.06 -16.06
CA ASP J 204 47.60 18.87 -15.21
C ASP J 204 47.88 20.34 -15.52
N VAL J 205 46.83 21.15 -15.62
CA VAL J 205 47.05 22.56 -15.87
C VAL J 205 47.40 23.21 -14.51
N PRO J 206 48.50 23.99 -14.47
CA PRO J 206 48.83 24.62 -13.18
C PRO J 206 47.72 25.59 -12.66
N GLU J 207 47.44 25.53 -11.36
CA GLU J 207 46.43 26.37 -10.72
C GLU J 207 46.56 27.88 -11.07
N SER J 208 47.79 28.37 -11.09
CA SER J 208 48.03 29.79 -11.39
C SER J 208 47.51 30.19 -12.76
N ARG J 209 47.59 29.31 -13.73
CA ARG J 209 47.10 29.62 -15.06
C ARG J 209 45.55 29.72 -15.01
N ILE J 210 44.90 28.82 -14.26
CA ILE J 210 43.43 28.84 -14.17
C ILE J 210 43.01 30.06 -13.37
N ALA J 211 43.78 30.39 -12.33
CA ALA J 211 43.45 31.57 -11.54
C ALA J 211 43.44 32.83 -12.44
N GLU J 212 44.46 32.99 -13.26
CA GLU J 212 44.50 34.15 -14.16
C GLU J 212 43.31 34.22 -15.16
N LEU J 213 42.92 33.06 -15.70
CA LEU J 213 41.79 33.04 -16.64
C LEU J 213 40.54 33.39 -15.87
N ALA J 214 40.39 32.80 -14.68
CA ALA J 214 39.22 33.08 -13.83
C ALA J 214 39.12 34.59 -13.53
N ARG J 215 40.22 35.19 -13.08
CA ARG J 215 40.17 36.64 -12.79
C ARG J 215 39.79 37.47 -14.05
N ALA J 216 40.28 37.05 -15.23
CA ALA J 216 39.94 37.79 -16.44
C ALA J 216 38.46 37.62 -16.77
N ILE J 217 37.91 36.43 -16.59
CA ILE J 217 36.49 36.30 -16.86
C ILE J 217 35.72 37.20 -15.90
N ILE J 218 36.04 37.16 -14.61
CA ILE J 218 35.34 37.99 -13.60
C ILE J 218 35.45 39.50 -13.90
N GLU J 219 36.66 39.98 -14.19
CA GLU J 219 36.89 41.39 -14.53
C GLU J 219 36.03 41.78 -15.74
N SER J 220 36.07 40.92 -16.73
CA SER J 220 35.31 41.11 -17.93
C SER J 220 33.79 41.19 -17.66
N ARG J 221 33.27 40.41 -16.72
CA ARG J 221 31.84 40.51 -16.48
C ARG J 221 31.49 41.63 -15.51
N SER J 222 32.50 42.20 -14.86
CA SER J 222 32.31 43.27 -13.88
C SER J 222 32.20 44.65 -14.49
N ILE K 7 -52.16 50.70 17.50
CA ILE K 7 -52.01 51.28 18.83
C ILE K 7 -50.56 51.79 18.97
N SER K 8 -50.27 52.59 20.00
CA SER K 8 -48.91 53.10 20.17
C SER K 8 -48.07 52.22 21.06
N PRO K 9 -46.74 52.21 20.84
CA PRO K 9 -45.88 51.38 21.68
C PRO K 9 -46.14 51.64 23.16
N GLU K 10 -46.66 52.84 23.45
CA GLU K 10 -47.00 53.22 24.82
C GLU K 10 -48.25 52.45 25.23
N GLN K 11 -49.21 52.38 24.31
CA GLN K 11 -50.46 51.67 24.54
C GLN K 11 -50.19 50.16 24.57
N ALA K 12 -49.40 49.69 23.61
CA ALA K 12 -49.05 48.28 23.52
C ALA K 12 -48.69 47.68 24.89
N MET K 13 -47.68 48.27 25.53
CA MET K 13 -47.24 47.78 26.82
C MET K 13 -48.34 47.67 27.88
N ARG K 14 -49.23 48.66 27.95
CA ARG K 14 -50.33 48.64 28.91
C ARG K 14 -51.38 47.59 28.49
N GLU K 15 -51.55 47.46 27.19
CA GLU K 15 -52.47 46.49 26.60
C GLU K 15 -52.00 45.11 27.11
N ARG K 16 -50.76 44.78 26.76
CA ARG K 16 -50.14 43.52 27.13
C ARG K 16 -50.14 43.35 28.63
N SER K 17 -49.55 44.32 29.31
CA SER K 17 -49.44 44.29 30.75
C SER K 17 -50.79 43.95 31.36
N GLU K 18 -51.85 44.55 30.81
CA GLU K 18 -53.18 44.31 31.31
C GLU K 18 -53.62 42.88 31.03
N LEU K 19 -53.36 42.44 29.81
CA LEU K 19 -53.70 41.09 29.39
C LEU K 19 -53.10 40.07 30.35
N ALA K 20 -51.86 40.32 30.75
CA ALA K 20 -51.15 39.42 31.65
C ALA K 20 -51.67 39.54 33.07
N ARG K 21 -51.80 40.76 33.56
CA ARG K 21 -52.28 40.95 34.93
C ARG K 21 -53.63 40.25 35.11
N LYS K 22 -54.50 40.39 34.11
CA LYS K 22 -55.83 39.77 34.18
C LYS K 22 -55.73 38.26 34.32
N GLY K 23 -54.95 37.64 33.44
CA GLY K 23 -54.80 36.20 33.49
C GLY K 23 -54.27 35.66 34.81
N ILE K 24 -53.27 36.32 35.37
CA ILE K 24 -52.70 35.90 36.63
C ILE K 24 -53.71 36.14 37.76
N ALA K 25 -54.36 37.30 37.72
CA ALA K 25 -55.37 37.67 38.72
C ALA K 25 -56.47 36.61 38.77
N ARG K 26 -56.90 36.16 37.60
CA ARG K 26 -57.94 35.17 37.47
C ARG K 26 -57.51 33.74 37.83
N ALA K 27 -56.28 33.56 38.33
CA ALA K 27 -55.79 32.21 38.67
C ALA K 27 -55.60 31.91 40.15
N LYS K 28 -55.46 30.62 40.45
CA LYS K 28 -55.27 30.17 41.83
C LYS K 28 -54.02 30.83 42.42
N SER K 29 -53.92 30.82 43.74
CA SER K 29 -52.77 31.44 44.39
C SER K 29 -51.72 30.48 44.94
N VAL K 30 -50.51 31.00 45.05
CA VAL K 30 -49.40 30.22 45.55
C VAL K 30 -48.56 31.04 46.49
N VAL K 31 -48.04 30.40 47.52
CA VAL K 31 -47.13 31.11 48.43
C VAL K 31 -45.90 30.27 48.72
N ALA K 32 -44.77 30.97 48.88
CA ALA K 32 -43.50 30.31 49.20
C ALA K 32 -42.97 31.13 50.36
N LEU K 33 -42.51 30.44 51.40
CA LEU K 33 -41.96 31.15 52.54
C LEU K 33 -40.81 30.39 53.18
N ALA K 34 -39.84 31.16 53.68
CA ALA K 34 -38.69 30.59 54.34
C ALA K 34 -39.12 30.12 55.71
N TYR K 35 -38.58 28.98 56.15
CA TYR K 35 -38.91 28.47 57.46
C TYR K 35 -37.64 27.83 58.01
N ALA K 36 -37.69 27.31 59.21
CA ALA K 36 -36.52 26.70 59.83
C ALA K 36 -35.79 25.65 58.99
N GLY K 37 -36.53 24.74 58.38
CA GLY K 37 -35.91 23.68 57.59
C GLY K 37 -35.61 23.96 56.13
N GLY K 38 -35.85 25.19 55.68
CA GLY K 38 -35.58 25.54 54.29
C GLY K 38 -36.65 26.42 53.67
N VAL K 39 -37.34 25.92 52.65
CA VAL K 39 -38.40 26.71 52.02
C VAL K 39 -39.62 25.84 51.85
N LEU K 40 -40.79 26.45 52.04
CA LEU K 40 -42.05 25.74 51.92
C LEU K 40 -42.89 26.32 50.78
N PHE K 41 -43.45 25.43 49.98
CA PHE K 41 -44.28 25.80 48.83
C PHE K 41 -45.69 25.27 49.06
N VAL K 42 -46.66 26.17 48.99
CA VAL K 42 -48.04 25.77 49.15
C VAL K 42 -48.88 26.47 48.11
N ALA K 43 -49.59 25.67 47.32
CA ALA K 43 -50.43 26.19 46.27
C ALA K 43 -51.83 25.58 46.29
N GLU K 44 -52.79 26.39 45.87
CA GLU K 44 -54.18 25.98 45.78
C GLU K 44 -54.23 25.18 44.49
N ASN K 45 -54.35 23.87 44.59
CA ASN K 45 -54.36 23.08 43.37
C ASN K 45 -55.21 21.81 43.46
N PRO K 46 -56.37 21.83 42.81
CA PRO K 46 -57.30 20.70 42.78
C PRO K 46 -56.76 19.50 42.03
N SER K 47 -56.14 19.75 40.89
CA SER K 47 -55.62 18.66 40.08
C SER K 47 -54.65 17.75 40.80
N ARG K 48 -54.59 16.52 40.34
CA ARG K 48 -53.69 15.53 40.92
C ARG K 48 -52.50 15.33 39.98
N SER K 49 -52.70 15.63 38.70
CA SER K 49 -51.66 15.45 37.68
C SER K 49 -50.90 16.70 37.28
N LEU K 50 -51.61 17.81 37.15
CA LEU K 50 -50.98 19.06 36.74
C LEU K 50 -50.38 19.77 37.94
N GLN K 51 -49.07 20.00 37.91
CA GLN K 51 -48.40 20.64 39.06
C GLN K 51 -47.92 22.08 38.86
N LYS K 52 -47.88 22.83 39.95
CA LYS K 52 -47.46 24.24 39.91
C LYS K 52 -46.17 24.44 40.69
N ILE K 53 -45.71 23.38 41.35
CA ILE K 53 -44.50 23.42 42.14
C ILE K 53 -43.59 22.33 41.66
N SER K 54 -42.29 22.65 41.47
CA SER K 54 -41.40 21.64 40.92
C SER K 54 -39.95 21.83 41.30
N GLU K 55 -39.20 20.75 41.23
CA GLU K 55 -37.77 20.81 41.49
C GLU K 55 -37.13 21.40 40.21
N LEU K 56 -36.09 22.22 40.35
CA LEU K 56 -35.34 22.74 39.21
C LEU K 56 -33.96 22.09 39.19
N TYR K 57 -33.26 22.17 40.34
CA TYR K 57 -31.93 21.61 40.49
C TYR K 57 -31.73 21.16 41.93
N ASP K 58 -30.52 20.76 42.30
CA ASP K 58 -30.27 20.25 43.65
C ASP K 58 -30.89 21.00 44.83
N ARG K 59 -30.59 22.29 44.92
CA ARG K 59 -31.11 23.08 46.02
C ARG K 59 -32.04 24.17 45.50
N VAL K 60 -32.53 24.04 44.26
CA VAL K 60 -33.38 25.07 43.71
C VAL K 60 -34.79 24.58 43.36
N GLY K 61 -35.78 25.35 43.79
CA GLY K 61 -37.17 25.02 43.58
C GLY K 61 -37.89 26.05 42.73
N PHE K 62 -39.02 25.64 42.18
CA PHE K 62 -39.82 26.48 41.29
C PHE K 62 -41.31 26.40 41.65
N ALA K 63 -41.99 27.54 41.53
CA ALA K 63 -43.41 27.61 41.80
C ALA K 63 -43.95 28.68 40.86
N ALA K 64 -45.13 28.47 40.33
CA ALA K 64 -45.72 29.45 39.44
C ALA K 64 -47.24 29.56 39.58
N ALA K 65 -47.77 30.65 39.04
CA ALA K 65 -49.19 30.91 39.04
C ALA K 65 -49.51 31.47 37.66
N GLY K 66 -50.66 31.14 37.13
CA GLY K 66 -51.01 31.68 35.83
C GLY K 66 -51.50 30.58 34.93
N LYS K 67 -51.33 30.77 33.62
CA LYS K 67 -51.72 29.78 32.61
C LYS K 67 -50.72 28.59 32.64
N PHE K 68 -51.22 27.39 32.92
CA PHE K 68 -50.40 26.19 33.00
C PHE K 68 -49.46 25.91 31.80
N ASN K 69 -50.02 25.80 30.61
CA ASN K 69 -49.19 25.51 29.48
C ASN K 69 -48.04 26.52 29.38
N GLU K 70 -48.23 27.75 29.84
CA GLU K 70 -47.15 28.73 29.75
C GLU K 70 -46.09 28.56 30.85
N PHE K 71 -46.49 28.38 32.10
CA PHE K 71 -45.45 28.23 33.10
C PHE K 71 -44.82 26.83 33.13
N ASP K 72 -45.52 25.84 32.60
CA ASP K 72 -44.96 24.49 32.53
C ASP K 72 -43.78 24.59 31.57
N ASN K 73 -44.03 25.29 30.47
CA ASN K 73 -43.03 25.56 29.45
C ASN K 73 -41.80 26.18 30.07
N LEU K 74 -42.00 27.21 30.88
CA LEU K 74 -40.91 27.86 31.57
C LEU K 74 -40.21 26.91 32.57
N ARG K 75 -40.98 26.00 33.16
CA ARG K 75 -40.42 25.07 34.12
C ARG K 75 -39.42 24.15 33.39
N ARG K 76 -39.85 23.61 32.25
CA ARG K 76 -39.04 22.74 31.43
C ARG K 76 -37.78 23.46 30.97
N GLY K 77 -37.96 24.70 30.50
CA GLY K 77 -36.84 25.50 30.03
C GLY K 77 -35.83 25.69 31.13
N GLY K 78 -36.33 25.86 32.36
CA GLY K 78 -35.46 26.06 33.50
C GLY K 78 -34.67 24.81 33.83
N ILE K 79 -35.34 23.66 33.80
CA ILE K 79 -34.68 22.42 34.08
C ILE K 79 -33.59 22.19 33.00
N GLN K 80 -33.92 22.52 31.76
CA GLN K 80 -33.00 22.38 30.63
C GLN K 80 -31.73 23.24 30.89
N PHE K 81 -31.96 24.50 31.25
CA PHE K 81 -30.87 25.42 31.51
C PHE K 81 -30.01 24.93 32.64
N ALA K 82 -30.64 24.53 33.74
CA ALA K 82 -29.87 24.09 34.89
C ALA K 82 -29.05 22.84 34.63
N ASP K 83 -29.67 21.82 34.05
CA ASP K 83 -28.95 20.60 33.77
C ASP K 83 -27.78 20.84 32.82
N THR K 84 -28.00 21.69 31.83
CA THR K 84 -26.94 22.00 30.89
C THR K 84 -25.77 22.73 31.56
N ARG K 85 -26.09 23.68 32.42
CA ARG K 85 -25.07 24.42 33.13
C ARG K 85 -24.24 23.52 34.03
N GLY K 86 -24.93 22.70 34.81
CA GLY K 86 -24.29 21.78 35.70
C GLY K 86 -23.35 20.83 34.99
N TYR K 87 -23.77 20.38 33.80
CA TYR K 87 -22.96 19.46 33.03
C TYR K 87 -21.73 20.13 32.43
N ALA K 88 -21.92 21.35 31.94
CA ALA K 88 -20.83 22.10 31.31
C ALA K 88 -19.81 22.65 32.32
N TYR K 89 -20.22 22.91 33.58
CA TYR K 89 -19.31 23.39 34.64
C TYR K 89 -19.35 22.37 35.76
N ASP K 90 -20.04 22.66 36.87
CA ASP K 90 -20.19 21.66 37.94
C ASP K 90 -21.53 21.89 38.59
N ARG K 91 -22.08 20.86 39.25
CA ARG K 91 -23.39 20.98 39.87
C ARG K 91 -23.44 22.19 40.79
N ARG K 92 -22.42 22.32 41.63
CA ARG K 92 -22.36 23.40 42.60
C ARG K 92 -22.23 24.77 42.00
N ASP K 93 -22.16 24.84 40.69
CA ASP K 93 -22.06 26.12 40.04
C ASP K 93 -23.44 26.63 39.62
N VAL K 94 -24.48 25.79 39.73
CA VAL K 94 -25.85 26.22 39.39
C VAL K 94 -26.48 26.90 40.63
N THR K 95 -27.07 28.07 40.45
CA THR K 95 -27.67 28.79 41.59
C THR K 95 -29.05 29.34 41.33
N GLY K 96 -29.79 29.57 42.42
CA GLY K 96 -31.14 30.12 42.29
C GLY K 96 -31.10 31.48 41.59
N ARG K 97 -30.10 32.29 41.94
CA ARG K 97 -29.95 33.61 41.33
C ARG K 97 -29.81 33.49 39.80
N GLN K 98 -29.02 32.50 39.33
CA GLN K 98 -28.84 32.30 37.87
C GLN K 98 -30.15 31.92 37.24
N LEU K 99 -30.91 31.04 37.87
CA LEU K 99 -32.19 30.66 37.29
C LEU K 99 -33.17 31.85 37.21
N ALA K 100 -33.24 32.64 38.28
CA ALA K 100 -34.14 33.81 38.32
C ALA K 100 -33.75 34.76 37.21
N ASN K 101 -32.44 34.97 37.11
CA ASN K 101 -31.86 35.84 36.10
C ASN K 101 -32.32 35.40 34.70
N VAL K 102 -32.18 34.11 34.44
CA VAL K 102 -32.58 33.55 33.14
C VAL K 102 -34.08 33.71 32.88
N TYR K 103 -34.89 33.48 33.91
CA TYR K 103 -36.34 33.63 33.76
C TYR K 103 -36.67 35.08 33.44
N ALA K 104 -36.02 35.99 34.16
CA ALA K 104 -36.23 37.42 33.95
C ALA K 104 -35.99 37.78 32.49
N GLN K 105 -34.86 37.31 31.98
CA GLN K 105 -34.52 37.60 30.60
C GLN K 105 -35.48 36.95 29.62
N THR K 106 -35.94 35.74 29.91
CA THR K 106 -36.87 35.04 29.02
C THR K 106 -38.26 35.71 28.98
N LEU K 107 -38.82 35.99 30.15
CA LEU K 107 -40.13 36.62 30.20
C LEU K 107 -40.03 38.00 29.56
N GLY K 108 -38.93 38.70 29.82
CA GLY K 108 -38.74 40.02 29.24
C GLY K 108 -38.82 39.94 27.72
N THR K 109 -38.17 38.94 27.15
CA THR K 109 -38.19 38.78 25.72
C THR K 109 -39.59 38.39 25.22
N ILE K 110 -40.26 37.49 25.94
CA ILE K 110 -41.60 37.06 25.53
C ILE K 110 -42.54 38.26 25.54
N PHE K 111 -42.53 38.99 26.65
CA PHE K 111 -43.37 40.16 26.85
C PHE K 111 -43.23 41.20 25.74
N THR K 112 -42.02 41.32 25.22
CA THR K 112 -41.70 42.29 24.19
C THR K 112 -41.82 41.78 22.76
N GLU K 113 -41.41 40.53 22.51
CA GLU K 113 -41.40 39.98 21.17
C GLU K 113 -42.49 39.02 20.76
N GLN K 114 -43.09 38.33 21.72
CA GLN K 114 -44.12 37.35 21.37
C GLN K 114 -45.50 37.95 21.23
N ALA K 115 -46.27 37.42 20.28
CA ALA K 115 -47.61 37.90 20.03
C ALA K 115 -48.35 38.14 21.33
N LYS K 116 -48.31 37.17 22.25
CA LYS K 116 -49.01 37.34 23.50
C LYS K 116 -48.08 37.27 24.70
N PRO K 117 -48.21 38.19 25.67
CA PRO K 117 -47.28 38.01 26.78
C PRO K 117 -47.72 36.77 27.55
N TYR K 118 -46.85 36.23 28.37
CA TYR K 118 -47.18 35.05 29.17
C TYR K 118 -47.92 35.49 30.41
N GLU K 119 -49.04 34.84 30.67
CA GLU K 119 -49.85 35.15 31.82
C GLU K 119 -49.33 34.30 32.96
N VAL K 120 -48.18 34.68 33.50
CA VAL K 120 -47.59 33.88 34.56
C VAL K 120 -46.81 34.75 35.52
N GLU K 121 -46.55 34.20 36.69
CA GLU K 121 -45.74 34.85 37.71
C GLU K 121 -44.93 33.67 38.32
N LEU K 122 -43.62 33.84 38.40
CA LEU K 122 -42.77 32.76 38.88
C LEU K 122 -42.03 33.07 40.15
N CYS K 123 -41.74 32.01 40.89
CA CYS K 123 -40.93 32.12 42.08
C CYS K 123 -39.82 31.06 42.03
N VAL K 124 -38.58 31.49 42.19
CA VAL K 124 -37.45 30.57 42.21
C VAL K 124 -36.87 30.67 43.63
N ALA K 125 -36.67 29.53 44.28
CA ALA K 125 -36.14 29.53 45.63
C ALA K 125 -34.92 28.60 45.73
N GLU K 126 -34.02 28.94 46.65
CA GLU K 126 -32.83 28.17 46.87
C GLU K 126 -32.50 28.09 48.35
N VAL K 127 -32.11 26.93 48.82
CA VAL K 127 -31.74 26.76 50.19
C VAL K 127 -30.26 26.41 50.21
N ALA K 128 -29.67 26.42 51.39
CA ALA K 128 -28.26 26.12 51.53
C ALA K 128 -27.93 24.67 51.16
N HIS K 129 -26.64 24.44 50.88
CA HIS K 129 -26.16 23.11 50.57
C HIS K 129 -26.06 22.36 51.88
N TYR K 130 -26.14 21.04 51.82
CA TYR K 130 -26.09 20.25 53.02
C TYR K 130 -25.00 20.69 54.01
N GLY K 131 -25.36 20.71 55.28
CA GLY K 131 -24.41 21.09 56.32
C GLY K 131 -23.79 22.47 56.17
N GLU K 132 -24.41 23.30 55.36
CA GLU K 132 -23.92 24.65 55.12
C GLU K 132 -24.92 25.57 55.83
N THR K 133 -24.55 26.84 55.99
CA THR K 133 -25.48 27.77 56.62
C THR K 133 -25.63 28.98 55.72
N LYS K 134 -26.86 29.28 55.35
CA LYS K 134 -27.16 30.40 54.48
C LYS K 134 -28.66 30.60 54.50
N ARG K 135 -29.09 31.85 54.50
CA ARG K 135 -30.51 32.14 54.52
C ARG K 135 -31.14 31.77 53.19
N PRO K 136 -32.31 31.11 53.22
CA PRO K 136 -32.97 30.74 51.96
C PRO K 136 -33.10 31.99 51.10
N GLU K 137 -33.20 31.81 49.79
CA GLU K 137 -33.36 32.92 48.88
C GLU K 137 -34.64 32.71 48.11
N LEU K 138 -35.39 33.80 47.91
CA LEU K 138 -36.65 33.72 47.17
C LEU K 138 -36.65 34.83 46.15
N TYR K 139 -37.01 34.50 44.91
CA TYR K 139 -37.04 35.50 43.87
C TYR K 139 -38.39 35.43 43.21
N ARG K 140 -38.91 36.56 42.79
CA ARG K 140 -40.16 36.58 42.08
C ARG K 140 -39.85 37.19 40.73
N ILE K 141 -40.34 36.58 39.67
CA ILE K 141 -40.11 37.13 38.35
C ILE K 141 -41.51 37.31 37.79
N THR K 142 -41.78 38.49 37.24
CA THR K 142 -43.11 38.78 36.72
C THR K 142 -43.19 38.70 35.21
N TYR K 143 -44.41 38.71 34.71
CA TYR K 143 -44.66 38.57 33.29
C TYR K 143 -43.86 39.48 32.36
N ASP K 144 -43.26 40.54 32.89
CA ASP K 144 -42.54 41.43 32.01
C ASP K 144 -41.02 41.34 32.17
N GLY K 145 -40.58 40.42 33.01
CA GLY K 145 -39.15 40.27 33.21
C GLY K 145 -38.62 40.93 34.46
N SER K 146 -39.49 41.58 35.20
CA SER K 146 -39.05 42.24 36.42
C SER K 146 -38.73 41.16 37.42
N ILE K 147 -37.72 41.40 38.23
CA ILE K 147 -37.31 40.41 39.20
C ILE K 147 -37.14 41.06 40.55
N ALA K 148 -37.54 40.36 41.61
CA ALA K 148 -37.43 40.92 42.94
C ALA K 148 -36.91 39.92 43.95
N ASP K 149 -36.03 40.39 44.81
CA ASP K 149 -35.43 39.60 45.85
C ASP K 149 -36.29 39.69 47.11
N GLU K 150 -37.06 38.65 47.42
CA GLU K 150 -37.90 38.65 48.63
C GLU K 150 -37.17 37.93 49.78
N PRO K 151 -37.16 38.53 50.98
CA PRO K 151 -36.47 37.90 52.12
C PRO K 151 -37.24 36.91 52.99
N HIS K 152 -38.57 36.98 52.99
CA HIS K 152 -39.33 36.08 53.85
C HIS K 152 -40.34 35.19 53.15
N PHE K 153 -41.10 35.78 52.23
CA PHE K 153 -42.12 35.01 51.52
C PHE K 153 -42.50 35.68 50.20
N VAL K 154 -43.18 34.92 49.36
CA VAL K 154 -43.62 35.42 48.08
C VAL K 154 -45.04 34.94 47.89
N VAL K 155 -45.86 35.76 47.25
CA VAL K 155 -47.24 35.40 46.98
C VAL K 155 -47.54 35.71 45.52
N MET K 156 -48.16 34.77 44.83
CA MET K 156 -48.45 34.98 43.42
C MET K 156 -49.77 34.38 43.05
N GLY K 157 -50.40 34.95 42.03
CA GLY K 157 -51.68 34.43 41.56
C GLY K 157 -52.91 34.97 42.28
N GLY K 158 -54.00 35.16 41.52
CA GLY K 158 -55.25 35.66 42.08
C GLY K 158 -55.13 37.00 42.79
N THR K 159 -55.84 37.11 43.91
CA THR K 159 -55.81 38.34 44.71
C THR K 159 -54.78 38.11 45.80
N THR K 160 -53.64 38.76 45.63
CA THR K 160 -52.53 38.62 46.55
C THR K 160 -52.60 39.46 47.81
N GLU K 161 -53.09 40.69 47.69
CA GLU K 161 -53.22 41.63 48.82
C GLU K 161 -53.61 40.96 50.13
N PRO K 162 -54.78 40.30 50.16
CA PRO K 162 -55.28 39.61 51.37
C PRO K 162 -54.26 38.60 51.93
N ILE K 163 -53.75 37.73 51.06
CA ILE K 163 -52.79 36.69 51.43
C ILE K 163 -51.47 37.31 51.89
N ALA K 164 -51.05 38.36 51.21
CA ALA K 164 -49.82 39.08 51.53
C ALA K 164 -49.87 39.56 52.97
N ASN K 165 -50.86 40.40 53.26
CA ASN K 165 -51.03 40.96 54.59
C ASN K 165 -51.19 39.86 55.64
N ALA K 166 -52.04 38.88 55.35
CA ALA K 166 -52.26 37.75 56.25
C ALA K 166 -50.93 37.15 56.69
N LEU K 167 -49.95 37.12 55.79
CA LEU K 167 -48.62 36.59 56.10
C LEU K 167 -47.77 37.65 56.78
N LYS K 168 -47.91 38.89 56.34
CA LYS K 168 -47.06 39.94 56.88
C LYS K 168 -47.30 39.94 58.37
N GLU K 169 -48.42 39.35 58.77
CA GLU K 169 -48.79 39.32 60.18
C GLU K 169 -48.43 38.05 60.96
N SER K 170 -48.74 36.88 60.42
CA SER K 170 -48.40 35.65 61.14
C SER K 170 -46.99 35.11 60.86
N TYR K 171 -46.19 35.80 60.05
CA TYR K 171 -44.90 35.25 59.65
C TYR K 171 -43.88 35.18 60.79
N ALA K 172 -43.63 33.97 61.28
CA ALA K 172 -42.67 33.77 62.35
C ALA K 172 -41.37 33.19 61.79
N GLU K 173 -40.26 33.88 62.03
CA GLU K 173 -38.97 33.44 61.54
C GLU K 173 -38.60 32.12 62.18
N ASN K 174 -37.96 31.23 61.42
CA ASN K 174 -37.56 29.97 61.98
C ASN K 174 -38.77 29.16 62.41
N ALA K 175 -39.94 29.43 61.82
CA ALA K 175 -41.12 28.67 62.19
C ALA K 175 -40.88 27.22 61.82
N SER K 176 -41.37 26.29 62.63
CA SER K 176 -41.10 24.89 62.30
C SER K 176 -41.90 24.58 61.05
N LEU K 177 -41.76 23.37 60.51
CA LEU K 177 -42.52 23.05 59.31
C LEU K 177 -44.02 23.17 59.54
N THR K 178 -44.52 22.54 60.61
CA THR K 178 -45.94 22.56 60.92
C THR K 178 -46.49 23.97 61.10
N ASP K 179 -45.77 24.80 61.86
CA ASP K 179 -46.19 26.17 62.09
C ASP K 179 -46.22 26.93 60.78
N ALA K 180 -45.19 26.72 59.94
CA ALA K 180 -45.10 27.37 58.66
C ALA K 180 -46.25 26.92 57.74
N LEU K 181 -46.53 25.62 57.73
CA LEU K 181 -47.60 25.10 56.89
C LEU K 181 -48.92 25.76 57.26
N ARG K 182 -49.26 25.71 58.55
CA ARG K 182 -50.48 26.33 59.06
C ARG K 182 -50.56 27.80 58.66
N ILE K 183 -49.55 28.59 59.06
CA ILE K 183 -49.49 30.02 58.73
C ILE K 183 -49.80 30.24 57.25
N ALA K 184 -49.21 29.39 56.41
CA ALA K 184 -49.37 29.49 54.97
C ALA K 184 -50.78 29.14 54.51
N VAL K 185 -51.27 27.96 54.89
CA VAL K 185 -52.62 27.55 54.50
C VAL K 185 -53.64 28.58 54.96
N ALA K 186 -53.37 29.19 56.11
CA ALA K 186 -54.25 30.22 56.64
C ALA K 186 -54.22 31.44 55.73
N ALA K 187 -53.08 32.13 55.69
CA ALA K 187 -52.93 33.32 54.86
C ALA K 187 -53.49 33.11 53.45
N LEU K 188 -53.52 31.85 53.03
CA LEU K 188 -54.01 31.52 51.70
C LEU K 188 -55.54 31.65 51.66
N ARG K 189 -56.22 31.11 52.65
CA ARG K 189 -57.68 31.18 52.67
C ARG K 189 -58.10 32.64 52.68
N ALA K 190 -57.33 33.49 53.36
CA ALA K 190 -57.65 34.90 53.44
C ALA K 190 -58.20 35.43 52.12
N LEU K 203 -59.78 23.57 52.62
CA LEU K 203 -58.47 23.45 52.00
C LEU K 203 -57.59 22.38 52.65
N GLY K 204 -57.54 21.24 51.98
CA GLY K 204 -56.90 20.03 52.43
C GLY K 204 -56.15 19.37 51.31
N VAL K 205 -55.78 18.11 51.50
CA VAL K 205 -54.93 17.39 50.56
C VAL K 205 -55.54 17.30 49.16
N ALA K 206 -56.84 17.11 49.08
CA ALA K 206 -57.51 17.02 47.79
C ALA K 206 -57.35 18.32 47.00
N SER K 207 -57.41 19.46 47.68
CA SER K 207 -57.32 20.76 47.01
C SER K 207 -55.98 21.50 47.11
N LEU K 208 -54.95 20.85 47.65
CA LEU K 208 -53.67 21.53 47.81
C LEU K 208 -52.43 20.76 47.33
N GLU K 209 -51.42 21.52 46.92
CA GLU K 209 -50.13 20.98 46.52
C GLU K 209 -49.06 21.52 47.47
N VAL K 210 -48.27 20.63 48.07
CA VAL K 210 -47.29 21.04 49.05
C VAL K 210 -45.91 20.38 48.85
N ALA K 211 -44.86 21.18 48.98
CA ALA K 211 -43.50 20.67 48.83
C ALA K 211 -42.51 21.56 49.53
N VAL K 212 -41.36 20.99 49.89
CA VAL K 212 -40.33 21.78 50.54
C VAL K 212 -38.98 21.60 49.91
N LEU K 213 -38.13 22.60 50.10
CA LEU K 213 -36.74 22.56 49.67
C LEU K 213 -36.16 22.30 51.06
N ASP K 214 -35.94 21.03 51.35
CA ASP K 214 -35.42 20.58 52.65
C ASP K 214 -33.89 20.68 52.77
N ALA K 215 -33.41 21.78 53.34
CA ALA K 215 -31.99 22.03 53.52
C ALA K 215 -31.26 20.91 54.24
N ASN K 216 -31.99 19.96 54.79
CA ASN K 216 -31.31 18.88 55.49
C ASN K 216 -31.06 17.66 54.59
N ARG K 217 -31.60 17.68 53.38
CA ARG K 217 -31.36 16.56 52.48
C ARG K 217 -29.92 16.73 51.96
N PRO K 218 -29.18 15.61 51.85
CA PRO K 218 -27.79 15.63 51.35
C PRO K 218 -27.58 16.29 49.97
N ARG K 219 -28.41 15.97 48.98
CA ARG K 219 -28.25 16.62 47.68
C ARG K 219 -29.53 17.19 47.11
N ARG K 220 -30.50 16.33 46.83
CA ARG K 220 -31.76 16.85 46.29
C ARG K 220 -32.66 17.29 47.43
N ALA K 221 -32.82 18.61 47.55
CA ALA K 221 -33.62 19.21 48.58
C ALA K 221 -35.12 19.12 48.36
N PHE K 222 -35.57 19.16 47.10
CA PHE K 222 -36.98 19.12 46.79
C PHE K 222 -37.65 17.86 47.29
N ARG K 223 -38.77 18.04 47.99
CA ARG K 223 -39.50 16.92 48.57
C ARG K 223 -40.98 17.27 48.63
N ARG K 224 -41.82 16.42 48.03
CA ARG K 224 -43.25 16.65 48.05
C ARG K 224 -43.88 16.09 49.33
N ILE K 225 -44.85 16.82 49.88
CA ILE K 225 -45.54 16.37 51.09
C ILE K 225 -47.00 16.16 50.69
N THR K 226 -47.41 14.90 50.61
CA THR K 226 -48.77 14.58 50.19
C THR K 226 -49.48 13.49 50.99
N GLY K 227 -50.74 13.28 50.63
CA GLY K 227 -51.56 12.27 51.27
C GLY K 227 -51.58 12.32 52.79
N SER K 228 -51.53 11.13 53.39
CA SER K 228 -51.56 11.00 54.84
C SER K 228 -50.49 11.86 55.49
N ALA K 229 -49.27 11.78 54.96
CA ALA K 229 -48.15 12.56 55.49
C ALA K 229 -48.55 14.05 55.58
N LEU K 230 -49.13 14.57 54.50
CA LEU K 230 -49.56 15.96 54.47
C LEU K 230 -50.65 16.16 55.50
N GLN K 231 -51.56 15.18 55.53
CA GLN K 231 -52.68 15.20 56.46
C GLN K 231 -52.18 15.52 57.86
N ALA K 232 -51.36 14.63 58.38
CA ALA K 232 -50.79 14.79 59.70
C ALA K 232 -50.34 16.23 59.92
N LEU K 233 -49.61 16.78 58.95
CA LEU K 233 -49.08 18.14 59.04
C LEU K 233 -50.20 19.19 59.09
N LEU K 234 -51.33 18.85 58.49
CA LEU K 234 -52.47 19.74 58.48
C LEU K 234 -53.12 19.75 59.87
N THR L 1 -8.32 -3.88 33.65
CA THR L 1 -9.60 -3.52 34.31
C THR L 1 -10.57 -4.69 34.47
N THR L 2 -11.26 -4.73 35.60
CA THR L 2 -12.32 -5.72 35.74
C THR L 2 -13.45 -5.13 36.55
N ILE L 3 -14.64 -5.24 36.02
CA ILE L 3 -15.83 -4.79 36.71
C ILE L 3 -16.73 -6.03 36.74
N VAL L 4 -17.27 -6.36 37.92
CA VAL L 4 -18.16 -7.52 38.03
C VAL L 4 -19.52 -7.07 38.59
N ALA L 5 -20.57 -7.85 38.26
CA ALA L 5 -21.88 -7.56 38.79
C ALA L 5 -22.60 -8.89 39.00
N LEU L 6 -23.29 -9.04 40.12
CA LEU L 6 -24.01 -10.27 40.36
C LEU L 6 -25.30 -10.02 41.13
N LYS L 7 -26.31 -10.84 40.84
CA LYS L 7 -27.61 -10.77 41.52
C LYS L 7 -27.65 -11.67 42.73
N TYR L 8 -28.33 -11.24 43.78
CA TYR L 8 -28.46 -12.06 44.97
C TYR L 8 -29.93 -11.91 45.30
N PRO L 9 -30.46 -12.75 46.21
CA PRO L 9 -31.88 -12.65 46.59
C PRO L 9 -32.21 -11.27 47.16
N GLY L 10 -32.99 -10.50 46.41
CA GLY L 10 -33.35 -9.17 46.86
C GLY L 10 -32.57 -7.98 46.29
N GLY L 11 -31.54 -8.24 45.48
CA GLY L 11 -30.80 -7.11 44.97
C GLY L 11 -29.66 -7.42 44.02
N VAL L 12 -28.74 -6.48 43.92
CA VAL L 12 -27.62 -6.68 43.04
C VAL L 12 -26.38 -5.97 43.58
N VAL L 13 -25.21 -6.50 43.26
CA VAL L 13 -23.97 -5.86 43.68
C VAL L 13 -23.05 -5.68 42.47
N MET L 14 -22.37 -4.55 42.42
CA MET L 14 -21.41 -4.29 41.36
C MET L 14 -20.11 -3.82 42.00
N ALA L 15 -18.99 -4.42 41.59
CA ALA L 15 -17.68 -4.03 42.13
C ALA L 15 -16.62 -3.83 41.00
N GLY L 16 -15.68 -2.93 41.22
CA GLY L 16 -14.67 -2.65 40.24
C GLY L 16 -13.28 -2.50 40.82
N ASP L 17 -12.22 -2.83 40.06
CA ASP L 17 -10.83 -2.70 40.56
C ASP L 17 -10.40 -1.22 40.48
N ARG L 18 -9.18 -0.92 40.93
CA ARG L 18 -8.71 0.48 41.02
C ARG L 18 -7.54 0.86 40.12
N ARG L 19 -7.15 -0.04 39.24
CA ARG L 19 -6.01 0.23 38.42
C ARG L 19 -6.22 0.95 37.09
N SER L 20 -5.25 1.77 36.73
CA SER L 20 -5.28 2.38 35.40
C SER L 20 -3.86 2.14 34.92
N THR L 21 -3.72 1.84 33.63
CA THR L 21 -2.39 1.63 33.09
C THR L 21 -2.21 2.42 31.79
N GLN L 22 -0.96 2.51 31.34
CA GLN L 22 -0.57 3.17 30.08
C GLN L 22 0.47 2.18 29.59
N GLY L 23 0.06 1.30 28.67
CA GLY L 23 0.96 0.29 28.20
C GLY L 23 1.19 -0.63 29.41
N ASN L 24 2.44 -0.96 29.67
CA ASN L 24 2.81 -1.79 30.83
C ASN L 24 2.88 -1.03 32.16
N MET L 25 2.90 0.30 32.09
CA MET L 25 3.03 1.11 33.30
C MET L 25 1.75 1.25 34.11
N ILE L 26 1.89 1.14 35.43
CA ILE L 26 0.74 1.34 36.30
C ILE L 26 0.70 2.88 36.44
N SER L 27 -0.38 3.51 36.00
CA SER L 27 -0.47 4.94 36.06
C SER L 27 -1.44 5.46 37.11
N GLY L 28 -2.23 4.56 37.69
CA GLY L 28 -3.18 4.98 38.72
C GLY L 28 -3.45 3.81 39.63
N ARG L 29 -3.73 4.10 40.91
CA ARG L 29 -4.01 3.05 41.89
C ARG L 29 -5.27 3.25 42.66
N ASP L 30 -5.99 4.32 42.38
CA ASP L 30 -7.20 4.57 43.15
C ASP L 30 -8.37 5.04 42.30
N VAL L 31 -8.34 4.71 41.03
CA VAL L 31 -9.44 5.11 40.13
C VAL L 31 -10.74 4.43 40.60
N ARG L 32 -11.86 5.15 40.52
CA ARG L 32 -13.15 4.58 40.90
C ARG L 32 -13.88 4.32 39.57
N LYS L 33 -14.30 3.09 39.35
CA LYS L 33 -14.90 2.72 38.07
C LYS L 33 -16.38 2.40 38.15
N VAL L 34 -16.92 2.36 39.38
CA VAL L 34 -18.34 2.07 39.56
C VAL L 34 -19.06 3.30 40.10
N TYR L 35 -20.07 3.77 39.38
CA TYR L 35 -20.84 4.94 39.79
C TYR L 35 -22.29 4.68 40.06
N ILE L 36 -22.84 5.36 41.07
CA ILE L 36 -24.25 5.25 41.35
C ILE L 36 -24.82 6.24 40.33
N THR L 37 -25.64 5.76 39.42
CA THR L 37 -26.14 6.68 38.42
C THR L 37 -27.52 7.29 38.73
N ASP L 38 -28.29 6.64 39.58
CA ASP L 38 -29.58 7.17 40.05
C ASP L 38 -29.89 6.36 41.30
N ASP L 39 -31.03 6.60 41.96
CA ASP L 39 -31.32 5.85 43.18
C ASP L 39 -31.33 4.35 43.09
N TYR L 40 -31.60 3.82 41.90
CA TYR L 40 -31.68 2.36 41.73
C TYR L 40 -30.75 1.74 40.67
N THR L 41 -29.74 2.48 40.25
CA THR L 41 -28.85 1.91 39.26
C THR L 41 -27.41 2.30 39.43
N ALA L 42 -26.52 1.43 38.99
CA ALA L 42 -25.10 1.71 39.05
C ALA L 42 -24.53 1.32 37.69
N THR L 43 -23.50 2.04 37.29
CA THR L 43 -22.82 1.81 36.03
C THR L 43 -21.31 1.64 36.27
N GLY L 44 -20.74 0.59 35.71
CA GLY L 44 -19.32 0.32 35.82
C GLY L 44 -18.80 0.37 34.41
N ILE L 45 -17.65 1.00 34.17
CA ILE L 45 -17.20 1.08 32.76
C ILE L 45 -15.77 0.69 32.55
N ALA L 46 -15.52 -0.08 31.47
CA ALA L 46 -14.16 -0.52 31.14
C ALA L 46 -13.78 0.12 29.82
N GLY L 47 -12.48 0.08 29.50
CA GLY L 47 -12.02 0.69 28.25
C GLY L 47 -11.34 2.05 28.44
N THR L 48 -11.56 2.94 27.48
CA THR L 48 -10.98 4.28 27.46
C THR L 48 -11.52 5.15 28.59
N ALA L 49 -10.63 5.56 29.49
CA ALA L 49 -10.99 6.36 30.66
C ALA L 49 -11.81 7.59 30.35
N ALA L 50 -11.35 8.38 29.37
CA ALA L 50 -12.05 9.60 29.01
C ALA L 50 -13.50 9.30 28.60
N VAL L 51 -13.72 8.29 27.76
CA VAL L 51 -15.09 8.01 27.32
C VAL L 51 -15.87 7.38 28.47
N ALA L 52 -15.22 6.51 29.23
CA ALA L 52 -15.86 5.85 30.35
C ALA L 52 -16.47 6.88 31.29
N VAL L 53 -15.66 7.82 31.73
CA VAL L 53 -16.11 8.83 32.68
C VAL L 53 -17.22 9.72 32.12
N GLU L 54 -17.12 10.06 30.85
CA GLU L 54 -18.12 10.91 30.24
C GLU L 54 -19.45 10.17 30.11
N PHE L 55 -19.39 8.87 29.85
CA PHE L 55 -20.60 8.05 29.79
C PHE L 55 -21.36 8.14 31.10
N ALA L 56 -20.67 7.85 32.19
CA ALA L 56 -21.29 7.82 33.50
C ALA L 56 -21.91 9.16 33.86
N ARG L 57 -21.14 10.23 33.67
CA ARG L 57 -21.58 11.57 34.01
C ARG L 57 -22.80 12.01 33.22
N LEU L 58 -22.74 11.89 31.91
CA LEU L 58 -23.86 12.26 31.05
C LEU L 58 -25.07 11.37 31.30
N TYR L 59 -24.84 10.09 31.52
CA TYR L 59 -25.92 9.14 31.80
C TYR L 59 -26.67 9.52 33.06
N ALA L 60 -25.95 9.86 34.12
CA ALA L 60 -26.60 10.27 35.36
C ALA L 60 -27.42 11.52 35.12
N VAL L 61 -26.83 12.50 34.45
CA VAL L 61 -27.56 13.72 34.12
C VAL L 61 -28.80 13.39 33.30
N GLU L 62 -28.65 12.55 32.26
CA GLU L 62 -29.80 12.25 31.41
C GLU L 62 -30.98 11.59 32.20
N LEU L 63 -30.66 10.67 33.10
CA LEU L 63 -31.70 10.00 33.87
C LEU L 63 -32.44 10.99 34.77
N GLU L 64 -31.71 11.84 35.47
CA GLU L 64 -32.33 12.82 36.35
C GLU L 64 -33.08 13.90 35.55
N HIS L 65 -32.54 14.23 34.40
CA HIS L 65 -33.17 15.19 33.52
C HIS L 65 -34.59 14.71 33.16
N TYR L 66 -34.71 13.45 32.78
CA TYR L 66 -36.01 12.92 32.40
C TYR L 66 -36.94 13.01 33.61
N GLU L 67 -36.45 12.56 34.74
CA GLU L 67 -37.22 12.57 35.96
C GLU L 67 -37.76 13.97 36.35
N LYS L 68 -36.93 15.00 36.22
CA LYS L 68 -37.40 16.33 36.55
C LYS L 68 -38.38 16.82 35.50
N LEU L 69 -38.12 16.56 34.22
CA LEU L 69 -39.03 17.01 33.18
C LEU L 69 -40.40 16.29 33.24
N GLU L 70 -40.37 14.98 33.43
CA GLU L 70 -41.60 14.20 33.37
C GLU L 70 -42.23 13.88 34.71
N GLY L 71 -41.55 14.18 35.79
CA GLY L 71 -42.15 13.91 37.07
C GLY L 71 -41.98 12.51 37.59
N VAL L 72 -41.50 11.60 36.75
CA VAL L 72 -41.33 10.23 37.19
C VAL L 72 -40.06 9.71 36.54
N PRO L 73 -39.36 8.74 37.18
CA PRO L 73 -38.13 8.22 36.54
C PRO L 73 -38.47 7.29 35.38
N LEU L 74 -37.52 7.10 34.48
CA LEU L 74 -37.68 6.21 33.35
C LEU L 74 -37.89 4.79 33.87
N THR L 75 -38.58 3.96 33.11
CA THR L 75 -38.76 2.55 33.45
C THR L 75 -37.35 1.95 33.30
N PHE L 76 -37.11 0.78 33.87
CA PHE L 76 -35.78 0.20 33.73
C PHE L 76 -35.43 -0.03 32.25
N ALA L 77 -36.41 -0.45 31.45
CA ALA L 77 -36.18 -0.69 30.02
C ALA L 77 -35.76 0.62 29.36
N GLY L 78 -36.40 1.75 29.77
CA GLY L 78 -36.01 3.03 29.19
C GLY L 78 -34.57 3.42 29.56
N LYS L 79 -34.15 3.09 30.78
CA LYS L 79 -32.80 3.39 31.22
C LYS L 79 -31.80 2.61 30.36
N ILE L 80 -32.10 1.34 30.10
CA ILE L 80 -31.24 0.50 29.28
C ILE L 80 -31.12 1.12 27.89
N ASN L 81 -32.25 1.47 27.29
CA ASN L 81 -32.23 2.04 25.94
C ASN L 81 -31.39 3.34 25.82
N ARG L 82 -31.49 4.20 26.83
CA ARG L 82 -30.72 5.43 26.84
C ARG L 82 -29.21 5.19 26.90
N LEU L 83 -28.80 4.21 27.70
CA LEU L 83 -27.39 3.88 27.81
C LEU L 83 -26.93 3.26 26.45
N ALA L 84 -27.78 2.44 25.84
CA ALA L 84 -27.45 1.78 24.59
C ALA L 84 -27.25 2.80 23.49
N ILE L 85 -28.13 3.79 23.45
CA ILE L 85 -28.05 4.83 22.43
C ILE L 85 -26.76 5.65 22.63
N MET L 86 -26.41 5.94 23.86
CA MET L 86 -25.20 6.68 24.16
C MET L 86 -24.00 5.84 23.68
N VAL L 87 -23.97 4.54 23.96
CA VAL L 87 -22.84 3.71 23.50
C VAL L 87 -22.75 3.71 21.99
N ARG L 88 -23.89 3.55 21.33
CA ARG L 88 -23.96 3.51 19.87
C ARG L 88 -23.41 4.83 19.29
N GLY L 89 -23.72 5.93 19.94
CA GLY L 89 -23.23 7.21 19.48
C GLY L 89 -21.71 7.33 19.47
N ASN L 90 -21.02 6.50 20.22
CA ASN L 90 -19.56 6.54 20.30
C ASN L 90 -18.91 5.50 19.38
N LEU L 91 -19.70 4.82 18.56
CA LEU L 91 -19.17 3.75 17.71
C LEU L 91 -18.10 4.21 16.73
N ALA L 92 -18.30 5.36 16.09
CA ALA L 92 -17.30 5.83 15.14
C ALA L 92 -15.98 6.08 15.87
N ALA L 93 -16.07 6.71 17.03
CA ALA L 93 -14.92 6.98 17.87
C ALA L 93 -14.26 5.70 18.41
N ALA L 94 -15.10 4.72 18.76
CA ALA L 94 -14.63 3.46 19.30
C ALA L 94 -13.76 2.73 18.29
N MET L 95 -14.16 2.80 17.03
CA MET L 95 -13.41 2.17 15.95
C MET L 95 -12.05 2.85 15.78
N GLN L 96 -11.94 4.05 16.32
CA GLN L 96 -10.71 4.84 16.30
C GLN L 96 -9.90 4.67 17.59
N GLY L 97 -10.27 3.69 18.43
CA GLY L 97 -9.57 3.44 19.67
C GLY L 97 -10.08 4.13 20.92
N LEU L 98 -11.24 4.77 20.83
CA LEU L 98 -11.84 5.48 21.96
C LEU L 98 -12.95 4.63 22.59
N LEU L 99 -12.90 3.33 22.37
CA LEU L 99 -13.92 2.41 22.87
C LEU L 99 -14.07 2.28 24.39
N ALA L 100 -15.34 2.33 24.81
CA ALA L 100 -15.72 2.15 26.19
C ALA L 100 -16.97 1.26 26.28
N LEU L 101 -16.98 0.31 27.21
CA LEU L 101 -18.11 -0.57 27.39
C LEU L 101 -18.66 -0.57 28.80
N PRO L 102 -19.92 -0.17 28.95
CA PRO L 102 -20.49 -0.15 30.29
C PRO L 102 -21.15 -1.45 30.70
N LEU L 103 -21.31 -1.61 32.01
CA LEU L 103 -22.00 -2.75 32.59
C LEU L 103 -23.00 -2.04 33.51
N LEU L 104 -24.28 -2.35 33.35
CA LEU L 104 -25.33 -1.72 34.14
C LEU L 104 -25.95 -2.69 35.16
N ALA L 105 -26.11 -2.22 36.40
CA ALA L 105 -26.73 -3.02 37.44
C ALA L 105 -27.83 -2.16 38.02
N GLY L 106 -28.95 -2.78 38.32
CA GLY L 106 -30.02 -2.00 38.92
C GLY L 106 -31.03 -2.86 39.65
N TYR L 107 -31.97 -2.19 40.30
CA TYR L 107 -33.05 -2.87 41.00
C TYR L 107 -34.29 -2.25 40.36
N ASP L 108 -35.17 -3.08 39.83
CA ASP L 108 -36.39 -2.57 39.19
C ASP L 108 -37.53 -2.47 40.19
N ILE L 109 -37.84 -1.26 40.63
CA ILE L 109 -38.92 -1.06 41.60
C ILE L 109 -40.28 -1.54 41.08
N HIS L 110 -40.46 -1.57 39.77
CA HIS L 110 -41.72 -2.04 39.19
C HIS L 110 -41.78 -3.51 38.87
N ALA L 111 -40.73 -4.27 39.16
CA ALA L 111 -40.77 -5.71 38.87
C ALA L 111 -41.82 -6.37 39.77
N SER L 112 -42.45 -7.42 39.26
CA SER L 112 -43.46 -8.13 40.03
C SER L 112 -42.86 -8.77 41.28
N ASP L 113 -41.85 -9.63 41.12
CA ASP L 113 -41.23 -10.28 42.26
C ASP L 113 -39.94 -9.60 42.74
N PRO L 114 -40.02 -8.95 43.90
CA PRO L 114 -38.95 -8.22 44.60
C PRO L 114 -37.63 -8.99 44.85
N GLN L 115 -37.72 -10.28 45.15
CA GLN L 115 -36.51 -11.05 45.41
C GLN L 115 -35.65 -11.15 44.16
N SER L 116 -36.31 -11.08 43.00
CA SER L 116 -35.58 -11.16 41.73
C SER L 116 -35.62 -9.88 40.89
N ALA L 117 -36.01 -8.75 41.49
CA ALA L 117 -36.04 -7.46 40.83
C ALA L 117 -34.60 -6.91 40.46
N GLY L 118 -33.56 -7.63 40.87
CA GLY L 118 -32.21 -7.21 40.52
C GLY L 118 -32.02 -7.35 39.01
N ARG L 119 -31.24 -6.46 38.42
CA ARG L 119 -31.00 -6.49 36.97
C ARG L 119 -29.52 -6.25 36.64
N ILE L 120 -29.02 -6.99 35.65
CA ILE L 120 -27.66 -6.84 35.17
C ILE L 120 -27.78 -6.79 33.65
N VAL L 121 -27.23 -5.73 33.06
CA VAL L 121 -27.29 -5.56 31.62
C VAL L 121 -25.90 -5.28 31.02
N SER L 122 -25.53 -6.04 29.98
CA SER L 122 -24.24 -5.79 29.36
C SER L 122 -24.48 -5.14 27.97
N PHE L 123 -23.46 -4.47 27.45
CA PHE L 123 -23.51 -3.73 26.19
C PHE L 123 -22.30 -4.01 25.28
N ASP L 124 -22.52 -4.02 23.97
CA ASP L 124 -21.38 -4.19 23.06
C ASP L 124 -21.12 -2.83 22.41
N ALA L 125 -20.06 -2.73 21.62
CA ALA L 125 -19.66 -1.47 21.03
C ALA L 125 -20.68 -0.82 20.12
N ALA L 126 -21.56 -1.63 19.56
CA ALA L 126 -22.59 -1.11 18.67
C ALA L 126 -23.88 -0.73 19.38
N GLY L 127 -23.90 -0.79 20.70
CA GLY L 127 -25.11 -0.41 21.40
C GLY L 127 -26.04 -1.58 21.65
N GLY L 128 -25.59 -2.79 21.33
CA GLY L 128 -26.41 -3.94 21.58
C GLY L 128 -26.41 -4.15 23.08
N TRP L 129 -27.54 -4.56 23.63
CA TRP L 129 -27.60 -4.82 25.05
C TRP L 129 -28.17 -6.18 25.27
N ASN L 130 -27.91 -6.72 26.46
CA ASN L 130 -28.45 -8.01 26.82
C ASN L 130 -28.68 -8.07 28.33
N ILE L 131 -29.91 -8.36 28.73
CA ILE L 131 -30.23 -8.50 30.16
C ILE L 131 -29.73 -9.91 30.55
N GLU L 132 -28.76 -9.97 31.44
CA GLU L 132 -28.14 -11.19 31.88
C GLU L 132 -29.13 -12.05 32.65
N GLU L 133 -29.16 -13.34 32.35
CA GLU L 133 -30.10 -14.22 33.01
C GLU L 133 -29.37 -15.28 33.80
N GLU L 134 -28.06 -15.32 33.70
CA GLU L 134 -27.35 -16.36 34.45
C GLU L 134 -26.82 -15.93 35.82
N GLY L 135 -27.20 -14.75 36.29
CA GLY L 135 -26.79 -14.33 37.63
C GLY L 135 -25.62 -13.36 37.82
N TYR L 136 -24.70 -13.34 36.86
CA TYR L 136 -23.56 -12.45 36.98
C TYR L 136 -23.01 -12.12 35.62
N GLN L 137 -22.16 -11.11 35.58
CA GLN L 137 -21.50 -10.70 34.35
C GLN L 137 -20.25 -9.90 34.75
N ALA L 138 -19.36 -9.66 33.79
CA ALA L 138 -18.14 -8.89 34.03
C ALA L 138 -17.67 -8.29 32.70
N VAL L 139 -16.98 -7.14 32.78
CA VAL L 139 -16.39 -6.49 31.59
C VAL L 139 -14.97 -6.08 31.92
N GLY L 140 -14.14 -6.00 30.88
CA GLY L 140 -12.76 -5.59 31.03
C GLY L 140 -11.81 -6.72 30.73
N SER L 141 -10.52 -6.40 30.64
CA SER L 141 -9.51 -7.42 30.34
C SER L 141 -9.46 -8.59 31.35
N GLY L 142 -9.96 -8.43 32.56
CA GLY L 142 -9.93 -9.59 33.46
C GLY L 142 -11.30 -10.27 33.57
N SER L 143 -12.25 -9.89 32.72
CA SER L 143 -13.59 -10.44 32.83
C SER L 143 -13.76 -11.96 32.66
N LEU L 144 -12.95 -12.58 31.82
CA LEU L 144 -13.09 -14.02 31.65
C LEU L 144 -12.61 -14.74 32.95
N PHE L 145 -11.54 -14.25 33.55
CA PHE L 145 -11.08 -14.89 34.78
C PHE L 145 -12.11 -14.68 35.90
N ALA L 146 -12.73 -13.50 35.93
CA ALA L 146 -13.73 -13.18 36.96
C ALA L 146 -14.97 -14.07 36.77
N LYS L 147 -15.42 -14.19 35.53
CA LYS L 147 -16.59 -14.99 35.26
C LYS L 147 -16.34 -16.45 35.53
N SER L 148 -15.16 -16.96 35.19
CA SER L 148 -14.91 -18.35 35.47
C SER L 148 -14.82 -18.57 36.96
N SER L 149 -14.41 -17.55 37.69
CA SER L 149 -14.34 -17.66 39.13
C SER L 149 -15.78 -17.65 39.70
N MET L 150 -16.60 -16.67 39.29
CA MET L 150 -17.99 -16.62 39.77
C MET L 150 -18.80 -17.87 39.40
N LYS L 151 -18.45 -18.51 38.29
CA LYS L 151 -19.16 -19.71 37.89
C LYS L 151 -19.03 -20.76 39.01
N LYS L 152 -17.87 -20.81 39.65
CA LYS L 152 -17.66 -21.80 40.70
C LYS L 152 -18.14 -21.28 42.06
N LEU L 153 -18.16 -19.96 42.24
CA LEU L 153 -18.56 -19.43 43.55
C LEU L 153 -19.99 -18.93 43.67
N TYR L 154 -20.66 -18.78 42.54
CA TYR L 154 -21.99 -18.24 42.56
C TYR L 154 -23.02 -18.97 43.44
N SER L 155 -22.90 -20.30 43.59
CA SER L 155 -23.86 -21.04 44.41
C SER L 155 -23.79 -20.55 45.86
N GLN L 156 -22.69 -19.90 46.26
CA GLN L 156 -22.53 -19.42 47.64
C GLN L 156 -23.27 -18.09 47.86
N VAL L 157 -23.68 -17.45 46.77
CA VAL L 157 -24.35 -16.17 46.84
C VAL L 157 -25.81 -16.30 47.23
N THR L 158 -26.07 -16.25 48.54
CA THR L 158 -27.42 -16.44 49.04
C THR L 158 -28.08 -15.15 49.47
N ASP L 159 -27.31 -14.07 49.49
CA ASP L 159 -27.82 -12.80 49.96
C ASP L 159 -26.84 -11.71 49.55
N GLY L 160 -27.15 -10.46 49.89
CA GLY L 160 -26.30 -9.36 49.55
C GLY L 160 -24.91 -9.41 50.17
N ASP L 161 -24.75 -9.98 51.35
CA ASP L 161 -23.42 -9.96 51.94
C ASP L 161 -22.48 -10.99 51.29
N SER L 162 -22.98 -12.19 51.04
CA SER L 162 -22.13 -13.19 50.41
C SER L 162 -21.94 -12.78 48.91
N GLY L 163 -22.91 -12.08 48.34
CA GLY L 163 -22.79 -11.60 46.98
C GLY L 163 -21.61 -10.60 46.92
N LEU L 164 -21.53 -9.72 47.89
CA LEU L 164 -20.44 -8.77 47.96
C LEU L 164 -19.09 -9.49 48.15
N ARG L 165 -19.08 -10.53 48.99
CA ARG L 165 -17.86 -11.26 49.23
C ARG L 165 -17.40 -11.98 47.97
N VAL L 166 -18.33 -12.61 47.26
CA VAL L 166 -17.98 -13.28 46.03
C VAL L 166 -17.46 -12.28 44.98
N ALA L 167 -18.12 -11.14 44.87
CA ALA L 167 -17.71 -10.15 43.91
C ALA L 167 -16.23 -9.79 44.13
N VAL L 168 -15.89 -9.60 45.41
CA VAL L 168 -14.53 -9.25 45.77
C VAL L 168 -13.57 -10.39 45.45
N GLU L 169 -13.99 -11.63 45.66
CA GLU L 169 -13.12 -12.71 45.34
C GLU L 169 -12.96 -12.88 43.81
N ALA L 170 -14.00 -12.57 43.03
CA ALA L 170 -13.92 -12.68 41.57
C ALA L 170 -12.89 -11.62 41.10
N LEU L 171 -12.93 -10.40 41.69
CA LEU L 171 -11.98 -9.36 41.30
C LEU L 171 -10.57 -9.80 41.70
N TYR L 172 -10.47 -10.48 42.83
CA TYR L 172 -9.20 -10.97 43.29
C TYR L 172 -8.64 -11.97 42.30
N ASP L 173 -9.48 -12.88 41.80
CA ASP L 173 -9.02 -13.86 40.81
C ASP L 173 -8.66 -13.15 39.48
N ALA L 174 -9.40 -12.10 39.12
CA ALA L 174 -9.13 -11.38 37.89
C ALA L 174 -7.69 -10.79 38.03
N ALA L 175 -7.40 -10.11 39.15
CA ALA L 175 -6.08 -9.50 39.37
C ALA L 175 -4.94 -10.55 39.43
N ASP L 176 -5.27 -11.72 39.96
CA ASP L 176 -4.32 -12.81 40.06
C ASP L 176 -3.86 -13.28 38.68
N ASP L 177 -4.74 -13.20 37.67
CA ASP L 177 -4.39 -13.64 36.30
C ASP L 177 -4.22 -12.57 35.21
N ASP L 178 -4.72 -11.36 35.47
CA ASP L 178 -4.63 -10.27 34.54
C ASP L 178 -3.83 -9.08 35.16
N SER L 179 -2.62 -8.84 34.64
CA SER L 179 -1.78 -7.74 35.10
C SER L 179 -2.44 -6.37 34.91
N ALA L 180 -3.45 -6.25 34.05
CA ALA L 180 -4.12 -4.94 33.90
C ALA L 180 -5.23 -4.70 34.96
N THR L 181 -5.47 -5.67 35.81
CA THR L 181 -6.49 -5.51 36.88
C THR L 181 -5.77 -5.43 38.21
N GLY L 182 -6.09 -4.43 39.01
CA GLY L 182 -5.44 -4.27 40.29
C GLY L 182 -5.98 -5.10 41.47
N GLY L 183 -5.07 -5.77 42.17
CA GLY L 183 -5.48 -6.54 43.32
C GLY L 183 -5.59 -5.65 44.56
N PRO L 184 -6.06 -6.19 45.70
CA PRO L 184 -6.17 -5.40 46.94
C PRO L 184 -4.73 -4.93 47.28
N ASP L 185 -4.54 -3.67 47.63
CA ASP L 185 -3.19 -3.17 47.94
C ASP L 185 -3.12 -2.95 49.46
N LEU L 186 -2.57 -3.93 50.17
CA LEU L 186 -2.46 -3.90 51.62
C LEU L 186 -1.48 -2.87 52.14
N VAL L 187 -0.41 -2.58 51.40
CA VAL L 187 0.54 -1.57 51.81
C VAL L 187 -0.10 -0.18 51.81
N ARG L 188 -0.80 0.19 50.74
CA ARG L 188 -1.43 1.52 50.68
C ARG L 188 -2.85 1.54 51.21
N GLY L 189 -3.41 0.36 51.50
CA GLY L 189 -4.78 0.32 51.97
C GLY L 189 -5.82 0.72 50.90
N ILE L 190 -5.64 0.24 49.67
CA ILE L 190 -6.59 0.59 48.61
C ILE L 190 -7.27 -0.67 48.13
N PHE L 191 -8.60 -0.64 48.08
CA PHE L 191 -9.31 -1.86 47.72
C PHE L 191 -10.35 -1.56 46.64
N PRO L 192 -10.89 -2.61 46.02
CA PRO L 192 -11.93 -2.46 45.00
C PRO L 192 -13.10 -1.63 45.62
N THR L 193 -13.85 -0.92 44.79
CA THR L 193 -15.01 -0.22 45.28
C THR L 193 -16.22 -1.09 44.88
N ALA L 194 -17.35 -0.88 45.55
CA ALA L 194 -18.54 -1.63 45.25
C ALA L 194 -19.79 -0.83 45.60
N VAL L 195 -20.89 -1.18 44.95
CA VAL L 195 -22.18 -0.57 45.15
C VAL L 195 -23.18 -1.70 45.32
N ILE L 196 -24.07 -1.59 46.30
CA ILE L 196 -25.11 -2.59 46.51
C ILE L 196 -26.45 -1.92 46.24
N ILE L 197 -27.35 -2.61 45.57
CA ILE L 197 -28.64 -2.02 45.31
C ILE L 197 -29.73 -2.99 45.68
N ASP L 198 -30.70 -2.52 46.47
CA ASP L 198 -31.84 -3.37 46.83
C ASP L 198 -33.06 -2.47 46.85
N ALA L 199 -34.17 -2.94 47.44
CA ALA L 199 -35.39 -2.13 47.50
C ALA L 199 -35.17 -0.75 48.13
N ASP L 200 -34.19 -0.59 49.00
CA ASP L 200 -33.96 0.72 49.62
C ASP L 200 -33.06 1.61 48.78
N GLY L 201 -32.64 1.13 47.61
CA GLY L 201 -31.80 1.96 46.78
C GLY L 201 -30.33 1.58 46.70
N ALA L 202 -29.60 2.33 45.88
CA ALA L 202 -28.19 2.09 45.65
C ALA L 202 -27.30 2.75 46.71
N VAL L 203 -26.36 2.01 47.25
CA VAL L 203 -25.49 2.58 48.27
C VAL L 203 -24.05 2.11 48.04
N ASP L 204 -23.10 2.99 48.34
CA ASP L 204 -21.68 2.67 48.23
C ASP L 204 -21.30 1.77 49.39
N VAL L 205 -20.53 0.73 49.13
CA VAL L 205 -20.16 -0.16 50.20
C VAL L 205 -18.97 0.50 50.88
N PRO L 206 -19.00 0.60 52.23
CA PRO L 206 -17.85 1.22 52.90
C PRO L 206 -16.53 0.45 52.66
N GLU L 207 -15.48 1.22 52.36
CA GLU L 207 -14.15 0.65 52.11
C GLU L 207 -13.69 -0.35 53.21
N SER L 208 -14.01 -0.04 54.47
CA SER L 208 -13.62 -0.89 55.58
C SER L 208 -14.28 -2.25 55.43
N ARG L 209 -15.50 -2.30 54.93
CA ARG L 209 -16.11 -3.58 54.75
C ARG L 209 -15.33 -4.38 53.67
N ILE L 210 -15.00 -3.74 52.56
CA ILE L 210 -14.27 -4.43 51.50
C ILE L 210 -12.88 -4.89 51.95
N ALA L 211 -12.19 -4.04 52.71
CA ALA L 211 -10.88 -4.37 53.24
C ALA L 211 -10.93 -5.66 54.11
N GLU L 212 -11.96 -5.79 54.95
CA GLU L 212 -12.11 -6.98 55.81
C GLU L 212 -12.25 -8.23 54.94
N LEU L 213 -13.14 -8.15 53.95
CA LEU L 213 -13.37 -9.27 53.05
C LEU L 213 -12.06 -9.64 52.34
N ALA L 214 -11.37 -8.63 51.84
CA ALA L 214 -10.12 -8.84 51.13
C ALA L 214 -9.10 -9.50 52.04
N ARG L 215 -8.93 -8.97 53.26
CA ARG L 215 -7.95 -9.60 54.17
C ARG L 215 -8.33 -11.03 54.44
N ALA L 216 -9.63 -11.31 54.58
CA ALA L 216 -10.03 -12.67 54.84
C ALA L 216 -9.70 -13.56 53.66
N ILE L 217 -9.97 -13.11 52.44
CA ILE L 217 -9.66 -13.92 51.27
C ILE L 217 -8.18 -14.24 51.23
N ILE L 218 -7.36 -13.24 51.51
CA ILE L 218 -5.92 -13.38 51.50
C ILE L 218 -5.42 -14.38 52.54
N GLU L 219 -5.92 -14.27 53.78
CA GLU L 219 -5.58 -15.21 54.83
C GLU L 219 -5.90 -16.64 54.44
N SER L 220 -7.10 -16.84 53.92
CA SER L 220 -7.55 -18.16 53.50
C SER L 220 -6.56 -18.81 52.53
N ARG L 221 -6.29 -18.13 51.43
CA ARG L 221 -5.41 -18.68 50.40
C ARG L 221 -3.97 -18.85 50.85
N SER L 222 -3.60 -18.17 51.93
CA SER L 222 -2.27 -18.29 52.49
C SER L 222 -2.10 -19.62 53.22
N GLY L 223 -3.18 -20.12 53.80
CA GLY L 223 -3.16 -21.37 54.52
C GLY L 223 -3.13 -21.16 56.02
N ILE M 7 -50.82 45.74 16.76
CA ILE M 7 -52.24 45.41 16.77
C ILE M 7 -52.60 45.29 18.23
N SER M 8 -53.74 45.85 18.60
CA SER M 8 -54.10 45.81 19.99
C SER M 8 -54.13 44.37 20.40
N PRO M 9 -53.42 44.07 21.46
CA PRO M 9 -53.42 42.72 22.01
C PRO M 9 -54.81 42.35 22.50
N GLU M 10 -55.56 43.32 23.03
CA GLU M 10 -56.86 43.03 23.62
C GLU M 10 -57.89 42.52 22.60
N GLN M 11 -58.17 43.32 21.58
CA GLN M 11 -59.16 42.98 20.57
C GLN M 11 -58.92 41.63 19.89
N ALA M 12 -57.67 41.40 19.48
CA ALA M 12 -57.29 40.16 18.80
C ALA M 12 -57.63 38.91 19.63
N MET M 13 -57.09 38.84 20.84
CA MET M 13 -57.35 37.69 21.70
C MET M 13 -58.84 37.42 21.88
N ARG M 14 -59.65 38.47 21.71
CA ARG M 14 -61.10 38.37 21.88
C ARG M 14 -61.76 37.80 20.61
N GLU M 15 -61.32 38.30 19.46
CA GLU M 15 -61.90 37.86 18.21
C GLU M 15 -61.56 36.39 17.95
N ARG M 16 -60.27 36.08 17.97
CA ARG M 16 -59.81 34.70 17.77
C ARG M 16 -60.61 33.75 18.62
N SER M 17 -60.69 34.08 19.90
CA SER M 17 -61.42 33.23 20.84
C SER M 17 -62.81 32.87 20.35
N GLU M 18 -63.62 33.90 20.09
CA GLU M 18 -65.01 33.69 19.65
C GLU M 18 -65.04 32.82 18.40
N LEU M 19 -64.10 33.09 17.52
CA LEU M 19 -63.96 32.37 16.25
C LEU M 19 -63.83 30.85 16.48
N ALA M 20 -63.26 30.45 17.61
CA ALA M 20 -63.07 29.04 17.92
C ALA M 20 -64.23 28.49 18.71
N ARG M 21 -64.69 29.26 19.69
CA ARG M 21 -65.82 28.86 20.52
C ARG M 21 -66.99 28.58 19.57
N LYS M 22 -67.17 29.50 18.63
CA LYS M 22 -68.24 29.42 17.62
C LYS M 22 -68.26 28.12 16.83
N GLY M 23 -67.17 27.88 16.09
CA GLY M 23 -67.05 26.68 15.29
C GLY M 23 -67.17 25.40 16.09
N ILE M 24 -66.65 25.40 17.33
CA ILE M 24 -66.75 24.20 18.14
C ILE M 24 -68.22 23.89 18.52
N ALA M 25 -68.95 24.91 18.98
CA ALA M 25 -70.34 24.74 19.38
C ALA M 25 -71.22 24.36 18.18
N ARG M 26 -70.73 24.74 17.00
CA ARG M 26 -71.38 24.49 15.74
C ARG M 26 -71.32 23.00 15.37
N ALA M 27 -70.33 22.27 15.92
CA ALA M 27 -70.13 20.85 15.59
C ALA M 27 -70.83 19.81 16.46
N LYS M 28 -70.82 18.55 16.00
CA LYS M 28 -71.42 17.41 16.71
C LYS M 28 -70.81 17.27 18.11
N SER M 29 -71.45 16.50 19.00
CA SER M 29 -70.93 16.35 20.35
C SER M 29 -70.33 15.00 20.66
N VAL M 30 -69.41 15.02 21.64
CA VAL M 30 -68.71 13.80 22.05
C VAL M 30 -68.62 13.73 23.54
N VAL M 31 -68.71 12.51 24.07
CA VAL M 31 -68.57 12.34 25.51
C VAL M 31 -67.65 11.16 25.80
N ALA M 32 -66.89 11.30 26.88
CA ALA M 32 -65.99 10.25 27.32
C ALA M 32 -66.27 10.15 28.80
N LEU M 33 -66.45 8.92 29.28
CA LEU M 33 -66.70 8.73 30.69
C LEU M 33 -66.04 7.47 31.24
N ALA M 34 -65.61 7.54 32.50
CA ALA M 34 -64.97 6.42 33.15
C ALA M 34 -66.04 5.43 33.52
N TYR M 35 -65.76 4.15 33.38
CA TYR M 35 -66.73 3.14 33.75
C TYR M 35 -65.95 1.97 34.34
N ALA M 36 -66.66 0.93 34.77
CA ALA M 36 -66.00 -0.20 35.38
C ALA M 36 -64.84 -0.80 34.58
N GLY M 37 -65.03 -1.02 33.29
CA GLY M 37 -64.00 -1.62 32.47
C GLY M 37 -62.93 -0.72 31.85
N GLY M 38 -62.98 0.57 32.16
CA GLY M 38 -61.99 1.46 31.60
C GLY M 38 -62.58 2.81 31.23
N VAL M 39 -62.52 3.17 29.94
CA VAL M 39 -63.11 4.43 29.50
C VAL M 39 -63.93 4.18 28.26
N LEU M 40 -65.05 4.90 28.17
CA LEU M 40 -65.97 4.75 27.04
C LEU M 40 -66.07 6.04 26.27
N PHE M 41 -65.99 5.90 24.96
CA PHE M 41 -66.06 7.03 24.04
C PHE M 41 -67.30 6.91 23.16
N VAL M 42 -68.13 7.93 23.18
CA VAL M 42 -69.34 7.94 22.34
C VAL M 42 -69.49 9.30 21.68
N ALA M 43 -69.55 9.25 20.36
CA ALA M 43 -69.68 10.47 19.59
C ALA M 43 -70.80 10.37 18.57
N GLU M 44 -71.41 11.52 18.29
CA GLU M 44 -72.47 11.61 17.31
C GLU M 44 -71.71 11.66 15.99
N ASN M 45 -71.75 10.58 15.23
CA ASN M 45 -71.02 10.60 13.98
C ASN M 45 -71.66 9.80 12.86
N PRO M 46 -72.26 10.51 11.88
CA PRO M 46 -72.93 9.87 10.73
C PRO M 46 -71.97 9.15 9.80
N SER M 47 -70.82 9.77 9.52
CA SER M 47 -69.84 9.18 8.62
C SER M 47 -69.40 7.78 9.03
N ARG M 48 -68.99 7.02 8.03
CA ARG M 48 -68.51 5.66 8.27
C ARG M 48 -66.99 5.65 8.15
N SER M 49 -66.44 6.63 7.41
CA SER M 49 -64.99 6.72 7.17
C SER M 49 -64.23 7.71 8.04
N LEU M 50 -64.81 8.88 8.26
CA LEU M 50 -64.18 9.93 9.04
C LEU M 50 -64.42 9.69 10.52
N GLN M 51 -63.35 9.52 11.29
CA GLN M 51 -63.47 9.23 12.72
C GLN M 51 -63.07 10.34 13.67
N LYS M 52 -63.73 10.39 14.83
CA LYS M 52 -63.49 11.41 15.87
C LYS M 52 -62.89 10.79 17.12
N ILE M 53 -62.80 9.46 17.13
CA ILE M 53 -62.26 8.73 18.26
C ILE M 53 -61.14 7.85 17.75
N SER M 54 -60.01 7.82 18.46
CA SER M 54 -58.87 7.05 17.98
C SER M 54 -57.93 6.58 19.07
N GLU M 55 -57.20 5.53 18.76
CA GLU M 55 -56.17 5.02 19.66
C GLU M 55 -54.95 5.97 19.51
N LEU M 56 -54.26 6.26 20.62
CA LEU M 56 -53.04 7.08 20.52
C LEU M 56 -51.85 6.16 20.83
N TYR M 57 -51.92 5.47 21.96
CA TYR M 57 -50.88 4.55 22.38
C TYR M 57 -51.51 3.35 23.11
N ASP M 58 -50.70 2.46 23.67
CA ASP M 58 -51.22 1.26 24.35
C ASP M 58 -52.45 1.46 25.27
N ARG M 59 -52.36 2.38 26.22
CA ARG M 59 -53.48 2.59 27.13
C ARG M 59 -54.04 3.98 26.98
N VAL M 60 -53.73 4.66 25.88
CA VAL M 60 -54.19 6.02 25.73
C VAL M 60 -55.08 6.21 24.52
N GLY M 61 -56.23 6.86 24.76
CA GLY M 61 -57.21 7.11 23.72
C GLY M 61 -57.36 8.59 23.45
N PHE M 62 -57.92 8.88 22.28
CA PHE M 62 -58.14 10.26 21.82
C PHE M 62 -59.57 10.44 21.26
N ALA M 63 -60.17 11.60 21.57
CA ALA M 63 -61.51 11.93 21.06
C ALA M 63 -61.52 13.43 20.83
N ALA M 64 -62.17 13.88 19.76
CA ALA M 64 -62.22 15.31 19.50
C ALA M 64 -63.53 15.79 18.88
N ALA M 65 -63.73 17.09 18.95
CA ALA M 65 -64.92 17.69 18.40
C ALA M 65 -64.43 18.96 17.72
N GLY M 66 -65.07 19.32 16.61
CA GLY M 66 -64.67 20.53 15.93
C GLY M 66 -64.43 20.25 14.46
N LYS M 67 -63.57 21.06 13.83
CA LYS M 67 -63.26 20.90 12.42
C LYS M 67 -62.38 19.63 12.23
N PHE M 68 -62.87 18.67 11.44
CA PHE M 68 -62.14 17.41 11.20
C PHE M 68 -60.68 17.54 10.75
N ASN M 69 -60.45 18.23 9.64
CA ASN M 69 -59.10 18.35 9.15
C ASN M 69 -58.18 18.88 10.27
N GLU M 70 -58.69 19.72 11.15
CA GLU M 70 -57.83 20.24 12.22
C GLU M 70 -57.58 19.22 13.34
N PHE M 71 -58.59 18.52 13.83
CA PHE M 71 -58.29 17.58 14.88
C PHE M 71 -57.67 16.26 14.37
N ASP M 72 -57.84 15.96 13.10
CA ASP M 72 -57.23 14.76 12.58
C ASP M 72 -55.72 15.08 12.54
N ASN M 73 -55.43 16.32 12.19
CA ASN M 73 -54.06 16.79 12.17
C ASN M 73 -53.44 16.52 13.55
N LEU M 74 -54.15 16.93 14.59
CA LEU M 74 -53.68 16.76 15.95
C LEU M 74 -53.58 15.29 16.33
N ARG M 75 -54.50 14.49 15.84
CA ARG M 75 -54.51 13.07 16.15
C ARG M 75 -53.21 12.42 15.64
N ARG M 76 -52.88 12.72 14.38
CA ARG M 76 -51.67 12.22 13.75
C ARG M 76 -50.44 12.70 14.51
N GLY M 77 -50.39 14.00 14.80
CA GLY M 77 -49.28 14.57 15.55
C GLY M 77 -49.12 13.87 16.88
N GLY M 78 -50.24 13.51 17.51
CA GLY M 78 -50.16 12.83 18.80
C GLY M 78 -49.58 11.44 18.67
N ILE M 79 -50.06 10.68 17.68
CA ILE M 79 -49.56 9.34 17.44
C ILE M 79 -48.03 9.44 17.14
N GLN M 80 -47.65 10.43 16.35
CA GLN M 80 -46.26 10.66 16.03
C GLN M 80 -45.42 10.86 17.30
N PHE M 81 -45.93 11.72 18.19
CA PHE M 81 -45.26 12.02 19.44
C PHE M 81 -45.11 10.78 20.31
N ALA M 82 -46.20 10.06 20.48
CA ALA M 82 -46.19 8.88 21.32
C ALA M 82 -45.27 7.76 20.83
N ASP M 83 -45.34 7.46 19.53
CA ASP M 83 -44.54 6.40 18.99
C ASP M 83 -43.06 6.74 19.10
N THR M 84 -42.74 8.01 18.89
CA THR M 84 -41.36 8.46 18.97
C THR M 84 -40.84 8.38 20.40
N ARG M 85 -41.69 8.76 21.36
CA ARG M 85 -41.32 8.68 22.76
C ARG M 85 -41.10 7.27 23.23
N GLY M 86 -42.03 6.39 22.88
CA GLY M 86 -41.91 5.02 23.33
C GLY M 86 -40.71 4.34 22.76
N TYR M 87 -40.31 4.73 21.54
CA TYR M 87 -39.17 4.13 20.88
C TYR M 87 -37.86 4.66 21.48
N ALA M 88 -37.82 5.96 21.78
CA ALA M 88 -36.66 6.60 22.35
C ALA M 88 -36.41 6.21 23.82
N TYR M 89 -37.46 5.83 24.55
CA TYR M 89 -37.35 5.41 25.95
C TYR M 89 -37.94 4.03 25.99
N ASP M 90 -39.14 3.85 26.53
CA ASP M 90 -39.79 2.52 26.54
C ASP M 90 -41.28 2.77 26.44
N ARG M 91 -42.04 1.76 26.02
CA ARG M 91 -43.49 1.90 25.84
C ARG M 91 -44.16 2.41 27.08
N ARG M 92 -43.82 1.78 28.22
CA ARG M 92 -44.40 2.12 29.50
C ARG M 92 -44.04 3.49 29.97
N ASP M 93 -43.23 4.22 29.21
CA ASP M 93 -42.90 5.58 29.61
C ASP M 93 -43.84 6.62 28.99
N VAL M 94 -44.70 6.18 28.07
CA VAL M 94 -45.65 7.08 27.41
C VAL M 94 -46.92 7.15 28.28
N THR M 95 -47.42 8.36 28.56
CA THR M 95 -48.60 8.51 29.42
C THR M 95 -49.62 9.49 28.89
N GLY M 96 -50.86 9.31 29.36
CA GLY M 96 -51.96 10.21 28.97
C GLY M 96 -51.63 11.64 29.35
N ARG M 97 -51.07 11.82 30.55
CA ARG M 97 -50.67 13.15 31.01
C ARG M 97 -49.68 13.83 30.02
N GLN M 98 -48.71 13.06 29.53
CA GLN M 98 -47.73 13.60 28.59
C GLN M 98 -48.41 14.03 27.30
N LEU M 99 -49.33 13.20 26.80
CA LEU M 99 -50.02 13.55 25.55
C LEU M 99 -50.86 14.83 25.73
N ALA M 100 -51.60 14.91 26.83
CA ALA M 100 -52.44 16.09 27.10
C ALA M 100 -51.56 17.33 27.15
N ASN M 101 -50.47 17.22 27.90
CA ASN M 101 -49.52 18.31 28.05
C ASN M 101 -49.02 18.80 26.69
N VAL M 102 -48.80 17.87 25.78
CA VAL M 102 -48.31 18.19 24.45
C VAL M 102 -49.35 18.90 23.59
N TYR M 103 -50.59 18.46 23.69
CA TYR M 103 -51.66 19.10 22.93
C TYR M 103 -51.87 20.53 23.41
N ALA M 104 -51.74 20.73 24.72
CA ALA M 104 -51.88 22.05 25.32
C ALA M 104 -50.84 22.99 24.73
N GLN M 105 -49.59 22.55 24.73
CA GLN M 105 -48.50 23.34 24.19
C GLN M 105 -48.72 23.62 22.71
N THR M 106 -49.26 22.63 22.00
CA THR M 106 -49.49 22.75 20.57
C THR M 106 -50.66 23.69 20.24
N LEU M 107 -51.76 23.55 20.96
CA LEU M 107 -52.93 24.38 20.73
C LEU M 107 -52.67 25.82 21.16
N GLY M 108 -51.94 25.99 22.26
CA GLY M 108 -51.58 27.31 22.73
C GLY M 108 -50.73 28.01 21.68
N THR M 109 -49.85 27.24 21.05
CA THR M 109 -48.95 27.78 20.04
C THR M 109 -49.72 28.13 18.77
N ILE M 110 -50.70 27.30 18.41
CA ILE M 110 -51.53 27.54 17.24
C ILE M 110 -52.40 28.77 17.51
N PHE M 111 -53.06 28.76 18.67
CA PHE M 111 -53.95 29.84 19.06
C PHE M 111 -53.30 31.21 19.01
N THR M 112 -52.03 31.23 19.37
CA THR M 112 -51.25 32.45 19.43
C THR M 112 -50.50 32.83 18.16
N GLU M 113 -49.95 31.84 17.47
CA GLU M 113 -49.13 32.13 16.30
C GLU M 113 -49.75 31.94 14.92
N GLN M 114 -50.86 31.22 14.83
CA GLN M 114 -51.46 30.98 13.53
C GLN M 114 -52.53 31.99 13.13
N ALA M 115 -52.70 32.11 11.81
CA ALA M 115 -53.69 33.00 11.23
C ALA M 115 -55.02 32.75 11.91
N LYS M 116 -55.47 31.50 11.86
CA LYS M 116 -56.72 31.12 12.46
C LYS M 116 -56.47 30.13 13.58
N PRO M 117 -57.19 30.27 14.72
CA PRO M 117 -56.98 29.31 15.80
C PRO M 117 -57.70 28.04 15.35
N TYR M 118 -57.38 26.91 15.98
CA TYR M 118 -58.01 25.64 15.63
C TYR M 118 -59.35 25.56 16.30
N GLU M 119 -60.38 25.22 15.52
CA GLU M 119 -61.72 25.10 16.02
C GLU M 119 -61.88 23.67 16.50
N VAL M 120 -61.27 23.34 17.63
CA VAL M 120 -61.34 21.96 18.12
C VAL M 120 -61.31 21.94 19.64
N GLU M 121 -61.74 20.80 20.19
CA GLU M 121 -61.71 20.55 21.62
C GLU M 121 -61.30 19.08 21.70
N LEU M 122 -60.27 18.79 22.50
CA LEU M 122 -59.75 17.43 22.60
C LEU M 122 -59.86 16.80 23.95
N CYS M 123 -59.97 15.47 23.93
CA CYS M 123 -59.98 14.72 25.14
C CYS M 123 -58.96 13.58 25.02
N VAL M 124 -58.06 13.48 25.99
CA VAL M 124 -57.07 12.41 26.03
C VAL M 124 -57.41 11.58 27.24
N ALA M 125 -57.52 10.28 27.09
CA ALA M 125 -57.85 9.40 28.21
C ALA M 125 -56.84 8.26 28.33
N GLU M 126 -56.64 7.78 29.55
CA GLU M 126 -55.73 6.71 29.83
C GLU M 126 -56.32 5.79 30.88
N VAL M 127 -56.16 4.49 30.70
CA VAL M 127 -56.64 3.52 31.66
C VAL M 127 -55.40 2.80 32.18
N ALA M 128 -55.57 2.03 33.25
CA ALA M 128 -54.48 1.32 33.85
C ALA M 128 -53.89 0.27 32.94
N HIS M 129 -52.65 -0.13 33.25
CA HIS M 129 -51.96 -1.17 32.49
C HIS M 129 -52.58 -2.51 32.92
N TYR M 130 -52.52 -3.52 32.07
CA TYR M 130 -53.10 -4.80 32.38
C TYR M 130 -52.78 -5.27 33.80
N GLY M 131 -53.78 -5.84 34.47
CA GLY M 131 -53.59 -6.34 35.82
C GLY M 131 -53.13 -5.33 36.86
N GLU M 132 -53.24 -4.05 36.52
CA GLU M 132 -52.83 -2.97 37.41
C GLU M 132 -54.12 -2.33 37.90
N THR M 133 -54.04 -1.50 38.93
CA THR M 133 -55.23 -0.84 39.43
C THR M 133 -54.93 0.63 39.50
N LYS M 134 -55.75 1.42 38.81
CA LYS M 134 -55.58 2.86 38.79
C LYS M 134 -56.83 3.47 38.18
N ARG M 135 -57.27 4.58 38.72
CA ARG M 135 -58.48 5.22 38.22
C ARG M 135 -58.22 5.80 36.83
N PRO M 136 -59.15 5.60 35.89
CA PRO M 136 -58.96 6.15 34.56
C PRO M 136 -58.66 7.64 34.67
N GLU M 137 -57.98 8.20 33.69
CA GLU M 137 -57.69 9.62 33.72
C GLU M 137 -58.28 10.22 32.47
N LEU M 138 -58.87 11.41 32.59
CA LEU M 138 -59.47 12.08 31.46
C LEU M 138 -58.98 13.50 31.46
N TYR M 139 -58.56 14.00 30.30
CA TYR M 139 -58.08 15.36 30.22
C TYR M 139 -58.80 16.02 29.07
N ARG M 140 -59.06 17.31 29.20
CA ARG M 140 -59.70 18.07 28.15
C ARG M 140 -58.74 19.18 27.81
N ILE M 141 -58.49 19.38 26.52
CA ILE M 141 -57.61 20.44 26.06
C ILE M 141 -58.38 21.37 25.13
N THR M 142 -58.37 22.66 25.44
CA THR M 142 -59.08 23.66 24.66
C THR M 142 -58.27 24.34 23.55
N TYR M 143 -58.96 25.12 22.73
CA TYR M 143 -58.35 25.81 21.60
C TYR M 143 -57.26 26.77 22.07
N ASP M 144 -57.48 27.41 23.21
CA ASP M 144 -56.52 28.34 23.78
C ASP M 144 -55.30 27.61 24.35
N GLY M 145 -55.43 26.31 24.50
CA GLY M 145 -54.38 25.49 25.09
C GLY M 145 -54.59 25.20 26.57
N SER M 146 -55.75 25.58 27.08
CA SER M 146 -56.09 25.30 28.47
C SER M 146 -56.27 23.80 28.63
N ILE M 147 -55.89 23.26 29.79
CA ILE M 147 -56.03 21.84 30.02
C ILE M 147 -56.71 21.61 31.35
N ALA M 148 -57.55 20.59 31.43
CA ALA M 148 -58.26 20.32 32.65
C ALA M 148 -58.32 18.84 32.95
N ASP M 149 -58.16 18.52 34.23
CA ASP M 149 -58.18 17.15 34.71
C ASP M 149 -59.63 16.82 35.14
N GLU M 150 -60.35 16.02 34.35
CA GLU M 150 -61.73 15.62 34.69
C GLU M 150 -61.72 14.25 35.33
N PRO M 151 -62.44 14.07 36.44
CA PRO M 151 -62.48 12.79 37.13
C PRO M 151 -63.51 11.74 36.72
N HIS M 152 -64.59 12.19 36.09
CA HIS M 152 -65.64 11.23 35.73
C HIS M 152 -66.01 11.19 34.26
N PHE M 153 -66.13 12.37 33.66
CA PHE M 153 -66.50 12.40 32.26
C PHE M 153 -66.12 13.74 31.64
N VAL M 154 -66.14 13.76 30.32
CA VAL M 154 -65.81 14.97 29.59
C VAL M 154 -66.84 15.09 28.47
N VAL M 155 -67.21 16.33 28.15
CA VAL M 155 -68.17 16.58 27.08
C VAL M 155 -67.61 17.67 26.18
N MET M 156 -67.66 17.46 24.88
CA MET M 156 -67.11 18.46 23.97
C MET M 156 -67.95 18.56 22.71
N GLY M 157 -67.96 19.76 22.13
CA GLY M 157 -68.69 19.98 20.89
C GLY M 157 -70.15 20.36 21.05
N GLY M 158 -70.61 21.21 20.14
CA GLY M 158 -72.00 21.64 20.16
C GLY M 158 -72.42 22.30 21.46
N THR M 159 -73.64 22.00 21.90
CA THR M 159 -74.16 22.55 23.14
C THR M 159 -73.92 21.50 24.22
N THR M 160 -72.93 21.80 25.06
CA THR M 160 -72.52 20.88 26.10
C THR M 160 -73.36 20.91 27.37
N GLU M 161 -73.78 22.11 27.78
CA GLU M 161 -74.60 22.30 28.98
C GLU M 161 -75.61 21.18 29.22
N PRO M 162 -76.54 20.97 28.26
CA PRO M 162 -77.57 19.93 28.38
C PRO M 162 -76.99 18.55 28.63
N ILE M 163 -76.01 18.18 27.81
CA ILE M 163 -75.36 16.87 27.92
C ILE M 163 -74.59 16.74 29.24
N ALA M 164 -73.93 17.83 29.64
CA ALA M 164 -73.16 17.87 30.87
C ALA M 164 -74.06 17.53 32.05
N ASN M 165 -75.10 18.34 32.25
CA ASN M 165 -76.05 18.12 33.33
C ASN M 165 -76.68 16.73 33.26
N ALA M 166 -77.12 16.34 32.07
CA ALA M 166 -77.74 15.03 31.90
C ALA M 166 -76.84 13.92 32.47
N LEU M 167 -75.54 14.10 32.27
CA LEU M 167 -74.51 13.20 32.78
C LEU M 167 -74.43 13.26 34.29
N LYS M 168 -74.57 14.46 34.82
CA LYS M 168 -74.44 14.70 36.24
C LYS M 168 -75.46 13.90 37.04
N GLU M 169 -76.72 13.91 36.62
CA GLU M 169 -77.73 13.13 37.33
C GLU M 169 -77.53 11.63 37.18
N SER M 170 -77.35 11.21 35.93
CA SER M 170 -77.15 9.81 35.58
C SER M 170 -75.87 9.08 36.04
N TYR M 171 -74.74 9.77 35.99
CA TYR M 171 -73.44 9.15 36.23
C TYR M 171 -73.26 8.27 37.46
N ALA M 172 -72.64 7.11 37.23
CA ALA M 172 -72.44 6.10 38.25
C ALA M 172 -71.01 5.55 38.19
N GLU M 173 -70.26 5.74 39.27
CA GLU M 173 -68.90 5.22 39.27
C GLU M 173 -69.04 3.72 39.23
N ASN M 174 -68.28 3.09 38.34
CA ASN M 174 -68.31 1.64 38.18
C ASN M 174 -69.48 1.05 37.38
N ALA M 175 -70.17 1.89 36.62
CA ALA M 175 -71.29 1.42 35.81
C ALA M 175 -70.72 0.36 34.89
N SER M 176 -71.50 -0.65 34.53
CA SER M 176 -70.99 -1.67 33.64
C SER M 176 -70.92 -1.02 32.25
N LEU M 177 -70.42 -1.74 31.25
CA LEU M 177 -70.33 -1.16 29.92
C LEU M 177 -71.70 -0.76 29.40
N THR M 178 -72.67 -1.68 29.47
CA THR M 178 -74.01 -1.40 28.96
C THR M 178 -74.67 -0.20 29.65
N ASP M 179 -74.59 -0.16 30.98
CA ASP M 179 -75.17 0.95 31.73
C ASP M 179 -74.51 2.25 31.32
N ALA M 180 -73.18 2.22 31.18
CA ALA M 180 -72.42 3.40 30.79
C ALA M 180 -72.82 3.84 29.39
N LEU M 181 -72.93 2.88 28.48
CA LEU M 181 -73.30 3.21 27.10
C LEU M 181 -74.63 3.93 27.08
N ARG M 182 -75.64 3.30 27.69
CA ARG M 182 -76.99 3.89 27.78
C ARG M 182 -76.93 5.30 28.38
N ILE M 183 -76.39 5.43 29.58
CA ILE M 183 -76.27 6.72 30.24
C ILE M 183 -75.70 7.77 29.29
N ALA M 184 -74.68 7.35 28.53
CA ALA M 184 -74.00 8.23 27.60
C ALA M 184 -74.87 8.61 26.40
N VAL M 185 -75.39 7.61 25.70
CA VAL M 185 -76.25 7.88 24.53
C VAL M 185 -77.42 8.76 24.94
N ALA M 186 -77.90 8.57 26.17
CA ALA M 186 -79.00 9.35 26.68
C ALA M 186 -78.55 10.79 26.83
N ALA M 187 -77.65 11.04 27.77
CA ALA M 187 -77.16 12.39 28.03
C ALA M 187 -76.78 13.11 26.74
N LEU M 188 -76.48 12.35 25.71
CA LEU M 188 -76.11 12.91 24.43
C LEU M 188 -77.34 13.49 23.73
N ARG M 189 -78.43 12.73 23.73
CA ARG M 189 -79.65 13.20 23.06
C ARG M 189 -80.09 14.50 23.70
N ALA M 190 -79.94 14.60 25.00
CA ALA M 190 -80.33 15.82 25.70
C ALA M 190 -80.14 17.04 24.81
N LEU M 203 -79.89 7.89 19.24
CA LEU M 203 -79.37 7.70 17.89
C LEU M 203 -78.79 6.29 17.83
N GLY M 204 -78.97 5.59 16.70
CA GLY M 204 -78.50 4.22 16.59
C GLY M 204 -77.09 3.95 16.09
N VAL M 205 -76.81 2.67 15.80
CA VAL M 205 -75.49 2.30 15.36
C VAL M 205 -75.05 2.95 14.05
N ALA M 206 -76.00 3.45 13.26
CA ALA M 206 -75.65 4.08 11.99
C ALA M 206 -75.32 5.57 12.12
N SER M 207 -75.43 6.11 13.33
CA SER M 207 -75.12 7.51 13.59
C SER M 207 -74.20 7.70 14.82
N LEU M 208 -73.62 6.60 15.29
CA LEU M 208 -72.74 6.65 16.46
C LEU M 208 -71.38 6.03 16.24
N GLU M 209 -70.38 6.64 16.88
CA GLU M 209 -69.02 6.12 16.84
C GLU M 209 -68.78 5.73 18.29
N VAL M 210 -68.52 4.45 18.52
CA VAL M 210 -68.29 3.98 19.87
C VAL M 210 -67.00 3.17 20.01
N ALA M 211 -66.28 3.40 21.11
CA ALA M 211 -65.04 2.69 21.36
C ALA M 211 -64.70 2.77 22.83
N VAL M 212 -63.91 1.81 23.29
CA VAL M 212 -63.47 1.82 24.67
C VAL M 212 -61.97 1.63 24.82
N LEU M 213 -61.46 2.10 25.97
CA LEU M 213 -60.09 1.87 26.36
C LEU M 213 -60.39 0.76 27.37
N ASP M 214 -60.24 -0.48 26.93
CA ASP M 214 -60.54 -1.61 27.76
C ASP M 214 -59.32 -1.94 28.60
N ALA M 215 -59.43 -1.70 29.90
CA ALA M 215 -58.32 -1.95 30.79
C ALA M 215 -57.98 -3.43 30.87
N ASN M 216 -58.88 -4.28 30.42
CA ASN M 216 -58.64 -5.71 30.53
C ASN M 216 -57.83 -6.29 29.38
N ARG M 217 -57.55 -5.47 28.39
CA ARG M 217 -56.79 -5.95 27.25
C ARG M 217 -55.34 -5.94 27.71
N PRO M 218 -54.57 -7.01 27.38
CA PRO M 218 -53.16 -7.14 27.76
C PRO M 218 -52.26 -5.95 27.39
N ARG M 219 -52.36 -5.46 26.15
CA ARG M 219 -51.53 -4.31 25.78
C ARG M 219 -52.32 -3.19 25.14
N ARG M 220 -52.89 -3.43 23.96
CA ARG M 220 -53.64 -2.39 23.31
C ARG M 220 -55.06 -2.36 23.86
N ALA M 221 -55.36 -1.32 24.63
CA ALA M 221 -56.66 -1.15 25.25
C ALA M 221 -57.76 -0.66 24.31
N PHE M 222 -57.39 0.11 23.28
CA PHE M 222 -58.38 0.66 22.36
C PHE M 222 -59.12 -0.41 21.59
N ARG M 223 -60.44 -0.29 21.59
CA ARG M 223 -61.30 -1.29 20.96
C ARG M 223 -62.57 -0.59 20.46
N ARG M 224 -62.87 -0.73 19.17
CA ARG M 224 -64.08 -0.14 18.61
C ARG M 224 -65.26 -1.10 18.78
N ILE M 225 -66.42 -0.53 19.10
CA ILE M 225 -67.64 -1.32 19.26
C ILE M 225 -68.58 -0.87 18.16
N THR M 226 -68.77 -1.72 17.16
CA THR M 226 -69.63 -1.37 16.04
C THR M 226 -70.58 -2.46 15.54
N GLY M 227 -71.40 -2.07 14.57
CA GLY M 227 -72.37 -2.99 13.97
C GLY M 227 -73.24 -3.75 14.95
N SER M 228 -73.46 -5.03 14.65
CA SER M 228 -74.28 -5.90 15.48
C SER M 228 -73.84 -5.85 16.94
N ALA M 229 -72.54 -5.98 17.16
CA ALA M 229 -71.98 -5.95 18.50
C ALA M 229 -72.45 -4.69 19.24
N LEU M 230 -72.36 -3.54 18.58
CA LEU M 230 -72.79 -2.28 19.18
C LEU M 230 -74.31 -2.36 19.41
N GLN M 231 -75.00 -2.90 18.41
CA GLN M 231 -76.44 -3.06 18.46
C GLN M 231 -76.84 -3.67 19.80
N ALA M 232 -76.27 -4.84 20.08
CA ALA M 232 -76.56 -5.54 21.33
C ALA M 232 -76.49 -4.57 22.49
N LEU M 233 -75.29 -4.11 22.79
CA LEU M 233 -75.09 -3.20 23.91
C LEU M 233 -76.13 -2.08 24.09
N LEU M 234 -76.57 -1.47 23.00
CA LEU M 234 -77.54 -0.39 23.11
C LEU M 234 -78.98 -0.85 22.85
N THR N 1 -25.60 -18.80 14.62
CA THR N 1 -27.06 -18.50 14.67
C THR N 1 -27.85 -19.25 13.63
N THR N 2 -29.05 -19.72 13.97
CA THR N 2 -29.93 -20.33 12.98
C THR N 2 -31.38 -19.99 13.28
N ILE N 3 -32.07 -19.49 12.27
CA ILE N 3 -33.48 -19.22 12.40
C ILE N 3 -34.14 -19.96 11.22
N VAL N 4 -35.20 -20.73 11.51
CA VAL N 4 -35.91 -21.42 10.46
C VAL N 4 -37.39 -21.01 10.44
N ALA N 5 -38.01 -21.14 9.28
CA ALA N 5 -39.42 -20.87 9.14
C ALA N 5 -39.94 -21.87 8.13
N LEU N 6 -41.16 -22.36 8.34
CA LEU N 6 -41.79 -23.30 7.43
C LEU N 6 -43.32 -23.19 7.46
N LYS N 7 -43.93 -23.45 6.32
CA LYS N 7 -45.37 -23.36 6.16
C LYS N 7 -46.00 -24.70 6.43
N TYR N 8 -47.17 -24.70 7.04
CA TYR N 8 -47.89 -25.94 7.26
C TYR N 8 -49.33 -25.62 6.87
N PRO N 9 -50.17 -26.64 6.62
CA PRO N 9 -51.56 -26.36 6.22
C PRO N 9 -52.25 -25.43 7.23
N GLY N 10 -52.56 -24.22 6.81
CA GLY N 10 -53.23 -23.31 7.72
C GLY N 10 -52.36 -22.29 8.46
N GLY N 11 -51.03 -22.37 8.33
CA GLY N 11 -50.23 -21.37 9.01
C GLY N 11 -48.74 -21.44 8.75
N VAL N 12 -47.99 -20.87 9.67
CA VAL N 12 -46.56 -20.87 9.53
C VAL N 12 -45.92 -20.93 10.92
N VAL N 13 -44.72 -21.47 11.00
CA VAL N 13 -43.99 -21.53 12.24
C VAL N 13 -42.59 -21.00 12.00
N MET N 14 -42.05 -20.27 12.96
CA MET N 14 -40.71 -19.75 12.89
C MET N 14 -40.03 -20.09 14.22
N ALA N 15 -38.79 -20.60 14.18
CA ALA N 15 -38.11 -20.96 15.42
C ALA N 15 -36.63 -20.52 15.36
N GLY N 16 -36.04 -20.18 16.50
CA GLY N 16 -34.66 -19.74 16.51
C GLY N 16 -33.85 -20.30 17.67
N ASP N 17 -32.54 -20.44 17.48
CA ASP N 17 -31.67 -20.97 18.55
C ASP N 17 -31.41 -19.87 19.59
N ARG N 18 -30.69 -20.21 20.65
CA ARG N 18 -30.48 -19.27 21.78
C ARG N 18 -29.04 -18.82 21.99
N ARG N 19 -28.16 -19.15 21.07
CA ARG N 19 -26.76 -18.84 21.30
C ARG N 19 -26.25 -17.52 20.80
N SER N 20 -25.37 -16.90 21.57
CA SER N 20 -24.70 -15.69 21.06
C SER N 20 -23.20 -16.00 21.32
N THR N 21 -22.33 -15.58 20.41
CA THR N 21 -20.91 -15.84 20.60
C THR N 21 -20.11 -14.57 20.32
N GLN N 22 -18.82 -14.63 20.67
CA GLN N 22 -17.86 -13.55 20.43
C GLN N 22 -16.66 -14.38 20.05
N GLY N 23 -16.42 -14.45 18.75
CA GLY N 23 -15.34 -15.28 18.26
C GLY N 23 -15.72 -16.71 18.63
N ASN N 24 -14.79 -17.45 19.22
CA ASN N 24 -15.04 -18.83 19.65
C ASN N 24 -15.81 -18.91 20.97
N MET N 25 -15.88 -17.82 21.72
CA MET N 25 -16.53 -17.87 23.02
C MET N 25 -18.03 -17.83 23.02
N ILE N 26 -18.63 -18.65 23.85
CA ILE N 26 -20.08 -18.67 23.98
C ILE N 26 -20.36 -17.52 24.94
N SER N 27 -21.03 -16.48 24.48
CA SER N 27 -21.27 -15.35 25.33
C SER N 27 -22.69 -15.24 25.85
N GLY N 28 -23.60 -16.05 25.31
CA GLY N 28 -25.00 -16.01 25.74
C GLY N 28 -25.65 -17.36 25.48
N ARG N 29 -26.62 -17.72 26.31
CA ARG N 29 -27.31 -19.00 26.16
C ARG N 29 -28.81 -18.90 26.16
N ASP N 30 -29.34 -17.69 26.24
CA ASP N 30 -30.80 -17.56 26.31
C ASP N 30 -31.32 -16.41 25.48
N VAL N 31 -30.55 -15.99 24.48
CA VAL N 31 -30.98 -14.89 23.62
C VAL N 31 -32.28 -15.33 22.89
N ARG N 32 -33.20 -14.39 22.71
CA ARG N 32 -34.44 -14.66 21.96
C ARG N 32 -34.29 -13.97 20.59
N LYS N 33 -34.39 -14.75 19.51
CA LYS N 33 -34.14 -14.19 18.19
C LYS N 33 -35.35 -14.06 17.32
N VAL N 34 -36.49 -14.57 17.78
CA VAL N 34 -37.74 -14.54 17.02
C VAL N 34 -38.75 -13.66 17.77
N TYR N 35 -39.27 -12.67 17.08
CA TYR N 35 -40.19 -11.71 17.67
C TYR N 35 -41.53 -11.67 16.97
N ILE N 36 -42.58 -11.49 17.77
CA ILE N 36 -43.90 -11.32 17.17
C ILE N 36 -43.90 -9.82 16.85
N THR N 37 -43.94 -9.47 15.57
CA THR N 37 -43.89 -8.06 15.22
C THR N 37 -45.25 -7.37 15.10
N ASP N 38 -46.32 -8.14 14.85
CA ASP N 38 -47.69 -7.61 14.86
C ASP N 38 -48.57 -8.85 15.02
N ASP N 39 -49.89 -8.72 15.00
CA ASP N 39 -50.77 -9.88 15.20
C ASP N 39 -50.61 -11.05 14.25
N TYR N 40 -50.09 -10.80 13.06
CA TYR N 40 -49.96 -11.83 12.05
C TYR N 40 -48.57 -12.02 11.45
N THR N 41 -47.54 -11.50 12.14
CA THR N 41 -46.21 -11.64 11.61
C THR N 41 -45.16 -11.81 12.69
N ALA N 42 -44.10 -12.52 12.31
CA ALA N 42 -42.99 -12.72 13.20
C ALA N 42 -41.72 -12.45 12.39
N THR N 43 -40.70 -11.92 13.07
CA THR N 43 -39.42 -11.63 12.46
C THR N 43 -38.32 -12.33 13.25
N GLY N 44 -37.42 -12.98 12.53
CA GLY N 44 -36.30 -13.65 13.15
C GLY N 44 -35.08 -12.98 12.55
N ILE N 45 -34.06 -12.64 13.33
CA ILE N 45 -32.91 -11.98 12.72
C ILE N 45 -31.56 -12.59 13.04
N ALA N 46 -30.69 -12.64 12.02
CA ALA N 46 -29.34 -13.20 12.16
C ALA N 46 -28.31 -12.11 11.87
N GLY N 47 -27.06 -12.29 12.33
CA GLY N 47 -26.00 -11.31 12.10
C GLY N 47 -25.68 -10.51 13.36
N THR N 48 -25.36 -9.23 13.21
CA THR N 48 -25.01 -8.36 14.34
C THR N 48 -26.16 -8.19 15.34
N ALA N 49 -25.95 -8.58 16.59
CA ALA N 49 -27.00 -8.49 17.60
C ALA N 49 -27.58 -7.11 17.74
N ALA N 50 -26.72 -6.10 17.80
CA ALA N 50 -27.23 -4.74 17.99
C ALA N 50 -28.18 -4.35 16.89
N VAL N 51 -27.80 -4.60 15.64
CA VAL N 51 -28.64 -4.25 14.52
C VAL N 51 -29.91 -5.08 14.48
N ALA N 52 -29.81 -6.38 14.72
CA ALA N 52 -30.99 -7.24 14.65
C ALA N 52 -32.08 -6.82 15.67
N VAL N 53 -31.66 -6.57 16.90
CA VAL N 53 -32.60 -6.16 17.91
C VAL N 53 -33.26 -4.84 17.51
N GLU N 54 -32.48 -3.89 17.03
CA GLU N 54 -33.04 -2.61 16.63
C GLU N 54 -34.02 -2.78 15.42
N PHE N 55 -33.69 -3.70 14.52
CA PHE N 55 -34.56 -3.94 13.37
C PHE N 55 -35.90 -4.43 13.88
N ALA N 56 -35.92 -5.42 14.74
CA ALA N 56 -37.18 -5.97 15.18
C ALA N 56 -38.01 -4.96 15.93
N ARG N 57 -37.37 -4.20 16.81
CA ARG N 57 -38.06 -3.19 17.58
C ARG N 57 -38.60 -2.04 16.75
N LEU N 58 -37.77 -1.48 15.89
CA LEU N 58 -38.21 -0.41 15.01
C LEU N 58 -39.29 -0.87 14.03
N TYR N 59 -39.12 -2.05 13.44
CA TYR N 59 -40.11 -2.61 12.52
C TYR N 59 -41.49 -2.77 13.19
N ALA N 60 -41.56 -3.32 14.40
CA ALA N 60 -42.86 -3.50 15.09
C ALA N 60 -43.51 -2.12 15.31
N VAL N 61 -42.68 -1.15 15.69
CA VAL N 61 -43.19 0.17 15.90
C VAL N 61 -43.73 0.73 14.57
N GLU N 62 -42.99 0.54 13.50
CA GLU N 62 -43.44 1.08 12.21
C GLU N 62 -44.78 0.47 11.75
N LEU N 63 -44.95 -0.84 11.91
CA LEU N 63 -46.18 -1.48 11.51
C LEU N 63 -47.40 -0.95 12.29
N GLU N 64 -47.26 -0.83 13.61
CA GLU N 64 -48.35 -0.36 14.43
C GLU N 64 -48.61 1.15 14.21
N HIS N 65 -47.56 1.89 13.87
CA HIS N 65 -47.64 3.31 13.60
C HIS N 65 -48.57 3.52 12.41
N TYR N 66 -48.32 2.77 11.35
CA TYR N 66 -49.14 2.86 10.16
C TYR N 66 -50.61 2.53 10.50
N GLU N 67 -50.80 1.44 11.25
CA GLU N 67 -52.13 1.01 11.66
C GLU N 67 -52.90 2.11 12.43
N LYS N 68 -52.24 2.79 13.37
CA LYS N 68 -52.91 3.80 14.14
C LYS N 68 -53.19 5.03 13.28
N LEU N 69 -52.25 5.42 12.45
CA LEU N 69 -52.44 6.56 11.60
C LEU N 69 -53.51 6.36 10.54
N GLU N 70 -53.51 5.20 9.89
CA GLU N 70 -54.44 4.96 8.79
C GLU N 70 -55.67 4.19 9.11
N GLY N 71 -55.75 3.63 10.30
CA GLY N 71 -56.93 2.89 10.68
C GLY N 71 -56.96 1.46 10.24
N VAL N 72 -55.99 1.04 9.43
CA VAL N 72 -55.99 -0.35 8.98
C VAL N 72 -54.54 -0.81 8.88
N PRO N 73 -54.27 -2.12 9.07
CA PRO N 73 -52.87 -2.54 8.95
C PRO N 73 -52.41 -2.52 7.49
N LEU N 74 -51.09 -2.51 7.29
CA LEU N 74 -50.51 -2.56 5.98
C LEU N 74 -50.84 -3.94 5.39
N THR N 75 -50.91 -4.00 4.06
CA THR N 75 -51.14 -5.26 3.36
C THR N 75 -49.84 -6.03 3.59
N PHE N 76 -49.88 -7.35 3.43
CA PHE N 76 -48.68 -8.11 3.64
C PHE N 76 -47.52 -7.61 2.74
N ALA N 77 -47.81 -7.28 1.47
CA ALA N 77 -46.80 -6.77 0.54
C ALA N 77 -46.22 -5.47 1.11
N GLY N 78 -47.06 -4.63 1.71
CA GLY N 78 -46.55 -3.40 2.27
C GLY N 78 -45.58 -3.68 3.42
N LYS N 79 -45.90 -4.68 4.24
CA LYS N 79 -45.06 -5.04 5.38
C LYS N 79 -43.69 -5.49 4.86
N ILE N 80 -43.70 -6.27 3.79
CA ILE N 80 -42.46 -6.76 3.19
C ILE N 80 -41.60 -5.58 2.73
N ASN N 81 -42.22 -4.65 2.04
CA ASN N 81 -41.50 -3.51 1.51
C ASN N 81 -40.85 -2.65 2.62
N ARG N 82 -41.56 -2.45 3.73
CA ARG N 82 -41.04 -1.67 4.84
C ARG N 82 -39.81 -2.32 5.45
N LEU N 83 -39.84 -3.63 5.60
CA LEU N 83 -38.73 -4.36 6.16
C LEU N 83 -37.56 -4.26 5.17
N ALA N 84 -37.83 -4.43 3.87
CA ALA N 84 -36.77 -4.34 2.84
C ALA N 84 -36.08 -2.99 2.84
N ILE N 85 -36.87 -1.94 2.95
CA ILE N 85 -36.35 -0.58 2.97
C ILE N 85 -35.48 -0.39 4.22
N MET N 86 -35.91 -0.92 5.35
CA MET N 86 -35.13 -0.82 6.57
C MET N 86 -33.79 -1.55 6.38
N VAL N 87 -33.80 -2.75 5.79
CA VAL N 87 -32.54 -3.48 5.56
C VAL N 87 -31.61 -2.68 4.63
N ARG N 88 -32.17 -2.20 3.52
CA ARG N 88 -31.41 -1.41 2.54
C ARG N 88 -30.73 -0.20 3.25
N GLY N 89 -31.45 0.44 4.17
CA GLY N 89 -30.90 1.58 4.88
C GLY N 89 -29.68 1.27 5.73
N ASN N 90 -29.48 0.00 6.03
CA ASN N 90 -28.35 -0.44 6.83
C ASN N 90 -27.16 -0.87 6.00
N LEU N 91 -27.32 -0.86 4.68
CA LEU N 91 -26.27 -1.32 3.76
C LEU N 91 -24.86 -0.76 4.03
N ALA N 92 -24.72 0.55 4.18
CA ALA N 92 -23.40 1.14 4.43
C ALA N 92 -22.79 0.54 5.71
N ALA N 93 -23.55 0.57 6.80
CA ALA N 93 -23.09 0.01 8.05
C ALA N 93 -22.76 -1.47 7.88
N ALA N 94 -23.60 -2.16 7.12
CA ALA N 94 -23.41 -3.59 6.88
C ALA N 94 -22.12 -3.89 6.14
N MET N 95 -21.68 -2.97 5.27
CA MET N 95 -20.45 -3.22 4.54
C MET N 95 -19.26 -3.01 5.49
N GLN N 96 -19.54 -2.34 6.59
CA GLN N 96 -18.56 -2.04 7.63
C GLN N 96 -18.58 -3.11 8.74
N GLY N 97 -19.31 -4.19 8.50
CA GLY N 97 -19.42 -5.25 9.49
C GLY N 97 -20.66 -5.29 10.36
N LEU N 98 -21.50 -4.26 10.29
CA LEU N 98 -22.75 -4.25 11.02
C LEU N 98 -23.85 -4.84 10.12
N LEU N 99 -23.76 -6.14 9.81
CA LEU N 99 -24.71 -6.76 8.91
C LEU N 99 -25.72 -7.65 9.62
N ALA N 100 -27.01 -7.42 9.36
CA ALA N 100 -28.05 -8.21 9.97
C ALA N 100 -29.07 -8.55 8.87
N LEU N 101 -29.56 -9.76 8.88
CA LEU N 101 -30.49 -10.24 7.89
C LEU N 101 -31.72 -10.83 8.54
N PRO N 102 -32.88 -10.27 8.22
CA PRO N 102 -34.11 -10.80 8.80
C PRO N 102 -34.74 -11.88 7.95
N LEU N 103 -35.61 -12.64 8.60
CA LEU N 103 -36.41 -13.68 7.94
C LEU N 103 -37.81 -13.32 8.47
N LEU N 104 -38.76 -13.17 7.56
CA LEU N 104 -40.12 -12.77 7.92
C LEU N 104 -41.12 -13.92 7.68
N ALA N 105 -41.98 -14.17 8.66
CA ALA N 105 -43.01 -15.20 8.54
C ALA N 105 -44.33 -14.54 8.87
N GLY N 106 -45.38 -14.89 8.15
CA GLY N 106 -46.65 -14.25 8.45
C GLY N 106 -47.83 -15.03 7.92
N TYR N 107 -49.02 -14.56 8.26
CA TYR N 107 -50.24 -15.20 7.81
C TYR N 107 -50.98 -14.02 7.16
N ASP N 108 -51.35 -14.17 5.89
CA ASP N 108 -52.02 -13.09 5.17
C ASP N 108 -53.54 -13.23 5.30
N ILE N 109 -54.15 -12.38 6.12
CA ILE N 109 -55.59 -12.45 6.33
C ILE N 109 -56.35 -12.18 5.04
N HIS N 110 -55.75 -11.44 4.12
CA HIS N 110 -56.41 -11.16 2.86
C HIS N 110 -56.17 -12.17 1.74
N ALA N 111 -55.40 -13.22 2.00
CA ALA N 111 -55.16 -14.19 0.94
C ALA N 111 -56.48 -14.90 0.59
N SER N 112 -56.61 -15.31 -0.66
CA SER N 112 -57.81 -16.01 -1.09
C SER N 112 -57.96 -17.36 -0.38
N ASP N 113 -56.95 -18.23 -0.48
CA ASP N 113 -57.03 -19.53 0.16
C ASP N 113 -56.31 -19.62 1.50
N PRO N 114 -57.08 -19.69 2.58
CA PRO N 114 -56.65 -19.78 3.98
C PRO N 114 -55.64 -20.87 4.33
N GLN N 115 -55.79 -22.06 3.75
CA GLN N 115 -54.84 -23.15 4.04
C GLN N 115 -53.43 -22.82 3.61
N SER N 116 -53.32 -21.95 2.61
CA SER N 116 -52.00 -21.56 2.11
C SER N 116 -51.64 -20.08 2.36
N ALA N 117 -52.43 -19.38 3.20
CA ALA N 117 -52.19 -17.96 3.50
C ALA N 117 -50.85 -17.71 4.24
N GLY N 118 -50.15 -18.78 4.60
CA GLY N 118 -48.88 -18.67 5.27
C GLY N 118 -47.86 -18.01 4.34
N ARG N 119 -46.98 -17.18 4.88
CA ARG N 119 -45.98 -16.52 4.08
C ARG N 119 -44.60 -16.58 4.73
N ILE N 120 -43.59 -16.79 3.90
CA ILE N 120 -42.21 -16.77 4.38
C ILE N 120 -41.47 -15.89 3.38
N VAL N 121 -40.74 -14.90 3.88
CA VAL N 121 -40.00 -13.97 3.03
C VAL N 121 -38.56 -13.83 3.51
N SER N 122 -37.59 -13.95 2.60
CA SER N 122 -36.20 -13.77 3.00
C SER N 122 -35.67 -12.46 2.39
N PHE N 123 -34.57 -11.96 2.95
CA PHE N 123 -34.00 -10.69 2.54
C PHE N 123 -32.47 -10.74 2.40
N ASP N 124 -31.92 -9.97 1.47
CA ASP N 124 -30.46 -9.94 1.35
C ASP N 124 -29.98 -8.59 1.88
N ALA N 125 -28.68 -8.42 1.97
CA ALA N 125 -28.11 -7.18 2.53
C ALA N 125 -28.49 -5.90 1.84
N ALA N 126 -28.80 -5.96 0.56
CA ALA N 126 -29.17 -4.75 -0.16
C ALA N 126 -30.67 -4.44 -0.12
N GLY N 127 -31.45 -5.27 0.56
CA GLY N 127 -32.88 -5.00 0.63
C GLY N 127 -33.71 -5.81 -0.34
N GLY N 128 -33.06 -6.71 -1.05
CA GLY N 128 -33.78 -7.57 -1.98
C GLY N 128 -34.59 -8.55 -1.16
N TRP N 129 -35.81 -8.82 -1.57
CA TRP N 129 -36.64 -9.79 -0.85
C TRP N 129 -37.13 -10.83 -1.81
N ASN N 130 -37.50 -11.97 -1.27
CA ASN N 130 -38.04 -13.05 -2.05
C ASN N 130 -39.08 -13.79 -1.26
N ILE N 131 -40.28 -13.88 -1.83
CA ILE N 131 -41.36 -14.63 -1.19
C ILE N 131 -41.01 -16.11 -1.48
N GLU N 132 -40.75 -16.89 -0.43
CA GLU N 132 -40.38 -18.28 -0.57
C GLU N 132 -41.61 -19.08 -0.90
N GLU N 133 -41.49 -19.98 -1.86
CA GLU N 133 -42.62 -20.79 -2.31
C GLU N 133 -42.31 -22.29 -2.19
N GLU N 134 -41.11 -22.64 -1.72
CA GLU N 134 -40.78 -24.04 -1.55
C GLU N 134 -41.13 -24.58 -0.16
N GLY N 135 -41.78 -23.79 0.67
CA GLY N 135 -42.20 -24.33 1.94
C GLY N 135 -41.43 -23.99 3.20
N TYR N 136 -40.14 -23.66 3.07
CA TYR N 136 -39.35 -23.36 4.25
C TYR N 136 -38.17 -22.54 3.85
N GLN N 137 -37.51 -21.94 4.84
CA GLN N 137 -36.34 -21.12 4.62
C GLN N 137 -35.58 -21.02 5.96
N ALA N 138 -34.35 -20.53 5.93
CA ALA N 138 -33.55 -20.39 7.14
C ALA N 138 -32.48 -19.36 6.87
N VAL N 139 -32.02 -18.69 7.94
CA VAL N 139 -30.93 -17.71 7.85
C VAL N 139 -29.97 -17.96 9.00
N GLY N 140 -28.73 -17.50 8.83
CA GLY N 140 -27.71 -17.67 9.84
C GLY N 140 -26.65 -18.67 9.43
N SER N 141 -25.56 -18.75 10.21
CA SER N 141 -24.47 -19.66 9.94
C SER N 141 -24.87 -21.14 9.90
N GLY N 142 -26.01 -21.51 10.51
CA GLY N 142 -26.40 -22.92 10.44
C GLY N 142 -27.51 -23.16 9.40
N SER N 143 -27.86 -22.13 8.62
CA SER N 143 -28.98 -22.28 7.68
C SER N 143 -28.88 -23.38 6.60
N LEU N 144 -27.70 -23.60 6.06
CA LEU N 144 -27.57 -24.64 5.06
C LEU N 144 -27.85 -26.02 5.68
N PHE N 145 -27.41 -26.22 6.90
CA PHE N 145 -27.62 -27.50 7.58
C PHE N 145 -29.11 -27.70 7.88
N ALA N 146 -29.76 -26.63 8.32
CA ALA N 146 -31.18 -26.64 8.65
C ALA N 146 -32.01 -26.90 7.37
N LYS N 147 -31.68 -26.21 6.28
CA LYS N 147 -32.42 -26.40 5.05
C LYS N 147 -32.26 -27.79 4.49
N SER N 148 -31.06 -28.38 4.57
CA SER N 148 -30.89 -29.71 4.01
C SER N 148 -31.62 -30.71 4.87
N SER N 149 -31.78 -30.37 6.15
CA SER N 149 -32.52 -31.24 7.05
C SER N 149 -34.02 -31.11 6.71
N MET N 150 -34.51 -29.88 6.62
CA MET N 150 -35.93 -29.72 6.29
C MET N 150 -36.27 -30.32 4.89
N LYS N 151 -35.31 -30.26 3.95
CA LYS N 151 -35.57 -30.85 2.64
C LYS N 151 -35.98 -32.34 2.79
N LYS N 152 -35.38 -33.02 3.75
CA LYS N 152 -35.69 -34.42 3.96
C LYS N 152 -36.87 -34.66 4.87
N LEU N 153 -37.22 -33.69 5.71
CA LEU N 153 -38.31 -33.89 6.67
C LEU N 153 -39.60 -33.21 6.33
N TYR N 154 -39.56 -32.29 5.38
CA TYR N 154 -40.71 -31.49 5.08
C TYR N 154 -41.98 -32.25 4.70
N SER N 155 -41.85 -33.40 4.07
CA SER N 155 -43.02 -34.15 3.67
C SER N 155 -43.78 -34.63 4.93
N GLN N 156 -43.13 -34.62 6.11
CA GLN N 156 -43.82 -35.01 7.33
C GLN N 156 -44.68 -33.91 7.91
N VAL N 157 -44.59 -32.67 7.39
CA VAL N 157 -45.38 -31.58 7.95
C VAL N 157 -46.84 -31.63 7.44
N THR N 158 -47.78 -31.89 8.35
CA THR N 158 -49.21 -31.98 8.01
C THR N 158 -50.12 -31.04 8.83
N ASP N 159 -49.56 -30.41 9.87
CA ASP N 159 -50.29 -29.49 10.72
C ASP N 159 -49.31 -28.70 11.57
N GLY N 160 -49.83 -27.87 12.46
CA GLY N 160 -48.98 -27.05 13.31
C GLY N 160 -48.02 -27.84 14.17
N ASP N 161 -48.48 -28.95 14.74
CA ASP N 161 -47.57 -29.66 15.62
C ASP N 161 -46.45 -30.39 14.93
N SER N 162 -46.70 -30.96 13.75
CA SER N 162 -45.65 -31.64 13.06
C SER N 162 -44.70 -30.55 12.45
N GLY N 163 -45.26 -29.40 12.08
CA GLY N 163 -44.48 -28.29 11.54
C GLY N 163 -43.45 -27.84 12.60
N LEU N 164 -43.94 -27.70 13.85
CA LEU N 164 -43.12 -27.35 15.00
C LEU N 164 -42.05 -28.41 15.24
N ARG N 165 -42.43 -29.68 15.16
CA ARG N 165 -41.42 -30.70 15.35
C ARG N 165 -40.30 -30.64 14.26
N VAL N 166 -40.69 -30.45 13.01
CA VAL N 166 -39.70 -30.38 11.96
C VAL N 166 -38.77 -29.18 12.13
N ALA N 167 -39.34 -28.06 12.58
CA ALA N 167 -38.56 -26.84 12.80
C ALA N 167 -37.53 -27.08 13.88
N VAL N 168 -37.96 -27.73 14.95
CA VAL N 168 -37.05 -27.98 16.07
C VAL N 168 -35.99 -28.95 15.67
N GLU N 169 -36.34 -29.95 14.91
CA GLU N 169 -35.35 -30.91 14.47
C GLU N 169 -34.36 -30.25 13.47
N ALA N 170 -34.84 -29.31 12.66
CA ALA N 170 -33.92 -28.63 11.73
C ALA N 170 -32.90 -27.78 12.55
N LEU N 171 -33.37 -27.13 13.63
CA LEU N 171 -32.48 -26.34 14.48
C LEU N 171 -31.51 -27.30 15.18
N TYR N 172 -31.99 -28.50 15.50
CA TYR N 172 -31.15 -29.51 16.13
C TYR N 172 -30.02 -29.91 15.18
N ASP N 173 -30.37 -30.12 13.92
CA ASP N 173 -29.39 -30.50 12.92
C ASP N 173 -28.41 -29.35 12.67
N ALA N 174 -28.90 -28.11 12.77
CA ALA N 174 -28.00 -26.95 12.56
C ALA N 174 -26.98 -26.92 13.69
N ALA N 175 -27.43 -27.07 14.93
CA ALA N 175 -26.55 -27.05 16.09
C ALA N 175 -25.58 -28.23 16.08
N ASP N 176 -26.00 -29.34 15.50
CA ASP N 176 -25.19 -30.54 15.41
C ASP N 176 -23.95 -30.32 14.53
N ASP N 177 -24.09 -29.49 13.50
CA ASP N 177 -23.00 -29.24 12.58
C ASP N 177 -22.36 -27.84 12.62
N ASP N 178 -23.04 -26.88 13.20
CA ASP N 178 -22.54 -25.51 13.28
C ASP N 178 -22.30 -25.13 14.76
N SER N 179 -21.04 -24.96 15.14
CA SER N 179 -20.72 -24.59 16.53
C SER N 179 -21.29 -23.21 16.94
N ALA N 180 -21.65 -22.39 15.96
CA ALA N 180 -22.22 -21.07 16.31
C ALA N 180 -23.73 -21.14 16.59
N THR N 181 -24.35 -22.30 16.45
CA THR N 181 -25.79 -22.41 16.70
C THR N 181 -25.97 -23.26 17.95
N GLY N 182 -26.79 -22.79 18.88
CA GLY N 182 -26.96 -23.57 20.10
C GLY N 182 -27.98 -24.71 20.07
N GLY N 183 -27.59 -25.88 20.57
CA GLY N 183 -28.51 -26.99 20.67
C GLY N 183 -29.37 -26.89 21.92
N PRO N 184 -30.33 -27.80 22.09
CA PRO N 184 -31.18 -27.82 23.30
C PRO N 184 -30.22 -28.03 24.47
N ASP N 185 -30.36 -27.28 25.56
CA ASP N 185 -29.44 -27.41 26.70
C ASP N 185 -30.27 -28.06 27.83
N LEU N 186 -30.14 -29.37 27.96
CA LEU N 186 -30.86 -30.16 28.97
C LEU N 186 -30.43 -29.88 30.41
N VAL N 187 -29.17 -29.51 30.60
CA VAL N 187 -28.69 -29.20 31.94
C VAL N 187 -29.37 -27.93 32.47
N ARG N 188 -29.38 -26.89 31.67
CA ARG N 188 -29.96 -25.61 32.10
C ARG N 188 -31.44 -25.50 31.74
N GLY N 189 -31.96 -26.45 30.96
CA GLY N 189 -33.35 -26.38 30.53
C GLY N 189 -33.66 -25.20 29.60
N ILE N 190 -32.78 -24.94 28.64
CA ILE N 190 -32.98 -23.84 27.71
C ILE N 190 -33.15 -24.46 26.34
N PHE N 191 -34.21 -24.06 25.64
CA PHE N 191 -34.51 -24.61 24.34
C PHE N 191 -34.81 -23.49 23.36
N PRO N 192 -34.80 -23.82 22.06
CA PRO N 192 -35.10 -22.86 20.99
C PRO N 192 -36.48 -22.22 21.27
N THR N 193 -36.69 -20.99 20.85
CA THR N 193 -38.01 -20.36 21.00
C THR N 193 -38.69 -20.51 19.63
N ALA N 194 -40.00 -20.38 19.62
CA ALA N 194 -40.78 -20.48 18.38
C ALA N 194 -42.07 -19.67 18.46
N VAL N 195 -42.57 -19.29 17.31
CA VAL N 195 -43.81 -18.54 17.17
C VAL N 195 -44.64 -19.28 16.11
N ILE N 196 -45.93 -19.49 16.37
CA ILE N 196 -46.79 -20.13 15.38
C ILE N 196 -47.82 -19.07 14.98
N ILE N 197 -48.15 -19.01 13.69
CA ILE N 197 -49.11 -18.03 13.26
C ILE N 197 -50.15 -18.71 12.36
N ASP N 198 -51.42 -18.53 12.70
CA ASP N 198 -52.48 -19.06 11.85
C ASP N 198 -53.57 -18.01 11.80
N ALA N 199 -54.77 -18.38 11.34
CA ALA N 199 -55.86 -17.42 11.23
C ALA N 199 -56.16 -16.67 12.54
N ASP N 200 -55.85 -17.28 13.68
CA ASP N 200 -56.12 -16.62 14.96
C ASP N 200 -54.99 -15.72 15.41
N GLY N 201 -53.97 -15.54 14.59
CA GLY N 201 -52.88 -14.67 15.00
C GLY N 201 -51.61 -15.38 15.43
N ALA N 202 -50.59 -14.57 15.72
CA ALA N 202 -49.28 -15.08 16.11
C ALA N 202 -49.23 -15.36 17.59
N VAL N 203 -48.79 -16.55 17.98
CA VAL N 203 -48.65 -16.83 19.40
C VAL N 203 -47.27 -17.49 19.72
N ASP N 204 -46.69 -17.15 20.87
CA ASP N 204 -45.42 -17.76 21.29
C ASP N 204 -45.68 -19.19 21.64
N VAL N 205 -44.81 -20.12 21.22
CA VAL N 205 -45.03 -21.51 21.56
C VAL N 205 -44.47 -21.70 22.96
N PRO N 206 -45.25 -22.33 23.85
CA PRO N 206 -44.73 -22.54 25.21
C PRO N 206 -43.47 -23.42 25.23
N GLU N 207 -42.48 -23.04 26.03
CA GLU N 207 -41.24 -23.77 26.15
C GLU N 207 -41.42 -25.27 26.38
N SER N 208 -42.41 -25.62 27.18
CA SER N 208 -42.62 -27.02 27.52
C SER N 208 -42.91 -27.87 26.31
N ARG N 209 -43.59 -27.31 25.32
CA ARG N 209 -43.89 -28.08 24.12
C ARG N 209 -42.57 -28.30 23.36
N ILE N 210 -41.73 -27.27 23.27
CA ILE N 210 -40.47 -27.41 22.56
C ILE N 210 -39.56 -28.41 23.26
N ALA N 211 -39.51 -28.32 24.58
CA ALA N 211 -38.68 -29.25 25.37
C ALA N 211 -39.09 -30.69 25.09
N GLU N 212 -40.41 -30.91 25.03
CA GLU N 212 -40.92 -32.24 24.76
C GLU N 212 -40.43 -32.76 23.43
N LEU N 213 -40.54 -31.94 22.37
CA LEU N 213 -40.11 -32.33 21.02
C LEU N 213 -38.61 -32.56 21.00
N ALA N 214 -37.87 -31.69 21.66
CA ALA N 214 -36.41 -31.83 21.67
C ALA N 214 -36.02 -33.12 22.33
N ARG N 215 -36.61 -33.44 23.47
CA ARG N 215 -36.28 -34.70 24.12
C ARG N 215 -36.59 -35.88 23.20
N ALA N 216 -37.69 -35.81 22.49
CA ALA N 216 -38.03 -36.92 21.61
C ALA N 216 -37.00 -37.07 20.47
N ILE N 217 -36.52 -35.95 19.93
CA ILE N 217 -35.54 -36.03 18.84
C ILE N 217 -34.27 -36.67 19.39
N ILE N 218 -33.84 -36.23 20.57
CA ILE N 218 -32.63 -36.77 21.16
C ILE N 218 -32.80 -38.26 21.47
N GLU N 219 -33.96 -38.65 22.00
CA GLU N 219 -34.17 -40.06 22.33
C GLU N 219 -34.05 -40.87 21.04
N SER N 220 -34.72 -40.37 20.03
CA SER N 220 -34.72 -41.01 18.75
C SER N 220 -33.29 -41.20 18.15
N ARG N 221 -32.43 -40.21 18.28
CA ARG N 221 -31.12 -40.38 17.72
C ARG N 221 -30.18 -41.22 18.61
N SER N 222 -30.54 -41.45 19.87
CA SER N 222 -29.72 -42.22 20.81
C SER N 222 -29.82 -43.74 20.66
N ILE O 7 46.15 -53.20 -10.85
CA ILE O 7 45.64 -54.14 -9.86
C ILE O 7 44.99 -55.35 -10.53
N SER O 8 45.05 -56.51 -9.67
CA SER O 8 44.44 -57.74 -10.16
C SER O 8 43.25 -58.13 -9.29
N PRO O 9 42.07 -57.70 -9.70
CA PRO O 9 40.83 -57.96 -8.95
C PRO O 9 40.86 -59.28 -8.20
N GLU O 10 41.12 -60.38 -8.90
CA GLU O 10 41.05 -61.69 -8.29
C GLU O 10 41.88 -61.75 -7.01
N GLN O 11 43.08 -61.17 -7.04
CA GLN O 11 43.94 -61.14 -5.85
C GLN O 11 43.32 -60.35 -4.70
N ALA O 12 43.04 -59.07 -4.96
CA ALA O 12 42.42 -58.19 -3.99
C ALA O 12 41.23 -58.89 -3.35
N MET O 13 40.42 -59.52 -4.20
CA MET O 13 39.24 -60.22 -3.74
C MET O 13 39.46 -61.18 -2.58
N ARG O 14 40.40 -62.11 -2.73
CA ARG O 14 40.68 -63.08 -1.68
C ARG O 14 41.36 -62.42 -0.50
N GLU O 15 42.27 -61.50 -0.82
CA GLU O 15 43.01 -60.73 0.17
C GLU O 15 41.99 -60.25 1.23
N ARG O 16 41.05 -59.44 0.78
CA ARG O 16 39.99 -58.88 1.63
C ARG O 16 39.20 -59.92 2.36
N SER O 17 38.69 -60.88 1.58
CA SER O 17 37.89 -61.94 2.14
C SER O 17 38.63 -62.58 3.30
N GLU O 18 39.92 -62.85 3.09
CA GLU O 18 40.71 -63.45 4.15
C GLU O 18 40.82 -62.53 5.36
N LEU O 19 41.04 -61.25 5.09
CA LEU O 19 41.18 -60.28 6.16
C LEU O 19 39.93 -60.28 7.03
N ALA O 20 38.78 -60.40 6.37
CA ALA O 20 37.53 -60.41 7.09
C ALA O 20 37.30 -61.71 7.79
N ARG O 21 37.51 -62.82 7.08
CA ARG O 21 37.30 -64.12 7.67
C ARG O 21 38.13 -64.26 8.93
N LYS O 22 39.38 -63.80 8.87
CA LYS O 22 40.27 -63.88 10.02
C LYS O 22 39.73 -63.13 11.24
N GLY O 23 39.28 -61.89 11.04
CA GLY O 23 38.76 -61.10 12.15
C GLY O 23 37.53 -61.71 12.79
N ILE O 24 36.64 -62.24 11.96
CA ILE O 24 35.42 -62.84 12.48
C ILE O 24 35.83 -64.12 13.21
N ALA O 25 36.72 -64.89 12.58
CA ALA O 25 37.20 -66.14 13.15
C ALA O 25 37.77 -65.93 14.56
N ARG O 26 38.52 -64.86 14.71
CA ARG O 26 39.18 -64.50 15.96
C ARG O 26 38.27 -63.90 17.05
N ALA O 27 36.96 -63.83 16.80
CA ALA O 27 36.03 -63.22 17.76
C ALA O 27 35.08 -64.16 18.47
N LYS O 28 34.52 -63.70 19.59
CA LYS O 28 33.56 -64.48 20.37
C LYS O 28 32.41 -64.96 19.49
N SER O 29 31.67 -65.96 19.96
CA SER O 29 30.58 -66.51 19.18
C SER O 29 29.17 -66.14 19.65
N VAL O 30 28.25 -66.17 18.69
CA VAL O 30 26.87 -65.80 18.99
C VAL O 30 25.95 -66.75 18.28
N VAL O 31 24.85 -67.08 18.93
CA VAL O 31 23.86 -67.93 18.31
C VAL O 31 22.46 -67.33 18.47
N ALA O 32 21.62 -67.57 17.46
CA ALA O 32 20.25 -67.10 17.48
C ALA O 32 19.44 -68.30 17.04
N LEU O 33 18.39 -68.62 17.79
CA LEU O 33 17.56 -69.76 17.42
C LEU O 33 16.09 -69.52 17.69
N ALA O 34 15.27 -70.09 16.80
CA ALA O 34 13.84 -69.96 16.94
C ALA O 34 13.39 -70.88 18.06
N TYR O 35 12.41 -70.44 18.85
CA TYR O 35 11.91 -71.27 19.92
C TYR O 35 10.41 -71.02 20.05
N ALA O 36 9.76 -71.71 20.97
CA ALA O 36 8.31 -71.54 21.12
C ALA O 36 7.86 -70.10 21.24
N GLY O 37 8.52 -69.32 22.08
CA GLY O 37 8.09 -67.95 22.29
C GLY O 37 8.59 -66.86 21.38
N GLY O 38 9.36 -67.22 20.37
CA GLY O 38 9.88 -66.24 19.45
C GLY O 38 11.31 -66.56 19.03
N VAL O 39 12.25 -65.66 19.31
CA VAL O 39 13.64 -65.90 18.97
C VAL O 39 14.51 -65.62 20.18
N LEU O 40 15.55 -66.44 20.35
CA LEU O 40 16.48 -66.30 21.46
C LEU O 40 17.88 -65.96 20.96
N PHE O 41 18.49 -64.99 21.63
CA PHE O 41 19.83 -64.54 21.29
C PHE O 41 20.76 -64.80 22.45
N VAL O 42 21.85 -65.53 22.20
CA VAL O 42 22.83 -65.82 23.25
C VAL O 42 24.22 -65.61 22.70
N ALA O 43 24.96 -64.73 23.35
CA ALA O 43 26.30 -64.44 22.91
C ALA O 43 27.29 -64.50 24.07
N GLU O 44 28.52 -64.90 23.74
CA GLU O 44 29.59 -64.99 24.71
C GLU O 44 30.06 -63.56 24.87
N ASN O 45 29.74 -62.93 25.99
CA ASN O 45 30.13 -61.54 26.15
C ASN O 45 30.46 -61.14 27.59
N PRO O 46 31.76 -60.98 27.88
CA PRO O 46 32.23 -60.60 29.21
C PRO O 46 31.81 -59.18 29.60
N SER O 47 31.92 -58.24 28.66
CA SER O 47 31.59 -56.85 28.94
C SER O 47 30.19 -56.65 29.49
N ARG O 48 30.03 -55.58 30.25
CA ARG O 48 28.74 -55.24 30.82
C ARG O 48 28.14 -54.07 30.05
N SER O 49 28.99 -53.29 29.41
CA SER O 49 28.58 -52.10 28.65
C SER O 49 28.48 -52.27 27.15
N LEU O 50 29.43 -52.98 26.57
CA LEU O 50 29.45 -53.18 25.13
C LEU O 50 28.56 -54.35 24.75
N GLN O 51 27.55 -54.09 23.92
CA GLN O 51 26.60 -55.13 23.53
C GLN O 51 26.69 -55.62 22.09
N LYS O 52 26.35 -56.90 21.88
CA LYS O 52 26.39 -57.55 20.57
C LYS O 52 24.98 -57.92 20.10
N ILE O 53 24.01 -57.75 20.98
CA ILE O 53 22.62 -58.03 20.68
C ILE O 53 21.81 -56.75 20.89
N SER O 54 20.91 -56.44 19.97
CA SER O 54 20.15 -55.20 20.10
C SER O 54 18.80 -55.23 19.41
N GLU O 55 17.91 -54.37 19.88
CA GLU O 55 16.60 -54.22 19.27
C GLU O 55 16.85 -53.36 18.00
N LEU O 56 16.15 -53.62 16.91
CA LEU O 56 16.26 -52.80 15.69
C LEU O 56 14.92 -52.09 15.53
N TYR O 57 13.81 -52.85 15.56
CA TYR O 57 12.47 -52.29 15.44
C TYR O 57 11.47 -53.10 16.24
N ASP O 58 10.19 -52.75 16.21
CA ASP O 58 9.20 -53.49 17.01
C ASP O 58 9.37 -55.02 17.14
N ARG O 59 9.48 -55.72 16.02
CA ARG O 59 9.57 -57.18 16.06
C ARG O 59 10.85 -57.64 15.45
N VAL O 60 11.83 -56.75 15.33
CA VAL O 60 13.06 -57.10 14.67
C VAL O 60 14.27 -56.92 15.57
N GLY O 61 15.10 -57.96 15.63
CA GLY O 61 16.27 -57.97 16.48
C GLY O 61 17.53 -58.10 15.67
N PHE O 62 18.63 -57.73 16.30
CA PHE O 62 19.96 -57.73 15.69
C PHE O 62 21.01 -58.39 16.60
N ALA O 63 21.92 -59.13 15.99
CA ALA O 63 23.03 -59.77 16.72
C ALA O 63 24.22 -59.77 15.78
N ALA O 64 25.40 -59.60 16.33
CA ALA O 64 26.58 -59.58 15.48
C ALA O 64 27.82 -60.15 16.16
N ALA O 65 28.79 -60.52 15.34
CA ALA O 65 30.05 -61.04 15.82
C ALA O 65 31.13 -60.35 14.99
N GLY O 66 32.25 -60.06 15.59
CA GLY O 66 33.29 -59.41 14.81
C GLY O 66 33.85 -58.22 15.57
N LYS O 67 34.40 -57.28 14.83
CA LYS O 67 34.97 -56.07 15.42
C LYS O 67 33.80 -55.16 15.91
N PHE O 68 33.77 -54.84 17.20
CA PHE O 68 32.69 -54.03 17.79
C PHE O 68 32.42 -52.69 17.11
N ASN O 69 33.43 -51.83 16.98
CA ASN O 69 33.20 -50.54 16.36
C ASN O 69 32.56 -50.71 14.98
N GLU O 70 32.84 -51.80 14.30
CA GLU O 70 32.25 -51.96 12.99
C GLU O 70 30.80 -52.44 13.02
N PHE O 71 30.46 -53.42 13.85
CA PHE O 71 29.08 -53.85 13.85
C PHE O 71 28.15 -52.92 14.66
N ASP O 72 28.73 -52.12 15.55
CA ASP O 72 27.91 -51.18 16.29
C ASP O 72 27.53 -50.11 15.26
N ASN O 73 28.47 -49.78 14.39
CA ASN O 73 28.24 -48.83 13.33
C ASN O 73 27.02 -49.30 12.55
N LEU O 74 27.04 -50.57 12.14
CA LEU O 74 25.97 -51.17 11.38
C LEU O 74 24.66 -51.23 12.18
N ARG O 75 24.77 -51.42 13.48
CA ARG O 75 23.57 -51.50 14.31
C ARG O 75 22.84 -50.14 14.26
N ARG O 76 23.60 -49.08 14.46
CA ARG O 76 23.07 -47.73 14.44
C ARG O 76 22.45 -47.42 13.08
N GLY O 77 23.16 -47.75 12.01
CA GLY O 77 22.66 -47.51 10.66
C GLY O 77 21.35 -48.24 10.44
N GLY O 78 21.22 -49.42 11.04
CA GLY O 78 20.00 -50.19 10.88
C GLY O 78 18.84 -49.56 11.59
N ILE O 79 19.10 -49.08 12.79
CA ILE O 79 18.08 -48.43 13.59
C ILE O 79 17.63 -47.15 12.85
N GLN O 80 18.61 -46.47 12.28
CA GLN O 80 18.34 -45.26 11.52
C GLN O 80 17.39 -45.60 10.33
N PHE O 81 17.74 -46.65 9.60
CA PHE O 81 16.97 -47.06 8.46
C PHE O 81 15.56 -47.41 8.86
N ALA O 82 15.44 -48.23 9.90
CA ALA O 82 14.13 -48.68 10.34
C ALA O 82 13.20 -47.56 10.82
N ASP O 83 13.73 -46.70 11.68
CA ASP O 83 12.96 -45.59 12.20
C ASP O 83 12.52 -44.66 11.08
N THR O 84 13.39 -44.40 10.13
CA THR O 84 13.05 -43.54 9.01
C THR O 84 11.96 -44.15 8.13
N ARG O 85 12.07 -45.45 7.87
CA ARG O 85 11.08 -46.16 7.08
C ARG O 85 9.71 -46.18 7.73
N GLY O 86 9.69 -46.50 9.01
CA GLY O 86 8.44 -46.58 9.74
C GLY O 86 7.73 -45.25 9.80
N TYR O 87 8.52 -44.17 9.87
CA TYR O 87 7.96 -42.83 9.93
C TYR O 87 7.42 -42.38 8.55
N ALA O 88 8.16 -42.68 7.47
CA ALA O 88 7.78 -42.31 6.14
C ALA O 88 6.61 -43.14 5.63
N TYR O 89 6.39 -44.31 6.20
CA TYR O 89 5.26 -45.14 5.79
C TYR O 89 4.44 -45.45 7.02
N ASP O 90 4.57 -46.67 7.53
CA ASP O 90 3.94 -47.05 8.77
C ASP O 90 4.82 -48.06 9.50
N ARG O 91 4.67 -48.14 10.82
CA ARG O 91 5.48 -49.08 11.59
C ARG O 91 5.41 -50.49 11.03
N ARG O 92 4.19 -50.95 10.79
CA ARG O 92 3.98 -52.27 10.29
C ARG O 92 4.52 -52.52 8.91
N ASP O 93 5.11 -51.50 8.29
CA ASP O 93 5.71 -51.70 6.97
C ASP O 93 7.19 -52.08 7.08
N VAL O 94 7.78 -51.90 8.27
CA VAL O 94 9.21 -52.26 8.47
C VAL O 94 9.31 -53.78 8.71
N THR O 95 10.21 -54.46 8.03
CA THR O 95 10.33 -55.92 8.19
C THR O 95 11.75 -56.38 8.30
N GLY O 96 11.93 -57.58 8.89
CA GLY O 96 13.27 -58.17 9.03
C GLY O 96 13.90 -58.36 7.68
N ARG O 97 13.09 -58.75 6.71
CA ARG O 97 13.56 -59.00 5.35
C ARG O 97 14.16 -57.73 4.76
N GLN O 98 13.52 -56.59 5.01
CA GLN O 98 14.03 -55.29 4.53
C GLN O 98 15.36 -54.95 5.19
N LEU O 99 15.43 -55.11 6.51
CA LEU O 99 16.67 -54.80 7.21
C LEU O 99 17.85 -55.67 6.71
N ALA O 100 17.61 -56.98 6.53
CA ALA O 100 18.67 -57.89 6.07
C ALA O 100 19.13 -57.45 4.67
N ASN O 101 18.17 -57.13 3.83
CA ASN O 101 18.40 -56.70 2.47
C ASN O 101 19.30 -55.47 2.49
N VAL O 102 19.00 -54.52 3.38
CA VAL O 102 19.80 -53.30 3.50
C VAL O 102 21.23 -53.59 3.99
N TYR O 103 21.34 -54.50 4.96
CA TYR O 103 22.65 -54.85 5.47
C TYR O 103 23.46 -55.52 4.37
N ALA O 104 22.81 -56.38 3.59
CA ALA O 104 23.48 -57.07 2.49
C ALA O 104 24.07 -56.07 1.54
N GLN O 105 23.25 -55.08 1.18
CA GLN O 105 23.68 -54.01 0.27
C GLN O 105 24.79 -53.14 0.84
N THR O 106 24.74 -52.86 2.14
CA THR O 106 25.75 -52.04 2.78
C THR O 106 27.09 -52.76 2.91
N LEU O 107 27.06 -54.01 3.40
CA LEU O 107 28.32 -54.75 3.54
C LEU O 107 28.91 -54.99 2.15
N GLY O 108 28.05 -55.30 1.19
CA GLY O 108 28.53 -55.50 -0.16
C GLY O 108 29.32 -54.29 -0.63
N THR O 109 28.78 -53.09 -0.40
CA THR O 109 29.46 -51.86 -0.80
C THR O 109 30.74 -51.64 -0.03
N ILE O 110 30.72 -51.89 1.28
CA ILE O 110 31.92 -51.72 2.11
C ILE O 110 33.03 -52.66 1.60
N PHE O 111 32.66 -53.94 1.48
CA PHE O 111 33.58 -54.98 1.03
C PHE O 111 34.27 -54.65 -0.27
N THR O 112 33.55 -53.99 -1.16
CA THR O 112 34.05 -53.61 -2.47
C THR O 112 34.70 -52.24 -2.56
N GLU O 113 34.16 -51.25 -1.85
CA GLU O 113 34.66 -49.87 -1.94
C GLU O 113 35.56 -49.29 -0.84
N GLN O 114 35.49 -49.78 0.40
CA GLN O 114 36.32 -49.20 1.45
C GLN O 114 37.70 -49.79 1.65
N ALA O 115 38.58 -49.02 2.26
CA ALA O 115 39.95 -49.46 2.50
C ALA O 115 40.02 -50.86 3.09
N LYS O 116 39.24 -51.10 4.13
CA LYS O 116 39.26 -52.42 4.77
C LYS O 116 37.86 -53.03 4.88
N PRO O 117 37.69 -54.28 4.44
CA PRO O 117 36.32 -54.79 4.58
C PRO O 117 35.98 -54.85 6.07
N TYR O 118 34.68 -54.92 6.37
CA TYR O 118 34.25 -55.02 7.75
C TYR O 118 34.39 -56.47 8.23
N GLU O 119 35.04 -56.63 9.37
CA GLU O 119 35.25 -57.92 9.99
C GLU O 119 34.02 -58.19 10.84
N VAL O 120 32.90 -58.50 10.19
CA VAL O 120 31.69 -58.73 10.97
C VAL O 120 30.81 -59.73 10.29
N GLU O 121 29.87 -60.29 11.04
CA GLU O 121 28.89 -61.23 10.54
C GLU O 121 27.59 -60.84 11.31
N LEU O 122 26.50 -60.63 10.57
CA LEU O 122 25.28 -60.18 11.21
C LEU O 122 24.12 -61.11 11.10
N CYS O 123 23.25 -61.03 12.09
CA CYS O 123 22.03 -61.80 12.08
C CYS O 123 20.86 -60.86 12.35
N VAL O 124 19.86 -60.86 11.47
CA VAL O 124 18.67 -60.05 11.68
C VAL O 124 17.53 -61.06 11.88
N ALA O 125 16.76 -60.90 12.95
CA ALA O 125 15.65 -61.81 13.20
C ALA O 125 14.33 -61.06 13.38
N GLU O 126 13.23 -61.73 13.10
CA GLU O 126 11.91 -61.14 13.19
C GLU O 126 10.91 -62.17 13.67
N VAL O 127 10.04 -61.77 14.60
CA VAL O 127 9.01 -62.66 15.07
C VAL O 127 7.68 -62.07 14.65
N ALA O 128 6.61 -62.86 14.79
CA ALA O 128 5.28 -62.40 14.41
C ALA O 128 4.80 -61.23 15.24
N HIS O 129 3.82 -60.52 14.70
CA HIS O 129 3.20 -59.40 15.38
C HIS O 129 2.28 -59.98 16.45
N TYR O 130 2.04 -59.23 17.51
CA TYR O 130 1.19 -59.72 18.58
C TYR O 130 -0.08 -60.43 18.11
N GLY O 131 -0.42 -61.55 18.73
CA GLY O 131 -1.60 -62.29 18.37
C GLY O 131 -1.66 -62.79 16.93
N GLU O 132 -0.52 -62.77 16.24
CA GLU O 132 -0.44 -63.21 14.86
C GLU O 132 0.29 -64.55 14.88
N THR O 133 0.27 -65.28 13.78
CA THR O 133 0.97 -66.54 13.74
C THR O 133 1.85 -66.55 12.51
N LYS O 134 3.14 -66.74 12.73
CA LYS O 134 4.11 -66.77 11.65
C LYS O 134 5.39 -67.31 12.24
N ARG O 135 6.10 -68.11 11.44
CA ARG O 135 7.34 -68.69 11.90
C ARG O 135 8.41 -67.62 11.96
N PRO O 136 9.20 -67.61 13.05
CA PRO O 136 10.26 -66.62 13.17
C PRO O 136 11.10 -66.66 11.92
N GLU O 137 11.79 -65.57 11.62
CA GLU O 137 12.64 -65.52 10.44
C GLU O 137 14.03 -65.12 10.93
N LEU O 138 15.04 -65.76 10.34
CA LEU O 138 16.41 -65.48 10.73
C LEU O 138 17.19 -65.30 9.46
N TYR O 139 18.03 -64.27 9.44
CA TYR O 139 18.84 -63.99 8.26
C TYR O 139 20.26 -63.81 8.72
N ARG O 140 21.20 -64.27 7.91
CA ARG O 140 22.60 -64.07 8.23
C ARG O 140 23.16 -63.25 7.08
N ILE O 141 23.90 -62.21 7.41
CA ILE O 141 24.54 -61.38 6.43
C ILE O 141 26.04 -61.43 6.66
N THR O 142 26.79 -61.79 5.62
CA THR O 142 28.24 -61.90 5.70
C THR O 142 28.99 -60.61 5.35
N TYR O 143 30.30 -60.64 5.56
CA TYR O 143 31.15 -59.48 5.31
C TYR O 143 31.09 -59.02 3.86
N ASP O 144 30.90 -59.96 2.94
CA ASP O 144 30.82 -59.64 1.51
C ASP O 144 29.40 -59.28 1.08
N GLY O 145 28.48 -59.27 2.04
CA GLY O 145 27.10 -58.94 1.75
C GLY O 145 26.21 -60.11 1.36
N SER O 146 26.76 -61.32 1.40
CA SER O 146 25.98 -62.50 1.09
C SER O 146 24.91 -62.61 2.15
N ILE O 147 23.71 -63.04 1.76
CA ILE O 147 22.65 -63.13 2.73
C ILE O 147 22.03 -64.52 2.65
N ALA O 148 21.60 -65.04 3.78
CA ALA O 148 21.03 -66.38 3.78
C ALA O 148 19.87 -66.45 4.71
N ASP O 149 18.86 -67.18 4.27
CA ASP O 149 17.64 -67.39 5.01
C ASP O 149 17.78 -68.68 5.84
N GLU O 150 17.96 -68.57 7.15
CA GLU O 150 18.10 -69.74 8.02
C GLU O 150 16.76 -70.02 8.67
N PRO O 151 16.31 -71.29 8.69
CA PRO O 151 15.02 -71.66 9.28
C PRO O 151 14.95 -71.99 10.76
N HIS O 152 16.07 -72.39 11.34
CA HIS O 152 16.08 -72.78 12.75
C HIS O 152 17.03 -72.04 13.67
N PHE O 153 18.26 -71.83 13.20
CA PHE O 153 19.22 -71.14 14.02
C PHE O 153 20.35 -70.58 13.17
N VAL O 154 21.11 -69.67 13.76
CA VAL O 154 22.24 -69.06 13.08
C VAL O 154 23.38 -69.02 14.07
N VAL O 155 24.60 -69.23 13.57
CA VAL O 155 25.78 -69.20 14.42
C VAL O 155 26.81 -68.32 13.74
N MET O 156 27.40 -67.41 14.51
CA MET O 156 28.41 -66.50 13.94
C MET O 156 29.53 -66.24 14.92
N GLY O 157 30.71 -65.94 14.37
CA GLY O 157 31.87 -65.64 15.19
C GLY O 157 32.68 -66.84 15.64
N GLY O 158 33.99 -66.66 15.73
CA GLY O 158 34.88 -67.73 16.15
C GLY O 158 34.81 -69.01 15.33
N THR O 159 34.89 -70.14 16.00
CA THR O 159 34.82 -71.43 15.33
C THR O 159 33.36 -71.87 15.45
N THR O 160 32.67 -71.79 14.32
CA THR O 160 31.26 -72.11 14.26
C THR O 160 30.93 -73.59 14.14
N GLU O 161 31.73 -74.32 13.34
CA GLU O 161 31.54 -75.76 13.11
C GLU O 161 31.07 -76.53 14.33
N PRO O 162 31.85 -76.50 15.42
CA PRO O 162 31.49 -77.20 16.65
C PRO O 162 30.11 -76.81 17.18
N ILE O 163 29.89 -75.50 17.29
CA ILE O 163 28.62 -74.96 17.78
C ILE O 163 27.47 -75.30 16.84
N ALA O 164 27.73 -75.22 15.54
CA ALA O 164 26.73 -75.54 14.53
C ALA O 164 26.21 -76.95 14.73
N ASN O 165 27.13 -77.91 14.65
CA ASN O 165 26.79 -79.32 14.81
C ASN O 165 26.12 -79.57 16.15
N ALA O 166 26.68 -79.03 17.22
CA ALA O 166 26.12 -79.20 18.56
C ALA O 166 24.63 -78.82 18.58
N LEU O 167 24.26 -77.84 17.76
CA LEU O 167 22.86 -77.41 17.67
C LEU O 167 22.12 -78.30 16.69
N LYS O 168 22.76 -78.66 15.61
CA LYS O 168 22.08 -79.43 14.58
C LYS O 168 21.59 -80.68 15.25
N GLU O 169 22.13 -80.98 16.43
CA GLU O 169 21.74 -82.20 17.17
C GLU O 169 20.75 -81.95 18.32
N SER O 170 21.06 -81.00 19.20
CA SER O 170 20.15 -80.65 20.30
C SER O 170 18.98 -79.76 19.96
N TYR O 171 19.04 -79.10 18.81
CA TYR O 171 17.96 -78.19 18.43
C TYR O 171 16.57 -78.80 18.52
N ALA O 172 15.78 -78.28 19.45
CA ALA O 172 14.41 -78.76 19.64
C ALA O 172 13.41 -77.67 19.20
N GLU O 173 12.81 -77.87 18.03
CA GLU O 173 11.90 -76.88 17.50
C GLU O 173 10.76 -76.69 18.48
N ASN O 174 10.36 -75.43 18.68
CA ASN O 174 9.30 -75.11 19.62
C ASN O 174 9.67 -75.48 21.06
N ALA O 175 10.97 -75.49 21.33
CA ALA O 175 11.50 -75.76 22.66
C ALA O 175 11.00 -74.60 23.52
N SER O 176 10.84 -74.82 24.83
CA SER O 176 10.41 -73.71 25.67
C SER O 176 11.62 -72.78 25.80
N LEU O 177 11.45 -71.66 26.49
CA LEU O 177 12.57 -70.73 26.64
C LEU O 177 13.74 -71.40 27.37
N THR O 178 13.47 -72.03 28.51
CA THR O 178 14.52 -72.68 29.30
C THR O 178 15.25 -73.77 28.51
N ASP O 179 14.50 -74.62 27.82
CA ASP O 179 15.12 -75.68 27.02
C ASP O 179 16.00 -75.07 25.94
N ALA O 180 15.48 -74.02 25.31
CA ALA O 180 16.21 -73.36 24.24
C ALA O 180 17.48 -72.73 24.78
N LEU O 181 17.37 -72.06 25.92
CA LEU O 181 18.53 -71.41 26.52
C LEU O 181 19.63 -72.43 26.77
N ARG O 182 19.28 -73.50 27.49
CA ARG O 182 20.21 -74.58 27.80
C ARG O 182 20.85 -75.10 26.51
N ILE O 183 20.03 -75.57 25.58
CA ILE O 183 20.53 -76.08 24.29
C ILE O 183 21.56 -75.12 23.68
N ALA O 184 21.26 -73.84 23.75
CA ALA O 184 22.11 -72.80 23.20
C ALA O 184 23.40 -72.61 23.96
N VAL O 185 23.27 -72.36 25.26
CA VAL O 185 24.42 -72.09 26.12
C VAL O 185 25.30 -73.30 26.22
N ALA O 186 24.68 -74.45 26.46
CA ALA O 186 25.40 -75.70 26.53
C ALA O 186 26.16 -75.88 25.22
N ALA O 187 25.54 -75.49 24.11
CA ALA O 187 26.15 -75.66 22.80
C ALA O 187 27.20 -74.60 22.54
N LEU O 188 27.02 -73.44 23.14
CA LEU O 188 27.98 -72.36 23.01
C LEU O 188 29.32 -72.80 23.60
N ARG O 189 29.28 -73.86 24.38
CA ARG O 189 30.49 -74.42 24.99
C ARG O 189 31.11 -75.46 24.06
N ALA O 190 30.28 -76.36 23.57
CA ALA O 190 30.74 -77.35 22.61
C ALA O 190 31.79 -76.76 21.69
N LEU O 203 28.66 -71.51 31.10
CA LEU O 203 28.69 -70.08 30.87
C LEU O 203 27.87 -69.31 31.91
N GLY O 204 28.56 -68.49 32.68
CA GLY O 204 27.96 -67.68 33.72
C GLY O 204 27.22 -66.47 33.18
N VAL O 205 26.33 -65.91 33.99
CA VAL O 205 25.57 -64.75 33.60
C VAL O 205 26.56 -63.62 33.34
N ALA O 206 27.62 -63.57 34.13
CA ALA O 206 28.66 -62.57 33.98
C ALA O 206 29.32 -62.69 32.61
N SER O 207 29.41 -63.93 32.13
CA SER O 207 30.03 -64.20 30.84
C SER O 207 29.05 -64.23 29.64
N LEU O 208 27.77 -63.98 29.88
CA LEU O 208 26.79 -64.03 28.80
C LEU O 208 25.87 -62.83 28.60
N GLU O 209 25.46 -62.64 27.35
CA GLU O 209 24.53 -61.58 26.97
C GLU O 209 23.34 -62.31 26.39
N VAL O 210 22.18 -62.17 27.00
CA VAL O 210 20.99 -62.85 26.51
C VAL O 210 19.80 -61.94 26.28
N ALA O 211 19.00 -62.28 25.29
CA ALA O 211 17.81 -61.49 24.97
C ALA O 211 16.89 -62.27 24.05
N VAL O 212 15.62 -61.92 24.08
CA VAL O 212 14.66 -62.56 23.21
C VAL O 212 13.81 -61.59 22.43
N LEU O 213 13.27 -62.07 21.32
CA LEU O 213 12.31 -61.33 20.54
C LEU O 213 11.07 -62.09 21.00
N ASP O 214 10.40 -61.54 22.00
CA ASP O 214 9.23 -62.19 22.60
C ASP O 214 7.93 -61.91 21.84
N ALA O 215 7.54 -62.85 20.99
CA ALA O 215 6.32 -62.73 20.16
C ALA O 215 5.06 -62.46 20.96
N ASN O 216 5.13 -62.59 22.29
CA ASN O 216 3.94 -62.33 23.08
C ASN O 216 3.86 -60.90 23.61
N ARG O 217 4.89 -60.09 23.35
CA ARG O 217 4.85 -58.69 23.77
C ARG O 217 3.95 -57.98 22.74
N PRO O 218 3.06 -57.08 23.21
CA PRO O 218 2.14 -56.33 22.35
C PRO O 218 2.82 -55.56 21.18
N ARG O 219 3.88 -54.83 21.46
CA ARG O 219 4.55 -54.11 20.36
C ARG O 219 6.05 -54.33 20.30
N ARG O 220 6.76 -53.93 21.36
CA ARG O 220 8.22 -54.12 21.34
C ARG O 220 8.56 -55.51 21.87
N ALA O 221 8.96 -56.38 20.95
CA ALA O 221 9.31 -57.76 21.28
C ALA O 221 10.66 -57.95 21.95
N PHE O 222 11.62 -57.06 21.68
CA PHE O 222 12.95 -57.20 22.27
C PHE O 222 12.92 -57.08 23.77
N ARG O 223 13.56 -58.04 24.42
CA ARG O 223 13.60 -58.11 25.88
C ARG O 223 14.92 -58.75 26.33
N ARG O 224 15.68 -58.04 27.17
CA ARG O 224 16.93 -58.58 27.70
C ARG O 224 16.67 -59.44 28.94
N ILE O 225 17.39 -60.55 29.02
CA ILE O 225 17.27 -61.44 30.17
C ILE O 225 18.62 -61.42 30.88
N THR O 226 18.66 -60.79 32.05
CA THR O 226 19.91 -60.66 32.78
C THR O 226 19.82 -60.88 34.29
N GLY O 227 20.99 -60.84 34.92
CA GLY O 227 21.08 -61.00 36.36
C GLY O 227 20.38 -62.21 36.93
N SER O 228 19.72 -62.01 38.08
CA SER O 228 19.00 -63.08 38.76
C SER O 228 18.01 -63.77 37.82
N ALA O 229 17.26 -62.97 37.07
CA ALA O 229 16.29 -63.49 36.12
C ALA O 229 16.95 -64.49 35.17
N LEU O 230 18.11 -64.11 34.63
CA LEU O 230 18.85 -64.98 33.72
C LEU O 230 19.32 -66.20 34.49
N GLN O 231 19.81 -65.96 35.70
CA GLN O 231 20.30 -67.00 36.58
C GLN O 231 19.27 -68.12 36.66
N ALA O 232 18.08 -67.73 37.10
CA ALA O 232 16.95 -68.64 37.26
C ALA O 232 16.72 -69.62 36.11
N LEU O 233 16.86 -69.16 34.87
CA LEU O 233 16.64 -70.06 33.73
C LEU O 233 17.82 -70.98 33.53
N LEU O 234 18.66 -71.02 34.53
CA LEU O 234 19.84 -71.85 34.49
C LEU O 234 19.86 -72.78 35.73
N THR P 1 -10.26 -26.24 20.86
CA THR P 1 -9.54 -27.42 21.48
C THR P 1 -9.16 -27.14 22.91
N THR P 2 -9.18 -28.17 23.76
CA THR P 2 -8.69 -28.00 25.12
C THR P 2 -8.03 -29.30 25.56
N ILE P 3 -6.81 -29.16 26.04
CA ILE P 3 -6.08 -30.29 26.58
C ILE P 3 -5.66 -29.85 27.97
N VAL P 4 -5.95 -30.66 28.98
CA VAL P 4 -5.55 -30.32 30.37
C VAL P 4 -4.60 -31.39 30.92
N ALA P 5 -3.86 -31.02 31.94
CA ALA P 5 -2.93 -31.96 32.59
C ALA P 5 -2.82 -31.49 34.03
N LEU P 6 -2.76 -32.46 34.95
CA LEU P 6 -2.64 -32.10 36.36
C LEU P 6 -1.92 -33.21 37.15
N LYS P 7 -1.24 -32.79 38.19
CA LYS P 7 -0.48 -33.73 39.02
C LYS P 7 -1.32 -34.18 40.19
N TYR P 8 -1.20 -35.44 40.54
CA TYR P 8 -1.89 -35.92 41.73
C TYR P 8 -0.80 -36.71 42.50
N PRO P 9 -1.03 -37.01 43.79
CA PRO P 9 -0.02 -37.75 44.56
C PRO P 9 0.38 -39.07 43.89
N GLY P 10 1.60 -39.15 43.39
CA GLY P 10 2.04 -40.36 42.74
C GLY P 10 1.99 -40.38 41.21
N GLY P 11 1.44 -39.35 40.59
CA GLY P 11 1.40 -39.39 39.14
C GLY P 11 0.87 -38.16 38.46
N VAL P 12 0.46 -38.33 37.22
CA VAL P 12 -0.07 -37.21 36.46
C VAL P 12 -1.15 -37.74 35.53
N VAL P 13 -2.07 -36.88 35.17
CA VAL P 13 -3.14 -37.23 34.24
C VAL P 13 -3.21 -36.14 33.18
N MET P 14 -3.47 -36.54 31.94
CA MET P 14 -3.65 -35.60 30.83
C MET P 14 -4.91 -36.05 30.08
N ALA P 15 -5.79 -35.09 29.78
CA ALA P 15 -7.05 -35.38 29.09
C ALA P 15 -7.32 -34.36 27.99
N GLY P 16 -7.95 -34.78 26.89
CA GLY P 16 -8.22 -33.87 25.78
C GLY P 16 -9.64 -34.04 25.21
N ASP P 17 -10.17 -32.99 24.58
CA ASP P 17 -11.53 -33.08 24.03
C ASP P 17 -11.45 -33.76 22.66
N ARG P 18 -12.58 -33.95 21.99
CA ARG P 18 -12.61 -34.68 20.72
C ARG P 18 -13.01 -33.90 19.48
N ARG P 19 -13.16 -32.59 19.61
CA ARG P 19 -13.65 -31.81 18.50
C ARG P 19 -12.63 -31.27 17.55
N SER P 20 -13.01 -31.22 16.27
CA SER P 20 -12.16 -30.56 15.30
C SER P 20 -13.16 -29.66 14.56
N THR P 21 -12.73 -28.46 14.18
CA THR P 21 -13.60 -27.54 13.46
C THR P 21 -12.90 -26.94 12.25
N GLN P 22 -13.68 -26.28 11.39
CA GLN P 22 -13.19 -25.58 10.21
C GLN P 22 -14.10 -24.35 10.27
N GLY P 23 -13.52 -23.25 10.72
CA GLY P 23 -14.32 -22.07 10.90
C GLY P 23 -15.36 -22.46 11.96
N ASN P 24 -16.60 -22.08 11.73
CA ASN P 24 -17.72 -22.38 12.64
C ASN P 24 -18.18 -23.84 12.54
N MET P 25 -17.80 -24.53 11.47
CA MET P 25 -18.28 -25.90 11.28
C MET P 25 -17.60 -26.97 12.13
N ILE P 26 -18.41 -27.87 12.65
CA ILE P 26 -17.89 -28.97 13.43
C ILE P 26 -17.48 -29.97 12.38
N SER P 27 -16.19 -30.24 12.24
CA SER P 27 -15.74 -31.15 11.20
C SER P 27 -15.33 -32.55 11.72
N GLY P 28 -15.23 -32.72 13.02
CA GLY P 28 -14.88 -34.03 13.56
C GLY P 28 -15.41 -34.13 14.98
N ARG P 29 -15.77 -35.34 15.40
CA ARG P 29 -16.28 -35.55 16.76
C ARG P 29 -15.53 -36.62 17.53
N ASP P 30 -14.52 -37.21 16.93
CA ASP P 30 -13.84 -38.27 17.67
C ASP P 30 -12.33 -38.23 17.57
N VAL P 31 -11.79 -37.06 17.27
CA VAL P 31 -10.34 -36.85 17.17
C VAL P 31 -9.72 -37.19 18.53
N ARG P 32 -8.55 -37.85 18.51
CA ARG P 32 -7.80 -38.16 19.74
C ARG P 32 -6.62 -37.20 19.78
N LYS P 33 -6.54 -36.39 20.82
CA LYS P 33 -5.49 -35.39 20.92
C LYS P 33 -4.39 -35.66 21.91
N VAL P 34 -4.54 -36.73 22.68
CA VAL P 34 -3.56 -37.07 23.70
C VAL P 34 -2.88 -38.39 23.31
N TYR P 35 -1.57 -38.39 23.19
CA TYR P 35 -0.83 -39.60 22.82
C TYR P 35 0.16 -40.06 23.89
N ILE P 36 0.33 -41.37 23.99
CA ILE P 36 1.32 -41.88 24.92
C ILE P 36 2.57 -41.81 24.04
N THR P 37 3.55 -41.04 24.43
CA THR P 37 4.71 -40.92 23.56
C THR P 37 5.87 -41.85 23.90
N ASP P 38 5.90 -42.36 25.14
CA ASP P 38 6.86 -43.38 25.57
C ASP P 38 6.30 -43.96 26.87
N ASP P 39 6.98 -44.91 27.49
CA ASP P 39 6.40 -45.52 28.69
C ASP P 39 6.04 -44.59 29.82
N TYR P 40 6.68 -43.42 29.87
CA TYR P 40 6.45 -42.50 30.98
C TYR P 40 6.04 -41.07 30.60
N THR P 41 5.59 -40.92 29.36
CA THR P 41 5.20 -39.59 28.93
C THR P 41 4.03 -39.58 27.98
N ALA P 42 3.28 -38.49 28.05
CA ALA P 42 2.14 -38.28 27.19
C ALA P 42 2.22 -36.84 26.62
N THR P 43 1.81 -36.70 25.37
CA THR P 43 1.82 -35.41 24.73
C THR P 43 0.44 -35.10 24.23
N GLY P 44 -0.04 -33.89 24.50
CA GLY P 44 -1.35 -33.45 24.02
C GLY P 44 -1.08 -32.25 23.12
N ILE P 45 -1.73 -32.12 21.97
CA ILE P 45 -1.39 -30.97 21.14
C ILE P 45 -2.58 -30.18 20.65
N ALA P 46 -2.41 -28.88 20.54
CA ALA P 46 -3.49 -28.02 20.06
C ALA P 46 -2.94 -27.23 18.85
N GLY P 47 -3.82 -26.56 18.12
CA GLY P 47 -3.36 -25.78 16.98
C GLY P 47 -3.72 -26.52 15.69
N THR P 48 -2.94 -26.29 14.65
CA THR P 48 -3.13 -26.89 13.35
C THR P 48 -3.04 -28.42 13.42
N ALA P 49 -4.12 -29.12 13.10
CA ALA P 49 -4.13 -30.58 13.16
C ALA P 49 -2.99 -31.31 12.44
N ALA P 50 -2.67 -30.91 11.21
CA ALA P 50 -1.65 -31.58 10.45
C ALA P 50 -0.32 -31.56 11.19
N VAL P 51 0.03 -30.38 11.69
CA VAL P 51 1.28 -30.18 12.42
C VAL P 51 1.22 -30.87 13.78
N ALA P 52 0.08 -30.82 14.46
CA ALA P 52 -0.04 -31.46 15.78
C ALA P 52 0.20 -32.96 15.73
N VAL P 53 -0.40 -33.63 14.76
CA VAL P 53 -0.24 -35.06 14.63
C VAL P 53 1.19 -35.41 14.28
N GLU P 54 1.76 -34.67 13.33
CA GLU P 54 3.13 -34.85 12.92
C GLU P 54 4.05 -34.75 14.19
N PHE P 55 3.84 -33.74 15.01
CA PHE P 55 4.66 -33.58 16.22
C PHE P 55 4.63 -34.81 17.11
N ALA P 56 3.43 -35.27 17.45
CA ALA P 56 3.31 -36.39 18.34
C ALA P 56 3.95 -37.67 17.78
N ARG P 57 3.75 -37.89 16.49
CA ARG P 57 4.28 -39.04 15.78
C ARG P 57 5.80 -39.01 15.73
N LEU P 58 6.35 -37.90 15.24
CA LEU P 58 7.79 -37.74 15.12
C LEU P 58 8.47 -37.80 16.47
N TYR P 59 7.90 -37.15 17.47
CA TYR P 59 8.47 -37.09 18.80
C TYR P 59 8.57 -38.50 19.42
N ALA P 60 7.52 -39.31 19.30
CA ALA P 60 7.58 -40.66 19.87
C ALA P 60 8.72 -41.45 19.17
N VAL P 61 8.86 -41.27 17.87
CA VAL P 61 9.90 -41.95 17.16
C VAL P 61 11.28 -41.49 17.68
N GLU P 62 11.47 -40.19 17.84
CA GLU P 62 12.72 -39.66 18.29
C GLU P 62 13.09 -40.19 19.71
N LEU P 63 12.12 -40.30 20.60
CA LEU P 63 12.41 -40.79 21.94
C LEU P 63 12.89 -42.26 21.92
N GLU P 64 12.17 -43.09 21.17
CA GLU P 64 12.52 -44.48 21.06
C GLU P 64 13.81 -44.68 20.26
N HIS P 65 14.07 -43.79 19.34
CA HIS P 65 15.26 -43.86 18.52
C HIS P 65 16.52 -43.70 19.40
N TYR P 66 16.46 -42.74 20.31
CA TYR P 66 17.55 -42.48 21.21
C TYR P 66 17.76 -43.71 22.08
N GLU P 67 16.65 -44.20 22.63
CA GLU P 67 16.70 -45.36 23.49
C GLU P 67 17.35 -46.59 22.82
N LYS P 68 17.02 -46.84 21.55
CA LYS P 68 17.59 -47.98 20.88
C LYS P 68 19.05 -47.76 20.56
N LEU P 69 19.41 -46.55 20.18
CA LEU P 69 20.78 -46.25 19.87
C LEU P 69 21.69 -46.26 21.11
N GLU P 70 21.22 -45.66 22.20
CA GLU P 70 22.05 -45.51 23.39
C GLU P 70 21.84 -46.51 24.48
N GLY P 71 20.85 -47.38 24.32
CA GLY P 71 20.59 -48.37 25.34
C GLY P 71 19.84 -47.88 26.56
N VAL P 72 19.58 -46.58 26.66
CA VAL P 72 18.86 -46.06 27.83
C VAL P 72 17.96 -44.92 27.38
N PRO P 73 16.83 -44.68 28.06
CA PRO P 73 16.00 -43.56 27.59
C PRO P 73 16.59 -42.23 27.99
N LEU P 74 16.17 -41.17 27.29
CA LEU P 74 16.60 -39.82 27.60
C LEU P 74 16.13 -39.44 29.01
N THR P 75 16.88 -38.58 29.67
CA THR P 75 16.46 -38.08 30.98
C THR P 75 15.24 -37.23 30.70
N PHE P 76 14.43 -36.95 31.72
CA PHE P 76 13.25 -36.17 31.44
C PHE P 76 13.62 -34.80 30.84
N ALA P 77 14.70 -34.21 31.35
CA ALA P 77 15.14 -32.89 30.83
C ALA P 77 15.48 -33.01 29.34
N GLY P 78 16.11 -34.11 28.95
CA GLY P 78 16.42 -34.29 27.55
C GLY P 78 15.14 -34.42 26.70
N LYS P 79 14.12 -35.10 27.22
CA LYS P 79 12.87 -35.25 26.49
C LYS P 79 12.25 -33.86 26.27
N ILE P 80 12.28 -33.02 27.29
CA ILE P 80 11.75 -31.67 27.19
C ILE P 80 12.48 -30.90 26.07
N ASN P 81 13.80 -30.95 26.12
CA ASN P 81 14.62 -30.22 25.14
C ASN P 81 14.34 -30.65 23.71
N ARG P 82 14.19 -31.94 23.48
CA ARG P 82 13.90 -32.44 22.14
C ARG P 82 12.54 -31.94 21.63
N LEU P 83 11.53 -31.91 22.49
CA LEU P 83 10.22 -31.42 22.10
C LEU P 83 10.32 -29.91 21.81
N ALA P 84 11.07 -29.18 22.64
CA ALA P 84 11.26 -27.76 22.46
C ALA P 84 11.92 -27.42 21.13
N ILE P 85 12.95 -28.19 20.77
CA ILE P 85 13.66 -27.98 19.54
C ILE P 85 12.73 -28.26 18.36
N MET P 86 11.91 -29.32 18.47
CA MET P 86 10.96 -29.64 17.41
C MET P 86 9.97 -28.45 17.24
N VAL P 87 9.45 -27.91 18.36
CA VAL P 87 8.54 -26.76 18.25
C VAL P 87 9.21 -25.57 17.59
N ARG P 88 10.42 -25.25 18.06
CA ARG P 88 11.21 -24.13 17.51
C ARG P 88 11.40 -24.29 16.00
N GLY P 89 11.61 -25.53 15.55
CA GLY P 89 11.80 -25.77 14.14
C GLY P 89 10.58 -25.45 13.29
N ASN P 90 9.43 -25.30 13.92
CA ASN P 90 8.20 -25.02 13.18
C ASN P 90 7.84 -23.56 13.26
N LEU P 91 8.70 -22.75 13.89
CA LEU P 91 8.40 -21.32 14.07
C LEU P 91 8.10 -20.53 12.78
N ALA P 92 8.88 -20.73 11.72
CA ALA P 92 8.61 -20.03 10.49
C ALA P 92 7.20 -20.40 9.99
N ALA P 93 6.91 -21.69 9.94
CA ALA P 93 5.60 -22.17 9.50
C ALA P 93 4.46 -21.67 10.37
N ALA P 94 4.69 -21.62 11.68
CA ALA P 94 3.67 -21.17 12.62
C ALA P 94 3.29 -19.72 12.34
N MET P 95 4.29 -18.91 11.98
CA MET P 95 4.09 -17.51 11.63
C MET P 95 3.18 -17.46 10.40
N GLN P 96 3.37 -18.43 9.52
CA GLN P 96 2.60 -18.55 8.28
C GLN P 96 1.23 -19.18 8.52
N GLY P 97 0.95 -19.51 9.78
CA GLY P 97 -0.31 -20.10 10.18
C GLY P 97 -0.40 -21.57 10.55
N LEU P 98 0.66 -22.34 10.33
CA LEU P 98 0.67 -23.74 10.77
C LEU P 98 1.20 -23.81 12.21
N LEU P 99 0.50 -23.20 13.14
CA LEU P 99 0.96 -23.15 14.52
C LEU P 99 0.41 -24.29 15.35
N ALA P 100 1.29 -25.01 16.04
CA ALA P 100 0.87 -26.13 16.90
C ALA P 100 1.64 -26.04 18.25
N LEU P 101 0.96 -26.24 19.37
CA LEU P 101 1.56 -26.12 20.71
C LEU P 101 1.28 -27.35 21.54
N PRO P 102 2.36 -28.04 21.91
CA PRO P 102 2.18 -29.25 22.73
C PRO P 102 2.16 -28.97 24.22
N LEU P 103 1.61 -29.91 24.97
CA LEU P 103 1.60 -29.86 26.44
C LEU P 103 2.15 -31.25 26.77
N LEU P 104 3.18 -31.29 27.62
CA LEU P 104 3.84 -32.57 27.94
C LEU P 104 3.56 -33.00 29.37
N ALA P 105 3.17 -34.26 29.56
CA ALA P 105 2.96 -34.77 30.92
C ALA P 105 3.84 -36.00 31.04
N GLY P 106 4.44 -36.20 32.20
CA GLY P 106 5.27 -37.38 32.36
C GLY P 106 5.50 -37.72 33.81
N TYR P 107 6.15 -38.85 34.04
CA TYR P 107 6.50 -39.30 35.36
C TYR P 107 8.02 -39.49 35.26
N ASP P 108 8.76 -38.85 36.14
CA ASP P 108 10.22 -38.98 36.10
C ASP P 108 10.68 -40.12 37.01
N ILE P 109 11.08 -41.25 36.43
CA ILE P 109 11.52 -42.42 37.20
C ILE P 109 12.75 -42.08 38.04
N HIS P 110 13.57 -41.12 37.59
CA HIS P 110 14.76 -40.73 38.33
C HIS P 110 14.57 -39.62 39.36
N ALA P 111 13.34 -39.14 39.56
CA ALA P 111 13.13 -38.10 40.55
C ALA P 111 13.37 -38.69 41.92
N SER P 112 13.85 -37.86 42.85
CA SER P 112 14.11 -38.31 44.21
C SER P 112 12.81 -38.74 44.91
N ASP P 113 11.83 -37.84 44.98
CA ASP P 113 10.58 -38.19 45.64
C ASP P 113 9.46 -38.62 44.70
N PRO P 114 9.13 -39.92 44.69
CA PRO P 114 8.11 -40.59 43.89
C PRO P 114 6.70 -39.99 43.91
N GLN P 115 6.26 -39.51 45.07
CA GLN P 115 4.91 -38.94 45.16
C GLN P 115 4.78 -37.67 44.31
N SER P 116 5.90 -36.99 44.09
CA SER P 116 5.87 -35.76 43.30
C SER P 116 6.65 -35.87 41.96
N ALA P 117 7.00 -37.09 41.55
CA ALA P 117 7.73 -37.34 40.32
C ALA P 117 6.94 -36.96 39.06
N GLY P 118 5.68 -36.59 39.24
CA GLY P 118 4.86 -36.18 38.11
C GLY P 118 5.40 -34.89 37.51
N ARG P 119 5.30 -34.76 36.20
CA ARG P 119 5.79 -33.56 35.53
C ARG P 119 4.82 -33.03 34.50
N ILE P 120 4.71 -31.71 34.43
CA ILE P 120 3.86 -31.05 33.45
C ILE P 120 4.71 -29.92 32.82
N VAL P 121 4.83 -29.92 31.50
CA VAL P 121 5.65 -28.91 30.84
C VAL P 121 4.89 -28.24 29.71
N SER P 122 4.86 -26.91 29.70
CA SER P 122 4.19 -26.22 28.61
C SER P 122 5.22 -25.59 27.67
N PHE P 123 4.81 -25.27 26.45
CA PHE P 123 5.71 -24.75 25.41
C PHE P 123 5.09 -23.58 24.64
N ASP P 124 5.90 -22.63 24.18
CA ASP P 124 5.35 -21.53 23.41
C ASP P 124 5.79 -21.74 21.98
N ALA P 125 5.36 -20.87 21.08
CA ALA P 125 5.69 -21.04 19.66
C ALA P 125 7.15 -20.99 19.29
N ALA P 126 7.96 -20.32 20.12
CA ALA P 126 9.39 -20.24 19.82
C ALA P 126 10.21 -21.39 20.45
N GLY P 127 9.57 -22.33 21.11
CA GLY P 127 10.32 -23.42 21.70
C GLY P 127 10.65 -23.19 23.16
N GLY P 128 10.09 -22.12 23.74
CA GLY P 128 10.33 -21.84 25.14
C GLY P 128 9.52 -22.86 25.93
N TRP P 129 10.07 -23.39 27.00
CA TRP P 129 9.34 -24.36 27.80
C TRP P 129 9.32 -23.93 29.25
N ASN P 130 8.37 -24.44 29.98
CA ASN P 130 8.28 -24.15 31.39
C ASN P 130 7.73 -25.36 32.13
N ILE P 131 8.48 -25.79 33.15
CA ILE P 131 8.09 -26.89 34.00
C ILE P 131 7.11 -26.29 35.00
N GLU P 132 5.85 -26.62 34.82
CA GLU P 132 4.81 -26.11 35.67
C GLU P 132 5.03 -26.46 37.14
N GLU P 133 4.77 -25.53 38.04
CA GLU P 133 5.00 -25.80 39.45
C GLU P 133 3.75 -25.63 40.30
N GLU P 134 2.66 -25.15 39.70
CA GLU P 134 1.44 -24.99 40.47
C GLU P 134 0.43 -26.13 40.40
N GLY P 135 0.80 -27.27 39.77
CA GLY P 135 -0.07 -28.44 39.75
C GLY P 135 -0.86 -28.83 38.50
N TYR P 136 -1.18 -27.88 37.64
CA TYR P 136 -1.95 -28.17 36.43
C TYR P 136 -1.64 -27.15 35.35
N GLN P 137 -2.04 -27.47 34.12
CA GLN P 137 -1.85 -26.57 33.00
C GLN P 137 -2.86 -27.00 31.91
N ALA P 138 -3.05 -26.14 30.91
CA ALA P 138 -3.95 -26.46 29.79
C ALA P 138 -3.52 -25.66 28.55
N VAL P 139 -3.81 -26.18 27.36
CA VAL P 139 -3.53 -25.48 26.12
C VAL P 139 -4.75 -25.58 25.23
N GLY P 140 -4.89 -24.60 24.32
CA GLY P 140 -6.00 -24.57 23.39
C GLY P 140 -6.94 -23.41 23.64
N SER P 141 -7.90 -23.21 22.75
CA SER P 141 -8.85 -22.13 22.91
C SER P 141 -9.69 -22.20 24.17
N GLY P 142 -9.82 -23.37 24.80
CA GLY P 142 -10.63 -23.40 26.04
C GLY P 142 -9.74 -23.48 27.27
N SER P 143 -8.44 -23.28 27.11
CA SER P 143 -7.53 -23.39 28.25
C SER P 143 -7.70 -22.43 29.41
N LEU P 144 -8.10 -21.20 29.16
CA LEU P 144 -8.30 -20.28 30.28
C LEU P 144 -9.51 -20.73 31.12
N PHE P 145 -10.58 -21.20 30.46
CA PHE P 145 -11.73 -21.64 31.21
C PHE P 145 -11.37 -22.89 32.04
N ALA P 146 -10.60 -23.80 31.43
CA ALA P 146 -10.19 -25.04 32.08
C ALA P 146 -9.30 -24.76 33.26
N LYS P 147 -8.36 -23.82 33.09
CA LYS P 147 -7.49 -23.45 34.20
C LYS P 147 -8.22 -22.73 35.35
N SER P 148 -9.22 -21.89 35.04
CA SER P 148 -9.93 -21.21 36.10
C SER P 148 -10.79 -22.22 36.82
N SER P 149 -11.23 -23.25 36.11
CA SER P 149 -12.03 -24.29 36.72
C SER P 149 -11.12 -25.11 37.66
N MET P 150 -9.99 -25.56 37.15
CA MET P 150 -9.06 -26.35 37.97
C MET P 150 -8.56 -25.58 39.19
N LYS P 151 -8.43 -24.24 39.06
CA LYS P 151 -7.99 -23.44 40.17
C LYS P 151 -8.96 -23.62 41.36
N LYS P 152 -10.25 -23.78 41.09
CA LYS P 152 -11.21 -23.95 42.16
C LYS P 152 -11.37 -25.40 42.58
N LEU P 153 -11.05 -26.35 41.70
CA LEU P 153 -11.27 -27.76 42.03
C LEU P 153 -10.04 -28.53 42.43
N TYR P 154 -8.86 -27.95 42.18
CA TYR P 154 -7.63 -28.66 42.46
C TYR P 154 -7.44 -29.19 43.88
N SER P 155 -7.94 -28.48 44.87
CA SER P 155 -7.77 -28.96 46.23
C SER P 155 -8.49 -30.30 46.44
N GLN P 156 -9.35 -30.72 45.53
CA GLN P 156 -10.04 -32.01 45.66
C GLN P 156 -9.22 -33.14 45.13
N VAL P 157 -8.12 -32.86 44.46
CA VAL P 157 -7.35 -33.97 43.93
C VAL P 157 -6.54 -34.63 45.04
N THR P 158 -6.82 -35.91 45.31
CA THR P 158 -6.10 -36.64 46.36
C THR P 158 -5.50 -37.93 45.84
N ASP P 159 -5.90 -38.33 44.64
CA ASP P 159 -5.37 -39.55 44.05
C ASP P 159 -5.70 -39.56 42.56
N GLY P 160 -5.32 -40.64 41.87
CA GLY P 160 -5.57 -40.78 40.45
C GLY P 160 -7.04 -40.65 40.03
N ASP P 161 -7.95 -41.22 40.81
CA ASP P 161 -9.30 -41.10 40.35
C ASP P 161 -9.89 -39.68 40.52
N SER P 162 -9.62 -39.01 41.63
CA SER P 162 -10.17 -37.66 41.82
C SER P 162 -9.45 -36.69 40.86
N GLY P 163 -8.20 -37.01 40.53
CA GLY P 163 -7.46 -36.20 39.58
C GLY P 163 -8.10 -36.36 38.17
N LEU P 164 -8.51 -37.57 37.82
CA LEU P 164 -9.13 -37.83 36.54
C LEU P 164 -10.51 -37.14 36.50
N ARG P 165 -11.20 -37.16 37.62
CA ARG P 165 -12.50 -36.53 37.66
C ARG P 165 -12.35 -35.02 37.48
N VAL P 166 -11.42 -34.41 38.21
CA VAL P 166 -11.22 -32.97 38.06
C VAL P 166 -10.78 -32.61 36.61
N ALA P 167 -9.98 -33.46 35.98
CA ALA P 167 -9.54 -33.17 34.62
C ALA P 167 -10.74 -33.16 33.67
N VAL P 168 -11.64 -34.13 33.85
CA VAL P 168 -12.84 -34.26 33.02
C VAL P 168 -13.76 -33.07 33.28
N GLU P 169 -13.89 -32.67 34.53
CA GLU P 169 -14.75 -31.53 34.82
C GLU P 169 -14.15 -30.24 34.21
N ALA P 170 -12.83 -30.09 34.23
CA ALA P 170 -12.20 -28.90 33.66
C ALA P 170 -12.48 -28.88 32.10
N LEU P 171 -12.40 -30.05 31.46
CA LEU P 171 -12.72 -30.11 30.03
C LEU P 171 -14.20 -29.78 29.81
N TYR P 172 -15.06 -30.21 30.73
CA TYR P 172 -16.49 -29.92 30.65
C TYR P 172 -16.71 -28.39 30.73
N ASP P 173 -16.02 -27.72 31.67
CA ASP P 173 -16.18 -26.29 31.81
C ASP P 173 -15.61 -25.57 30.58
N ALA P 174 -14.56 -26.11 29.98
CA ALA P 174 -13.99 -25.50 28.77
C ALA P 174 -15.05 -25.60 27.65
N ALA P 175 -15.68 -26.77 27.49
CA ALA P 175 -16.71 -26.92 26.45
C ALA P 175 -17.94 -26.04 26.71
N ASP P 176 -18.25 -25.84 27.98
CA ASP P 176 -19.41 -25.04 28.35
C ASP P 176 -19.22 -23.56 27.90
N ASP P 177 -17.99 -23.08 27.87
CA ASP P 177 -17.71 -21.67 27.51
C ASP P 177 -16.99 -21.45 26.16
N ASP P 178 -16.38 -22.48 25.60
CA ASP P 178 -15.68 -22.40 24.32
C ASP P 178 -16.31 -23.31 23.26
N SER P 179 -16.96 -22.69 22.27
CA SER P 179 -17.63 -23.45 21.22
C SER P 179 -16.64 -24.31 20.41
N ALA P 180 -15.34 -24.01 20.49
CA ALA P 180 -14.36 -24.81 19.76
C ALA P 180 -13.92 -26.06 20.50
N THR P 181 -14.37 -26.25 21.74
CA THR P 181 -14.01 -27.44 22.54
C THR P 181 -15.26 -28.31 22.65
N GLY P 182 -15.12 -29.62 22.38
CA GLY P 182 -16.26 -30.51 22.44
C GLY P 182 -16.65 -31.05 23.83
N GLY P 183 -17.92 -30.97 24.16
CA GLY P 183 -18.32 -31.53 25.44
C GLY P 183 -18.62 -33.01 25.29
N PRO P 184 -18.97 -33.71 26.39
CA PRO P 184 -19.29 -35.15 26.34
C PRO P 184 -20.50 -35.28 25.41
N ASP P 185 -20.49 -36.23 24.48
CA ASP P 185 -21.62 -36.38 23.56
C ASP P 185 -22.38 -37.66 23.96
N LEU P 186 -23.44 -37.48 24.75
CA LEU P 186 -24.27 -38.59 25.23
C LEU P 186 -25.05 -39.31 24.14
N VAL P 187 -25.44 -38.61 23.08
CA VAL P 187 -26.16 -39.26 22.02
C VAL P 187 -25.26 -40.24 21.29
N ARG P 188 -24.06 -39.80 20.90
CA ARG P 188 -23.16 -40.70 20.17
C ARG P 188 -22.27 -41.53 21.09
N GLY P 189 -22.27 -41.26 22.40
CA GLY P 189 -21.40 -41.99 23.30
C GLY P 189 -19.92 -41.66 23.07
N ILE P 190 -19.57 -40.37 22.89
CA ILE P 190 -18.16 -40.00 22.65
C ILE P 190 -17.73 -39.09 23.76
N PHE P 191 -16.62 -39.43 24.43
CA PHE P 191 -16.15 -38.62 25.56
C PHE P 191 -14.69 -38.27 25.38
N PRO P 192 -14.20 -37.35 26.20
CA PRO P 192 -12.80 -36.91 26.19
C PRO P 192 -11.92 -38.16 26.38
N THR P 193 -10.69 -38.15 25.85
CA THR P 193 -9.75 -39.25 26.08
C THR P 193 -8.80 -38.77 27.19
N ALA P 194 -8.11 -39.71 27.83
CA ALA P 194 -7.21 -39.39 28.92
C ALA P 194 -6.14 -40.46 29.08
N VAL P 195 -4.98 -40.02 29.58
CA VAL P 195 -3.85 -40.88 29.86
C VAL P 195 -3.44 -40.65 31.31
N ILE P 196 -3.19 -41.74 32.06
CA ILE P 196 -2.71 -41.59 33.43
C ILE P 196 -1.30 -42.14 33.46
N ILE P 197 -0.40 -41.47 34.16
CA ILE P 197 0.95 -41.96 34.26
C ILE P 197 1.39 -41.97 35.72
N ASP P 198 1.92 -43.11 36.16
CA ASP P 198 2.48 -43.21 37.51
C ASP P 198 3.74 -44.08 37.44
N ALA P 199 4.21 -44.55 38.58
CA ALA P 199 5.44 -45.38 38.57
C ALA P 199 5.34 -46.59 37.65
N ASP P 200 4.14 -47.09 37.37
CA ASP P 200 4.01 -48.27 36.50
C ASP P 200 3.90 -47.90 35.02
N GLY P 201 4.06 -46.63 34.70
CA GLY P 201 3.99 -46.22 33.30
C GLY P 201 2.70 -45.54 32.88
N ALA P 202 2.68 -45.14 31.62
CA ALA P 202 1.55 -44.47 31.02
C ALA P 202 0.48 -45.44 30.50
N VAL P 203 -0.78 -45.23 30.85
CA VAL P 203 -1.82 -46.10 30.31
C VAL P 203 -3.05 -45.26 29.93
N ASP P 204 -3.70 -45.65 28.84
CA ASP P 204 -4.90 -44.98 28.38
C ASP P 204 -6.00 -45.26 29.39
N VAL P 205 -6.80 -44.26 29.73
CA VAL P 205 -7.90 -44.47 30.67
C VAL P 205 -9.06 -45.06 29.86
N PRO P 206 -9.65 -46.16 30.32
CA PRO P 206 -10.76 -46.73 29.54
C PRO P 206 -11.95 -45.80 29.41
N GLU P 207 -12.50 -45.81 28.21
CA GLU P 207 -13.61 -44.95 27.92
C GLU P 207 -14.75 -45.06 28.93
N SER P 208 -15.04 -46.27 29.41
CA SER P 208 -16.14 -46.45 30.35
C SER P 208 -15.95 -45.68 31.65
N ARG P 209 -14.72 -45.59 32.14
CA ARG P 209 -14.49 -44.83 33.38
C ARG P 209 -14.80 -43.33 33.11
N ILE P 210 -14.34 -42.83 31.98
CA ILE P 210 -14.57 -41.43 31.64
C ILE P 210 -16.05 -41.16 31.43
N ALA P 211 -16.73 -42.08 30.74
CA ALA P 211 -18.16 -41.89 30.50
C ALA P 211 -18.95 -41.76 31.79
N GLU P 212 -18.62 -42.60 32.79
CA GLU P 212 -19.27 -42.57 34.11
C GLU P 212 -19.01 -41.22 34.78
N LEU P 213 -17.74 -40.77 34.78
CA LEU P 213 -17.43 -39.45 35.38
C LEU P 213 -18.18 -38.30 34.69
N ALA P 214 -18.20 -38.34 33.34
CA ALA P 214 -18.88 -37.31 32.56
C ALA P 214 -20.37 -37.29 32.88
N ARG P 215 -21.02 -38.46 32.84
CA ARG P 215 -22.46 -38.50 33.18
C ARG P 215 -22.69 -37.98 34.61
N ALA P 216 -21.82 -38.33 35.55
CA ALA P 216 -22.00 -37.81 36.92
C ALA P 216 -21.85 -36.30 36.94
N ILE P 217 -20.87 -35.75 36.21
CA ILE P 217 -20.75 -34.27 36.20
C ILE P 217 -22.02 -33.65 35.62
N ILE P 218 -22.49 -34.20 34.50
CA ILE P 218 -23.70 -33.66 33.88
C ILE P 218 -24.93 -33.71 34.82
N GLU P 219 -25.20 -34.85 35.46
CA GLU P 219 -26.33 -34.94 36.38
C GLU P 219 -26.10 -33.94 37.54
N SER P 220 -24.89 -33.86 38.02
CA SER P 220 -24.66 -32.94 39.09
C SER P 220 -25.08 -31.50 38.69
N ARG P 221 -24.72 -31.07 37.48
CA ARG P 221 -25.06 -29.70 37.06
C ARG P 221 -26.51 -29.56 36.67
N SER P 222 -27.19 -30.66 36.42
CA SER P 222 -28.60 -30.56 36.08
C SER P 222 -29.48 -30.10 37.27
N ILE Q 7 -49.07 56.00 5.99
CA ILE Q 7 -48.61 57.18 5.29
C ILE Q 7 -48.43 56.92 3.79
N SER Q 8 -48.25 58.01 3.04
CA SER Q 8 -48.06 57.92 1.60
C SER Q 8 -46.57 57.71 1.31
N PRO Q 9 -46.24 57.01 0.24
CA PRO Q 9 -44.83 56.79 -0.07
C PRO Q 9 -44.15 58.13 -0.16
N GLU Q 10 -44.89 59.11 -0.67
CA GLU Q 10 -44.37 60.46 -0.77
C GLU Q 10 -44.20 61.01 0.62
N GLN Q 11 -45.00 60.50 1.54
CA GLN Q 11 -44.95 60.93 2.93
C GLN Q 11 -43.82 60.24 3.69
N ALA Q 12 -43.54 59.00 3.32
CA ALA Q 12 -42.43 58.28 3.92
C ALA Q 12 -41.12 58.99 3.58
N MET Q 13 -40.95 59.30 2.31
CA MET Q 13 -39.74 60.00 1.85
C MET Q 13 -39.55 61.33 2.57
N ARG Q 14 -40.64 62.08 2.69
CA ARG Q 14 -40.63 63.37 3.40
C ARG Q 14 -40.24 63.19 4.86
N GLU Q 15 -40.96 62.29 5.54
CA GLU Q 15 -40.72 61.98 6.94
C GLU Q 15 -39.23 61.74 7.19
N ARG Q 16 -38.73 60.68 6.56
CA ARG Q 16 -37.35 60.25 6.66
C ARG Q 16 -36.38 61.38 6.43
N SER Q 17 -36.49 61.99 5.26
CA SER Q 17 -35.61 63.08 4.93
C SER Q 17 -35.59 64.12 6.06
N GLU Q 18 -36.74 64.40 6.65
CA GLU Q 18 -36.83 65.37 7.73
C GLU Q 18 -36.12 64.89 8.99
N LEU Q 19 -36.39 63.64 9.34
CA LEU Q 19 -35.78 63.00 10.52
C LEU Q 19 -34.26 63.09 10.42
N ALA Q 20 -33.74 62.82 9.23
CA ALA Q 20 -32.29 62.89 9.00
C ALA Q 20 -31.77 64.31 9.08
N ARG Q 21 -32.45 65.24 8.38
CA ARG Q 21 -32.06 66.65 8.34
C ARG Q 21 -32.05 67.23 9.75
N LYS Q 22 -33.10 66.94 10.52
CA LYS Q 22 -33.17 67.41 11.89
C LYS Q 22 -31.93 66.95 12.66
N GLY Q 23 -31.74 65.63 12.69
CA GLY Q 23 -30.59 65.03 13.39
C GLY Q 23 -29.27 65.69 13.06
N ILE Q 24 -29.01 65.87 11.78
CA ILE Q 24 -27.77 66.50 11.35
C ILE Q 24 -27.72 67.97 11.80
N ALA Q 25 -28.84 68.69 11.60
CA ALA Q 25 -28.94 70.09 11.97
C ALA Q 25 -28.62 70.26 13.46
N ARG Q 26 -29.14 69.35 14.26
CA ARG Q 26 -28.94 69.38 15.72
C ARG Q 26 -27.51 68.95 16.19
N ALA Q 27 -26.55 68.80 15.27
CA ALA Q 27 -25.21 68.35 15.66
C ALA Q 27 -24.08 69.33 15.34
N LYS Q 28 -22.94 69.16 16.01
CA LYS Q 28 -21.78 70.01 15.81
C LYS Q 28 -21.41 70.11 14.34
N SER Q 29 -20.62 71.11 13.98
CA SER Q 29 -20.25 71.31 12.60
C SER Q 29 -18.82 70.96 12.27
N VAL Q 30 -18.59 70.66 10.99
CA VAL Q 30 -17.29 70.29 10.51
C VAL Q 30 -17.03 70.92 9.17
N VAL Q 31 -15.78 71.29 8.91
CA VAL Q 31 -15.43 71.84 7.63
C VAL Q 31 -14.16 71.19 7.12
N ALA Q 32 -14.07 71.07 5.80
CA ALA Q 32 -12.90 70.51 5.13
C ALA Q 32 -12.63 71.49 4.00
N LEU Q 33 -11.37 71.87 3.84
CA LEU Q 33 -11.04 72.80 2.78
C LEU Q 33 -9.68 72.54 2.20
N ALA Q 34 -9.57 72.75 0.89
CA ALA Q 34 -8.30 72.55 0.19
C ALA Q 34 -7.39 73.71 0.54
N TYR Q 35 -6.11 73.42 0.71
CA TYR Q 35 -5.17 74.47 1.01
C TYR Q 35 -3.88 74.11 0.30
N ALA Q 36 -2.86 74.96 0.43
CA ALA Q 36 -1.60 74.73 -0.26
C ALA Q 36 -1.00 73.34 -0.06
N GLY Q 37 -0.96 72.89 1.20
CA GLY Q 37 -0.37 71.60 1.50
C GLY Q 37 -1.24 70.35 1.40
N GLY Q 38 -2.48 70.49 0.95
CA GLY Q 38 -3.35 69.34 0.84
C GLY Q 38 -4.77 69.67 1.26
N VAL Q 39 -5.27 68.99 2.29
CA VAL Q 39 -6.62 69.25 2.76
C VAL Q 39 -6.60 69.37 4.26
N LEU Q 40 -7.43 70.27 4.78
CA LEU Q 40 -7.52 70.52 6.21
C LEU Q 40 -8.91 70.19 6.73
N PHE Q 41 -8.92 69.51 7.86
CA PHE Q 41 -10.16 69.09 8.50
C PHE Q 41 -10.25 69.75 9.85
N VAL Q 42 -11.35 70.44 10.10
CA VAL Q 42 -11.54 71.08 11.39
C VAL Q 42 -12.97 70.85 11.83
N ALA Q 43 -13.11 70.30 13.02
CA ALA Q 43 -14.42 70.01 13.56
C ALA Q 43 -14.56 70.47 15.01
N GLU Q 44 -15.78 70.87 15.34
CA GLU Q 44 -16.09 71.31 16.67
C GLU Q 44 -16.21 70.02 17.44
N ASN Q 45 -15.24 69.74 18.31
CA ASN Q 45 -15.33 68.50 19.05
C ASN Q 45 -14.74 68.53 20.45
N PRO Q 46 -15.60 68.55 21.47
CA PRO Q 46 -15.19 68.59 22.87
C PRO Q 46 -14.50 67.30 23.33
N SER Q 47 -15.03 66.16 22.91
CA SER Q 47 -14.47 64.88 23.31
C SER Q 47 -13.00 64.73 22.95
N ARG Q 48 -12.32 63.91 23.74
CA ARG Q 48 -10.90 63.63 23.54
C ARG Q 48 -10.75 62.24 22.91
N SER Q 49 -11.75 61.38 23.13
CA SER Q 49 -11.75 60.00 22.65
C SER Q 49 -12.55 59.73 21.39
N LEU Q 50 -13.76 60.31 21.32
CA LEU Q 50 -14.63 60.11 20.17
C LEU Q 50 -14.24 61.05 19.02
N GLN Q 51 -13.89 60.49 17.88
CA GLN Q 51 -13.44 61.30 16.75
C GLN Q 51 -14.40 61.37 15.57
N LYS Q 52 -14.36 62.49 14.84
CA LYS Q 52 -15.22 62.76 13.67
C LYS Q 52 -14.38 62.85 12.40
N ILE Q 53 -13.07 62.85 12.55
CA ILE Q 53 -12.15 62.95 11.43
C ILE Q 53 -11.24 61.72 11.48
N SER Q 54 -11.02 61.08 10.34
CA SER Q 54 -10.22 59.86 10.35
C SER Q 54 -9.54 59.58 9.02
N GLU Q 55 -8.48 58.78 9.11
CA GLU Q 55 -7.77 58.35 7.92
C GLU Q 55 -8.61 57.21 7.32
N LEU Q 56 -8.67 57.14 5.99
CA LEU Q 56 -9.37 56.03 5.34
C LEU Q 56 -8.31 55.15 4.65
N TYR Q 57 -7.47 55.79 3.84
CA TYR Q 57 -6.42 55.10 3.11
C TYR Q 57 -5.23 56.03 2.92
N ASP Q 58 -4.21 55.60 2.21
CA ASP Q 58 -3.01 56.43 2.04
C ASP Q 58 -3.22 57.93 1.80
N ARG Q 59 -4.00 58.29 0.78
CA ARG Q 59 -4.20 59.69 0.47
C ARG Q 59 -5.64 60.09 0.64
N VAL Q 60 -6.42 59.29 1.37
CA VAL Q 60 -7.82 59.57 1.52
C VAL Q 60 -8.25 59.76 2.96
N GLY Q 61 -9.01 60.83 3.19
CA GLY Q 61 -9.48 61.18 4.51
C GLY Q 61 -10.98 61.21 4.62
N PHE Q 62 -11.44 61.11 5.85
CA PHE Q 62 -12.86 61.07 6.14
C PHE Q 62 -13.22 62.05 7.27
N ALA Q 63 -14.40 62.66 7.16
CA ALA Q 63 -14.92 63.55 8.18
C ALA Q 63 -16.44 63.39 8.15
N ALA Q 64 -17.08 63.45 9.30
CA ALA Q 64 -18.53 63.32 9.34
C ALA Q 64 -19.17 64.15 10.44
N ALA Q 65 -20.48 64.36 10.30
CA ALA Q 65 -21.25 65.11 11.27
C ALA Q 65 -22.53 64.33 11.41
N GLY Q 66 -23.08 64.32 12.62
CA GLY Q 66 -24.32 63.59 12.81
C GLY Q 66 -24.23 62.72 14.03
N LYS Q 67 -25.01 61.64 14.05
CA LYS Q 67 -25.00 60.68 15.16
C LYS Q 67 -23.69 59.84 15.10
N PHE Q 68 -22.87 59.91 16.15
CA PHE Q 68 -21.59 59.19 16.20
C PHE Q 68 -21.64 57.67 15.89
N ASN Q 69 -22.43 56.91 16.63
CA ASN Q 69 -22.49 55.49 16.39
C ASN Q 69 -22.80 55.20 14.92
N GLU Q 70 -23.51 56.10 14.23
CA GLU Q 70 -23.83 55.84 12.83
C GLU Q 70 -22.69 56.20 11.88
N PHE Q 71 -22.06 57.36 12.06
CA PHE Q 71 -20.97 57.63 11.13
C PHE Q 71 -19.68 56.88 11.48
N ASP Q 72 -19.53 56.38 12.70
CA ASP Q 72 -18.35 55.63 13.06
C ASP Q 72 -18.52 54.30 12.35
N ASN Q 73 -19.76 53.85 12.31
CA ASN Q 73 -20.09 52.62 11.62
C ASN Q 73 -19.60 52.72 10.18
N LEU Q 74 -19.98 53.81 9.52
CA LEU Q 74 -19.59 54.09 8.14
C LEU Q 74 -18.10 54.25 7.97
N ARG Q 75 -17.42 54.79 8.97
CA ARG Q 75 -15.99 55.03 8.89
C ARG Q 75 -15.30 53.66 8.81
N ARG Q 76 -15.71 52.75 9.69
CA ARG Q 76 -15.16 51.41 9.74
C ARG Q 76 -15.43 50.67 8.43
N GLY Q 77 -16.67 50.74 7.95
CA GLY Q 77 -17.03 50.13 6.70
C GLY Q 77 -16.18 50.65 5.57
N GLY Q 78 -15.83 51.93 5.62
CA GLY Q 78 -15.01 52.51 4.58
C GLY Q 78 -13.59 51.98 4.65
N ILE Q 79 -13.02 51.91 5.86
CA ILE Q 79 -11.67 51.41 6.04
C ILE Q 79 -11.62 49.95 5.56
N GLN Q 80 -12.65 49.20 5.88
CA GLN Q 80 -12.80 47.82 5.45
C GLN Q 80 -12.77 47.73 3.92
N PHE Q 81 -13.58 48.55 3.27
CA PHE Q 81 -13.66 48.55 1.83
C PHE Q 81 -12.32 48.87 1.21
N ALA Q 82 -11.70 49.94 1.69
CA ALA Q 82 -10.42 50.37 1.15
C ALA Q 82 -9.30 49.35 1.30
N ASP Q 83 -9.14 48.81 2.50
CA ASP Q 83 -8.08 47.84 2.76
C ASP Q 83 -8.27 46.58 1.92
N THR Q 84 -9.51 46.15 1.75
CA THR Q 84 -9.80 44.98 0.93
C THR Q 84 -9.50 45.26 -0.54
N ARG Q 85 -9.87 46.44 -1.03
CA ARG Q 85 -9.60 46.82 -2.41
C ARG Q 85 -8.13 46.93 -2.70
N GLY Q 86 -7.39 47.58 -1.82
CA GLY Q 86 -5.95 47.72 -2.02
C GLY Q 86 -5.19 46.41 -2.01
N TYR Q 87 -5.70 45.46 -1.23
CA TYR Q 87 -5.08 44.16 -1.12
C TYR Q 87 -5.40 43.33 -2.36
N ALA Q 88 -6.65 43.37 -2.81
CA ALA Q 88 -7.08 42.60 -3.99
C ALA Q 88 -6.50 43.13 -5.31
N TYR Q 89 -6.16 44.41 -5.36
CA TYR Q 89 -5.59 45.01 -6.56
C TYR Q 89 -4.25 45.56 -6.16
N ASP Q 90 -4.16 46.88 -6.05
CA ASP Q 90 -2.96 47.54 -5.54
C ASP Q 90 -3.37 48.79 -4.75
N ARG Q 91 -2.47 49.28 -3.91
CA ARG Q 91 -2.78 50.41 -3.06
C ARG Q 91 -3.14 51.66 -3.85
N ARG Q 92 -2.38 51.95 -4.89
CA ARG Q 92 -2.62 53.17 -5.64
C ARG Q 92 -3.99 53.14 -6.29
N ASP Q 93 -4.49 51.93 -6.47
CA ASP Q 93 -5.76 51.71 -7.14
C ASP Q 93 -6.91 52.36 -6.39
N VAL Q 94 -6.84 52.33 -5.06
CA VAL Q 94 -7.88 52.90 -4.23
C VAL Q 94 -7.93 54.40 -4.44
N THR Q 95 -9.13 54.96 -4.48
CA THR Q 95 -9.26 56.40 -4.70
C THR Q 95 -10.38 57.03 -3.88
N GLY Q 96 -10.33 58.36 -3.75
CA GLY Q 96 -11.33 59.09 -3.00
C GLY Q 96 -12.69 58.98 -3.66
N ARG Q 97 -12.69 58.97 -4.99
CA ARG Q 97 -13.93 58.85 -5.75
C ARG Q 97 -14.62 57.52 -5.47
N GLN Q 98 -13.82 56.45 -5.43
CA GLN Q 98 -14.35 55.12 -5.16
C GLN Q 98 -15.00 55.06 -3.80
N LEU Q 99 -14.32 55.60 -2.79
CA LEU Q 99 -14.84 55.61 -1.44
C LEU Q 99 -16.15 56.40 -1.35
N ALA Q 100 -16.21 57.54 -2.02
CA ALA Q 100 -17.41 58.37 -2.03
C ALA Q 100 -18.53 57.61 -2.71
N ASN Q 101 -18.21 56.99 -3.84
CA ASN Q 101 -19.16 56.22 -4.61
C ASN Q 101 -19.77 55.10 -3.76
N VAL Q 102 -18.93 54.46 -2.96
CA VAL Q 102 -19.39 53.39 -2.05
C VAL Q 102 -20.27 53.92 -0.94
N TYR Q 103 -19.90 55.07 -0.38
CA TYR Q 103 -20.71 55.67 0.70
C TYR Q 103 -22.09 56.08 0.16
N ALA Q 104 -22.09 56.66 -1.03
CA ALA Q 104 -23.33 57.10 -1.67
C ALA Q 104 -24.27 55.90 -1.79
N GLN Q 105 -23.74 54.79 -2.30
CA GLN Q 105 -24.54 53.59 -2.45
C GLN Q 105 -25.00 53.03 -1.11
N THR Q 106 -24.15 53.09 -0.10
CA THR Q 106 -24.53 52.54 1.20
C THR Q 106 -25.60 53.38 1.87
N LEU Q 107 -25.40 54.69 1.91
CA LEU Q 107 -26.38 55.57 2.54
C LEU Q 107 -27.70 55.47 1.78
N GLY Q 108 -27.59 55.40 0.46
CA GLY Q 108 -28.79 55.26 -0.35
C GLY Q 108 -29.60 54.05 0.08
N THR Q 109 -28.92 52.94 0.27
CA THR Q 109 -29.58 51.72 0.69
C THR Q 109 -30.15 51.84 2.10
N ILE Q 110 -29.38 52.43 3.00
CA ILE Q 110 -29.86 52.59 4.38
C ILE Q 110 -31.13 53.45 4.40
N PHE Q 111 -31.04 54.59 3.72
CA PHE Q 111 -32.14 55.54 3.64
C PHE Q 111 -33.43 54.91 3.15
N THR Q 112 -33.29 53.98 2.23
CA THR Q 112 -34.42 53.29 1.61
C THR Q 112 -34.87 52.01 2.30
N GLU Q 113 -33.92 51.22 2.77
CA GLU Q 113 -34.26 49.92 3.37
C GLU Q 113 -34.27 49.77 4.88
N GLN Q 114 -33.54 50.62 5.59
CA GLN Q 114 -33.47 50.50 7.04
C GLN Q 114 -34.73 51.06 7.71
N ALA Q 115 -34.89 50.83 9.01
CA ALA Q 115 -36.06 51.38 9.67
C ALA Q 115 -35.88 52.90 9.68
N LYS Q 116 -34.83 53.34 10.35
CA LYS Q 116 -34.50 54.75 10.45
C LYS Q 116 -33.33 55.08 9.55
N PRO Q 117 -33.41 56.22 8.83
CA PRO Q 117 -32.30 56.59 7.96
C PRO Q 117 -31.15 57.03 8.87
N TYR Q 118 -29.94 57.10 8.33
CA TYR Q 118 -28.79 57.52 9.12
C TYR Q 118 -28.75 59.05 9.20
N GLU Q 119 -28.63 59.55 10.42
CA GLU Q 119 -28.54 60.98 10.66
C GLU Q 119 -27.07 61.36 10.54
N VAL Q 120 -26.57 61.38 9.31
CA VAL Q 120 -25.16 61.72 9.10
C VAL Q 120 -24.94 62.43 7.80
N GLU Q 121 -23.79 63.09 7.70
CA GLU Q 121 -23.40 63.75 6.47
C GLU Q 121 -21.90 63.46 6.43
N LEU Q 122 -21.41 62.98 5.29
CA LEU Q 122 -20.00 62.63 5.18
C LEU Q 122 -19.23 63.40 4.14
N CYS Q 123 -17.92 63.49 4.40
CA CYS Q 123 -17.03 64.11 3.47
C CYS Q 123 -15.82 63.17 3.25
N VAL Q 124 -15.50 62.88 2.00
CA VAL Q 124 -14.33 62.07 1.71
C VAL Q 124 -13.43 62.98 0.92
N ALA Q 125 -12.16 63.06 1.30
CA ALA Q 125 -11.21 63.91 0.60
C ALA Q 125 -9.98 63.14 0.20
N GLU Q 126 -9.35 63.55 -0.90
CA GLU Q 126 -8.16 62.90 -1.40
C GLU Q 126 -7.16 63.94 -1.89
N VAL Q 127 -5.88 63.71 -1.63
CA VAL Q 127 -4.85 64.63 -2.09
C VAL Q 127 -3.98 63.84 -3.04
N ALA Q 128 -3.10 64.52 -3.74
CA ALA Q 128 -2.21 63.86 -4.68
C ALA Q 128 -1.22 62.93 -4.00
N HIS Q 129 -0.67 62.02 -4.78
CA HIS Q 129 0.35 61.12 -4.30
C HIS Q 129 1.66 61.86 -4.21
N TYR Q 130 2.55 61.40 -3.34
CA TYR Q 130 3.80 62.09 -3.13
C TYR Q 130 4.47 62.53 -4.43
N GLY Q 131 5.00 63.75 -4.44
CA GLY Q 131 5.67 64.29 -5.61
C GLY Q 131 4.84 64.34 -6.88
N GLU Q 132 3.52 64.25 -6.73
CA GLU Q 132 2.61 64.28 -7.86
C GLU Q 132 1.83 65.58 -7.76
N THR Q 133 1.24 66.01 -8.87
CA THR Q 133 0.51 67.28 -8.83
C THR Q 133 -0.91 67.03 -9.25
N LYS Q 134 -1.84 67.41 -8.40
CA LYS Q 134 -3.25 67.21 -8.67
C LYS Q 134 -4.01 67.99 -7.64
N ARG Q 135 -5.12 68.60 -8.04
CA ARG Q 135 -5.91 69.37 -7.12
C ARG Q 135 -6.63 68.47 -6.12
N PRO Q 136 -6.64 68.85 -4.85
CA PRO Q 136 -7.34 68.01 -3.88
C PRO Q 136 -8.76 67.78 -4.37
N GLU Q 137 -9.40 66.73 -3.89
CA GLU Q 137 -10.77 66.43 -4.27
C GLU Q 137 -11.55 66.31 -2.98
N LEU Q 138 -12.77 66.83 -2.98
CA LEU Q 138 -13.61 66.78 -1.81
C LEU Q 138 -14.96 66.32 -2.27
N TYR Q 139 -15.55 65.39 -1.54
CA TYR Q 139 -16.86 64.85 -1.88
C TYR Q 139 -17.75 64.88 -0.66
N ARG Q 140 -19.01 65.24 -0.85
CA ARG Q 140 -19.95 65.26 0.26
C ARG Q 140 -20.98 64.21 -0.10
N ILE Q 141 -21.33 63.38 0.87
CA ILE Q 141 -22.33 62.38 0.63
C ILE Q 141 -23.35 62.65 1.70
N THR Q 142 -24.62 62.70 1.32
CA THR Q 142 -25.68 62.99 2.27
C THR Q 142 -26.47 61.79 2.68
N TYR Q 143 -27.27 61.97 3.73
CA TYR Q 143 -28.04 60.88 4.31
C TYR Q 143 -28.89 60.05 3.35
N ASP Q 144 -29.10 60.53 2.14
CA ASP Q 144 -29.92 59.80 1.18
C ASP Q 144 -29.14 59.21 0.03
N GLY Q 145 -27.81 59.37 0.07
CA GLY Q 145 -26.99 58.80 -0.97
C GLY Q 145 -26.59 59.79 -2.02
N SER Q 146 -27.03 61.03 -1.88
CA SER Q 146 -26.66 62.03 -2.87
C SER Q 146 -25.19 62.34 -2.66
N ILE Q 147 -24.50 62.59 -3.75
CA ILE Q 147 -23.08 62.85 -3.68
C ILE Q 147 -22.74 64.08 -4.48
N ALA Q 148 -21.82 64.90 -3.98
CA ALA Q 148 -21.47 66.12 -4.68
C ALA Q 148 -19.98 66.37 -4.68
N ASP Q 149 -19.50 66.85 -5.81
CA ASP Q 149 -18.09 67.14 -6.01
C ASP Q 149 -17.84 68.59 -5.66
N GLU Q 150 -17.26 68.88 -4.49
CA GLU Q 150 -16.96 70.26 -4.09
C GLU Q 150 -15.53 70.59 -4.45
N PRO Q 151 -15.28 71.78 -5.03
CA PRO Q 151 -13.92 72.15 -5.43
C PRO Q 151 -13.04 72.87 -4.42
N HIS Q 152 -13.65 73.52 -3.43
CA HIS Q 152 -12.86 74.29 -2.48
C HIS Q 152 -13.03 73.90 -1.03
N PHE Q 153 -14.27 73.71 -0.61
CA PHE Q 153 -14.51 73.35 0.78
C PHE Q 153 -15.86 72.69 0.95
N VAL Q 154 -16.05 72.05 2.09
CA VAL Q 154 -17.30 71.36 2.38
C VAL Q 154 -17.65 71.69 3.82
N VAL Q 155 -18.93 71.86 4.11
CA VAL Q 155 -19.36 72.17 5.47
C VAL Q 155 -20.49 71.22 5.77
N MET Q 156 -20.49 70.65 6.98
CA MET Q 156 -21.53 69.69 7.36
C MET Q 156 -21.84 69.80 8.83
N GLY Q 157 -23.09 69.47 9.18
CA GLY Q 157 -23.53 69.51 10.57
C GLY Q 157 -24.03 70.87 11.06
N GLY Q 158 -25.01 70.83 11.95
CA GLY Q 158 -25.58 72.06 12.49
C GLY Q 158 -26.13 73.02 11.45
N THR Q 159 -25.92 74.32 11.70
CA THR Q 159 -26.36 75.36 10.79
C THR Q 159 -25.17 75.68 9.90
N THR Q 160 -25.25 75.23 8.68
CA THR Q 160 -24.18 75.40 7.72
C THR Q 160 -24.13 76.75 7.02
N GLU Q 161 -25.30 77.30 6.70
CA GLU Q 161 -25.44 78.58 6.01
C GLU Q 161 -24.41 79.60 6.44
N PRO Q 162 -24.41 79.96 7.73
CA PRO Q 162 -23.46 80.93 8.28
C PRO Q 162 -22.00 80.59 7.99
N ILE Q 163 -21.64 79.34 8.27
CA ILE Q 163 -20.27 78.85 8.07
C ILE Q 163 -19.92 78.82 6.60
N ALA Q 164 -20.88 78.40 5.79
CA ALA Q 164 -20.69 78.33 4.35
C ALA Q 164 -20.30 79.70 3.82
N ASN Q 165 -21.18 80.68 4.02
CA ASN Q 165 -20.93 82.05 3.56
C ASN Q 165 -19.64 82.61 4.11
N ALA Q 166 -19.43 82.43 5.41
CA ALA Q 166 -18.20 82.92 6.06
C ALA Q 166 -16.95 82.44 5.30
N LEU Q 167 -17.01 81.23 4.73
CA LEU Q 167 -15.90 80.68 3.97
C LEU Q 167 -15.96 81.19 2.54
N LYS Q 168 -17.14 81.30 1.99
CA LYS Q 168 -17.24 81.69 0.60
C LYS Q 168 -16.50 83.00 0.49
N GLU Q 169 -16.40 83.70 1.62
CA GLU Q 169 -15.75 85.02 1.65
C GLU Q 169 -14.26 85.02 2.00
N SER Q 170 -13.87 84.31 3.05
CA SER Q 170 -12.46 84.27 3.43
C SER Q 170 -11.58 83.24 2.68
N TYR Q 171 -12.19 82.32 1.93
CA TYR Q 171 -11.41 81.28 1.26
C TYR Q 171 -10.42 81.74 0.19
N ALA Q 172 -9.23 81.16 0.24
CA ALA Q 172 -8.19 81.48 -0.72
C ALA Q 172 -7.43 80.21 -1.15
N GLU Q 173 -7.44 79.96 -2.44
CA GLU Q 173 -6.74 78.80 -2.94
C GLU Q 173 -5.26 78.98 -2.66
N ASN Q 174 -4.66 77.94 -2.12
CA ASN Q 174 -3.25 77.91 -1.78
C ASN Q 174 -2.92 78.61 -0.47
N ALA Q 175 -3.94 78.87 0.36
CA ALA Q 175 -3.68 79.51 1.63
C ALA Q 175 -2.65 78.59 2.32
N SER Q 176 -1.79 79.12 3.17
CA SER Q 176 -0.84 78.27 3.86
C SER Q 176 -1.65 77.53 4.91
N LEU Q 177 -1.01 76.63 5.64
CA LEU Q 177 -1.73 75.89 6.67
C LEU Q 177 -2.33 76.82 7.74
N THR Q 178 -1.51 77.70 8.28
CA THR Q 178 -1.97 78.63 9.31
C THR Q 178 -3.13 79.51 8.83
N ASP Q 179 -3.00 80.07 7.63
CA ASP Q 179 -4.05 80.93 7.07
C ASP Q 179 -5.34 80.12 6.93
N ALA Q 180 -5.20 78.90 6.42
CA ALA Q 180 -6.34 78.01 6.22
C ALA Q 180 -6.98 77.65 7.55
N LEU Q 181 -6.16 77.34 8.55
CA LEU Q 181 -6.68 77.00 9.87
C LEU Q 181 -7.51 78.14 10.42
N ARG Q 182 -6.91 79.33 10.46
CA ARG Q 182 -7.61 80.55 10.95
C ARG Q 182 -8.93 80.76 10.21
N ILE Q 183 -8.86 80.88 8.88
CA ILE Q 183 -10.05 81.05 8.05
C ILE Q 183 -11.15 80.05 8.46
N ALA Q 184 -10.74 78.80 8.66
CA ALA Q 184 -11.65 77.73 9.02
C ALA Q 184 -12.23 77.89 10.41
N VAL Q 185 -11.38 78.04 11.42
CA VAL Q 185 -11.85 78.21 12.79
C VAL Q 185 -12.79 79.41 12.87
N ALA Q 186 -12.51 80.43 12.06
CA ALA Q 186 -13.34 81.63 12.02
C ALA Q 186 -14.71 81.28 11.47
N ALA Q 187 -14.76 80.93 10.19
CA ALA Q 187 -16.01 80.59 9.52
C ALA Q 187 -16.85 79.62 10.36
N LEU Q 188 -16.19 78.88 11.23
CA LEU Q 188 -16.86 77.92 12.07
C LEU Q 188 -17.62 78.63 13.18
N ARG Q 189 -16.99 79.60 13.82
CA ARG Q 189 -17.66 80.29 14.91
C ARG Q 189 -18.91 80.96 14.37
N ALA Q 190 -18.80 81.51 13.17
CA ALA Q 190 -19.94 82.16 12.55
C ALA Q 190 -21.19 81.30 12.72
N GLY Q 204 -10.91 77.15 20.27
CA GLY Q 204 -10.13 76.66 21.40
C GLY Q 204 -9.59 75.27 21.16
N VAL Q 205 -8.31 75.07 21.44
CA VAL Q 205 -7.70 73.77 21.23
C VAL Q 205 -8.41 72.64 21.97
N ALA Q 206 -8.88 72.91 23.17
CA ALA Q 206 -9.55 71.90 23.97
C ALA Q 206 -10.83 71.40 23.30
N SER Q 207 -11.40 72.24 22.44
CA SER Q 207 -12.68 71.95 21.79
C SER Q 207 -12.62 71.73 20.27
N LEU Q 208 -11.44 71.48 19.74
CA LEU Q 208 -11.28 71.30 18.30
C LEU Q 208 -10.57 70.01 17.92
N GLU Q 209 -11.01 69.42 16.80
CA GLU Q 209 -10.39 68.22 16.28
C GLU Q 209 -9.81 68.72 14.97
N VAL Q 210 -8.50 68.64 14.83
CA VAL Q 210 -7.84 69.10 13.62
C VAL Q 210 -6.89 68.05 13.02
N ALA Q 211 -6.94 67.93 11.70
CA ALA Q 211 -6.07 67.00 10.99
C ALA Q 211 -5.94 67.42 9.52
N VAL Q 212 -4.88 66.97 8.88
CA VAL Q 212 -4.69 67.29 7.48
C VAL Q 212 -4.28 66.09 6.65
N LEU Q 213 -4.61 66.17 5.36
CA LEU Q 213 -4.16 65.18 4.43
C LEU Q 213 -3.01 65.97 3.88
N ASP Q 214 -1.81 65.68 4.38
CA ASP Q 214 -0.63 66.41 3.94
C ASP Q 214 -0.04 65.70 2.73
N ALA Q 215 -0.16 66.35 1.57
CA ALA Q 215 0.30 65.79 0.31
C ALA Q 215 1.80 65.58 0.31
N ASN Q 216 2.48 66.23 1.24
CA ASN Q 216 3.95 66.12 1.27
C ASN Q 216 4.45 64.82 1.91
N ARG Q 217 3.56 64.11 2.58
CA ARG Q 217 3.94 62.85 3.21
C ARG Q 217 4.20 61.84 2.10
N PRO Q 218 5.24 61.03 2.25
CA PRO Q 218 5.54 60.00 1.26
C PRO Q 218 4.41 58.99 0.99
N ARG Q 219 3.78 58.44 2.03
CA ARG Q 219 2.68 57.53 1.78
C ARG Q 219 1.41 57.86 2.53
N ARG Q 220 1.45 57.83 3.85
CA ARG Q 220 0.26 58.13 4.63
C ARG Q 220 0.16 59.63 4.85
N ALA Q 221 -0.79 60.25 4.16
CA ALA Q 221 -0.99 61.69 4.23
C ALA Q 221 -1.68 62.17 5.50
N PHE Q 222 -2.57 61.35 6.07
CA PHE Q 222 -3.32 61.75 7.25
C PHE Q 222 -2.42 62.05 8.41
N ARG Q 223 -2.64 63.19 9.03
CA ARG Q 223 -1.82 63.65 10.15
C ARG Q 223 -2.68 64.51 11.10
N ARG Q 224 -2.72 64.13 12.37
CA ARG Q 224 -3.50 64.91 13.34
C ARG Q 224 -2.67 66.07 13.90
N ILE Q 225 -3.32 67.21 14.10
CA ILE Q 225 -2.62 68.37 14.65
C ILE Q 225 -3.27 68.67 15.99
N THR Q 226 -2.56 68.35 17.08
CA THR Q 226 -3.13 68.56 18.41
C THR Q 226 -2.20 69.18 19.44
N GLY Q 227 -2.78 69.42 20.62
CA GLY Q 227 -2.04 69.99 21.72
C GLY Q 227 -1.24 71.25 21.42
N SER Q 228 -0.03 71.31 21.97
CA SER Q 228 0.84 72.45 21.78
C SER Q 228 1.02 72.77 20.30
N ALA Q 229 1.28 71.74 19.52
CA ALA Q 229 1.46 71.91 18.08
C ALA Q 229 0.26 72.66 17.47
N LEU Q 230 -0.95 72.23 17.84
CA LEU Q 230 -2.15 72.89 17.32
C LEU Q 230 -2.20 74.31 17.85
N GLN Q 231 -1.86 74.44 19.13
CA GLN Q 231 -1.83 75.74 19.80
C GLN Q 231 -1.10 76.74 18.95
N ALA Q 232 0.15 76.42 18.61
CA ALA Q 232 0.97 77.29 17.79
C ALA Q 232 0.23 77.88 16.58
N LEU Q 233 -0.55 77.07 15.89
CA LEU Q 233 -1.28 77.54 14.72
C LEU Q 233 -2.42 78.50 15.06
N LEU Q 234 -2.56 78.83 16.33
CA LEU Q 234 -3.63 79.73 16.72
C LEU Q 234 -3.09 80.98 17.42
N THR R 1 17.99 30.02 1.94
CA THR R 1 17.60 31.37 2.51
C THR R 1 18.13 31.62 3.90
N THR R 2 18.53 32.85 4.19
CA THR R 2 18.89 33.16 5.56
C THR R 2 18.46 34.57 5.91
N ILE R 3 17.72 34.68 7.00
CA ILE R 3 17.34 35.96 7.50
C ILE R 3 17.85 36.02 8.95
N VAL R 4 18.53 37.10 9.31
CA VAL R 4 19.02 37.24 10.69
C VAL R 4 18.46 38.51 11.33
N ALA R 5 18.44 38.52 12.66
CA ALA R 5 17.99 39.72 13.38
C ALA R 5 18.79 39.75 14.66
N LEU R 6 19.17 40.95 15.10
CA LEU R 6 19.88 41.07 16.36
C LEU R 6 19.62 42.41 17.04
N LYS R 7 19.67 42.40 18.37
CA LYS R 7 19.44 43.61 19.14
C LYS R 7 20.76 44.30 19.40
N TYR R 8 20.72 45.62 19.40
CA TYR R 8 21.92 46.38 19.74
C TYR R 8 21.40 47.49 20.70
N PRO R 9 22.29 48.12 21.49
CA PRO R 9 21.83 49.17 22.40
C PRO R 9 20.99 50.24 21.73
N GLY R 10 19.70 50.26 22.02
CA GLY R 10 18.81 51.25 21.42
C GLY R 10 18.01 50.82 20.21
N GLY R 11 18.21 49.58 19.75
CA GLY R 11 17.46 49.16 18.58
C GLY R 11 17.61 47.73 18.15
N VAL R 12 17.25 47.48 16.90
CA VAL R 12 17.34 46.12 16.38
C VAL R 12 17.57 46.21 14.89
N VAL R 13 18.28 45.23 14.35
CA VAL R 13 18.55 45.21 12.92
C VAL R 13 18.16 43.82 12.38
N MET R 14 17.58 43.81 11.18
CA MET R 14 17.21 42.57 10.53
C MET R 14 17.78 42.66 9.11
N ALA R 15 18.40 41.57 8.64
CA ALA R 15 18.99 41.55 7.31
C ALA R 15 18.69 40.19 6.64
N GLY R 16 18.56 40.17 5.31
CA GLY R 16 18.25 38.94 4.61
C GLY R 16 19.03 38.80 3.32
N ASP R 17 19.28 37.55 2.87
CA ASP R 17 20.03 37.31 1.63
C ASP R 17 19.09 37.56 0.42
N ARG R 18 19.60 37.41 -0.80
CA ARG R 18 18.82 37.76 -2.03
C ARG R 18 18.55 36.60 -3.00
N ARG R 19 18.88 35.37 -2.57
CA ARG R 19 18.74 34.24 -3.43
C ARG R 19 17.43 33.54 -3.44
N SER R 20 17.04 33.05 -4.61
CA SER R 20 15.84 32.23 -4.64
C SER R 20 16.30 31.05 -5.51
N THR R 21 15.85 29.85 -5.17
CA THR R 21 16.25 28.68 -5.94
C THR R 21 15.05 27.81 -6.30
N GLN R 22 15.25 26.87 -7.21
CA GLN R 22 14.25 25.85 -7.61
C GLN R 22 15.14 24.62 -7.71
N GLY R 23 15.08 23.79 -6.67
CA GLY R 23 15.97 22.63 -6.64
C GLY R 23 17.40 23.21 -6.53
N ASN R 24 18.31 22.69 -7.36
CA ASN R 24 19.69 23.15 -7.36
C ASN R 24 19.87 24.45 -8.14
N MET R 25 18.89 24.81 -8.95
CA MET R 25 19.01 26.00 -9.79
C MET R 25 18.81 27.34 -9.10
N ILE R 26 19.71 28.28 -9.38
CA ILE R 26 19.58 29.62 -8.84
C ILE R 26 18.54 30.30 -9.74
N SER R 27 17.37 30.60 -9.20
CA SER R 27 16.34 31.22 -10.01
C SER R 27 16.16 32.71 -9.80
N GLY R 28 16.80 33.28 -8.77
CA GLY R 28 16.67 34.72 -8.53
C GLY R 28 17.88 35.21 -7.78
N ARG R 29 18.27 36.47 -8.00
CA ARG R 29 19.47 37.00 -7.33
C ARG R 29 19.20 38.32 -6.67
N ASP R 30 17.95 38.79 -6.72
CA ASP R 30 17.68 40.09 -6.13
C ASP R 30 16.40 40.17 -5.35
N VAL R 31 15.96 39.02 -4.89
CA VAL R 31 14.76 38.95 -4.10
C VAL R 31 14.98 39.75 -2.78
N ARG R 32 13.94 40.44 -2.33
CA ARG R 32 14.02 41.18 -1.08
C ARG R 32 13.15 40.41 -0.09
N LYS R 33 13.75 40.00 1.02
CA LYS R 33 13.06 39.15 1.97
C LYS R 33 12.71 39.80 3.28
N VAL R 34 13.18 41.01 3.48
CA VAL R 34 12.91 41.76 4.72
C VAL R 34 12.01 42.97 4.41
N TYR R 35 10.88 43.06 5.08
CA TYR R 35 9.92 44.15 4.85
C TYR R 35 9.66 45.03 6.07
N ILE R 36 9.50 46.32 5.83
CA ILE R 36 9.11 47.19 6.95
C ILE R 36 7.59 46.95 7.01
N THR R 37 7.07 46.44 8.12
CA THR R 37 5.64 46.16 8.15
C THR R 37 4.79 47.24 8.79
N ASP R 38 5.42 48.12 9.56
CA ASP R 38 4.77 49.31 10.15
C ASP R 38 5.91 50.18 10.64
N ASP R 39 5.61 51.35 11.20
CA ASP R 39 6.70 52.23 11.62
C ASP R 39 7.75 51.68 12.58
N TYR R 40 7.38 50.64 13.34
CA TYR R 40 8.31 50.08 14.32
C TYR R 40 8.54 48.58 14.21
N THR R 41 8.23 48.02 13.05
CA THR R 41 8.44 46.60 12.92
C THR R 41 8.85 46.17 11.55
N ALA R 42 9.64 45.08 11.50
CA ALA R 42 10.06 44.52 10.24
C ALA R 42 9.83 43.02 10.29
N THR R 43 9.52 42.45 9.14
CA THR R 43 9.28 41.02 9.04
C THR R 43 10.18 40.44 7.96
N GLY R 44 10.83 39.31 8.25
CA GLY R 44 11.69 38.65 7.28
C GLY R 44 11.07 37.26 7.14
N ILE R 45 10.92 36.75 5.92
CA ILE R 45 10.31 35.44 5.79
C ILE R 45 11.08 34.40 4.98
N ALA R 46 11.05 33.17 5.44
CA ALA R 46 11.77 32.09 4.79
C ALA R 46 10.74 31.00 4.39
N GLY R 47 11.10 30.12 3.47
CA GLY R 47 10.16 29.09 3.04
C GLY R 47 9.64 29.31 1.60
N THR R 48 8.38 28.94 1.38
CA THR R 48 7.74 29.07 0.08
C THR R 48 7.59 30.54 -0.31
N ALA R 49 8.18 30.92 -1.43
CA ALA R 49 8.15 32.32 -1.85
C ALA R 49 6.77 32.93 -1.90
N ALA R 50 5.83 32.23 -2.54
CA ALA R 50 4.47 32.73 -2.70
C ALA R 50 3.85 33.03 -1.36
N VAL R 51 3.96 32.13 -0.40
CA VAL R 51 3.35 32.36 0.91
C VAL R 51 4.07 33.45 1.70
N ALA R 52 5.38 33.50 1.56
CA ALA R 52 6.20 34.44 2.28
C ALA R 52 5.83 35.88 1.96
N VAL R 53 5.77 36.21 0.68
CA VAL R 53 5.41 37.54 0.23
C VAL R 53 3.99 37.90 0.69
N GLU R 54 3.08 36.95 0.57
CA GLU R 54 1.70 37.16 0.96
C GLU R 54 1.61 37.44 2.49
N PHE R 55 2.33 36.69 3.30
CA PHE R 55 2.30 36.94 4.74
C PHE R 55 2.72 38.36 5.04
N ALA R 56 3.80 38.82 4.42
CA ALA R 56 4.29 40.15 4.71
C ALA R 56 3.30 41.22 4.30
N ARG R 57 2.74 41.06 3.11
CA ARG R 57 1.77 42.00 2.56
C ARG R 57 0.46 42.07 3.33
N LEU R 58 -0.11 40.92 3.65
CA LEU R 58 -1.30 40.85 4.43
C LEU R 58 -1.10 41.35 5.87
N TYR R 59 0.02 40.99 6.48
CA TYR R 59 0.31 41.42 7.85
C TYR R 59 0.42 42.96 7.96
N ALA R 60 1.10 43.60 7.01
CA ALA R 60 1.24 45.05 7.05
C ALA R 60 -0.14 45.68 6.96
N VAL R 61 -0.97 45.13 6.08
CA VAL R 61 -2.32 45.65 5.92
C VAL R 61 -3.10 45.46 7.23
N GLU R 62 -2.96 44.30 7.86
CA GLU R 62 -3.69 44.07 9.10
C GLU R 62 -3.28 45.03 10.24
N LEU R 63 -1.99 45.35 10.31
CA LEU R 63 -1.53 46.24 11.35
C LEU R 63 -2.07 47.65 11.19
N GLU R 64 -2.03 48.14 9.94
CA GLU R 64 -2.51 49.47 9.64
C GLU R 64 -4.03 49.55 9.73
N HIS R 65 -4.67 48.43 9.41
CA HIS R 65 -6.12 48.31 9.45
C HIS R 65 -6.61 48.56 10.89
N TYR R 66 -5.96 47.90 11.85
CA TYR R 66 -6.30 48.06 13.24
C TYR R 66 -6.06 49.51 13.67
N GLU R 67 -4.93 50.07 13.26
CA GLU R 67 -4.59 51.44 13.60
C GLU R 67 -5.63 52.45 13.10
N LYS R 68 -6.11 52.30 11.88
CA LYS R 68 -7.09 53.22 11.36
C LYS R 68 -8.43 53.04 12.02
N LEU R 69 -8.80 51.80 12.29
CA LEU R 69 -10.07 51.54 12.93
C LEU R 69 -10.11 51.99 14.39
N GLU R 70 -9.07 51.69 15.15
CA GLU R 70 -9.06 52.01 16.56
C GLU R 70 -8.37 53.31 16.96
N GLY R 71 -7.69 53.96 16.03
CA GLY R 71 -7.03 55.20 16.36
C GLY R 71 -5.64 55.03 16.96
N VAL R 72 -5.28 53.82 17.32
CA VAL R 72 -3.96 53.64 17.93
C VAL R 72 -3.38 52.33 17.43
N PRO R 73 -2.04 52.21 17.36
CA PRO R 73 -1.51 50.93 16.89
C PRO R 73 -1.64 49.82 17.94
N LEU R 74 -1.60 48.58 17.48
CA LEU R 74 -1.62 47.44 18.38
C LEU R 74 -0.37 47.49 19.28
N THR R 75 -0.50 46.92 20.48
CA THR R 75 0.64 46.83 21.40
C THR R 75 1.57 45.79 20.73
N PHE R 76 2.83 45.78 21.12
CA PHE R 76 3.73 44.84 20.49
C PHE R 76 3.23 43.38 20.66
N ALA R 77 2.72 43.06 21.84
CA ALA R 77 2.19 41.74 22.10
C ALA R 77 1.05 41.42 21.14
N GLY R 78 0.19 42.39 20.84
CA GLY R 78 -0.91 42.14 19.91
C GLY R 78 -0.37 41.92 18.49
N LYS R 79 0.69 42.63 18.12
CA LYS R 79 1.27 42.45 16.79
C LYS R 79 1.78 41.01 16.69
N ILE R 80 2.41 40.53 17.75
CA ILE R 80 2.94 39.17 17.75
C ILE R 80 1.81 38.16 17.57
N ASN R 81 0.73 38.36 18.32
CA ASN R 81 -0.40 37.44 18.26
C ASN R 81 -1.03 37.38 16.89
N ARG R 82 -1.17 38.52 16.23
CA ARG R 82 -1.74 38.52 14.89
C ARG R 82 -0.87 37.76 13.90
N LEU R 83 0.45 37.92 13.97
CA LEU R 83 1.33 37.23 13.05
C LEU R 83 1.23 35.71 13.38
N ALA R 84 1.16 35.35 14.67
CA ALA R 84 1.07 33.92 15.06
C ALA R 84 -0.20 33.29 14.52
N ILE R 85 -1.28 34.04 14.60
CA ILE R 85 -2.55 33.51 14.12
C ILE R 85 -2.48 33.32 12.59
N MET R 86 -1.87 34.28 11.89
CA MET R 86 -1.74 34.15 10.46
C MET R 86 -0.92 32.90 10.11
N VAL R 87 0.19 32.65 10.82
CA VAL R 87 0.99 31.48 10.53
C VAL R 87 0.19 30.20 10.79
N ARG R 88 -0.47 30.15 11.94
CA ARG R 88 -1.30 29.00 12.32
C ARG R 88 -2.33 28.72 11.19
N GLY R 89 -2.94 29.77 10.67
CA GLY R 89 -3.91 29.61 9.60
C GLY R 89 -3.37 28.92 8.34
N ASN R 90 -2.05 28.93 8.17
CA ASN R 90 -1.43 28.31 7.00
C ASN R 90 -0.93 26.89 7.28
N LEU R 91 -1.18 26.40 8.48
CA LEU R 91 -0.70 25.08 8.85
C LEU R 91 -1.09 23.92 7.91
N ALA R 92 -2.35 23.84 7.49
CA ALA R 92 -2.75 22.76 6.58
C ALA R 92 -1.91 22.86 5.28
N ALA R 93 -1.98 24.01 4.62
CA ALA R 93 -1.21 24.25 3.40
C ALA R 93 0.28 23.97 3.58
N ALA R 94 0.83 24.30 4.74
CA ALA R 94 2.25 24.08 5.00
C ALA R 94 2.57 22.60 5.07
N MET R 95 1.65 21.79 5.63
CA MET R 95 1.90 20.35 5.72
C MET R 95 1.86 19.77 4.31
N GLN R 96 1.34 20.57 3.38
CA GLN R 96 1.28 20.16 1.98
C GLN R 96 2.33 20.86 1.12
N GLY R 97 3.43 21.28 1.73
CA GLY R 97 4.51 21.94 1.02
C GLY R 97 4.45 23.45 0.77
N LEU R 98 3.49 24.13 1.39
CA LEU R 98 3.35 25.58 1.23
C LEU R 98 3.87 26.35 2.45
N LEU R 99 4.71 25.69 3.24
CA LEU R 99 5.24 26.29 4.46
C LEU R 99 6.11 27.54 4.33
N ALA R 100 5.83 28.49 5.22
CA ALA R 100 6.58 29.74 5.34
C ALA R 100 6.75 30.08 6.84
N LEU R 101 7.93 30.56 7.22
CA LEU R 101 8.14 30.93 8.60
C LEU R 101 8.67 32.35 8.68
N PRO R 102 8.00 33.21 9.45
CA PRO R 102 8.49 34.59 9.59
C PRO R 102 9.38 34.80 10.81
N LEU R 103 10.17 35.86 10.79
CA LEU R 103 11.02 36.26 11.92
C LEU R 103 10.59 37.73 12.06
N LEU R 104 10.23 38.13 13.27
CA LEU R 104 9.76 39.50 13.50
C LEU R 104 10.72 40.30 14.33
N ALA R 105 10.96 41.54 13.93
CA ALA R 105 11.86 42.44 14.70
C ALA R 105 11.10 43.73 14.92
N GLY R 106 11.24 44.31 16.09
CA GLY R 106 10.55 45.56 16.33
C GLY R 106 11.20 46.34 17.44
N TYR R 107 10.67 47.53 17.63
CA TYR R 107 11.12 48.41 18.69
C TYR R 107 9.84 48.73 19.40
N ASP R 108 9.78 48.49 20.72
CA ASP R 108 8.54 48.72 21.46
C ASP R 108 8.55 50.11 22.07
N ILE R 109 7.77 51.02 21.50
CA ILE R 109 7.73 52.38 22.00
C ILE R 109 7.24 52.45 23.45
N HIS R 110 6.43 51.46 23.87
CA HIS R 110 5.92 51.44 25.23
C HIS R 110 6.78 50.71 26.23
N ALA R 111 7.94 50.20 25.81
CA ALA R 111 8.78 49.49 26.77
C ALA R 111 9.33 50.49 27.77
N SER R 112 9.54 50.03 29.00
CA SER R 112 10.05 50.90 30.06
C SER R 112 11.46 51.41 29.72
N ASP R 113 12.39 50.50 29.48
CA ASP R 113 13.75 50.90 29.16
C ASP R 113 14.09 50.91 27.67
N PRO R 114 14.23 52.11 27.10
CA PRO R 114 14.55 52.40 25.69
C PRO R 114 15.76 51.71 25.08
N GLN R 115 16.83 51.58 25.86
CA GLN R 115 18.03 50.94 25.33
C GLN R 115 17.78 49.47 25.00
N SER R 116 16.83 48.84 25.69
CA SER R 116 16.52 47.44 25.44
C SER R 116 15.13 47.19 24.82
N ALA R 117 14.48 48.25 24.32
CA ALA R 117 13.14 48.16 23.73
C ALA R 117 13.11 47.35 22.43
N GLY R 118 14.29 46.96 21.95
CA GLY R 118 14.38 46.16 20.75
C GLY R 118 13.72 44.79 21.00
N ARG R 119 13.06 44.26 19.99
CA ARG R 119 12.38 42.96 20.12
C ARG R 119 12.63 42.07 18.92
N ILE R 120 12.86 40.79 19.21
CA ILE R 120 13.03 39.78 18.18
C ILE R 120 12.11 38.60 18.57
N VAL R 121 11.27 38.18 17.63
CA VAL R 121 10.33 37.09 17.88
C VAL R 121 10.35 36.06 16.76
N SER R 122 10.50 34.79 17.11
CA SER R 122 10.49 33.72 16.12
C SER R 122 9.15 32.94 16.17
N PHE R 123 8.85 32.24 15.09
CA PHE R 123 7.59 31.51 14.98
C PHE R 123 7.79 30.10 14.42
N ASP R 124 7.01 29.13 14.88
CA ASP R 124 7.12 27.79 14.30
C ASP R 124 5.89 27.61 13.40
N ALA R 125 5.83 26.50 12.67
CA ALA R 125 4.75 26.26 11.73
C ALA R 125 3.35 26.24 12.31
N ALA R 126 3.23 25.96 13.60
CA ALA R 126 1.90 25.89 14.21
C ALA R 126 1.46 27.22 14.81
N GLY R 127 2.30 28.24 14.67
CA GLY R 127 1.91 29.52 15.22
C GLY R 127 2.48 29.78 16.60
N GLY R 128 3.33 28.89 17.08
CA GLY R 128 3.95 29.10 18.36
C GLY R 128 4.96 30.22 18.18
N TRP R 129 5.07 31.10 19.15
CA TRP R 129 6.05 32.19 19.04
C TRP R 129 6.93 32.21 20.27
N ASN R 130 8.09 32.84 20.14
CA ASN R 130 8.99 32.98 21.26
C ASN R 130 9.71 34.31 21.14
N ILE R 131 9.58 35.15 22.17
CA ILE R 131 10.27 36.41 22.20
C ILE R 131 11.71 36.02 22.54
N GLU R 132 12.62 36.32 21.65
CA GLU R 132 14.00 35.95 21.87
C GLU R 132 14.71 36.79 22.93
N GLU R 133 15.45 36.16 23.81
CA GLU R 133 16.20 36.97 24.76
C GLU R 133 17.71 36.75 24.80
N GLU R 134 18.27 36.02 23.83
CA GLU R 134 19.72 35.79 23.75
C GLU R 134 20.36 36.89 22.85
N GLY R 135 19.56 37.83 22.35
CA GLY R 135 20.13 38.89 21.55
C GLY R 135 20.03 38.79 20.02
N TYR R 136 19.87 37.57 19.48
CA TYR R 136 19.79 37.40 18.03
C TYR R 136 19.02 36.12 17.67
N GLN R 137 18.61 36.03 16.41
CA GLN R 137 17.90 34.87 15.93
C GLN R 137 18.03 34.83 14.42
N ALA R 138 17.72 33.70 13.81
CA ALA R 138 17.81 33.58 12.35
C ALA R 138 16.86 32.46 11.91
N VAL R 139 16.36 32.55 10.69
CA VAL R 139 15.49 31.53 10.11
C VAL R 139 15.96 31.26 8.67
N GLY R 140 15.70 30.06 8.19
CA GLY R 140 16.06 29.65 6.84
C GLY R 140 17.06 28.54 6.86
N SER R 141 17.38 27.99 5.70
CA SER R 141 18.33 26.90 5.60
C SER R 141 19.74 27.30 6.06
N GLY R 142 20.08 28.58 6.12
CA GLY R 142 21.42 28.90 6.59
C GLY R 142 21.39 29.43 8.03
N SER R 143 20.27 29.25 8.72
CA SER R 143 20.18 29.83 10.05
C SER R 143 21.12 29.30 11.12
N LEU R 144 21.45 28.02 11.08
CA LEU R 144 22.33 27.44 12.08
C LEU R 144 23.74 28.00 11.89
N PHE R 145 24.16 28.16 10.64
CA PHE R 145 25.49 28.73 10.40
C PHE R 145 25.54 30.20 10.84
N ALA R 146 24.44 30.94 10.59
CA ALA R 146 24.34 32.36 10.95
C ALA R 146 24.37 32.53 12.46
N LYS R 147 23.63 31.70 13.16
CA LYS R 147 23.59 31.77 14.60
C LYS R 147 24.90 31.39 15.25
N SER R 148 25.61 30.38 14.73
CA SER R 148 26.87 30.01 15.32
C SER R 148 27.89 31.10 15.06
N SER R 149 27.73 31.80 13.95
CA SER R 149 28.61 32.89 13.65
C SER R 149 28.30 34.05 14.63
N MET R 150 27.02 34.43 14.76
CA MET R 150 26.65 35.50 15.68
C MET R 150 27.03 35.18 17.12
N LYS R 151 26.98 33.91 17.49
CA LYS R 151 27.35 33.53 18.86
C LYS R 151 28.79 34.00 19.16
N LYS R 152 29.68 33.91 18.18
CA LYS R 152 31.05 34.34 18.40
C LYS R 152 31.26 35.84 18.15
N LEU R 153 30.39 36.48 17.37
CA LEU R 153 30.58 37.89 17.08
C LEU R 153 29.74 38.86 17.89
N TYR R 154 28.71 38.35 18.53
CA TYR R 154 27.79 39.23 19.22
C TYR R 154 28.37 40.20 20.26
N SER R 155 29.44 39.80 20.92
CA SER R 155 30.04 40.69 21.92
C SER R 155 30.60 41.94 21.23
N GLN R 156 30.70 41.95 19.91
CA GLN R 156 31.21 43.15 19.24
C GLN R 156 30.09 44.14 18.92
N VAL R 157 28.82 43.77 19.13
CA VAL R 157 27.77 44.72 18.79
C VAL R 157 27.61 45.77 19.89
N THR R 158 27.96 47.01 19.56
CA THR R 158 27.85 48.13 20.54
C THR R 158 26.96 49.25 20.03
N ASP R 159 26.54 49.19 18.78
CA ASP R 159 25.64 50.21 18.23
C ASP R 159 25.02 49.73 16.92
N GLY R 160 24.29 50.59 16.26
CA GLY R 160 23.65 50.22 15.02
C GLY R 160 24.60 49.82 13.90
N ASP R 161 25.71 50.56 13.74
CA ASP R 161 26.64 50.18 12.67
C ASP R 161 27.40 48.90 12.95
N SER R 162 27.84 48.67 14.18
CA SER R 162 28.54 47.43 14.43
C SER R 162 27.49 46.26 14.35
N GLY R 163 26.26 46.54 14.72
CA GLY R 163 25.20 45.53 14.65
C GLY R 163 24.93 45.13 13.21
N LEU R 164 24.86 46.13 12.33
CA LEU R 164 24.65 45.90 10.92
C LEU R 164 25.80 45.02 10.38
N ARG R 165 27.03 45.36 10.77
CA ARG R 165 28.18 44.66 10.30
C ARG R 165 28.10 43.20 10.71
N VAL R 166 27.78 42.96 11.96
CA VAL R 166 27.70 41.60 12.43
C VAL R 166 26.58 40.85 11.70
N ALA R 167 25.45 41.49 11.45
CA ALA R 167 24.37 40.83 10.73
C ALA R 167 24.84 40.46 9.32
N VAL R 168 25.59 41.35 8.67
CA VAL R 168 26.06 41.09 7.32
C VAL R 168 27.09 39.97 7.37
N GLU R 169 27.92 39.98 8.39
CA GLU R 169 28.92 38.94 8.47
C GLU R 169 28.25 37.57 8.74
N ALA R 170 27.16 37.54 9.53
CA ALA R 170 26.43 36.31 9.82
C ALA R 170 25.83 35.78 8.50
N LEU R 171 25.28 36.68 7.67
CA LEU R 171 24.72 36.26 6.37
C LEU R 171 25.84 35.73 5.48
N TYR R 172 27.04 36.34 5.56
CA TYR R 172 28.16 35.91 4.79
C TYR R 172 28.55 34.48 5.19
N ASP R 173 28.65 34.22 6.50
CA ASP R 173 28.97 32.89 6.95
C ASP R 173 27.86 31.90 6.55
N ALA R 174 26.60 32.32 6.56
CA ALA R 174 25.53 31.41 6.14
C ALA R 174 25.76 31.06 4.66
N ALA R 175 26.01 32.06 3.80
CA ALA R 175 26.24 31.76 2.36
C ALA R 175 27.49 30.91 2.13
N ASP R 176 28.50 31.08 2.97
CA ASP R 176 29.73 30.35 2.85
C ASP R 176 29.49 28.85 3.06
N ASP R 177 28.50 28.50 3.87
CA ASP R 177 28.25 27.08 4.18
C ASP R 177 26.94 26.48 3.65
N ASP R 178 26.02 27.34 3.23
CA ASP R 178 24.71 26.91 2.72
C ASP R 178 24.53 27.41 1.27
N SER R 179 24.55 26.46 0.31
CA SER R 179 24.40 26.79 -1.09
C SER R 179 23.05 27.45 -1.42
N ALA R 180 22.08 27.34 -0.51
CA ALA R 180 20.78 27.95 -0.75
C ALA R 180 20.72 29.40 -0.28
N THR R 181 21.79 29.89 0.34
CA THR R 181 21.81 31.28 0.78
C THR R 181 22.78 32.05 -0.13
N GLY R 182 22.38 33.24 -0.58
CA GLY R 182 23.26 34.01 -1.46
C GLY R 182 24.28 34.93 -0.83
N GLY R 183 25.53 34.79 -1.22
CA GLY R 183 26.52 35.71 -0.69
C GLY R 183 26.52 37.04 -1.44
N PRO R 184 27.37 37.99 -1.02
CA PRO R 184 27.46 39.30 -1.70
C PRO R 184 27.89 39.04 -3.14
N ASP R 185 27.24 39.67 -4.11
CA ASP R 185 27.61 39.44 -5.51
C ASP R 185 28.34 40.70 -6.00
N LEU R 186 29.66 40.69 -5.94
CA LEU R 186 30.48 41.81 -6.40
C LEU R 186 30.43 42.09 -7.92
N VAL R 187 30.22 41.06 -8.74
CA VAL R 187 30.16 41.28 -10.16
C VAL R 187 28.89 42.08 -10.49
N ARG R 188 27.74 41.68 -9.94
CA ARG R 188 26.50 42.36 -10.25
C ARG R 188 26.20 43.52 -9.31
N GLY R 189 26.96 43.62 -8.22
CA GLY R 189 26.69 44.66 -7.23
C GLY R 189 25.39 44.42 -6.45
N ILE R 190 25.11 43.17 -6.09
CA ILE R 190 23.88 42.89 -5.33
C ILE R 190 24.30 42.41 -3.94
N PHE R 191 23.68 42.99 -2.91
CA PHE R 191 24.02 42.66 -1.54
C PHE R 191 22.79 42.41 -0.71
N PRO R 192 22.98 41.82 0.49
CA PRO R 192 21.85 41.55 1.40
C PRO R 192 21.12 42.88 1.66
N THR R 193 19.83 42.83 2.00
CA THR R 193 19.11 44.04 2.34
C THR R 193 19.00 44.02 3.86
N ALA R 194 18.76 45.17 4.45
CA ALA R 194 18.61 45.28 5.90
C ALA R 194 17.69 46.41 6.28
N VAL R 195 17.11 46.29 7.47
CA VAL R 195 16.22 47.30 8.03
C VAL R 195 16.74 47.53 9.46
N ILE R 196 16.80 48.78 9.89
CA ILE R 196 17.24 49.10 11.24
C ILE R 196 16.05 49.78 11.91
N ILE R 197 15.80 49.44 13.16
CA ILE R 197 14.68 50.05 13.86
C ILE R 197 15.15 50.57 15.23
N ASP R 198 14.85 51.83 15.52
CA ASP R 198 15.18 52.40 16.82
C ASP R 198 14.01 53.32 17.21
N ALA R 199 14.23 54.17 18.23
CA ALA R 199 13.17 55.08 18.68
C ALA R 199 12.57 55.95 17.55
N ASP R 200 13.35 56.25 16.52
CA ASP R 200 12.81 57.04 15.42
C ASP R 200 12.12 56.23 14.37
N GLY R 201 11.98 54.91 14.57
CA GLY R 201 11.29 54.11 13.56
C GLY R 201 12.14 53.18 12.69
N ALA R 202 11.45 52.44 11.86
CA ALA R 202 12.09 51.49 10.97
C ALA R 202 12.52 52.15 9.68
N VAL R 203 13.76 51.93 9.27
CA VAL R 203 14.24 52.50 8.03
C VAL R 203 15.09 51.47 7.26
N ASP R 204 14.99 51.49 5.94
CA ASP R 204 15.80 50.60 5.11
C ASP R 204 17.22 51.08 5.18
N VAL R 205 18.18 50.15 5.26
CA VAL R 205 19.58 50.55 5.29
C VAL R 205 19.99 50.75 3.82
N PRO R 206 20.67 51.86 3.52
CA PRO R 206 21.08 52.07 2.13
C PRO R 206 22.06 51.07 1.64
N GLU R 207 21.85 50.69 0.40
CA GLU R 207 22.71 49.70 -0.20
C GLU R 207 24.20 50.01 -0.08
N SER R 208 24.58 51.28 -0.21
CA SER R 208 26.00 51.58 -0.18
C SER R 208 26.74 51.24 1.15
N ARG R 209 26.13 51.40 2.32
CA ARG R 209 26.85 50.99 3.54
C ARG R 209 26.93 49.46 3.59
N ILE R 210 25.85 48.79 3.18
CA ILE R 210 25.93 47.33 3.19
C ILE R 210 26.97 46.84 2.22
N ALA R 211 27.08 47.46 1.04
CA ALA R 211 28.08 47.04 0.04
C ALA R 211 29.51 47.24 0.61
N GLU R 212 29.74 48.41 1.22
CA GLU R 212 31.04 48.68 1.86
C GLU R 212 31.37 47.61 2.91
N LEU R 213 30.44 47.37 3.83
CA LEU R 213 30.66 46.39 4.90
C LEU R 213 31.00 45.04 4.30
N ALA R 214 30.24 44.67 3.26
CA ALA R 214 30.44 43.38 2.62
C ALA R 214 31.84 43.24 2.00
N ARG R 215 32.27 44.20 1.18
CA ARG R 215 33.64 44.13 0.63
C ARG R 215 34.66 44.09 1.78
N ALA R 216 34.42 44.85 2.86
CA ALA R 216 35.38 44.84 3.99
C ALA R 216 35.43 43.46 4.62
N ILE R 217 34.29 42.78 4.70
CA ILE R 217 34.31 41.43 5.30
C ILE R 217 35.11 40.50 4.41
N ILE R 218 34.85 40.58 3.11
CA ILE R 218 35.56 39.78 2.12
C ILE R 218 37.11 40.04 2.11
N GLU R 219 37.54 41.29 2.05
CA GLU R 219 38.98 41.59 2.09
C GLU R 219 39.60 41.06 3.39
N SER R 220 38.86 41.21 4.48
CA SER R 220 39.34 40.74 5.78
C SER R 220 39.52 39.22 5.79
N ARG R 221 38.57 38.49 5.21
CA ARG R 221 38.71 37.03 5.15
C ARG R 221 39.78 36.63 4.16
N SER R 222 39.94 37.45 3.12
CA SER R 222 40.99 37.18 2.16
C SER R 222 42.35 37.31 2.90
N GLY R 223 42.50 38.35 3.70
CA GLY R 223 43.75 38.53 4.43
C GLY R 223 44.00 37.37 5.38
N ALA R 224 43.00 37.03 6.23
CA ALA R 224 43.12 35.94 7.20
C ALA R 224 43.42 34.62 6.53
N ASP R 225 42.78 34.38 5.38
CA ASP R 225 43.09 33.14 4.69
C ASP R 225 44.59 33.05 4.30
N THR R 226 45.18 34.12 3.79
CA THR R 226 46.59 34.11 3.44
C THR R 226 47.47 33.98 4.70
N PHE R 227 47.08 34.65 5.78
CA PHE R 227 47.85 34.56 7.04
C PHE R 227 47.80 33.13 7.57
N GLY R 228 46.64 32.48 7.41
CA GLY R 228 46.48 31.12 7.90
C GLY R 228 47.17 30.04 7.08
N SER R 229 46.88 28.81 7.48
CA SER R 229 47.41 27.61 6.83
C SER R 229 46.75 26.35 7.42
N ASP R 230 47.06 25.20 6.85
CA ASP R 230 46.53 23.96 7.46
C ASP R 230 47.53 23.29 8.42
N GLY R 231 47.51 23.71 9.69
CA GLY R 231 48.45 23.21 10.67
C GLY R 231 49.86 23.38 10.09
N GLY R 232 50.09 24.50 9.40
CA GLY R 232 51.39 24.80 8.82
C GLY R 232 51.50 24.78 7.29
N GLU R 233 50.62 24.04 6.64
CA GLU R 233 50.65 23.91 5.17
C GLU R 233 49.68 24.86 4.45
N LYS R 234 50.16 25.52 3.40
CA LYS R 234 49.31 26.41 2.60
C LYS R 234 49.16 25.75 1.23
N HIS R 235 47.94 25.29 0.96
CA HIS R 235 47.58 24.58 -0.28
C HIS R 235 47.20 25.45 -1.48
N HIS R 236 46.83 26.71 -1.20
CA HIS R 236 46.44 27.64 -2.25
C HIS R 236 47.01 29.03 -2.05
N HIS R 237 47.21 29.71 -3.16
CA HIS R 237 47.71 31.06 -3.12
C HIS R 237 46.78 31.88 -3.98
N HIS R 238 46.50 33.09 -3.54
CA HIS R 238 45.68 33.98 -4.29
C HIS R 238 46.74 34.41 -5.29
N HIS R 239 46.35 35.01 -6.41
CA HIS R 239 47.37 35.42 -7.37
C HIS R 239 47.27 36.91 -7.75
N ILE S 7 57.87 -46.15 -14.84
CA ILE S 7 58.49 -44.91 -15.40
C ILE S 7 59.02 -44.00 -14.27
N SER S 8 59.80 -42.97 -14.65
CA SER S 8 60.36 -41.99 -13.69
C SER S 8 60.10 -40.57 -14.23
N PRO S 9 59.95 -39.56 -13.35
CA PRO S 9 59.70 -38.17 -13.79
C PRO S 9 60.39 -37.77 -15.09
N GLU S 10 61.66 -38.13 -15.23
CA GLU S 10 62.40 -37.83 -16.45
C GLU S 10 62.01 -38.85 -17.52
N GLN S 11 61.62 -40.05 -17.08
CA GLN S 11 61.21 -41.09 -18.01
C GLN S 11 59.86 -40.76 -18.61
N ALA S 12 58.97 -40.21 -17.80
CA ALA S 12 57.66 -39.83 -18.30
C ALA S 12 57.91 -38.82 -19.44
N MET S 13 58.64 -37.76 -19.10
CA MET S 13 58.98 -36.71 -20.06
C MET S 13 59.38 -37.29 -21.41
N ARG S 14 60.33 -38.23 -21.36
CA ARG S 14 60.86 -38.89 -22.55
C ARG S 14 59.77 -39.59 -23.34
N GLU S 15 59.09 -40.53 -22.67
CA GLU S 15 58.00 -41.30 -23.25
C GLU S 15 57.09 -40.39 -24.07
N ARG S 16 56.43 -39.49 -23.35
CA ARG S 16 55.49 -38.54 -23.93
C ARG S 16 56.03 -37.84 -25.15
N SER S 17 57.17 -37.20 -24.97
CA SER S 17 57.82 -36.47 -26.04
C SER S 17 57.94 -37.37 -27.27
N GLU S 18 58.33 -38.62 -27.04
CA GLU S 18 58.48 -39.53 -28.17
C GLU S 18 57.14 -39.86 -28.81
N LEU S 19 56.18 -40.12 -27.96
CA LEU S 19 54.84 -40.45 -28.42
C LEU S 19 54.33 -39.34 -29.34
N ALA S 20 54.60 -38.10 -28.95
CA ALA S 20 54.15 -36.97 -29.74
C ALA S 20 54.94 -36.80 -31.00
N ARG S 21 56.26 -36.83 -30.88
CA ARG S 21 57.13 -36.68 -32.05
C ARG S 21 56.76 -37.73 -33.11
N LYS S 22 56.50 -38.95 -32.65
CA LYS S 22 56.14 -40.04 -33.54
C LYS S 22 54.87 -39.71 -34.29
N GLY S 23 53.83 -39.36 -33.53
CA GLY S 23 52.56 -39.01 -34.16
C GLY S 23 52.66 -37.90 -35.21
N ILE S 24 53.41 -36.86 -34.87
CA ILE S 24 53.59 -35.74 -35.78
C ILE S 24 54.41 -36.18 -36.98
N ALA S 25 55.51 -36.89 -36.72
CA ALA S 25 56.40 -37.39 -37.77
C ALA S 25 55.64 -38.21 -38.80
N ARG S 26 54.67 -38.99 -38.33
CA ARG S 26 53.86 -39.86 -39.16
C ARG S 26 52.70 -39.18 -39.92
N ALA S 27 52.67 -37.84 -39.93
CA ALA S 27 51.58 -37.13 -40.58
C ALA S 27 51.96 -36.24 -41.76
N LYS S 28 50.94 -35.80 -42.51
CA LYS S 28 51.13 -34.94 -43.67
C LYS S 28 51.86 -33.67 -43.26
N SER S 29 52.44 -32.98 -44.23
CA SER S 29 53.18 -31.76 -43.92
C SER S 29 52.51 -30.46 -44.33
N VAL S 30 52.88 -29.40 -43.63
CA VAL S 30 52.32 -28.09 -43.90
C VAL S 30 53.40 -27.05 -43.87
N VAL S 31 53.28 -26.05 -44.73
CA VAL S 31 54.24 -24.96 -44.70
C VAL S 31 53.51 -23.60 -44.75
N ALA S 32 54.10 -22.62 -44.09
CA ALA S 32 53.53 -21.28 -44.10
C ALA S 32 54.74 -20.38 -44.35
N LEU S 33 54.59 -19.43 -45.28
CA LEU S 33 55.68 -18.54 -45.58
C LEU S 33 55.23 -17.14 -45.91
N ALA S 34 56.05 -16.18 -45.53
CA ALA S 34 55.74 -14.79 -45.78
C ALA S 34 56.00 -14.51 -47.23
N TYR S 35 55.15 -13.70 -47.85
CA TYR S 35 55.36 -13.35 -49.24
C TYR S 35 54.94 -11.89 -49.40
N ALA S 36 55.05 -11.36 -50.60
CA ALA S 36 54.71 -9.97 -50.84
C ALA S 36 53.33 -9.54 -50.34
N GLY S 37 52.31 -10.34 -50.62
CA GLY S 37 50.95 -10.00 -50.23
C GLY S 37 50.47 -10.39 -48.84
N GLY S 38 51.35 -10.99 -48.04
CA GLY S 38 50.95 -11.38 -46.70
C GLY S 38 51.55 -12.72 -46.31
N VAL S 39 50.71 -13.69 -46.01
CA VAL S 39 51.21 -15.01 -45.66
C VAL S 39 50.47 -16.06 -46.47
N LEU S 40 51.21 -17.09 -46.86
CA LEU S 40 50.66 -18.19 -47.65
C LEU S 40 50.72 -19.51 -46.88
N PHE S 41 49.60 -20.21 -46.91
CA PHE S 41 49.47 -21.51 -46.23
C PHE S 41 49.26 -22.62 -47.26
N VAL S 42 50.13 -23.61 -47.23
CA VAL S 42 49.98 -24.74 -48.15
C VAL S 42 50.19 -26.02 -47.39
N ALA S 43 49.19 -26.89 -47.48
CA ALA S 43 49.25 -28.16 -46.79
C ALA S 43 48.86 -29.31 -47.70
N GLU S 44 49.47 -30.45 -47.42
CA GLU S 44 49.19 -31.69 -48.16
C GLU S 44 47.88 -32.19 -47.56
N ASN S 45 46.79 -32.06 -48.30
CA ASN S 45 45.53 -32.50 -47.75
C ASN S 45 44.55 -33.05 -48.76
N PRO S 46 44.38 -34.38 -48.78
CA PRO S 46 43.48 -35.07 -49.70
C PRO S 46 42.01 -34.75 -49.44
N SER S 47 41.61 -34.72 -48.17
CA SER S 47 40.22 -34.47 -47.81
C SER S 47 39.68 -33.17 -48.37
N ARG S 48 38.36 -33.15 -48.54
CA ARG S 48 37.69 -31.98 -49.06
C ARG S 48 36.94 -31.30 -47.93
N SER S 49 36.63 -32.06 -46.88
CA SER S 49 35.89 -31.54 -45.72
C SER S 49 36.73 -31.21 -44.49
N LEU S 50 37.70 -32.05 -44.18
CA LEU S 50 38.54 -31.84 -43.01
C LEU S 50 39.68 -30.88 -43.34
N GLN S 51 39.74 -29.75 -42.63
CA GLN S 51 40.76 -28.75 -42.91
C GLN S 51 41.87 -28.58 -41.87
N LYS S 52 43.05 -28.20 -42.34
CA LYS S 52 44.24 -28.01 -41.49
C LYS S 52 44.65 -26.53 -41.43
N ILE S 53 44.00 -25.71 -42.25
CA ILE S 53 44.29 -24.30 -42.29
C ILE S 53 43.01 -23.54 -42.03
N SER S 54 43.05 -22.55 -41.14
CA SER S 54 41.83 -21.83 -40.78
C SER S 54 42.04 -20.39 -40.36
N GLU S 55 40.98 -19.60 -40.50
CA GLU S 55 41.00 -18.23 -40.05
C GLU S 55 40.85 -18.26 -38.51
N LEU S 56 41.56 -17.39 -37.79
CA LEU S 56 41.40 -17.31 -36.33
C LEU S 56 40.66 -15.98 -36.02
N TYR S 57 41.21 -14.88 -36.52
CA TYR S 57 40.66 -13.55 -36.31
C TYR S 57 40.91 -12.69 -37.54
N ASP S 58 40.54 -11.41 -37.51
CA ASP S 58 40.72 -10.55 -38.67
C ASP S 58 42.04 -10.68 -39.49
N ARG S 59 43.19 -10.57 -38.84
CA ARG S 59 44.47 -10.65 -39.53
C ARG S 59 45.26 -11.86 -39.05
N VAL S 60 44.60 -12.79 -38.36
CA VAL S 60 45.32 -13.92 -37.83
C VAL S 60 44.89 -15.26 -38.40
N GLY S 61 45.88 -16.06 -38.81
CA GLY S 61 45.61 -17.35 -39.40
C GLY S 61 46.18 -18.48 -38.58
N PHE S 62 45.69 -19.68 -38.84
CA PHE S 62 46.06 -20.89 -38.14
C PHE S 62 46.32 -22.05 -39.11
N ALA S 63 47.36 -22.83 -38.81
CA ALA S 63 47.68 -24.02 -39.60
C ALA S 63 48.24 -25.07 -38.63
N ALA S 64 47.91 -26.33 -38.87
CA ALA S 64 48.40 -27.37 -37.98
C ALA S 64 48.69 -28.69 -38.68
N ALA S 65 49.47 -29.52 -38.01
CA ALA S 65 49.82 -30.83 -38.52
C ALA S 65 49.71 -31.74 -37.34
N GLY S 66 49.30 -32.97 -37.58
CA GLY S 66 49.17 -33.91 -36.47
C GLY S 66 47.82 -34.58 -36.49
N LYS S 67 47.36 -35.01 -35.33
CA LYS S 67 46.07 -35.68 -35.19
C LYS S 67 44.94 -34.62 -35.35
N PHE S 68 44.07 -34.79 -36.34
CA PHE S 68 42.98 -33.85 -36.59
C PHE S 68 42.08 -33.51 -35.39
N ASN S 69 41.46 -34.51 -34.76
CA ASN S 69 40.58 -34.22 -33.66
C ASN S 69 41.31 -33.36 -32.61
N GLU S 70 42.61 -33.52 -32.48
CA GLU S 70 43.32 -32.72 -31.50
C GLU S 70 43.59 -31.28 -31.94
N PHE S 71 44.05 -31.07 -33.17
CA PHE S 71 44.31 -29.68 -33.54
C PHE S 71 43.04 -28.92 -33.93
N ASP S 72 41.98 -29.62 -34.27
CA ASP S 72 40.72 -28.93 -34.58
C ASP S 72 40.20 -28.43 -33.20
N ASN S 73 40.43 -29.23 -32.17
CA ASN S 73 40.04 -28.87 -30.85
C ASN S 73 40.69 -27.53 -30.54
N LEU S 74 42.02 -27.47 -30.75
CA LEU S 74 42.81 -26.27 -30.52
C LEU S 74 42.38 -25.09 -31.40
N ARG S 75 41.98 -25.37 -32.63
CA ARG S 75 41.53 -24.33 -33.56
C ARG S 75 40.28 -23.66 -32.99
N ARG S 76 39.34 -24.48 -32.54
CA ARG S 76 38.10 -23.97 -31.96
C ARG S 76 38.39 -23.16 -30.70
N GLY S 77 39.25 -23.70 -29.84
CA GLY S 77 39.61 -22.99 -28.61
C GLY S 77 40.22 -21.63 -28.92
N GLY S 78 40.96 -21.54 -30.02
CA GLY S 78 41.60 -20.29 -30.39
C GLY S 78 40.60 -19.28 -30.89
N ILE S 79 39.66 -19.73 -31.71
CA ILE S 79 38.63 -18.86 -32.23
C ILE S 79 37.81 -18.35 -31.00
N GLN S 80 37.51 -19.25 -30.07
CA GLN S 80 36.79 -18.89 -28.86
C GLN S 80 37.56 -17.76 -28.12
N PHE S 81 38.84 -17.98 -27.88
CA PHE S 81 39.68 -17.02 -27.18
C PHE S 81 39.68 -15.67 -27.86
N ALA S 82 39.91 -15.66 -29.18
CA ALA S 82 40.00 -14.44 -29.94
C ALA S 82 38.70 -13.64 -29.98
N ASP S 83 37.59 -14.34 -30.24
CA ASP S 83 36.30 -13.65 -30.29
C ASP S 83 35.94 -13.05 -28.93
N THR S 84 36.23 -13.78 -27.87
CA THR S 84 35.94 -13.29 -26.53
C THR S 84 36.79 -12.06 -26.19
N ARG S 85 38.07 -12.11 -26.53
CA ARG S 85 38.97 -10.99 -26.28
C ARG S 85 38.60 -9.74 -27.08
N GLY S 86 38.23 -9.90 -28.34
CA GLY S 86 37.90 -8.77 -29.17
C GLY S 86 36.61 -8.13 -28.73
N TYR S 87 35.74 -8.95 -28.13
CA TYR S 87 34.46 -8.44 -27.69
C TYR S 87 34.62 -7.67 -26.35
N ALA S 88 35.44 -8.23 -25.47
CA ALA S 88 35.71 -7.66 -24.15
C ALA S 88 36.60 -6.38 -24.22
N TYR S 89 37.41 -6.23 -25.27
CA TYR S 89 38.24 -5.04 -25.44
C TYR S 89 37.84 -4.46 -26.76
N ASP S 90 38.70 -4.60 -27.78
CA ASP S 90 38.33 -4.16 -29.14
C ASP S 90 38.98 -5.12 -30.14
N ARG S 91 38.44 -5.20 -31.35
CA ARG S 91 38.98 -6.11 -32.37
C ARG S 91 40.48 -5.91 -32.55
N ARG S 92 40.87 -4.66 -32.69
CA ARG S 92 42.27 -4.34 -32.90
C ARG S 92 43.17 -4.66 -31.74
N ASP S 93 42.61 -5.18 -30.68
CA ASP S 93 43.42 -5.56 -29.53
C ASP S 93 43.82 -7.03 -29.58
N VAL S 94 43.25 -7.80 -30.52
CA VAL S 94 43.59 -9.24 -30.67
C VAL S 94 44.82 -9.33 -31.58
N THR S 95 45.82 -10.11 -31.18
CA THR S 95 47.05 -10.22 -31.98
C THR S 95 47.56 -11.64 -32.10
N GLY S 96 48.35 -11.87 -33.15
CA GLY S 96 48.92 -13.19 -33.39
C GLY S 96 49.76 -13.64 -32.23
N ARG S 97 50.53 -12.71 -31.65
CA ARG S 97 51.39 -13.00 -30.51
C ARG S 97 50.53 -13.51 -29.33
N GLN S 98 49.36 -12.89 -29.11
CA GLN S 98 48.48 -13.33 -28.02
C GLN S 98 48.00 -14.74 -28.24
N LEU S 99 47.56 -15.03 -29.46
CA LEU S 99 47.08 -16.39 -29.77
C LEU S 99 48.19 -17.44 -29.60
N ALA S 100 49.40 -17.16 -30.10
CA ALA S 100 50.52 -18.09 -29.99
C ALA S 100 50.81 -18.35 -28.52
N ASN S 101 50.82 -17.26 -27.75
CA ASN S 101 51.07 -17.30 -26.32
C ASN S 101 50.06 -18.23 -25.64
N VAL S 102 48.78 -18.07 -26.00
CA VAL S 102 47.70 -18.90 -25.43
C VAL S 102 47.86 -20.38 -25.82
N TYR S 103 48.25 -20.63 -27.08
CA TYR S 103 48.43 -22.01 -27.52
C TYR S 103 49.61 -22.62 -26.77
N ALA S 104 50.68 -21.84 -26.60
CA ALA S 104 51.86 -22.32 -25.88
C ALA S 104 51.44 -22.79 -24.49
N GLN S 105 50.69 -21.94 -23.80
CA GLN S 105 50.25 -22.26 -22.45
C GLN S 105 49.32 -23.47 -22.43
N THR S 106 48.47 -23.59 -23.44
CA THR S 106 47.53 -24.69 -23.47
C THR S 106 48.20 -26.03 -23.73
N LEU S 107 49.07 -26.07 -24.75
CA LEU S 107 49.78 -27.30 -25.06
C LEU S 107 50.67 -27.68 -23.89
N GLY S 108 51.30 -26.68 -23.28
CA GLY S 108 52.15 -26.96 -22.15
C GLY S 108 51.36 -27.67 -21.06
N THR S 109 50.15 -27.20 -20.80
CA THR S 109 49.34 -27.82 -19.76
C THR S 109 48.90 -29.21 -20.18
N ILE S 110 48.53 -29.38 -21.45
CA ILE S 110 48.10 -30.69 -21.93
C ILE S 110 49.24 -31.69 -21.79
N PHE S 111 50.40 -31.29 -22.30
CA PHE S 111 51.59 -32.12 -22.27
C PHE S 111 51.94 -32.61 -20.88
N THR S 112 51.71 -31.75 -19.90
CA THR S 112 52.04 -32.03 -18.51
C THR S 112 50.92 -32.69 -17.72
N GLU S 113 49.69 -32.29 -17.96
CA GLU S 113 48.56 -32.78 -17.17
C GLU S 113 47.63 -33.83 -17.78
N GLN S 114 47.57 -33.94 -19.10
CA GLN S 114 46.69 -34.94 -19.70
C GLN S 114 47.34 -36.32 -19.89
N ALA S 115 46.52 -37.35 -20.02
CA ALA S 115 47.01 -38.70 -20.18
C ALA S 115 47.86 -38.83 -21.44
N LYS S 116 47.43 -38.25 -22.54
CA LYS S 116 48.23 -38.36 -23.73
C LYS S 116 48.54 -37.00 -24.27
N PRO S 117 49.82 -36.67 -24.41
CA PRO S 117 50.11 -35.34 -24.95
C PRO S 117 49.46 -35.25 -26.32
N TYR S 118 49.26 -34.03 -26.80
CA TYR S 118 48.65 -33.82 -28.10
C TYR S 118 49.70 -34.01 -29.17
N GLU S 119 49.36 -34.81 -30.18
CA GLU S 119 50.25 -35.08 -31.29
C GLU S 119 49.98 -34.00 -32.33
N VAL S 120 50.43 -32.79 -32.06
CA VAL S 120 50.17 -31.69 -33.00
C VAL S 120 51.31 -30.70 -33.00
N GLU S 121 51.35 -29.92 -34.08
CA GLU S 121 52.33 -28.85 -34.18
C GLU S 121 51.51 -27.71 -34.84
N LEU S 122 51.55 -26.52 -34.22
CA LEU S 122 50.75 -25.41 -34.70
C LEU S 122 51.54 -24.24 -35.21
N CYS S 123 50.93 -23.51 -36.13
CA CYS S 123 51.52 -22.28 -36.63
C CYS S 123 50.46 -21.18 -36.60
N VAL S 124 50.79 -20.07 -35.96
CA VAL S 124 49.88 -18.93 -35.91
C VAL S 124 50.55 -17.82 -36.69
N ALA S 125 49.85 -17.21 -37.63
CA ALA S 125 50.42 -16.14 -38.43
C ALA S 125 49.56 -14.90 -38.41
N GLU S 126 50.20 -13.75 -38.53
CA GLU S 126 49.50 -12.48 -38.55
C GLU S 126 50.11 -11.56 -39.61
N VAL S 127 49.25 -10.83 -40.31
CA VAL S 127 49.73 -9.88 -41.29
C VAL S 127 49.29 -8.52 -40.81
N ALA S 128 49.82 -7.48 -41.42
CA ALA S 128 49.47 -6.11 -41.05
C ALA S 128 48.00 -5.79 -41.31
N HIS S 129 47.53 -4.73 -40.64
CA HIS S 129 46.16 -4.25 -40.79
C HIS S 129 46.12 -3.51 -42.11
N TYR S 130 44.94 -3.42 -42.71
CA TYR S 130 44.80 -2.75 -44.00
C TYR S 130 45.54 -1.42 -44.08
N GLY S 131 46.21 -1.18 -45.20
CA GLY S 131 46.93 0.07 -45.39
C GLY S 131 48.01 0.38 -44.37
N GLU S 132 48.43 -0.64 -43.64
CA GLU S 132 49.46 -0.51 -42.61
C GLU S 132 50.67 -1.22 -43.15
N THR S 133 51.82 -0.99 -42.54
CA THR S 133 53.02 -1.66 -43.01
C THR S 133 53.67 -2.33 -41.84
N LYS S 134 53.85 -3.63 -41.96
CA LYS S 134 54.46 -4.43 -40.91
C LYS S 134 54.80 -5.80 -41.49
N ARG S 135 55.93 -6.34 -41.08
CA ARG S 135 56.35 -7.63 -41.59
C ARG S 135 55.46 -8.71 -41.01
N PRO S 136 55.03 -9.67 -41.85
CA PRO S 136 54.18 -10.75 -41.34
C PRO S 136 54.90 -11.39 -40.17
N GLU S 137 54.14 -12.03 -39.29
CA GLU S 137 54.73 -12.69 -38.15
C GLU S 137 54.29 -14.12 -38.21
N LEU S 138 55.20 -15.03 -37.87
CA LEU S 138 54.89 -16.46 -37.90
C LEU S 138 55.37 -17.05 -36.61
N TYR S 139 54.53 -17.85 -35.98
CA TYR S 139 54.93 -18.48 -34.73
C TYR S 139 54.67 -19.97 -34.86
N ARG S 140 55.53 -20.76 -34.22
CA ARG S 140 55.34 -22.20 -34.22
C ARG S 140 55.23 -22.60 -32.75
N ILE S 141 54.24 -23.42 -32.45
CA ILE S 141 54.07 -23.90 -31.10
C ILE S 141 54.19 -25.42 -31.10
N THR S 142 55.09 -25.92 -30.27
CA THR S 142 55.34 -27.37 -30.16
C THR S 142 54.32 -28.10 -29.28
N TYR S 143 54.33 -29.42 -29.38
CA TYR S 143 53.43 -30.28 -28.62
C TYR S 143 53.66 -30.05 -27.15
N ASP S 144 54.92 -29.82 -26.78
CA ASP S 144 55.32 -29.54 -25.41
C ASP S 144 54.94 -28.13 -24.97
N GLY S 145 54.51 -27.31 -25.94
CA GLY S 145 54.15 -25.93 -25.65
C GLY S 145 55.24 -24.91 -25.91
N SER S 146 56.36 -25.36 -26.47
CA SER S 146 57.46 -24.46 -26.80
C SER S 146 56.99 -23.55 -27.92
N ILE S 147 57.51 -22.33 -27.98
CA ILE S 147 57.05 -21.39 -28.99
C ILE S 147 58.25 -20.74 -29.64
N ALA S 148 58.16 -20.51 -30.95
CA ALA S 148 59.29 -19.92 -31.65
C ALA S 148 58.82 -18.91 -32.66
N ASP S 149 59.57 -17.83 -32.74
CA ASP S 149 59.28 -16.73 -33.65
C ASP S 149 60.06 -16.95 -34.96
N GLU S 150 59.38 -17.35 -36.02
CA GLU S 150 60.04 -17.60 -37.31
C GLU S 150 59.87 -16.38 -38.19
N PRO S 151 60.95 -15.93 -38.85
CA PRO S 151 60.87 -14.74 -39.71
C PRO S 151 60.46 -14.92 -41.16
N HIS S 152 60.68 -16.10 -41.73
CA HIS S 152 60.37 -16.30 -43.13
C HIS S 152 59.37 -17.40 -43.46
N PHE S 153 59.51 -18.53 -42.78
CA PHE S 153 58.63 -19.65 -43.04
C PHE S 153 58.62 -20.65 -41.90
N VAL S 154 57.60 -21.50 -41.89
CA VAL S 154 57.47 -22.54 -40.87
C VAL S 154 57.09 -23.81 -41.59
N VAL S 155 57.61 -24.93 -41.09
CA VAL S 155 57.32 -26.24 -41.66
C VAL S 155 56.94 -27.17 -40.52
N MET S 156 55.84 -27.90 -40.69
CA MET S 156 55.39 -28.80 -39.64
C MET S 156 54.80 -30.06 -40.22
N GLY S 157 54.92 -31.14 -39.46
CA GLY S 157 54.38 -32.42 -39.88
C GLY S 157 55.29 -33.28 -40.74
N GLY S 158 55.20 -34.60 -40.56
CA GLY S 158 56.02 -35.52 -41.31
C GLY S 158 57.51 -35.29 -41.18
N THR S 159 58.23 -35.45 -42.30
CA THR S 159 59.67 -35.24 -42.33
C THR S 159 59.87 -33.81 -42.83
N THR S 160 60.26 -32.95 -41.89
CA THR S 160 60.45 -31.54 -42.17
C THR S 160 61.79 -31.16 -42.78
N GLU S 161 62.86 -31.82 -42.33
CA GLU S 161 64.22 -31.58 -42.83
C GLU S 161 64.30 -31.27 -44.32
N PRO S 162 63.85 -32.21 -45.16
CA PRO S 162 63.87 -32.04 -46.62
C PRO S 162 63.14 -30.77 -47.09
N ILE S 163 61.92 -30.58 -46.59
CA ILE S 163 61.09 -29.42 -46.93
C ILE S 163 61.72 -28.14 -46.41
N ALA S 164 62.28 -28.21 -45.21
CA ALA S 164 62.93 -27.07 -44.59
C ALA S 164 64.05 -26.55 -45.49
N ASN S 165 65.02 -27.42 -45.75
CA ASN S 165 66.15 -27.07 -46.60
C ASN S 165 65.70 -26.60 -47.99
N ALA S 166 64.79 -27.34 -48.59
CA ALA S 166 64.26 -27.00 -49.91
C ALA S 166 63.79 -25.54 -49.94
N LEU S 167 63.17 -25.13 -48.84
CA LEU S 167 62.75 -23.76 -48.59
C LEU S 167 63.88 -22.77 -48.31
N LYS S 168 64.85 -23.15 -47.49
CA LYS S 168 65.89 -22.19 -47.15
C LYS S 168 66.48 -21.80 -48.47
N GLU S 169 66.60 -22.80 -49.37
CA GLU S 169 67.15 -22.64 -50.73
C GLU S 169 66.39 -21.78 -51.77
N SER S 170 65.07 -21.96 -51.83
CA SER S 170 64.24 -21.19 -52.73
C SER S 170 63.54 -20.01 -52.04
N TYR S 171 63.80 -19.79 -50.76
CA TYR S 171 63.11 -18.69 -50.09
C TYR S 171 63.50 -17.33 -50.61
N ALA S 172 62.54 -16.72 -51.30
CA ALA S 172 62.70 -15.39 -51.88
C ALA S 172 61.75 -14.44 -51.15
N GLU S 173 62.31 -13.46 -50.44
CA GLU S 173 61.48 -12.49 -49.75
C GLU S 173 60.73 -11.66 -50.77
N ASN S 174 59.50 -11.30 -50.43
CA ASN S 174 58.67 -10.47 -51.30
C ASN S 174 58.31 -11.17 -52.60
N ALA S 175 58.37 -12.50 -52.59
CA ALA S 175 58.01 -13.28 -53.77
C ALA S 175 56.56 -12.95 -54.06
N SER S 176 56.12 -13.02 -55.31
CA SER S 176 54.72 -12.73 -55.59
C SER S 176 53.95 -13.95 -55.11
N LEU S 177 52.62 -13.90 -55.21
CA LEU S 177 51.83 -15.04 -54.77
C LEU S 177 52.19 -16.30 -55.56
N THR S 178 52.19 -16.19 -56.89
CA THR S 178 52.51 -17.34 -57.73
C THR S 178 53.89 -17.93 -57.46
N ASP S 179 54.90 -17.07 -57.35
CA ASP S 179 56.26 -17.53 -57.08
C ASP S 179 56.32 -18.24 -55.73
N ALA S 180 55.64 -17.66 -54.74
CA ALA S 180 55.59 -18.21 -53.39
C ALA S 180 54.87 -19.57 -53.41
N LEU S 181 53.77 -19.65 -54.12
CA LEU S 181 53.01 -20.90 -54.19
C LEU S 181 53.91 -22.01 -54.75
N ARG S 182 54.50 -21.75 -55.93
CA ARG S 182 55.41 -22.69 -56.58
C ARG S 182 56.51 -23.14 -55.62
N ILE S 183 57.29 -22.16 -55.13
CA ILE S 183 58.37 -22.44 -54.18
C ILE S 183 57.90 -23.37 -53.07
N ALA S 184 56.70 -23.10 -52.56
CA ALA S 184 56.12 -23.89 -51.49
C ALA S 184 55.74 -25.31 -51.92
N VAL S 185 54.92 -25.42 -52.97
CA VAL S 185 54.51 -26.73 -53.45
C VAL S 185 55.74 -27.58 -53.76
N ALA S 186 56.80 -26.93 -54.24
CA ALA S 186 58.04 -27.61 -54.57
C ALA S 186 58.68 -28.15 -53.29
N ALA S 187 59.15 -27.25 -52.44
CA ALA S 187 59.79 -27.62 -51.19
C ALA S 187 59.00 -28.69 -50.45
N LEU S 188 57.69 -28.74 -50.72
CA LEU S 188 56.82 -29.71 -50.07
C LEU S 188 57.07 -31.10 -50.65
N ARG S 189 57.16 -31.19 -51.97
CA ARG S 189 57.37 -32.47 -52.63
C ARG S 189 58.68 -33.08 -52.15
N ALA S 190 59.68 -32.23 -51.95
CA ALA S 190 60.98 -32.69 -51.50
C ALA S 190 60.84 -33.93 -50.63
N GLY S 204 49.34 -30.54 -57.16
CA GLY S 204 48.25 -31.46 -56.94
C GLY S 204 47.05 -30.81 -56.28
N VAL S 205 46.16 -30.25 -57.09
CA VAL S 205 45.01 -29.51 -56.56
C VAL S 205 43.95 -30.38 -55.90
N ALA S 206 44.12 -31.70 -56.01
CA ALA S 206 43.20 -32.62 -55.35
C ALA S 206 43.85 -33.19 -54.09
N SER S 207 45.12 -32.86 -53.89
CA SER S 207 45.85 -33.31 -52.72
C SER S 207 46.49 -32.14 -51.98
N LEU S 208 45.85 -30.98 -52.03
CA LEU S 208 46.39 -29.80 -51.37
C LEU S 208 45.32 -28.94 -50.71
N GLU S 209 45.78 -28.06 -49.83
CA GLU S 209 44.92 -27.07 -49.19
C GLU S 209 45.67 -25.74 -49.18
N VAL S 210 45.07 -24.72 -49.77
CA VAL S 210 45.75 -23.45 -49.96
C VAL S 210 44.92 -22.26 -49.48
N ALA S 211 45.56 -21.36 -48.75
CA ALA S 211 44.91 -20.16 -48.27
C ALA S 211 45.94 -19.10 -47.95
N VAL S 212 45.50 -17.84 -47.95
CA VAL S 212 46.40 -16.75 -47.62
C VAL S 212 45.78 -15.79 -46.62
N LEU S 213 46.66 -15.09 -45.92
CA LEU S 213 46.28 -14.01 -45.04
C LEU S 213 46.66 -12.85 -45.98
N ASP S 214 45.68 -12.34 -46.70
CA ASP S 214 45.95 -11.30 -47.67
C ASP S 214 45.86 -9.95 -46.98
N ALA S 215 47.01 -9.30 -46.80
CA ALA S 215 47.08 -8.02 -46.10
C ALA S 215 46.28 -6.94 -46.82
N ASN S 216 46.00 -7.19 -48.08
CA ASN S 216 45.28 -6.24 -48.91
C ASN S 216 43.78 -6.17 -48.62
N ARG S 217 43.27 -7.14 -47.87
CA ARG S 217 41.84 -7.21 -47.58
C ARG S 217 41.58 -6.19 -46.46
N PRO S 218 40.49 -5.41 -46.60
CA PRO S 218 40.13 -4.39 -45.60
C PRO S 218 40.06 -4.88 -44.16
N ARG S 219 39.35 -5.98 -43.90
CA ARG S 219 39.28 -6.50 -42.53
C ARG S 219 39.66 -7.96 -42.38
N ARG S 220 38.89 -8.85 -42.99
CA ARG S 220 39.20 -10.29 -42.88
C ARG S 220 40.21 -10.66 -43.96
N ALA S 221 41.44 -10.91 -43.51
CA ALA S 221 42.53 -11.25 -44.40
C ALA S 221 42.51 -12.67 -44.91
N PHE S 222 41.95 -13.61 -44.13
CA PHE S 222 41.92 -15.01 -44.53
C PHE S 222 41.11 -15.22 -45.78
N ARG S 223 41.70 -15.93 -46.72
CA ARG S 223 41.10 -16.19 -48.04
C ARG S 223 41.58 -17.55 -48.57
N ARG S 224 40.64 -18.44 -48.89
CA ARG S 224 41.00 -19.76 -49.42
C ARG S 224 41.17 -19.68 -50.93
N ILE S 225 42.17 -20.38 -51.44
CA ILE S 225 42.44 -20.43 -52.87
C ILE S 225 42.20 -21.88 -53.31
N THR S 226 41.09 -22.10 -54.03
CA THR S 226 40.76 -23.46 -54.45
C THR S 226 40.26 -23.59 -55.88
N GLY S 227 40.04 -24.84 -56.27
CA GLY S 227 39.54 -25.16 -57.59
C GLY S 227 40.29 -24.53 -58.75
N SER S 228 39.51 -24.06 -59.74
CA SER S 228 40.08 -23.44 -60.93
C SER S 228 41.03 -22.32 -60.55
N ALA S 229 40.60 -21.47 -59.63
CA ALA S 229 41.42 -20.35 -59.18
C ALA S 229 42.80 -20.85 -58.73
N LEU S 230 42.81 -21.90 -57.92
CA LEU S 230 44.06 -22.49 -57.45
C LEU S 230 44.83 -23.06 -58.62
N GLN S 231 44.08 -23.70 -59.52
CA GLN S 231 44.65 -24.30 -60.71
C GLN S 231 45.54 -23.29 -61.43
N ALA S 232 44.98 -22.15 -61.80
CA ALA S 232 45.70 -21.10 -62.51
C ALA S 232 47.04 -20.66 -61.89
N LEU S 233 47.22 -20.85 -60.59
CA LEU S 233 48.48 -20.44 -59.96
C LEU S 233 49.50 -21.54 -59.96
N LEU S 234 49.02 -22.75 -60.22
CA LEU S 234 49.89 -23.92 -60.25
C LEU S 234 50.47 -24.12 -61.63
N VAL S 235 49.87 -23.46 -62.61
CA VAL S 235 50.33 -23.55 -63.99
C VAL S 235 49.88 -22.33 -64.79
N THR T 1 12.60 7.52 -31.63
CA THR T 1 13.36 6.69 -32.64
C THR T 1 12.46 6.10 -33.74
N THR T 2 13.01 6.00 -34.93
CA THR T 2 12.26 5.27 -35.95
C THR T 2 13.25 4.53 -36.87
N ILE T 3 13.01 3.25 -37.06
CA ILE T 3 13.83 2.45 -37.94
C ILE T 3 12.86 1.79 -38.89
N VAL T 4 13.12 1.90 -40.21
CA VAL T 4 12.25 1.29 -41.21
C VAL T 4 13.03 0.32 -42.07
N ALA T 5 12.29 -0.60 -42.67
CA ALA T 5 12.89 -1.58 -43.56
C ALA T 5 11.84 -1.94 -44.58
N LEU T 6 12.27 -2.10 -45.84
CA LEU T 6 11.36 -2.47 -46.90
C LEU T 6 12.07 -3.28 -47.99
N LYS T 7 11.29 -4.16 -48.60
CA LYS T 7 11.80 -5.00 -49.68
C LYS T 7 11.56 -4.34 -51.02
N TYR T 8 12.51 -4.51 -51.94
CA TYR T 8 12.33 -4.00 -53.29
C TYR T 8 12.78 -5.17 -54.19
N PRO T 9 12.41 -5.14 -55.47
CA PRO T 9 12.80 -6.25 -56.37
C PRO T 9 14.31 -6.48 -56.35
N GLY T 10 14.75 -7.60 -55.82
CA GLY T 10 16.17 -7.85 -55.77
C GLY T 10 16.90 -7.57 -54.46
N GLY T 11 16.22 -7.01 -53.46
CA GLY T 11 16.91 -6.75 -52.20
C GLY T 11 16.08 -6.13 -51.11
N VAL T 12 16.76 -5.49 -50.18
CA VAL T 12 16.08 -4.88 -49.07
C VAL T 12 16.86 -3.64 -48.61
N VAL T 13 16.15 -2.68 -48.05
CA VAL T 13 16.80 -1.50 -47.53
C VAL T 13 16.32 -1.27 -46.11
N MET T 14 17.22 -0.81 -45.24
CA MET T 14 16.88 -0.47 -43.86
C MET T 14 17.48 0.91 -43.59
N ALA T 15 16.69 1.79 -42.98
CA ALA T 15 17.15 3.14 -42.65
C ALA T 15 16.71 3.55 -41.22
N GLY T 16 17.52 4.38 -40.56
CA GLY T 16 17.19 4.83 -39.23
C GLY T 16 17.48 6.30 -38.98
N ASP T 17 16.77 6.91 -38.03
CA ASP T 17 16.96 8.34 -37.73
C ASP T 17 18.19 8.49 -36.86
N ARG T 18 18.55 9.74 -36.51
CA ARG T 18 19.80 10.00 -35.78
C ARG T 18 19.64 10.60 -34.37
N ARG T 19 18.41 10.67 -33.90
CA ARG T 19 18.12 11.29 -32.63
C ARG T 19 18.20 10.45 -31.40
N SER T 20 18.71 11.03 -30.32
CA SER T 20 18.68 10.31 -29.05
C SER T 20 18.15 11.39 -28.11
N THR T 21 17.33 11.00 -27.15
CA THR T 21 16.75 11.96 -26.21
C THR T 21 16.82 11.44 -24.77
N GLN T 22 16.63 12.35 -23.82
CA GLN T 22 16.58 12.04 -22.39
C GLN T 22 15.38 12.88 -21.99
N GLY T 23 14.25 12.21 -21.83
CA GLY T 23 13.03 12.95 -21.53
C GLY T 23 12.75 13.81 -22.76
N ASN T 24 12.45 15.09 -22.52
CA ASN T 24 12.18 16.04 -23.60
C ASN T 24 13.43 16.58 -24.28
N MET T 25 14.59 16.37 -23.66
CA MET T 25 15.83 16.91 -24.17
C MET T 25 16.45 16.13 -25.28
N ILE T 26 16.93 16.85 -26.28
CA ILE T 26 17.60 16.25 -27.40
C ILE T 26 19.01 16.03 -26.89
N SER T 27 19.44 14.79 -26.75
CA SER T 27 20.80 14.55 -26.24
C SER T 27 21.82 14.11 -27.27
N GLY T 28 21.37 13.76 -28.47
CA GLY T 28 22.30 13.37 -29.51
C GLY T 28 21.68 13.65 -30.86
N ARG T 29 22.52 13.93 -31.87
CA ARG T 29 21.99 14.24 -33.21
C ARG T 29 22.64 13.42 -34.29
N ASP T 30 23.55 12.53 -33.93
CA ASP T 30 24.25 11.77 -34.95
C ASP T 30 24.40 10.30 -34.62
N VAL T 31 23.52 9.79 -33.78
CA VAL T 31 23.56 8.39 -33.39
C VAL T 31 23.29 7.53 -34.64
N ARG T 32 24.02 6.43 -34.78
CA ARG T 32 23.83 5.51 -35.89
C ARG T 32 23.06 4.32 -35.29
N LYS T 33 21.88 4.03 -35.83
CA LYS T 33 21.06 2.94 -35.31
C LYS T 33 20.93 1.70 -36.18
N VAL T 34 21.53 1.74 -37.37
CA VAL T 34 21.47 0.64 -38.31
C VAL T 34 22.89 0.10 -38.51
N TYR T 35 23.08 -1.20 -38.27
CA TYR T 35 24.38 -1.82 -38.40
C TYR T 35 24.39 -3.00 -39.38
N ILE T 36 25.49 -3.12 -40.09
CA ILE T 36 25.66 -4.22 -41.00
C ILE T 36 26.14 -5.30 -40.04
N THR T 37 25.37 -6.37 -39.87
CA THR T 37 25.80 -7.37 -38.92
C THR T 37 26.62 -8.51 -39.53
N ASP T 38 26.46 -8.74 -40.84
CA ASP T 38 27.25 -9.73 -41.56
C ASP T 38 27.11 -9.38 -43.05
N ASP T 39 27.75 -10.13 -43.93
CA ASP T 39 27.66 -9.75 -45.35
C ASP T 39 26.30 -9.61 -45.95
N TYR T 40 25.32 -10.30 -45.38
CA TYR T 40 23.96 -10.26 -45.93
C TYR T 40 22.84 -9.82 -44.98
N THR T 41 23.20 -9.19 -43.86
CA THR T 41 22.19 -8.77 -42.93
C THR T 41 22.48 -7.47 -42.22
N ALA T 42 21.41 -6.75 -41.89
CA ALA T 42 21.53 -5.50 -41.16
C ALA T 42 20.55 -5.54 -39.99
N THR T 43 20.92 -4.91 -38.90
CA THR T 43 20.09 -4.86 -37.72
C THR T 43 19.89 -3.40 -37.32
N GLY T 44 18.65 -3.03 -37.05
CA GLY T 44 18.33 -1.68 -36.63
C GLY T 44 17.71 -1.83 -35.24
N ILE T 45 18.08 -1.02 -34.26
CA ILE T 45 17.49 -1.24 -32.95
C ILE T 45 16.89 -0.01 -32.29
N ALA T 46 15.71 -0.20 -31.71
CA ALA T 46 15.06 0.89 -31.00
C ALA T 46 15.02 0.57 -29.49
N GLY T 47 14.73 1.57 -28.67
CA GLY T 47 14.65 1.35 -27.22
C GLY T 47 15.82 1.95 -26.47
N THR T 48 16.28 1.24 -25.44
CA THR T 48 17.40 1.69 -24.60
C THR T 48 18.73 1.65 -25.35
N ALA T 49 19.37 2.80 -25.50
CA ALA T 49 20.62 2.84 -26.26
C ALA T 49 21.71 1.85 -25.85
N ALA T 50 21.94 1.67 -24.55
CA ALA T 50 23.01 0.78 -24.14
C ALA T 50 22.76 -0.62 -24.64
N VAL T 51 21.56 -1.13 -24.37
CA VAL T 51 21.16 -2.47 -24.78
C VAL T 51 21.15 -2.60 -26.30
N ALA T 52 20.60 -1.63 -26.99
CA ALA T 52 20.56 -1.66 -28.43
C ALA T 52 21.96 -1.90 -29.02
N VAL T 53 22.92 -1.06 -28.64
CA VAL T 53 24.29 -1.12 -29.15
C VAL T 53 24.91 -2.45 -28.79
N GLU T 54 24.73 -2.84 -27.54
CA GLU T 54 25.24 -4.12 -27.08
C GLU T 54 24.68 -5.24 -28.00
N PHE T 55 23.36 -5.32 -28.21
CA PHE T 55 22.73 -6.35 -29.07
C PHE T 55 23.39 -6.40 -30.44
N ALA T 56 23.55 -5.26 -31.08
CA ALA T 56 24.10 -5.23 -32.41
C ALA T 56 25.52 -5.76 -32.44
N ARG T 57 26.35 -5.29 -31.52
CA ARG T 57 27.72 -5.74 -31.42
C ARG T 57 27.91 -7.22 -31.06
N LEU T 58 27.20 -7.72 -30.06
CA LEU T 58 27.29 -9.12 -29.74
C LEU T 58 26.76 -10.00 -30.88
N TYR T 59 25.64 -9.61 -31.48
CA TYR T 59 25.04 -10.39 -32.54
C TYR T 59 26.01 -10.57 -33.72
N ALA T 60 26.68 -9.50 -34.13
CA ALA T 60 27.63 -9.61 -35.24
C ALA T 60 28.77 -10.56 -34.84
N VAL T 61 29.21 -10.46 -33.60
CA VAL T 61 30.24 -11.35 -33.16
C VAL T 61 29.74 -12.80 -33.21
N GLU T 62 28.52 -13.05 -32.74
CA GLU T 62 27.97 -14.40 -32.72
C GLU T 62 27.85 -15.01 -34.14
N LEU T 63 27.42 -14.21 -35.12
CA LEU T 63 27.26 -14.72 -36.47
C LEU T 63 28.62 -15.13 -37.07
N GLU T 64 29.62 -14.29 -36.88
CA GLU T 64 30.93 -14.57 -37.43
C GLU T 64 31.60 -15.70 -36.65
N HIS T 65 31.30 -15.79 -35.38
CA HIS T 65 31.85 -16.85 -34.56
C HIS T 65 31.42 -18.23 -35.09
N TYR T 66 30.14 -18.35 -35.45
CA TYR T 66 29.61 -19.60 -35.96
C TYR T 66 30.29 -19.89 -37.28
N GLU T 67 30.35 -18.88 -38.14
CA GLU T 67 30.99 -19.02 -39.43
C GLU T 67 32.45 -19.53 -39.34
N LYS T 68 33.24 -18.96 -38.44
CA LYS T 68 34.61 -19.41 -38.31
C LYS T 68 34.68 -20.81 -37.72
N LEU T 69 33.84 -21.10 -36.75
CA LEU T 69 33.86 -22.42 -36.15
C LEU T 69 33.40 -23.53 -37.11
N GLU T 70 32.30 -23.28 -37.83
CA GLU T 70 31.70 -24.30 -38.68
C GLU T 70 32.06 -24.23 -40.14
N GLY T 71 32.77 -23.19 -40.55
CA GLY T 71 33.17 -23.05 -41.93
C GLY T 71 32.12 -22.49 -42.87
N VAL T 72 30.90 -22.32 -42.40
CA VAL T 72 29.85 -21.81 -43.27
C VAL T 72 28.98 -20.92 -42.44
N PRO T 73 28.33 -19.92 -43.04
CA PRO T 73 27.47 -19.06 -42.22
C PRO T 73 26.16 -19.77 -41.85
N LEU T 74 25.51 -19.30 -40.80
CA LEU T 74 24.22 -19.82 -40.39
C LEU T 74 23.19 -19.58 -41.51
N THR T 75 22.19 -20.45 -41.59
CA THR T 75 21.10 -20.24 -42.56
C THR T 75 20.37 -18.98 -42.06
N PHE T 76 19.57 -18.36 -42.91
CA PHE T 76 18.86 -17.18 -42.46
C PHE T 76 17.96 -17.50 -41.23
N ALA T 77 17.32 -18.66 -41.24
CA ALA T 77 16.47 -19.07 -40.14
C ALA T 77 17.29 -19.14 -38.85
N GLY T 78 18.51 -19.66 -38.94
CA GLY T 78 19.34 -19.74 -37.75
C GLY T 78 19.71 -18.35 -37.25
N LYS T 79 19.94 -17.41 -38.15
CA LYS T 79 20.31 -16.06 -37.76
C LYS T 79 19.14 -15.45 -36.97
N ILE T 80 17.92 -15.67 -37.46
CA ILE T 80 16.73 -15.16 -36.82
C ILE T 80 16.66 -15.73 -35.40
N ASN T 81 16.85 -17.03 -35.29
CA ASN T 81 16.71 -17.69 -34.00
C ASN T 81 17.71 -17.14 -32.98
N ARG T 82 18.94 -16.90 -33.41
CA ARG T 82 19.96 -16.37 -32.52
C ARG T 82 19.62 -14.98 -32.00
N LEU T 83 19.08 -14.12 -32.86
CA LEU T 83 18.69 -12.79 -32.45
C LEU T 83 17.50 -12.92 -31.48
N ALA T 84 16.55 -13.81 -31.77
CA ALA T 84 15.41 -14.01 -30.91
C ALA T 84 15.83 -14.45 -29.52
N ILE T 85 16.76 -15.39 -29.46
CA ILE T 85 17.22 -15.91 -28.19
C ILE T 85 17.93 -14.78 -27.42
N MET T 86 18.69 -13.96 -28.13
CA MET T 86 19.35 -12.84 -27.48
C MET T 86 18.29 -11.87 -26.88
N VAL T 87 17.26 -11.54 -27.62
CA VAL T 87 16.22 -10.66 -27.12
C VAL T 87 15.55 -11.29 -25.89
N ARG T 88 15.19 -12.58 -26.00
CA ARG T 88 14.53 -13.27 -24.91
C ARG T 88 15.37 -13.18 -23.63
N GLY T 89 16.69 -13.28 -23.79
CA GLY T 89 17.58 -13.23 -22.65
C GLY T 89 17.57 -11.89 -21.92
N ASN T 90 17.09 -10.86 -22.59
CA ASN T 90 17.02 -9.53 -22.00
C ASN T 90 15.65 -9.24 -21.38
N LEU T 91 14.74 -10.20 -21.42
CA LEU T 91 13.39 -9.97 -20.91
C LEU T 91 13.30 -9.41 -19.47
N ALA T 92 14.04 -10.01 -18.53
CA ALA T 92 14.02 -9.57 -17.15
C ALA T 92 14.44 -8.09 -17.10
N ALA T 93 15.63 -7.81 -17.62
CA ALA T 93 16.16 -6.44 -17.66
C ALA T 93 15.19 -5.48 -18.35
N ALA T 94 14.53 -5.95 -19.40
CA ALA T 94 13.58 -5.13 -20.15
C ALA T 94 12.39 -4.74 -19.29
N MET T 95 11.84 -5.72 -18.52
CA MET T 95 10.70 -5.41 -17.68
C MET T 95 11.13 -4.41 -16.61
N GLN T 96 12.43 -4.14 -16.53
CA GLN T 96 12.92 -3.17 -15.57
C GLN T 96 13.39 -1.90 -16.28
N GLY T 97 12.87 -1.66 -17.48
CA GLY T 97 13.23 -0.48 -18.25
C GLY T 97 14.43 -0.53 -19.18
N LEU T 98 14.99 -1.71 -19.38
CA LEU T 98 16.14 -1.89 -20.26
C LEU T 98 15.72 -2.49 -21.60
N LEU T 99 14.43 -2.38 -21.91
CA LEU T 99 13.89 -2.94 -23.15
C LEU T 99 14.49 -2.39 -24.43
N ALA T 100 14.82 -3.31 -25.34
CA ALA T 100 15.37 -2.99 -26.65
C ALA T 100 14.71 -3.91 -27.66
N LEU T 101 14.36 -3.39 -28.84
CA LEU T 101 13.73 -4.19 -29.88
C LEU T 101 14.39 -4.05 -31.22
N PRO T 102 14.92 -5.16 -31.75
CA PRO T 102 15.59 -5.08 -33.04
C PRO T 102 14.67 -5.33 -34.23
N LEU T 103 15.08 -4.85 -35.39
CA LEU T 103 14.38 -5.10 -36.65
C LEU T 103 15.54 -5.66 -37.49
N LEU T 104 15.32 -6.81 -38.11
CA LEU T 104 16.35 -7.47 -38.91
C LEU T 104 16.02 -7.43 -40.40
N ALA T 105 17.00 -7.09 -41.22
CA ALA T 105 16.77 -7.09 -42.67
C ALA T 105 17.90 -7.94 -43.23
N GLY T 106 17.58 -8.68 -44.30
CA GLY T 106 18.62 -9.53 -44.87
C GLY T 106 18.28 -9.97 -46.26
N TYR T 107 19.26 -10.59 -46.89
CA TYR T 107 19.10 -11.12 -48.23
C TYR T 107 19.49 -12.59 -48.05
N ASP T 108 18.59 -13.48 -48.40
CA ASP T 108 18.87 -14.91 -48.25
C ASP T 108 19.50 -15.49 -49.52
N ILE T 109 20.80 -15.77 -49.47
CA ILE T 109 21.52 -16.29 -50.63
C ILE T 109 20.98 -17.65 -51.04
N HIS T 110 20.41 -18.39 -50.10
CA HIS T 110 19.86 -19.70 -50.41
C HIS T 110 18.40 -19.69 -50.84
N ALA T 111 17.76 -18.53 -50.93
CA ALA T 111 16.35 -18.51 -51.34
C ALA T 111 16.24 -18.93 -52.79
N SER T 112 15.16 -19.62 -53.12
CA SER T 112 14.95 -20.07 -54.49
C SER T 112 14.86 -18.90 -55.47
N ASP T 113 13.94 -17.98 -55.24
CA ASP T 113 13.81 -16.84 -56.15
C ASP T 113 14.51 -15.55 -55.68
N PRO T 114 15.63 -15.19 -56.33
CA PRO T 114 16.48 -14.02 -56.09
C PRO T 114 15.80 -12.66 -56.00
N GLN T 115 14.81 -12.42 -56.86
CA GLN T 115 14.11 -11.14 -56.82
C GLN T 115 13.39 -10.91 -55.50
N SER T 116 12.98 -12.00 -54.85
CA SER T 116 12.28 -11.89 -53.56
C SER T 116 13.08 -12.42 -52.36
N ALA T 117 14.37 -12.68 -52.53
CA ALA T 117 15.21 -13.21 -51.46
C ALA T 117 15.37 -12.21 -50.28
N GLY T 118 14.83 -11.00 -50.45
CA GLY T 118 14.90 -10.00 -49.39
C GLY T 118 14.09 -10.46 -48.17
N ARG T 119 14.59 -10.19 -46.98
CA ARG T 119 13.91 -10.61 -45.76
C ARG T 119 13.81 -9.50 -44.73
N ILE T 120 12.65 -9.39 -44.09
CA ILE T 120 12.45 -8.42 -43.04
C ILE T 120 11.85 -9.19 -41.85
N VAL T 121 12.49 -9.13 -40.69
CA VAL T 121 11.98 -9.86 -39.52
C VAL T 121 11.83 -8.95 -38.31
N SER T 122 10.65 -8.94 -37.67
CA SER T 122 10.49 -8.11 -36.48
C SER T 122 10.49 -9.00 -35.21
N PHE T 123 10.72 -8.39 -34.05
CA PHE T 123 10.83 -9.11 -32.78
C PHE T 123 10.08 -8.42 -31.67
N ASP T 124 9.54 -9.18 -30.71
CA ASP T 124 8.87 -8.54 -29.59
C ASP T 124 9.78 -8.75 -28.39
N ALA T 125 9.43 -8.14 -27.26
CA ALA T 125 10.25 -8.24 -26.04
C ALA T 125 10.52 -9.65 -25.49
N ALA T 126 9.63 -10.61 -25.78
CA ALA T 126 9.85 -11.97 -25.27
C ALA T 126 10.62 -12.83 -26.25
N GLY T 127 11.06 -12.27 -27.36
CA GLY T 127 11.80 -13.09 -28.30
C GLY T 127 10.96 -13.67 -29.43
N GLY T 128 9.70 -13.25 -29.50
CA GLY T 128 8.85 -13.71 -30.59
C GLY T 128 9.30 -12.98 -31.86
N TRP T 129 9.34 -13.70 -32.98
CA TRP T 129 9.74 -13.10 -34.24
C TRP T 129 8.69 -13.36 -35.27
N ASN T 130 8.67 -12.49 -36.27
CA ASN T 130 7.76 -12.63 -37.38
C ASN T 130 8.44 -12.22 -38.67
N ILE T 131 8.43 -13.10 -39.66
CA ILE T 131 8.94 -12.72 -40.96
C ILE T 131 7.84 -11.86 -41.61
N GLU T 132 8.14 -10.59 -41.83
CA GLU T 132 7.19 -9.68 -42.41
C GLU T 132 6.83 -10.08 -43.79
N GLU T 133 5.56 -10.07 -44.11
CA GLU T 133 5.19 -10.48 -45.44
C GLU T 133 4.54 -9.38 -46.24
N GLU T 134 4.25 -8.23 -45.66
CA GLU T 134 3.65 -7.20 -46.49
C GLU T 134 4.60 -6.21 -47.17
N GLY T 135 5.89 -6.51 -47.14
CA GLY T 135 6.84 -5.62 -47.83
C GLY T 135 7.65 -4.61 -47.03
N TYR T 136 7.17 -4.23 -45.85
CA TYR T 136 7.88 -3.27 -45.01
C TYR T 136 7.51 -3.40 -43.56
N GLN T 137 8.31 -2.80 -42.70
CA GLN T 137 8.07 -2.84 -41.26
C GLN T 137 8.84 -1.68 -40.64
N ALA T 138 8.52 -1.34 -39.41
CA ALA T 138 9.23 -0.26 -38.71
C ALA T 138 9.12 -0.48 -37.20
N VAL T 139 10.10 0.02 -36.43
CA VAL T 139 10.06 -0.07 -34.96
C VAL T 139 10.45 1.29 -34.40
N GLY T 140 10.02 1.54 -33.16
CA GLY T 140 10.33 2.77 -32.46
C GLY T 140 9.07 3.62 -32.31
N SER T 141 9.19 4.71 -31.55
CA SER T 141 8.06 5.61 -31.32
C SER T 141 7.46 6.25 -32.56
N GLY T 142 8.16 6.27 -33.69
CA GLY T 142 7.53 6.88 -34.86
C GLY T 142 7.12 5.80 -35.85
N SER T 143 7.19 4.54 -35.45
CA SER T 143 6.89 3.46 -36.38
C SER T 143 5.49 3.45 -37.01
N LEU T 144 4.48 3.86 -36.26
CA LEU T 144 3.14 3.85 -36.81
C LEU T 144 3.01 4.93 -37.91
N PHE T 145 3.64 6.08 -37.70
CA PHE T 145 3.58 7.14 -38.72
C PHE T 145 4.36 6.69 -39.96
N ALA T 146 5.53 6.08 -39.75
CA ALA T 146 6.34 5.57 -40.86
C ALA T 146 5.59 4.48 -41.66
N LYS T 147 4.96 3.51 -40.98
CA LYS T 147 4.23 2.46 -41.68
C LYS T 147 3.03 3.00 -42.42
N SER T 148 2.33 4.01 -41.88
CA SER T 148 1.16 4.54 -42.56
C SER T 148 1.62 5.32 -43.80
N SER T 149 2.84 5.84 -43.74
CA SER T 149 3.37 6.56 -44.86
C SER T 149 3.78 5.54 -45.93
N MET T 150 4.49 4.50 -45.53
CA MET T 150 4.89 3.48 -46.48
C MET T 150 3.69 2.76 -47.11
N LYS T 151 2.61 2.61 -46.35
CA LYS T 151 1.41 1.97 -46.89
C LYS T 151 0.95 2.72 -48.17
N LYS T 152 1.07 4.04 -48.15
CA LYS T 152 0.64 4.83 -49.31
C LYS T 152 1.72 4.98 -50.36
N LEU T 153 2.98 4.81 -50.00
CA LEU T 153 4.05 5.00 -50.96
C LEU T 153 4.67 3.73 -51.52
N TYR T 154 4.42 2.60 -50.88
CA TYR T 154 5.05 1.36 -51.27
C TYR T 154 4.87 0.96 -52.73
N SER T 155 3.74 1.31 -53.33
CA SER T 155 3.52 0.93 -54.72
C SER T 155 4.52 1.61 -55.66
N GLN T 156 5.23 2.63 -55.17
CA GLN T 156 6.24 3.31 -55.99
C GLN T 156 7.57 2.57 -55.95
N VAL T 157 7.67 1.50 -55.16
CA VAL T 157 8.96 0.83 -55.08
C VAL T 157 9.19 -0.18 -56.19
N THR T 158 10.12 0.17 -57.10
CA THR T 158 10.40 -0.70 -58.23
C THR T 158 11.83 -1.19 -58.29
N ASP T 159 12.69 -0.57 -57.51
CA ASP T 159 14.10 -0.93 -57.48
C ASP T 159 14.75 -0.44 -56.21
N GLY T 160 16.07 -0.53 -56.17
CA GLY T 160 16.83 -0.13 -55.01
C GLY T 160 16.71 1.34 -54.67
N ASP T 161 16.77 2.20 -55.68
CA ASP T 161 16.80 3.63 -55.44
C ASP T 161 15.43 4.17 -55.07
N SER T 162 14.39 3.61 -55.66
CA SER T 162 13.03 4.02 -55.34
C SER T 162 12.64 3.48 -53.95
N GLY T 163 13.27 2.37 -53.56
CA GLY T 163 13.04 1.78 -52.25
C GLY T 163 13.71 2.59 -51.15
N LEU T 164 14.88 3.11 -51.48
CA LEU T 164 15.62 3.99 -50.60
C LEU T 164 14.88 5.30 -50.45
N ARG T 165 14.34 5.81 -51.54
CA ARG T 165 13.59 7.05 -51.52
C ARG T 165 12.35 6.93 -50.62
N VAL T 166 11.65 5.79 -50.70
CA VAL T 166 10.48 5.58 -49.89
C VAL T 166 10.85 5.47 -48.42
N ALA T 167 11.94 4.78 -48.11
CA ALA T 167 12.38 4.63 -46.75
C ALA T 167 12.70 5.97 -46.10
N VAL T 168 13.38 6.85 -46.84
CA VAL T 168 13.74 8.16 -46.32
C VAL T 168 12.51 8.99 -46.14
N GLU T 169 11.56 8.87 -47.06
CA GLU T 169 10.36 9.66 -46.91
C GLU T 169 9.52 9.15 -45.69
N ALA T 170 9.54 7.85 -45.43
CA ALA T 170 8.80 7.29 -44.29
C ALA T 170 9.44 7.85 -43.00
N LEU T 171 10.78 7.91 -42.94
CA LEU T 171 11.45 8.47 -41.77
C LEU T 171 11.10 9.93 -41.63
N TYR T 172 10.97 10.63 -42.76
CA TYR T 172 10.66 12.05 -42.73
C TYR T 172 9.26 12.21 -42.12
N ASP T 173 8.33 11.35 -42.51
CA ASP T 173 6.97 11.43 -41.99
C ASP T 173 6.93 11.07 -40.51
N ALA T 174 7.81 10.18 -40.09
CA ALA T 174 7.89 9.78 -38.67
C ALA T 174 8.34 11.02 -37.89
N ALA T 175 9.41 11.69 -38.34
CA ALA T 175 9.90 12.90 -37.64
C ALA T 175 8.90 14.05 -37.65
N ASP T 176 8.13 14.14 -38.72
CA ASP T 176 7.12 15.17 -38.84
C ASP T 176 6.06 15.03 -37.75
N ASP T 177 5.75 13.81 -37.31
CA ASP T 177 4.72 13.61 -36.29
C ASP T 177 5.18 13.13 -34.92
N ASP T 178 6.41 12.64 -34.82
CA ASP T 178 6.97 12.15 -33.57
C ASP T 178 8.21 12.98 -33.18
N SER T 179 8.09 13.78 -32.11
CA SER T 179 9.20 14.59 -31.62
C SER T 179 10.40 13.74 -31.17
N ALA T 180 10.22 12.43 -30.95
CA ALA T 180 11.33 11.59 -30.53
C ALA T 180 12.12 11.06 -31.73
N THR T 181 11.69 11.39 -32.94
CA THR T 181 12.42 10.92 -34.12
C THR T 181 13.03 12.15 -34.82
N GLY T 182 14.30 12.06 -35.18
CA GLY T 182 14.94 13.19 -35.82
C GLY T 182 14.76 13.34 -37.33
N GLY T 183 14.37 14.54 -37.75
CA GLY T 183 14.22 14.79 -39.17
C GLY T 183 15.60 15.14 -39.76
N PRO T 184 15.68 15.30 -41.10
CA PRO T 184 16.95 15.66 -41.78
C PRO T 184 17.37 17.01 -41.19
N ASP T 185 18.65 17.19 -40.82
CA ASP T 185 19.11 18.47 -40.22
C ASP T 185 19.99 19.17 -41.27
N LEU T 186 19.37 20.12 -41.99
CA LEU T 186 20.02 20.86 -43.07
C LEU T 186 21.09 21.83 -42.57
N VAL T 187 20.91 22.37 -41.37
CA VAL T 187 21.89 23.30 -40.82
C VAL T 187 23.20 22.56 -40.53
N ARG T 188 23.11 21.41 -39.85
CA ARG T 188 24.31 20.64 -39.51
C ARG T 188 24.70 19.60 -40.56
N GLY T 189 23.85 19.39 -41.57
CA GLY T 189 24.17 18.38 -42.57
C GLY T 189 24.12 16.94 -42.04
N ILE T 190 23.13 16.63 -41.22
CA ILE T 190 23.02 15.28 -40.66
C ILE T 190 21.76 14.61 -41.17
N PHE T 191 21.89 13.40 -41.68
CA PHE T 191 20.73 12.77 -42.27
C PHE T 191 20.61 11.33 -41.80
N PRO T 192 19.47 10.71 -42.04
CA PRO T 192 19.24 9.32 -41.64
C PRO T 192 20.31 8.43 -42.26
N THR T 193 20.63 7.31 -41.63
CA THR T 193 21.60 6.41 -42.23
C THR T 193 20.79 5.27 -42.86
N ALA T 194 21.40 4.54 -43.80
CA ALA T 194 20.71 3.46 -44.46
C ALA T 194 21.70 2.40 -44.94
N VAL T 195 21.20 1.17 -45.03
CA VAL T 195 21.95 0.02 -45.50
C VAL T 195 21.12 -0.66 -46.59
N ILE T 196 21.74 -0.98 -47.72
CA ILE T 196 21.04 -1.67 -48.82
C ILE T 196 21.67 -3.05 -48.92
N ILE T 197 20.83 -4.06 -49.11
CA ILE T 197 21.35 -5.40 -49.23
C ILE T 197 20.74 -6.09 -50.47
N ASP T 198 21.60 -6.67 -51.31
CA ASP T 198 21.13 -7.41 -52.47
C ASP T 198 22.05 -8.59 -52.66
N ALA T 199 21.98 -9.24 -53.83
CA ALA T 199 22.86 -10.40 -54.06
C ALA T 199 24.35 -10.11 -53.83
N ASP T 200 24.79 -8.87 -54.01
CA ASP T 200 26.21 -8.57 -53.79
C ASP T 200 26.56 -8.27 -52.34
N GLY T 201 25.58 -8.39 -51.43
CA GLY T 201 25.87 -8.10 -50.04
C GLY T 201 25.34 -6.77 -49.52
N ALA T 202 25.60 -6.56 -48.22
CA ALA T 202 25.17 -5.39 -47.50
C ALA T 202 26.15 -4.21 -47.63
N VAL T 203 25.64 -3.03 -47.97
CA VAL T 203 26.52 -1.90 -48.09
C VAL T 203 25.84 -0.68 -47.49
N ASP T 204 26.65 0.20 -46.92
CA ASP T 204 26.16 1.43 -46.31
C ASP T 204 25.85 2.35 -47.44
N VAL T 205 24.71 3.05 -47.38
CA VAL T 205 24.37 3.99 -48.41
C VAL T 205 25.16 5.28 -48.11
N PRO T 206 25.87 5.83 -49.11
CA PRO T 206 26.62 7.08 -48.85
C PRO T 206 25.67 8.19 -48.35
N GLU T 207 26.06 8.82 -47.23
CA GLU T 207 25.29 9.91 -46.61
C GLU T 207 24.82 10.91 -47.66
N SER T 208 25.67 11.13 -48.65
CA SER T 208 25.37 12.07 -49.71
C SER T 208 24.10 11.65 -50.50
N ARG T 209 23.90 10.35 -50.67
CA ARG T 209 22.73 9.86 -51.34
C ARG T 209 21.46 10.17 -50.55
N ILE T 210 21.49 9.89 -49.25
CA ILE T 210 20.37 10.16 -48.36
C ILE T 210 20.12 11.66 -48.31
N ALA T 211 21.19 12.46 -48.21
CA ALA T 211 20.99 13.92 -48.18
C ALA T 211 20.25 14.41 -49.45
N GLU T 212 20.58 13.83 -50.60
CA GLU T 212 19.94 14.25 -51.87
C GLU T 212 18.48 13.89 -51.85
N LEU T 213 18.19 12.68 -51.39
CA LEU T 213 16.77 12.25 -51.29
C LEU T 213 15.97 13.14 -50.31
N ALA T 214 16.54 13.38 -49.13
CA ALA T 214 15.90 14.22 -48.12
C ALA T 214 15.63 15.61 -48.69
N ARG T 215 16.64 16.23 -49.29
CA ARG T 215 16.40 17.56 -49.83
C ARG T 215 15.30 17.50 -50.92
N ALA T 216 15.24 16.43 -51.67
CA ALA T 216 14.20 16.35 -52.71
C ALA T 216 12.85 16.27 -52.03
N ILE T 217 12.74 15.51 -50.96
CA ILE T 217 11.47 15.43 -50.24
C ILE T 217 11.07 16.81 -49.71
N ILE T 218 12.02 17.50 -49.09
CA ILE T 218 11.75 18.81 -48.52
C ILE T 218 11.34 19.85 -49.56
N GLU T 219 12.02 19.84 -50.70
CA GLU T 219 11.70 20.76 -51.78
C GLU T 219 10.30 20.50 -52.32
N SER T 220 9.96 19.22 -52.47
CA SER T 220 8.66 18.83 -53.00
C SER T 220 7.52 19.27 -52.09
N ARG T 221 7.68 19.08 -50.79
CA ARG T 221 6.70 19.51 -49.80
C ARG T 221 6.57 21.02 -49.67
N SER T 222 7.69 21.70 -49.81
CA SER T 222 7.74 23.16 -49.69
C SER T 222 6.89 23.86 -50.74
N GLY T 223 6.90 23.33 -51.95
CA GLY T 223 6.12 23.89 -53.04
C GLY T 223 4.64 23.84 -52.76
N ILE U 7 48.65 -49.22 -16.22
CA ILE U 7 48.36 -50.69 -16.07
C ILE U 7 47.99 -51.26 -17.44
N SER U 8 48.00 -52.60 -17.55
CA SER U 8 47.66 -53.31 -18.80
C SER U 8 46.21 -53.79 -18.93
N PRO U 9 45.44 -53.09 -19.75
CA PRO U 9 44.03 -53.33 -20.03
C PRO U 9 43.63 -54.76 -20.30
N GLU U 10 44.22 -55.37 -21.33
CA GLU U 10 43.83 -56.73 -21.68
C GLU U 10 43.88 -57.69 -20.50
N GLN U 11 44.93 -57.64 -19.68
CA GLN U 11 44.98 -58.52 -18.52
C GLN U 11 43.75 -58.19 -17.67
N ALA U 12 43.73 -56.94 -17.16
CA ALA U 12 42.66 -56.41 -16.32
C ALA U 12 41.25 -56.82 -16.77
N MET U 13 40.99 -56.69 -18.06
CA MET U 13 39.69 -57.03 -18.63
C MET U 13 39.41 -58.54 -18.53
N ARG U 14 40.47 -59.34 -18.62
CA ARG U 14 40.38 -60.80 -18.53
C ARG U 14 40.12 -61.12 -17.06
N GLU U 15 40.85 -60.41 -16.20
CA GLU U 15 40.78 -60.53 -14.74
C GLU U 15 39.31 -60.36 -14.28
N ARG U 16 38.77 -59.18 -14.54
CA ARG U 16 37.40 -58.84 -14.16
C ARG U 16 36.42 -59.83 -14.72
N SER U 17 36.52 -60.06 -16.01
CA SER U 17 35.61 -60.99 -16.68
C SER U 17 35.59 -62.35 -15.96
N GLU U 18 36.77 -62.83 -15.58
CA GLU U 18 36.86 -64.11 -14.90
C GLU U 18 36.19 -64.07 -13.55
N LEU U 19 36.39 -62.95 -12.84
CA LEU U 19 35.80 -62.75 -11.53
C LEU U 19 34.29 -62.84 -11.65
N ALA U 20 33.73 -62.23 -12.68
CA ALA U 20 32.30 -62.24 -12.88
C ALA U 20 31.77 -63.61 -13.32
N ARG U 21 32.45 -64.24 -14.28
CA ARG U 21 32.03 -65.54 -14.77
C ARG U 21 32.08 -66.56 -13.63
N LYS U 22 33.11 -66.47 -12.79
CA LYS U 22 33.24 -67.39 -11.68
C LYS U 22 32.03 -67.29 -10.77
N GLY U 23 31.80 -66.07 -10.27
CA GLY U 23 30.68 -65.80 -9.38
C GLY U 23 29.35 -66.26 -9.91
N ILE U 24 29.10 -66.03 -11.18
CA ILE U 24 27.84 -66.44 -11.80
C ILE U 24 27.80 -67.98 -11.91
N ALA U 25 28.92 -68.55 -12.33
CA ALA U 25 29.03 -70.00 -12.47
C ALA U 25 28.69 -70.68 -11.14
N ARG U 26 29.18 -70.09 -10.06
CA ARG U 26 28.99 -70.62 -8.73
C ARG U 26 27.59 -70.43 -8.15
N ALA U 27 26.66 -69.90 -8.94
CA ALA U 27 25.30 -69.68 -8.43
C ALA U 27 24.20 -70.56 -9.02
N LYS U 28 23.06 -70.63 -8.33
CA LYS U 28 21.89 -71.40 -8.78
C LYS U 28 21.49 -71.00 -10.19
N SER U 29 20.69 -71.83 -10.85
CA SER U 29 20.30 -71.54 -12.22
C SER U 29 18.86 -71.08 -12.41
N VAL U 30 18.63 -70.36 -13.49
CA VAL U 30 17.30 -69.84 -13.78
C VAL U 30 17.02 -69.96 -15.26
N VAL U 31 15.76 -70.23 -15.58
CA VAL U 31 15.39 -70.30 -16.99
C VAL U 31 14.10 -69.53 -17.20
N ALA U 32 13.99 -68.99 -18.40
CA ALA U 32 12.82 -68.23 -18.81
C ALA U 32 12.53 -68.74 -20.20
N LEU U 33 11.27 -69.07 -20.45
CA LEU U 33 10.90 -69.55 -21.78
C LEU U 33 9.52 -69.11 -22.20
N ALA U 34 9.38 -68.84 -23.49
CA ALA U 34 8.10 -68.42 -24.05
C ALA U 34 7.20 -69.63 -24.11
N TYR U 35 5.93 -69.43 -23.82
CA TYR U 35 4.97 -70.51 -23.89
C TYR U 35 3.66 -69.94 -24.40
N ALA U 36 2.66 -70.77 -24.56
CA ALA U 36 1.38 -70.31 -25.09
C ALA U 36 0.80 -69.07 -24.40
N GLY U 37 0.81 -69.07 -23.07
CA GLY U 37 0.22 -67.98 -22.32
C GLY U 37 1.07 -66.78 -22.02
N GLY U 38 2.31 -66.76 -22.49
CA GLY U 38 3.18 -65.64 -22.23
C GLY U 38 4.60 -66.08 -21.97
N VAL U 39 5.13 -65.79 -20.79
CA VAL U 39 6.50 -66.19 -20.48
C VAL U 39 6.50 -66.83 -19.11
N LEU U 40 7.33 -67.86 -18.97
CA LEU U 40 7.44 -68.59 -17.71
C LEU U 40 8.83 -68.45 -17.11
N PHE U 41 8.87 -68.20 -15.80
CA PHE U 41 10.13 -68.02 -15.10
C PHE U 41 10.24 -69.12 -14.04
N VAL U 42 11.35 -69.86 -14.08
CA VAL U 42 11.57 -70.91 -13.10
C VAL U 42 13.01 -70.83 -12.65
N ALA U 43 13.17 -70.72 -11.34
CA ALA U 43 14.49 -70.64 -10.77
C ALA U 43 14.66 -71.57 -9.58
N GLU U 44 15.88 -72.07 -9.43
CA GLU U 44 16.23 -72.93 -8.33
C GLU U 44 16.39 -71.98 -7.15
N ASN U 45 15.43 -71.98 -6.23
CA ASN U 45 15.56 -71.07 -5.11
C ASN U 45 14.98 -71.59 -3.78
N PRO U 46 15.87 -71.96 -2.85
CA PRO U 46 15.48 -72.49 -1.53
C PRO U 46 14.80 -71.45 -0.65
N SER U 47 15.34 -70.24 -0.64
CA SER U 47 14.78 -69.18 0.18
C SER U 47 13.31 -68.91 -0.06
N ARG U 48 12.66 -68.41 0.97
CA ARG U 48 11.25 -68.08 0.89
C ARG U 48 11.10 -66.57 0.79
N SER U 49 12.10 -65.83 1.28
CA SER U 49 12.09 -64.37 1.28
C SER U 49 12.87 -63.69 0.16
N LEU U 50 14.05 -64.19 -0.13
CA LEU U 50 14.89 -63.59 -1.14
C LEU U 50 14.47 -64.08 -2.53
N GLN U 51 14.10 -63.15 -3.40
CA GLN U 51 13.64 -63.51 -4.74
C GLN U 51 14.56 -63.18 -5.92
N LYS U 52 14.53 -64.03 -6.95
CA LYS U 52 15.36 -63.87 -8.14
C LYS U 52 14.49 -63.51 -9.36
N ILE U 53 13.18 -63.56 -9.18
CA ILE U 53 12.23 -63.25 -10.25
C ILE U 53 11.34 -62.11 -9.77
N SER U 54 11.11 -61.13 -10.62
CA SER U 54 10.32 -60.00 -10.19
C SER U 54 9.60 -59.29 -11.30
N GLU U 55 8.53 -58.59 -10.94
CA GLU U 55 7.81 -57.76 -11.89
C GLU U 55 8.64 -56.47 -12.07
N LEU U 56 8.71 -55.94 -13.28
CA LEU U 56 9.42 -54.66 -13.52
C LEU U 56 8.35 -53.61 -13.87
N TYR U 57 7.50 -53.94 -14.83
CA TYR U 57 6.42 -53.05 -15.27
C TYR U 57 5.22 -53.85 -15.73
N ASP U 58 4.16 -53.21 -16.22
CA ASP U 58 2.96 -53.92 -16.62
C ASP U 58 3.15 -55.26 -17.36
N ARG U 59 3.88 -55.25 -18.47
CA ARG U 59 4.09 -56.46 -19.25
C ARG U 59 5.53 -56.90 -19.25
N VAL U 60 6.34 -56.40 -18.32
CA VAL U 60 7.75 -56.71 -18.30
C VAL U 60 8.18 -57.37 -17.02
N GLY U 61 8.94 -58.46 -17.16
CA GLY U 61 9.42 -59.21 -16.02
C GLY U 61 10.92 -59.25 -15.99
N PHE U 62 11.43 -59.60 -14.81
CA PHE U 62 12.85 -59.65 -14.57
C PHE U 62 13.24 -60.96 -13.85
N ALA U 63 14.42 -61.48 -14.21
CA ALA U 63 14.95 -62.68 -13.58
C ALA U 63 16.45 -62.54 -13.59
N ALA U 64 17.11 -62.98 -12.52
CA ALA U 64 18.55 -62.89 -12.48
C ALA U 64 19.21 -64.05 -11.78
N ALA U 65 20.52 -64.18 -12.01
CA ALA U 65 21.33 -65.22 -11.39
C ALA U 65 22.63 -64.54 -11.00
N GLY U 66 23.20 -64.95 -9.87
CA GLY U 66 24.45 -64.34 -9.46
C GLY U 66 24.37 -63.94 -8.01
N LYS U 67 25.15 -62.93 -7.63
CA LYS U 67 25.16 -62.42 -6.27
C LYS U 67 23.85 -61.62 -6.01
N PHE U 68 23.08 -62.05 -5.02
CA PHE U 68 21.81 -61.39 -4.68
C PHE U 68 21.86 -59.88 -4.48
N ASN U 69 22.67 -59.41 -3.54
CA ASN U 69 22.73 -57.98 -3.30
C ASN U 69 23.00 -57.21 -4.59
N GLU U 70 23.73 -57.80 -5.53
CA GLU U 70 23.99 -57.07 -6.77
C GLU U 70 22.82 -57.08 -7.75
N PHE U 71 22.17 -58.21 -7.95
CA PHE U 71 21.09 -58.17 -8.90
C PHE U 71 19.80 -57.60 -8.30
N ASP U 72 19.70 -57.56 -6.98
CA ASP U 72 18.52 -56.98 -6.37
C ASP U 72 18.68 -55.46 -6.59
N ASN U 73 19.92 -55.01 -6.51
CA ASN U 73 20.22 -53.61 -6.73
C ASN U 73 19.77 -53.19 -8.12
N LEU U 74 20.09 -54.03 -9.09
CA LEU U 74 19.69 -53.79 -10.46
C LEU U 74 18.19 -53.91 -10.64
N ARG U 75 17.55 -54.78 -9.87
CA ARG U 75 16.10 -54.97 -9.99
C ARG U 75 15.42 -53.65 -9.58
N ARG U 76 15.87 -53.12 -8.44
CA ARG U 76 15.33 -51.90 -7.92
C ARG U 76 15.53 -50.75 -8.89
N GLY U 77 16.75 -50.66 -9.41
CA GLY U 77 17.10 -49.62 -10.36
C GLY U 77 16.22 -49.71 -11.59
N GLY U 78 15.85 -50.93 -11.99
CA GLY U 78 15.01 -51.10 -13.16
C GLY U 78 13.59 -50.65 -12.89
N ILE U 79 13.08 -50.97 -11.71
CA ILE U 79 11.75 -50.59 -11.35
C ILE U 79 11.71 -49.05 -11.30
N GLN U 80 12.75 -48.45 -10.74
CA GLN U 80 12.88 -47.01 -10.67
C GLN U 80 12.81 -46.41 -12.09
N PHE U 81 13.60 -46.97 -13.00
CA PHE U 81 13.65 -46.46 -14.36
C PHE U 81 12.27 -46.56 -15.02
N ALA U 82 11.66 -47.73 -14.94
CA ALA U 82 10.37 -47.95 -15.56
C ALA U 82 9.25 -47.06 -15.01
N ASP U 83 9.14 -46.97 -13.69
CA ASP U 83 8.08 -46.14 -13.13
C ASP U 83 8.28 -44.68 -13.53
N THR U 84 9.51 -44.19 -13.49
CA THR U 84 9.80 -42.82 -13.88
C THR U 84 9.47 -42.57 -15.35
N ARG U 85 9.83 -43.51 -16.22
CA ARG U 85 9.52 -43.36 -17.64
C ARG U 85 8.04 -43.32 -17.91
N GLY U 86 7.33 -44.28 -17.31
CA GLY U 86 5.90 -44.37 -17.50
C GLY U 86 5.16 -43.14 -17.01
N TYR U 87 5.69 -42.51 -15.97
CA TYR U 87 5.08 -41.32 -15.40
C TYR U 87 5.38 -40.08 -16.25
N ALA U 88 6.63 -39.97 -16.72
CA ALA U 88 7.04 -38.86 -17.58
C ALA U 88 6.38 -38.88 -18.98
N TYR U 89 6.09 -40.08 -19.48
CA TYR U 89 5.47 -40.24 -20.80
C TYR U 89 4.16 -40.93 -20.54
N ASP U 90 4.02 -42.19 -20.91
CA ASP U 90 2.78 -42.94 -20.62
C ASP U 90 3.18 -44.38 -20.35
N ARG U 91 2.35 -45.10 -19.61
CA ARG U 91 2.66 -46.49 -19.27
C ARG U 91 3.01 -47.30 -20.51
N ARG U 92 2.19 -47.16 -21.56
CA ARG U 92 2.40 -47.92 -22.78
C ARG U 92 3.67 -47.59 -23.50
N ASP U 93 4.39 -46.59 -23.03
CA ASP U 93 5.63 -46.23 -23.67
C ASP U 93 6.82 -47.03 -23.08
N VAL U 94 6.60 -47.69 -21.93
CA VAL U 94 7.68 -48.48 -21.31
C VAL U 94 7.76 -49.86 -22.01
N THR U 95 8.96 -50.28 -22.40
CA THR U 95 9.10 -51.54 -23.10
C THR U 95 10.26 -52.38 -22.58
N GLY U 96 10.18 -53.69 -22.81
CA GLY U 96 11.22 -54.60 -22.37
C GLY U 96 12.54 -54.31 -23.04
N ARG U 97 12.48 -53.95 -24.32
CA ARG U 97 13.66 -53.61 -25.08
C ARG U 97 14.37 -52.43 -24.40
N GLN U 98 13.57 -51.48 -23.93
CA GLN U 98 14.10 -50.31 -23.26
C GLN U 98 14.83 -50.69 -21.98
N LEU U 99 14.21 -51.55 -21.18
CA LEU U 99 14.82 -51.99 -19.93
C LEU U 99 16.09 -52.79 -20.21
N ALA U 100 16.06 -53.65 -21.21
CA ALA U 100 17.22 -54.45 -21.57
C ALA U 100 18.36 -53.53 -21.94
N ASN U 101 18.03 -52.48 -22.70
CA ASN U 101 19.01 -51.50 -23.13
C ASN U 101 19.63 -50.74 -21.95
N VAL U 102 18.80 -50.36 -21.00
CA VAL U 102 19.28 -49.65 -19.80
C VAL U 102 20.21 -50.53 -18.94
N TYR U 103 19.83 -51.81 -18.79
CA TYR U 103 20.66 -52.74 -18.01
C TYR U 103 22.00 -52.94 -18.72
N ALA U 104 21.96 -53.08 -20.03
CA ALA U 104 23.19 -53.23 -20.81
C ALA U 104 24.13 -52.09 -20.52
N GLN U 105 23.60 -50.89 -20.61
CA GLN U 105 24.41 -49.71 -20.36
C GLN U 105 24.91 -49.64 -18.91
N THR U 106 24.07 -50.02 -17.96
CA THR U 106 24.49 -49.96 -16.55
C THR U 106 25.57 -51.00 -16.21
N LEU U 107 25.36 -52.25 -16.65
CA LEU U 107 26.35 -53.29 -16.37
C LEU U 107 27.67 -52.91 -17.09
N GLY U 108 27.54 -52.41 -18.32
CA GLY U 108 28.72 -52.00 -19.07
C GLY U 108 29.53 -50.99 -18.26
N THR U 109 28.86 -50.01 -17.68
CA THR U 109 29.56 -49.02 -16.88
C THR U 109 30.12 -49.64 -15.61
N ILE U 110 29.36 -50.50 -14.94
CA ILE U 110 29.85 -51.12 -13.72
C ILE U 110 31.13 -51.91 -14.03
N PHE U 111 31.02 -52.76 -15.06
CA PHE U 111 32.12 -53.62 -15.48
C PHE U 111 33.41 -52.86 -15.78
N THR U 112 33.25 -51.66 -16.29
CA THR U 112 34.38 -50.82 -16.65
C THR U 112 34.86 -49.86 -15.58
N GLU U 113 33.94 -49.26 -14.84
CA GLU U 113 34.30 -48.26 -13.85
C GLU U 113 34.34 -48.63 -12.37
N GLN U 114 33.66 -49.69 -11.98
CA GLN U 114 33.67 -50.00 -10.56
C GLN U 114 34.71 -51.01 -10.14
N ALA U 115 35.20 -50.83 -8.92
CA ALA U 115 36.20 -51.70 -8.35
C ALA U 115 35.98 -53.14 -8.78
N LYS U 116 34.81 -53.66 -8.50
CA LYS U 116 34.52 -55.04 -8.85
C LYS U 116 33.37 -55.16 -9.83
N PRO U 117 33.49 -56.01 -10.87
CA PRO U 117 32.34 -56.10 -11.77
C PRO U 117 31.22 -56.82 -11.04
N TYR U 118 30.00 -56.70 -11.53
CA TYR U 118 28.87 -57.37 -10.90
C TYR U 118 28.84 -58.84 -11.34
N GLU U 119 28.71 -59.73 -10.38
CA GLU U 119 28.63 -61.16 -10.67
C GLU U 119 27.16 -61.47 -10.89
N VAL U 120 26.62 -61.06 -12.04
CA VAL U 120 25.22 -61.31 -12.30
C VAL U 120 24.96 -61.51 -13.77
N GLU U 121 23.82 -62.10 -14.08
CA GLU U 121 23.38 -62.31 -15.45
C GLU U 121 21.87 -62.02 -15.35
N LEU U 122 21.36 -61.18 -16.24
CA LEU U 122 19.96 -60.81 -16.18
C LEU U 122 19.18 -61.17 -17.40
N CYS U 123 17.88 -61.36 -17.17
CA CYS U 123 16.97 -61.62 -18.23
C CYS U 123 15.77 -60.66 -18.09
N VAL U 124 15.42 -59.97 -19.16
CA VAL U 124 14.26 -59.09 -19.16
C VAL U 124 13.31 -59.69 -20.19
N ALA U 125 12.06 -59.88 -19.82
CA ALA U 125 11.07 -60.44 -20.74
C ALA U 125 9.83 -59.58 -20.81
N GLU U 126 9.20 -59.59 -21.97
CA GLU U 126 8.00 -58.82 -22.22
C GLU U 126 6.97 -59.64 -23.01
N VAL U 127 5.71 -59.53 -22.65
CA VAL U 127 4.65 -60.21 -23.36
C VAL U 127 3.74 -59.14 -23.94
N ALA U 128 2.85 -59.54 -24.83
CA ALA U 128 1.96 -58.60 -25.47
C ALA U 128 1.01 -57.95 -24.50
N HIS U 129 0.47 -56.81 -24.90
CA HIS U 129 -0.53 -56.09 -24.11
C HIS U 129 -1.87 -56.86 -24.25
N TYR U 130 -2.73 -56.76 -23.26
CA TYR U 130 -4.00 -57.47 -23.30
C TYR U 130 -4.70 -57.42 -24.66
N GLY U 131 -5.23 -58.57 -25.07
CA GLY U 131 -5.93 -58.66 -26.34
C GLY U 131 -5.13 -58.26 -27.56
N GLU U 132 -3.81 -58.23 -27.42
CA GLU U 132 -2.93 -57.87 -28.52
C GLU U 132 -2.23 -59.15 -28.91
N THR U 133 -1.58 -59.17 -30.07
CA THR U 133 -0.86 -60.37 -30.51
C THR U 133 0.56 -59.98 -30.85
N LYS U 134 1.51 -60.63 -30.18
CA LYS U 134 2.90 -60.34 -30.40
C LYS U 134 3.67 -61.44 -29.70
N ARG U 135 4.75 -61.88 -30.31
CA ARG U 135 5.56 -62.93 -29.74
C ARG U 135 6.32 -62.40 -28.54
N PRO U 136 6.36 -63.19 -27.44
CA PRO U 136 7.09 -62.75 -26.25
C PRO U 136 8.50 -62.38 -26.66
N GLU U 137 9.14 -61.53 -25.88
CA GLU U 137 10.51 -61.14 -26.19
C GLU U 137 11.32 -61.47 -24.96
N LEU U 138 12.54 -61.96 -25.18
CA LEU U 138 13.42 -62.31 -24.09
C LEU U 138 14.77 -61.72 -24.37
N TYR U 139 15.38 -61.10 -23.38
CA TYR U 139 16.68 -60.50 -23.55
C TYR U 139 17.57 -60.97 -22.43
N ARG U 140 18.83 -61.21 -22.75
CA ARG U 140 19.80 -61.60 -21.75
C ARG U 140 20.84 -60.50 -21.71
N ILE U 141 21.19 -60.03 -20.52
CA ILE U 141 22.22 -59.01 -20.40
C ILE U 141 23.33 -59.55 -19.52
N THR U 142 24.54 -59.54 -20.06
CA THR U 142 25.73 -60.04 -19.35
C THR U 142 26.38 -59.04 -18.41
N TYR U 143 27.29 -59.55 -17.59
CA TYR U 143 28.02 -58.76 -16.60
C TYR U 143 28.83 -57.67 -17.29
N ASP U 144 29.27 -57.95 -18.51
CA ASP U 144 30.05 -57.01 -19.30
C ASP U 144 29.15 -56.02 -20.06
N GLY U 145 27.85 -56.21 -19.91
CA GLY U 145 26.88 -55.35 -20.58
C GLY U 145 26.42 -55.81 -21.95
N SER U 146 26.88 -56.99 -22.37
CA SER U 146 26.49 -57.56 -23.64
C SER U 146 25.02 -57.90 -23.57
N ILE U 147 24.29 -57.71 -24.67
CA ILE U 147 22.87 -57.98 -24.66
C ILE U 147 22.52 -58.88 -25.83
N ALA U 148 21.59 -59.79 -25.63
CA ALA U 148 21.23 -60.68 -26.69
C ALA U 148 19.74 -60.91 -26.74
N ASP U 149 19.21 -60.93 -27.95
CA ASP U 149 17.80 -61.16 -28.20
C ASP U 149 17.55 -62.69 -28.37
N GLU U 150 16.96 -63.35 -27.38
CA GLU U 150 16.67 -64.78 -27.46
C GLU U 150 15.21 -64.97 -27.88
N PRO U 151 14.95 -65.87 -28.83
CA PRO U 151 13.58 -66.11 -29.32
C PRO U 151 12.73 -67.14 -28.60
N HIS U 152 13.37 -68.10 -27.94
CA HIS U 152 12.60 -69.14 -27.26
C HIS U 152 12.81 -69.28 -25.77
N PHE U 153 14.06 -69.20 -25.33
CA PHE U 153 14.32 -69.35 -23.91
C PHE U 153 15.67 -68.78 -23.56
N VAL U 154 15.91 -68.60 -22.27
CA VAL U 154 17.18 -68.07 -21.80
C VAL U 154 17.54 -68.88 -20.57
N VAL U 155 18.84 -69.12 -20.39
CA VAL U 155 19.31 -69.87 -19.23
C VAL U 155 20.47 -69.10 -18.61
N MET U 156 20.45 -68.95 -17.30
CA MET U 156 21.51 -68.19 -16.64
C MET U 156 21.86 -68.80 -15.30
N GLY U 157 23.12 -68.64 -14.90
CA GLY U 157 23.56 -69.14 -13.62
C GLY U 157 24.06 -70.58 -13.63
N GLY U 158 25.06 -70.84 -12.81
CA GLY U 158 25.63 -72.18 -12.71
C GLY U 158 26.14 -72.74 -14.02
N THR U 159 25.90 -74.03 -14.23
CA THR U 159 26.32 -74.70 -15.46
C THR U 159 25.12 -74.70 -16.38
N THR U 160 25.19 -73.84 -17.38
CA THR U 160 24.10 -73.67 -18.31
C THR U 160 24.03 -74.69 -19.44
N GLU U 161 25.19 -75.09 -19.97
CA GLU U 161 25.29 -76.07 -21.05
C GLU U 161 24.26 -77.20 -20.96
N PRO U 162 24.29 -77.98 -19.87
CA PRO U 162 23.35 -79.09 -19.68
C PRO U 162 21.89 -78.65 -19.80
N ILE U 163 21.54 -77.59 -19.08
CA ILE U 163 20.18 -77.06 -19.08
C ILE U 163 19.79 -76.52 -20.45
N ALA U 164 20.74 -75.84 -21.09
CA ALA U 164 20.53 -75.29 -22.42
C ALA U 164 20.11 -76.38 -23.38
N ASN U 165 20.98 -77.37 -23.55
CA ASN U 165 20.72 -78.49 -24.44
C ASN U 165 19.43 -79.21 -24.08
N ALA U 166 19.26 -79.49 -22.80
CA ALA U 166 18.05 -80.15 -22.33
C ALA U 166 16.79 -79.45 -22.86
N LEU U 167 16.85 -78.13 -22.98
CA LEU U 167 15.73 -77.36 -23.47
C LEU U 167 15.74 -77.34 -24.98
N LYS U 168 16.92 -77.28 -25.56
CA LYS U 168 17.02 -77.17 -27.00
C LYS U 168 16.30 -78.37 -27.57
N GLU U 169 16.16 -79.43 -26.77
CA GLU U 169 15.51 -80.66 -27.23
C GLU U 169 14.04 -80.83 -26.77
N SER U 170 13.77 -80.68 -25.48
CA SER U 170 12.42 -80.72 -24.95
C SER U 170 11.55 -79.54 -25.38
N TYR U 171 12.12 -78.33 -25.40
CA TYR U 171 11.36 -77.13 -25.69
C TYR U 171 10.58 -77.17 -27.00
N ALA U 172 9.26 -77.04 -26.85
CA ALA U 172 8.34 -77.05 -27.97
C ALA U 172 7.55 -75.74 -28.00
N GLU U 173 7.32 -75.23 -29.21
CA GLU U 173 6.59 -73.98 -29.39
C GLU U 173 5.14 -74.08 -28.94
N ASN U 174 4.65 -73.00 -28.34
CA ASN U 174 3.28 -72.92 -27.85
C ASN U 174 2.86 -74.00 -26.87
N ALA U 175 3.77 -74.39 -25.99
CA ALA U 175 3.44 -75.40 -24.99
C ALA U 175 2.47 -74.79 -23.99
N SER U 176 1.60 -75.60 -23.38
CA SER U 176 0.68 -75.03 -22.42
C SER U 176 1.51 -74.69 -21.19
N LEU U 177 0.89 -74.10 -20.17
CA LEU U 177 1.64 -73.77 -18.97
C LEU U 177 2.25 -75.01 -18.33
N THR U 178 1.43 -76.03 -18.09
CA THR U 178 1.90 -77.27 -17.46
C THR U 178 3.04 -77.92 -18.23
N ASP U 179 2.88 -78.04 -19.54
CA ASP U 179 3.93 -78.64 -20.37
C ASP U 179 5.22 -77.83 -20.26
N ALA U 180 5.07 -76.51 -20.32
CA ALA U 180 6.21 -75.60 -20.23
C ALA U 180 6.89 -75.71 -18.87
N LEU U 181 6.11 -75.79 -17.80
CA LEU U 181 6.67 -75.91 -16.47
C LEU U 181 7.46 -77.20 -16.27
N ARG U 182 6.91 -78.33 -16.75
CA ARG U 182 7.62 -79.61 -16.67
C ARG U 182 8.88 -79.65 -17.55
N ILE U 183 8.79 -79.13 -18.76
CA ILE U 183 9.95 -79.11 -19.63
C ILE U 183 11.06 -78.29 -18.96
N ALA U 184 10.65 -77.20 -18.32
CA ALA U 184 11.59 -76.31 -17.63
C ALA U 184 12.20 -76.94 -16.38
N VAL U 185 11.35 -77.44 -15.48
CA VAL U 185 11.86 -78.07 -14.26
C VAL U 185 12.81 -79.23 -14.63
N ALA U 186 12.46 -79.92 -15.70
CA ALA U 186 13.26 -81.04 -16.19
C ALA U 186 14.60 -80.52 -16.68
N ALA U 187 14.56 -79.56 -17.59
CA ALA U 187 15.76 -78.91 -18.08
C ALA U 187 16.51 -78.36 -16.88
N LEU U 188 15.78 -78.17 -15.79
CA LEU U 188 16.35 -77.64 -14.57
C LEU U 188 16.96 -78.78 -13.75
N ARG U 189 16.14 -79.77 -13.43
CA ARG U 189 16.63 -80.95 -12.72
C ARG U 189 17.89 -81.48 -13.37
N ALA U 190 18.00 -81.29 -14.67
CA ALA U 190 19.22 -81.62 -15.39
C ALA U 190 20.29 -80.62 -15.00
N GLY U 191 20.84 -80.79 -13.80
CA GLY U 191 21.86 -79.89 -13.29
C GLY U 191 21.53 -79.36 -11.91
N GLY U 204 12.29 -79.87 -5.51
CA GLY U 204 11.16 -79.67 -4.60
C GLY U 204 10.27 -78.49 -4.97
N VAL U 205 9.06 -78.46 -4.44
CA VAL U 205 8.09 -77.38 -4.72
C VAL U 205 8.49 -76.11 -4.01
N ALA U 206 9.08 -76.26 -2.83
CA ALA U 206 9.51 -75.12 -2.05
C ALA U 206 10.91 -74.71 -2.46
N SER U 207 11.61 -75.59 -3.20
CA SER U 207 12.95 -75.21 -3.63
C SER U 207 12.87 -74.53 -5.00
N LEU U 208 11.67 -74.15 -5.40
CA LEU U 208 11.47 -73.48 -6.68
C LEU U 208 10.76 -72.13 -6.55
N GLU U 209 11.17 -71.21 -7.41
CA GLU U 209 10.54 -69.89 -7.49
C GLU U 209 9.91 -69.89 -8.89
N VAL U 210 8.60 -69.77 -8.94
CA VAL U 210 7.91 -69.79 -10.22
C VAL U 210 6.98 -68.60 -10.43
N ALA U 211 6.98 -68.06 -11.64
CA ALA U 211 6.13 -66.93 -11.98
C ALA U 211 5.98 -66.81 -13.47
N VAL U 212 4.88 -66.18 -13.88
CA VAL U 212 4.64 -65.97 -15.29
C VAL U 212 4.27 -64.53 -15.62
N LEU U 213 4.53 -64.16 -16.87
CA LEU U 213 4.11 -62.89 -17.42
C LEU U 213 2.91 -63.43 -18.20
N ASP U 214 1.74 -63.31 -17.60
CA ASP U 214 0.52 -63.84 -18.20
C ASP U 214 -0.09 -62.81 -19.12
N ALA U 215 0.05 -63.05 -20.42
CA ALA U 215 -0.45 -62.14 -21.43
C ALA U 215 -1.94 -61.98 -21.35
N ASN U 216 -2.61 -62.85 -20.62
CA ASN U 216 -4.06 -62.78 -20.54
C ASN U 216 -4.57 -61.84 -19.44
N ARG U 217 -3.65 -61.34 -18.62
CA ARG U 217 -4.04 -60.40 -17.56
C ARG U 217 -4.27 -59.06 -18.25
N PRO U 218 -5.31 -58.31 -17.85
CA PRO U 218 -5.63 -56.99 -18.42
C PRO U 218 -4.50 -55.95 -18.36
N ARG U 219 -3.84 -55.79 -17.21
CA ARG U 219 -2.73 -54.85 -17.14
C ARG U 219 -1.45 -55.43 -16.57
N ARG U 220 -1.47 -55.85 -15.31
CA ARG U 220 -0.27 -56.41 -14.72
C ARG U 220 -0.16 -57.90 -15.04
N ALA U 221 0.77 -58.22 -15.91
CA ALA U 221 0.97 -59.59 -16.36
C ALA U 221 1.69 -60.49 -15.35
N PHE U 222 2.57 -59.90 -14.54
CA PHE U 222 3.34 -60.69 -13.57
C PHE U 222 2.45 -61.39 -12.57
N ARG U 223 2.70 -62.68 -12.38
CA ARG U 223 1.89 -63.49 -11.48
C ARG U 223 2.75 -64.63 -10.91
N ARG U 224 2.85 -64.71 -9.59
CA ARG U 224 3.63 -65.77 -8.97
C ARG U 224 2.80 -67.04 -8.82
N ILE U 225 3.42 -68.18 -9.04
CA ILE U 225 2.74 -69.47 -8.89
C ILE U 225 3.42 -70.19 -7.75
N THR U 226 2.73 -70.30 -6.63
CA THR U 226 3.33 -70.94 -5.47
C THR U 226 2.43 -71.88 -4.69
N GLY U 227 3.03 -72.50 -3.68
CA GLY U 227 2.30 -73.43 -2.83
C GLY U 227 1.50 -74.51 -3.53
N SER U 228 0.29 -74.75 -2.99
CA SER U 228 -0.59 -75.75 -3.56
C SER U 228 -0.80 -75.54 -5.04
N ALA U 229 -1.08 -74.29 -5.41
CA ALA U 229 -1.29 -73.95 -6.82
C ALA U 229 -0.12 -74.44 -7.68
N LEU U 230 1.11 -74.18 -7.21
CA LEU U 230 2.29 -74.62 -7.94
C LEU U 230 2.33 -76.14 -7.92
N GLN U 231 2.00 -76.73 -6.78
CA GLN U 231 2.06 -78.18 -6.68
C GLN U 231 1.16 -78.86 -7.69
N ALA U 232 -0.05 -78.31 -7.86
CA ALA U 232 -1.06 -78.83 -8.81
C ALA U 232 -0.74 -78.81 -10.33
N LEU U 233 -0.25 -77.69 -10.83
CA LEU U 233 0.19 -77.64 -12.20
C LEU U 233 1.43 -78.54 -12.29
N LEU U 234 2.15 -78.63 -11.18
CA LEU U 234 3.42 -79.35 -11.12
C LEU U 234 3.30 -80.81 -11.56
N THR V 1 -17.84 -29.19 -7.85
CA THR V 1 -17.44 -30.62 -7.59
C THR V 1 -18.01 -31.21 -6.29
N THR V 2 -18.36 -32.48 -6.32
CA THR V 2 -18.74 -33.18 -5.12
C THR V 2 -18.33 -34.61 -5.31
N ILE V 3 -17.62 -35.11 -4.31
CA ILE V 3 -17.20 -36.50 -4.29
C ILE V 3 -17.67 -37.05 -2.96
N VAL V 4 -18.34 -38.20 -2.96
CA VAL V 4 -18.83 -38.79 -1.71
C VAL V 4 -18.28 -40.18 -1.52
N ALA V 5 -18.21 -40.61 -0.25
CA ALA V 5 -17.79 -41.95 0.03
C ALA V 5 -18.58 -42.43 1.26
N LEU V 6 -19.00 -43.68 1.26
CA LEU V 6 -19.69 -44.20 2.42
C LEU V 6 -19.41 -45.70 2.59
N LYS V 7 -19.45 -46.14 3.84
CA LYS V 7 -19.19 -47.53 4.16
C LYS V 7 -20.51 -48.29 4.19
N TYR V 8 -20.48 -49.55 3.77
CA TYR V 8 -21.65 -50.43 3.81
C TYR V 8 -21.13 -51.77 4.31
N PRO V 9 -22.01 -52.60 4.87
CA PRO V 9 -21.54 -53.89 5.40
C PRO V 9 -20.70 -54.68 4.41
N GLY V 10 -19.42 -54.83 4.71
CA GLY V 10 -18.54 -55.55 3.80
C GLY V 10 -17.76 -54.72 2.78
N GLY V 11 -17.94 -53.39 2.74
CA GLY V 11 -17.21 -52.62 1.76
C GLY V 11 -17.37 -51.12 1.81
N VAL V 12 -16.99 -50.48 0.72
CA VAL V 12 -17.07 -49.03 0.64
C VAL V 12 -17.37 -48.61 -0.79
N VAL V 13 -18.08 -47.50 -0.93
CA VAL V 13 -18.38 -46.99 -2.25
C VAL V 13 -17.99 -45.51 -2.31
N MET V 14 -17.43 -45.09 -3.45
CA MET V 14 -17.06 -43.72 -3.66
C MET V 14 -17.65 -43.30 -5.00
N ALA V 15 -18.28 -42.14 -5.07
CA ALA V 15 -18.88 -41.67 -6.32
C ALA V 15 -18.58 -40.18 -6.49
N GLY V 16 -18.47 -39.71 -7.74
CA GLY V 16 -18.17 -38.31 -7.99
C GLY V 16 -18.98 -37.79 -9.17
N ASP V 17 -19.24 -36.48 -9.20
CA ASP V 17 -20.00 -35.84 -10.28
C ASP V 17 -19.08 -35.66 -11.49
N ARG V 18 -19.61 -35.13 -12.58
CA ARG V 18 -18.85 -35.04 -13.84
C ARG V 18 -18.56 -33.62 -14.33
N ARG V 19 -18.92 -32.61 -13.56
CA ARG V 19 -18.77 -31.25 -13.99
C ARG V 19 -17.44 -30.58 -13.81
N SER V 20 -17.06 -29.74 -14.76
CA SER V 20 -15.86 -28.92 -14.54
C SER V 20 -16.37 -27.52 -14.97
N THR V 21 -15.89 -26.49 -14.28
CA THR V 21 -16.30 -25.14 -14.60
C THR V 21 -15.09 -24.19 -14.64
N GLN V 22 -15.31 -23.00 -15.19
CA GLN V 22 -14.33 -21.91 -15.29
C GLN V 22 -15.23 -20.74 -14.97
N GLY V 23 -15.14 -20.24 -13.73
CA GLY V 23 -16.02 -19.19 -13.29
C GLY V 23 -17.45 -19.79 -13.36
N ASN V 24 -18.39 -19.02 -13.90
CA ASN V 24 -19.78 -19.47 -14.06
C ASN V 24 -19.98 -20.44 -15.23
N MET V 25 -18.98 -20.56 -16.12
CA MET V 25 -19.13 -21.38 -17.30
C MET V 25 -18.93 -22.84 -17.10
N ILE V 26 -19.81 -23.64 -17.70
CA ILE V 26 -19.69 -25.07 -17.62
C ILE V 26 -18.67 -25.42 -18.69
N SER V 27 -17.50 -25.90 -18.29
CA SER V 27 -16.48 -26.18 -19.29
C SER V 27 -16.29 -27.68 -19.59
N GLY V 28 -16.92 -28.54 -18.80
CA GLY V 28 -16.81 -29.97 -19.06
C GLY V 28 -18.02 -30.69 -18.49
N ARG V 29 -18.40 -31.81 -19.11
CA ARG V 29 -19.57 -32.55 -18.65
C ARG V 29 -19.31 -34.02 -18.42
N ASP V 30 -18.08 -34.46 -18.65
CA ASP V 30 -17.80 -35.87 -18.50
C ASP V 30 -16.49 -36.18 -17.79
N VAL V 31 -16.04 -35.24 -16.99
CA VAL V 31 -14.80 -35.43 -16.25
C VAL V 31 -14.99 -36.61 -15.29
N ARG V 32 -13.96 -37.44 -15.13
CA ARG V 32 -13.99 -38.57 -14.19
C ARG V 32 -13.14 -38.16 -12.99
N LYS V 33 -13.73 -38.13 -11.80
CA LYS V 33 -13.02 -37.66 -10.62
C LYS V 33 -12.67 -38.71 -9.60
N VAL V 34 -13.12 -39.94 -9.86
CA VAL V 34 -12.84 -41.03 -8.95
C VAL V 34 -11.97 -42.07 -9.63
N TYR V 35 -10.80 -42.36 -9.05
CA TYR V 35 -9.86 -43.30 -9.63
C TYR V 35 -9.57 -44.52 -8.76
N ILE V 36 -9.40 -45.68 -9.40
CA ILE V 36 -9.02 -46.87 -8.67
C ILE V 36 -7.52 -46.70 -8.53
N THR V 37 -7.01 -46.55 -7.33
CA THR V 37 -5.59 -46.29 -7.24
C THR V 37 -4.71 -47.52 -7.01
N ASP V 38 -5.32 -48.62 -6.58
CA ASP V 38 -4.65 -49.92 -6.43
C ASP V 38 -5.79 -50.91 -6.24
N ASP V 39 -5.51 -52.20 -6.06
CA ASP V 39 -6.59 -53.19 -5.94
C ASP V 39 -7.60 -53.00 -4.84
N TYR V 40 -7.22 -52.29 -3.77
CA TYR V 40 -8.12 -52.06 -2.67
C TYR V 40 -8.36 -50.58 -2.29
N THR V 41 -8.10 -49.67 -3.21
CA THR V 41 -8.31 -48.28 -2.86
C THR V 41 -8.75 -47.42 -4.03
N ALA V 42 -9.48 -46.36 -3.71
CA ALA V 42 -9.94 -45.43 -4.72
C ALA V 42 -9.73 -44.04 -4.14
N THR V 43 -9.41 -43.10 -5.02
CA THR V 43 -9.16 -41.73 -4.64
C THR V 43 -10.08 -40.84 -5.46
N GLY V 44 -10.69 -39.86 -4.81
CA GLY V 44 -11.57 -38.92 -5.49
C GLY V 44 -10.96 -37.57 -5.17
N ILE V 45 -10.86 -36.66 -6.14
CA ILE V 45 -10.22 -35.38 -5.80
C ILE V 45 -10.99 -34.15 -6.23
N ALA V 46 -10.99 -33.13 -5.37
CA ALA V 46 -11.67 -31.91 -5.67
C ALA V 46 -10.63 -30.79 -5.70
N GLY V 47 -11.00 -29.63 -6.25
CA GLY V 47 -10.11 -28.47 -6.34
C GLY V 47 -9.54 -28.26 -7.74
N THR V 48 -8.32 -27.75 -7.81
CA THR V 48 -7.64 -27.48 -9.08
C THR V 48 -7.43 -28.75 -9.89
N ALA V 49 -8.07 -28.78 -11.07
CA ALA V 49 -8.04 -29.95 -11.93
C ALA V 49 -6.63 -30.45 -12.22
N ALA V 50 -5.73 -29.56 -12.58
CA ALA V 50 -4.36 -29.98 -12.88
C ALA V 50 -3.72 -30.75 -11.73
N VAL V 51 -3.84 -30.20 -10.52
CA VAL V 51 -3.27 -30.84 -9.35
C VAL V 51 -3.99 -32.13 -9.00
N ALA V 52 -5.31 -32.09 -9.06
CA ALA V 52 -6.14 -33.26 -8.77
C ALA V 52 -5.74 -34.47 -9.64
N VAL V 53 -5.56 -34.23 -10.92
CA VAL V 53 -5.19 -35.33 -11.80
C VAL V 53 -3.72 -35.81 -11.54
N GLU V 54 -2.79 -34.89 -11.28
CA GLU V 54 -1.45 -35.39 -11.00
C GLU V 54 -1.36 -36.11 -9.65
N PHE V 55 -2.20 -35.75 -8.70
CA PHE V 55 -2.20 -36.45 -7.43
C PHE V 55 -2.59 -37.89 -7.63
N ALA V 56 -3.71 -38.14 -8.31
CA ALA V 56 -4.19 -39.49 -8.47
C ALA V 56 -3.23 -40.34 -9.27
N ARG V 57 -2.70 -39.78 -10.34
CA ARG V 57 -1.75 -40.49 -11.18
C ARG V 57 -0.43 -40.82 -10.50
N LEU V 58 0.19 -39.84 -9.86
CA LEU V 58 1.40 -40.07 -9.09
C LEU V 58 1.18 -40.99 -7.88
N TYR V 59 0.07 -40.83 -7.18
CA TYR V 59 -0.22 -41.69 -6.04
C TYR V 59 -0.31 -43.18 -6.44
N ALA V 60 -1.04 -43.47 -7.50
CA ALA V 60 -1.16 -44.84 -7.96
C ALA V 60 0.25 -45.41 -8.31
N VAL V 61 1.07 -44.58 -8.95
CA VAL V 61 2.41 -45.01 -9.30
C VAL V 61 3.21 -45.29 -8.03
N GLU V 62 3.10 -44.42 -7.04
CA GLU V 62 3.83 -44.62 -5.80
C GLU V 62 3.42 -45.91 -5.05
N LEU V 63 2.14 -46.24 -5.04
CA LEU V 63 1.68 -47.43 -4.36
C LEU V 63 2.21 -48.71 -5.04
N GLU V 64 2.14 -48.73 -6.37
CA GLU V 64 2.62 -49.89 -7.10
C GLU V 64 4.17 -50.00 -7.09
N HIS V 65 4.82 -48.86 -6.99
CA HIS V 65 6.26 -48.79 -6.93
C HIS V 65 6.74 -49.48 -5.66
N TYR V 66 6.11 -49.13 -4.52
CA TYR V 66 6.47 -49.75 -3.26
C TYR V 66 6.26 -51.27 -3.35
N GLU V 67 5.09 -51.68 -3.83
CA GLU V 67 4.75 -53.08 -3.98
C GLU V 67 5.80 -53.86 -4.82
N LYS V 68 6.22 -53.30 -5.94
CA LYS V 68 7.20 -53.98 -6.76
C LYS V 68 8.55 -54.04 -6.09
N LEU V 69 8.97 -52.96 -5.44
CA LEU V 69 10.25 -52.94 -4.78
C LEU V 69 10.30 -53.85 -3.55
N GLU V 70 9.24 -53.82 -2.74
CA GLU V 70 9.23 -54.59 -1.48
C GLU V 70 8.55 -55.94 -1.52
N GLY V 71 7.87 -56.25 -2.61
CA GLY V 71 7.20 -57.51 -2.72
C GLY V 71 5.84 -57.60 -2.04
N VAL V 72 5.44 -56.56 -1.32
CA VAL V 72 4.16 -56.61 -0.64
C VAL V 72 3.58 -55.20 -0.67
N PRO V 73 2.24 -55.07 -0.68
CA PRO V 73 1.72 -53.70 -0.71
C PRO V 73 1.89 -53.01 0.64
N LEU V 74 1.81 -51.67 0.65
CA LEU V 74 1.87 -50.88 1.87
C LEU V 74 0.63 -51.21 2.70
N THR V 75 0.77 -51.07 4.02
CA THR V 75 -0.36 -51.28 4.92
C THR V 75 -1.30 -50.10 4.61
N PHE V 76 -2.55 -50.22 5.03
CA PHE V 76 -3.45 -49.12 4.77
C PHE V 76 -2.93 -47.83 5.42
N ALA V 77 -2.39 -47.95 6.64
CA ALA V 77 -1.82 -46.82 7.35
C ALA V 77 -0.73 -46.14 6.51
N GLY V 78 0.11 -46.96 5.89
CA GLY V 78 1.19 -46.44 5.04
C GLY V 78 0.64 -45.71 3.81
N LYS V 79 -0.41 -46.25 3.20
CA LYS V 79 -1.02 -45.60 2.03
C LYS V 79 -1.57 -44.21 2.43
N ILE V 80 -2.14 -44.14 3.62
CA ILE V 80 -2.69 -42.88 4.09
C ILE V 80 -1.56 -41.85 4.25
N ASN V 81 -0.47 -42.28 4.86
CA ASN V 81 0.65 -41.36 5.10
C ASN V 81 1.29 -40.86 3.82
N ARG V 82 1.39 -41.73 2.82
CA ARG V 82 1.92 -41.32 1.53
C ARG V 82 1.05 -40.28 0.83
N LEU V 83 -0.28 -40.45 0.88
CA LEU V 83 -1.17 -39.47 0.27
C LEU V 83 -1.08 -38.15 1.09
N ALA V 84 -0.98 -38.26 2.41
CA ALA V 84 -0.88 -37.05 3.24
C ALA V 84 0.39 -36.24 2.93
N ILE V 85 1.51 -36.95 2.72
CA ILE V 85 2.77 -36.31 2.45
C ILE V 85 2.69 -35.64 1.09
N MET V 86 2.06 -36.31 0.12
CA MET V 86 1.91 -35.72 -1.20
C MET V 86 1.09 -34.42 -1.10
N VAL V 87 -0.02 -34.42 -0.33
CA VAL V 87 -0.84 -33.22 -0.20
C VAL V 87 -0.02 -32.12 0.45
N ARG V 88 0.66 -32.44 1.56
CA ARG V 88 1.50 -31.46 2.28
C ARG V 88 2.54 -30.82 1.33
N GLY V 89 3.10 -31.61 0.43
CA GLY V 89 4.07 -31.08 -0.51
C GLY V 89 3.52 -30.03 -1.45
N ASN V 90 2.19 -29.96 -1.59
CA ASN V 90 1.57 -29.01 -2.49
C ASN V 90 1.09 -27.80 -1.73
N LEU V 91 1.34 -27.76 -0.44
CA LEU V 91 0.85 -26.64 0.35
C LEU V 91 1.21 -25.18 -0.14
N ALA V 92 2.46 -24.93 -0.56
CA ALA V 92 2.84 -23.61 -1.05
C ALA V 92 1.99 -23.23 -2.29
N ALA V 93 1.99 -24.13 -3.28
CA ALA V 93 1.22 -23.98 -4.51
C ALA V 93 -0.26 -23.79 -4.14
N ALA V 94 -0.75 -24.57 -3.17
CA ALA V 94 -2.14 -24.43 -2.75
C ALA V 94 -2.44 -23.04 -2.20
N MET V 95 -1.46 -22.45 -1.49
CA MET V 95 -1.61 -21.10 -0.96
C MET V 95 -1.72 -20.10 -2.10
N GLN V 96 -1.19 -20.49 -3.27
CA GLN V 96 -1.19 -19.67 -4.47
C GLN V 96 -2.40 -19.95 -5.39
N GLY V 97 -3.35 -20.72 -4.88
CA GLY V 97 -4.55 -21.06 -5.63
C GLY V 97 -4.60 -22.43 -6.28
N LEU V 98 -3.49 -23.15 -6.31
CA LEU V 98 -3.50 -24.50 -6.85
C LEU V 98 -3.81 -25.47 -5.71
N LEU V 99 -5.03 -25.42 -5.19
CA LEU V 99 -5.41 -26.26 -4.07
C LEU V 99 -6.26 -27.45 -4.49
N ALA V 100 -5.83 -28.64 -4.10
CA ALA V 100 -6.59 -29.85 -4.43
C ALA V 100 -6.67 -30.75 -3.17
N LEU V 101 -7.84 -31.28 -2.88
CA LEU V 101 -8.05 -32.12 -1.68
C LEU V 101 -8.60 -33.50 -2.03
N PRO V 102 -7.87 -34.55 -1.63
CA PRO V 102 -8.37 -35.88 -1.96
C PRO V 102 -9.24 -36.46 -0.87
N LEU V 103 -10.02 -37.46 -1.26
CA LEU V 103 -10.84 -38.24 -0.34
C LEU V 103 -10.40 -39.66 -0.68
N LEU V 104 -10.04 -40.43 0.33
CA LEU V 104 -9.56 -41.79 0.09
C LEU V 104 -10.53 -42.83 0.61
N ALA V 105 -10.81 -43.83 -0.19
CA ALA V 105 -11.69 -44.93 0.24
C ALA V 105 -10.94 -46.22 0.02
N GLY V 106 -11.06 -47.15 0.94
CA GLY V 106 -10.36 -48.41 0.73
C GLY V 106 -10.97 -49.54 1.51
N TYR V 107 -10.44 -50.74 1.30
CA TYR V 107 -10.89 -51.92 2.02
C TYR V 107 -9.59 -52.46 2.55
N ASP V 108 -9.51 -52.64 3.86
CA ASP V 108 -8.27 -53.11 4.48
C ASP V 108 -8.28 -54.64 4.60
N ILE V 109 -7.50 -55.30 3.76
CA ILE V 109 -7.44 -56.77 3.78
C ILE V 109 -6.93 -57.30 5.12
N HIS V 110 -6.11 -56.51 5.83
CA HIS V 110 -5.58 -56.94 7.13
C HIS V 110 -6.44 -56.57 8.34
N ALA V 111 -7.59 -55.94 8.12
CA ALA V 111 -8.43 -55.60 9.26
C ALA V 111 -8.95 -56.88 9.89
N SER V 112 -9.15 -56.85 11.20
CA SER V 112 -9.66 -58.03 11.92
C SER V 112 -11.07 -58.39 11.46
N ASP V 113 -11.99 -57.44 11.52
CA ASP V 113 -13.37 -57.74 11.12
C ASP V 113 -13.73 -57.25 9.72
N PRO V 114 -13.87 -58.19 8.77
CA PRO V 114 -14.21 -58.00 7.35
C PRO V 114 -15.43 -57.16 7.03
N GLN V 115 -16.49 -57.29 7.82
CA GLN V 115 -17.71 -56.51 7.57
C GLN V 115 -17.46 -55.02 7.74
N SER V 116 -16.46 -54.67 8.56
CA SER V 116 -16.16 -53.26 8.79
C SER V 116 -14.79 -52.82 8.27
N ALA V 117 -14.16 -53.65 7.45
CA ALA V 117 -12.82 -53.38 6.89
C ALA V 117 -12.81 -52.18 5.92
N GLY V 118 -13.99 -51.62 5.66
CA GLY V 118 -14.09 -50.47 4.78
C GLY V 118 -13.43 -49.28 5.47
N ARG V 119 -12.81 -48.41 4.69
CA ARG V 119 -12.11 -47.25 5.23
C ARG V 119 -12.39 -46.01 4.41
N ILE V 120 -12.56 -44.89 5.10
CA ILE V 120 -12.79 -43.61 4.44
C ILE V 120 -11.87 -42.63 5.17
N VAL V 121 -11.04 -41.92 4.40
CA VAL V 121 -10.07 -41.00 4.99
C VAL V 121 -10.13 -39.64 4.31
N SER V 122 -10.25 -38.57 5.08
CA SER V 122 -10.27 -37.25 4.48
C SER V 122 -8.93 -36.52 4.79
N PHE V 123 -8.60 -35.50 3.99
CA PHE V 123 -7.36 -34.77 4.15
C PHE V 123 -7.58 -33.27 4.04
N ASP V 124 -6.81 -32.49 4.79
CA ASP V 124 -6.91 -31.02 4.67
C ASP V 124 -5.69 -30.55 3.85
N ALA V 125 -5.63 -29.24 3.54
CA ALA V 125 -4.54 -28.68 2.72
C ALA V 125 -3.12 -28.83 3.28
N ALA V 126 -2.98 -29.02 4.60
CA ALA V 126 -1.66 -29.15 5.18
C ALA V 126 -1.23 -30.61 5.29
N GLY V 127 -2.07 -31.52 4.85
CA GLY V 127 -1.68 -32.92 4.92
C GLY V 127 -2.24 -33.63 6.12
N GLY V 128 -3.08 -32.95 6.87
CA GLY V 128 -3.72 -33.56 8.02
C GLY V 128 -4.75 -34.56 7.49
N TRP V 129 -4.82 -35.74 8.10
CA TRP V 129 -5.77 -36.74 7.69
C TRP V 129 -6.62 -37.18 8.87
N ASN V 130 -7.76 -37.76 8.55
CA ASN V 130 -8.67 -38.25 9.57
C ASN V 130 -9.44 -39.48 9.03
N ILE V 131 -9.38 -40.58 9.77
CA ILE V 131 -10.11 -41.80 9.38
C ILE V 131 -11.52 -41.60 9.85
N GLU V 132 -12.44 -41.51 8.89
CA GLU V 132 -13.84 -41.27 9.19
C GLU V 132 -14.46 -42.38 10.02
N GLU V 133 -15.13 -41.99 11.08
CA GLU V 133 -15.75 -43.00 11.94
C GLU V 133 -17.28 -43.00 11.88
N GLU V 134 -17.89 -42.00 11.28
CA GLU V 134 -19.34 -41.95 11.22
C GLU V 134 -20.00 -42.56 9.98
N GLY V 135 -19.21 -43.21 9.13
CA GLY V 135 -19.79 -43.90 7.99
C GLY V 135 -19.73 -43.28 6.61
N TYR V 136 -19.57 -41.96 6.51
CA TYR V 136 -19.53 -41.33 5.19
C TYR V 136 -18.77 -40.00 5.25
N GLN V 137 -18.41 -39.49 4.08
CA GLN V 137 -17.70 -38.23 4.03
C GLN V 137 -17.89 -37.67 2.63
N ALA V 138 -17.48 -36.43 2.42
CA ALA V 138 -17.61 -35.82 1.08
C ALA V 138 -16.66 -34.62 0.98
N VAL V 139 -16.18 -34.32 -0.24
CA VAL V 139 -15.31 -33.14 -0.45
C VAL V 139 -15.79 -32.41 -1.68
N GLY V 140 -15.50 -31.10 -1.74
CA GLY V 140 -15.88 -30.27 -2.87
C GLY V 140 -16.92 -29.24 -2.48
N SER V 141 -17.22 -28.32 -3.39
CA SER V 141 -18.21 -27.28 -3.11
C SER V 141 -19.61 -27.82 -2.78
N GLY V 142 -19.95 -29.05 -3.14
CA GLY V 142 -21.29 -29.50 -2.78
C GLY V 142 -21.28 -30.46 -1.60
N SER V 143 -20.13 -30.56 -0.91
CA SER V 143 -20.02 -31.54 0.16
C SER V 143 -20.92 -31.39 1.37
N LEU V 144 -21.23 -30.17 1.78
CA LEU V 144 -22.10 -29.99 2.93
C LEU V 144 -23.52 -30.45 2.56
N PHE V 145 -23.97 -30.19 1.34
CA PHE V 145 -25.30 -30.62 0.95
C PHE V 145 -25.33 -32.16 0.89
N ALA V 146 -24.26 -32.75 0.38
CA ALA V 146 -24.17 -34.20 0.25
C ALA V 146 -24.15 -34.87 1.64
N LYS V 147 -23.39 -34.29 2.55
CA LYS V 147 -23.33 -34.85 3.87
C LYS V 147 -24.64 -34.71 4.61
N SER V 148 -25.34 -33.59 4.47
CA SER V 148 -26.61 -33.44 5.17
C SER V 148 -27.64 -34.40 4.57
N SER V 149 -27.48 -34.69 3.28
CA SER V 149 -28.38 -35.62 2.64
C SER V 149 -28.06 -37.05 3.17
N MET V 150 -26.78 -37.45 3.15
CA MET V 150 -26.45 -38.79 3.66
C MET V 150 -26.79 -38.94 5.17
N LYS V 151 -26.76 -37.84 5.91
CA LYS V 151 -27.08 -37.92 7.32
C LYS V 151 -28.49 -38.49 7.49
N LYS V 152 -29.40 -38.11 6.61
CA LYS V 152 -30.77 -38.57 6.68
C LYS V 152 -30.98 -39.93 5.98
N LEU V 153 -30.13 -40.26 5.01
CA LEU V 153 -30.32 -41.49 4.26
C LEU V 153 -29.49 -42.65 4.68
N TYR V 154 -28.44 -42.39 5.44
CA TYR V 154 -27.51 -43.46 5.82
C TYR V 154 -28.09 -44.70 6.48
N SER V 155 -29.16 -44.55 7.23
CA SER V 155 -29.74 -45.71 7.90
C SER V 155 -30.29 -46.68 6.87
N GLN V 156 -30.43 -46.23 5.63
CA GLN V 156 -30.95 -47.10 4.57
C GLN V 156 -29.85 -47.93 3.90
N VAL V 157 -28.59 -47.72 4.26
CA VAL V 157 -27.54 -48.50 3.62
C VAL V 157 -27.39 -49.83 4.31
N THR V 158 -27.68 -50.90 3.57
CA THR V 158 -27.61 -52.26 4.14
C THR V 158 -26.74 -53.16 3.27
N ASP V 159 -26.33 -52.68 2.10
CA ASP V 159 -25.48 -53.47 1.23
C ASP V 159 -24.91 -52.59 0.12
N GLY V 160 -24.22 -53.22 -0.82
CA GLY V 160 -23.56 -52.52 -1.90
C GLY V 160 -24.48 -51.70 -2.73
N ASP V 161 -25.62 -52.26 -3.14
CA ASP V 161 -26.55 -51.53 -3.97
C ASP V 161 -27.25 -50.37 -3.27
N SER V 162 -27.67 -50.57 -2.03
CA SER V 162 -28.34 -49.50 -1.31
C SER V 162 -27.31 -48.38 -1.03
N GLY V 163 -26.07 -48.78 -0.81
CA GLY V 163 -25.00 -47.84 -0.58
C GLY V 163 -24.77 -47.00 -1.81
N LEU V 164 -24.78 -47.66 -2.96
CA LEU V 164 -24.60 -46.97 -4.23
C LEU V 164 -25.76 -46.01 -4.50
N ARG V 165 -26.98 -46.45 -4.22
CA ARG V 165 -28.14 -45.61 -4.43
C ARG V 165 -28.06 -44.36 -3.56
N VAL V 166 -27.67 -44.55 -2.30
CA VAL V 166 -27.55 -43.43 -1.37
C VAL V 166 -26.47 -42.45 -1.84
N ALA V 167 -25.36 -42.98 -2.31
CA ALA V 167 -24.26 -42.15 -2.79
C ALA V 167 -24.70 -41.33 -3.99
N VAL V 168 -25.46 -41.94 -4.89
CA VAL V 168 -25.93 -41.22 -6.06
C VAL V 168 -26.96 -40.18 -5.65
N GLU V 169 -27.77 -40.50 -4.64
CA GLU V 169 -28.78 -39.57 -4.17
C GLU V 169 -28.12 -38.38 -3.47
N ALA V 170 -27.02 -38.64 -2.77
CA ALA V 170 -26.31 -37.55 -2.11
C ALA V 170 -25.70 -36.62 -3.20
N LEU V 171 -25.15 -37.21 -4.26
CA LEU V 171 -24.62 -36.38 -5.36
C LEU V 171 -25.75 -35.63 -6.03
N TYR V 172 -26.94 -36.25 -6.09
CA TYR V 172 -28.08 -35.59 -6.72
C TYR V 172 -28.47 -34.37 -5.87
N ASP V 173 -28.49 -34.56 -4.54
CA ASP V 173 -28.81 -33.42 -3.67
C ASP V 173 -27.75 -32.34 -3.75
N ALA V 174 -26.47 -32.74 -3.88
CA ALA V 174 -25.42 -31.74 -4.00
C ALA V 174 -25.66 -30.90 -5.27
N ALA V 175 -25.96 -31.57 -6.40
CA ALA V 175 -26.21 -30.81 -7.67
C ALA V 175 -27.48 -29.94 -7.57
N ASP V 176 -28.45 -30.37 -6.77
CA ASP V 176 -29.69 -29.64 -6.65
C ASP V 176 -29.42 -28.27 -5.97
N ASP V 177 -28.41 -28.24 -5.11
CA ASP V 177 -28.14 -27.00 -4.35
C ASP V 177 -26.84 -26.24 -4.68
N ASP V 178 -25.92 -26.92 -5.37
CA ASP V 178 -24.64 -26.34 -5.73
C ASP V 178 -24.47 -26.33 -7.28
N SER V 179 -24.57 -25.15 -7.87
CA SER V 179 -24.39 -25.01 -9.32
C SER V 179 -23.02 -25.51 -9.82
N ALA V 180 -22.04 -25.66 -8.92
CA ALA V 180 -20.75 -26.15 -9.38
C ALA V 180 -20.69 -27.70 -9.46
N THR V 181 -21.75 -28.39 -9.04
CA THR V 181 -21.77 -29.88 -9.08
C THR V 181 -22.75 -30.29 -10.16
N GLY V 182 -22.37 -31.23 -11.00
CA GLY V 182 -23.28 -31.64 -12.06
C GLY V 182 -24.28 -32.72 -11.73
N GLY V 183 -25.54 -32.50 -12.07
CA GLY V 183 -26.52 -33.54 -11.82
C GLY V 183 -26.53 -34.55 -12.97
N PRO V 184 -27.35 -35.60 -12.87
CA PRO V 184 -27.46 -36.62 -13.94
C PRO V 184 -27.92 -35.88 -15.21
N ASP V 185 -27.33 -36.16 -16.36
CA ASP V 185 -27.73 -35.46 -17.59
C ASP V 185 -28.44 -36.52 -18.44
N LEU V 186 -29.76 -36.47 -18.41
CA LEU V 186 -30.60 -37.40 -19.17
C LEU V 186 -30.59 -37.17 -20.69
N VAL V 187 -30.38 -35.94 -21.13
CA VAL V 187 -30.33 -35.68 -22.55
C VAL V 187 -29.10 -36.34 -23.15
N ARG V 188 -27.92 -36.12 -22.54
CA ARG V 188 -26.67 -36.65 -23.08
C ARG V 188 -26.36 -38.05 -22.55
N GLY V 189 -27.10 -38.50 -21.53
CA GLY V 189 -26.82 -39.81 -20.94
C GLY V 189 -25.52 -39.86 -20.15
N ILE V 190 -25.23 -38.79 -19.40
CA ILE V 190 -23.99 -38.76 -18.60
C ILE V 190 -24.35 -38.79 -17.11
N PHE V 191 -23.73 -39.69 -16.38
CA PHE V 191 -24.05 -39.81 -14.97
C PHE V 191 -22.80 -39.84 -14.11
N PRO V 192 -22.98 -39.69 -12.79
CA PRO V 192 -21.85 -39.74 -11.85
C PRO V 192 -21.08 -41.08 -12.07
N THR V 193 -19.80 -41.13 -11.72
CA THR V 193 -19.07 -42.38 -11.81
C THR V 193 -18.94 -42.86 -10.37
N ALA V 194 -18.66 -44.14 -10.19
CA ALA V 194 -18.50 -44.70 -8.86
C ALA V 194 -17.61 -45.94 -8.88
N VAL V 195 -16.96 -46.17 -7.74
CA VAL V 195 -16.10 -47.31 -7.55
C VAL V 195 -16.53 -48.02 -6.29
N ILE V 196 -16.65 -49.34 -6.36
CA ILE V 196 -17.01 -50.11 -5.18
C ILE V 196 -15.83 -50.98 -4.81
N ILE V 197 -15.59 -51.12 -3.51
CA ILE V 197 -14.49 -51.91 -3.04
C ILE V 197 -14.93 -52.82 -1.91
N ASP V 198 -14.68 -54.12 -2.07
CA ASP V 198 -14.98 -55.08 -1.02
C ASP V 198 -13.83 -56.09 -0.95
N ALA V 199 -14.04 -57.22 -0.28
CA ALA V 199 -12.96 -58.22 -0.18
C ALA V 199 -12.38 -58.66 -1.54
N ASP V 200 -13.17 -58.58 -2.59
CA ASP V 200 -12.67 -58.96 -3.92
C ASP V 200 -11.97 -57.84 -4.66
N GLY V 201 -11.82 -56.69 -4.02
CA GLY V 201 -11.11 -55.59 -4.63
C GLY V 201 -11.95 -54.44 -5.14
N ALA V 202 -11.27 -53.44 -5.69
CA ALA V 202 -11.94 -52.26 -6.21
C ALA V 202 -12.35 -52.46 -7.67
N VAL V 203 -13.59 -52.09 -7.98
CA VAL V 203 -14.11 -52.20 -9.33
C VAL V 203 -15.01 -51.02 -9.67
N ASP V 204 -14.97 -50.60 -10.93
CA ASP V 204 -15.79 -49.50 -11.42
C ASP V 204 -17.22 -49.98 -11.50
N VAL V 205 -18.17 -49.14 -11.06
CA VAL V 205 -19.59 -49.52 -11.15
C VAL V 205 -20.02 -49.22 -12.61
N PRO V 206 -20.68 -50.17 -13.26
CA PRO V 206 -21.11 -49.91 -14.66
C PRO V 206 -22.10 -48.77 -14.77
N GLU V 207 -21.97 -47.98 -15.81
CA GLU V 207 -22.86 -46.87 -15.97
C GLU V 207 -24.33 -47.32 -15.92
N SER V 208 -24.65 -48.49 -16.46
CA SER V 208 -26.04 -48.88 -16.51
C SER V 208 -26.79 -48.90 -15.15
N ARG V 209 -26.17 -49.42 -14.08
CA ARG V 209 -26.88 -49.43 -12.82
C ARG V 209 -26.98 -48.01 -12.26
N ILE V 210 -25.99 -47.17 -12.58
CA ILE V 210 -25.98 -45.78 -12.07
C ILE V 210 -27.02 -44.94 -12.80
N ALA V 211 -27.17 -45.21 -14.09
CA ALA V 211 -28.13 -44.49 -14.88
C ALA V 211 -29.58 -44.83 -14.42
N GLU V 212 -29.85 -46.11 -14.15
CA GLU V 212 -31.22 -46.46 -13.72
C GLU V 212 -31.49 -45.99 -12.31
N LEU V 213 -30.48 -46.04 -11.45
CA LEU V 213 -30.64 -45.56 -10.09
C LEU V 213 -30.92 -44.06 -10.12
N ALA V 214 -30.19 -43.34 -10.97
CA ALA V 214 -30.37 -41.89 -11.07
C ALA V 214 -31.76 -41.48 -11.60
N ARG V 215 -32.24 -42.18 -12.61
CA ARG V 215 -33.56 -41.94 -13.19
C ARG V 215 -34.65 -42.26 -12.13
N ALA V 216 -34.43 -43.33 -11.37
CA ALA V 216 -35.37 -43.75 -10.30
C ALA V 216 -35.39 -42.62 -9.22
N ILE V 217 -34.25 -42.03 -8.90
CA ILE V 217 -34.21 -40.94 -7.93
C ILE V 217 -35.03 -39.76 -8.46
N ILE V 218 -34.81 -39.42 -9.72
CA ILE V 218 -35.54 -38.35 -10.40
C ILE V 218 -37.06 -38.63 -10.43
N GLU V 219 -37.47 -39.83 -10.82
CA GLU V 219 -38.88 -40.18 -10.81
C GLU V 219 -39.49 -40.07 -9.38
N SER V 220 -38.77 -40.55 -8.36
CA SER V 220 -39.23 -40.45 -6.98
C SER V 220 -39.39 -38.96 -6.62
N ARG V 221 -38.38 -38.13 -6.90
CA ARG V 221 -38.47 -36.71 -6.57
C ARG V 221 -39.65 -36.03 -7.27
N SER V 222 -39.87 -36.39 -8.53
CA SER V 222 -40.95 -35.82 -9.30
C SER V 222 -42.30 -36.16 -8.66
N GLY V 223 -42.51 -37.42 -8.29
CA GLY V 223 -43.79 -37.75 -7.67
C GLY V 223 -43.96 -37.02 -6.32
N ALA V 224 -42.91 -37.06 -5.51
CA ALA V 224 -42.94 -36.40 -4.21
C ALA V 224 -43.26 -34.90 -4.42
N ASP V 225 -42.65 -34.27 -5.43
CA ASP V 225 -42.95 -32.87 -5.66
C ASP V 225 -44.44 -32.66 -5.91
N THR V 226 -45.05 -33.51 -6.74
CA THR V 226 -46.50 -33.42 -7.04
C THR V 226 -47.40 -33.68 -5.80
N PHE V 227 -47.01 -34.63 -4.96
CA PHE V 227 -47.79 -34.97 -3.77
C PHE V 227 -47.75 -33.81 -2.80
N GLY V 228 -46.57 -33.19 -2.70
CA GLY V 228 -46.40 -32.09 -1.78
C GLY V 228 -47.05 -30.81 -2.22
N SER V 229 -46.85 -29.80 -1.38
CA SER V 229 -47.37 -28.47 -1.61
C SER V 229 -46.73 -27.50 -0.63
N ASP V 230 -46.84 -26.21 -0.94
CA ASP V 230 -46.30 -25.23 -0.01
C ASP V 230 -47.28 -24.87 1.14
N GLY V 231 -47.27 -25.68 2.20
CA GLY V 231 -48.20 -25.48 3.31
C GLY V 231 -49.62 -25.34 2.74
N GLY V 232 -49.96 -26.19 1.78
CA GLY V 232 -51.28 -26.15 1.16
C GLY V 232 -51.37 -25.82 -0.33
N GLU V 233 -50.62 -24.79 -0.75
CA GLU V 233 -50.64 -24.33 -2.14
C GLU V 233 -49.65 -25.00 -3.10
N LYS V 234 -50.11 -25.21 -4.35
CA LYS V 234 -49.29 -25.78 -5.42
C LYS V 234 -49.11 -24.68 -6.47
N HIS V 235 -47.86 -24.28 -6.70
CA HIS V 235 -47.54 -23.22 -7.66
C HIS V 235 -47.22 -23.71 -9.08
N HIS V 236 -46.83 -24.98 -9.21
CA HIS V 236 -46.46 -25.52 -10.51
C HIS V 236 -47.02 -26.92 -10.77
N HIS V 237 -47.08 -27.30 -12.03
CA HIS V 237 -47.59 -28.60 -12.43
C HIS V 237 -46.65 -29.17 -13.46
N HIS V 238 -46.52 -30.49 -13.46
CA HIS V 238 -45.64 -31.17 -14.41
C HIS V 238 -46.40 -31.36 -15.71
N HIS V 239 -46.67 -30.25 -16.39
CA HIS V 239 -47.41 -30.26 -17.65
C HIS V 239 -46.97 -31.42 -18.54
N PHE W 6 -54.82 41.34 9.75
CA PHE W 6 -55.85 40.91 8.80
C PHE W 6 -56.32 41.96 7.78
N ILE W 7 -55.86 41.81 6.54
CA ILE W 7 -56.23 42.71 5.45
C ILE W 7 -57.40 42.10 4.68
N SER W 8 -58.21 42.94 4.05
CA SER W 8 -59.37 42.46 3.28
C SER W 8 -59.06 41.77 1.95
N PRO W 9 -59.29 40.45 1.87
CA PRO W 9 -59.03 39.70 0.64
C PRO W 9 -59.90 40.11 -0.56
N GLU W 10 -61.20 40.30 -0.33
CA GLU W 10 -62.07 40.69 -1.45
C GLU W 10 -61.66 42.03 -2.05
N GLN W 11 -61.13 42.93 -1.25
CA GLN W 11 -60.69 44.21 -1.75
C GLN W 11 -59.54 44.02 -2.72
N ALA W 12 -58.51 43.32 -2.23
CA ALA W 12 -57.31 43.06 -3.02
C ALA W 12 -57.56 42.53 -4.43
N MET W 13 -58.28 41.42 -4.52
CA MET W 13 -58.56 40.81 -5.81
C MET W 13 -59.07 41.86 -6.79
N ARG W 14 -59.84 42.79 -6.24
CA ARG W 14 -60.47 43.87 -7.00
C ARG W 14 -59.38 44.82 -7.46
N GLU W 15 -58.64 45.39 -6.50
CA GLU W 15 -57.56 46.32 -6.80
C GLU W 15 -56.66 45.77 -7.89
N ARG W 16 -56.02 44.66 -7.54
CA ARG W 16 -55.08 43.97 -8.42
C ARG W 16 -55.63 43.69 -9.78
N SER W 17 -56.80 43.08 -9.80
CA SER W 17 -57.44 42.74 -11.06
C SER W 17 -57.62 44.00 -11.91
N GLU W 18 -58.05 45.09 -11.29
CA GLU W 18 -58.24 46.34 -12.02
C GLU W 18 -56.93 46.87 -12.56
N LEU W 19 -55.92 46.88 -11.71
CA LEU W 19 -54.61 47.37 -12.12
C LEU W 19 -54.15 46.63 -13.36
N ALA W 20 -54.39 45.33 -13.41
CA ALA W 20 -53.96 44.51 -14.55
C ALA W 20 -54.83 44.71 -15.77
N ARG W 21 -56.14 44.76 -15.55
CA ARG W 21 -57.05 44.94 -16.65
C ARG W 21 -56.76 46.28 -17.34
N LYS W 22 -56.46 47.30 -16.54
CA LYS W 22 -56.15 48.63 -17.08
C LYS W 22 -54.95 48.64 -18.00
N GLY W 23 -53.85 48.07 -17.52
CA GLY W 23 -52.64 48.02 -18.31
C GLY W 23 -52.80 47.26 -19.62
N ILE W 24 -53.50 46.14 -19.56
CA ILE W 24 -53.72 45.34 -20.75
C ILE W 24 -54.64 46.10 -21.71
N ALA W 25 -55.67 46.72 -21.12
CA ALA W 25 -56.64 47.50 -21.90
C ALA W 25 -55.93 48.63 -22.63
N ARG W 26 -54.97 49.25 -21.93
CA ARG W 26 -54.19 50.34 -22.47
C ARG W 26 -53.02 49.94 -23.41
N ALA W 27 -53.04 48.71 -23.95
CA ALA W 27 -51.95 48.25 -24.81
C ALA W 27 -52.30 47.80 -26.21
N LYS W 28 -51.27 47.69 -27.07
CA LYS W 28 -51.48 47.27 -28.47
C LYS W 28 -52.21 45.94 -28.49
N SER W 29 -52.84 45.61 -29.60
CA SER W 29 -53.58 44.36 -29.70
C SER W 29 -52.95 43.29 -30.56
N VAL W 30 -53.30 42.04 -30.25
CA VAL W 30 -52.77 40.90 -30.95
C VAL W 30 -53.86 39.91 -31.20
N VAL W 31 -53.76 39.22 -32.33
CA VAL W 31 -54.74 38.19 -32.63
C VAL W 31 -54.02 36.96 -33.17
N ALA W 32 -54.59 35.80 -32.87
CA ALA W 32 -54.08 34.52 -33.33
C ALA W 32 -55.29 33.78 -33.81
N LEU W 33 -55.20 33.18 -35.00
CA LEU W 33 -56.33 32.45 -35.52
C LEU W 33 -55.89 31.24 -36.30
N ALA W 34 -56.72 30.20 -36.25
CA ALA W 34 -56.44 28.97 -36.97
C ALA W 34 -56.75 29.18 -38.43
N TYR W 35 -55.95 28.63 -39.31
CA TYR W 35 -56.21 28.76 -40.73
C TYR W 35 -55.81 27.45 -41.39
N ALA W 36 -55.97 27.36 -42.69
CA ALA W 36 -55.65 26.12 -43.40
C ALA W 36 -54.25 25.56 -43.13
N GLY W 37 -53.24 26.41 -43.18
CA GLY W 37 -51.87 25.96 -42.97
C GLY W 37 -51.31 25.86 -41.57
N GLY W 38 -52.14 26.12 -40.56
CA GLY W 38 -51.68 26.06 -39.19
C GLY W 38 -52.26 27.17 -38.34
N VAL W 39 -51.40 28.03 -37.80
CA VAL W 39 -51.89 29.15 -37.00
C VAL W 39 -51.18 30.41 -37.44
N LEU W 40 -51.92 31.53 -37.43
CA LEU W 40 -51.37 32.81 -37.84
C LEU W 40 -51.38 33.79 -36.67
N PHE W 41 -50.26 34.48 -36.52
CA PHE W 41 -50.09 35.47 -35.46
C PHE W 41 -49.91 36.87 -36.06
N VAL W 42 -50.76 37.80 -35.66
CA VAL W 42 -50.65 39.16 -36.16
C VAL W 42 -50.81 40.12 -35.00
N ALA W 43 -49.82 40.99 -34.83
CA ALA W 43 -49.88 41.94 -33.73
C ALA W 43 -49.51 43.36 -34.13
N GLU W 44 -50.15 44.31 -33.48
CA GLU W 44 -49.88 45.72 -33.71
C GLU W 44 -48.52 46.04 -33.09
N ASN W 45 -47.48 46.03 -33.91
CA ASN W 45 -46.15 46.34 -33.41
C ASN W 45 -45.32 47.13 -34.41
N PRO W 46 -44.84 48.29 -33.98
CA PRO W 46 -44.02 49.16 -34.83
C PRO W 46 -42.54 48.87 -34.58
N SER W 47 -42.25 48.43 -33.36
CA SER W 47 -40.88 48.12 -32.97
C SER W 47 -40.21 47.07 -33.86
N ARG W 48 -39.03 47.41 -34.35
CA ARG W 48 -38.20 46.50 -35.12
C ARG W 48 -37.57 45.37 -34.32
N SER W 49 -37.11 45.71 -33.12
CA SER W 49 -36.39 44.80 -32.23
C SER W 49 -37.18 44.08 -31.13
N LEU W 50 -38.14 44.76 -30.51
CA LEU W 50 -38.91 44.16 -29.42
C LEU W 50 -40.15 43.40 -29.90
N GLN W 51 -40.14 42.09 -29.73
CA GLN W 51 -41.18 41.22 -30.29
C GLN W 51 -42.25 40.74 -29.31
N LYS W 52 -43.45 40.50 -29.83
CA LYS W 52 -44.60 40.04 -29.05
C LYS W 52 -45.03 38.64 -29.48
N ILE W 53 -44.39 38.12 -30.52
CA ILE W 53 -44.72 36.80 -31.03
C ILE W 53 -43.42 36.01 -31.07
N SER W 54 -43.46 34.77 -30.61
CA SER W 54 -42.24 33.97 -30.55
C SER W 54 -42.45 32.48 -30.61
N GLU W 55 -41.41 31.79 -31.01
CA GLU W 55 -41.42 30.34 -31.05
C GLU W 55 -41.18 29.86 -29.60
N LEU W 56 -41.86 28.79 -29.18
CA LEU W 56 -41.64 28.24 -27.83
C LEU W 56 -40.93 26.88 -28.00
N TYR W 57 -41.49 26.03 -28.87
CA TYR W 57 -40.96 24.70 -29.13
C TYR W 57 -41.31 24.31 -30.56
N ASP W 58 -40.95 23.11 -30.98
CA ASP W 58 -41.19 22.66 -32.34
C ASP W 58 -42.53 23.08 -32.99
N ARG W 59 -43.66 22.73 -32.37
CA ARG W 59 -44.96 23.04 -32.95
C ARG W 59 -45.72 23.98 -32.06
N VAL W 60 -45.03 24.65 -31.14
CA VAL W 60 -45.72 25.54 -30.22
C VAL W 60 -45.26 26.98 -30.34
N GLY W 61 -46.25 27.88 -30.41
CA GLY W 61 -45.99 29.30 -30.56
C GLY W 61 -46.52 30.09 -29.39
N PHE W 62 -46.01 31.30 -29.27
CA PHE W 62 -46.36 32.22 -28.18
C PHE W 62 -46.63 33.65 -28.69
N ALA W 63 -47.63 34.29 -28.10
CA ALA W 63 -47.99 35.67 -28.43
C ALA W 63 -48.51 36.30 -27.16
N ALA W 64 -48.15 37.57 -26.95
CA ALA W 64 -48.60 38.27 -25.75
C ALA W 64 -48.92 39.75 -25.97
N ALA W 65 -49.65 40.30 -25.01
CA ALA W 65 -50.03 41.69 -25.04
C ALA W 65 -49.87 42.18 -23.63
N GLY W 66 -49.43 43.43 -23.47
CA GLY W 66 -49.27 43.95 -22.14
C GLY W 66 -47.90 44.56 -21.99
N LYS W 67 -47.38 44.60 -20.76
CA LYS W 67 -46.07 45.17 -20.46
C LYS W 67 -44.95 44.22 -20.99
N PHE W 68 -44.12 44.72 -21.90
CA PHE W 68 -43.05 43.93 -22.51
C PHE W 68 -42.10 43.20 -21.55
N ASN W 69 -41.47 43.93 -20.65
CA ASN W 69 -40.56 43.30 -19.74
C ASN W 69 -41.24 42.14 -19.01
N GLU W 70 -42.54 42.25 -18.77
CA GLU W 70 -43.22 41.16 -18.08
C GLU W 70 -43.52 39.94 -18.98
N PHE W 71 -44.04 40.16 -20.18
CA PHE W 71 -44.31 38.97 -20.97
C PHE W 71 -43.07 38.37 -21.63
N ASP W 72 -42.00 39.15 -21.72
CA ASP W 72 -40.76 38.64 -22.28
C ASP W 72 -40.12 37.71 -21.26
N ASN W 73 -40.34 38.03 -19.98
CA ASN W 73 -39.84 37.20 -18.91
C ASN W 73 -40.51 35.84 -19.05
N LEU W 74 -41.82 35.86 -19.25
CA LEU W 74 -42.60 34.63 -19.41
C LEU W 74 -42.23 33.88 -20.67
N ARG W 75 -41.83 34.61 -21.71
CA ARG W 75 -41.43 33.98 -22.96
C ARG W 75 -40.18 33.14 -22.74
N ARG W 76 -39.20 33.73 -22.06
CA ARG W 76 -37.95 33.05 -21.75
C ARG W 76 -38.18 31.86 -20.83
N GLY W 77 -39.02 32.05 -19.82
CA GLY W 77 -39.36 30.98 -18.90
C GLY W 77 -40.03 29.81 -19.60
N GLY W 78 -40.85 30.11 -20.58
CA GLY W 78 -41.54 29.09 -21.35
C GLY W 78 -40.57 28.30 -22.19
N ILE W 79 -39.66 28.99 -22.86
CA ILE W 79 -38.65 28.34 -23.67
C ILE W 79 -37.81 27.44 -22.77
N GLN W 80 -37.53 27.93 -21.57
CA GLN W 80 -36.76 27.17 -20.58
C GLN W 80 -37.49 25.90 -20.19
N PHE W 81 -38.77 26.04 -19.79
CA PHE W 81 -39.56 24.89 -19.40
C PHE W 81 -39.62 23.87 -20.51
N ALA W 82 -39.92 24.33 -21.71
CA ALA W 82 -40.04 23.43 -22.84
C ALA W 82 -38.77 22.68 -23.18
N ASP W 83 -37.65 23.40 -23.26
CA ASP W 83 -36.38 22.78 -23.61
C ASP W 83 -35.99 21.75 -22.54
N THR W 84 -36.22 22.08 -21.29
CA THR W 84 -35.88 21.19 -20.20
C THR W 84 -36.74 19.92 -20.26
N ARG W 85 -38.03 20.07 -20.52
CA ARG W 85 -38.95 18.94 -20.65
C ARG W 85 -38.59 18.03 -21.80
N GLY W 86 -38.34 18.62 -22.97
CA GLY W 86 -38.02 17.83 -24.13
C GLY W 86 -36.73 17.05 -23.97
N TYR W 87 -35.79 17.61 -23.19
CA TYR W 87 -34.50 16.97 -22.97
C TYR W 87 -34.66 15.84 -21.94
N ALA W 88 -35.43 16.09 -20.88
CA ALA W 88 -35.65 15.10 -19.85
C ALA W 88 -36.52 13.91 -20.32
N TYR W 89 -37.38 14.12 -21.30
CA TYR W 89 -38.23 13.04 -21.82
C TYR W 89 -37.90 12.94 -23.29
N ASP W 90 -38.80 13.41 -24.16
CA ASP W 90 -38.51 13.46 -25.60
C ASP W 90 -39.19 14.71 -26.18
N ARG W 91 -38.69 15.18 -27.32
CA ARG W 91 -39.23 16.37 -27.95
C ARG W 91 -40.73 16.26 -28.14
N ARG W 92 -41.16 15.11 -28.64
CA ARG W 92 -42.56 14.86 -28.93
C ARG W 92 -43.43 14.96 -27.70
N ASP W 93 -42.82 14.92 -26.52
CA ASP W 93 -43.57 14.91 -25.28
C ASP W 93 -43.98 16.31 -24.82
N VAL W 94 -43.43 17.34 -25.47
CA VAL W 94 -43.75 18.72 -25.16
C VAL W 94 -45.03 19.10 -25.90
N THR W 95 -45.97 19.76 -25.22
CA THR W 95 -47.22 20.13 -25.89
C THR W 95 -47.71 21.52 -25.51
N GLY W 96 -48.56 22.07 -26.37
CA GLY W 96 -49.11 23.39 -26.14
C GLY W 96 -49.93 23.41 -24.85
N ARG W 97 -50.69 22.35 -24.63
CA ARG W 97 -51.49 22.24 -23.41
C ARG W 97 -50.57 22.35 -22.16
N GLN W 98 -49.42 21.66 -22.17
CA GLN W 98 -48.48 21.72 -21.06
C GLN W 98 -47.99 23.12 -20.83
N LEU W 99 -47.59 23.80 -21.90
CA LEU W 99 -47.11 25.18 -21.76
C LEU W 99 -48.18 26.13 -21.21
N ALA W 100 -49.42 26.01 -21.73
CA ALA W 100 -50.52 26.86 -21.24
C ALA W 100 -50.73 26.62 -19.74
N ASN W 101 -50.76 25.34 -19.40
CA ASN W 101 -50.94 24.89 -18.03
C ASN W 101 -49.89 25.55 -17.14
N VAL W 102 -48.64 25.52 -17.59
CA VAL W 102 -47.54 26.11 -16.82
C VAL W 102 -47.67 27.61 -16.70
N TYR W 103 -48.13 28.25 -17.77
CA TYR W 103 -48.32 29.70 -17.71
C TYR W 103 -49.45 30.03 -16.73
N ALA W 104 -50.52 29.25 -16.81
CA ALA W 104 -51.66 29.46 -15.90
C ALA W 104 -51.18 29.43 -14.44
N GLN W 105 -50.39 28.41 -14.12
CA GLN W 105 -49.89 28.27 -12.76
C GLN W 105 -48.94 29.41 -12.37
N THR W 106 -48.13 29.84 -13.31
CA THR W 106 -47.16 30.91 -13.01
C THR W 106 -47.86 32.26 -12.79
N LEU W 107 -48.76 32.64 -13.70
CA LEU W 107 -49.48 33.90 -13.56
C LEU W 107 -50.32 33.86 -12.31
N GLY W 108 -50.95 32.73 -12.05
CA GLY W 108 -51.74 32.59 -10.83
C GLY W 108 -50.91 32.90 -9.61
N THR W 109 -49.69 32.36 -9.54
CA THR W 109 -48.82 32.61 -8.40
C THR W 109 -48.36 34.06 -8.34
N ILE W 110 -48.03 34.63 -9.49
CA ILE W 110 -47.60 36.02 -9.53
C ILE W 110 -48.74 36.92 -9.02
N PHE W 111 -49.92 36.70 -9.59
CA PHE W 111 -51.11 37.48 -9.24
C PHE W 111 -51.41 37.48 -7.75
N THR W 112 -51.15 36.36 -7.12
CA THR W 112 -51.40 36.16 -5.71
C THR W 112 -50.25 36.52 -4.80
N GLU W 113 -49.03 36.21 -5.22
CA GLU W 113 -47.88 36.43 -4.35
C GLU W 113 -46.99 37.65 -4.58
N GLN W 114 -47.03 38.29 -5.74
CA GLN W 114 -46.13 39.45 -5.96
C GLN W 114 -46.72 40.84 -5.79
N ALA W 115 -45.91 41.75 -5.25
CA ALA W 115 -46.37 43.14 -5.02
C ALA W 115 -47.36 43.59 -6.09
N LYS W 116 -47.00 43.46 -7.35
CA LYS W 116 -47.90 43.84 -8.41
C LYS W 116 -48.15 42.66 -9.32
N PRO W 117 -49.37 42.54 -9.85
CA PRO W 117 -49.70 41.43 -10.74
C PRO W 117 -49.11 41.78 -12.09
N TYR W 118 -48.95 40.80 -12.96
CA TYR W 118 -48.39 41.03 -14.30
C TYR W 118 -49.48 41.58 -15.21
N GLU W 119 -49.16 42.68 -15.88
CA GLU W 119 -50.10 43.30 -16.81
C GLU W 119 -49.89 42.63 -18.15
N VAL W 120 -50.34 41.39 -18.29
CA VAL W 120 -50.14 40.69 -19.55
C VAL W 120 -51.28 39.75 -19.84
N GLU W 121 -51.37 39.32 -21.08
CA GLU W 121 -52.37 38.35 -21.52
C GLU W 121 -51.61 37.50 -22.54
N LEU W 122 -51.63 36.18 -22.36
CA LEU W 122 -50.87 35.31 -23.24
C LEU W 122 -51.68 34.35 -24.05
N CYS W 123 -51.12 33.98 -25.18
CA CYS W 123 -51.73 33.00 -26.05
C CYS W 123 -50.67 31.96 -26.44
N VAL W 124 -50.98 30.69 -26.22
CA VAL W 124 -50.08 29.60 -26.59
C VAL W 124 -50.81 28.82 -27.67
N ALA W 125 -50.15 28.57 -28.79
CA ALA W 125 -50.80 27.83 -29.86
C ALA W 125 -49.94 26.65 -30.28
N GLU W 126 -50.59 25.61 -30.81
CA GLU W 126 -49.90 24.42 -31.24
C GLU W 126 -50.56 23.90 -32.50
N VAL W 127 -49.75 23.42 -33.44
CA VAL W 127 -50.28 22.87 -34.67
C VAL W 127 -49.83 21.44 -34.70
N ALA W 128 -50.41 20.65 -35.60
CA ALA W 128 -50.05 19.24 -35.71
C ALA W 128 -48.60 19.03 -36.11
N HIS W 129 -48.11 17.83 -35.85
CA HIS W 129 -46.76 17.43 -36.21
C HIS W 129 -46.76 17.16 -37.72
N TYR W 130 -45.61 17.28 -38.36
CA TYR W 130 -45.55 17.08 -39.78
C TYR W 130 -46.31 15.86 -40.27
N GLY W 131 -47.01 15.99 -41.39
CA GLY W 131 -47.77 14.87 -41.95
C GLY W 131 -48.82 14.25 -41.03
N GLU W 132 -49.18 14.96 -39.99
CA GLU W 132 -50.16 14.47 -39.03
C GLU W 132 -51.39 15.31 -39.26
N THR W 133 -52.52 14.92 -38.69
CA THR W 133 -53.74 15.70 -38.86
C THR W 133 -54.32 15.93 -37.51
N LYS W 134 -54.53 17.20 -37.18
CA LYS W 134 -55.08 17.58 -35.90
C LYS W 134 -55.42 19.05 -35.98
N ARG W 135 -56.52 19.43 -35.36
CA ARG W 135 -56.95 20.81 -35.39
C ARG W 135 -56.02 21.66 -34.54
N PRO W 136 -55.59 22.82 -35.04
CA PRO W 136 -54.71 23.67 -34.24
C PRO W 136 -55.36 23.90 -32.88
N GLU W 137 -54.56 24.19 -31.88
CA GLU W 137 -55.11 24.46 -30.55
C GLU W 137 -54.66 25.86 -30.15
N LEU W 138 -55.53 26.60 -29.49
CA LEU W 138 -55.22 27.96 -29.05
C LEU W 138 -55.65 28.09 -27.61
N TYR W 139 -54.78 28.66 -26.79
CA TYR W 139 -55.11 28.81 -25.39
C TYR W 139 -54.84 30.25 -25.03
N ARG W 140 -55.64 30.78 -24.11
CA ARG W 140 -55.44 32.13 -23.64
C ARG W 140 -55.25 32.00 -22.13
N ILE W 141 -54.26 32.69 -21.60
CA ILE W 141 -54.04 32.71 -20.16
C ILE W 141 -54.14 34.14 -19.66
N THR W 142 -54.99 34.37 -18.67
CA THR W 142 -55.17 35.70 -18.10
C THR W 142 -54.13 36.06 -17.05
N TYR W 143 -54.08 37.34 -16.70
CA TYR W 143 -53.13 37.84 -15.72
C TYR W 143 -53.37 37.14 -14.40
N ASP W 144 -54.64 36.88 -14.10
CA ASP W 144 -55.05 36.20 -12.88
C ASP W 144 -54.68 34.72 -12.93
N GLY W 145 -54.33 34.25 -14.11
CA GLY W 145 -53.98 32.86 -14.30
C GLY W 145 -55.08 31.96 -14.85
N SER W 146 -56.20 32.56 -15.24
CA SER W 146 -57.30 31.80 -15.84
C SER W 146 -56.87 31.31 -17.21
N ILE W 147 -57.36 30.16 -17.64
CA ILE W 147 -56.96 29.62 -18.91
C ILE W 147 -58.18 29.23 -19.68
N ALA W 148 -58.17 29.44 -20.99
CA ALA W 148 -59.33 29.09 -21.80
C ALA W 148 -58.91 28.47 -23.10
N ASP W 149 -59.68 27.47 -23.51
CA ASP W 149 -59.45 26.75 -24.74
C ASP W 149 -60.27 27.41 -25.86
N GLU W 150 -59.63 28.14 -26.77
CA GLU W 150 -60.34 28.79 -27.88
C GLU W 150 -60.22 27.91 -29.11
N PRO W 151 -61.32 27.73 -29.86
CA PRO W 151 -61.30 26.88 -31.06
C PRO W 151 -60.95 27.54 -32.40
N HIS W 152 -61.17 28.85 -32.52
CA HIS W 152 -60.92 29.52 -33.80
C HIS W 152 -59.91 30.65 -33.77
N PHE W 153 -60.02 31.51 -32.77
CA PHE W 153 -59.11 32.63 -32.68
C PHE W 153 -59.06 33.19 -31.27
N VAL W 154 -58.05 34.01 -31.03
CA VAL W 154 -57.87 34.63 -29.73
C VAL W 154 -57.50 36.09 -29.96
N VAL W 155 -58.00 36.97 -29.10
CA VAL W 155 -57.70 38.38 -29.20
C VAL W 155 -57.26 38.89 -27.84
N MET W 156 -56.15 39.63 -27.81
CA MET W 156 -55.66 40.13 -26.55
C MET W 156 -55.10 41.53 -26.70
N GLY W 157 -55.16 42.30 -25.62
CA GLY W 157 -54.62 43.65 -25.62
C GLY W 157 -55.56 44.73 -26.09
N GLY W 158 -55.44 45.91 -25.48
CA GLY W 158 -56.28 47.03 -25.85
C GLY W 158 -57.77 46.77 -25.75
N THR W 159 -58.52 47.29 -26.71
CA THR W 159 -59.97 47.10 -26.75
C THR W 159 -60.22 45.93 -27.68
N THR W 160 -60.57 44.81 -27.07
CA THR W 160 -60.79 43.56 -27.79
C THR W 160 -62.16 43.41 -28.45
N GLU W 161 -63.20 43.88 -27.76
CA GLU W 161 -64.58 43.80 -28.24
C GLU W 161 -64.72 44.01 -29.75
N PRO W 162 -64.29 45.19 -30.25
CA PRO W 162 -64.37 45.51 -31.68
C PRO W 162 -63.69 44.47 -32.56
N ILE W 163 -62.45 44.12 -32.20
CA ILE W 163 -61.66 43.16 -32.94
C ILE W 163 -62.29 41.77 -32.87
N ALA W 164 -62.79 41.43 -31.70
CA ALA W 164 -63.43 40.13 -31.47
C ALA W 164 -64.58 39.94 -32.45
N ASN W 165 -65.56 40.84 -32.37
CA ASN W 165 -66.72 40.80 -33.24
C ASN W 165 -66.33 40.82 -34.71
N ALA W 166 -65.43 41.74 -35.06
CA ALA W 166 -64.97 41.84 -36.45
C ALA W 166 -64.51 40.48 -36.97
N LEU W 167 -63.85 39.73 -36.10
CA LEU W 167 -63.43 38.36 -36.36
C LEU W 167 -64.58 37.34 -36.36
N LYS W 168 -65.49 37.50 -35.42
CA LYS W 168 -66.58 36.56 -35.24
C LYS W 168 -67.36 36.56 -36.52
N GLU W 169 -67.20 37.61 -37.32
CA GLU W 169 -67.90 37.72 -38.59
C GLU W 169 -67.08 37.23 -39.77
N SER W 170 -65.83 37.69 -39.86
CA SER W 170 -64.98 37.26 -40.95
C SER W 170 -64.23 35.93 -40.83
N TYR W 171 -64.21 35.32 -39.65
CA TYR W 171 -63.49 34.06 -39.51
C TYR W 171 -64.05 32.96 -40.39
N ALA W 172 -63.16 32.35 -41.16
CA ALA W 172 -63.52 31.26 -42.05
C ALA W 172 -62.70 30.00 -41.76
N GLU W 173 -63.41 28.90 -41.54
CA GLU W 173 -62.76 27.62 -41.29
C GLU W 173 -61.85 27.34 -42.48
N ASN W 174 -60.58 27.09 -42.22
CA ASN W 174 -59.63 26.79 -43.28
C ASN W 174 -59.40 27.84 -44.36
N ALA W 175 -59.33 29.10 -43.97
CA ALA W 175 -59.05 30.19 -44.89
C ALA W 175 -57.61 29.99 -45.34
N SER W 176 -57.23 30.45 -46.54
CA SER W 176 -55.84 30.29 -46.97
C SER W 176 -55.03 31.29 -46.14
N LEU W 177 -53.72 31.30 -46.32
CA LEU W 177 -52.88 32.22 -45.56
C LEU W 177 -53.27 33.68 -45.85
N THR W 178 -53.33 34.02 -47.13
CA THR W 178 -53.67 35.38 -47.53
C THR W 178 -55.03 35.84 -47.02
N ASP W 179 -56.04 34.99 -47.16
CA ASP W 179 -57.38 35.32 -46.69
C ASP W 179 -57.38 35.54 -45.18
N ALA W 180 -56.66 34.67 -44.48
CA ALA W 180 -56.54 34.75 -43.03
C ALA W 180 -55.82 36.03 -42.61
N LEU W 181 -54.72 36.35 -43.30
CA LEU W 181 -53.97 37.55 -42.99
C LEU W 181 -54.87 38.78 -43.11
N ARG W 182 -55.52 38.92 -44.27
CA ARG W 182 -56.44 40.04 -44.54
C ARG W 182 -57.51 40.12 -43.44
N ILE W 183 -58.25 39.03 -43.25
CA ILE W 183 -59.29 38.98 -42.23
C ILE W 183 -58.78 39.49 -40.89
N ALA W 184 -57.56 39.08 -40.57
CA ALA W 184 -56.93 39.46 -39.32
C ALA W 184 -56.56 40.94 -39.26
N VAL W 185 -55.79 41.40 -40.24
CA VAL W 185 -55.37 42.80 -40.28
C VAL W 185 -56.60 43.69 -40.24
N ALA W 186 -57.68 43.23 -40.86
CA ALA W 186 -58.93 43.98 -40.89
C ALA W 186 -59.52 44.06 -39.48
N ALA W 187 -59.95 42.93 -38.97
CA ALA W 187 -60.54 42.87 -37.63
C ALA W 187 -59.69 43.62 -36.60
N LEU W 188 -58.41 43.77 -36.90
CA LEU W 188 -57.50 44.46 -36.00
C LEU W 188 -57.76 45.98 -36.07
N ARG W 189 -57.92 46.50 -37.27
CA ARG W 189 -58.14 47.92 -37.47
C ARG W 189 -59.39 48.32 -36.72
N ALA W 190 -60.38 47.46 -36.76
CA ALA W 190 -61.64 47.73 -36.10
C ALA W 190 -61.42 48.27 -34.69
N GLY W 204 -50.14 48.20 -42.18
CA GLY W 204 -48.78 48.58 -42.53
C GLY W 204 -47.76 47.55 -42.06
N VAL W 205 -46.81 47.24 -42.92
CA VAL W 205 -45.76 46.27 -42.60
C VAL W 205 -44.90 46.73 -41.43
N ALA W 206 -44.58 48.03 -41.41
CA ALA W 206 -43.75 48.59 -40.36
C ALA W 206 -44.39 48.47 -38.98
N SER W 207 -45.70 48.70 -38.92
CA SER W 207 -46.44 48.63 -37.66
C SER W 207 -46.99 47.25 -37.31
N LEU W 208 -46.85 46.28 -38.20
CA LEU W 208 -47.38 44.94 -37.95
C LEU W 208 -46.35 43.81 -37.89
N GLU W 209 -46.45 42.98 -36.86
CA GLU W 209 -45.57 41.82 -36.69
C GLU W 209 -46.36 40.61 -37.17
N VAL W 210 -45.73 39.72 -37.92
CA VAL W 210 -46.48 38.57 -38.44
C VAL W 210 -45.66 37.29 -38.44
N ALA W 211 -46.30 36.21 -38.02
CA ALA W 211 -45.65 34.90 -37.95
C ALA W 211 -46.68 33.80 -38.01
N VAL W 212 -46.25 32.61 -38.39
CA VAL W 212 -47.15 31.48 -38.47
C VAL W 212 -46.52 30.19 -37.97
N LEU W 213 -47.37 29.33 -37.44
CA LEU W 213 -46.98 28.03 -36.96
C LEU W 213 -47.38 27.25 -38.19
N ASP W 214 -46.41 26.99 -39.06
CA ASP W 214 -46.68 26.29 -40.30
C ASP W 214 -46.63 24.80 -40.05
N ALA W 215 -47.79 24.16 -40.15
CA ALA W 215 -47.91 22.74 -39.92
C ALA W 215 -47.18 21.94 -41.00
N ASN W 216 -46.82 22.60 -42.08
CA ASN W 216 -46.15 21.92 -43.19
C ASN W 216 -44.65 21.79 -43.00
N ARG W 217 -44.11 22.51 -42.04
CA ARG W 217 -42.68 22.44 -41.76
C ARG W 217 -42.40 21.10 -41.10
N PRO W 218 -41.32 20.45 -41.51
CA PRO W 218 -40.93 19.15 -40.94
C PRO W 218 -40.77 19.14 -39.40
N ARG W 219 -40.04 20.09 -38.84
CA ARG W 219 -39.86 20.11 -37.39
C ARG W 219 -40.25 21.44 -36.75
N ARG W 220 -39.52 22.50 -37.07
CA ARG W 220 -39.82 23.80 -36.49
C ARG W 220 -40.90 24.51 -37.32
N ALA W 221 -42.08 24.63 -36.73
CA ALA W 221 -43.23 25.24 -37.39
C ALA W 221 -43.20 26.76 -37.40
N PHE W 222 -42.66 27.37 -36.35
CA PHE W 222 -42.61 28.82 -36.28
C PHE W 222 -41.87 29.42 -37.47
N ARG W 223 -42.48 30.43 -38.08
CA ARG W 223 -41.91 31.08 -39.25
C ARG W 223 -42.40 32.51 -39.32
N ARG W 224 -41.47 33.45 -39.44
CA ARG W 224 -41.82 34.87 -39.52
C ARG W 224 -42.08 35.33 -40.95
N ILE W 225 -43.08 36.17 -41.13
CA ILE W 225 -43.39 36.71 -42.44
C ILE W 225 -43.18 38.21 -42.41
N THR W 226 -42.05 38.66 -42.93
CA THR W 226 -41.71 40.07 -42.91
C THR W 226 -41.26 40.69 -44.23
N GLY W 227 -41.04 42.00 -44.18
CA GLY W 227 -40.59 42.75 -45.35
C GLY W 227 -41.38 42.54 -46.62
N SER W 228 -40.66 42.42 -47.73
CA SER W 228 -41.29 42.22 -49.04
C SER W 228 -42.24 41.03 -49.02
N ALA W 229 -41.77 39.93 -48.46
CA ALA W 229 -42.59 38.73 -48.37
C ALA W 229 -43.94 39.04 -47.71
N LEU W 230 -43.88 39.76 -46.60
CA LEU W 230 -45.09 40.15 -45.90
C LEU W 230 -45.94 41.09 -46.74
N GLN W 231 -45.29 42.01 -47.45
CA GLN W 231 -46.00 42.97 -48.27
C GLN W 231 -46.79 42.29 -49.37
N ALA W 232 -46.21 41.27 -49.98
CA ALA W 232 -46.88 40.58 -51.07
C ALA W 232 -48.22 39.97 -50.66
N LEU W 233 -48.33 39.40 -49.48
CA LEU W 233 -49.59 38.77 -49.11
C LEU W 233 -50.69 39.80 -48.94
N LEU W 234 -50.32 41.07 -48.92
CA LEU W 234 -51.32 42.11 -48.75
C LEU W 234 -51.75 42.68 -50.07
N THR X 1 -13.05 3.37 -32.25
CA THR X 1 -13.82 4.42 -32.98
C THR X 1 -12.93 5.34 -33.82
N THR X 2 -13.46 5.78 -34.95
CA THR X 2 -12.75 6.78 -35.71
C THR X 2 -13.74 7.73 -36.33
N ILE X 3 -13.50 9.00 -36.09
CA ILE X 3 -14.35 10.02 -36.69
C ILE X 3 -13.37 10.94 -37.40
N VAL X 4 -13.62 11.25 -38.68
CA VAL X 4 -12.74 12.16 -39.43
C VAL X 4 -13.54 13.38 -39.94
N ALA X 5 -12.83 14.47 -40.20
CA ALA X 5 -13.45 15.67 -40.72
C ALA X 5 -12.40 16.34 -41.61
N LEU X 6 -12.84 16.88 -42.75
CA LEU X 6 -11.92 17.57 -43.63
C LEU X 6 -12.63 18.67 -44.41
N LYS X 7 -11.86 19.72 -44.73
CA LYS X 7 -12.39 20.86 -45.46
C LYS X 7 -12.18 20.66 -46.96
N TYR X 8 -13.14 21.11 -47.74
CA TYR X 8 -12.99 21.05 -49.20
C TYR X 8 -13.47 22.42 -49.64
N PRO X 9 -13.12 22.85 -50.88
CA PRO X 9 -13.53 24.18 -51.38
C PRO X 9 -15.01 24.39 -51.27
N GLY X 10 -15.41 25.30 -50.38
CA GLY X 10 -16.84 25.53 -50.20
C GLY X 10 -17.56 24.81 -49.08
N GLY X 11 -16.88 23.92 -48.36
CA GLY X 11 -17.57 23.27 -47.26
C GLY X 11 -16.72 22.35 -46.41
N VAL X 12 -17.39 21.48 -45.69
CA VAL X 12 -16.69 20.54 -44.84
C VAL X 12 -17.47 19.24 -44.80
N VAL X 13 -16.75 18.14 -44.57
CA VAL X 13 -17.38 16.85 -44.46
C VAL X 13 -16.87 16.16 -43.19
N MET X 14 -17.76 15.45 -42.50
CA MET X 14 -17.41 14.69 -41.30
C MET X 14 -18.02 13.30 -41.49
N ALA X 15 -17.23 12.26 -41.22
CA ALA X 15 -17.69 10.87 -41.36
C ALA X 15 -17.21 10.05 -40.17
N GLY X 16 -18.00 9.02 -39.78
CA GLY X 16 -17.69 8.20 -38.62
C GLY X 16 -17.99 6.73 -38.86
N ASP X 17 -17.22 5.83 -38.22
CA ASP X 17 -17.42 4.39 -38.37
C ASP X 17 -18.67 3.96 -37.56
N ARG X 18 -19.01 2.67 -37.60
CA ARG X 18 -20.25 2.19 -36.96
C ARG X 18 -20.07 1.18 -35.83
N ARG X 19 -18.83 0.93 -35.42
CA ARG X 19 -18.58 -0.06 -34.42
C ARG X 19 -18.64 0.37 -32.97
N SER X 20 -19.15 -0.52 -32.13
CA SER X 20 -19.09 -0.25 -30.71
C SER X 20 -18.54 -1.57 -30.15
N THR X 21 -17.70 -1.49 -29.13
CA THR X 21 -17.13 -2.69 -28.55
C THR X 21 -17.21 -2.66 -26.99
N GLN X 22 -16.93 -3.80 -26.39
CA GLN X 22 -16.87 -3.97 -24.93
C GLN X 22 -15.66 -4.90 -24.82
N GLY X 23 -14.52 -4.31 -24.52
CA GLY X 23 -13.31 -5.09 -24.47
C GLY X 23 -13.06 -5.54 -25.93
N ASN X 24 -12.74 -6.82 -26.13
CA ASN X 24 -12.49 -7.37 -27.46
C ASN X 24 -13.77 -7.65 -28.23
N MET X 25 -14.91 -7.68 -27.54
CA MET X 25 -16.17 -8.03 -28.19
C MET X 25 -16.82 -6.94 -29.01
N ILE X 26 -17.32 -7.31 -30.18
CA ILE X 26 -17.99 -6.38 -31.05
C ILE X 26 -19.40 -6.34 -30.49
N SER X 27 -19.81 -5.21 -29.93
CA SER X 27 -21.13 -5.13 -29.31
C SER X 27 -22.19 -4.46 -30.17
N GLY X 28 -21.75 -3.70 -31.17
CA GLY X 28 -22.69 -3.03 -32.07
C GLY X 28 -22.09 -2.88 -33.46
N ARG X 29 -22.93 -2.80 -34.47
CA ARG X 29 -22.47 -2.67 -35.84
C ARG X 29 -23.11 -1.53 -36.61
N ASP X 30 -24.04 -0.84 -35.99
CA ASP X 30 -24.72 0.23 -36.71
C ASP X 30 -24.86 1.50 -35.92
N VAL X 31 -23.98 1.71 -34.94
CA VAL X 31 -24.02 2.93 -34.14
C VAL X 31 -23.78 4.14 -35.08
N ARG X 32 -24.47 5.24 -34.85
CA ARG X 32 -24.27 6.47 -35.61
C ARG X 32 -23.52 7.41 -34.69
N LYS X 33 -22.36 7.89 -35.12
CA LYS X 33 -21.52 8.72 -34.27
C LYS X 33 -21.41 10.17 -34.69
N VAL X 34 -21.98 10.52 -35.84
CA VAL X 34 -21.93 11.88 -36.37
C VAL X 34 -23.34 12.46 -36.38
N TYR X 35 -23.54 13.58 -35.70
CA TYR X 35 -24.84 14.22 -35.61
C TYR X 35 -24.85 15.62 -36.20
N ILE X 36 -25.99 15.98 -36.78
CA ILE X 36 -26.15 17.32 -37.28
C ILE X 36 -26.61 18.04 -36.02
N THR X 37 -25.85 19.01 -35.53
CA THR X 37 -26.29 19.64 -34.30
C THR X 37 -27.10 20.93 -34.49
N ASP X 38 -26.99 21.55 -35.66
CA ASP X 38 -27.78 22.73 -36.02
C ASP X 38 -27.64 22.86 -37.53
N ASP X 39 -28.27 23.85 -38.15
CA ASP X 39 -28.19 23.95 -39.60
C ASP X 39 -26.84 24.04 -40.24
N TYR X 40 -25.84 24.47 -39.48
CA TYR X 40 -24.47 24.64 -40.02
C TYR X 40 -23.36 23.93 -39.27
N THR X 41 -23.71 22.94 -38.44
CA THR X 41 -22.68 22.26 -37.69
C THR X 41 -22.97 20.80 -37.45
N ALA X 42 -21.91 20.01 -37.37
CA ALA X 42 -22.05 18.61 -37.06
C ALA X 42 -21.04 18.29 -35.98
N THR X 43 -21.40 17.34 -35.14
CA THR X 43 -20.54 16.90 -34.05
C THR X 43 -20.34 15.38 -34.13
N GLY X 44 -19.09 14.94 -34.02
CA GLY X 44 -18.78 13.52 -34.03
C GLY X 44 -18.16 13.23 -32.68
N ILE X 45 -18.52 12.13 -32.01
CA ILE X 45 -17.91 11.91 -30.70
C ILE X 45 -17.31 10.53 -30.49
N ALA X 46 -16.19 10.49 -29.81
CA ALA X 46 -15.49 9.25 -29.52
C ALA X 46 -15.35 9.11 -28.01
N GLY X 47 -15.13 7.89 -27.55
CA GLY X 47 -14.96 7.65 -26.14
C GLY X 47 -16.14 6.91 -25.56
N THR X 48 -16.51 7.26 -24.33
CA THR X 48 -17.59 6.57 -23.65
C THR X 48 -18.95 6.83 -24.31
N ALA X 49 -19.61 5.76 -24.74
CA ALA X 49 -20.85 5.92 -25.47
C ALA X 49 -21.99 6.67 -24.78
N ALA X 50 -22.23 6.43 -23.49
CA ALA X 50 -23.33 7.10 -22.82
C ALA X 50 -23.08 8.61 -22.89
N VAL X 51 -21.88 9.02 -22.50
CA VAL X 51 -21.54 10.43 -22.48
C VAL X 51 -21.52 11.08 -23.86
N ALA X 52 -20.97 10.40 -24.84
CA ALA X 52 -20.92 10.93 -26.19
C ALA X 52 -22.30 11.33 -26.70
N VAL X 53 -23.26 10.44 -26.50
CA VAL X 53 -24.62 10.65 -26.97
C VAL X 53 -25.27 11.79 -26.19
N GLU X 54 -24.97 11.84 -24.90
CA GLU X 54 -25.47 12.86 -24.00
C GLU X 54 -24.92 14.21 -24.53
N PHE X 55 -23.63 14.27 -24.85
CA PHE X 55 -23.03 15.49 -25.34
C PHE X 55 -23.72 16.02 -26.58
N ALA X 56 -23.87 15.17 -27.58
CA ALA X 56 -24.45 15.59 -28.85
C ALA X 56 -25.88 16.07 -28.69
N ARG X 57 -26.68 15.35 -27.92
CA ARG X 57 -28.07 15.72 -27.66
C ARG X 57 -28.25 17.03 -26.84
N LEU X 58 -27.51 17.16 -25.76
CA LEU X 58 -27.54 18.38 -24.98
C LEU X 58 -27.02 19.58 -25.77
N TYR X 59 -25.93 19.39 -26.50
CA TYR X 59 -25.34 20.47 -27.28
C TYR X 59 -26.31 21.01 -28.32
N ALA X 60 -27.00 20.12 -29.04
CA ALA X 60 -27.96 20.56 -30.03
C ALA X 60 -29.07 21.36 -29.36
N VAL X 61 -29.51 20.90 -28.20
CA VAL X 61 -30.54 21.61 -27.47
C VAL X 61 -30.04 22.99 -27.05
N GLU X 62 -28.80 23.07 -26.57
CA GLU X 62 -28.25 24.34 -26.11
C GLU X 62 -28.12 25.36 -27.25
N LEU X 63 -27.72 24.90 -28.44
CA LEU X 63 -27.60 25.80 -29.57
C LEU X 63 -28.94 26.40 -30.00
N GLU X 64 -29.97 25.56 -30.10
CA GLU X 64 -31.29 26.03 -30.48
C GLU X 64 -31.97 26.81 -29.36
N HIS X 65 -31.58 26.53 -28.14
CA HIS X 65 -32.11 27.22 -27.00
C HIS X 65 -31.69 28.70 -27.08
N TYR X 66 -30.42 28.92 -27.40
CA TYR X 66 -29.90 30.26 -27.51
C TYR X 66 -30.62 30.98 -28.64
N GLU X 67 -30.75 30.32 -29.77
CA GLU X 67 -31.39 30.87 -30.93
C GLU X 67 -32.84 31.32 -30.63
N LYS X 68 -33.58 30.51 -29.90
CA LYS X 68 -34.96 30.87 -29.62
C LYS X 68 -35.04 31.99 -28.65
N LEU X 69 -34.18 31.97 -27.64
CA LEU X 69 -34.17 33.00 -26.61
C LEU X 69 -33.68 34.36 -27.11
N GLU X 70 -32.68 34.36 -27.96
CA GLU X 70 -32.09 35.59 -28.46
C GLU X 70 -32.54 36.05 -29.85
N GLY X 71 -33.11 35.17 -30.65
CA GLY X 71 -33.55 35.54 -31.98
C GLY X 71 -32.54 35.31 -33.07
N VAL X 72 -31.31 34.98 -32.69
CA VAL X 72 -30.27 34.76 -33.69
C VAL X 72 -29.37 33.61 -33.22
N PRO X 73 -28.75 32.87 -34.14
CA PRO X 73 -27.87 31.79 -33.66
C PRO X 73 -26.56 32.33 -33.09
N LEU X 74 -25.90 31.53 -32.26
CA LEU X 74 -24.61 31.91 -31.72
C LEU X 74 -23.61 32.05 -32.86
N THR X 75 -22.59 32.89 -32.67
CA THR X 75 -21.53 33.02 -33.65
C THR X 75 -20.76 31.66 -33.61
N PHE X 76 -20.02 31.34 -34.65
CA PHE X 76 -19.31 30.08 -34.61
C PHE X 76 -18.38 29.99 -33.37
N ALA X 77 -17.74 31.11 -33.02
CA ALA X 77 -16.86 31.15 -31.84
C ALA X 77 -17.66 30.81 -30.58
N GLY X 78 -18.87 31.34 -30.48
CA GLY X 78 -19.70 31.02 -29.32
C GLY X 78 -20.11 29.52 -29.31
N LYS X 79 -20.31 28.93 -30.48
CA LYS X 79 -20.68 27.54 -30.52
C LYS X 79 -19.51 26.70 -29.97
N ILE X 80 -18.30 27.08 -30.38
CA ILE X 80 -17.09 26.39 -29.95
C ILE X 80 -16.99 26.46 -28.43
N ASN X 81 -17.14 27.66 -27.89
CA ASN X 81 -17.01 27.86 -26.45
C ASN X 81 -17.95 27.02 -25.56
N ARG X 82 -19.21 26.93 -25.97
CA ARG X 82 -20.21 26.15 -25.25
C ARG X 82 -19.86 24.66 -25.24
N LEU X 83 -19.32 24.18 -26.35
CA LEU X 83 -18.98 22.77 -26.52
C LEU X 83 -17.80 22.56 -25.56
N ALA X 84 -16.83 23.48 -25.60
CA ALA X 84 -15.67 23.37 -24.72
C ALA X 84 -16.08 23.35 -23.24
N ILE X 85 -17.02 24.22 -22.89
CA ILE X 85 -17.48 24.32 -21.52
C ILE X 85 -18.17 23.02 -21.12
N MET X 86 -18.95 22.44 -22.04
CA MET X 86 -19.61 21.17 -21.76
C MET X 86 -18.54 20.06 -21.53
N VAL X 87 -17.52 20.01 -22.38
CA VAL X 87 -16.47 19.00 -22.18
C VAL X 87 -15.78 19.19 -20.84
N ARG X 88 -15.38 20.43 -20.53
CA ARG X 88 -14.70 20.68 -19.25
C ARG X 88 -15.57 20.24 -18.07
N GLY X 89 -16.87 20.47 -18.16
CA GLY X 89 -17.74 20.03 -17.08
C GLY X 89 -17.70 18.52 -16.82
N ASN X 90 -17.24 17.75 -17.78
CA ASN X 90 -17.19 16.31 -17.63
C ASN X 90 -15.81 15.82 -17.21
N LEU X 91 -14.91 16.77 -16.97
CA LEU X 91 -13.54 16.40 -16.62
C LEU X 91 -13.41 15.41 -15.43
N ALA X 92 -14.16 15.66 -14.35
CA ALA X 92 -14.10 14.80 -13.17
C ALA X 92 -14.56 13.38 -13.54
N ALA X 93 -15.71 13.28 -14.19
CA ALA X 93 -16.23 11.99 -14.61
C ALA X 93 -15.26 11.32 -15.58
N ALA X 94 -14.63 12.13 -16.44
CA ALA X 94 -13.69 11.62 -17.44
C ALA X 94 -12.50 10.92 -16.79
N MET X 95 -12.01 11.49 -15.69
CA MET X 95 -10.89 10.92 -14.94
C MET X 95 -11.34 9.62 -14.27
N GLN X 96 -12.64 9.46 -14.15
CA GLN X 96 -13.26 8.28 -13.56
C GLN X 96 -13.58 7.24 -14.64
N GLY X 97 -13.10 7.48 -15.86
CA GLY X 97 -13.33 6.56 -16.96
C GLY X 97 -14.52 6.84 -17.86
N LEU X 98 -15.14 7.99 -17.70
CA LEU X 98 -16.31 8.37 -18.50
C LEU X 98 -15.95 9.37 -19.60
N LEU X 99 -14.68 9.39 -19.99
CA LEU X 99 -14.24 10.34 -21.00
C LEU X 99 -14.86 10.23 -22.40
N ALA X 100 -15.25 11.39 -22.91
CA ALA X 100 -15.81 11.59 -24.26
C ALA X 100 -15.18 12.83 -24.94
N LEU X 101 -14.73 12.71 -26.19
CA LEU X 101 -14.09 13.81 -26.88
C LEU X 101 -14.77 14.05 -28.19
N PRO X 102 -15.32 15.26 -28.35
CA PRO X 102 -16.00 15.58 -29.60
C PRO X 102 -15.08 16.19 -30.63
N LEU X 103 -15.53 16.12 -31.87
CA LEU X 103 -14.83 16.76 -33.02
C LEU X 103 -15.98 17.59 -33.63
N LEU X 104 -15.75 18.88 -33.83
CA LEU X 104 -16.78 19.75 -34.38
C LEU X 104 -16.47 20.21 -35.80
N ALA X 105 -17.48 20.16 -36.68
CA ALA X 105 -17.29 20.61 -38.07
C ALA X 105 -18.41 21.56 -38.34
N GLY X 106 -18.11 22.63 -39.08
CA GLY X 106 -19.16 23.58 -39.36
C GLY X 106 -18.86 24.46 -40.54
N TYR X 107 -19.83 25.26 -40.92
CA TYR X 107 -19.66 26.18 -42.02
C TYR X 107 -20.02 27.51 -41.40
N ASP X 108 -19.13 28.48 -41.46
CA ASP X 108 -19.41 29.79 -40.85
C ASP X 108 -20.06 30.72 -41.86
N ILE X 109 -21.35 30.95 -41.71
CA ILE X 109 -22.09 31.85 -42.62
C ILE X 109 -21.54 33.28 -42.57
N HIS X 110 -20.97 33.68 -41.45
CA HIS X 110 -20.42 35.02 -41.32
C HIS X 110 -18.95 35.15 -41.73
N ALA X 111 -18.31 34.09 -42.20
CA ALA X 111 -16.92 34.19 -42.63
C ALA X 111 -16.85 35.07 -43.88
N SER X 112 -15.76 35.82 -44.00
CA SER X 112 -15.56 36.70 -45.13
C SER X 112 -15.49 35.89 -46.43
N ASP X 113 -14.59 34.93 -46.52
CA ASP X 113 -14.46 34.14 -47.74
C ASP X 113 -15.16 32.78 -47.69
N PRO X 114 -16.27 32.64 -48.43
CA PRO X 114 -17.12 31.45 -48.55
C PRO X 114 -16.45 30.13 -48.90
N GLN X 115 -15.46 30.18 -49.80
CA GLN X 115 -14.77 28.95 -50.20
C GLN X 115 -14.02 28.32 -49.04
N SER X 116 -13.62 29.14 -48.08
CA SER X 116 -12.90 28.64 -46.92
C SER X 116 -13.67 28.75 -45.58
N ALA X 117 -14.98 29.04 -45.65
CA ALA X 117 -15.81 29.18 -44.47
C ALA X 117 -15.96 27.87 -43.66
N GLY X 118 -15.42 26.78 -44.20
CA GLY X 118 -15.47 25.49 -43.52
C GLY X 118 -14.65 25.56 -42.24
N ARG X 119 -15.14 24.90 -41.19
CA ARG X 119 -14.42 24.92 -39.91
C ARG X 119 -14.33 23.54 -39.29
N ILE X 120 -13.16 23.22 -38.75
CA ILE X 120 -12.96 21.96 -38.04
C ILE X 120 -12.32 22.31 -36.68
N VAL X 121 -12.94 21.88 -35.59
CA VAL X 121 -12.39 22.20 -34.26
C VAL X 121 -12.25 20.91 -33.43
N SER X 122 -11.07 20.70 -32.84
CA SER X 122 -10.87 19.55 -31.96
C SER X 122 -10.84 20.02 -30.48
N PHE X 123 -11.05 19.07 -29.55
CA PHE X 123 -11.15 19.37 -28.12
C PHE X 123 -10.42 18.35 -27.31
N ASP X 124 -9.86 18.77 -26.17
CA ASP X 124 -9.17 17.80 -25.31
C ASP X 124 -10.05 17.61 -24.09
N ALA X 125 -9.69 16.67 -23.22
CA ALA X 125 -10.48 16.37 -22.03
C ALA X 125 -10.73 17.52 -21.07
N ALA X 126 -9.85 18.52 -21.07
CA ALA X 126 -10.04 19.66 -20.16
C ALA X 126 -10.85 20.80 -20.77
N GLY X 127 -11.30 20.63 -22.00
CA GLY X 127 -12.07 21.70 -22.60
C GLY X 127 -11.24 22.61 -23.50
N GLY X 128 -9.98 22.25 -23.69
CA GLY X 128 -9.14 23.03 -24.58
C GLY X 128 -9.62 22.75 -26.02
N TRP X 129 -9.63 23.79 -26.86
CA TRP X 129 -10.06 23.62 -28.23
C TRP X 129 -9.02 24.18 -29.15
N ASN X 130 -9.07 23.72 -30.38
CA ASN X 130 -8.16 24.18 -31.40
C ASN X 130 -8.82 24.16 -32.76
N ILE X 131 -8.75 25.29 -33.44
CA ILE X 131 -9.33 25.38 -34.77
C ILE X 131 -8.28 24.85 -35.69
N GLU X 132 -8.56 23.72 -36.31
CA GLU X 132 -7.60 23.08 -37.19
C GLU X 132 -7.27 23.96 -38.40
N GLU X 133 -5.99 24.13 -38.68
CA GLU X 133 -5.58 24.96 -39.81
C GLU X 133 -5.06 24.14 -41.00
N GLU X 134 -4.74 22.86 -40.78
CA GLU X 134 -4.17 22.05 -41.84
C GLU X 134 -5.14 21.24 -42.72
N GLY X 135 -6.44 21.54 -42.68
CA GLY X 135 -7.39 20.87 -43.56
C GLY X 135 -8.24 19.65 -43.09
N TYR X 136 -7.73 18.92 -42.11
CA TYR X 136 -8.42 17.74 -41.63
C TYR X 136 -8.05 17.40 -40.18
N GLN X 137 -8.83 16.53 -39.56
CA GLN X 137 -8.56 16.12 -38.21
C GLN X 137 -9.34 14.81 -37.98
N ALA X 138 -9.00 14.10 -36.92
CA ALA X 138 -9.70 12.87 -36.58
C ALA X 138 -9.60 12.64 -35.06
N VAL X 139 -10.57 11.93 -34.49
CA VAL X 139 -10.52 11.54 -33.07
C VAL X 139 -10.89 10.06 -32.96
N GLY X 140 -10.41 9.41 -31.89
CA GLY X 140 -10.72 8.03 -31.64
C GLY X 140 -9.48 7.16 -31.74
N SER X 141 -9.61 5.89 -31.40
CA SER X 141 -8.48 4.96 -31.45
C SER X 141 -7.89 4.78 -32.87
N GLY X 142 -8.63 5.08 -33.94
CA GLY X 142 -8.01 4.89 -35.24
C GLY X 142 -7.60 6.24 -35.83
N SER X 143 -7.65 7.30 -35.02
CA SER X 143 -7.36 8.62 -35.57
C SER X 143 -5.98 8.84 -36.17
N LEU X 144 -4.95 8.26 -35.59
CA LEU X 144 -3.61 8.44 -36.13
C LEU X 144 -3.53 7.78 -37.50
N PHE X 145 -4.15 6.58 -37.65
CA PHE X 145 -4.09 5.93 -38.95
C PHE X 145 -4.84 6.76 -39.99
N ALA X 146 -5.99 7.33 -39.58
CA ALA X 146 -6.81 8.12 -40.47
C ALA X 146 -6.08 9.38 -40.92
N LYS X 147 -5.42 10.03 -39.98
CA LYS X 147 -4.67 11.25 -40.25
C LYS X 147 -3.47 11.03 -41.16
N SER X 148 -2.77 9.91 -41.00
CA SER X 148 -1.62 9.66 -41.86
C SER X 148 -2.13 9.28 -43.26
N SER X 149 -3.35 8.75 -43.32
CA SER X 149 -3.93 8.42 -44.60
C SER X 149 -4.35 9.75 -45.30
N MET X 150 -5.09 10.60 -44.60
CA MET X 150 -5.48 11.87 -45.19
C MET X 150 -4.26 12.74 -45.58
N LYS X 151 -3.18 12.62 -44.82
CA LYS X 151 -1.96 13.36 -45.11
C LYS X 151 -1.49 13.09 -46.53
N LYS X 152 -1.67 11.85 -47.00
CA LYS X 152 -1.24 11.47 -48.33
C LYS X 152 -2.34 11.68 -49.36
N LEU X 153 -3.60 11.73 -48.93
CA LEU X 153 -4.68 11.82 -49.91
C LEU X 153 -5.30 13.19 -50.06
N TYR X 154 -5.03 14.06 -49.10
CA TYR X 154 -5.66 15.36 -49.07
C TYR X 154 -5.50 16.21 -50.34
N SER X 155 -4.38 16.08 -51.03
CA SER X 155 -4.18 16.86 -52.23
C SER X 155 -5.20 16.50 -53.33
N GLN X 156 -5.89 15.36 -53.17
CA GLN X 156 -6.91 14.99 -54.16
C GLN X 156 -8.24 15.65 -53.86
N VAL X 157 -8.33 16.37 -52.77
CA VAL X 157 -9.63 16.93 -52.47
C VAL X 157 -9.81 18.22 -53.24
N THR X 158 -10.75 18.20 -54.19
CA THR X 158 -11.02 19.40 -54.97
C THR X 158 -12.47 19.81 -54.89
N ASP X 159 -13.31 19.01 -54.26
CA ASP X 159 -14.72 19.37 -54.15
C ASP X 159 -15.37 18.43 -53.16
N GLY X 160 -16.66 18.64 -52.93
CA GLY X 160 -17.40 17.82 -51.99
C GLY X 160 -17.34 16.33 -52.24
N ASP X 161 -17.36 15.90 -53.51
CA ASP X 161 -17.39 14.48 -53.75
C ASP X 161 -16.06 13.82 -53.54
N SER X 162 -14.97 14.48 -53.96
CA SER X 162 -13.64 13.90 -53.74
C SER X 162 -13.29 14.04 -52.22
N GLY X 163 -13.89 15.03 -51.55
CA GLY X 163 -13.69 15.25 -50.13
C GLY X 163 -14.33 14.07 -49.38
N LEU X 164 -15.53 13.66 -49.83
CA LEU X 164 -16.26 12.55 -49.21
C LEU X 164 -15.53 11.24 -49.42
N ARG X 165 -14.99 11.06 -50.63
CA ARG X 165 -14.26 9.86 -50.93
C ARG X 165 -13.00 9.73 -50.05
N VAL X 166 -12.29 10.84 -49.86
CA VAL X 166 -11.07 10.77 -49.06
C VAL X 166 -11.44 10.49 -47.60
N ALA X 167 -12.56 11.04 -47.13
CA ALA X 167 -12.98 10.79 -45.75
C ALA X 167 -13.26 9.31 -45.57
N VAL X 168 -13.99 8.74 -46.53
CA VAL X 168 -14.34 7.32 -46.46
C VAL X 168 -13.10 6.45 -46.53
N GLU X 169 -12.15 6.84 -47.37
CA GLU X 169 -10.94 6.05 -47.49
C GLU X 169 -10.11 6.16 -46.18
N ALA X 170 -10.10 7.32 -45.54
CA ALA X 170 -9.37 7.50 -44.29
C ALA X 170 -10.00 6.56 -43.20
N LEU X 171 -11.33 6.46 -43.17
CA LEU X 171 -11.98 5.56 -42.24
C LEU X 171 -11.59 4.12 -42.58
N TYR X 172 -11.51 3.81 -43.86
CA TYR X 172 -11.18 2.46 -44.30
C TYR X 172 -9.76 2.11 -43.81
N ASP X 173 -8.84 3.08 -43.93
CA ASP X 173 -7.49 2.82 -43.46
C ASP X 173 -7.49 2.68 -41.91
N ALA X 174 -8.34 3.46 -41.25
CA ALA X 174 -8.39 3.38 -39.79
C ALA X 174 -8.85 1.95 -39.43
N ALA X 175 -9.89 1.44 -40.09
CA ALA X 175 -10.38 0.10 -39.75
C ALA X 175 -9.38 -0.97 -40.13
N ASP X 176 -8.61 -0.72 -41.19
CA ASP X 176 -7.63 -1.69 -41.65
C ASP X 176 -6.56 -1.90 -40.56
N ASP X 177 -6.27 -0.86 -39.78
CA ASP X 177 -5.21 -0.98 -38.77
C ASP X 177 -5.62 -0.99 -37.30
N ASP X 178 -6.86 -0.57 -37.02
CA ASP X 178 -7.40 -0.50 -35.68
C ASP X 178 -8.63 -1.41 -35.51
N SER X 179 -8.48 -2.50 -34.76
CA SER X 179 -9.58 -3.43 -34.56
C SER X 179 -10.80 -2.77 -33.88
N ALA X 180 -10.61 -1.63 -33.23
CA ALA X 180 -11.75 -0.97 -32.58
C ALA X 180 -12.58 -0.09 -33.54
N THR X 181 -12.13 0.05 -34.79
CA THR X 181 -12.86 0.85 -35.77
C THR X 181 -13.48 -0.10 -36.80
N GLY X 182 -14.78 0.08 -37.10
CA GLY X 182 -15.43 -0.80 -38.05
C GLY X 182 -15.25 -0.45 -39.53
N GLY X 183 -14.89 -1.44 -40.33
CA GLY X 183 -14.76 -1.19 -41.77
C GLY X 183 -16.13 -1.34 -42.44
N PRO X 184 -16.22 -1.12 -43.75
CA PRO X 184 -17.50 -1.26 -44.49
C PRO X 184 -17.90 -2.73 -44.34
N ASP X 185 -19.17 -3.00 -44.04
CA ASP X 185 -19.63 -4.39 -43.89
C ASP X 185 -20.52 -4.73 -45.12
N LEU X 186 -19.91 -5.39 -46.11
CA LEU X 186 -20.58 -5.76 -47.33
C LEU X 186 -21.64 -6.84 -47.16
N VAL X 187 -21.45 -7.73 -46.19
CA VAL X 187 -22.43 -8.77 -45.96
C VAL X 187 -23.73 -8.19 -45.42
N ARG X 188 -23.63 -7.28 -44.45
CA ARG X 188 -24.83 -6.68 -43.84
C ARG X 188 -25.25 -5.37 -44.52
N GLY X 189 -24.39 -4.84 -45.39
CA GLY X 189 -24.70 -3.59 -46.06
C GLY X 189 -24.69 -2.40 -45.11
N ILE X 190 -23.70 -2.35 -44.22
CA ILE X 190 -23.61 -1.24 -43.26
C ILE X 190 -22.33 -0.47 -43.56
N PHE X 191 -22.44 0.84 -43.66
CA PHE X 191 -21.27 1.65 -44.01
C PHE X 191 -21.17 2.86 -43.09
N PRO X 192 -20.02 3.52 -43.12
CA PRO X 192 -19.80 4.71 -42.30
C PRO X 192 -20.90 5.72 -42.62
N THR X 193 -21.23 6.57 -41.67
CA THR X 193 -22.21 7.64 -41.94
C THR X 193 -21.39 8.92 -42.18
N ALA X 194 -22.01 9.91 -42.82
CA ALA X 194 -21.32 11.16 -43.09
C ALA X 194 -22.30 12.34 -43.22
N VAL X 195 -21.80 13.53 -42.90
CA VAL X 195 -22.54 14.77 -42.96
C VAL X 195 -21.72 15.75 -43.80
N ILE X 196 -22.36 16.45 -44.74
CA ILE X 196 -21.66 17.43 -45.58
C ILE X 196 -22.29 18.76 -45.23
N ILE X 197 -21.45 19.78 -45.07
CA ILE X 197 -21.97 21.10 -44.76
C ILE X 197 -21.39 22.13 -45.69
N ASP X 198 -22.25 22.91 -46.33
CA ASP X 198 -21.78 24.00 -47.19
C ASP X 198 -22.69 25.17 -46.95
N ALA X 199 -22.67 26.14 -47.86
CA ALA X 199 -23.52 27.33 -47.70
C ALA X 199 -25.01 27.01 -47.55
N ASP X 200 -25.45 25.87 -48.09
CA ASP X 200 -26.86 25.53 -47.98
C ASP X 200 -27.20 24.77 -46.74
N GLY X 201 -26.22 24.57 -45.85
CA GLY X 201 -26.53 23.87 -44.62
C GLY X 201 -25.97 22.46 -44.52
N ALA X 202 -26.20 21.83 -43.37
CA ALA X 202 -25.71 20.49 -43.10
C ALA X 202 -26.70 19.44 -43.59
N VAL X 203 -26.24 18.45 -44.34
CA VAL X 203 -27.12 17.39 -44.81
C VAL X 203 -26.46 16.02 -44.61
N ASP X 204 -27.28 15.03 -44.26
CA ASP X 204 -26.76 13.67 -44.10
C ASP X 204 -26.44 13.15 -45.48
N VAL X 205 -25.30 12.49 -45.65
CA VAL X 205 -24.96 11.92 -46.95
C VAL X 205 -25.74 10.59 -47.09
N PRO X 206 -26.48 10.40 -48.19
CA PRO X 206 -27.21 9.13 -48.35
C PRO X 206 -26.30 7.89 -48.37
N GLU X 207 -26.75 6.80 -47.75
CA GLU X 207 -25.95 5.57 -47.70
C GLU X 207 -25.51 5.04 -49.08
N SER X 208 -26.37 5.19 -50.07
CA SER X 208 -26.03 4.69 -51.41
C SER X 208 -24.73 5.30 -51.90
N ARG X 209 -24.59 6.60 -51.75
CA ARG X 209 -23.37 7.25 -52.17
C ARG X 209 -22.18 6.70 -51.38
N ILE X 210 -22.30 6.56 -50.05
CA ILE X 210 -21.16 6.04 -49.31
C ILE X 210 -20.81 4.58 -49.69
N ALA X 211 -21.84 3.76 -49.93
CA ALA X 211 -21.60 2.36 -50.32
C ALA X 211 -20.83 2.30 -51.64
N GLU X 212 -21.19 3.14 -52.60
CA GLU X 212 -20.49 3.18 -53.87
C GLU X 212 -19.02 3.52 -53.66
N LEU X 213 -18.77 4.61 -52.95
CA LEU X 213 -17.40 5.04 -52.71
C LEU X 213 -16.62 3.96 -52.00
N ALA X 214 -17.25 3.35 -51.00
CA ALA X 214 -16.57 2.30 -50.25
C ALA X 214 -16.23 1.12 -51.15
N ARG X 215 -17.19 0.69 -51.96
CA ARG X 215 -16.94 -0.45 -52.85
C ARG X 215 -15.81 -0.17 -53.83
N ALA X 216 -15.73 1.08 -54.34
CA ALA X 216 -14.64 1.40 -55.25
C ALA X 216 -13.31 1.39 -54.49
N ILE X 217 -13.28 1.95 -53.29
CA ILE X 217 -12.05 1.92 -52.52
C ILE X 217 -11.58 0.47 -52.32
N ILE X 218 -12.52 -0.42 -51.99
CA ILE X 218 -12.19 -1.82 -51.78
C ILE X 218 -11.66 -2.50 -53.04
N GLU X 219 -12.29 -2.22 -54.17
CA GLU X 219 -11.85 -2.81 -55.44
C GLU X 219 -10.44 -2.36 -55.76
N SER X 220 -10.16 -1.09 -55.52
CA SER X 220 -8.85 -0.52 -55.79
C SER X 220 -7.76 -1.21 -54.98
N ARG X 221 -8.05 -1.47 -53.71
CA ARG X 221 -7.13 -2.18 -52.82
C ARG X 221 -6.87 -3.61 -53.27
N SER X 222 -7.92 -4.27 -53.74
CA SER X 222 -7.83 -5.67 -54.16
C SER X 222 -6.85 -5.83 -55.32
N GLY X 223 -6.88 -4.89 -56.25
CA GLY X 223 -5.98 -4.94 -57.39
C GLY X 223 -4.66 -4.27 -57.08
N ILE Y 7 -51.97 53.37 2.92
CA ILE Y 7 -52.85 54.05 1.99
C ILE Y 7 -53.67 53.05 1.19
N SER Y 8 -53.58 53.14 -0.13
CA SER Y 8 -54.30 52.25 -1.03
C SER Y 8 -53.36 51.67 -2.07
N PRO Y 9 -53.71 50.49 -2.57
CA PRO Y 9 -52.88 49.80 -3.57
C PRO Y 9 -52.73 50.57 -4.87
N GLU Y 10 -53.78 51.22 -5.33
CA GLU Y 10 -53.70 51.97 -6.59
C GLU Y 10 -52.93 53.30 -6.52
N GLN Y 11 -52.94 53.97 -5.37
CA GLN Y 11 -52.22 55.22 -5.32
C GLN Y 11 -50.76 54.83 -5.25
N ALA Y 12 -50.54 53.55 -4.96
CA ALA Y 12 -49.18 53.02 -4.76
C ALA Y 12 -48.32 53.06 -6.02
N MET Y 13 -48.88 52.63 -7.13
CA MET Y 13 -48.19 52.76 -8.40
C MET Y 13 -48.06 54.26 -8.69
N ARG Y 14 -49.10 55.01 -8.33
CA ARG Y 14 -49.16 56.47 -8.60
C ARG Y 14 -48.16 57.36 -7.87
N GLU Y 15 -48.05 57.17 -6.56
CA GLU Y 15 -47.06 57.88 -5.75
C GLU Y 15 -45.66 57.67 -6.31
N ARG Y 16 -45.27 56.41 -6.39
CA ARG Y 16 -44.00 55.97 -6.88
C ARG Y 16 -43.61 56.63 -8.16
N SER Y 17 -44.44 56.47 -9.17
CA SER Y 17 -44.17 57.07 -10.46
C SER Y 17 -43.84 58.54 -10.28
N GLU Y 18 -44.66 59.24 -9.50
CA GLU Y 18 -44.42 60.67 -9.31
C GLU Y 18 -43.08 60.91 -8.66
N LEU Y 19 -42.83 60.18 -7.58
CA LEU Y 19 -41.59 60.28 -6.83
C LEU Y 19 -40.40 60.16 -7.78
N ALA Y 20 -40.48 59.21 -8.70
CA ALA Y 20 -39.42 59.01 -9.67
C ALA Y 20 -39.36 60.14 -10.69
N ARG Y 21 -40.51 60.44 -11.30
CA ARG Y 21 -40.56 61.49 -12.31
C ARG Y 21 -39.97 62.78 -11.75
N LYS Y 22 -40.34 63.10 -10.52
CA LYS Y 22 -39.83 64.31 -9.89
C LYS Y 22 -38.33 64.31 -9.81
N GLY Y 23 -37.77 63.21 -9.30
CA GLY Y 23 -36.33 63.08 -9.18
C GLY Y 23 -35.58 63.26 -10.49
N ILE Y 24 -36.06 62.61 -11.53
CA ILE Y 24 -35.44 62.71 -12.84
C ILE Y 24 -35.61 64.12 -13.37
N ALA Y 25 -36.83 64.64 -13.20
CA ALA Y 25 -37.14 65.99 -13.67
C ALA Y 25 -36.15 66.99 -13.08
N ARG Y 26 -35.89 66.83 -11.79
CA ARG Y 26 -35.00 67.72 -11.04
C ARG Y 26 -33.49 67.56 -11.34
N ALA Y 27 -33.13 66.67 -12.25
CA ALA Y 27 -31.72 66.46 -12.55
C ALA Y 27 -31.29 66.97 -13.90
N LYS Y 28 -29.98 67.13 -14.08
CA LYS Y 28 -29.38 67.61 -15.32
C LYS Y 28 -29.87 66.79 -16.51
N SER Y 29 -29.67 67.32 -17.72
CA SER Y 29 -30.13 66.63 -18.91
C SER Y 29 -29.04 66.01 -19.75
N VAL Y 30 -29.43 64.97 -20.49
CA VAL Y 30 -28.49 64.26 -21.34
C VAL Y 30 -29.13 63.95 -22.68
N VAL Y 31 -28.32 64.00 -23.72
CA VAL Y 31 -28.84 63.65 -25.04
C VAL Y 31 -27.89 62.72 -25.74
N ALA Y 32 -28.46 61.82 -26.53
CA ALA Y 32 -27.69 60.88 -27.33
C ALA Y 32 -28.32 60.95 -28.70
N LEU Y 33 -27.48 61.05 -29.73
CA LEU Y 33 -27.99 61.12 -31.08
C LEU Y 33 -27.09 60.43 -32.09
N ALA Y 34 -27.72 59.81 -33.09
CA ALA Y 34 -26.99 59.12 -34.12
C ALA Y 34 -26.40 60.17 -35.04
N TYR Y 35 -25.19 59.93 -35.52
CA TYR Y 35 -24.55 60.84 -36.43
C TYR Y 35 -23.76 60.01 -37.41
N ALA Y 36 -23.09 60.65 -38.36
CA ALA Y 36 -22.33 59.95 -39.38
C ALA Y 36 -21.35 58.90 -38.85
N GLY Y 37 -20.56 59.29 -37.84
CA GLY Y 37 -19.56 58.39 -37.29
C GLY Y 37 -19.97 57.39 -36.21
N GLY Y 38 -21.25 57.36 -35.84
CA GLY Y 38 -21.71 56.44 -34.83
C GLY Y 38 -22.74 57.07 -33.92
N VAL Y 39 -22.45 57.16 -32.62
CA VAL Y 39 -23.39 57.78 -31.71
C VAL Y 39 -22.65 58.80 -30.85
N LEU Y 40 -23.31 59.91 -30.54
CA LEU Y 40 -22.71 60.96 -29.74
C LEU Y 40 -23.48 61.14 -28.43
N PHE Y 41 -22.73 61.24 -27.35
CA PHE Y 41 -23.30 61.42 -26.02
C PHE Y 41 -22.88 62.77 -25.46
N VAL Y 42 -23.85 63.59 -25.08
CA VAL Y 42 -23.56 64.90 -24.50
C VAL Y 42 -24.46 65.13 -23.30
N ALA Y 43 -23.81 65.36 -22.16
CA ALA Y 43 -24.54 65.59 -20.93
C ALA Y 43 -24.04 66.82 -20.20
N GLU Y 44 -24.98 67.45 -19.50
CA GLU Y 44 -24.67 68.63 -18.71
C GLU Y 44 -24.02 68.07 -17.46
N ASN Y 45 -22.71 68.22 -17.32
CA ASN Y 45 -22.07 67.69 -16.13
C ASN Y 45 -20.88 68.48 -15.61
N PRO Y 46 -21.08 69.20 -14.50
CA PRO Y 46 -20.04 70.02 -13.87
C PRO Y 46 -18.90 69.19 -13.31
N SER Y 47 -19.23 68.10 -12.63
CA SER Y 47 -18.21 67.26 -12.03
C SER Y 47 -17.14 66.78 -13.00
N ARG Y 48 -15.97 66.51 -12.45
CA ARG Y 48 -14.85 66.02 -13.24
C ARG Y 48 -14.66 64.53 -12.98
N SER Y 49 -15.11 64.08 -11.81
CA SER Y 49 -14.96 62.69 -11.40
C SER Y 49 -16.20 61.82 -11.60
N LEU Y 50 -17.37 62.32 -11.25
CA LEU Y 50 -18.60 61.56 -11.36
C LEU Y 50 -19.11 61.61 -12.81
N GLN Y 51 -19.22 60.45 -13.44
CA GLN Y 51 -19.67 60.39 -14.84
C GLN Y 51 -21.08 59.84 -15.08
N LYS Y 52 -21.71 60.32 -16.15
CA LYS Y 52 -23.09 59.94 -16.54
C LYS Y 52 -23.10 59.17 -17.86
N ILE Y 53 -21.93 59.12 -18.50
CA ILE Y 53 -21.78 58.43 -19.77
C ILE Y 53 -20.67 57.39 -19.61
N SER Y 54 -20.92 56.19 -20.11
CA SER Y 54 -19.93 55.14 -19.93
C SER Y 54 -19.95 54.07 -21.01
N GLU Y 55 -18.81 53.40 -21.16
CA GLU Y 55 -18.71 52.27 -22.08
C GLU Y 55 -19.38 51.10 -21.34
N LEU Y 56 -20.10 50.24 -22.06
CA LEU Y 56 -20.71 49.04 -21.48
C LEU Y 56 -19.97 47.82 -22.02
N TYR Y 57 -19.83 47.75 -23.35
CA TYR Y 57 -19.16 46.67 -24.06
C TYR Y 57 -18.52 47.19 -25.36
N ASP Y 58 -17.91 46.33 -26.16
CA ASP Y 58 -17.26 46.78 -27.39
C ASP Y 58 -17.95 47.86 -28.22
N ARG Y 59 -19.20 47.64 -28.61
CA ARG Y 59 -19.90 48.61 -29.44
C ARG Y 59 -21.12 49.14 -28.70
N VAL Y 60 -21.17 48.96 -27.39
CA VAL Y 60 -22.34 49.42 -26.65
C VAL Y 60 -22.01 50.47 -25.60
N GLY Y 61 -22.79 51.55 -25.61
CA GLY Y 61 -22.59 52.67 -24.70
C GLY Y 61 -23.77 52.87 -23.79
N PHE Y 62 -23.52 53.59 -22.71
CA PHE Y 62 -24.51 53.85 -21.67
C PHE Y 62 -24.51 55.34 -21.29
N ALA Y 63 -25.70 55.87 -21.03
CA ALA Y 63 -25.86 57.25 -20.58
C ALA Y 63 -27.05 57.28 -19.66
N ALA Y 64 -26.97 58.06 -18.59
CA ALA Y 64 -28.11 58.13 -17.67
C ALA Y 64 -28.36 59.52 -17.10
N ALA Y 65 -29.56 59.71 -16.55
CA ALA Y 65 -29.94 60.97 -15.90
C ALA Y 65 -30.70 60.53 -14.65
N GLY Y 66 -30.57 61.30 -13.57
CA GLY Y 66 -31.26 60.94 -12.34
C GLY Y 66 -30.28 60.94 -11.19
N LYS Y 67 -30.60 60.17 -10.16
CA LYS Y 67 -29.77 60.05 -8.95
C LYS Y 67 -28.49 59.24 -9.29
N PHE Y 68 -27.32 59.81 -9.09
CA PHE Y 68 -26.06 59.16 -9.41
C PHE Y 68 -25.83 57.78 -8.79
N ASN Y 69 -25.92 57.69 -7.47
CA ASN Y 69 -25.70 56.40 -6.84
C ASN Y 69 -26.60 55.33 -7.46
N GLU Y 70 -27.80 55.71 -7.91
CA GLU Y 70 -28.68 54.71 -8.49
C GLU Y 70 -28.32 54.30 -9.94
N PHE Y 71 -28.03 55.25 -10.82
CA PHE Y 71 -27.68 54.83 -12.14
C PHE Y 71 -26.23 54.33 -12.25
N ASP Y 72 -25.38 54.66 -11.30
CA ASP Y 72 -24.02 54.15 -11.35
C ASP Y 72 -24.14 52.67 -11.01
N ASN Y 73 -25.04 52.37 -10.08
CA ASN Y 73 -25.33 51.03 -9.66
C ASN Y 73 -25.69 50.22 -10.91
N LEU Y 74 -26.65 50.74 -11.66
CA LEU Y 74 -27.12 50.12 -12.89
C LEU Y 74 -26.01 50.01 -13.96
N ARG Y 75 -25.12 50.99 -14.02
CA ARG Y 75 -24.04 50.98 -15.00
C ARG Y 75 -23.12 49.75 -14.67
N ARG Y 76 -22.77 49.60 -13.40
CA ARG Y 76 -21.92 48.51 -12.95
C ARG Y 76 -22.58 47.18 -13.24
N GLY Y 77 -23.85 47.05 -12.89
CA GLY Y 77 -24.60 45.83 -13.15
C GLY Y 77 -24.61 45.50 -14.63
N GLY Y 78 -24.67 46.52 -15.49
CA GLY Y 78 -24.69 46.33 -16.93
C GLY Y 78 -23.37 45.80 -17.42
N ILE Y 79 -22.28 46.41 -16.95
CA ILE Y 79 -20.94 45.99 -17.32
C ILE Y 79 -20.76 44.52 -16.86
N GLN Y 80 -21.23 44.20 -15.66
CA GLN Y 80 -21.16 42.87 -15.10
C GLN Y 80 -21.87 41.88 -16.04
N PHE Y 81 -23.10 42.21 -16.42
CA PHE Y 81 -23.89 41.36 -17.28
C PHE Y 81 -23.23 41.15 -18.63
N ALA Y 82 -22.74 42.23 -19.23
CA ALA Y 82 -22.11 42.13 -20.54
C ALA Y 82 -20.82 41.30 -20.55
N ASP Y 83 -19.93 41.58 -19.59
CA ASP Y 83 -18.67 40.84 -19.51
C ASP Y 83 -18.90 39.36 -19.28
N THR Y 84 -19.86 39.01 -18.42
CA THR Y 84 -20.19 37.63 -18.15
C THR Y 84 -20.76 36.93 -19.40
N ARG Y 85 -21.65 37.62 -20.13
CA ARG Y 85 -22.25 37.07 -21.34
C ARG Y 85 -21.22 36.82 -22.41
N GLY Y 86 -20.37 37.82 -22.63
CA GLY Y 86 -19.35 37.67 -23.65
C GLY Y 86 -18.35 36.57 -23.36
N TYR Y 87 -18.13 36.30 -22.08
CA TYR Y 87 -17.18 35.28 -21.68
C TYR Y 87 -17.82 33.90 -21.81
N ALA Y 88 -19.08 33.79 -21.40
CA ALA Y 88 -19.82 32.54 -21.49
C ALA Y 88 -20.17 32.13 -22.93
N TYR Y 89 -20.27 33.07 -23.85
CA TYR Y 89 -20.58 32.76 -25.25
C TYR Y 89 -19.41 33.34 -26.05
N ASP Y 90 -19.64 34.48 -26.73
CA ASP Y 90 -18.54 35.16 -27.43
C ASP Y 90 -18.79 36.66 -27.40
N ARG Y 91 -17.74 37.46 -27.58
CA ARG Y 91 -17.92 38.91 -27.52
C ARG Y 91 -19.02 39.38 -28.46
N ARG Y 92 -18.95 38.89 -29.70
CA ARG Y 92 -19.92 39.28 -30.71
C ARG Y 92 -21.33 38.87 -30.44
N ASP Y 93 -21.55 38.19 -29.32
CA ASP Y 93 -22.89 37.77 -28.98
C ASP Y 93 -23.58 38.78 -28.05
N VAL Y 94 -22.81 39.75 -27.53
CA VAL Y 94 -23.38 40.76 -26.64
C VAL Y 94 -23.96 41.88 -27.52
N THR Y 95 -25.18 42.34 -27.23
CA THR Y 95 -25.79 43.38 -28.04
C THR Y 95 -26.50 44.45 -27.25
N GLY Y 96 -26.66 45.62 -27.86
CA GLY Y 96 -27.34 46.71 -27.19
C GLY Y 96 -28.74 46.31 -26.78
N ARG Y 97 -29.44 45.61 -27.67
CA ARG Y 97 -30.80 45.16 -27.42
C ARG Y 97 -30.85 44.29 -26.14
N GLN Y 98 -29.87 43.41 -25.95
CA GLN Y 98 -29.82 42.55 -24.76
C GLN Y 98 -29.65 43.39 -23.51
N LEU Y 99 -28.74 44.36 -23.56
CA LEU Y 99 -28.52 45.23 -22.40
C LEU Y 99 -29.79 46.04 -22.04
N ALA Y 100 -30.44 46.60 -23.07
CA ALA Y 100 -31.66 47.38 -22.83
C ALA Y 100 -32.71 46.48 -22.19
N ASN Y 101 -32.85 45.29 -22.76
CA ASN Y 101 -33.78 44.29 -22.27
C ASN Y 101 -33.52 43.97 -20.78
N VAL Y 102 -32.24 43.78 -20.44
CA VAL Y 102 -31.85 43.50 -19.04
C VAL Y 102 -32.15 44.68 -18.11
N TYR Y 103 -31.88 45.90 -18.58
CA TYR Y 103 -32.19 47.08 -17.78
C TYR Y 103 -33.70 47.20 -17.56
N ALA Y 104 -34.46 46.94 -18.63
CA ALA Y 104 -35.93 47.01 -18.56
C ALA Y 104 -36.43 46.12 -17.45
N GLN Y 105 -35.95 44.89 -17.46
CA GLN Y 105 -36.35 43.92 -16.46
C GLN Y 105 -35.90 44.30 -15.04
N THR Y 106 -34.71 44.90 -14.94
CA THR Y 106 -34.19 45.27 -13.63
C THR Y 106 -34.95 46.44 -13.04
N LEU Y 107 -35.13 47.47 -13.84
CA LEU Y 107 -35.86 48.65 -13.38
C LEU Y 107 -37.29 48.27 -13.05
N GLY Y 108 -37.88 47.42 -13.87
CA GLY Y 108 -39.23 46.95 -13.62
C GLY Y 108 -39.32 46.29 -12.26
N THR Y 109 -38.35 45.44 -11.95
CA THR Y 109 -38.37 44.76 -10.66
C THR Y 109 -38.16 45.74 -9.51
N ILE Y 110 -37.22 46.67 -9.68
CA ILE Y 110 -36.96 47.67 -8.64
C ILE Y 110 -38.23 48.48 -8.37
N PHE Y 111 -38.82 49.03 -9.42
CA PHE Y 111 -40.02 49.84 -9.33
C PHE Y 111 -41.17 49.15 -8.61
N THR Y 112 -41.25 47.83 -8.77
CA THR Y 112 -42.30 47.03 -8.16
C THR Y 112 -41.97 46.46 -6.79
N GLU Y 113 -40.73 46.00 -6.60
CA GLU Y 113 -40.36 45.37 -5.36
C GLU Y 113 -39.61 46.18 -4.31
N GLN Y 114 -39.10 47.34 -4.66
CA GLN Y 114 -38.37 48.10 -3.66
C GLN Y 114 -39.02 49.35 -3.13
N ALA Y 115 -38.85 49.55 -1.83
CA ALA Y 115 -39.38 50.69 -1.10
C ALA Y 115 -39.48 51.93 -1.95
N LYS Y 116 -38.37 52.34 -2.53
CA LYS Y 116 -38.38 53.52 -3.37
C LYS Y 116 -37.89 53.19 -4.75
N PRO Y 117 -38.65 53.54 -5.78
CA PRO Y 117 -38.25 53.26 -7.16
C PRO Y 117 -36.98 54.05 -7.47
N TYR Y 118 -36.29 53.66 -8.53
CA TYR Y 118 -35.07 54.32 -8.95
C TYR Y 118 -35.38 55.60 -9.71
N GLU Y 119 -34.82 56.71 -9.26
CA GLU Y 119 -35.04 57.99 -9.91
C GLU Y 119 -34.02 58.08 -11.03
N VAL Y 120 -34.22 57.31 -12.08
CA VAL Y 120 -33.28 57.31 -13.19
C VAL Y 120 -33.94 57.09 -14.52
N GLU Y 121 -33.22 57.44 -15.58
CA GLU Y 121 -33.70 57.23 -16.94
C GLU Y 121 -32.42 56.83 -17.69
N LEU Y 122 -32.46 55.71 -18.41
CA LEU Y 122 -31.27 55.23 -19.09
C LEU Y 122 -31.36 55.15 -20.59
N CYS Y 123 -30.20 55.30 -21.21
CA CYS Y 123 -30.11 55.16 -22.63
C CYS Y 123 -28.97 54.17 -22.96
N VAL Y 124 -29.28 53.14 -23.75
CA VAL Y 124 -28.27 52.19 -24.16
C VAL Y 124 -28.15 52.37 -25.67
N ALA Y 125 -26.94 52.52 -26.18
CA ALA Y 125 -26.74 52.71 -27.61
C ALA Y 125 -25.71 51.73 -28.16
N GLU Y 126 -25.88 51.36 -29.42
CA GLU Y 126 -24.99 50.44 -30.08
C GLU Y 126 -24.71 50.88 -31.51
N VAL Y 127 -23.44 50.75 -31.92
CA VAL Y 127 -23.09 51.10 -33.28
C VAL Y 127 -22.64 49.82 -33.94
N ALA Y 128 -22.47 49.86 -35.26
CA ALA Y 128 -22.07 48.68 -36.00
C ALA Y 128 -20.67 48.25 -35.63
N HIS Y 129 -20.35 47.00 -35.97
CA HIS Y 129 -19.03 46.43 -35.74
C HIS Y 129 -18.12 47.01 -36.82
N TYR Y 130 -16.81 47.05 -36.56
CA TYR Y 130 -15.88 47.61 -37.52
C TYR Y 130 -16.12 47.14 -38.95
N GLY Y 131 -16.01 48.06 -39.90
CA GLY Y 131 -16.19 47.70 -41.29
C GLY Y 131 -17.53 47.07 -41.65
N GLU Y 132 -18.51 47.21 -40.77
CA GLU Y 132 -19.84 46.66 -40.97
C GLU Y 132 -20.76 47.84 -41.22
N THR Y 133 -21.96 47.59 -41.73
CA THR Y 133 -22.88 48.70 -41.98
C THR Y 133 -24.19 48.37 -41.31
N LYS Y 134 -24.62 49.27 -40.43
CA LYS Y 134 -25.86 49.09 -39.71
C LYS Y 134 -26.17 50.42 -39.03
N ARG Y 135 -27.45 50.76 -39.00
CA ARG Y 135 -27.86 52.02 -38.39
C ARG Y 135 -27.70 51.95 -36.88
N PRO Y 136 -27.15 53.02 -36.26
CA PRO Y 136 -26.99 52.98 -34.81
C PRO Y 136 -28.34 52.66 -34.18
N GLU Y 137 -28.32 52.12 -32.96
CA GLU Y 137 -29.56 51.79 -32.27
C GLU Y 137 -29.52 52.53 -30.95
N LEU Y 138 -30.67 53.07 -30.55
CA LEU Y 138 -30.75 53.82 -29.31
C LEU Y 138 -31.95 53.33 -28.57
N TYR Y 139 -31.79 53.04 -27.28
CA TYR Y 139 -32.92 52.55 -26.50
C TYR Y 139 -33.02 53.42 -25.26
N ARG Y 140 -34.25 53.66 -24.81
CA ARG Y 140 -34.46 54.42 -23.60
C ARG Y 140 -35.21 53.50 -22.66
N ILE Y 141 -34.75 53.42 -21.42
CA ILE Y 141 -35.42 52.61 -20.41
C ILE Y 141 -35.86 53.49 -19.24
N THR Y 142 -37.15 53.45 -18.91
CA THR Y 142 -37.69 54.29 -17.84
C THR Y 142 -37.63 53.66 -16.45
N TYR Y 143 -37.87 54.49 -15.45
CA TYR Y 143 -37.83 54.06 -14.06
C TYR Y 143 -38.77 52.92 -13.73
N ASP Y 144 -39.86 52.79 -14.47
CA ASP Y 144 -40.82 51.72 -14.21
C ASP Y 144 -40.51 50.46 -15.00
N GLY Y 145 -39.55 50.54 -15.91
CA GLY Y 145 -39.17 49.40 -16.70
C GLY Y 145 -39.60 49.43 -18.16
N SER Y 146 -40.22 50.52 -18.58
CA SER Y 146 -40.64 50.60 -19.98
C SER Y 146 -39.43 50.83 -20.87
N ILE Y 147 -39.47 50.34 -22.11
CA ILE Y 147 -38.34 50.47 -23.00
C ILE Y 147 -38.83 50.97 -24.35
N ALA Y 148 -38.04 51.81 -25.00
CA ALA Y 148 -38.43 52.36 -26.27
C ALA Y 148 -37.28 52.40 -27.26
N ASP Y 149 -37.59 52.08 -28.49
CA ASP Y 149 -36.63 52.04 -29.58
C ASP Y 149 -36.66 53.41 -30.26
N GLU Y 150 -35.65 54.24 -30.05
CA GLU Y 150 -35.58 55.56 -30.70
C GLU Y 150 -34.67 55.48 -31.93
N PRO Y 151 -35.10 56.06 -33.04
CA PRO Y 151 -34.29 56.01 -34.28
C PRO Y 151 -33.27 57.10 -34.51
N HIS Y 152 -33.47 58.26 -33.90
CA HIS Y 152 -32.55 59.36 -34.15
C HIS Y 152 -31.84 59.94 -32.94
N PHE Y 153 -32.59 60.13 -31.87
CA PHE Y 153 -32.00 60.70 -30.66
C PHE Y 153 -32.83 60.40 -29.42
N VAL Y 154 -32.20 60.56 -28.26
CA VAL Y 154 -32.88 60.32 -27.01
C VAL Y 154 -32.53 61.48 -26.09
N VAL Y 155 -33.50 61.89 -25.27
CA VAL Y 155 -33.27 62.98 -24.33
C VAL Y 155 -33.79 62.54 -22.99
N MET Y 156 -33.00 62.77 -21.94
CA MET Y 156 -33.39 62.33 -20.60
C MET Y 156 -32.93 63.33 -19.56
N GLY Y 157 -33.69 63.39 -18.47
CA GLY Y 157 -33.36 64.29 -17.37
C GLY Y 157 -33.88 65.70 -17.47
N GLY Y 158 -34.23 66.28 -16.33
CA GLY Y 158 -34.75 67.64 -16.32
C GLY Y 158 -35.98 67.86 -17.18
N THR Y 159 -36.02 69.01 -17.85
CA THR Y 159 -37.14 69.35 -18.72
C THR Y 159 -36.71 68.97 -20.13
N THR Y 160 -37.29 67.90 -20.61
CA THR Y 160 -36.96 67.35 -21.91
C THR Y 160 -37.63 68.02 -23.10
N GLU Y 161 -38.92 68.37 -22.94
CA GLU Y 161 -39.71 69.01 -23.99
C GLU Y 161 -38.93 70.00 -24.85
N PRO Y 162 -38.39 71.06 -24.22
CA PRO Y 162 -37.61 72.06 -24.94
C PRO Y 162 -36.47 71.47 -25.76
N ILE Y 163 -35.67 70.63 -25.12
CA ILE Y 163 -34.51 69.99 -25.76
C ILE Y 163 -34.96 69.06 -26.88
N ALA Y 164 -36.05 68.34 -26.61
CA ALA Y 164 -36.62 67.41 -27.57
C ALA Y 164 -36.93 68.15 -28.85
N ASN Y 165 -37.82 69.12 -28.75
CA ASN Y 165 -38.22 69.92 -29.91
C ASN Y 165 -37.02 70.57 -30.59
N ALA Y 166 -36.15 71.18 -29.79
CA ALA Y 166 -34.96 71.82 -30.34
C ALA Y 166 -34.20 70.88 -31.27
N LEU Y 167 -34.21 69.58 -30.95
CA LEU Y 167 -33.52 68.59 -31.76
C LEU Y 167 -34.43 68.16 -32.91
N LYS Y 168 -35.72 68.01 -32.67
CA LYS Y 168 -36.59 67.54 -33.74
C LYS Y 168 -36.42 68.49 -34.90
N GLU Y 169 -36.16 69.76 -34.55
CA GLU Y 169 -35.86 70.88 -35.46
C GLU Y 169 -34.47 70.99 -36.17
N SER Y 170 -33.39 70.77 -35.42
CA SER Y 170 -32.03 70.79 -35.92
C SER Y 170 -31.47 69.42 -36.31
N TYR Y 171 -32.15 68.34 -35.93
CA TYR Y 171 -31.60 67.02 -36.28
C TYR Y 171 -31.29 66.75 -37.75
N ALA Y 172 -30.03 66.44 -38.00
CA ALA Y 172 -29.55 66.15 -39.33
C ALA Y 172 -28.97 64.72 -39.39
N GLU Y 173 -29.59 63.86 -40.19
CA GLU Y 173 -29.10 62.50 -40.34
C GLU Y 173 -27.73 62.64 -40.99
N ASN Y 174 -26.81 61.77 -40.61
CA ASN Y 174 -25.46 61.80 -41.15
C ASN Y 174 -24.64 63.04 -40.84
N ALA Y 175 -25.13 63.86 -39.91
CA ALA Y 175 -24.39 65.07 -39.56
C ALA Y 175 -22.97 64.66 -39.22
N SER Y 176 -21.98 65.51 -39.46
CA SER Y 176 -20.61 65.14 -39.11
C SER Y 176 -20.52 65.25 -37.58
N LEU Y 177 -19.37 64.90 -37.02
CA LEU Y 177 -19.23 64.99 -35.57
C LEU Y 177 -19.46 66.40 -35.08
N THR Y 178 -18.75 67.37 -35.66
CA THR Y 178 -18.88 68.77 -35.26
C THR Y 178 -20.29 69.32 -35.36
N ASP Y 179 -20.96 69.04 -36.48
CA ASP Y 179 -22.33 69.50 -36.67
C ASP Y 179 -23.24 68.89 -35.61
N ALA Y 180 -23.03 67.59 -35.35
CA ALA Y 180 -23.83 66.87 -34.36
C ALA Y 180 -23.59 67.44 -32.97
N LEU Y 181 -22.32 67.70 -32.65
CA LEU Y 181 -21.98 68.25 -31.34
C LEU Y 181 -22.71 69.57 -31.13
N ARG Y 182 -22.54 70.49 -32.09
CA ARG Y 182 -23.19 71.81 -32.03
C ARG Y 182 -24.70 71.66 -31.86
N ILE Y 183 -25.34 70.93 -32.78
CA ILE Y 183 -26.78 70.71 -32.73
C ILE Y 183 -27.21 70.26 -31.34
N ALA Y 184 -26.41 69.36 -30.76
CA ALA Y 184 -26.68 68.80 -29.45
C ALA Y 184 -26.50 69.81 -28.32
N VAL Y 185 -25.33 70.44 -28.25
CA VAL Y 185 -25.08 71.43 -27.21
C VAL Y 185 -26.16 72.53 -27.27
N ALA Y 186 -26.60 72.85 -28.48
CA ALA Y 186 -27.62 73.85 -28.68
C ALA Y 186 -28.92 73.38 -28.06
N ALA Y 187 -29.51 72.35 -28.67
CA ALA Y 187 -30.78 71.79 -28.19
C ALA Y 187 -30.78 71.59 -26.67
N LEU Y 188 -29.59 71.46 -26.11
CA LEU Y 188 -29.45 71.25 -24.68
C LEU Y 188 -29.70 72.56 -23.94
N ARG Y 189 -29.13 73.65 -24.44
CA ARG Y 189 -29.29 74.96 -23.82
C ARG Y 189 -30.76 75.34 -23.78
N ALA Y 190 -31.48 74.98 -24.83
CA ALA Y 190 -32.90 75.31 -24.91
C ALA Y 190 -33.60 75.03 -23.58
N LEU Y 203 -22.54 76.00 -22.97
CA LEU Y 203 -21.67 75.61 -21.87
C LEU Y 203 -20.41 75.07 -22.53
N GLY Y 204 -19.26 75.24 -21.88
CA GLY Y 204 -18.02 74.77 -22.46
C GLY Y 204 -17.46 73.50 -21.85
N VAL Y 205 -16.19 73.24 -22.12
CA VAL Y 205 -15.50 72.07 -21.61
C VAL Y 205 -15.71 71.80 -20.12
N ALA Y 206 -15.64 72.85 -19.32
CA ALA Y 206 -15.78 72.71 -17.88
C ALA Y 206 -17.16 72.28 -17.36
N SER Y 207 -18.16 72.23 -18.23
CA SER Y 207 -19.49 71.83 -17.77
C SER Y 207 -20.16 70.75 -18.63
N LEU Y 208 -19.37 70.13 -19.51
CA LEU Y 208 -19.90 69.10 -20.38
C LEU Y 208 -19.13 67.78 -20.34
N GLU Y 209 -19.89 66.70 -20.49
CA GLU Y 209 -19.32 65.35 -20.53
C GLU Y 209 -19.66 64.91 -21.96
N VAL Y 210 -18.62 64.63 -22.73
CA VAL Y 210 -18.83 64.24 -24.12
C VAL Y 210 -18.06 62.96 -24.50
N ALA Y 211 -18.76 62.10 -25.23
CA ALA Y 211 -18.17 60.83 -25.67
C ALA Y 211 -18.91 60.30 -26.88
N VAL Y 212 -18.23 59.47 -27.64
CA VAL Y 212 -18.84 58.86 -28.81
C VAL Y 212 -18.63 57.35 -28.88
N LEU Y 213 -19.54 56.70 -29.58
CA LEU Y 213 -19.40 55.30 -29.88
C LEU Y 213 -18.95 55.51 -31.30
N ASP Y 214 -17.65 55.39 -31.52
CA ASP Y 214 -17.10 55.61 -32.84
C ASP Y 214 -17.08 54.28 -33.56
N ALA Y 215 -17.91 54.16 -34.58
CA ALA Y 215 -18.02 52.94 -35.35
C ALA Y 215 -16.74 52.64 -36.10
N ASN Y 216 -15.89 53.64 -36.20
CA ASN Y 216 -14.64 53.49 -36.94
C ASN Y 216 -13.53 52.80 -36.17
N ARG Y 217 -13.74 52.62 -34.88
CA ARG Y 217 -12.74 52.00 -34.02
C ARG Y 217 -12.85 50.49 -34.28
N PRO Y 218 -11.70 49.81 -34.39
CA PRO Y 218 -11.66 48.35 -34.64
C PRO Y 218 -12.46 47.51 -33.65
N ARG Y 219 -12.30 47.75 -32.34
CA ARG Y 219 -13.07 46.97 -31.36
C ARG Y 219 -13.82 47.80 -30.34
N ARG Y 220 -13.09 48.53 -29.50
CA ARG Y 220 -13.75 49.38 -28.50
C ARG Y 220 -14.16 50.71 -29.12
N ALA Y 221 -15.45 50.87 -29.32
CA ALA Y 221 -15.99 52.06 -29.93
C ALA Y 221 -16.05 53.28 -29.02
N PHE Y 222 -16.25 53.05 -27.72
CA PHE Y 222 -16.35 54.15 -26.77
C PHE Y 222 -15.09 54.98 -26.73
N ARG Y 223 -15.29 56.29 -26.83
CA ARG Y 223 -14.20 57.26 -26.84
C ARG Y 223 -14.66 58.59 -26.20
N ARG Y 224 -13.93 59.06 -25.18
CA ARG Y 224 -14.27 60.32 -24.54
C ARG Y 224 -13.63 61.50 -25.27
N ILE Y 225 -14.38 62.58 -25.40
CA ILE Y 225 -13.87 63.77 -26.05
C ILE Y 225 -13.82 64.85 -24.98
N THR Y 226 -12.61 65.19 -24.55
CA THR Y 226 -12.44 66.18 -23.50
C THR Y 226 -11.33 67.21 -23.71
N GLY Y 227 -11.27 68.16 -22.77
CA GLY Y 227 -10.27 69.20 -22.80
C GLY Y 227 -10.12 69.95 -24.11
N SER Y 228 -8.87 70.20 -24.48
CA SER Y 228 -8.57 70.93 -25.71
C SER Y 228 -9.27 70.30 -26.91
N ALA Y 229 -9.16 68.98 -27.02
CA ALA Y 229 -9.79 68.25 -28.12
C ALA Y 229 -11.26 68.61 -28.20
N LEU Y 230 -11.95 68.60 -27.07
CA LEU Y 230 -13.38 68.92 -27.04
C LEU Y 230 -13.54 70.38 -27.43
N GLN Y 231 -12.64 71.21 -26.91
CA GLN Y 231 -12.64 72.64 -27.18
C GLN Y 231 -12.76 72.89 -28.68
N ALA Y 232 -11.76 72.39 -29.40
CA ALA Y 232 -11.72 72.54 -30.86
C ALA Y 232 -13.06 72.25 -31.51
N LEU Y 233 -13.69 71.17 -31.09
CA LEU Y 233 -14.97 70.75 -31.65
C LEU Y 233 -16.08 71.76 -31.42
N LEU Y 234 -15.76 72.79 -30.65
CA LEU Y 234 -16.71 73.85 -30.32
C LEU Y 234 -16.31 75.19 -30.98
N THR Z 1 7.41 23.60 -24.99
CA THR Z 1 6.99 25.03 -25.08
C THR Z 1 8.05 25.98 -24.55
N THR Z 2 8.28 27.07 -25.28
CA THR Z 2 9.19 28.08 -24.79
C THR Z 2 8.63 29.46 -25.10
N ILE Z 3 8.55 30.28 -24.09
CA ILE Z 3 8.12 31.64 -24.26
C ILE Z 3 9.24 32.51 -23.66
N VAL Z 4 9.71 33.52 -24.39
CA VAL Z 4 10.76 34.40 -23.90
C VAL Z 4 10.28 35.85 -23.85
N ALA Z 5 10.89 36.64 -22.99
CA ALA Z 5 10.57 38.05 -22.94
C ALA Z 5 11.88 38.78 -22.58
N LEU Z 6 12.10 39.94 -23.20
CA LEU Z 6 13.27 40.73 -22.88
C LEU Z 6 13.03 42.23 -23.02
N LYS Z 7 13.72 43.01 -22.19
CA LYS Z 7 13.60 44.46 -22.22
C LYS Z 7 14.62 45.05 -23.14
N TYR Z 8 14.23 46.07 -23.88
CA TYR Z 8 15.20 46.78 -24.72
C TYR Z 8 14.94 48.26 -24.41
N PRO Z 9 15.88 49.17 -24.78
CA PRO Z 9 15.70 50.60 -24.51
C PRO Z 9 14.38 51.13 -25.04
N GLY Z 10 13.46 51.48 -24.14
CA GLY Z 10 12.17 51.98 -24.57
C GLY Z 10 11.01 50.98 -24.67
N GLY Z 11 11.24 49.70 -24.38
CA GLY Z 11 10.16 48.75 -24.46
C GLY Z 11 10.47 47.33 -24.08
N VAL Z 12 9.60 46.44 -24.48
CA VAL Z 12 9.77 45.04 -24.18
C VAL Z 12 9.22 44.21 -25.32
N VAL Z 13 9.80 43.04 -25.51
CA VAL Z 13 9.34 42.12 -26.54
C VAL Z 13 9.11 40.74 -25.91
N MET Z 14 8.04 40.07 -26.32
CA MET Z 14 7.73 38.72 -25.86
C MET Z 14 7.48 37.89 -27.10
N ALA Z 15 8.07 36.69 -27.14
CA ALA Z 15 7.93 35.79 -28.31
C ALA Z 15 7.72 34.33 -27.84
N GLY Z 16 6.98 33.54 -28.61
CA GLY Z 16 6.68 32.18 -28.24
C GLY Z 16 6.70 31.23 -29.42
N ASP Z 17 7.01 29.94 -29.18
CA ASP Z 17 7.06 28.95 -30.25
C ASP Z 17 5.61 28.53 -30.63
N ARG Z 18 5.47 27.64 -31.61
CA ARG Z 18 4.16 27.24 -32.13
C ARG Z 18 3.75 25.77 -31.93
N ARG Z 19 4.58 25.00 -31.21
CA ARG Z 19 4.35 23.59 -31.02
C ARG Z 19 3.44 23.16 -29.91
N SER Z 20 2.62 22.15 -30.17
CA SER Z 20 1.83 21.59 -29.09
C SER Z 20 2.09 20.09 -29.26
N THR Z 21 2.17 19.34 -28.15
CA THR Z 21 2.44 17.91 -28.21
C THR Z 21 1.53 17.14 -27.26
N GLN Z 22 1.51 15.82 -27.43
CA GLN Z 22 0.75 14.88 -26.59
C GLN Z 22 1.75 13.76 -26.48
N GLY Z 23 2.48 13.72 -25.37
CA GLY Z 23 3.53 12.74 -25.22
C GLY Z 23 4.58 13.11 -26.24
N ASN Z 24 5.08 12.13 -27.01
CA ASN Z 24 6.10 12.35 -28.02
C ASN Z 24 5.52 12.91 -29.31
N MET Z 25 4.20 12.83 -29.48
CA MET Z 25 3.56 13.24 -30.72
C MET Z 25 3.38 14.71 -30.90
N ILE Z 26 3.68 15.19 -32.10
CA ILE Z 26 3.52 16.58 -32.43
C ILE Z 26 2.05 16.70 -32.79
N SER Z 27 1.29 17.41 -31.98
CA SER Z 27 -0.14 17.52 -32.23
C SER Z 27 -0.60 18.88 -32.80
N GLY Z 28 0.28 19.89 -32.81
CA GLY Z 28 -0.08 21.18 -33.35
C GLY Z 28 1.21 21.86 -33.85
N ARG Z 29 1.08 22.69 -34.88
CA ARG Z 29 2.22 23.38 -35.43
C ARG Z 29 2.02 24.88 -35.54
N ASP Z 30 0.82 25.36 -35.21
CA ASP Z 30 0.56 26.80 -35.36
C ASP Z 30 -0.14 27.41 -34.16
N VAL Z 31 0.03 26.82 -32.99
CA VAL Z 31 -0.56 27.35 -31.77
C VAL Z 31 0.04 28.75 -31.50
N ARG Z 32 -0.79 29.68 -31.05
CA ARG Z 32 -0.31 31.03 -30.69
C ARG Z 32 -0.29 31.09 -29.18
N LYS Z 33 0.86 31.35 -28.58
CA LYS Z 33 0.97 31.31 -27.12
C LYS Z 33 1.16 32.66 -26.43
N VAL Z 34 1.32 33.71 -27.23
CA VAL Z 34 1.52 35.06 -26.73
C VAL Z 34 0.32 35.92 -27.10
N TYR Z 35 -0.34 36.50 -26.10
CA TYR Z 35 -1.53 37.32 -26.30
C TYR Z 35 -1.36 38.75 -25.82
N ILE Z 36 -1.98 39.67 -26.55
CA ILE Z 36 -1.96 41.06 -26.13
C ILE Z 36 -3.11 41.08 -25.16
N THR Z 37 -2.86 41.34 -23.89
CA THR Z 37 -3.96 41.31 -22.92
C THR Z 37 -4.65 42.66 -22.67
N ASP Z 38 -3.94 43.74 -22.96
CA ASP Z 38 -4.52 45.10 -22.90
C ASP Z 38 -3.56 45.99 -23.72
N ASP Z 39 -3.82 47.28 -23.80
CA ASP Z 39 -2.96 48.12 -24.63
C ASP Z 39 -1.47 48.13 -24.32
N TYR Z 40 -1.11 47.81 -23.08
CA TYR Z 40 0.28 47.84 -22.63
C TYR Z 40 0.83 46.55 -22.03
N THR Z 41 0.16 45.44 -22.26
CA THR Z 41 0.65 44.20 -21.69
C THR Z 41 0.42 43.00 -22.59
N ALA Z 42 1.31 42.02 -22.47
CA ALA Z 42 1.18 40.80 -23.20
C ALA Z 42 1.41 39.65 -22.21
N THR Z 43 0.71 38.55 -22.43
CA THR Z 43 0.86 37.38 -21.59
C THR Z 43 1.23 36.16 -22.46
N GLY Z 44 2.23 35.41 -22.03
CA GLY Z 44 2.64 34.21 -22.72
C GLY Z 44 2.40 33.08 -21.72
N ILE Z 45 1.83 31.95 -22.14
CA ILE Z 45 1.60 30.90 -21.17
C ILE Z 45 2.11 29.52 -21.56
N ALA Z 46 2.66 28.82 -20.58
CA ALA Z 46 3.20 27.50 -20.76
C ALA Z 46 2.44 26.50 -19.87
N GLY Z 47 2.53 25.21 -20.20
CA GLY Z 47 1.83 24.20 -19.39
C GLY Z 47 0.60 23.65 -20.09
N THR Z 48 -0.41 23.33 -19.31
CA THR Z 48 -1.65 22.75 -19.84
C THR Z 48 -2.38 23.71 -20.79
N ALA Z 49 -2.57 23.28 -22.02
CA ALA Z 49 -3.18 24.14 -23.01
C ALA Z 49 -4.57 24.67 -22.65
N ALA Z 50 -5.42 23.82 -22.12
CA ALA Z 50 -6.76 24.27 -21.79
C ALA Z 50 -6.75 25.41 -20.77
N VAL Z 51 -5.92 25.26 -19.74
CA VAL Z 51 -5.86 26.25 -18.69
C VAL Z 51 -5.13 27.52 -19.13
N ALA Z 52 -4.09 27.36 -19.94
CA ALA Z 52 -3.31 28.49 -20.42
C ALA Z 52 -4.16 29.48 -21.22
N VAL Z 53 -4.94 28.93 -22.16
CA VAL Z 53 -5.83 29.72 -23.03
C VAL Z 53 -6.91 30.38 -22.19
N GLU Z 54 -7.44 29.64 -21.22
CA GLU Z 54 -8.44 30.17 -20.32
C GLU Z 54 -7.84 31.37 -19.52
N PHE Z 55 -6.61 31.21 -18.98
CA PHE Z 55 -5.94 32.26 -18.21
C PHE Z 55 -5.84 33.55 -19.03
N ALA Z 56 -5.36 33.44 -20.26
CA ALA Z 56 -5.17 34.59 -21.11
C ALA Z 56 -6.46 35.30 -21.41
N ARG Z 57 -7.48 34.51 -21.75
CA ARG Z 57 -8.81 35.01 -22.05
C ARG Z 57 -9.55 35.67 -20.88
N LEU Z 58 -9.57 35.01 -19.73
CA LEU Z 58 -10.15 35.54 -18.52
C LEU Z 58 -9.39 36.77 -18.01
N TYR Z 59 -8.08 36.77 -18.09
CA TYR Z 59 -7.26 37.88 -17.63
C TYR Z 59 -7.51 39.15 -18.43
N ALA Z 60 -7.58 39.04 -19.74
CA ALA Z 60 -7.83 40.21 -20.58
C ALA Z 60 -9.21 40.80 -20.21
N VAL Z 61 -10.20 39.91 -20.00
CA VAL Z 61 -11.52 40.35 -19.65
C VAL Z 61 -11.48 41.07 -18.30
N GLU Z 62 -10.74 40.53 -17.34
CA GLU Z 62 -10.67 41.13 -16.02
C GLU Z 62 -10.01 42.52 -16.04
N LEU Z 63 -8.97 42.70 -16.83
CA LEU Z 63 -8.31 43.99 -16.93
C LEU Z 63 -9.23 45.06 -17.53
N GLU Z 64 -9.96 44.70 -18.60
CA GLU Z 64 -10.86 45.63 -19.26
C GLU Z 64 -12.09 45.89 -18.42
N HIS Z 65 -12.48 44.88 -17.66
CA HIS Z 65 -13.62 44.99 -16.77
C HIS Z 65 -13.37 46.09 -15.71
N TYR Z 66 -12.16 46.08 -15.15
CA TYR Z 66 -11.80 47.07 -14.14
C TYR Z 66 -11.80 48.46 -14.77
N GLU Z 67 -11.17 48.57 -15.94
CA GLU Z 67 -11.11 49.83 -16.66
C GLU Z 67 -12.51 50.41 -16.94
N LYS Z 68 -13.47 49.59 -17.36
CA LYS Z 68 -14.79 50.10 -17.66
C LYS Z 68 -15.53 50.49 -16.38
N LEU Z 69 -15.36 49.71 -15.34
CA LEU Z 69 -16.02 50.00 -14.09
C LEU Z 69 -15.44 51.23 -13.38
N GLU Z 70 -14.12 51.33 -13.36
CA GLU Z 70 -13.45 52.40 -12.63
C GLU Z 70 -13.04 53.62 -13.44
N GLY Z 71 -13.13 53.54 -14.77
CA GLY Z 71 -12.76 54.67 -15.59
C GLY Z 71 -11.30 54.78 -15.87
N VAL Z 72 -10.49 53.98 -15.20
CA VAL Z 72 -9.06 54.05 -15.45
C VAL Z 72 -8.45 52.64 -15.38
N PRO Z 73 -7.37 52.38 -16.13
CA PRO Z 73 -6.82 51.01 -16.03
C PRO Z 73 -6.12 50.79 -14.70
N LEU Z 74 -5.98 49.52 -14.32
CA LEU Z 74 -5.26 49.16 -13.12
C LEU Z 74 -3.80 49.58 -13.26
N THR Z 75 -3.16 49.85 -12.13
CA THR Z 75 -1.74 50.16 -12.12
C THR Z 75 -1.02 48.89 -12.53
N PHE Z 76 0.22 48.99 -12.96
CA PHE Z 76 0.90 47.78 -13.35
C PHE Z 76 0.95 46.77 -12.19
N ALA Z 77 1.20 47.26 -10.98
CA ALA Z 77 1.27 46.39 -9.81
C ALA Z 77 -0.09 45.70 -9.64
N GLY Z 78 -1.19 46.41 -9.93
CA GLY Z 78 -2.50 45.81 -9.76
C GLY Z 78 -2.68 44.72 -10.80
N LYS Z 79 -2.17 44.92 -12.00
CA LYS Z 79 -2.29 43.92 -13.04
C LYS Z 79 -1.54 42.64 -12.62
N ILE Z 80 -0.34 42.83 -12.07
CA ILE Z 80 0.46 41.72 -11.61
C ILE Z 80 -0.31 40.91 -10.55
N ASN Z 81 -0.89 41.62 -9.58
CA ASN Z 81 -1.60 40.97 -8.49
C ASN Z 81 -2.80 40.16 -8.99
N ARG Z 82 -3.57 40.68 -9.93
CA ARG Z 82 -4.71 39.93 -10.45
C ARG Z 82 -4.27 38.64 -11.14
N LEU Z 83 -3.20 38.70 -11.92
CA LEU Z 83 -2.71 37.51 -12.61
C LEU Z 83 -2.23 36.49 -11.54
N ALA Z 84 -1.55 36.98 -10.49
CA ALA Z 84 -1.06 36.11 -9.43
C ALA Z 84 -2.21 35.40 -8.72
N ILE Z 85 -3.25 36.16 -8.43
CA ILE Z 85 -4.41 35.60 -7.75
C ILE Z 85 -5.06 34.53 -8.64
N MET Z 86 -5.09 34.78 -9.95
CA MET Z 86 -5.66 33.83 -10.88
C MET Z 86 -4.84 32.54 -10.88
N VAL Z 87 -3.51 32.66 -10.92
CA VAL Z 87 -2.68 31.48 -10.89
C VAL Z 87 -2.90 30.72 -9.58
N ARG Z 88 -2.91 31.42 -8.45
CA ARG Z 88 -3.07 30.76 -7.17
C ARG Z 88 -4.39 30.00 -7.12
N GLY Z 89 -5.42 30.57 -7.70
CA GLY Z 89 -6.72 29.90 -7.73
C GLY Z 89 -6.71 28.57 -8.45
N ASN Z 90 -5.70 28.31 -9.26
CA ASN Z 90 -5.62 27.07 -10.01
C ASN Z 90 -4.69 26.06 -9.35
N LEU Z 91 -4.17 26.38 -8.17
CA LEU Z 91 -3.21 25.49 -7.53
C LEU Z 91 -3.66 24.03 -7.33
N ALA Z 92 -4.88 23.85 -6.86
CA ALA Z 92 -5.39 22.50 -6.63
C ALA Z 92 -5.34 21.73 -7.93
N ALA Z 93 -5.91 22.30 -8.99
CA ALA Z 93 -5.92 21.66 -10.30
C ALA Z 93 -4.51 21.40 -10.84
N ALA Z 94 -3.60 22.33 -10.61
CA ALA Z 94 -2.23 22.18 -11.09
C ALA Z 94 -1.58 20.96 -10.46
N MET Z 95 -1.87 20.73 -9.18
CA MET Z 95 -1.35 19.58 -8.45
C MET Z 95 -1.90 18.29 -9.05
N GLN Z 96 -3.04 18.44 -9.74
CA GLN Z 96 -3.71 17.33 -10.40
C GLN Z 96 -3.31 17.21 -11.87
N GLY Z 97 -2.29 17.97 -12.28
CA GLY Z 97 -1.82 17.93 -13.65
C GLY Z 97 -2.34 18.96 -14.65
N LEU Z 98 -3.06 19.96 -14.17
CA LEU Z 98 -3.58 21.01 -15.04
C LEU Z 98 -2.77 22.30 -14.96
N LEU Z 99 -1.51 22.17 -14.55
CA LEU Z 99 -0.64 23.32 -14.34
C LEU Z 99 -0.37 24.19 -15.56
N ALA Z 100 -0.53 25.49 -15.37
CA ALA Z 100 -0.25 26.48 -16.39
C ALA Z 100 0.53 27.62 -15.75
N LEU Z 101 1.62 28.05 -16.37
CA LEU Z 101 2.40 29.15 -15.83
C LEU Z 101 2.52 30.27 -16.86
N PRO Z 102 2.18 31.48 -16.43
CA PRO Z 102 2.25 32.64 -17.32
C PRO Z 102 3.52 33.46 -17.14
N LEU Z 103 3.86 34.20 -18.19
CA LEU Z 103 5.00 35.12 -18.18
C LEU Z 103 4.35 36.45 -18.64
N LEU Z 104 4.53 37.53 -17.88
CA LEU Z 104 3.90 38.81 -18.19
C LEU Z 104 4.91 39.87 -18.64
N ALA Z 105 4.59 40.55 -19.74
CA ALA Z 105 5.46 41.60 -20.24
C ALA Z 105 4.58 42.83 -20.39
N GLY Z 106 5.14 43.99 -20.09
CA GLY Z 106 4.34 45.19 -20.19
C GLY Z 106 5.18 46.43 -20.24
N TYR Z 107 4.51 47.54 -20.48
CA TYR Z 107 5.19 48.84 -20.51
C TYR Z 107 4.39 49.65 -19.53
N ASP Z 108 5.06 50.19 -18.52
CA ASP Z 108 4.36 50.96 -17.50
C ASP Z 108 4.31 52.44 -17.89
N ILE Z 109 3.13 52.91 -18.30
CA ILE Z 109 2.97 54.31 -18.70
C ILE Z 109 3.26 55.28 -17.53
N HIS Z 110 3.08 54.83 -16.29
CA HIS Z 110 3.32 55.67 -15.13
C HIS Z 110 4.73 55.59 -14.57
N ALA Z 111 5.62 54.83 -15.19
CA ALA Z 111 6.98 54.76 -14.68
C ALA Z 111 7.64 56.10 -14.88
N SER Z 112 8.56 56.45 -13.98
CA SER Z 112 9.28 57.71 -14.07
C SER Z 112 10.14 57.76 -15.33
N ASP Z 113 11.04 56.80 -15.50
CA ASP Z 113 11.89 56.79 -16.68
C ASP Z 113 11.43 55.88 -17.82
N PRO Z 114 10.93 56.48 -18.92
CA PRO Z 114 10.42 55.84 -20.13
C PRO Z 114 11.31 54.81 -20.81
N GLN Z 115 12.62 55.05 -20.84
CA GLN Z 115 13.53 54.11 -21.48
C GLN Z 115 13.56 52.76 -20.78
N SER Z 116 13.25 52.77 -19.48
CA SER Z 116 13.25 51.55 -18.69
C SER Z 116 11.85 51.13 -18.18
N ALA Z 117 10.79 51.76 -18.70
CA ALA Z 117 9.43 51.47 -18.30
C ALA Z 117 8.98 50.05 -18.67
N GLY Z 118 9.84 49.32 -19.38
CA GLY Z 118 9.52 47.96 -19.75
C GLY Z 118 9.46 47.07 -18.50
N ARG Z 119 8.55 46.11 -18.50
CA ARG Z 119 8.39 45.23 -17.35
C ARG Z 119 8.27 43.76 -17.74
N ILE Z 120 8.96 42.89 -17.00
CA ILE Z 120 8.88 41.46 -17.20
C ILE Z 120 8.59 40.84 -15.83
N VAL Z 121 7.52 40.06 -15.74
CA VAL Z 121 7.16 39.44 -14.46
C VAL Z 121 6.94 37.93 -14.64
N SER Z 122 7.54 37.14 -13.76
CA SER Z 122 7.33 35.69 -13.84
C SER Z 122 6.49 35.22 -12.63
N PHE Z 123 5.87 34.07 -12.76
CA PHE Z 123 4.97 33.53 -11.73
C PHE Z 123 5.22 32.03 -11.44
N ASP Z 124 5.02 31.59 -10.22
CA ASP Z 124 5.18 30.19 -9.94
C ASP Z 124 3.78 29.64 -9.70
N ALA Z 125 3.67 28.32 -9.51
CA ALA Z 125 2.37 27.68 -9.35
C ALA Z 125 1.52 28.13 -8.18
N ALA Z 126 2.15 28.68 -7.15
CA ALA Z 126 1.43 29.14 -5.97
C ALA Z 126 1.00 30.61 -6.08
N GLY Z 127 1.28 31.26 -7.21
CA GLY Z 127 0.88 32.64 -7.32
C GLY Z 127 1.98 33.61 -6.95
N GLY Z 128 3.16 33.08 -6.66
CA GLY Z 128 4.28 33.94 -6.32
C GLY Z 128 4.71 34.64 -7.60
N TRP Z 129 5.11 35.90 -7.51
CA TRP Z 129 5.54 36.61 -8.70
C TRP Z 129 6.86 37.28 -8.42
N ASN Z 130 7.55 37.63 -9.47
CA ASN Z 130 8.81 38.32 -9.33
C ASN Z 130 9.02 39.23 -10.53
N ILE Z 131 9.25 40.51 -10.26
CA ILE Z 131 9.49 41.47 -11.32
C ILE Z 131 10.91 41.27 -11.73
N GLU Z 132 11.15 40.86 -12.97
CA GLU Z 132 12.48 40.55 -13.42
C GLU Z 132 13.39 41.78 -13.45
N GLU Z 133 14.66 41.61 -13.08
CA GLU Z 133 15.58 42.73 -13.06
C GLU Z 133 16.80 42.56 -13.95
N GLU Z 134 17.06 41.35 -14.44
CA GLU Z 134 18.22 41.17 -15.25
C GLU Z 134 17.99 41.34 -16.75
N GLY Z 135 16.82 41.82 -17.14
CA GLY Z 135 16.58 42.07 -18.55
C GLY Z 135 15.80 41.06 -19.40
N TYR Z 136 15.70 39.81 -18.97
CA TYR Z 136 14.99 38.81 -19.75
C TYR Z 136 14.53 37.65 -18.87
N GLN Z 137 13.59 36.87 -19.38
CA GLN Z 137 13.09 35.74 -18.65
C GLN Z 137 12.46 34.78 -19.68
N ALA Z 138 12.15 33.56 -19.28
CA ALA Z 138 11.53 32.58 -20.16
C ALA Z 138 10.83 31.53 -19.31
N VAL Z 139 9.76 30.93 -19.84
CA VAL Z 139 9.05 29.83 -19.18
C VAL Z 139 8.82 28.72 -20.21
N GLY Z 140 8.64 27.49 -19.70
CA GLY Z 140 8.41 26.32 -20.52
C GLY Z 140 9.58 25.38 -20.48
N SER Z 141 9.40 24.22 -21.09
CA SER Z 141 10.42 23.20 -21.11
C SER Z 141 11.73 23.63 -21.78
N GLY Z 142 11.70 24.67 -22.61
CA GLY Z 142 12.95 25.04 -23.26
C GLY Z 142 13.50 26.31 -22.66
N SER Z 143 12.92 26.74 -21.55
CA SER Z 143 13.34 27.99 -20.93
C SER Z 143 14.79 28.09 -20.46
N LEU Z 144 15.37 27.03 -19.95
CA LEU Z 144 16.75 27.09 -19.51
C LEU Z 144 17.68 27.29 -20.73
N PHE Z 145 17.36 26.65 -21.85
CA PHE Z 145 18.21 26.81 -23.03
C PHE Z 145 18.10 28.24 -23.55
N ALA Z 146 16.88 28.76 -23.57
CA ALA Z 146 16.61 30.10 -24.04
C ALA Z 146 17.34 31.14 -23.18
N LYS Z 147 17.25 30.98 -21.85
CA LYS Z 147 17.91 31.91 -20.95
C LYS Z 147 19.43 31.87 -21.05
N SER Z 148 20.03 30.68 -21.20
CA SER Z 148 21.47 30.62 -21.33
C SER Z 148 21.87 31.22 -22.68
N SER Z 149 20.97 31.16 -23.68
CA SER Z 149 21.29 31.76 -24.96
C SER Z 149 21.21 33.30 -24.82
N MET Z 150 20.15 33.80 -24.20
CA MET Z 150 20.00 35.24 -24.04
C MET Z 150 21.12 35.81 -23.15
N LYS Z 151 21.59 35.03 -22.16
CA LYS Z 151 22.67 35.48 -21.31
C LYS Z 151 23.87 35.91 -22.18
N LYS Z 152 24.15 35.14 -23.24
CA LYS Z 152 25.27 35.45 -24.13
C LYS Z 152 24.91 36.48 -25.22
N LEU Z 153 23.64 36.66 -25.54
CA LEU Z 153 23.30 37.57 -26.63
C LEU Z 153 22.74 38.91 -26.19
N TYR Z 154 22.32 38.98 -24.94
CA TYR Z 154 21.67 40.19 -24.43
C TYR Z 154 22.42 41.51 -24.65
N SER Z 155 23.74 41.49 -24.59
CA SER Z 155 24.51 42.70 -24.76
C SER Z 155 24.32 43.28 -26.17
N GLN Z 156 23.77 42.49 -27.07
CA GLN Z 156 23.52 42.94 -28.43
C GLN Z 156 22.19 43.68 -28.56
N VAL Z 157 21.39 43.72 -27.50
CA VAL Z 157 20.11 44.40 -27.60
C VAL Z 157 20.33 45.89 -27.40
N THR Z 158 20.09 46.66 -28.45
CA THR Z 158 20.23 48.13 -28.43
C THR Z 158 18.92 48.82 -28.85
N ASP Z 159 17.96 48.07 -29.35
CA ASP Z 159 16.67 48.65 -29.75
C ASP Z 159 15.66 47.51 -29.99
N GLY Z 160 14.44 47.89 -30.36
CA GLY Z 160 13.38 46.94 -30.63
C GLY Z 160 13.72 45.85 -31.65
N ASP Z 161 14.40 46.22 -32.73
CA ASP Z 161 14.72 45.22 -33.75
C ASP Z 161 15.78 44.23 -33.27
N SER Z 162 16.84 44.75 -32.66
CA SER Z 162 17.89 43.87 -32.16
C SER Z 162 17.33 42.99 -31.05
N GLY Z 163 16.34 43.52 -30.35
CA GLY Z 163 15.69 42.80 -29.27
C GLY Z 163 14.87 41.66 -29.83
N LEU Z 164 14.17 41.95 -30.93
CA LEU Z 164 13.34 40.95 -31.59
C LEU Z 164 14.21 39.82 -32.12
N ARG Z 165 15.38 40.17 -32.65
CA ARG Z 165 16.29 39.16 -33.18
C ARG Z 165 16.79 38.23 -32.09
N VAL Z 166 17.16 38.79 -30.96
CA VAL Z 166 17.65 37.99 -29.85
C VAL Z 166 16.54 37.06 -29.34
N ALA Z 167 15.33 37.59 -29.24
CA ALA Z 167 14.21 36.78 -28.79
C ALA Z 167 14.03 35.56 -29.71
N VAL Z 168 14.03 35.80 -31.02
CA VAL Z 168 13.89 34.75 -32.01
C VAL Z 168 15.04 33.77 -31.94
N GLU Z 169 16.25 34.29 -31.74
CA GLU Z 169 17.41 33.42 -31.65
C GLU Z 169 17.34 32.56 -30.39
N ALA Z 170 16.82 33.13 -29.30
CA ALA Z 170 16.70 32.38 -28.05
C ALA Z 170 15.69 31.23 -28.25
N LEU Z 171 14.58 31.51 -28.93
CA LEU Z 171 13.59 30.48 -29.23
C LEU Z 171 14.19 29.41 -30.13
N TYR Z 172 15.05 29.84 -31.05
CA TYR Z 172 15.69 28.91 -31.96
C TYR Z 172 16.61 27.97 -31.15
N ASP Z 173 17.35 28.54 -30.18
CA ASP Z 173 18.24 27.72 -29.39
C ASP Z 173 17.38 26.79 -28.51
N ALA Z 174 16.22 27.27 -28.07
CA ALA Z 174 15.35 26.41 -27.25
C ALA Z 174 14.92 25.19 -28.09
N ALA Z 175 14.51 25.43 -29.34
CA ALA Z 175 14.07 24.33 -30.21
C ALA Z 175 15.21 23.40 -30.56
N ASP Z 176 16.40 23.94 -30.71
CA ASP Z 176 17.55 23.14 -31.05
C ASP Z 176 17.82 22.08 -29.97
N ASP Z 177 17.53 22.40 -28.71
CA ASP Z 177 17.83 21.48 -27.62
C ASP Z 177 16.63 20.81 -26.92
N ASP Z 178 15.42 21.34 -27.13
CA ASP Z 178 14.21 20.81 -26.49
C ASP Z 178 13.20 20.35 -27.56
N SER Z 179 13.01 19.03 -27.67
CA SER Z 179 12.07 18.50 -28.66
C SER Z 179 10.65 18.97 -28.45
N ALA Z 180 10.32 19.52 -27.28
CA ALA Z 180 8.97 20.00 -27.04
C ALA Z 180 8.76 21.44 -27.49
N THR Z 181 9.81 22.08 -27.97
CA THR Z 181 9.69 23.45 -28.47
C THR Z 181 9.86 23.44 -29.99
N GLY Z 182 8.96 24.10 -30.70
CA GLY Z 182 9.04 24.12 -32.16
C GLY Z 182 9.98 25.14 -32.82
N GLY Z 183 10.85 24.67 -33.70
CA GLY Z 183 11.71 25.61 -34.39
C GLY Z 183 10.99 26.23 -35.59
N PRO Z 184 11.63 27.18 -36.30
CA PRO Z 184 11.02 27.82 -37.49
C PRO Z 184 10.74 26.70 -38.50
N ASP Z 185 9.56 26.64 -39.09
CA ASP Z 185 9.24 25.58 -40.07
C ASP Z 185 9.26 26.23 -41.45
N LEU Z 186 10.38 26.05 -42.18
CA LEU Z 186 10.54 26.63 -43.51
C LEU Z 186 9.66 25.96 -44.58
N VAL Z 187 9.37 24.68 -44.44
CA VAL Z 187 8.52 24.01 -45.40
C VAL Z 187 7.08 24.54 -45.36
N ARG Z 188 6.53 24.70 -44.16
CA ARG Z 188 5.15 25.19 -44.03
C ARG Z 188 5.09 26.72 -43.88
N GLY Z 189 6.22 27.38 -43.64
CA GLY Z 189 6.19 28.83 -43.46
C GLY Z 189 5.56 29.24 -42.12
N ILE Z 190 5.86 28.50 -41.05
CA ILE Z 190 5.31 28.86 -39.76
C ILE Z 190 6.46 29.28 -38.87
N PHE Z 191 6.30 30.42 -38.21
CA PHE Z 191 7.37 30.92 -37.35
C PHE Z 191 6.81 31.35 -36.01
N PRO Z 192 7.70 31.57 -35.03
CA PRO Z 192 7.33 32.01 -33.68
C PRO Z 192 6.52 33.29 -33.83
N THR Z 193 5.62 33.55 -32.89
CA THR Z 193 4.87 34.80 -32.89
C THR Z 193 5.57 35.72 -31.85
N ALA Z 194 5.32 37.01 -31.96
CA ALA Z 194 5.91 37.97 -31.04
C ALA Z 194 5.05 39.22 -30.91
N VAL Z 195 5.15 39.86 -29.74
CA VAL Z 195 4.45 41.08 -29.45
C VAL Z 195 5.52 42.10 -28.95
N ILE Z 196 5.46 43.32 -29.44
CA ILE Z 196 6.39 44.37 -28.99
C ILE Z 196 5.54 45.42 -28.28
N ILE Z 197 6.04 45.93 -27.17
CA ILE Z 197 5.32 46.95 -26.44
C ILE Z 197 6.26 48.10 -26.11
N ASP Z 198 5.82 49.31 -26.42
CA ASP Z 198 6.60 50.50 -26.09
C ASP Z 198 5.59 51.57 -25.70
N ALA Z 199 6.02 52.83 -25.67
CA ALA Z 199 5.13 53.90 -25.27
C ALA Z 199 3.85 53.98 -26.13
N ASP Z 200 3.91 53.50 -27.38
CA ASP Z 200 2.72 53.56 -28.23
C ASP Z 200 1.81 52.36 -28.07
N GLY Z 201 2.14 51.46 -27.13
CA GLY Z 201 1.28 50.30 -26.94
C GLY Z 201 1.82 48.98 -27.46
N ALA Z 202 1.06 47.93 -27.17
CA ALA Z 202 1.42 46.60 -27.58
C ALA Z 202 0.98 46.32 -29.03
N VAL Z 203 1.90 45.84 -29.85
CA VAL Z 203 1.54 45.48 -31.22
C VAL Z 203 2.08 44.08 -31.63
N ASP Z 204 1.32 43.34 -32.43
CA ASP Z 204 1.77 42.03 -32.89
C ASP Z 204 2.85 42.28 -33.90
N VAL Z 205 3.93 41.52 -33.84
CA VAL Z 205 5.00 41.68 -34.83
C VAL Z 205 4.57 40.92 -36.09
N PRO Z 206 4.68 41.56 -37.26
CA PRO Z 206 4.28 40.84 -38.48
C PRO Z 206 5.14 39.62 -38.78
N GLU Z 207 4.49 38.55 -39.20
CA GLU Z 207 5.14 37.30 -39.52
C GLU Z 207 6.33 37.47 -40.45
N SER Z 208 6.26 38.42 -41.38
CA SER Z 208 7.34 38.60 -42.33
C SER Z 208 8.68 38.99 -41.68
N ARG Z 209 8.65 39.85 -40.68
CA ARG Z 209 9.90 40.22 -40.04
C ARG Z 209 10.49 38.97 -39.30
N ILE Z 210 9.67 38.21 -38.57
CA ILE Z 210 10.22 37.03 -37.88
C ILE Z 210 10.83 36.02 -38.85
N ALA Z 211 10.15 35.76 -39.98
CA ALA Z 211 10.69 34.84 -40.99
C ALA Z 211 12.08 35.30 -41.48
N GLU Z 212 12.27 36.60 -41.70
CA GLU Z 212 13.59 37.14 -42.16
C GLU Z 212 14.66 36.87 -41.10
N LEU Z 213 14.38 37.27 -39.87
CA LEU Z 213 15.31 37.05 -38.76
C LEU Z 213 15.60 35.56 -38.60
N ALA Z 214 14.56 34.74 -38.59
CA ALA Z 214 14.69 33.31 -38.47
C ALA Z 214 15.62 32.78 -39.59
N ARG Z 215 15.36 33.16 -40.83
CA ARG Z 215 16.21 32.72 -41.93
C ARG Z 215 17.66 33.17 -41.77
N ALA Z 216 17.84 34.39 -41.30
CA ALA Z 216 19.18 34.91 -41.09
C ALA Z 216 19.90 34.12 -40.01
N ILE Z 217 19.17 33.77 -38.96
CA ILE Z 217 19.73 32.99 -37.86
C ILE Z 217 20.14 31.60 -38.36
N ILE Z 218 19.30 31.00 -39.20
CA ILE Z 218 19.61 29.69 -39.75
C ILE Z 218 20.82 29.70 -40.69
N GLU Z 219 20.86 30.62 -41.65
CA GLU Z 219 21.99 30.69 -42.55
C GLU Z 219 23.28 30.91 -41.77
N SER Z 220 23.18 31.71 -40.71
CA SER Z 220 24.31 32.00 -39.84
C SER Z 220 24.85 30.74 -39.14
N ARG Z 221 23.95 29.86 -38.74
CA ARG Z 221 24.34 28.62 -38.07
C ARG Z 221 24.85 27.57 -39.04
N SER Z 222 24.45 27.68 -40.31
CA SER Z 222 24.82 26.70 -41.33
C SER Z 222 26.29 26.84 -41.73
N GLY Z 223 26.81 28.05 -41.61
CA GLY Z 223 28.21 28.31 -41.94
C GLY Z 223 28.99 28.81 -40.74
N SER AA 8 55.27 -48.28 -20.57
CA SER AA 8 55.55 -46.96 -21.12
C SER AA 8 54.37 -46.44 -21.92
N PRO AA 9 54.10 -45.15 -21.78
CA PRO AA 9 52.98 -44.52 -22.49
C PRO AA 9 52.77 -45.09 -23.87
N GLU AA 10 53.81 -45.17 -24.69
CA GLU AA 10 53.64 -45.71 -26.04
C GLU AA 10 53.13 -47.15 -26.01
N GLN AA 11 53.25 -47.80 -24.86
CA GLN AA 11 52.78 -49.17 -24.71
C GLN AA 11 51.27 -49.17 -24.43
N ALA AA 12 50.88 -48.49 -23.36
CA ALA AA 12 49.48 -48.39 -22.99
C ALA AA 12 48.65 -48.07 -24.21
N MET AA 13 49.10 -47.09 -25.00
CA MET AA 13 48.36 -46.74 -26.21
C MET AA 13 48.24 -47.88 -27.20
N ARG AA 14 49.27 -48.73 -27.29
CA ARG AA 14 49.28 -49.89 -28.20
C ARG AA 14 48.42 -50.99 -27.59
N GLU AA 15 48.52 -51.09 -26.27
CA GLU AA 15 47.79 -52.02 -25.44
C GLU AA 15 46.29 -51.81 -25.74
N ARG AA 16 45.86 -50.55 -25.54
CA ARG AA 16 44.49 -50.13 -25.77
C ARG AA 16 44.08 -50.30 -27.23
N SER AA 17 44.91 -49.77 -28.11
CA SER AA 17 44.63 -49.86 -29.52
C SER AA 17 44.36 -51.31 -29.87
N GLU AA 18 45.17 -52.20 -29.31
CA GLU AA 18 45.02 -53.63 -29.58
C GLU AA 18 43.72 -54.17 -29.04
N LEU AA 19 43.39 -53.75 -27.82
CA LEU AA 19 42.16 -54.16 -27.16
C LEU AA 19 40.94 -53.77 -28.00
N ALA AA 20 41.00 -52.58 -28.57
CA ALA AA 20 39.91 -52.09 -29.39
C ALA AA 20 39.87 -52.81 -30.74
N ARG AA 21 41.00 -52.83 -31.46
CA ARG AA 21 41.04 -53.49 -32.78
C ARG AA 21 40.54 -54.93 -32.70
N LYS AA 22 40.92 -55.64 -31.64
CA LYS AA 22 40.48 -57.02 -31.46
C LYS AA 22 38.97 -57.09 -31.31
N GLY AA 23 38.40 -56.26 -30.44
CA GLY AA 23 36.96 -56.27 -30.26
C GLY AA 23 36.18 -56.00 -31.54
N ILE AA 24 36.66 -55.05 -32.34
CA ILE AA 24 35.98 -54.70 -33.58
C ILE AA 24 36.17 -55.83 -34.59
N ALA AA 25 37.40 -56.34 -34.64
CA ALA AA 25 37.76 -57.43 -35.52
C ALA AA 25 36.83 -58.62 -35.30
N ARG AA 26 36.51 -58.87 -34.04
CA ARG AA 26 35.65 -59.98 -33.64
C ARG AA 26 34.13 -59.74 -33.83
N ALA AA 27 33.76 -58.61 -34.38
CA ALA AA 27 32.33 -58.33 -34.53
C ALA AA 27 31.77 -58.47 -35.92
N LYS AA 28 30.44 -58.52 -36.01
CA LYS AA 28 29.75 -58.62 -37.30
C LYS AA 28 30.20 -57.42 -38.16
N SER AA 29 30.13 -57.53 -39.50
CA SER AA 29 30.57 -56.46 -40.40
C SER AA 29 29.46 -55.57 -40.92
N VAL AA 30 29.67 -54.35 -41.26
CA VAL AA 30 28.70 -53.42 -41.80
C VAL AA 30 29.29 -52.67 -42.97
N VAL AA 31 28.47 -52.37 -43.96
CA VAL AA 31 28.95 -51.58 -45.08
C VAL AA 31 27.96 -50.48 -45.42
N ALA AA 32 28.50 -49.35 -45.86
CA ALA AA 32 27.68 -48.22 -46.29
C ALA AA 32 28.29 -47.81 -47.61
N LEU AA 33 27.44 -47.62 -48.61
CA LEU AA 33 27.92 -47.19 -49.92
C LEU AA 33 26.98 -46.21 -50.60
N ALA AA 34 27.57 -45.30 -51.36
CA ALA AA 34 26.80 -44.30 -52.08
C ALA AA 34 26.18 -45.00 -53.27
N TYR AA 35 24.96 -44.63 -53.60
CA TYR AA 35 24.31 -45.18 -54.76
C TYR AA 35 23.48 -44.08 -55.39
N ALA AA 36 22.83 -44.40 -56.51
CA ALA AA 36 22.04 -43.40 -57.21
C ALA AA 36 21.07 -42.62 -56.34
N GLY AA 37 20.31 -43.33 -55.51
CA GLY AA 37 19.30 -42.69 -54.68
C GLY AA 37 19.72 -42.12 -53.35
N GLY AA 38 21.02 -42.18 -53.03
CA GLY AA 38 21.48 -41.66 -51.76
C GLY AA 38 22.55 -42.55 -51.12
N VAL AA 39 22.28 -43.07 -49.94
CA VAL AA 39 23.24 -43.95 -49.31
C VAL AA 39 22.54 -45.21 -48.80
N LEU AA 40 23.23 -46.33 -48.93
CA LEU AA 40 22.67 -47.59 -48.51
C LEU AA 40 23.48 -48.16 -47.35
N PHE AA 41 22.76 -48.67 -46.36
CA PHE AA 41 23.35 -49.27 -45.16
C PHE AA 41 22.96 -50.75 -45.09
N VAL AA 42 23.98 -51.60 -45.11
CA VAL AA 42 23.79 -53.03 -44.95
C VAL AA 42 24.71 -53.55 -43.87
N ALA AA 43 24.13 -54.25 -42.90
CA ALA AA 43 24.92 -54.82 -41.81
C ALA AA 43 24.41 -56.23 -41.56
N GLU AA 44 25.28 -57.13 -41.11
CA GLU AA 44 24.82 -58.46 -40.83
C GLU AA 44 24.32 -58.48 -39.41
N ASN AA 45 23.01 -58.49 -39.25
CA ASN AA 45 22.41 -58.53 -37.93
C ASN AA 45 21.31 -59.58 -37.81
N PRO AA 46 21.50 -60.52 -36.90
CA PRO AA 46 20.48 -61.52 -36.56
C PRO AA 46 19.33 -60.96 -35.73
N SER AA 47 19.67 -60.15 -34.75
CA SER AA 47 18.66 -59.59 -33.87
C SER AA 47 17.55 -58.84 -34.60
N ARG AA 48 16.38 -58.79 -33.98
CA ARG AA 48 15.25 -58.10 -34.54
C ARG AA 48 15.03 -56.80 -33.78
N SER AA 49 15.52 -56.74 -32.54
CA SER AA 49 15.34 -55.55 -31.73
C SER AA 49 16.57 -54.65 -31.60
N LEU AA 50 17.76 -55.24 -31.51
CA LEU AA 50 18.98 -54.46 -31.37
C LEU AA 50 19.47 -54.01 -32.75
N GLN AA 51 19.56 -52.71 -32.95
CA GLN AA 51 19.97 -52.18 -34.25
C GLN AA 51 21.37 -51.53 -34.31
N LYS AA 52 22.00 -51.62 -35.49
CA LYS AA 52 23.35 -51.09 -35.72
C LYS AA 52 23.30 -49.91 -36.69
N ILE AA 53 22.13 -49.66 -37.27
CA ILE AA 53 21.94 -48.60 -38.23
C ILE AA 53 20.83 -47.71 -37.71
N SER AA 54 21.02 -46.40 -37.79
CA SER AA 54 20.03 -45.48 -37.23
C SER AA 54 20.01 -44.10 -37.87
N GLU AA 55 18.87 -43.45 -37.78
CA GLU AA 55 18.72 -42.09 -38.24
C GLU AA 55 19.40 -41.23 -37.17
N LEU AA 56 20.09 -40.16 -37.59
CA LEU AA 56 20.69 -39.22 -36.64
C LEU AA 56 19.90 -37.90 -36.76
N TYR AA 57 19.77 -37.37 -38.00
CA TYR AA 57 19.05 -36.13 -38.27
C TYR AA 57 18.40 -36.19 -39.64
N ASP AA 58 17.76 -35.13 -40.10
CA ASP AA 58 17.07 -35.15 -41.38
C ASP AA 58 17.79 -35.87 -42.54
N ARG AA 59 19.03 -35.51 -42.85
CA ARG AA 59 19.73 -36.13 -43.97
C ARG AA 59 20.96 -36.88 -43.49
N VAL AA 60 21.02 -37.17 -42.19
CA VAL AA 60 22.20 -37.83 -41.67
C VAL AA 60 21.90 -39.16 -41.04
N GLY AA 61 22.70 -40.17 -41.44
CA GLY AA 61 22.53 -41.53 -40.97
C GLY AA 61 23.73 -42.01 -40.19
N PHE AA 62 23.50 -43.05 -39.41
CA PHE AA 62 24.53 -43.62 -38.54
C PHE AA 62 24.58 -45.16 -38.66
N ALA AA 63 25.79 -45.69 -38.60
CA ALA AA 63 25.99 -47.14 -38.65
C ALA AA 63 27.22 -47.45 -37.82
N ALA AA 64 27.19 -48.56 -37.09
CA ALA AA 64 28.35 -48.88 -36.28
C ALA AA 64 28.59 -50.38 -36.18
N ALA AA 65 29.80 -50.74 -35.79
CA ALA AA 65 30.19 -52.12 -35.59
C ALA AA 65 30.95 -52.14 -34.30
N GLY AA 66 30.83 -53.23 -33.55
CA GLY AA 66 31.55 -53.31 -32.30
C GLY AA 66 30.61 -53.68 -31.18
N LYS AA 67 30.95 -53.29 -29.96
CA LYS AA 67 30.15 -53.60 -28.77
C LYS AA 67 28.87 -52.74 -28.78
N PHE AA 68 27.72 -53.38 -28.83
CA PHE AA 68 26.44 -52.67 -28.85
C PHE AA 68 26.23 -51.59 -27.77
N ASN AA 69 26.31 -51.94 -26.49
CA ASN AA 69 26.10 -50.97 -25.45
C ASN AA 69 26.98 -49.73 -25.69
N GLU AA 70 28.17 -49.91 -26.25
CA GLU AA 70 29.01 -48.76 -26.48
C GLU AA 70 28.61 -47.92 -27.72
N PHE AA 71 28.27 -48.55 -28.83
CA PHE AA 71 27.91 -47.68 -29.94
C PHE AA 71 26.47 -47.19 -29.86
N ASP AA 72 25.64 -47.86 -29.07
CA ASP AA 72 24.28 -47.36 -28.93
C ASP AA 72 24.40 -46.08 -28.07
N ASN AA 73 25.35 -46.10 -27.15
CA ASN AA 73 25.63 -44.97 -26.30
C ASN AA 73 25.95 -43.78 -27.20
N LEU AA 74 26.87 -44.01 -28.12
CA LEU AA 74 27.29 -43.00 -29.07
C LEU AA 74 26.16 -42.56 -30.01
N ARG AA 75 25.29 -43.50 -30.39
CA ARG AA 75 24.17 -43.16 -31.27
C ARG AA 75 23.25 -42.12 -30.56
N ARG AA 76 22.92 -42.41 -29.30
CA ARG AA 76 22.08 -41.55 -28.49
C ARG AA 76 22.72 -40.19 -28.34
N GLY AA 77 24.00 -40.17 -28.00
CA GLY AA 77 24.73 -38.92 -27.82
C GLY AA 77 24.72 -38.10 -29.10
N GLY AA 78 24.74 -38.79 -30.25
CA GLY AA 78 24.73 -38.11 -31.54
C GLY AA 78 23.38 -37.45 -31.78
N ILE AA 79 22.30 -38.22 -31.54
CA ILE AA 79 20.94 -37.71 -31.69
C ILE AA 79 20.76 -36.49 -30.76
N GLN AA 80 21.24 -36.61 -29.53
CA GLN AA 80 21.18 -35.54 -28.57
C GLN AA 80 21.88 -34.27 -29.15
N PHE AA 81 23.09 -34.44 -29.64
CA PHE AA 81 23.87 -33.33 -30.19
C PHE AA 81 23.14 -32.68 -31.36
N ALA AA 82 22.66 -33.50 -32.26
CA ALA AA 82 22.01 -33.00 -33.44
C ALA AA 82 20.70 -32.24 -33.15
N ASP AA 83 19.87 -32.82 -32.28
CA ASP AA 83 18.61 -32.17 -31.99
C ASP AA 83 18.84 -30.84 -31.29
N THR AA 84 19.82 -30.79 -30.38
CA THR AA 84 20.14 -29.59 -29.65
C THR AA 84 20.67 -28.51 -30.59
N ARG AA 85 21.53 -28.90 -31.51
CA ARG AA 85 22.07 -27.97 -32.50
C ARG AA 85 21.00 -27.39 -33.40
N GLY AA 86 20.15 -28.26 -33.94
CA GLY AA 86 19.12 -27.80 -34.83
C GLY AA 86 18.14 -26.87 -34.16
N TYR AA 87 17.95 -27.07 -32.86
CA TYR AA 87 17.01 -26.27 -32.11
C TYR AA 87 17.64 -24.92 -31.77
N ALA AA 88 18.89 -24.93 -31.40
CA ALA AA 88 19.60 -23.69 -31.06
C ALA AA 88 19.88 -22.81 -32.31
N TYR AA 89 19.95 -23.40 -33.49
CA TYR AA 89 20.23 -22.62 -34.70
C TYR AA 89 19.08 -22.92 -35.62
N ASP AA 90 19.30 -23.72 -36.67
CA ASP AA 90 18.19 -24.16 -37.52
C ASP AA 90 18.49 -25.59 -37.96
N ARG AA 91 17.46 -26.33 -38.38
CA ARG AA 91 17.65 -27.70 -38.84
C ARG AA 91 18.72 -27.77 -39.93
N ARG AA 92 18.60 -26.89 -40.91
CA ARG AA 92 19.53 -26.91 -42.02
C ARG AA 92 20.96 -26.59 -41.66
N ASP AA 93 21.21 -26.32 -40.39
CA ASP AA 93 22.56 -26.01 -39.96
C ASP AA 93 23.26 -27.26 -39.43
N VAL AA 94 22.53 -28.36 -39.26
CA VAL AA 94 23.13 -29.61 -38.76
C VAL AA 94 23.69 -30.37 -39.99
N THR AA 95 24.93 -30.85 -39.88
CA THR AA 95 25.55 -31.55 -41.03
C THR AA 95 26.27 -32.81 -40.62
N GLY AA 96 26.47 -33.71 -41.60
CA GLY AA 96 27.16 -34.96 -41.33
C GLY AA 96 28.59 -34.70 -40.89
N ARG AA 97 29.22 -33.67 -41.46
CA ARG AA 97 30.58 -33.33 -41.11
C ARG AA 97 30.66 -32.95 -39.60
N GLN AA 98 29.67 -32.20 -39.12
CA GLN AA 98 29.63 -31.80 -37.72
C GLN AA 98 29.49 -33.02 -36.84
N LEU AA 99 28.58 -33.93 -37.21
CA LEU AA 99 28.39 -35.14 -36.40
C LEU AA 99 29.68 -35.99 -36.35
N ALA AA 100 30.34 -36.17 -37.49
CA ALA AA 100 31.57 -36.97 -37.55
C ALA AA 100 32.64 -36.31 -36.66
N ASN AA 101 32.74 -35.00 -36.82
CA ASN AA 101 33.69 -34.22 -36.04
C ASN AA 101 33.47 -34.45 -34.54
N VAL AA 102 32.20 -34.41 -34.12
CA VAL AA 102 31.86 -34.62 -32.70
C VAL AA 102 32.20 -36.03 -32.26
N TYR AA 103 31.95 -37.01 -33.12
CA TYR AA 103 32.25 -38.38 -32.74
C TYR AA 103 33.75 -38.54 -32.61
N ALA AA 104 34.48 -37.94 -33.54
CA ALA AA 104 35.95 -38.01 -33.52
C ALA AA 104 36.47 -37.50 -32.18
N GLN AA 105 35.93 -36.35 -31.76
CA GLN AA 105 36.34 -35.77 -30.50
C GLN AA 105 35.93 -36.62 -29.30
N THR AA 106 34.75 -37.18 -29.35
CA THR AA 106 34.29 -38.02 -28.24
C THR AA 106 35.07 -39.33 -28.10
N LEU AA 107 35.28 -40.04 -29.21
CA LEU AA 107 36.04 -41.29 -29.15
C LEU AA 107 37.48 -40.97 -28.73
N GLY AA 108 38.03 -39.89 -29.26
CA GLY AA 108 39.37 -39.50 -28.89
C GLY AA 108 39.47 -39.35 -27.38
N THR AA 109 38.52 -38.67 -26.78
CA THR AA 109 38.54 -38.48 -25.33
C THR AA 109 38.35 -39.79 -24.58
N ILE AA 110 37.45 -40.64 -25.07
CA ILE AA 110 37.22 -41.94 -24.42
C ILE AA 110 38.52 -42.77 -24.46
N PHE AA 111 39.09 -42.84 -25.65
CA PHE AA 111 40.30 -43.61 -25.90
C PHE AA 111 41.45 -43.23 -24.98
N THR AA 112 41.51 -41.94 -24.66
CA THR AA 112 42.56 -41.38 -23.83
C THR AA 112 42.24 -41.30 -22.34
N GLU AA 113 41.00 -40.97 -22.00
CA GLU AA 113 40.65 -40.79 -20.61
C GLU AA 113 39.93 -41.90 -19.87
N GLN AA 114 39.34 -42.83 -20.61
CA GLN AA 114 38.58 -43.87 -19.93
C GLN AA 114 39.29 -45.18 -19.70
N ALA AA 115 38.85 -45.90 -18.68
CA ALA AA 115 39.44 -47.19 -18.31
C ALA AA 115 39.63 -48.08 -19.54
N LYS AA 116 38.56 -48.26 -20.28
CA LYS AA 116 38.61 -49.10 -21.46
C LYS AA 116 38.23 -48.33 -22.69
N PRO AA 117 39.04 -48.38 -23.73
CA PRO AA 117 38.63 -47.64 -24.92
C PRO AA 117 37.35 -48.30 -25.45
N TYR AA 118 36.61 -47.60 -26.29
CA TYR AA 118 35.37 -48.14 -26.87
C TYR AA 118 35.73 -49.06 -28.03
N GLU AA 119 35.16 -50.25 -28.02
CA GLU AA 119 35.39 -51.24 -29.06
C GLU AA 119 34.36 -50.98 -30.14
N VAL AA 120 34.51 -49.89 -30.87
CA VAL AA 120 33.52 -49.57 -31.88
C VAL AA 120 34.17 -48.87 -33.08
N GLU AA 121 33.46 -48.88 -34.20
CA GLU AA 121 33.89 -48.19 -35.41
C GLU AA 121 32.58 -47.58 -35.95
N LEU AA 122 32.61 -46.29 -36.23
CA LEU AA 122 31.38 -45.61 -36.68
C LEU AA 122 31.43 -45.07 -38.08
N CYS AA 123 30.25 -44.99 -38.66
CA CYS AA 123 30.12 -44.40 -39.97
C CYS AA 123 28.96 -43.38 -39.94
N VAL AA 124 29.25 -42.13 -40.32
CA VAL AA 124 28.21 -41.10 -40.39
C VAL AA 124 28.06 -40.75 -41.87
N ALA AA 125 26.85 -40.78 -42.39
CA ALA AA 125 26.62 -40.47 -43.79
C ALA AA 125 25.60 -39.37 -43.93
N GLU AA 126 25.73 -38.61 -45.01
CA GLU AA 126 24.80 -37.52 -45.31
C GLU AA 126 24.49 -37.47 -46.80
N VAL AA 127 23.23 -37.23 -47.14
CA VAL AA 127 22.85 -37.11 -48.51
C VAL AA 127 22.34 -35.69 -48.70
N ALA AA 128 22.17 -35.27 -49.94
CA ALA AA 128 21.71 -33.93 -50.22
C ALA AA 128 20.30 -33.68 -49.72
N HIS AA 129 19.97 -32.40 -49.59
CA HIS AA 129 18.64 -31.97 -49.18
C HIS AA 129 17.72 -32.17 -50.37
N TYR AA 130 16.42 -32.32 -50.12
CA TYR AA 130 15.48 -32.55 -51.20
C TYR AA 130 15.67 -31.60 -52.37
N GLY AA 131 15.56 -32.15 -53.59
CA GLY AA 131 15.70 -31.35 -54.79
C GLY AA 131 17.02 -30.62 -54.92
N GLU AA 132 18.01 -31.04 -54.16
CA GLU AA 132 19.33 -30.42 -54.20
C GLU AA 132 20.26 -31.42 -54.86
N THR AA 133 21.44 -30.99 -55.26
CA THR AA 133 22.37 -31.93 -55.88
C THR AA 133 23.68 -31.83 -55.17
N LYS AA 134 24.15 -32.96 -54.67
CA LYS AA 134 25.41 -33.01 -53.93
C LYS AA 134 25.74 -34.47 -53.76
N ARG AA 135 27.01 -34.81 -53.85
CA ARG AA 135 27.45 -36.18 -53.70
C ARG AA 135 27.35 -36.61 -52.26
N PRO AA 136 26.80 -37.82 -52.01
CA PRO AA 136 26.68 -38.30 -50.64
C PRO AA 136 28.05 -38.19 -49.96
N GLU AA 137 28.06 -38.08 -48.64
CA GLU AA 137 29.30 -37.98 -47.90
C GLU AA 137 29.32 -39.13 -46.91
N LEU AA 138 30.47 -39.76 -46.76
CA LEU AA 138 30.59 -40.86 -45.84
C LEU AA 138 31.81 -40.59 -44.99
N TYR AA 139 31.69 -40.81 -43.68
CA TYR AA 139 32.81 -40.58 -42.80
C TYR AA 139 32.96 -41.81 -41.95
N ARG AA 140 34.20 -42.16 -41.60
CA ARG AA 140 34.44 -43.28 -40.73
C ARG AA 140 35.18 -42.71 -39.55
N ILE AA 141 34.76 -43.06 -38.35
CA ILE AA 141 35.46 -42.59 -37.17
C ILE AA 141 35.87 -43.84 -36.45
N THR AA 142 37.14 -43.91 -36.06
CA THR AA 142 37.62 -45.10 -35.38
C THR AA 142 37.74 -44.93 -33.87
N TYR AA 143 37.96 -46.05 -33.20
CA TYR AA 143 38.03 -46.08 -31.75
C TYR AA 143 38.97 -45.09 -31.08
N ASP AA 144 39.90 -44.52 -31.83
CA ASP AA 144 40.82 -43.58 -31.22
C ASP AA 144 40.54 -42.11 -31.59
N GLY AA 145 39.49 -41.88 -32.38
CA GLY AA 145 39.13 -40.53 -32.76
C GLY AA 145 39.54 -40.16 -34.16
N SER AA 146 40.22 -41.08 -34.83
CA SER AA 146 40.66 -40.79 -36.18
C SER AA 146 39.43 -40.73 -37.05
N ILE AA 147 39.46 -39.84 -38.04
CA ILE AA 147 38.31 -39.69 -38.90
C ILE AA 147 38.77 -39.69 -40.33
N ALA AA 148 37.98 -40.28 -41.21
CA ALA AA 148 38.35 -40.36 -42.61
C ALA AA 148 37.19 -40.08 -43.53
N ASP AA 149 37.46 -39.34 -44.58
CA ASP AA 149 36.46 -38.99 -45.57
C ASP AA 149 36.49 -40.04 -46.69
N GLU AA 150 35.51 -40.95 -46.73
CA GLU AA 150 35.43 -41.95 -47.78
C GLU AA 150 34.49 -41.48 -48.90
N PRO AA 151 34.91 -41.62 -50.17
CA PRO AA 151 34.07 -41.17 -51.29
C PRO AA 151 33.05 -42.13 -51.88
N HIS AA 152 33.28 -43.44 -51.71
CA HIS AA 152 32.36 -44.42 -52.30
C HIS AA 152 31.69 -45.38 -51.34
N PHE AA 153 32.46 -45.89 -50.39
CA PHE AA 153 31.90 -46.84 -49.43
C PHE AA 153 32.75 -46.95 -48.18
N VAL AA 154 32.18 -47.53 -47.14
CA VAL AA 154 32.91 -47.71 -45.90
C VAL AA 154 32.61 -49.12 -45.43
N VAL AA 155 33.59 -49.77 -44.80
CA VAL AA 155 33.39 -51.11 -44.30
C VAL AA 155 33.92 -51.12 -42.87
N MET AA 156 33.14 -51.69 -41.94
CA MET AA 156 33.56 -51.73 -40.55
C MET AA 156 33.16 -53.04 -39.91
N GLY AA 157 33.97 -53.47 -38.93
CA GLY AA 157 33.66 -54.68 -38.20
C GLY AA 157 34.21 -55.95 -38.80
N GLY AA 158 34.58 -56.88 -37.92
CA GLY AA 158 35.10 -58.16 -38.36
C GLY AA 158 36.31 -58.06 -39.26
N THR AA 159 36.36 -58.92 -40.26
CA THR AA 159 37.46 -58.92 -41.22
C THR AA 159 37.00 -58.11 -42.42
N THR AA 160 37.55 -56.92 -42.52
CA THR AA 160 37.17 -55.98 -43.55
C THR AA 160 37.84 -56.19 -44.90
N GLU AA 161 39.12 -56.55 -44.87
CA GLU AA 161 39.91 -56.78 -46.10
C GLU AA 161 39.12 -57.44 -47.23
N PRO AA 162 38.58 -58.65 -46.98
CA PRO AA 162 37.80 -59.37 -47.98
C PRO AA 162 36.64 -58.56 -48.53
N ILE AA 163 35.85 -58.00 -47.62
CA ILE AA 163 34.68 -57.21 -47.99
C ILE AA 163 35.08 -55.94 -48.74
N ALA AA 164 36.17 -55.33 -48.28
CA ALA AA 164 36.69 -54.11 -48.88
C ALA AA 164 36.99 -54.35 -50.35
N ASN AA 165 37.90 -55.29 -50.61
CA ASN AA 165 38.28 -55.63 -51.97
C ASN AA 165 37.08 -56.04 -52.81
N ALA AA 166 36.23 -56.91 -52.27
CA ALA AA 166 35.04 -57.37 -52.98
C ALA AA 166 34.24 -56.17 -53.50
N LEU AA 167 34.25 -55.07 -52.75
CA LEU AA 167 33.53 -53.86 -53.17
C LEU AA 167 34.40 -53.06 -54.12
N LYS AA 168 35.69 -53.00 -53.86
CA LYS AA 168 36.53 -52.16 -54.69
C LYS AA 168 36.38 -52.66 -56.11
N GLU AA 169 35.94 -53.91 -56.26
CA GLU AA 169 35.78 -54.52 -57.59
C GLU AA 169 34.36 -54.43 -58.14
N SER AA 170 33.38 -54.79 -57.32
CA SER AA 170 31.98 -54.71 -57.63
C SER AA 170 31.42 -53.29 -57.76
N TYR AA 171 31.91 -52.36 -56.94
CA TYR AA 171 31.26 -51.08 -56.86
C TYR AA 171 31.07 -50.44 -58.21
N ALA AA 172 29.82 -50.11 -58.46
CA ALA AA 172 29.43 -49.38 -59.65
C ALA AA 172 28.81 -48.12 -59.10
N GLU AA 173 29.46 -47.00 -59.36
CA GLU AA 173 28.94 -45.71 -58.94
C GLU AA 173 27.61 -45.44 -59.65
N ASN AA 174 26.68 -44.80 -58.94
CA ASN AA 174 25.35 -44.54 -59.49
C ASN AA 174 24.51 -45.80 -59.72
N ALA AA 175 24.87 -46.88 -59.03
CA ALA AA 175 24.15 -48.14 -59.15
C ALA AA 175 22.73 -47.88 -58.66
N SER AA 176 21.76 -48.62 -59.17
CA SER AA 176 20.40 -48.42 -58.70
C SER AA 176 20.35 -49.03 -57.29
N LEU AA 177 19.21 -48.93 -56.61
CA LEU AA 177 19.12 -49.48 -55.27
C LEU AA 177 19.37 -50.99 -55.29
N THR AA 178 18.65 -51.70 -56.16
CA THR AA 178 18.80 -53.16 -56.25
C THR AA 178 20.22 -53.60 -56.56
N ASP AA 179 20.84 -52.96 -57.53
CA ASP AA 179 22.21 -53.30 -57.89
C ASP AA 179 23.14 -53.06 -56.71
N ALA AA 180 22.92 -51.94 -56.01
CA ALA AA 180 23.74 -51.57 -54.85
C ALA AA 180 23.55 -52.58 -53.74
N LEU AA 181 22.29 -52.96 -53.49
CA LEU AA 181 22.00 -53.93 -52.44
C LEU AA 181 22.75 -55.22 -52.71
N ARG AA 182 22.54 -55.79 -53.91
CA ARG AA 182 23.22 -57.03 -54.31
C ARG AA 182 24.74 -56.90 -54.13
N ILE AA 183 25.36 -55.92 -54.78
CA ILE AA 183 26.79 -55.68 -54.67
C ILE AA 183 27.24 -55.70 -53.22
N ALA AA 184 26.43 -55.08 -52.35
CA ALA AA 184 26.74 -54.99 -50.93
C ALA AA 184 26.61 -56.34 -50.21
N VAL AA 185 25.44 -56.98 -50.34
CA VAL AA 185 25.23 -58.27 -49.70
C VAL AA 185 26.29 -59.26 -50.14
N ALA AA 186 26.72 -59.12 -51.40
CA ALA AA 186 27.76 -60.00 -51.95
C ALA AA 186 29.07 -59.72 -51.23
N ALA AA 187 29.63 -58.54 -51.47
CA ALA AA 187 30.90 -58.15 -50.85
C ALA AA 187 30.93 -58.49 -49.36
N LEU AA 188 29.76 -58.56 -48.75
CA LEU AA 188 29.65 -58.85 -47.33
C LEU AA 188 29.95 -60.33 -47.08
N ARG AA 189 29.35 -61.22 -47.88
CA ARG AA 189 29.56 -62.64 -47.69
C ARG AA 189 31.04 -62.99 -47.85
N ALA AA 190 31.73 -62.25 -48.73
CA ALA AA 190 33.15 -62.44 -48.94
C ALA AA 190 33.96 -62.28 -47.66
N LEU AA 203 22.59 -63.67 -47.74
CA LEU AA 203 21.94 -63.74 -46.44
C LEU AA 203 20.46 -63.40 -46.57
N GLY AA 204 19.66 -63.88 -45.63
CA GLY AA 204 18.23 -63.68 -45.68
C GLY AA 204 17.80 -62.35 -45.10
N VAL AA 205 16.49 -62.18 -44.98
CA VAL AA 205 15.91 -60.98 -44.40
C VAL AA 205 16.04 -61.01 -42.88
N ALA AA 206 16.20 -62.21 -42.34
CA ALA AA 206 16.27 -62.40 -40.89
C ALA AA 206 17.71 -62.41 -40.40
N SER AA 207 18.64 -62.05 -41.29
CA SER AA 207 20.05 -62.02 -40.94
C SER AA 207 20.71 -60.71 -41.38
N LEU AA 208 19.90 -59.78 -41.87
CA LEU AA 208 20.41 -58.50 -42.33
C LEU AA 208 19.62 -57.32 -41.78
N GLU AA 209 20.29 -56.19 -41.61
CA GLU AA 209 19.64 -54.94 -41.29
C GLU AA 209 19.87 -54.02 -42.48
N VAL AA 210 18.80 -53.51 -43.07
CA VAL AA 210 18.97 -52.66 -44.24
C VAL AA 210 18.20 -51.34 -44.13
N ALA AA 211 18.85 -50.27 -44.54
CA ALA AA 211 18.23 -48.95 -44.51
C ALA AA 211 18.94 -48.02 -45.48
N VAL AA 212 18.23 -46.99 -45.91
CA VAL AA 212 18.81 -46.02 -46.82
C VAL AA 212 18.58 -44.60 -46.37
N LEU AA 213 19.46 -43.72 -46.83
CA LEU AA 213 19.30 -42.29 -46.62
C LEU AA 213 18.79 -41.97 -48.03
N ASP AA 214 17.48 -41.88 -48.16
CA ASP AA 214 16.86 -41.62 -49.46
C ASP AA 214 16.83 -40.13 -49.71
N ALA AA 215 17.66 -39.69 -50.65
CA ALA AA 215 17.75 -38.27 -50.98
C ALA AA 215 16.44 -37.77 -51.55
N ASN AA 216 15.60 -38.67 -52.00
CA ASN AA 216 14.34 -38.29 -52.61
C ASN AA 216 13.24 -37.90 -51.62
N ARG AA 217 13.46 -38.21 -50.34
CA ARG AA 217 12.45 -37.93 -49.32
C ARG AA 217 12.54 -36.41 -49.05
N PRO AA 218 11.39 -35.75 -48.90
CA PRO AA 218 11.34 -34.31 -48.65
C PRO AA 218 12.16 -33.83 -47.43
N ARG AA 219 12.03 -34.50 -46.28
CA ARG AA 219 12.82 -34.07 -45.10
C ARG AA 219 13.60 -35.20 -44.43
N ARG AA 220 12.90 -36.19 -43.88
CA ARG AA 220 13.60 -37.29 -43.23
C ARG AA 220 13.97 -38.33 -44.28
N ALA AA 221 15.26 -38.39 -44.58
CA ALA AA 221 15.79 -39.29 -45.56
C ALA AA 221 15.91 -40.75 -45.11
N PHE AA 222 16.10 -40.98 -43.81
CA PHE AA 222 16.28 -42.33 -43.29
C PHE AA 222 15.04 -43.17 -43.49
N ARG AA 223 15.25 -44.37 -44.02
CA ARG AA 223 14.15 -45.29 -44.34
C ARG AA 223 14.64 -46.73 -44.22
N ARG AA 224 13.98 -47.52 -43.37
CA ARG AA 224 14.35 -48.92 -43.21
C ARG AA 224 13.69 -49.80 -44.29
N ILE AA 225 14.45 -50.77 -44.78
CA ILE AA 225 13.93 -51.68 -45.82
C ILE AA 225 13.92 -53.07 -45.17
N THR AA 226 12.72 -53.56 -44.87
CA THR AA 226 12.60 -54.85 -44.20
C THR AA 226 11.51 -55.75 -44.72
N GLY AA 227 11.48 -56.96 -44.14
CA GLY AA 227 10.47 -57.95 -44.50
C GLY AA 227 10.30 -58.22 -45.99
N SER AA 228 9.05 -58.34 -46.41
CA SER AA 228 8.73 -58.62 -47.80
C SER AA 228 9.39 -57.61 -48.73
N ALA AA 229 9.29 -56.33 -48.37
CA ALA AA 229 9.87 -55.26 -49.16
C ALA AA 229 11.36 -55.53 -49.40
N LEU AA 230 12.07 -55.90 -48.33
CA LEU AA 230 13.50 -56.20 -48.47
C LEU AA 230 13.66 -57.43 -49.33
N GLN AA 231 12.81 -58.42 -49.10
CA GLN AA 231 12.82 -59.67 -49.83
C GLN AA 231 12.91 -59.37 -51.33
N ALA AA 232 11.93 -58.60 -51.82
CA ALA AA 232 11.89 -58.22 -53.22
C ALA AA 232 13.25 -57.75 -53.73
N LEU AA 233 13.72 -56.64 -53.19
CA LEU AA 233 15.00 -56.06 -53.59
C LEU AA 233 16.13 -57.08 -53.51
N LEU AA 234 15.90 -58.13 -52.75
CA LEU AA 234 16.91 -59.16 -52.56
C LEU AA 234 16.95 -60.17 -53.72
N THR BA 1 -7.53 -14.05 -30.96
CA THR BA 1 -7.19 -15.37 -31.47
C THR BA 1 -8.28 -16.41 -31.29
N THR BA 2 -8.44 -17.25 -32.31
CA THR BA 2 -9.36 -18.39 -32.16
C THR BA 2 -8.79 -19.56 -32.91
N ILE BA 3 -8.73 -20.68 -32.22
CA ILE BA 3 -8.26 -21.91 -32.81
C ILE BA 3 -9.36 -22.93 -32.51
N VAL BA 4 -9.82 -23.69 -33.52
CA VAL BA 4 -10.86 -24.68 -33.31
C VAL BA 4 -10.38 -26.07 -33.75
N ALA BA 5 -11.00 -27.11 -33.19
CA ALA BA 5 -10.67 -28.45 -33.58
C ALA BA 5 -11.95 -29.27 -33.44
N LEU BA 6 -12.17 -30.21 -34.37
CA LEU BA 6 -13.36 -31.04 -34.32
C LEU BA 6 -13.10 -32.39 -34.96
N LYS BA 7 -13.80 -33.39 -34.45
CA LYS BA 7 -13.66 -34.75 -34.94
C LYS BA 7 -14.70 -35.00 -36.01
N TYR BA 8 -14.34 -35.82 -36.98
CA TYR BA 8 -15.32 -36.21 -38.00
C TYR BA 8 -15.06 -37.70 -38.18
N PRO BA 9 -15.98 -38.44 -38.81
CA PRO BA 9 -15.78 -39.90 -38.99
C PRO BA 9 -14.47 -40.22 -39.72
N GLY BA 10 -13.53 -40.83 -39.03
CA GLY BA 10 -12.25 -41.12 -39.64
C GLY BA 10 -11.08 -40.14 -39.36
N GLY BA 11 -11.34 -39.02 -38.69
CA GLY BA 11 -10.23 -38.11 -38.46
C GLY BA 11 -10.53 -36.88 -37.62
N VAL BA 12 -9.68 -35.87 -37.77
CA VAL BA 12 -9.86 -34.65 -37.03
C VAL BA 12 -9.35 -33.49 -37.86
N VAL BA 13 -9.93 -32.31 -37.65
CA VAL BA 13 -9.49 -31.12 -38.33
C VAL BA 13 -9.21 -30.05 -37.25
N MET BA 14 -8.20 -29.22 -37.48
CA MET BA 14 -7.88 -28.09 -36.60
C MET BA 14 -7.63 -26.89 -37.52
N ALA BA 15 -8.23 -25.74 -37.18
CA ALA BA 15 -8.08 -24.52 -37.97
C ALA BA 15 -7.85 -23.31 -37.08
N GLY BA 16 -7.07 -22.34 -37.57
CA GLY BA 16 -6.81 -21.14 -36.80
C GLY BA 16 -6.88 -19.87 -37.60
N ASP BA 17 -7.22 -18.76 -36.93
CA ASP BA 17 -7.29 -17.43 -37.59
C ASP BA 17 -5.87 -16.88 -37.83
N ARG BA 18 -5.75 -15.73 -38.50
CA ARG BA 18 -4.44 -15.20 -38.88
C ARG BA 18 -4.05 -13.88 -38.21
N ARG BA 19 -4.85 -13.41 -37.27
CA ARG BA 19 -4.60 -12.12 -36.67
C ARG BA 19 -3.67 -12.05 -35.48
N SER BA 20 -2.87 -11.00 -35.42
CA SER BA 20 -2.10 -10.79 -34.23
C SER BA 20 -2.40 -9.33 -33.91
N THR BA 21 -2.47 -9.00 -32.62
CA THR BA 21 -2.75 -7.62 -32.23
C THR BA 21 -1.81 -7.18 -31.10
N GLN BA 22 -1.81 -5.88 -30.82
CA GLN BA 22 -1.04 -5.24 -29.74
C GLN BA 22 -2.05 -4.23 -29.27
N GLY BA 23 -2.71 -4.53 -28.17
CA GLY BA 23 -3.76 -3.64 -27.72
C GLY BA 23 -4.86 -3.68 -28.79
N ASN BA 24 -5.37 -2.51 -29.17
CA ASN BA 24 -6.40 -2.39 -30.21
C ASN BA 24 -5.84 -2.47 -31.64
N MET BA 25 -4.53 -2.34 -31.80
CA MET BA 25 -3.91 -2.34 -33.11
C MET BA 25 -3.72 -3.69 -33.74
N ILE BA 26 -4.02 -3.76 -35.02
CA ILE BA 26 -3.88 -5.00 -35.74
C ILE BA 26 -2.38 -4.98 -36.12
N SER BA 27 -1.60 -5.90 -35.59
CA SER BA 27 -0.19 -5.89 -35.90
C SER BA 27 0.24 -6.99 -36.89
N GLY BA 28 -0.64 -7.94 -37.20
CA GLY BA 28 -0.27 -9.01 -38.13
C GLY BA 28 -1.52 -9.53 -38.80
N ARG BA 29 -1.40 -9.97 -40.06
CA ARG BA 29 -2.57 -10.46 -40.77
C ARG BA 29 -2.37 -11.82 -41.37
N ASP BA 30 -1.18 -12.40 -41.20
CA ASP BA 30 -0.88 -13.67 -41.81
C ASP BA 30 -0.16 -14.65 -40.89
N VAL BA 31 -0.30 -14.46 -39.60
CA VAL BA 31 0.31 -15.37 -38.63
C VAL BA 31 -0.30 -16.78 -38.79
N ARG BA 32 0.53 -17.81 -38.68
CA ARG BA 32 0.09 -19.19 -38.77
C ARG BA 32 0.08 -19.71 -37.32
N LYS BA 33 -1.07 -20.19 -36.85
CA LYS BA 33 -1.18 -20.61 -35.47
C LYS BA 33 -1.35 -22.10 -35.29
N VAL BA 34 -1.49 -22.82 -36.41
CA VAL BA 34 -1.65 -24.27 -36.37
C VAL BA 34 -0.44 -24.97 -37.00
N TYR BA 35 0.20 -25.85 -36.24
CA TYR BA 35 1.37 -26.56 -36.71
C TYR BA 35 1.21 -28.06 -36.69
N ILE BA 36 1.80 -28.70 -37.70
CA ILE BA 36 1.82 -30.16 -37.75
C ILE BA 36 3.01 -30.47 -36.84
N THR BA 37 2.75 -31.15 -35.75
CA THR BA 37 3.86 -31.40 -34.84
C THR BA 37 4.54 -32.76 -35.04
N ASP BA 38 3.86 -33.71 -35.71
CA ASP BA 38 4.43 -35.00 -36.07
C ASP BA 38 3.46 -35.57 -37.09
N ASP BA 39 3.73 -36.74 -37.64
CA ASP BA 39 2.86 -37.29 -38.67
C ASP BA 39 1.39 -37.42 -38.32
N TYR BA 40 1.08 -37.53 -37.02
CA TYR BA 40 -0.32 -37.73 -36.60
C TYR BA 40 -0.88 -36.72 -35.63
N THR BA 41 -0.20 -35.59 -35.51
CA THR BA 41 -0.69 -34.59 -34.59
C THR BA 41 -0.51 -33.14 -35.05
N ALA BA 42 -1.42 -32.30 -34.61
CA ALA BA 42 -1.30 -30.86 -34.87
C ALA BA 42 -1.54 -30.10 -33.55
N THR BA 43 -0.85 -28.97 -33.42
CA THR BA 43 -0.94 -28.13 -32.23
C THR BA 43 -1.28 -26.72 -32.65
N GLY BA 44 -2.30 -26.14 -32.00
CA GLY BA 44 -2.74 -24.80 -32.27
C GLY BA 44 -2.50 -24.05 -30.97
N ILE BA 45 -1.99 -22.83 -30.99
CA ILE BA 45 -1.75 -22.17 -29.71
C ILE BA 45 -2.28 -20.75 -29.62
N ALA BA 46 -2.82 -20.38 -28.46
CA ALA BA 46 -3.35 -19.04 -28.23
C ALA BA 46 -2.58 -18.42 -27.06
N GLY BA 47 -2.62 -17.10 -26.94
CA GLY BA 47 -1.90 -16.44 -25.86
C GLY BA 47 -0.71 -15.66 -26.40
N THR BA 48 0.30 -15.50 -25.57
CA THR BA 48 1.53 -14.77 -25.92
C THR BA 48 2.28 -15.44 -27.09
N ALA BA 49 2.43 -14.69 -28.18
CA ALA BA 49 3.08 -15.19 -29.37
C ALA BA 49 4.47 -15.85 -29.19
N ALA BA 50 5.37 -15.20 -28.44
CA ALA BA 50 6.71 -15.74 -28.29
C ALA BA 50 6.67 -17.12 -27.66
N VAL BA 51 5.82 -17.25 -26.65
CA VAL BA 51 5.72 -18.52 -25.96
C VAL BA 51 5.03 -19.57 -26.81
N ALA BA 52 4.02 -19.17 -27.56
CA ALA BA 52 3.27 -20.13 -28.36
C ALA BA 52 4.14 -20.77 -29.37
N VAL BA 53 4.87 -19.94 -30.09
CA VAL BA 53 5.75 -20.43 -31.13
C VAL BA 53 6.82 -21.34 -30.55
N GLU BA 54 7.38 -20.97 -29.40
CA GLU BA 54 8.40 -21.81 -28.82
C GLU BA 54 7.79 -23.15 -28.40
N PHE BA 55 6.56 -23.13 -27.87
CA PHE BA 55 5.91 -24.37 -27.49
C PHE BA 55 5.82 -25.31 -28.69
N ALA BA 56 5.30 -24.83 -29.81
CA ALA BA 56 5.12 -25.68 -30.99
C ALA BA 56 6.42 -26.22 -31.53
N ARG BA 57 7.44 -25.36 -31.57
CA ARG BA 57 8.77 -25.75 -32.04
C ARG BA 57 9.52 -26.74 -31.14
N LEU BA 58 9.56 -26.48 -29.85
CA LEU BA 58 10.17 -27.39 -28.91
C LEU BA 58 9.39 -28.72 -28.82
N TYR BA 59 8.06 -28.65 -28.81
CA TYR BA 59 7.26 -29.87 -28.74
C TYR BA 59 7.50 -30.80 -29.96
N ALA BA 60 7.57 -30.26 -31.16
CA ALA BA 60 7.81 -31.12 -32.33
C ALA BA 60 9.21 -31.72 -32.24
N VAL BA 61 10.17 -30.96 -31.74
CA VAL BA 61 11.50 -31.49 -31.59
C VAL BA 61 11.45 -32.60 -30.52
N GLU BA 62 10.73 -32.39 -29.42
CA GLU BA 62 10.70 -33.42 -28.37
C GLU BA 62 10.05 -34.74 -28.86
N LEU BA 63 9.02 -34.63 -29.69
CA LEU BA 63 8.35 -35.84 -30.15
C LEU BA 63 9.26 -36.67 -31.08
N GLU BA 64 9.98 -35.98 -31.96
CA GLU BA 64 10.85 -36.65 -32.89
C GLU BA 64 12.09 -37.15 -32.20
N HIS BA 65 12.51 -36.43 -31.18
CA HIS BA 65 13.67 -36.83 -30.42
C HIS BA 65 13.41 -38.20 -29.79
N TYR BA 66 12.23 -38.36 -29.18
CA TYR BA 66 11.89 -39.62 -28.54
C TYR BA 66 11.89 -40.72 -29.60
N GLU BA 67 11.26 -40.44 -30.73
CA GLU BA 67 11.18 -41.41 -31.80
C GLU BA 67 12.55 -41.89 -32.28
N LYS BA 68 13.50 -40.96 -32.44
CA LYS BA 68 14.80 -41.38 -32.90
C LYS BA 68 15.56 -42.13 -31.80
N LEU BA 69 15.43 -41.70 -30.56
CA LEU BA 69 16.13 -42.40 -29.50
C LEU BA 69 15.58 -43.80 -29.25
N GLU BA 70 14.25 -43.91 -29.20
CA GLU BA 70 13.60 -45.18 -28.87
C GLU BA 70 13.18 -46.06 -30.03
N GLY BA 71 13.22 -45.53 -31.23
CA GLY BA 71 12.84 -46.33 -32.39
C GLY BA 71 11.36 -46.37 -32.67
N VAL BA 72 10.56 -45.82 -31.78
CA VAL BA 72 9.12 -45.84 -32.01
C VAL BA 72 8.54 -44.53 -31.48
N PRO BA 73 7.43 -44.05 -32.07
CA PRO BA 73 6.87 -42.79 -31.54
C PRO BA 73 6.17 -43.01 -30.19
N LEU BA 74 6.04 -41.92 -29.43
CA LEU BA 74 5.34 -41.98 -28.16
C LEU BA 74 3.88 -42.35 -28.41
N THR BA 75 3.25 -42.99 -27.43
CA THR BA 75 1.82 -43.30 -27.55
C THR BA 75 1.10 -41.94 -27.52
N PHE BA 76 -0.15 -41.91 -27.90
CA PHE BA 76 -0.84 -40.64 -27.87
C PHE BA 76 -0.90 -40.10 -26.45
N ALA BA 77 -1.12 -40.96 -25.46
CA ALA BA 77 -1.20 -40.51 -24.07
C ALA BA 77 0.16 -39.88 -23.69
N GLY BA 78 1.26 -40.47 -24.17
CA GLY BA 78 2.58 -39.93 -23.85
C GLY BA 78 2.79 -38.54 -24.47
N LYS BA 79 2.26 -38.36 -25.67
CA LYS BA 79 2.37 -37.07 -26.34
C LYS BA 79 1.60 -36.00 -25.54
N ILE BA 80 0.42 -36.37 -25.03
CA ILE BA 80 -0.38 -35.46 -24.24
C ILE BA 80 0.41 -35.05 -22.98
N ASN BA 81 0.99 -36.04 -22.30
CA ASN BA 81 1.69 -35.76 -21.06
C ASN BA 81 2.87 -34.82 -21.28
N ARG BA 82 3.60 -35.01 -22.37
CA ARG BA 82 4.75 -34.16 -22.67
C ARG BA 82 4.34 -32.69 -22.91
N LEU BA 83 3.23 -32.48 -23.60
CA LEU BA 83 2.74 -31.14 -23.84
C LEU BA 83 2.27 -30.53 -22.51
N ALA BA 84 1.58 -31.33 -21.70
CA ALA BA 84 1.11 -30.85 -20.41
C ALA BA 84 2.29 -30.41 -19.52
N ILE BA 85 3.35 -31.20 -19.48
CA ILE BA 85 4.51 -30.89 -18.66
C ILE BA 85 5.16 -29.60 -19.19
N MET BA 86 5.22 -29.44 -20.50
CA MET BA 86 5.76 -28.22 -21.06
C MET BA 86 4.89 -27.02 -20.62
N VAL BA 87 3.56 -27.15 -20.68
CA VAL BA 87 2.71 -26.04 -20.25
C VAL BA 87 2.92 -25.74 -18.75
N ARG BA 88 2.96 -26.77 -17.93
CA ARG BA 88 3.15 -26.60 -16.50
C ARG BA 88 4.48 -25.84 -16.24
N GLY BA 89 5.52 -26.16 -17.00
CA GLY BA 89 6.80 -25.49 -16.81
C GLY BA 89 6.74 -23.98 -17.07
N ASN BA 90 5.72 -23.53 -17.79
CA ASN BA 90 5.60 -22.09 -18.07
C ASN BA 90 4.68 -21.37 -17.09
N LEU BA 91 4.19 -22.06 -16.07
CA LEU BA 91 3.23 -21.46 -15.11
C LEU BA 91 3.67 -20.16 -14.43
N ALA BA 92 4.89 -20.16 -13.89
CA ALA BA 92 5.40 -18.95 -13.26
C ALA BA 92 5.38 -17.77 -14.27
N ALA BA 93 5.97 -17.96 -15.44
CA ALA BA 93 6.02 -16.91 -16.45
C ALA BA 93 4.62 -16.49 -16.86
N ALA BA 94 3.71 -17.46 -16.96
CA ALA BA 94 2.33 -17.19 -17.34
C ALA BA 94 1.66 -16.27 -16.34
N MET BA 95 1.97 -16.47 -15.07
CA MET BA 95 1.42 -15.64 -14.00
C MET BA 95 1.92 -14.21 -14.18
N GLN BA 96 3.01 -14.07 -14.93
CA GLN BA 96 3.63 -12.79 -15.21
C GLN BA 96 3.14 -12.17 -16.51
N GLY BA 97 2.12 -12.75 -17.13
CA GLY BA 97 1.63 -12.26 -18.41
C GLY BA 97 2.19 -12.92 -19.65
N LEU BA 98 2.91 -14.02 -19.45
CA LEU BA 98 3.48 -14.79 -20.56
C LEU BA 98 2.69 -16.06 -20.86
N LEU BA 99 1.43 -16.10 -20.42
CA LEU BA 99 0.58 -17.27 -20.59
C LEU BA 99 0.27 -17.65 -22.04
N ALA BA 100 0.40 -18.94 -22.34
CA ALA BA 100 0.02 -19.51 -23.63
C ALA BA 100 -0.72 -20.82 -23.41
N LEU BA 101 -1.73 -21.09 -24.23
CA LEU BA 101 -2.51 -22.32 -24.09
C LEU BA 101 -2.62 -23.09 -25.39
N PRO BA 102 -2.16 -24.35 -25.38
CA PRO BA 102 -2.27 -25.09 -26.64
C PRO BA 102 -3.56 -25.90 -26.72
N LEU BA 103 -3.91 -26.28 -27.94
CA LEU BA 103 -5.05 -27.16 -28.22
C LEU BA 103 -4.36 -28.23 -29.08
N LEU BA 104 -4.56 -29.51 -28.74
CA LEU BA 104 -3.93 -30.62 -29.45
C LEU BA 104 -4.92 -31.46 -30.24
N ALA BA 105 -4.62 -31.75 -31.49
CA ALA BA 105 -5.48 -32.60 -32.29
C ALA BA 105 -4.62 -33.73 -32.82
N GLY BA 106 -5.15 -34.94 -32.87
CA GLY BA 106 -4.35 -36.04 -33.38
C GLY BA 106 -5.21 -37.20 -33.84
N TYR BA 107 -4.54 -38.19 -34.42
CA TYR BA 107 -5.21 -39.39 -34.86
C TYR BA 107 -4.38 -40.47 -34.19
N ASP BA 108 -5.04 -41.34 -33.43
CA ASP BA 108 -4.34 -42.38 -32.72
C ASP BA 108 -4.28 -43.65 -33.55
N ILE BA 109 -3.10 -43.92 -34.10
CA ILE BA 109 -2.93 -45.13 -34.93
C ILE BA 109 -3.20 -46.41 -34.16
N HIS BA 110 -3.01 -46.39 -32.85
CA HIS BA 110 -3.24 -47.57 -32.02
C HIS BA 110 -4.64 -47.69 -31.44
N ALA BA 111 -5.55 -46.78 -31.77
CA ALA BA 111 -6.91 -46.87 -31.25
C ALA BA 111 -7.59 -48.09 -31.86
N SER BA 112 -8.47 -48.71 -31.10
CA SER BA 112 -9.18 -49.89 -31.60
C SER BA 112 -10.07 -49.56 -32.79
N ASP BA 113 -10.94 -48.57 -32.64
CA ASP BA 113 -11.82 -48.21 -33.74
C ASP BA 113 -11.38 -46.97 -34.53
N PRO BA 114 -10.91 -47.17 -35.76
CA PRO BA 114 -10.42 -46.18 -36.71
C PRO BA 114 -11.32 -44.99 -36.99
N GLN BA 115 -12.62 -45.22 -37.09
CA GLN BA 115 -13.54 -44.12 -37.40
C GLN BA 115 -13.55 -43.09 -36.30
N SER BA 116 -13.26 -43.52 -35.08
CA SER BA 116 -13.25 -42.61 -33.95
C SER BA 116 -11.85 -42.38 -33.35
N ALA BA 117 -10.80 -42.78 -34.06
CA ALA BA 117 -9.41 -42.62 -33.58
C ALA BA 117 -8.96 -41.13 -33.48
N GLY BA 118 -9.84 -40.21 -33.84
CA GLY BA 118 -9.54 -38.80 -33.73
C GLY BA 118 -9.48 -38.35 -32.28
N ARG BA 119 -8.53 -37.51 -31.95
CA ARG BA 119 -8.35 -37.02 -30.60
C ARG BA 119 -8.25 -35.51 -30.54
N ILE BA 120 -8.95 -34.92 -29.57
CA ILE BA 120 -8.87 -33.50 -29.33
C ILE BA 120 -8.59 -33.34 -27.82
N VAL BA 121 -7.52 -32.61 -27.48
CA VAL BA 121 -7.15 -32.43 -26.08
C VAL BA 121 -6.92 -30.97 -25.75
N SER BA 122 -7.56 -30.50 -24.69
CA SER BA 122 -7.35 -29.11 -24.26
C SER BA 122 -6.48 -29.06 -22.99
N PHE BA 123 -5.88 -27.90 -22.73
CA PHE BA 123 -4.95 -27.74 -21.62
C PHE BA 123 -5.22 -26.45 -20.86
N ASP BA 124 -5.00 -26.44 -19.54
CA ASP BA 124 -5.15 -25.19 -18.81
C ASP BA 124 -3.74 -24.69 -18.45
N ALA BA 125 -3.65 -23.50 -17.86
CA ALA BA 125 -2.34 -22.92 -17.52
C ALA BA 125 -1.46 -23.73 -16.57
N ALA BA 126 -2.04 -24.58 -15.73
CA ALA BA 126 -1.23 -25.37 -14.81
C ALA BA 126 -0.86 -26.73 -15.40
N GLY BA 127 -1.17 -26.98 -16.67
CA GLY BA 127 -0.79 -28.26 -17.22
C GLY BA 127 -1.86 -29.33 -17.18
N GLY BA 128 -3.04 -28.95 -16.73
CA GLY BA 128 -4.16 -29.86 -16.66
C GLY BA 128 -4.63 -30.11 -18.09
N TRP BA 129 -4.96 -31.34 -18.40
CA TRP BA 129 -5.42 -31.65 -19.74
C TRP BA 129 -6.75 -32.39 -19.69
N ASN BA 130 -7.46 -32.36 -20.78
CA ASN BA 130 -8.72 -33.07 -20.86
C ASN BA 130 -8.98 -33.56 -22.29
N ILE BA 131 -9.22 -34.87 -22.42
CA ILE BA 131 -9.54 -35.42 -23.71
C ILE BA 131 -11.02 -35.17 -23.98
N GLU BA 132 -11.27 -34.31 -24.95
CA GLU BA 132 -12.61 -33.90 -25.29
C GLU BA 132 -13.46 -35.06 -25.78
N GLU BA 133 -14.67 -35.18 -25.25
CA GLU BA 133 -15.54 -36.26 -25.66
C GLU BA 133 -16.78 -35.78 -26.41
N GLU BA 134 -17.01 -34.47 -26.44
CA GLU BA 134 -18.16 -33.95 -27.15
C GLU BA 134 -17.94 -33.60 -28.64
N GLY BA 135 -16.78 -33.91 -29.20
CA GLY BA 135 -16.59 -33.68 -30.63
C GLY BA 135 -15.81 -32.49 -31.15
N TYR BA 136 -15.74 -31.42 -30.36
CA TYR BA 136 -15.03 -30.21 -30.79
C TYR BA 136 -14.56 -29.40 -29.58
N GLN BA 137 -13.66 -28.47 -29.82
CA GLN BA 137 -13.14 -27.62 -28.75
C GLN BA 137 -12.57 -26.37 -29.42
N ALA BA 138 -12.28 -25.34 -28.64
CA ALA BA 138 -11.68 -24.12 -29.19
C ALA BA 138 -10.95 -23.41 -28.07
N VAL BA 139 -9.91 -22.64 -28.40
CA VAL BA 139 -9.15 -21.83 -27.44
C VAL BA 139 -8.96 -20.45 -28.04
N GLY BA 140 -8.76 -19.46 -27.16
CA GLY BA 140 -8.53 -18.08 -27.57
C GLY BA 140 -9.71 -17.20 -27.22
N SER BA 141 -9.57 -15.89 -27.40
CA SER BA 141 -10.62 -14.92 -27.08
C SER BA 141 -11.89 -15.12 -27.89
N GLY BA 142 -11.86 -15.83 -29.01
CA GLY BA 142 -13.11 -16.00 -29.72
C GLY BA 142 -13.69 -17.42 -29.52
N SER BA 143 -13.09 -18.20 -28.61
CA SER BA 143 -13.50 -19.58 -28.42
C SER BA 143 -14.96 -19.86 -28.01
N LEU BA 144 -15.53 -19.00 -27.18
CA LEU BA 144 -16.91 -19.21 -26.77
C LEU BA 144 -17.85 -18.98 -28.00
N PHE BA 145 -17.55 -17.97 -28.81
CA PHE BA 145 -18.36 -17.76 -30.01
C PHE BA 145 -18.24 -18.93 -30.98
N ALA BA 146 -17.03 -19.47 -31.11
CA ALA BA 146 -16.77 -20.57 -32.02
C ALA BA 146 -17.47 -21.86 -31.54
N LYS BA 147 -17.40 -22.13 -30.23
CA LYS BA 147 -18.03 -23.31 -29.69
C LYS BA 147 -19.57 -23.25 -29.78
N SER BA 148 -20.18 -22.08 -29.56
CA SER BA 148 -21.62 -21.98 -29.61
C SER BA 148 -22.05 -22.09 -31.09
N SER BA 149 -21.15 -21.74 -32.01
CA SER BA 149 -21.46 -21.89 -33.42
C SER BA 149 -21.37 -23.41 -33.79
N MET BA 150 -20.31 -24.09 -33.37
CA MET BA 150 -20.16 -25.50 -33.65
C MET BA 150 -21.26 -26.33 -32.97
N LYS BA 151 -21.72 -25.89 -31.81
CA LYS BA 151 -22.79 -26.59 -31.12
C LYS BA 151 -23.99 -26.72 -32.04
N LYS BA 152 -24.26 -25.68 -32.83
CA LYS BA 152 -25.40 -25.70 -33.75
C LYS BA 152 -25.10 -26.34 -35.11
N LEU BA 153 -23.84 -26.39 -35.49
CA LEU BA 153 -23.49 -26.92 -36.80
C LEU BA 153 -22.91 -28.33 -36.78
N TYR BA 154 -22.50 -28.78 -35.61
CA TYR BA 154 -21.83 -30.06 -35.54
C TYR BA 154 -22.56 -31.27 -36.13
N SER BA 155 -23.88 -31.25 -36.07
CA SER BA 155 -24.63 -32.36 -36.62
C SER BA 155 -24.44 -32.46 -38.13
N GLN BA 156 -23.91 -31.43 -38.77
CA GLN BA 156 -23.71 -31.50 -40.20
C GLN BA 156 -22.38 -32.15 -40.52
N VAL BA 157 -21.62 -32.52 -39.49
CA VAL BA 157 -20.32 -33.12 -39.77
C VAL BA 157 -20.44 -34.61 -39.98
N THR BA 158 -20.15 -35.04 -41.20
CA THR BA 158 -20.25 -36.44 -41.58
C THR BA 158 -18.96 -36.96 -42.22
N ASP BA 159 -18.03 -36.07 -42.53
CA ASP BA 159 -16.77 -36.48 -43.14
C ASP BA 159 -15.78 -35.31 -43.02
N GLY BA 160 -14.59 -35.52 -43.56
CA GLY BA 160 -13.54 -34.52 -43.50
C GLY BA 160 -13.93 -33.21 -44.12
N ASP BA 161 -14.59 -33.25 -45.26
CA ASP BA 161 -14.99 -32.01 -45.92
C ASP BA 161 -16.02 -31.20 -45.13
N SER BA 162 -17.04 -31.87 -44.60
CA SER BA 162 -18.05 -31.19 -43.83
C SER BA 162 -17.44 -30.66 -42.53
N GLY BA 163 -16.46 -31.40 -42.00
CA GLY BA 163 -15.78 -31.01 -40.79
C GLY BA 163 -14.99 -29.73 -41.01
N LEU BA 164 -14.23 -29.69 -42.10
CA LEU BA 164 -13.44 -28.52 -42.44
C LEU BA 164 -14.35 -27.33 -42.68
N ARG BA 165 -15.50 -27.59 -43.28
CA ARG BA 165 -16.49 -26.55 -43.54
C ARG BA 165 -17.05 -25.97 -42.24
N VAL BA 166 -17.39 -26.84 -41.30
CA VAL BA 166 -17.89 -26.40 -40.01
C VAL BA 166 -16.82 -25.64 -39.24
N ALA BA 167 -15.59 -26.15 -39.28
CA ALA BA 167 -14.48 -25.50 -38.59
C ALA BA 167 -14.28 -24.07 -39.08
N VAL BA 168 -14.30 -23.90 -40.39
CA VAL BA 168 -14.11 -22.58 -41.00
C VAL BA 168 -15.25 -21.63 -40.65
N GLU BA 169 -16.46 -22.15 -40.60
CA GLU BA 169 -17.61 -21.33 -40.26
C GLU BA 169 -17.55 -20.91 -38.79
N ALA BA 170 -17.05 -21.78 -37.93
CA ALA BA 170 -16.92 -21.47 -36.52
C ALA BA 170 -15.90 -20.29 -36.36
N LEU BA 171 -14.79 -20.32 -37.12
CA LEU BA 171 -13.82 -19.23 -37.07
C LEU BA 171 -14.43 -17.95 -37.61
N TYR BA 172 -15.32 -18.08 -38.61
CA TYR BA 172 -15.98 -16.94 -39.17
C TYR BA 172 -16.89 -16.31 -38.10
N ASP BA 173 -17.60 -17.14 -37.37
CA ASP BA 173 -18.47 -16.64 -36.32
C ASP BA 173 -17.64 -16.01 -35.19
N ALA BA 174 -16.48 -16.59 -34.89
CA ALA BA 174 -15.60 -16.03 -33.84
C ALA BA 174 -15.18 -14.62 -34.29
N ALA BA 175 -14.76 -14.46 -35.54
CA ALA BA 175 -14.31 -13.14 -36.02
C ALA BA 175 -15.48 -12.15 -36.08
N ASP BA 176 -16.67 -12.66 -36.33
CA ASP BA 176 -17.85 -11.79 -36.43
C ASP BA 176 -18.14 -11.11 -35.07
N ASP BA 177 -17.84 -11.79 -33.97
CA ASP BA 177 -18.11 -11.26 -32.65
C ASP BA 177 -16.90 -10.80 -31.81
N ASP BA 178 -15.70 -11.30 -32.13
CA ASP BA 178 -14.48 -10.98 -31.39
C ASP BA 178 -13.51 -10.19 -32.30
N SER BA 179 -13.31 -8.91 -31.98
CA SER BA 179 -12.38 -8.08 -32.75
C SER BA 179 -10.95 -8.59 -32.69
N ALA BA 180 -10.62 -9.46 -31.75
CA ALA BA 180 -9.25 -9.98 -31.70
C ALA BA 180 -9.05 -11.20 -32.60
N THR BA 181 -10.09 -11.67 -33.29
CA THR BA 181 -9.95 -12.86 -34.17
C THR BA 181 -10.15 -12.37 -35.61
N GLY BA 182 -9.23 -12.75 -36.49
CA GLY BA 182 -9.33 -12.30 -37.89
C GLY BA 182 -10.27 -13.04 -38.80
N GLY BA 183 -11.15 -12.33 -39.47
CA GLY BA 183 -12.03 -13.01 -40.42
C GLY BA 183 -11.31 -13.19 -41.75
N PRO BA 184 -11.95 -13.86 -42.74
CA PRO BA 184 -11.36 -14.06 -44.07
C PRO BA 184 -11.09 -12.66 -44.67
N ASP BA 185 -9.91 -12.42 -45.23
CA ASP BA 185 -9.63 -11.11 -45.82
C ASP BA 185 -9.66 -11.27 -47.35
N LEU BA 186 -10.79 -10.93 -47.95
CA LEU BA 186 -10.97 -11.04 -49.40
C LEU BA 186 -10.11 -10.04 -50.20
N VAL BA 187 -9.80 -8.87 -49.64
CA VAL BA 187 -8.99 -7.90 -50.36
C VAL BA 187 -7.56 -8.41 -50.51
N ARG BA 188 -6.98 -8.90 -49.42
CA ARG BA 188 -5.60 -9.42 -49.48
C ARG BA 188 -5.52 -10.91 -49.81
N GLY BA 189 -6.65 -11.62 -49.80
CA GLY BA 189 -6.62 -13.04 -50.08
C GLY BA 189 -5.95 -13.83 -48.97
N ILE BA 190 -6.26 -13.50 -47.72
CA ILE BA 190 -5.69 -14.23 -46.59
C ILE BA 190 -6.82 -14.95 -45.84
N PHE BA 191 -6.64 -16.23 -45.58
CA PHE BA 191 -7.68 -17.01 -44.96
C PHE BA 191 -7.14 -17.84 -43.82
N PRO BA 192 -8.02 -18.36 -42.96
CA PRO BA 192 -7.60 -19.20 -41.86
C PRO BA 192 -6.77 -20.37 -42.40
N THR BA 193 -5.87 -20.90 -41.58
CA THR BA 193 -5.12 -22.09 -42.01
C THR BA 193 -5.78 -23.28 -41.31
N ALA BA 194 -5.55 -24.50 -41.83
CA ALA BA 194 -6.14 -25.69 -41.27
C ALA BA 194 -5.26 -26.90 -41.56
N VAL BA 195 -5.37 -27.91 -40.69
CA VAL BA 195 -4.66 -29.15 -40.82
C VAL BA 195 -5.71 -30.25 -40.69
N ILE BA 196 -5.65 -31.28 -41.53
CA ILE BA 196 -6.58 -32.41 -41.42
C ILE BA 196 -5.73 -33.65 -41.09
N ILE BA 197 -6.21 -34.48 -40.18
CA ILE BA 197 -5.45 -35.66 -39.84
C ILE BA 197 -6.34 -36.89 -39.89
N ASP BA 198 -5.93 -37.91 -40.62
CA ASP BA 198 -6.68 -39.16 -40.69
C ASP BA 198 -5.65 -40.30 -40.69
N ALA BA 199 -6.10 -41.52 -41.00
CA ALA BA 199 -5.18 -42.66 -41.00
C ALA BA 199 -3.93 -42.45 -41.86
N ASP BA 200 -4.00 -41.61 -42.89
CA ASP BA 200 -2.83 -41.37 -43.71
C ASP BA 200 -1.91 -40.29 -43.16
N GLY BA 201 -2.25 -39.71 -42.02
CA GLY BA 201 -1.39 -38.67 -41.48
C GLY BA 201 -1.93 -37.26 -41.54
N ALA BA 202 -1.16 -36.35 -40.99
CA ALA BA 202 -1.52 -34.95 -40.93
C ALA BA 202 -1.13 -34.23 -42.20
N VAL BA 203 -2.02 -33.43 -42.78
CA VAL BA 203 -1.68 -32.66 -43.97
C VAL BA 203 -2.25 -31.26 -43.87
N ASP BA 204 -1.53 -30.30 -44.42
CA ASP BA 204 -1.99 -28.91 -44.43
C ASP BA 204 -3.08 -28.82 -45.46
N VAL BA 205 -4.15 -28.10 -45.15
CA VAL BA 205 -5.21 -27.97 -46.12
C VAL BA 205 -4.80 -26.84 -47.06
N PRO BA 206 -4.86 -27.07 -48.39
CA PRO BA 206 -4.48 -26.00 -49.32
C PRO BA 206 -5.33 -24.76 -49.13
N GLU BA 207 -4.65 -23.63 -49.18
CA GLU BA 207 -5.31 -22.35 -48.98
C GLU BA 207 -6.55 -22.12 -49.87
N SER BA 208 -6.49 -22.62 -51.10
CA SER BA 208 -7.59 -22.45 -52.05
C SER BA 208 -8.84 -23.18 -51.57
N ARG BA 209 -8.64 -24.26 -50.85
CA ARG BA 209 -9.78 -25.01 -50.36
C ARG BA 209 -10.46 -24.17 -49.28
N ILE BA 210 -9.69 -23.57 -48.37
CA ILE BA 210 -10.29 -22.73 -47.33
C ILE BA 210 -10.92 -21.47 -47.93
N ALA BA 211 -10.23 -20.89 -48.90
CA ALA BA 211 -10.79 -19.69 -49.56
C ALA BA 211 -12.19 -19.95 -50.15
N GLU BA 212 -12.37 -21.10 -50.81
CA GLU BA 212 -13.68 -21.48 -51.38
C GLU BA 212 -14.72 -21.59 -50.25
N LEU BA 213 -14.39 -22.26 -49.16
CA LEU BA 213 -15.31 -22.40 -48.06
C LEU BA 213 -15.74 -21.03 -47.54
N ALA BA 214 -14.75 -20.18 -47.26
CA ALA BA 214 -15.00 -18.84 -46.77
C ALA BA 214 -15.90 -18.08 -47.73
N ARG BA 215 -15.57 -18.07 -49.03
CA ARG BA 215 -16.47 -17.34 -49.93
C ARG BA 215 -17.91 -17.90 -49.91
N ALA BA 216 -18.03 -19.21 -49.72
CA ALA BA 216 -19.34 -19.83 -49.63
C ALA BA 216 -20.13 -19.28 -48.44
N ILE BA 217 -19.47 -19.17 -47.29
CA ILE BA 217 -20.11 -18.65 -46.10
C ILE BA 217 -20.56 -17.21 -46.29
N ILE BA 218 -19.68 -16.38 -46.84
CA ILE BA 218 -19.99 -14.98 -47.09
C ILE BA 218 -21.18 -14.81 -48.04
N GLU BA 219 -21.17 -15.54 -49.15
CA GLU BA 219 -22.26 -15.48 -50.12
C GLU BA 219 -23.57 -15.91 -49.49
N SER BA 220 -23.49 -16.88 -48.58
CA SER BA 220 -24.68 -17.37 -47.91
C SER BA 220 -25.24 -16.35 -46.92
N ARG BA 221 -24.35 -15.76 -46.12
CA ARG BA 221 -24.76 -14.79 -45.10
C ARG BA 221 -25.31 -13.50 -45.72
N SER BA 222 -24.73 -13.06 -46.81
CA SER BA 222 -25.16 -11.81 -47.44
C SER BA 222 -26.45 -12.00 -48.23
N GLY BA 223 -26.97 -13.21 -48.23
CA GLY BA 223 -28.18 -13.53 -48.97
C GLY BA 223 -27.89 -13.64 -50.45
#